data_6GUA
#
_entry.id   6GUA
#
_cell.length_a   158.100
_cell.length_b   141.500
_cell.length_c   161.150
_cell.angle_alpha   90.000
_cell.angle_beta   90.290
_cell.angle_gamma   90.000
#
_symmetry.space_group_name_H-M   'P 1 21 1'
#
loop_
_entity.id
_entity.type
_entity.pdbx_description
1 polymer 'Probable phosphoketolase'
2 non-polymer 'THIAMINE DIPHOSPHATE'
3 non-polymer 'MAGNESIUM ION'
4 non-polymer 'PHOSPHATE ION'
5 water water
#
_entity_poly.entity_id   1
_entity_poly.type   'polypeptide(L)'
_entity_poly.pdbx_seq_one_letter_code
;MTEYNSEAYLKKLDKWWRAATYLGAGMIFLKENPLFSVTGTPIKAENLKANPIGHWGTVSGQTFLYAHANRLINKYDQKM
FYMGGPGHGGQAMVVPSYLDGSYTEAYPEITQDLEGMSRLFKRFSFPGGIGSHMTAQTPGSLHEGGELGYVLSHATGAIL
DQPEQIAFAVVGDGEAETGPLMTSWHSIKFINPKNDGAILPILDLNGFKISNPTLFARTSDVDIRKFFEGLGYSPRYIEN
DDIHDYMAYHKLAAEVFDKAIEDIHQIQKDAREDNRYQNGEIPAWPIVIARLPKGWGGPRYNDWSGPKFDGKGMPIEHSF
RAHQVPLPLSSKNMGTLPEFVKWMTSYQPETLFNADGSLKEELRDFAPKGEMRMASNPVTNGGVDSSNLVLPDWQEFANP
ISENNRGKLLPDTNDNMDMNVLSKYFAEIVKLNPTRFRLFGPDETMSNRFWEMFKVTNRQWMQVIKNPNDEFISPEGRII
DSQLSEHQAEGWLEGYTLTGRTGAFASYESFLRVVDSMLTQHFKWIRQAADQKWRHDYPSLNVISTSTVFQQDHNGYTHQ
DPGMLTHLAEKKSDFIRQYLPADGNTLLAVFDRAFQDRSKINHIVASKQPRQQWFTKEEAEKLATDGIATIDWASTAKDG
EAVDLVFASAGAEPTIETLAALHLVNEVFPQAKFRYVNVVELGRLQKKKGALNQERELSDEEFEKYFGPSGTPVIFGFHG
YEDLIESIFYQRGHDGLIVHGYREDGDITTTYDMRVYSELDRFHQAIDAMQVLYVNRKVNQGLAKAFIDRMKRTLVKHFE
VTRNEGVDIPDFTEWVWSDLKK
;
_entity_poly.pdbx_strand_id   A,B,C,D,E,F,G,H
#
# COMPACT_ATOMS: atom_id res chain seq x y z
N THR A 2 84.88 -65.20 -13.78
CA THR A 2 86.29 -64.93 -14.00
C THR A 2 86.53 -64.10 -15.28
N GLU A 3 85.59 -64.20 -16.23
CA GLU A 3 85.75 -63.55 -17.53
C GLU A 3 85.61 -62.03 -17.43
N TYR A 4 84.92 -61.52 -16.41
CA TYR A 4 84.82 -60.09 -16.16
C TYR A 4 85.88 -59.60 -15.18
N ASN A 5 86.76 -60.49 -14.73
CA ASN A 5 87.84 -60.13 -13.81
C ASN A 5 89.22 -60.39 -14.38
N SER A 6 89.34 -60.88 -15.61
CA SER A 6 90.66 -61.14 -16.14
C SER A 6 91.35 -59.84 -16.53
N GLU A 7 92.68 -59.86 -16.54
CA GLU A 7 93.41 -58.68 -16.96
C GLU A 7 93.13 -58.34 -18.41
N ALA A 8 92.94 -59.36 -19.26
CA ALA A 8 92.60 -59.06 -20.64
C ALA A 8 91.31 -58.24 -20.69
N TYR A 9 90.31 -58.61 -19.88
CA TYR A 9 89.06 -57.87 -19.84
C TYR A 9 89.25 -56.48 -19.23
N LEU A 10 90.02 -56.38 -18.15
CA LEU A 10 90.22 -55.09 -17.51
C LEU A 10 91.03 -54.14 -18.40
N LYS A 11 91.91 -54.68 -19.24
CA LYS A 11 92.62 -53.85 -20.22
C LYS A 11 91.66 -53.33 -21.28
N LYS A 12 90.65 -54.12 -21.64
CA LYS A 12 89.61 -53.62 -22.53
C LYS A 12 88.83 -52.50 -21.86
N LEU A 13 88.48 -52.66 -20.58
CA LEU A 13 87.81 -51.60 -19.84
C LEU A 13 88.67 -50.36 -19.78
N ASP A 14 89.98 -50.53 -19.59
CA ASP A 14 90.89 -49.40 -19.52
C ASP A 14 90.90 -48.61 -20.82
N LYS A 15 90.88 -49.31 -21.97
CA LYS A 15 90.84 -48.63 -23.25
C LYS A 15 89.52 -47.89 -23.44
N TRP A 16 88.41 -48.55 -23.13
CA TRP A 16 87.11 -47.90 -23.22
C TRP A 16 87.09 -46.66 -22.34
N TRP A 17 87.67 -46.77 -21.15
CA TRP A 17 87.76 -45.62 -20.25
C TRP A 17 88.53 -44.48 -20.90
N ARG A 18 89.71 -44.77 -21.44
CA ARG A 18 90.52 -43.73 -22.06
C ARG A 18 89.84 -43.17 -23.30
N ALA A 19 89.11 -44.01 -24.04
CA ALA A 19 88.35 -43.52 -25.18
C ALA A 19 87.33 -42.47 -24.75
N ALA A 20 86.63 -42.72 -23.65
CA ALA A 20 85.65 -41.74 -23.19
C ALA A 20 86.33 -40.48 -22.68
N THR A 21 87.43 -40.62 -21.94
CA THR A 21 88.13 -39.47 -21.40
C THR A 21 88.76 -38.64 -22.50
N TYR A 22 89.30 -39.30 -23.54
CA TYR A 22 89.90 -38.59 -24.65
C TYR A 22 88.91 -37.61 -25.28
N LEU A 23 87.69 -38.08 -25.55
CA LEU A 23 86.70 -37.22 -26.18
C LEU A 23 86.22 -36.13 -25.23
N GLY A 24 86.05 -36.46 -23.95
CA GLY A 24 85.62 -35.46 -22.99
C GLY A 24 86.61 -34.33 -22.86
N ALA A 25 87.91 -34.64 -22.96
CA ALA A 25 88.93 -33.62 -22.90
C ALA A 25 88.99 -32.81 -24.19
N GLY A 26 88.89 -33.49 -25.34
CA GLY A 26 89.06 -32.81 -26.60
C GLY A 26 88.00 -31.76 -26.86
N MET A 27 86.74 -32.07 -26.53
CA MET A 27 85.66 -31.14 -26.84
C MET A 27 85.71 -29.86 -26.02
N ILE A 28 86.56 -29.80 -25.00
CA ILE A 28 86.76 -28.54 -24.29
C ILE A 28 87.41 -27.52 -25.22
N PHE A 29 88.37 -27.97 -26.03
CA PHE A 29 89.24 -27.11 -26.82
C PHE A 29 88.99 -27.16 -28.31
N LEU A 30 88.57 -28.30 -28.86
CA LEU A 30 88.44 -28.49 -30.30
C LEU A 30 86.97 -28.43 -30.70
N LYS A 31 86.70 -27.77 -31.83
CA LYS A 31 85.39 -27.77 -32.45
C LYS A 31 85.38 -28.57 -33.75
N GLU A 32 86.52 -29.10 -34.16
CA GLU A 32 86.64 -29.97 -35.32
C GLU A 32 87.99 -30.68 -35.24
N ASN A 33 88.21 -31.61 -36.17
CA ASN A 33 89.45 -32.38 -36.20
C ASN A 33 89.63 -33.15 -34.89
N PRO A 34 88.65 -33.96 -34.48
CA PRO A 34 88.72 -34.58 -33.16
C PRO A 34 89.76 -35.70 -33.06
N LEU A 35 90.08 -36.37 -34.15
CA LEU A 35 91.08 -37.43 -34.13
C LEU A 35 92.31 -37.01 -34.94
N PHE A 36 92.86 -35.84 -34.62
CA PHE A 36 93.91 -35.25 -35.43
C PHE A 36 95.11 -36.18 -35.59
N SER A 37 95.48 -36.89 -34.52
CA SER A 37 96.65 -37.76 -34.55
C SER A 37 96.38 -39.10 -35.23
N VAL A 38 95.12 -39.52 -35.28
CA VAL A 38 94.78 -40.77 -35.97
C VAL A 38 94.55 -40.51 -37.46
N THR A 39 93.92 -39.41 -37.81
CA THR A 39 93.63 -39.06 -39.19
C THR A 39 94.79 -38.34 -39.87
N GLY A 40 95.90 -38.14 -39.17
CA GLY A 40 97.06 -37.49 -39.77
C GLY A 40 96.82 -36.07 -40.21
N THR A 41 96.00 -35.32 -39.47
CA THR A 41 95.66 -33.94 -39.81
C THR A 41 96.03 -33.04 -38.63
N PRO A 42 97.24 -32.47 -38.62
CA PRO A 42 97.67 -31.69 -37.46
C PRO A 42 96.71 -30.55 -37.13
N ILE A 43 96.72 -30.15 -35.85
CA ILE A 43 95.80 -29.13 -35.41
C ILE A 43 96.18 -27.80 -36.02
N LYS A 44 95.17 -27.05 -36.45
CA LYS A 44 95.35 -25.69 -36.93
C LYS A 44 94.53 -24.76 -36.04
N ALA A 45 94.85 -23.47 -36.13
CA ALA A 45 94.12 -22.49 -35.31
C ALA A 45 92.63 -22.61 -35.57
N GLU A 46 92.24 -22.87 -36.81
CA GLU A 46 90.83 -22.93 -37.19
C GLU A 46 90.12 -24.10 -36.53
N ASN A 47 90.84 -25.10 -36.03
CA ASN A 47 90.19 -26.22 -35.35
C ASN A 47 89.81 -25.88 -33.91
N LEU A 48 90.41 -24.85 -33.32
CA LEU A 48 90.28 -24.57 -31.90
C LEU A 48 89.15 -23.60 -31.60
N LYS A 49 88.54 -23.77 -30.43
CA LYS A 49 87.52 -22.85 -29.97
C LYS A 49 88.16 -21.56 -29.49
N ALA A 50 87.46 -20.44 -29.71
CA ALA A 50 88.01 -19.15 -29.35
C ALA A 50 88.01 -18.92 -27.84
N ASN A 51 86.99 -19.42 -27.14
CA ASN A 51 86.85 -19.25 -25.70
C ASN A 51 86.48 -20.60 -25.10
N PRO A 52 87.46 -21.48 -24.91
CA PRO A 52 87.14 -22.82 -24.39
C PRO A 52 86.40 -22.75 -23.06
N ILE A 53 85.33 -23.51 -22.98
CA ILE A 53 84.43 -23.56 -21.83
C ILE A 53 84.32 -25.02 -21.41
N GLY A 54 84.25 -25.24 -20.11
CA GLY A 54 84.02 -26.57 -19.61
C GLY A 54 84.81 -26.88 -18.37
N HIS A 55 84.60 -28.07 -17.84
CA HIS A 55 85.29 -28.53 -16.65
C HIS A 55 86.03 -29.81 -16.97
N TRP A 56 87.22 -29.94 -16.42
CA TRP A 56 88.06 -31.09 -16.65
C TRP A 56 88.28 -31.93 -15.40
N GLY A 57 88.41 -31.28 -14.24
CA GLY A 57 88.90 -31.97 -13.06
C GLY A 57 88.14 -33.23 -12.73
N THR A 58 86.81 -33.16 -12.73
CA THR A 58 86.00 -34.27 -12.25
C THR A 58 85.82 -35.35 -13.32
N VAL A 59 86.14 -35.06 -14.59
CA VAL A 59 85.65 -35.89 -15.69
C VAL A 59 86.26 -37.29 -15.63
N SER A 60 87.59 -37.38 -15.66
CA SER A 60 88.23 -38.70 -15.79
C SER A 60 87.87 -39.61 -14.63
N GLY A 61 87.68 -39.04 -13.44
CA GLY A 61 87.26 -39.87 -12.31
C GLY A 61 85.87 -40.43 -12.48
N GLN A 62 84.95 -39.64 -13.06
CA GLN A 62 83.58 -40.10 -13.23
C GLN A 62 83.46 -41.10 -14.38
N THR A 63 84.27 -40.92 -15.43
CA THR A 63 84.27 -41.90 -16.52
C THR A 63 84.88 -43.21 -16.07
N PHE A 64 85.87 -43.17 -15.17
CA PHE A 64 86.37 -44.38 -14.55
C PHE A 64 85.25 -45.12 -13.83
N LEU A 65 84.48 -44.40 -13.02
CA LEU A 65 83.38 -45.03 -12.29
C LEU A 65 82.28 -45.49 -13.23
N TYR A 66 81.98 -44.68 -14.26
CA TYR A 66 80.97 -45.07 -15.24
C TYR A 66 81.39 -46.35 -15.95
N ALA A 67 82.65 -46.44 -16.35
CA ALA A 67 83.13 -47.66 -17.01
C ALA A 67 82.95 -48.87 -16.11
N HIS A 68 83.30 -48.73 -14.83
CA HIS A 68 83.14 -49.84 -13.91
C HIS A 68 81.68 -50.15 -13.62
N ALA A 69 80.80 -49.15 -13.73
CA ALA A 69 79.37 -49.41 -13.64
C ALA A 69 78.90 -50.28 -14.81
N ASN A 70 79.36 -49.96 -16.03
CA ASN A 70 79.01 -50.78 -17.18
C ASN A 70 79.43 -52.23 -16.99
N ARG A 71 80.62 -52.45 -16.42
CA ARG A 71 81.06 -53.82 -16.12
C ARG A 71 80.08 -54.54 -15.21
N LEU A 72 79.67 -53.88 -14.11
CA LEU A 72 78.71 -54.50 -13.21
C LEU A 72 77.41 -54.85 -13.92
N ILE A 73 76.92 -53.95 -14.77
CA ILE A 73 75.65 -54.18 -15.45
C ILE A 73 75.72 -55.48 -16.26
N ASN A 74 76.80 -55.67 -17.02
CA ASN A 74 76.89 -56.84 -17.87
C ASN A 74 77.17 -58.09 -17.05
N LYS A 75 78.04 -57.98 -16.03
CA LYS A 75 78.40 -59.16 -15.24
C LYS A 75 77.22 -59.68 -14.45
N TYR A 76 76.45 -58.78 -13.82
CA TYR A 76 75.37 -59.17 -12.94
C TYR A 76 73.99 -59.01 -13.57
N ASP A 77 73.93 -58.60 -14.84
CA ASP A 77 72.65 -58.35 -15.49
C ASP A 77 71.78 -57.42 -14.65
N GLN A 78 72.40 -56.33 -14.19
CA GLN A 78 71.79 -55.43 -13.22
C GLN A 78 71.16 -54.22 -13.92
N LYS A 79 69.93 -53.90 -13.53
CA LYS A 79 69.26 -52.67 -13.94
C LYS A 79 69.78 -51.53 -13.07
N MET A 80 70.34 -50.50 -13.71
CA MET A 80 71.06 -49.48 -12.97
C MET A 80 71.02 -48.19 -13.77
N PHE A 81 71.23 -47.07 -13.08
CA PHE A 81 71.32 -45.77 -13.73
C PHE A 81 72.34 -44.92 -12.99
N TYR A 82 72.88 -43.94 -13.71
CA TYR A 82 73.98 -43.12 -13.23
C TYR A 82 73.47 -41.74 -12.79
N MET A 83 73.97 -41.27 -11.65
CA MET A 83 73.61 -39.97 -11.11
C MET A 83 74.90 -39.25 -10.72
N GLY A 84 75.20 -38.16 -11.41
CA GLY A 84 76.44 -37.45 -11.23
C GLY A 84 76.33 -36.28 -10.27
N GLY A 85 76.79 -36.48 -9.04
CA GLY A 85 76.81 -35.42 -8.06
C GLY A 85 77.52 -34.19 -8.59
N PRO A 86 78.78 -34.36 -9.03
CA PRO A 86 79.49 -33.24 -9.69
C PRO A 86 79.02 -33.07 -11.12
N GLY A 87 77.81 -32.50 -11.24
CA GLY A 87 77.14 -32.39 -12.53
C GLY A 87 77.82 -31.48 -13.52
N HIS A 88 78.73 -30.61 -13.04
CA HIS A 88 79.47 -29.71 -13.91
C HIS A 88 80.40 -30.45 -14.87
N GLY A 89 80.63 -31.75 -14.66
CA GLY A 89 81.40 -32.54 -15.59
C GLY A 89 80.49 -33.24 -16.57
N GLY A 90 79.82 -32.45 -17.40
CA GLY A 90 78.82 -32.99 -18.30
C GLY A 90 79.35 -34.04 -19.25
N GLN A 91 80.63 -33.94 -19.63
CA GLN A 91 81.21 -34.92 -20.54
C GLN A 91 81.17 -36.32 -19.94
N ALA A 92 81.18 -36.45 -18.61
CA ALA A 92 81.21 -37.77 -18.00
C ALA A 92 79.94 -38.56 -18.25
N MET A 93 78.85 -37.92 -18.68
CA MET A 93 77.63 -38.60 -19.09
C MET A 93 77.36 -38.54 -20.59
N VAL A 94 77.81 -37.49 -21.28
CA VAL A 94 77.51 -37.35 -22.70
C VAL A 94 78.25 -38.41 -23.52
N VAL A 95 79.57 -38.51 -23.36
CA VAL A 95 80.35 -39.34 -24.29
C VAL A 95 80.12 -40.82 -24.00
N PRO A 96 80.05 -41.27 -22.75
CA PRO A 96 79.67 -42.67 -22.53
C PRO A 96 78.38 -43.04 -23.26
N SER A 97 77.38 -42.14 -23.25
CA SER A 97 76.17 -42.34 -24.03
C SER A 97 76.48 -42.34 -25.52
N TYR A 98 77.42 -41.49 -25.94
CA TYR A 98 77.82 -41.45 -27.34
C TYR A 98 78.51 -42.74 -27.76
N LEU A 99 79.27 -43.36 -26.85
CA LEU A 99 80.03 -44.56 -27.21
C LEU A 99 79.16 -45.80 -27.32
N ASP A 100 78.03 -45.85 -26.60
CA ASP A 100 77.18 -47.04 -26.61
C ASP A 100 75.96 -46.90 -27.50
N GLY A 101 75.88 -45.81 -28.29
CA GLY A 101 74.83 -45.65 -29.27
C GLY A 101 73.57 -44.96 -28.79
N SER A 102 73.38 -44.79 -27.48
CA SER A 102 72.16 -44.16 -26.99
C SER A 102 72.10 -42.67 -27.37
N TYR A 103 73.25 -42.00 -27.43
CA TYR A 103 73.25 -40.58 -27.78
C TYR A 103 72.75 -40.38 -29.21
N THR A 104 73.18 -41.23 -30.14
CA THR A 104 72.73 -41.15 -31.52
C THR A 104 71.24 -41.43 -31.64
N GLU A 105 70.72 -42.35 -30.82
CA GLU A 105 69.30 -42.62 -30.84
C GLU A 105 68.50 -41.40 -30.42
N ALA A 106 69.05 -40.59 -29.51
CA ALA A 106 68.38 -39.36 -29.10
C ALA A 106 68.65 -38.23 -30.09
N TYR A 107 69.87 -38.17 -30.63
CA TYR A 107 70.29 -37.13 -31.57
C TYR A 107 70.80 -37.81 -32.83
N PRO A 108 69.93 -38.13 -33.79
CA PRO A 108 70.37 -38.91 -34.95
C PRO A 108 71.52 -38.27 -35.72
N GLU A 109 71.62 -36.94 -35.69
CA GLU A 109 72.70 -36.27 -36.41
C GLU A 109 74.07 -36.48 -35.75
N ILE A 110 74.12 -36.91 -34.50
CA ILE A 110 75.41 -37.13 -33.81
C ILE A 110 75.75 -38.59 -34.00
N THR A 111 76.23 -38.92 -35.19
CA THR A 111 76.53 -40.30 -35.55
C THR A 111 77.87 -40.74 -34.98
N GLN A 112 78.05 -42.06 -34.89
CA GLN A 112 79.28 -42.66 -34.36
C GLN A 112 80.34 -42.79 -35.45
N ASP A 113 80.70 -41.64 -36.01
CA ASP A 113 81.75 -41.57 -37.02
C ASP A 113 82.39 -40.19 -36.91
N LEU A 114 83.34 -39.93 -37.81
CA LEU A 114 84.12 -38.69 -37.73
C LEU A 114 83.24 -37.46 -37.86
N GLU A 115 82.25 -37.51 -38.75
CA GLU A 115 81.39 -36.34 -38.94
C GLU A 115 80.58 -36.06 -37.69
N GLY A 116 79.93 -37.08 -37.14
CA GLY A 116 79.14 -36.90 -35.94
C GLY A 116 79.97 -36.52 -34.73
N MET A 117 81.19 -37.07 -34.63
CA MET A 117 82.08 -36.71 -33.53
C MET A 117 82.47 -35.24 -33.60
N SER A 118 82.78 -34.75 -34.80
CA SER A 118 83.10 -33.34 -34.98
C SER A 118 81.90 -32.48 -34.65
N ARG A 119 80.71 -32.93 -35.03
CA ARG A 119 79.50 -32.18 -34.71
C ARG A 119 79.32 -32.07 -33.20
N LEU A 120 79.60 -33.15 -32.47
CA LEU A 120 79.45 -33.14 -31.02
C LEU A 120 80.45 -32.23 -30.34
N PHE A 121 81.70 -32.23 -30.81
CA PHE A 121 82.71 -31.33 -30.28
C PHE A 121 82.24 -29.87 -30.37
N LYS A 122 81.76 -29.47 -31.55
CA LYS A 122 81.38 -28.08 -31.75
C LYS A 122 80.13 -27.72 -30.94
N ARG A 123 79.23 -28.68 -30.71
CA ARG A 123 78.04 -28.34 -29.93
C ARG A 123 78.35 -28.15 -28.46
N PHE A 124 79.41 -28.78 -27.95
CA PHE A 124 79.65 -28.75 -26.52
C PHE A 124 79.93 -27.33 -26.04
N SER A 125 79.12 -26.86 -25.09
CA SER A 125 79.30 -25.55 -24.46
C SER A 125 79.41 -24.44 -25.51
N PHE A 126 78.57 -24.55 -26.53
CA PHE A 126 78.50 -23.63 -27.65
C PHE A 126 77.12 -22.96 -27.69
N PRO A 127 77.04 -21.68 -28.09
CA PRO A 127 75.72 -21.02 -28.14
C PRO A 127 74.69 -21.82 -28.90
N GLY A 128 73.58 -22.14 -28.26
CA GLY A 128 72.56 -22.96 -28.89
C GLY A 128 72.90 -24.43 -29.00
N GLY A 129 74.01 -24.86 -28.40
CA GLY A 129 74.39 -26.27 -28.44
C GLY A 129 73.94 -26.99 -27.18
N ILE A 130 74.86 -27.69 -26.52
CA ILE A 130 74.57 -28.35 -25.26
C ILE A 130 75.41 -27.71 -24.18
N GLY A 131 74.93 -27.83 -22.94
CA GLY A 131 75.59 -27.22 -21.81
C GLY A 131 76.80 -27.99 -21.34
N SER A 132 77.41 -27.45 -20.30
CA SER A 132 78.53 -28.11 -19.64
C SER A 132 78.06 -29.08 -18.55
N HIS A 133 76.83 -28.94 -18.08
CA HIS A 133 76.34 -29.77 -17.00
C HIS A 133 75.53 -30.96 -17.51
N MET A 134 75.08 -31.80 -16.59
CA MET A 134 74.29 -32.98 -16.93
C MET A 134 72.81 -32.63 -17.01
N THR A 135 72.51 -31.66 -17.87
CA THR A 135 71.16 -31.14 -18.00
C THR A 135 70.25 -32.19 -18.63
N ALA A 136 68.98 -31.82 -18.77
CA ALA A 136 67.99 -32.67 -19.43
C ALA A 136 68.33 -32.91 -20.90
N GLN A 137 69.25 -32.15 -21.47
CA GLN A 137 69.78 -32.50 -22.79
C GLN A 137 70.56 -33.79 -22.77
N THR A 138 70.94 -34.28 -21.58
CA THR A 138 71.82 -35.44 -21.46
C THR A 138 70.98 -36.71 -21.42
N PRO A 139 71.12 -37.63 -22.38
CA PRO A 139 70.44 -38.91 -22.25
C PRO A 139 70.91 -39.62 -20.99
N GLY A 140 69.95 -40.16 -20.25
CA GLY A 140 70.25 -40.91 -19.05
C GLY A 140 70.26 -40.10 -17.77
N SER A 141 70.06 -38.79 -17.86
CA SER A 141 70.15 -37.93 -16.68
C SER A 141 68.76 -37.67 -16.12
N LEU A 142 68.66 -37.74 -14.79
CA LEU A 142 67.53 -37.20 -14.04
C LEU A 142 68.03 -36.25 -12.95
N HIS A 143 69.27 -35.77 -13.09
CA HIS A 143 69.92 -35.00 -12.02
C HIS A 143 71.00 -34.16 -12.68
N GLU A 144 70.80 -32.84 -12.73
CA GLU A 144 71.79 -31.99 -13.39
C GLU A 144 73.04 -31.76 -12.55
N GLY A 145 72.89 -31.69 -11.23
CA GLY A 145 74.04 -31.51 -10.36
C GLY A 145 74.71 -30.16 -10.43
N GLY A 146 73.99 -29.12 -10.85
CA GLY A 146 74.52 -27.78 -10.87
C GLY A 146 74.55 -27.21 -9.46
N GLU A 147 73.37 -27.16 -8.83
CA GLU A 147 73.26 -26.82 -7.41
C GLU A 147 73.50 -28.10 -6.61
N LEU A 148 74.66 -28.19 -5.97
CA LEU A 148 75.11 -29.42 -5.34
C LEU A 148 74.37 -29.72 -4.04
N GLY A 149 74.26 -31.01 -3.73
CA GLY A 149 73.82 -31.48 -2.43
C GLY A 149 72.62 -32.42 -2.44
N TYR A 150 71.99 -32.68 -3.59
CA TYR A 150 70.72 -33.40 -3.63
C TYR A 150 70.82 -34.74 -4.34
N VAL A 151 72.03 -35.23 -4.62
CA VAL A 151 72.15 -36.44 -5.44
C VAL A 151 71.67 -37.67 -4.67
N LEU A 152 71.87 -37.70 -3.35
CA LEU A 152 71.49 -38.91 -2.62
C LEU A 152 70.01 -38.91 -2.24
N SER A 153 69.44 -37.75 -1.94
CA SER A 153 68.00 -37.67 -1.71
C SER A 153 67.23 -37.99 -2.99
N HIS A 154 67.69 -37.45 -4.13
CA HIS A 154 67.07 -37.81 -5.41
C HIS A 154 67.19 -39.32 -5.68
N ALA A 155 68.37 -39.88 -5.43
CA ALA A 155 68.57 -41.31 -5.68
C ALA A 155 67.63 -42.15 -4.82
N THR A 156 67.43 -41.76 -3.56
CA THR A 156 66.52 -42.49 -2.69
C THR A 156 65.11 -42.49 -3.25
N GLY A 157 64.57 -41.31 -3.60
CA GLY A 157 63.25 -41.26 -4.18
C GLY A 157 63.16 -42.07 -5.46
N ALA A 158 64.27 -42.15 -6.20
CA ALA A 158 64.25 -42.89 -7.46
C ALA A 158 64.09 -44.38 -7.21
N ILE A 159 64.69 -44.91 -6.14
CA ILE A 159 64.67 -46.35 -5.88
C ILE A 159 63.55 -46.77 -4.94
N LEU A 160 62.83 -45.83 -4.32
CA LEU A 160 61.65 -46.20 -3.56
C LEU A 160 60.66 -46.93 -4.44
N ASP A 161 60.18 -48.08 -3.96
CA ASP A 161 59.18 -48.89 -4.67
C ASP A 161 59.69 -49.39 -6.02
N GLN A 162 61.01 -49.46 -6.20
CA GLN A 162 61.61 -50.00 -7.42
C GLN A 162 62.64 -51.05 -7.00
N PRO A 163 62.19 -52.23 -6.57
CA PRO A 163 63.10 -53.18 -5.93
C PRO A 163 64.23 -53.68 -6.81
N GLU A 164 64.07 -53.67 -8.13
CA GLU A 164 65.08 -54.22 -9.02
C GLU A 164 66.12 -53.20 -9.48
N GLN A 165 65.99 -51.94 -9.09
CA GLN A 165 66.87 -50.88 -9.58
C GLN A 165 67.96 -50.55 -8.56
N ILE A 166 69.12 -50.16 -9.06
CA ILE A 166 70.20 -49.64 -8.24
C ILE A 166 70.61 -48.27 -8.78
N ALA A 167 70.77 -47.30 -7.88
CA ALA A 167 71.22 -45.96 -8.23
C ALA A 167 72.73 -45.89 -8.01
N PHE A 168 73.50 -45.79 -9.09
CA PHE A 168 74.96 -45.62 -9.04
C PHE A 168 75.24 -44.13 -8.88
N ALA A 169 75.36 -43.68 -7.63
CA ALA A 169 75.36 -42.26 -7.30
C ALA A 169 76.74 -41.79 -6.89
N VAL A 170 77.34 -40.93 -7.71
CA VAL A 170 78.65 -40.36 -7.42
C VAL A 170 78.48 -39.05 -6.66
N VAL A 171 79.14 -38.94 -5.53
CA VAL A 171 79.06 -37.76 -4.67
C VAL A 171 80.39 -37.02 -4.76
N GLY A 172 80.35 -35.75 -5.14
CA GLY A 172 81.55 -34.94 -5.10
C GLY A 172 81.98 -34.73 -3.66
N ASP A 173 83.29 -34.70 -3.43
CA ASP A 173 83.75 -34.55 -2.05
C ASP A 173 83.55 -33.13 -1.56
N GLY A 174 83.56 -32.14 -2.46
CA GLY A 174 83.10 -30.82 -2.08
C GLY A 174 81.61 -30.81 -1.81
N GLU A 175 80.85 -31.49 -2.67
CA GLU A 175 79.40 -31.62 -2.45
C GLU A 175 79.10 -32.21 -1.07
N ALA A 176 79.94 -33.13 -0.60
CA ALA A 176 79.74 -33.77 0.69
C ALA A 176 79.83 -32.79 1.86
N GLU A 177 80.25 -31.56 1.62
CA GLU A 177 80.32 -30.54 2.66
C GLU A 177 79.03 -29.74 2.79
N THR A 178 78.08 -29.91 1.88
CA THR A 178 76.81 -29.19 1.94
C THR A 178 75.91 -29.78 3.03
N GLY A 179 74.95 -28.97 3.47
CA GLY A 179 73.97 -29.41 4.44
C GLY A 179 73.10 -30.53 3.93
N PRO A 180 72.46 -30.32 2.78
CA PRO A 180 71.60 -31.38 2.21
C PRO A 180 72.32 -32.69 2.01
N LEU A 181 73.56 -32.67 1.51
CA LEU A 181 74.26 -33.92 1.29
C LEU A 181 74.57 -34.61 2.62
N MET A 182 75.09 -33.85 3.59
CA MET A 182 75.48 -34.44 4.87
C MET A 182 74.30 -35.17 5.52
N THR A 183 73.12 -34.55 5.53
CA THR A 183 71.98 -35.19 6.17
C THR A 183 71.33 -36.24 5.30
N SER A 184 71.59 -36.23 3.99
CA SER A 184 71.01 -37.23 3.11
C SER A 184 71.56 -38.63 3.37
N TRP A 185 72.67 -38.75 4.10
CA TRP A 185 73.17 -40.07 4.48
C TRP A 185 72.18 -40.81 5.36
N HIS A 186 71.29 -40.10 6.06
CA HIS A 186 70.27 -40.76 6.87
C HIS A 186 69.21 -41.46 6.04
N SER A 187 69.29 -41.39 4.71
CA SER A 187 68.22 -41.95 3.89
C SER A 187 68.06 -43.45 4.10
N ILE A 188 69.15 -44.16 4.42
CA ILE A 188 69.08 -45.60 4.60
C ILE A 188 68.26 -45.99 5.83
N LYS A 189 67.96 -45.03 6.71
CA LYS A 189 67.03 -45.27 7.79
C LYS A 189 65.58 -45.34 7.33
N PHE A 190 65.33 -45.15 6.03
CA PHE A 190 63.98 -45.19 5.47
C PHE A 190 63.87 -46.06 4.23
N ILE A 191 64.95 -46.70 3.82
CA ILE A 191 64.93 -47.62 2.69
C ILE A 191 64.71 -49.02 3.22
N ASN A 192 63.61 -49.65 2.81
CA ASN A 192 63.32 -51.01 3.22
C ASN A 192 63.66 -51.93 2.07
N PRO A 193 64.71 -52.77 2.18
CA PRO A 193 65.10 -53.62 1.05
C PRO A 193 64.05 -54.63 0.62
N LYS A 194 63.02 -54.85 1.43
CA LYS A 194 61.96 -55.77 1.03
C LYS A 194 61.17 -55.23 -0.15
N ASN A 195 60.95 -53.92 -0.18
CA ASN A 195 60.11 -53.30 -1.20
C ASN A 195 60.84 -52.29 -2.06
N ASP A 196 61.99 -51.78 -1.63
CA ASP A 196 62.68 -50.72 -2.33
C ASP A 196 63.96 -51.23 -2.97
N GLY A 197 64.47 -50.46 -3.92
CA GLY A 197 65.77 -50.70 -4.51
C GLY A 197 66.88 -50.27 -3.58
N ALA A 198 68.05 -50.03 -4.16
CA ALA A 198 69.23 -49.68 -3.37
C ALA A 198 69.97 -48.53 -4.03
N ILE A 199 70.59 -47.70 -3.21
CA ILE A 199 71.52 -46.68 -3.68
C ILE A 199 72.92 -47.20 -3.44
N LEU A 200 73.78 -47.08 -4.46
CA LEU A 200 75.20 -47.41 -4.34
C LEU A 200 75.99 -46.11 -4.37
N PRO A 201 76.24 -45.48 -3.22
CA PRO A 201 76.95 -44.19 -3.22
C PRO A 201 78.45 -44.38 -3.33
N ILE A 202 79.07 -43.55 -4.16
CA ILE A 202 80.53 -43.50 -4.29
C ILE A 202 80.95 -42.09 -3.93
N LEU A 203 81.77 -41.96 -2.90
CA LEU A 203 82.33 -40.66 -2.53
C LEU A 203 83.54 -40.42 -3.42
N ASP A 204 83.42 -39.45 -4.33
CA ASP A 204 84.48 -39.12 -5.28
C ASP A 204 85.51 -38.25 -4.56
N LEU A 205 86.39 -38.91 -3.82
CA LEU A 205 87.41 -38.23 -3.02
C LEU A 205 88.62 -37.86 -3.89
N ASN A 206 88.38 -36.99 -4.86
CA ASN A 206 89.47 -36.55 -5.72
C ASN A 206 90.30 -35.46 -5.06
N GLY A 207 89.94 -35.02 -3.86
CA GLY A 207 90.82 -34.23 -3.02
C GLY A 207 90.52 -32.75 -2.97
N PHE A 208 89.80 -32.22 -3.96
CA PHE A 208 89.67 -30.77 -4.10
C PHE A 208 88.31 -30.40 -4.63
N LYS A 209 87.93 -29.15 -4.37
CA LYS A 209 86.76 -28.54 -5.01
C LYS A 209 87.27 -27.45 -5.96
N ILE A 210 86.65 -26.26 -6.00
CA ILE A 210 87.05 -25.26 -6.99
C ILE A 210 88.46 -24.75 -6.73
N SER A 211 88.69 -24.23 -5.52
CA SER A 211 89.93 -23.54 -5.17
C SER A 211 90.52 -24.02 -3.85
N ASN A 212 89.97 -25.09 -3.27
CA ASN A 212 90.34 -25.54 -1.93
C ASN A 212 90.48 -27.05 -1.94
N PRO A 213 91.25 -27.60 -1.00
CA PRO A 213 91.11 -29.02 -0.69
C PRO A 213 89.78 -29.26 0.03
N THR A 214 89.40 -30.52 0.15
CA THR A 214 88.13 -30.88 0.76
C THR A 214 88.32 -31.42 2.17
N LEU A 215 87.30 -31.20 3.00
CA LEU A 215 87.37 -31.59 4.41
C LEU A 215 87.44 -33.10 4.56
N PHE A 216 86.73 -33.85 3.72
CA PHE A 216 86.74 -35.30 3.84
C PHE A 216 88.01 -35.92 3.26
N ALA A 217 88.57 -35.34 2.19
CA ALA A 217 89.80 -35.87 1.65
C ALA A 217 90.94 -35.74 2.64
N ARG A 218 90.96 -34.66 3.43
CA ARG A 218 91.95 -34.48 4.46
C ARG A 218 91.56 -35.11 5.79
N THR A 219 90.43 -35.82 5.82
CA THR A 219 90.10 -36.68 6.93
C THR A 219 90.74 -38.04 6.69
N SER A 220 91.30 -38.62 7.75
CA SER A 220 91.95 -39.93 7.61
C SER A 220 90.92 -40.99 7.24
N ASP A 221 91.40 -42.04 6.57
CA ASP A 221 90.54 -43.17 6.24
C ASP A 221 89.93 -43.79 7.50
N VAL A 222 90.65 -43.76 8.61
CA VAL A 222 90.11 -44.28 9.87
C VAL A 222 88.90 -43.46 10.32
N ASP A 223 89.03 -42.14 10.29
CA ASP A 223 87.92 -41.29 10.71
C ASP A 223 86.77 -41.35 9.72
N ILE A 224 87.08 -41.45 8.43
CA ILE A 224 86.03 -41.64 7.43
C ILE A 224 85.24 -42.91 7.73
N ARG A 225 85.94 -43.97 8.14
CA ARG A 225 85.25 -45.20 8.52
C ARG A 225 84.36 -44.99 9.72
N LYS A 226 84.88 -44.30 10.74
CA LYS A 226 84.05 -44.01 11.92
C LYS A 226 82.79 -43.25 11.53
N PHE A 227 82.93 -42.23 10.68
CA PHE A 227 81.80 -41.42 10.28
C PHE A 227 80.71 -42.27 9.63
N PHE A 228 81.09 -43.10 8.65
CA PHE A 228 80.08 -43.85 7.92
C PHE A 228 79.57 -45.05 8.71
N GLU A 229 80.42 -45.71 9.50
CA GLU A 229 79.95 -46.79 10.36
C GLU A 229 78.97 -46.26 11.40
N GLY A 230 79.23 -45.05 11.92
CA GLY A 230 78.28 -44.44 12.84
C GLY A 230 76.92 -44.20 12.22
N LEU A 231 76.89 -44.03 10.90
CA LEU A 231 75.63 -43.84 10.18
C LEU A 231 75.06 -45.14 9.62
N GLY A 232 75.71 -46.27 9.88
CA GLY A 232 75.18 -47.57 9.49
C GLY A 232 75.69 -48.12 8.18
N TYR A 233 76.64 -47.46 7.54
CA TYR A 233 77.16 -47.95 6.28
C TYR A 233 78.35 -48.87 6.49
N SER A 234 78.72 -49.58 5.42
CA SER A 234 79.87 -50.47 5.37
C SER A 234 80.85 -49.91 4.36
N PRO A 235 81.84 -49.11 4.80
CA PRO A 235 82.74 -48.46 3.84
C PRO A 235 83.79 -49.41 3.27
N ARG A 236 83.99 -49.29 1.96
CA ARG A 236 85.06 -49.97 1.23
C ARG A 236 85.82 -48.96 0.38
N TYR A 237 87.14 -49.18 0.24
CA TYR A 237 88.05 -48.15 -0.26
C TYR A 237 88.73 -48.55 -1.56
N ILE A 238 88.81 -47.59 -2.47
CA ILE A 238 89.57 -47.70 -3.71
C ILE A 238 90.64 -46.62 -3.65
N GLU A 239 91.90 -47.04 -3.54
CA GLU A 239 93.00 -46.09 -3.46
C GLU A 239 94.29 -46.83 -3.80
N ASN A 240 95.34 -46.06 -4.07
CA ASN A 240 96.64 -46.65 -4.38
C ASN A 240 97.74 -45.63 -4.14
N ASP A 241 98.94 -46.14 -3.79
CA ASP A 241 100.08 -45.28 -3.53
C ASP A 241 100.66 -44.71 -4.82
N ASP A 242 100.66 -45.48 -5.90
CA ASP A 242 101.11 -45.00 -7.21
C ASP A 242 99.88 -44.63 -8.03
N ILE A 243 99.62 -43.33 -8.16
CA ILE A 243 98.37 -42.88 -8.76
C ILE A 243 98.30 -43.09 -10.27
N HIS A 244 99.40 -43.45 -10.90
CA HIS A 244 99.42 -43.72 -12.33
C HIS A 244 99.55 -45.21 -12.66
N ASP A 245 99.44 -46.08 -11.66
CA ASP A 245 99.35 -47.52 -11.93
C ASP A 245 97.88 -47.83 -12.14
N TYR A 246 97.39 -47.47 -13.34
CA TYR A 246 95.97 -47.51 -13.61
C TYR A 246 95.41 -48.92 -13.49
N MET A 247 96.19 -49.92 -13.89
CA MET A 247 95.69 -51.28 -13.81
C MET A 247 95.49 -51.71 -12.35
N ALA A 248 96.29 -51.16 -11.43
CA ALA A 248 96.08 -51.48 -10.03
C ALA A 248 94.73 -50.95 -9.55
N TYR A 249 94.33 -49.77 -10.02
CA TYR A 249 93.01 -49.25 -9.66
C TYR A 249 91.90 -50.13 -10.22
N HIS A 250 92.05 -50.58 -11.46
CA HIS A 250 91.01 -51.40 -12.09
C HIS A 250 90.79 -52.70 -11.33
N LYS A 251 91.88 -53.40 -10.98
CA LYS A 251 91.72 -54.65 -10.24
C LYS A 251 91.01 -54.42 -8.91
N LEU A 252 91.39 -53.36 -8.19
CA LEU A 252 90.80 -53.09 -6.89
C LEU A 252 89.35 -52.66 -7.03
N ALA A 253 89.06 -51.79 -8.00
CA ALA A 253 87.69 -51.34 -8.20
C ALA A 253 86.79 -52.52 -8.57
N ALA A 254 87.29 -53.43 -9.39
CA ALA A 254 86.51 -54.61 -9.75
C ALA A 254 86.18 -55.45 -8.51
N GLU A 255 87.15 -55.62 -7.61
CA GLU A 255 86.91 -56.38 -6.38
C GLU A 255 85.90 -55.67 -5.48
N VAL A 256 86.12 -54.38 -5.23
CA VAL A 256 85.27 -53.62 -4.33
C VAL A 256 83.85 -53.56 -4.86
N PHE A 257 83.70 -53.20 -6.13
CA PHE A 257 82.37 -53.07 -6.70
C PHE A 257 81.66 -54.42 -6.79
N ASP A 258 82.40 -55.50 -7.05
CA ASP A 258 81.77 -56.83 -7.07
C ASP A 258 81.12 -57.15 -5.73
N LYS A 259 81.86 -56.99 -4.63
CA LYS A 259 81.26 -57.26 -3.33
C LYS A 259 80.19 -56.24 -2.96
N ALA A 260 80.27 -55.01 -3.48
CA ALA A 260 79.22 -54.05 -3.18
C ALA A 260 77.88 -54.53 -3.75
N ILE A 261 77.87 -54.93 -5.02
CA ILE A 261 76.62 -55.42 -5.61
C ILE A 261 76.18 -56.71 -4.91
N GLU A 262 77.12 -57.62 -4.66
CA GLU A 262 76.76 -58.89 -4.06
C GLU A 262 76.25 -58.71 -2.64
N ASP A 263 76.84 -57.78 -1.89
CA ASP A 263 76.30 -57.51 -0.56
C ASP A 263 74.93 -56.87 -0.65
N ILE A 264 74.70 -56.00 -1.63
CA ILE A 264 73.38 -55.43 -1.83
C ILE A 264 72.38 -56.52 -2.14
N HIS A 265 72.74 -57.43 -3.04
CA HIS A 265 71.83 -58.52 -3.39
C HIS A 265 71.57 -59.43 -2.19
N GLN A 266 72.60 -59.69 -1.38
CA GLN A 266 72.42 -60.52 -0.20
C GLN A 266 71.48 -59.84 0.80
N ILE A 267 71.65 -58.54 0.99
CA ILE A 267 70.73 -57.79 1.84
C ILE A 267 69.30 -57.93 1.33
N GLN A 268 69.11 -57.81 0.01
CA GLN A 268 67.77 -57.87 -0.55
C GLN A 268 67.21 -59.29 -0.46
N LYS A 269 68.05 -60.30 -0.63
CA LYS A 269 67.63 -61.69 -0.50
C LYS A 269 67.12 -61.98 0.91
N ASP A 270 67.91 -61.59 1.92
CA ASP A 270 67.52 -61.83 3.31
C ASP A 270 66.22 -61.11 3.67
N ALA A 271 66.01 -59.91 3.12
CA ALA A 271 64.80 -59.16 3.45
C ALA A 271 63.58 -59.76 2.79
N ARG A 272 63.73 -60.22 1.55
CA ARG A 272 62.60 -60.68 0.75
C ARG A 272 62.27 -62.15 0.94
N GLU A 273 63.24 -62.97 1.32
CA GLU A 273 62.99 -64.40 1.53
C GLU A 273 62.83 -64.77 3.00
N ASP A 274 63.63 -64.14 3.88
CA ASP A 274 63.61 -64.45 5.29
C ASP A 274 62.89 -63.43 6.15
N ASN A 275 62.81 -62.18 5.71
CA ASN A 275 62.07 -61.12 6.39
C ASN A 275 63.04 -60.41 7.32
N ARG A 276 64.29 -60.35 6.91
CA ARG A 276 65.29 -59.67 7.72
C ARG A 276 65.12 -58.15 7.57
N TYR A 277 65.60 -57.43 8.57
CA TYR A 277 65.59 -55.97 8.58
C TYR A 277 64.18 -55.40 8.75
N GLN A 278 63.28 -56.16 9.34
CA GLN A 278 61.94 -55.67 9.68
C GLN A 278 61.78 -55.51 11.18
N ASN A 279 62.87 -55.67 11.94
CA ASN A 279 62.83 -55.64 13.40
C ASN A 279 63.69 -54.53 13.98
N GLY A 280 64.10 -53.56 13.17
CA GLY A 280 64.94 -52.47 13.61
C GLY A 280 66.37 -52.56 13.15
N GLU A 281 66.78 -53.66 12.52
CA GLU A 281 68.15 -53.80 12.04
C GLU A 281 68.32 -53.01 10.75
N ILE A 282 69.34 -52.16 10.69
CA ILE A 282 69.63 -51.38 9.50
C ILE A 282 70.65 -52.17 8.68
N PRO A 283 70.38 -52.46 7.40
CA PRO A 283 71.39 -53.16 6.60
C PRO A 283 72.71 -52.40 6.60
N ALA A 284 73.81 -53.14 6.60
CA ALA A 284 75.13 -52.54 6.49
C ALA A 284 75.42 -52.18 5.03
N TRP A 285 74.73 -51.14 4.56
CA TRP A 285 74.78 -50.78 3.15
C TRP A 285 76.20 -50.41 2.73
N PRO A 286 76.71 -50.93 1.61
CA PRO A 286 78.05 -50.54 1.16
C PRO A 286 78.10 -49.07 0.73
N ILE A 287 79.23 -48.44 1.03
CA ILE A 287 79.60 -47.14 0.46
C ILE A 287 81.04 -47.21 0.01
N VAL A 288 81.30 -46.80 -1.23
CA VAL A 288 82.63 -46.88 -1.82
C VAL A 288 83.28 -45.50 -1.70
N ILE A 289 84.46 -45.48 -1.09
CA ILE A 289 85.27 -44.27 -0.97
C ILE A 289 86.40 -44.39 -1.98
N ALA A 290 86.34 -43.58 -3.04
CA ALA A 290 87.27 -43.66 -4.16
C ALA A 290 88.16 -42.42 -4.16
N ARG A 291 89.45 -42.62 -3.84
CA ARG A 291 90.43 -41.55 -3.89
C ARG A 291 91.04 -41.54 -5.30
N LEU A 292 90.29 -40.92 -6.22
CA LEU A 292 90.72 -40.81 -7.60
C LEU A 292 91.21 -39.39 -7.84
N PRO A 293 92.51 -39.16 -8.01
CA PRO A 293 93.02 -37.78 -8.04
C PRO A 293 92.27 -36.91 -9.05
N LYS A 294 92.02 -35.68 -8.64
CA LYS A 294 91.35 -34.73 -9.53
C LYS A 294 92.23 -34.42 -10.72
N GLY A 295 91.60 -34.31 -11.90
CA GLY A 295 92.34 -34.16 -13.13
C GLY A 295 93.15 -35.38 -13.49
N TRP A 296 92.70 -36.56 -13.06
CA TRP A 296 93.43 -37.81 -13.24
C TRP A 296 93.81 -38.02 -14.70
N GLY A 297 95.11 -38.19 -14.94
CA GLY A 297 95.60 -38.48 -16.27
C GLY A 297 95.73 -37.27 -17.18
N GLY A 298 95.51 -36.06 -16.67
CA GLY A 298 95.64 -34.87 -17.47
C GLY A 298 96.97 -34.17 -17.25
N PRO A 299 97.04 -32.88 -17.60
CA PRO A 299 98.26 -32.11 -17.34
C PRO A 299 98.65 -32.22 -15.86
N ARG A 300 99.96 -32.39 -15.62
CA ARG A 300 100.40 -32.60 -14.25
C ARG A 300 100.84 -31.32 -13.55
N TYR A 301 101.56 -30.44 -14.26
CA TYR A 301 102.09 -29.23 -13.65
C TYR A 301 101.95 -28.08 -14.64
N ASN A 302 101.77 -26.86 -14.12
CA ASN A 302 101.65 -25.68 -14.96
C ASN A 302 103.04 -25.15 -15.26
N ASP A 303 103.73 -25.86 -16.17
CA ASP A 303 105.13 -25.57 -16.47
C ASP A 303 105.30 -24.38 -17.39
N TRP A 304 104.24 -23.95 -18.07
CA TRP A 304 104.34 -22.91 -19.07
C TRP A 304 104.26 -21.51 -18.48
N SER A 305 103.87 -21.36 -17.21
CA SER A 305 103.78 -20.03 -16.60
C SER A 305 103.66 -20.22 -15.08
N GLY A 306 103.88 -19.11 -14.37
CA GLY A 306 103.71 -19.11 -12.94
C GLY A 306 104.94 -19.57 -12.19
N PRO A 307 104.88 -19.53 -10.86
CA PRO A 307 106.05 -19.87 -10.05
C PRO A 307 106.36 -21.37 -10.08
N LYS A 308 107.54 -21.70 -9.58
CA LYS A 308 108.04 -23.06 -9.57
C LYS A 308 108.17 -23.55 -8.13
N PHE A 309 108.10 -24.87 -7.97
CA PHE A 309 108.39 -25.54 -6.70
C PHE A 309 108.96 -26.91 -7.01
N ASP A 310 110.14 -27.21 -6.48
CA ASP A 310 110.85 -28.45 -6.80
C ASP A 310 110.95 -28.59 -8.32
N GLY A 311 111.57 -27.58 -8.91
CA GLY A 311 111.73 -27.46 -10.35
C GLY A 311 110.54 -27.77 -11.22
N LYS A 312 109.32 -27.55 -10.74
CA LYS A 312 108.13 -27.81 -11.55
C LYS A 312 107.13 -26.68 -11.31
N GLY A 313 106.24 -26.49 -12.29
CA GLY A 313 105.15 -25.56 -12.14
C GLY A 313 104.14 -26.05 -11.13
N MET A 314 103.16 -25.19 -10.84
CA MET A 314 102.16 -25.54 -9.85
C MET A 314 101.40 -26.78 -10.31
N PRO A 315 101.16 -27.74 -9.42
CA PRO A 315 100.47 -28.96 -9.84
C PRO A 315 99.05 -28.66 -10.31
N ILE A 316 98.65 -29.35 -11.36
CA ILE A 316 97.28 -29.32 -11.87
C ILE A 316 96.55 -30.60 -11.48
N GLU A 317 97.06 -31.76 -11.92
CA GLU A 317 96.56 -33.02 -11.42
C GLU A 317 96.76 -33.09 -9.91
N HIS A 318 95.79 -33.68 -9.22
CA HIS A 318 95.84 -33.77 -7.76
C HIS A 318 95.84 -32.39 -7.12
N SER A 319 95.11 -31.45 -7.73
CA SER A 319 94.99 -30.11 -7.18
C SER A 319 93.68 -29.47 -7.63
N PHE A 320 93.32 -28.37 -6.97
CA PHE A 320 92.14 -27.61 -7.36
C PHE A 320 92.34 -26.97 -8.73
N ARG A 321 93.59 -26.74 -9.14
CA ARG A 321 93.87 -26.06 -10.39
C ARG A 321 93.40 -26.82 -11.61
N ALA A 322 93.01 -28.09 -11.44
CA ALA A 322 92.46 -28.87 -12.55
C ALA A 322 90.96 -28.68 -12.73
N HIS A 323 90.32 -27.87 -11.88
CA HIS A 323 88.86 -27.89 -11.78
C HIS A 323 88.20 -27.59 -13.12
N GLN A 324 88.52 -26.43 -13.69
CA GLN A 324 87.81 -25.95 -14.86
C GLN A 324 88.61 -26.21 -16.14
N VAL A 325 89.02 -25.16 -16.85
CA VAL A 325 89.80 -25.32 -18.07
C VAL A 325 91.27 -25.47 -17.65
N PRO A 326 91.91 -26.60 -17.91
CA PRO A 326 93.27 -26.81 -17.38
C PRO A 326 94.39 -26.20 -18.21
N LEU A 327 94.11 -25.73 -19.42
CA LEU A 327 95.12 -25.09 -20.25
C LEU A 327 94.60 -23.75 -20.74
N PRO A 328 95.48 -22.78 -20.98
CA PRO A 328 95.07 -21.54 -21.63
C PRO A 328 94.89 -21.65 -23.14
N LEU A 329 95.03 -22.86 -23.69
CA LEU A 329 94.94 -23.06 -25.13
C LEU A 329 93.63 -22.51 -25.70
N SER A 330 93.74 -21.85 -26.86
CA SER A 330 92.58 -21.38 -27.62
C SER A 330 93.08 -20.99 -29.01
N SER A 331 92.12 -20.69 -29.90
CA SER A 331 92.45 -20.17 -31.23
C SER A 331 93.15 -18.81 -31.15
N LYS A 332 93.00 -18.10 -30.04
CA LYS A 332 93.65 -16.82 -29.81
C LYS A 332 94.96 -16.96 -29.05
N ASN A 333 95.28 -18.16 -28.57
CA ASN A 333 96.49 -18.37 -27.76
C ASN A 333 96.92 -19.84 -27.89
N MET A 334 97.76 -20.12 -28.89
CA MET A 334 98.18 -21.48 -29.15
C MET A 334 99.50 -21.80 -28.47
N GLY A 335 99.89 -21.02 -27.46
CA GLY A 335 101.16 -21.25 -26.80
C GLY A 335 101.25 -22.62 -26.18
N THR A 336 100.14 -23.12 -25.61
CA THR A 336 100.15 -24.40 -24.94
C THR A 336 99.60 -25.52 -25.82
N LEU A 337 99.60 -25.32 -27.14
CA LEU A 337 99.24 -26.40 -28.05
C LEU A 337 100.15 -27.61 -27.91
N PRO A 338 101.47 -27.48 -27.74
CA PRO A 338 102.29 -28.67 -27.53
C PRO A 338 101.85 -29.48 -26.32
N GLU A 339 101.50 -28.81 -25.22
CA GLU A 339 101.01 -29.52 -24.04
C GLU A 339 99.71 -30.25 -24.33
N PHE A 340 98.83 -29.65 -25.12
CA PHE A 340 97.56 -30.29 -25.44
C PHE A 340 97.77 -31.52 -26.31
N VAL A 341 98.64 -31.44 -27.31
CA VAL A 341 98.92 -32.58 -28.18
C VAL A 341 99.49 -33.72 -27.35
N LYS A 342 100.43 -33.40 -26.45
CA LYS A 342 101.04 -34.42 -25.61
C LYS A 342 99.98 -35.09 -24.73
N TRP A 343 99.12 -34.28 -24.11
CA TRP A 343 98.05 -34.80 -23.27
C TRP A 343 97.10 -35.70 -24.07
N MET A 344 96.65 -35.21 -25.21
CA MET A 344 95.65 -35.95 -25.97
C MET A 344 96.23 -37.24 -26.54
N THR A 345 97.46 -37.20 -27.04
CA THR A 345 98.07 -38.40 -27.62
C THR A 345 98.47 -39.40 -26.54
N SER A 346 98.60 -38.98 -25.28
CA SER A 346 98.94 -39.91 -24.20
C SER A 346 97.86 -40.97 -24.01
N TYR A 347 96.63 -40.70 -24.44
CA TYR A 347 95.57 -41.71 -24.37
C TYR A 347 95.72 -42.80 -25.43
N GLN A 348 96.67 -42.66 -26.36
CA GLN A 348 96.89 -43.62 -27.45
C GLN A 348 95.60 -43.76 -28.26
N PRO A 349 95.08 -42.65 -28.81
CA PRO A 349 93.79 -42.74 -29.54
C PRO A 349 93.82 -43.65 -30.75
N GLU A 350 95.00 -43.88 -31.34
CA GLU A 350 95.10 -44.80 -32.47
C GLU A 350 94.74 -46.22 -32.10
N THR A 351 94.82 -46.58 -30.82
CA THR A 351 94.38 -47.89 -30.35
C THR A 351 92.92 -47.91 -29.92
N LEU A 352 92.23 -46.76 -29.97
CA LEU A 352 90.87 -46.63 -29.47
C LEU A 352 89.85 -46.35 -30.56
N PHE A 353 90.19 -45.53 -31.53
CA PHE A 353 89.28 -45.14 -32.61
C PHE A 353 89.88 -45.46 -33.97
N ASN A 354 89.01 -45.84 -34.90
CA ASN A 354 89.40 -45.99 -36.30
C ASN A 354 89.46 -44.63 -36.97
N ALA A 355 90.09 -44.59 -38.15
CA ALA A 355 90.26 -43.34 -38.85
C ALA A 355 88.93 -42.76 -39.29
N ASP A 356 87.93 -43.60 -39.52
CA ASP A 356 86.61 -43.10 -39.90
C ASP A 356 85.81 -42.57 -38.71
N GLY A 357 86.40 -42.55 -37.52
CA GLY A 357 85.76 -41.99 -36.34
C GLY A 357 85.05 -42.97 -35.44
N SER A 358 84.80 -44.20 -35.91
CA SER A 358 84.08 -45.18 -35.12
C SER A 358 85.00 -45.76 -34.04
N LEU A 359 84.37 -46.29 -33.00
CA LEU A 359 85.11 -46.95 -31.94
C LEU A 359 85.67 -48.27 -32.44
N LYS A 360 86.87 -48.62 -31.97
CA LYS A 360 87.50 -49.87 -32.35
C LYS A 360 86.58 -51.05 -32.04
N GLU A 361 86.63 -52.04 -32.94
CA GLU A 361 85.69 -53.16 -32.89
C GLU A 361 85.80 -53.91 -31.56
N GLU A 362 87.02 -54.17 -31.11
CA GLU A 362 87.24 -54.93 -29.88
C GLU A 362 86.64 -54.28 -28.64
N LEU A 363 86.27 -53.00 -28.71
CA LEU A 363 85.71 -52.27 -27.57
C LEU A 363 84.19 -52.11 -27.64
N ARG A 364 83.56 -52.48 -28.75
CA ARG A 364 82.12 -52.23 -28.91
C ARG A 364 81.24 -53.12 -28.05
N ASP A 365 81.74 -54.29 -27.63
CA ASP A 365 80.94 -55.18 -26.78
C ASP A 365 81.09 -54.87 -25.30
N PHE A 366 81.90 -53.88 -24.93
CA PHE A 366 82.09 -53.58 -23.51
C PHE A 366 80.83 -52.99 -22.90
N ALA A 367 80.23 -52.01 -23.56
CA ALA A 367 79.07 -51.33 -23.00
C ALA A 367 77.85 -52.25 -23.04
N PRO A 368 76.87 -52.03 -22.16
CA PRO A 368 75.63 -52.80 -22.26
C PRO A 368 74.88 -52.47 -23.55
N LYS A 369 73.79 -53.17 -23.80
CA LYS A 369 72.95 -52.93 -24.97
C LYS A 369 71.50 -52.74 -24.55
N GLY A 370 70.75 -52.09 -25.43
CA GLY A 370 69.33 -51.89 -25.21
C GLY A 370 69.06 -51.11 -23.95
N GLU A 371 68.00 -51.50 -23.25
CA GLU A 371 67.58 -50.78 -22.07
C GLU A 371 68.48 -51.03 -20.87
N MET A 372 69.43 -51.97 -20.97
CA MET A 372 70.39 -52.17 -19.90
C MET A 372 71.40 -51.05 -19.84
N ARG A 373 71.56 -50.28 -20.92
CA ARG A 373 72.43 -49.11 -20.87
C ARG A 373 71.84 -48.09 -19.90
N MET A 374 72.69 -47.57 -19.02
CA MET A 374 72.20 -46.60 -18.05
C MET A 374 71.58 -45.39 -18.74
N ALA A 375 72.07 -45.04 -19.94
CA ALA A 375 71.51 -43.91 -20.68
C ALA A 375 70.18 -44.24 -21.33
N SER A 376 69.83 -45.53 -21.44
CA SER A 376 68.57 -45.96 -22.01
C SER A 376 67.60 -46.53 -20.99
N ASN A 377 67.98 -46.62 -19.72
CA ASN A 377 67.08 -47.14 -18.69
C ASN A 377 65.84 -46.26 -18.58
N PRO A 378 64.63 -46.80 -18.81
CA PRO A 378 63.42 -45.95 -18.75
C PRO A 378 63.27 -45.17 -17.45
N VAL A 379 63.95 -45.58 -16.39
CA VAL A 379 63.97 -44.81 -15.15
C VAL A 379 64.41 -43.38 -15.44
N THR A 380 65.33 -43.20 -16.39
CA THR A 380 65.92 -41.90 -16.68
C THR A 380 65.13 -41.10 -17.71
N ASN A 381 64.05 -41.65 -18.27
CA ASN A 381 63.25 -40.97 -19.28
C ASN A 381 61.78 -41.01 -18.89
N GLY A 382 61.48 -40.51 -17.69
CA GLY A 382 60.11 -40.41 -17.22
C GLY A 382 59.65 -41.56 -16.35
N GLY A 383 60.42 -42.62 -16.25
CA GLY A 383 60.11 -43.75 -15.40
C GLY A 383 59.72 -44.98 -16.21
N VAL A 384 59.92 -46.15 -15.62
CA VAL A 384 59.46 -47.39 -16.23
C VAL A 384 57.97 -47.31 -16.52
N ASP A 385 57.20 -46.80 -15.55
CA ASP A 385 55.77 -46.54 -15.68
C ASP A 385 55.52 -45.12 -15.23
N SER A 386 55.04 -44.27 -16.16
CA SER A 386 54.87 -42.85 -15.90
C SER A 386 53.40 -42.44 -15.83
N SER A 387 52.49 -43.41 -15.70
CA SER A 387 51.06 -43.10 -15.73
C SER A 387 50.62 -42.36 -14.46
N ASN A 388 49.58 -41.54 -14.61
CA ASN A 388 49.06 -40.83 -13.45
C ASN A 388 48.41 -41.81 -12.47
N LEU A 389 48.07 -41.29 -11.30
CA LEU A 389 47.41 -42.07 -10.27
C LEU A 389 46.02 -42.50 -10.75
N VAL A 390 45.55 -43.61 -10.18
CA VAL A 390 44.15 -43.98 -10.28
C VAL A 390 43.42 -43.17 -9.21
N LEU A 391 42.53 -42.28 -9.64
CA LEU A 391 41.90 -41.41 -8.67
C LEU A 391 40.47 -41.85 -8.41
N PRO A 392 39.99 -41.83 -7.16
CA PRO A 392 38.56 -41.97 -6.92
C PRO A 392 37.86 -40.65 -7.19
N ASP A 393 36.52 -40.70 -7.25
CA ASP A 393 35.72 -39.50 -7.39
C ASP A 393 35.87 -38.67 -6.12
N TRP A 394 36.46 -37.48 -6.25
CA TRP A 394 36.68 -36.63 -5.09
C TRP A 394 35.37 -36.21 -4.43
N GLN A 395 34.26 -36.25 -5.16
CA GLN A 395 32.97 -35.90 -4.58
C GLN A 395 32.52 -36.89 -3.52
N GLU A 396 33.08 -38.10 -3.51
CA GLU A 396 32.76 -39.06 -2.46
C GLU A 396 33.21 -38.58 -1.09
N PHE A 397 34.16 -37.64 -1.05
CA PHE A 397 34.69 -37.10 0.20
C PHE A 397 34.34 -35.62 0.38
N ALA A 398 33.44 -35.10 -0.45
CA ALA A 398 33.08 -33.69 -0.37
C ALA A 398 32.19 -33.44 0.84
N ASN A 399 32.25 -32.21 1.34
CA ASN A 399 31.37 -31.78 2.41
C ASN A 399 29.98 -31.48 1.84
N PRO A 400 28.91 -31.86 2.56
CA PRO A 400 27.53 -31.62 2.05
C PRO A 400 27.10 -30.17 2.22
N ILE A 401 27.67 -29.31 1.39
CA ILE A 401 27.40 -27.88 1.42
C ILE A 401 26.24 -27.58 0.49
N SER A 402 25.36 -26.66 0.91
CA SER A 402 24.22 -26.26 0.10
C SER A 402 23.92 -24.80 0.39
N GLU A 403 22.83 -24.31 -0.19
CA GLU A 403 22.45 -22.92 -0.04
C GLU A 403 22.11 -22.60 1.42
N ASN A 404 21.67 -23.60 2.18
CA ASN A 404 21.17 -23.38 3.53
C ASN A 404 22.22 -23.51 4.64
N ASN A 405 23.43 -24.01 4.35
CA ASN A 405 24.46 -24.12 5.37
C ASN A 405 25.80 -23.54 4.91
N ARG A 406 25.82 -22.84 3.79
CA ARG A 406 27.06 -22.22 3.32
C ARG A 406 27.52 -21.15 4.29
N GLY A 407 28.84 -21.03 4.44
CA GLY A 407 29.42 -20.05 5.35
C GLY A 407 29.21 -20.37 6.80
N LYS A 408 29.12 -21.65 7.16
CA LYS A 408 28.92 -22.07 8.53
C LYS A 408 29.79 -23.28 8.84
N LEU A 409 29.93 -23.57 10.12
CA LEU A 409 30.68 -24.72 10.58
C LEU A 409 29.81 -25.97 10.56
N LEU A 410 30.31 -27.03 9.92
CA LEU A 410 29.65 -28.33 9.94
C LEU A 410 29.68 -28.92 11.35
N PRO A 411 28.74 -29.83 11.66
CA PRO A 411 28.67 -30.34 13.04
C PRO A 411 29.95 -31.02 13.51
N ASP A 412 30.59 -31.81 12.65
CA ASP A 412 31.84 -32.47 13.00
C ASP A 412 33.00 -31.52 12.74
N THR A 413 33.67 -31.08 13.80
CA THR A 413 34.71 -30.08 13.66
C THR A 413 35.79 -30.53 12.68
N ASN A 414 36.05 -31.84 12.60
CA ASN A 414 37.10 -32.34 11.70
C ASN A 414 36.73 -32.14 10.24
N ASP A 415 35.44 -31.99 9.91
CA ASP A 415 35.06 -31.70 8.53
C ASP A 415 35.26 -30.25 8.15
N ASN A 416 35.45 -29.37 9.12
CA ASN A 416 35.75 -27.97 8.86
C ASN A 416 37.25 -27.72 8.72
N MET A 417 38.06 -28.77 8.76
CA MET A 417 39.51 -28.70 8.61
C MET A 417 39.88 -29.22 7.22
N ASP A 418 40.28 -28.32 6.34
CA ASP A 418 40.47 -28.68 4.94
C ASP A 418 41.52 -29.78 4.77
N MET A 419 42.63 -29.70 5.52
CA MET A 419 43.67 -30.73 5.39
C MET A 419 43.15 -32.10 5.80
N ASN A 420 42.35 -32.15 6.87
CA ASN A 420 41.78 -33.43 7.29
C ASN A 420 40.85 -34.00 6.23
N VAL A 421 40.03 -33.16 5.62
CA VAL A 421 39.17 -33.63 4.53
C VAL A 421 40.02 -34.14 3.37
N LEU A 422 41.12 -33.44 3.07
CA LEU A 422 42.00 -33.89 2.00
C LEU A 422 42.61 -35.26 2.33
N SER A 423 42.88 -35.52 3.61
CA SER A 423 43.46 -36.80 3.99
C SER A 423 42.51 -37.95 3.70
N LYS A 424 41.21 -37.71 3.77
CA LYS A 424 40.22 -38.70 3.32
C LYS A 424 40.48 -39.10 1.87
N TYR A 425 40.64 -38.11 1.01
CA TYR A 425 40.89 -38.36 -0.40
C TYR A 425 42.23 -39.05 -0.59
N PHE A 426 43.27 -38.56 0.10
CA PHE A 426 44.60 -39.18 -0.01
C PHE A 426 44.59 -40.62 0.50
N ALA A 427 43.85 -40.89 1.57
CA ALA A 427 43.80 -42.23 2.13
C ALA A 427 43.26 -43.24 1.11
N GLU A 428 42.22 -42.85 0.38
CA GLU A 428 41.68 -43.74 -0.65
C GLU A 428 42.66 -43.92 -1.80
N ILE A 429 43.45 -42.89 -2.10
CA ILE A 429 44.43 -43.00 -3.19
C ILE A 429 45.53 -44.02 -2.84
N VAL A 430 45.97 -44.08 -1.57
CA VAL A 430 46.93 -45.12 -1.21
C VAL A 430 46.34 -46.49 -1.45
N LYS A 431 45.05 -46.66 -1.13
CA LYS A 431 44.41 -47.96 -1.32
C LYS A 431 44.38 -48.34 -2.79
N LEU A 432 44.20 -47.35 -3.67
CA LEU A 432 44.14 -47.60 -5.11
C LEU A 432 45.51 -47.56 -5.78
N ASN A 433 46.52 -47.02 -5.09
CA ASN A 433 47.87 -46.91 -5.63
C ASN A 433 48.85 -47.31 -4.54
N PRO A 434 48.92 -48.61 -4.21
CA PRO A 434 49.71 -49.05 -3.05
C PRO A 434 51.22 -48.96 -3.27
N THR A 435 51.70 -48.79 -4.50
CA THR A 435 53.13 -48.77 -4.76
C THR A 435 53.59 -47.52 -5.50
N ARG A 436 52.68 -46.68 -5.99
CA ARG A 436 53.05 -45.54 -6.81
C ARG A 436 52.60 -44.21 -6.22
N PHE A 437 52.17 -44.19 -4.96
CA PHE A 437 51.79 -42.94 -4.30
C PHE A 437 52.42 -42.89 -2.92
N ARG A 438 52.97 -41.73 -2.57
CA ARG A 438 53.64 -41.55 -1.29
C ARG A 438 53.40 -40.13 -0.78
N LEU A 439 53.33 -40.00 0.53
CA LEU A 439 53.21 -38.71 1.20
C LEU A 439 54.46 -38.46 2.02
N PHE A 440 55.04 -37.27 1.86
CA PHE A 440 56.28 -36.88 2.49
C PHE A 440 56.04 -35.67 3.39
N GLY A 441 56.77 -35.62 4.50
CA GLY A 441 56.70 -34.49 5.40
C GLY A 441 57.92 -34.41 6.31
N PRO A 442 58.14 -33.26 6.94
CA PRO A 442 59.27 -33.15 7.88
C PRO A 442 58.82 -33.17 9.34
N ASP A 443 58.35 -34.31 9.83
CA ASP A 443 57.84 -34.42 11.21
C ASP A 443 56.62 -33.52 11.42
N GLU A 444 55.77 -33.43 10.39
CA GLU A 444 54.61 -32.55 10.42
C GLU A 444 53.34 -33.19 9.88
N THR A 445 53.40 -34.44 9.41
CA THR A 445 52.19 -35.05 8.85
C THR A 445 51.06 -35.07 9.88
N MET A 446 51.37 -35.39 11.13
CA MET A 446 50.35 -35.38 12.17
C MET A 446 49.94 -33.94 12.51
N SER A 447 50.91 -33.05 12.67
CA SER A 447 50.62 -31.65 13.00
C SER A 447 49.81 -30.97 11.91
N ASN A 448 50.05 -31.33 10.66
CA ASN A 448 49.32 -30.78 9.53
C ASN A 448 47.96 -31.46 9.32
N ARG A 449 47.60 -32.40 10.18
CA ARG A 449 46.23 -32.92 10.27
C ARG A 449 45.87 -33.83 9.08
N PHE A 450 46.81 -34.69 8.69
CA PHE A 450 46.52 -35.78 7.75
C PHE A 450 45.96 -36.99 8.49
N TRP A 451 44.91 -36.77 9.29
CA TRP A 451 44.51 -37.77 10.28
C TRP A 451 44.01 -39.07 9.64
N GLU A 452 43.30 -38.98 8.52
CA GLU A 452 42.77 -40.19 7.89
C GLU A 452 43.88 -41.06 7.30
N MET A 453 45.01 -40.45 6.94
CA MET A 453 46.11 -41.23 6.35
C MET A 453 46.59 -42.30 7.31
N PHE A 454 46.62 -42.00 8.60
CA PHE A 454 47.11 -42.96 9.58
C PHE A 454 46.12 -44.10 9.83
N LYS A 455 44.92 -44.03 9.25
CA LYS A 455 43.99 -45.14 9.37
C LYS A 455 44.26 -46.22 8.33
N VAL A 456 45.11 -45.94 7.34
CA VAL A 456 45.37 -46.88 6.25
C VAL A 456 46.85 -47.22 6.13
N THR A 457 47.75 -46.45 6.75
CA THR A 457 49.18 -46.72 6.62
C THR A 457 49.93 -46.06 7.78
N ASN A 458 51.21 -46.39 7.89
CA ASN A 458 52.10 -45.80 8.88
C ASN A 458 53.23 -45.05 8.18
N ARG A 459 54.06 -44.40 8.99
CA ARG A 459 55.29 -43.82 8.50
C ARG A 459 56.34 -44.92 8.36
N GLN A 460 57.08 -44.89 7.25
CA GLN A 460 58.15 -45.85 7.06
C GLN A 460 59.33 -45.50 7.95
N TRP A 461 59.80 -46.48 8.70
CA TRP A 461 60.80 -46.26 9.75
C TRP A 461 61.52 -47.57 9.99
N MET A 462 62.85 -47.57 9.79
CA MET A 462 63.64 -48.80 9.80
C MET A 462 64.30 -49.09 11.15
N GLN A 463 64.49 -48.09 12.00
CA GLN A 463 65.14 -48.33 13.28
C GLN A 463 64.17 -49.03 14.23
N VAL A 464 64.64 -49.26 15.46
CA VAL A 464 63.84 -49.99 16.43
C VAL A 464 62.59 -49.17 16.76
N ILE A 465 61.48 -49.87 17.00
CA ILE A 465 60.21 -49.25 17.34
C ILE A 465 59.88 -49.58 18.80
N LYS A 466 59.41 -48.56 19.54
CA LYS A 466 59.11 -48.69 20.97
C LYS A 466 57.69 -48.18 21.24
N ASN A 467 56.68 -48.95 20.85
CA ASN A 467 55.32 -48.63 21.24
C ASN A 467 55.14 -48.88 22.74
N PRO A 468 54.26 -48.13 23.42
CA PRO A 468 53.38 -47.09 22.88
C PRO A 468 54.00 -45.70 22.89
N ASN A 469 55.28 -45.59 23.28
CA ASN A 469 55.95 -44.30 23.23
C ASN A 469 55.97 -43.75 21.82
N ASP A 470 56.13 -44.62 20.82
CA ASP A 470 56.03 -44.28 19.42
C ASP A 470 54.60 -44.50 18.94
N GLU A 471 54.29 -43.97 17.76
CA GLU A 471 52.96 -44.12 17.19
C GLU A 471 53.05 -44.03 15.68
N PHE A 472 52.32 -44.91 15.00
CA PHE A 472 52.14 -44.89 13.54
C PHE A 472 53.49 -44.90 12.81
N ILE A 473 54.38 -45.78 13.24
CA ILE A 473 55.63 -46.03 12.54
C ILE A 473 55.78 -47.53 12.36
N SER A 474 56.38 -47.92 11.24
CA SER A 474 56.50 -49.31 10.83
C SER A 474 57.60 -49.42 9.80
N PRO A 475 58.28 -50.57 9.69
CA PRO A 475 59.30 -50.72 8.64
C PRO A 475 58.73 -50.56 7.23
N GLU A 476 57.42 -50.73 7.07
CA GLU A 476 56.73 -50.53 5.80
C GLU A 476 55.66 -49.47 5.99
N GLY A 477 55.72 -48.42 5.18
CA GLY A 477 54.72 -47.36 5.23
C GLY A 477 54.74 -46.50 3.99
N ARG A 478 53.55 -46.07 3.57
CA ARG A 478 53.43 -45.20 2.40
C ARG A 478 53.75 -43.74 2.72
N ILE A 479 53.81 -43.37 4.00
CA ILE A 479 54.24 -42.05 4.43
C ILE A 479 55.71 -42.11 4.82
N ILE A 480 56.47 -41.07 4.47
CA ILE A 480 57.82 -40.87 4.99
C ILE A 480 57.85 -39.49 5.64
N ASP A 481 57.93 -39.46 6.98
CA ASP A 481 57.73 -38.25 7.75
C ASP A 481 58.68 -38.14 8.94
N SER A 482 59.53 -39.13 9.20
CA SER A 482 60.24 -39.22 10.47
C SER A 482 61.64 -38.62 10.43
N GLN A 483 61.98 -37.86 9.40
CA GLN A 483 63.22 -37.08 9.40
C GLN A 483 62.88 -35.60 9.33
N LEU A 484 63.47 -34.83 10.23
CA LEU A 484 63.26 -33.38 10.32
C LEU A 484 64.20 -32.70 9.33
N SER A 485 63.78 -32.71 8.05
CA SER A 485 64.57 -32.06 7.01
C SER A 485 63.70 -31.81 5.80
N GLU A 486 63.46 -30.54 5.48
CA GLU A 486 62.73 -30.20 4.25
C GLU A 486 63.54 -30.59 3.02
N HIS A 487 64.87 -30.47 3.07
CA HIS A 487 65.69 -30.87 1.95
C HIS A 487 65.46 -32.34 1.60
N GLN A 488 65.37 -33.20 2.63
CA GLN A 488 65.13 -34.62 2.40
C GLN A 488 63.76 -34.88 1.80
N ALA A 489 62.71 -34.33 2.42
CA ALA A 489 61.36 -34.57 1.93
C ALA A 489 61.23 -34.13 0.48
N GLU A 490 61.74 -32.94 0.16
CA GLU A 490 61.68 -32.43 -1.21
C GLU A 490 62.54 -33.26 -2.15
N GLY A 491 63.76 -33.61 -1.74
CA GLY A 491 64.63 -34.41 -2.59
C GLY A 491 64.04 -35.77 -2.90
N TRP A 492 63.46 -36.43 -1.90
CA TRP A 492 62.79 -37.71 -2.13
C TRP A 492 61.65 -37.56 -3.13
N LEU A 493 60.80 -36.56 -2.92
CA LEU A 493 59.67 -36.37 -3.82
C LEU A 493 60.13 -36.12 -5.25
N GLU A 494 61.15 -35.28 -5.43
CA GLU A 494 61.63 -34.99 -6.77
C GLU A 494 62.10 -36.28 -7.45
N GLY A 495 62.90 -37.08 -6.75
CA GLY A 495 63.34 -38.35 -7.33
C GLY A 495 62.19 -39.29 -7.61
N TYR A 496 61.23 -39.37 -6.69
CA TYR A 496 60.05 -40.21 -6.92
C TYR A 496 59.27 -39.73 -8.14
N THR A 497 59.16 -38.40 -8.29
CA THR A 497 58.34 -37.83 -9.37
C THR A 497 59.02 -38.01 -10.73
N LEU A 498 60.31 -37.68 -10.81
CA LEU A 498 61.01 -37.78 -12.09
C LEU A 498 61.08 -39.23 -12.60
N THR A 499 60.91 -40.21 -11.71
CA THR A 499 60.94 -41.62 -12.09
C THR A 499 59.55 -42.19 -12.33
N GLY A 500 58.54 -41.33 -12.53
CA GLY A 500 57.25 -41.77 -13.04
C GLY A 500 56.14 -41.83 -12.02
N ARG A 501 56.45 -41.70 -10.74
CA ARG A 501 55.44 -41.81 -9.69
C ARG A 501 54.96 -40.43 -9.28
N THR A 502 53.94 -40.41 -8.42
CA THR A 502 53.33 -39.18 -7.95
C THR A 502 53.28 -39.19 -6.43
N GLY A 503 53.47 -38.03 -5.84
CA GLY A 503 53.40 -37.90 -4.41
C GLY A 503 53.05 -36.48 -4.02
N ALA A 504 53.24 -36.19 -2.74
CA ALA A 504 52.98 -34.86 -2.22
C ALA A 504 53.88 -34.62 -1.03
N PHE A 505 54.34 -33.39 -0.89
CA PHE A 505 55.20 -32.97 0.23
C PHE A 505 54.52 -31.80 0.91
N ALA A 506 54.03 -32.02 2.13
CA ALA A 506 53.39 -30.97 2.92
C ALA A 506 54.34 -30.46 3.98
N SER A 507 54.32 -29.14 4.19
CA SER A 507 55.24 -28.50 5.12
C SER A 507 54.60 -27.24 5.69
N TYR A 508 55.03 -26.86 6.88
CA TYR A 508 54.73 -25.52 7.36
C TYR A 508 55.11 -24.53 6.28
N GLU A 509 54.21 -23.58 6.01
CA GLU A 509 54.40 -22.67 4.89
C GLU A 509 55.75 -21.96 4.97
N SER A 510 56.05 -21.35 6.12
CA SER A 510 57.26 -20.55 6.22
C SER A 510 58.50 -21.38 5.89
N PHE A 511 58.53 -22.64 6.33
CA PHE A 511 59.73 -23.47 6.26
C PHE A 511 59.82 -24.26 4.97
N LEU A 512 58.77 -24.28 4.15
CA LEU A 512 58.96 -24.78 2.80
C LEU A 512 59.95 -23.91 2.03
N ARG A 513 60.13 -22.66 2.47
CA ARG A 513 61.10 -21.78 1.84
C ARG A 513 62.54 -22.19 2.11
N VAL A 514 62.77 -23.08 3.07
CA VAL A 514 64.08 -23.72 3.20
C VAL A 514 64.47 -24.35 1.86
N VAL A 515 63.47 -24.74 1.08
CA VAL A 515 63.65 -25.48 -0.16
C VAL A 515 63.31 -24.63 -1.38
N ASP A 516 63.32 -23.29 -1.23
CA ASP A 516 63.11 -22.40 -2.36
C ASP A 516 63.94 -22.79 -3.58
N SER A 517 65.25 -23.00 -3.39
CA SER A 517 66.13 -23.22 -4.53
C SER A 517 65.97 -24.60 -5.14
N MET A 518 65.60 -25.60 -4.34
CA MET A 518 65.35 -26.92 -4.92
C MET A 518 64.18 -26.89 -5.90
N LEU A 519 63.10 -26.19 -5.54
CA LEU A 519 61.96 -26.03 -6.43
C LEU A 519 62.36 -25.29 -7.71
N THR A 520 63.20 -24.26 -7.57
CA THR A 520 63.74 -23.58 -8.75
C THR A 520 64.40 -24.57 -9.68
N GLN A 521 65.25 -25.46 -9.14
CA GLN A 521 65.99 -26.40 -9.97
C GLN A 521 65.04 -27.40 -10.63
N HIS A 522 64.00 -27.83 -9.90
CA HIS A 522 63.05 -28.76 -10.51
C HIS A 522 62.28 -28.08 -11.64
N PHE A 523 61.88 -26.82 -11.44
CA PHE A 523 61.27 -26.07 -12.53
C PHE A 523 62.22 -25.98 -13.73
N LYS A 524 63.47 -25.63 -13.48
CA LYS A 524 64.44 -25.52 -14.56
C LYS A 524 64.52 -26.81 -15.34
N TRP A 525 64.52 -27.95 -14.64
CA TRP A 525 64.68 -29.24 -15.29
C TRP A 525 63.50 -29.56 -16.20
N ILE A 526 62.28 -29.51 -15.65
CA ILE A 526 61.12 -29.89 -16.45
C ILE A 526 60.92 -28.90 -17.60
N ARG A 527 61.33 -27.64 -17.43
CA ARG A 527 61.24 -26.68 -18.52
C ARG A 527 62.19 -27.06 -19.65
N GLN A 528 63.45 -27.39 -19.31
CA GLN A 528 64.40 -27.81 -20.32
C GLN A 528 64.03 -29.18 -20.88
N ALA A 529 63.51 -30.08 -20.04
CA ALA A 529 63.12 -31.40 -20.55
C ALA A 529 62.01 -31.27 -21.59
N ALA A 530 61.13 -30.29 -21.44
CA ALA A 530 60.05 -30.11 -22.40
C ALA A 530 60.57 -29.75 -23.78
N ASP A 531 61.78 -29.18 -23.86
CA ASP A 531 62.40 -28.84 -25.14
C ASP A 531 63.06 -30.03 -25.83
N GLN A 532 63.13 -31.18 -25.17
CA GLN A 532 63.74 -32.37 -25.76
C GLN A 532 62.65 -33.26 -26.33
N LYS A 533 62.60 -33.33 -27.66
CA LYS A 533 61.55 -34.08 -28.34
C LYS A 533 61.67 -35.58 -28.10
N TRP A 534 62.84 -36.06 -27.70
CA TRP A 534 63.06 -37.47 -27.40
C TRP A 534 62.72 -37.85 -25.96
N ARG A 535 62.34 -36.89 -25.13
CA ARG A 535 62.05 -37.15 -23.73
C ARG A 535 60.56 -37.27 -23.49
N HIS A 536 60.18 -38.25 -22.66
CA HIS A 536 58.84 -38.36 -22.13
C HIS A 536 58.62 -37.26 -21.09
N ASP A 537 57.36 -36.83 -20.94
CA ASP A 537 57.03 -35.87 -19.90
C ASP A 537 57.01 -36.56 -18.53
N TYR A 538 56.79 -35.77 -17.49
CA TYR A 538 56.85 -36.25 -16.12
C TYR A 538 55.51 -36.05 -15.41
N PRO A 539 55.27 -36.78 -14.32
CA PRO A 539 54.20 -36.38 -13.39
C PRO A 539 54.53 -35.02 -12.80
N SER A 540 53.53 -34.41 -12.20
CA SER A 540 53.70 -33.10 -11.58
C SER A 540 54.22 -33.26 -10.15
N LEU A 541 54.94 -32.25 -9.69
CA LEU A 541 55.46 -32.19 -8.33
C LEU A 541 54.47 -31.41 -7.45
N ASN A 542 53.94 -32.07 -6.42
CA ASN A 542 52.90 -31.49 -5.57
C ASN A 542 53.45 -31.13 -4.21
N VAL A 543 53.51 -29.83 -3.91
CA VAL A 543 53.96 -29.33 -2.62
C VAL A 543 52.82 -28.54 -1.99
N ILE A 544 52.57 -28.79 -0.71
CA ILE A 544 51.48 -28.15 0.02
C ILE A 544 52.09 -27.25 1.09
N SER A 545 51.68 -25.99 1.09
CA SER A 545 52.01 -25.05 2.17
C SER A 545 50.81 -25.00 3.12
N THR A 546 50.94 -25.61 4.29
CA THR A 546 49.90 -25.57 5.30
C THR A 546 50.49 -25.02 6.60
N SER A 547 49.69 -25.00 7.67
CA SER A 547 50.04 -24.28 8.90
C SER A 547 50.62 -22.91 8.53
N THR A 548 49.79 -22.14 7.84
CA THR A 548 50.19 -20.94 7.12
C THR A 548 50.36 -19.77 8.07
N VAL A 549 50.51 -18.57 7.50
CA VAL A 549 50.78 -17.37 8.29
C VAL A 549 49.70 -17.17 9.34
N PHE A 550 48.46 -17.49 9.00
CA PHE A 550 47.32 -17.21 9.86
C PHE A 550 46.89 -18.42 10.68
N GLN A 551 47.74 -19.44 10.79
CA GLN A 551 47.38 -20.67 11.49
C GLN A 551 48.59 -21.25 12.22
N GLN A 552 49.36 -20.37 12.87
CA GLN A 552 50.55 -20.75 13.64
C GLN A 552 50.38 -20.31 15.10
N ASP A 553 49.30 -20.78 15.72
CA ASP A 553 48.97 -20.41 17.10
C ASP A 553 50.16 -20.51 18.05
N HIS A 554 50.72 -21.71 18.21
CA HIS A 554 51.75 -21.89 19.23
C HIS A 554 53.13 -21.40 18.80
N ASN A 555 53.28 -21.02 17.54
CA ASN A 555 54.55 -20.56 16.98
C ASN A 555 54.37 -19.14 16.49
N GLY A 556 55.25 -18.25 16.88
CA GLY A 556 55.08 -16.86 16.53
C GLY A 556 55.54 -16.36 15.17
N TYR A 557 56.22 -15.21 15.25
CA TYR A 557 56.56 -14.42 14.08
C TYR A 557 57.50 -15.15 13.13
N THR A 558 58.36 -16.04 13.65
CA THR A 558 59.33 -16.73 12.80
C THR A 558 58.70 -17.77 11.88
N HIS A 559 57.42 -18.10 12.08
CA HIS A 559 56.72 -19.07 11.25
C HIS A 559 55.79 -18.39 10.25
N GLN A 560 56.11 -17.17 9.86
CA GLN A 560 55.24 -16.36 8.99
C GLN A 560 56.05 -15.86 7.80
N ASP A 561 55.88 -16.52 6.66
CA ASP A 561 56.50 -16.12 5.40
C ASP A 561 55.73 -16.77 4.26
N PRO A 562 54.75 -16.09 3.67
CA PRO A 562 54.01 -16.66 2.54
C PRO A 562 54.61 -16.29 1.19
N GLY A 563 55.90 -15.98 1.16
CA GLY A 563 56.54 -15.47 -0.04
C GLY A 563 56.76 -16.51 -1.13
N MET A 564 56.52 -17.79 -0.87
CA MET A 564 56.65 -18.79 -1.91
C MET A 564 55.77 -18.47 -3.12
N LEU A 565 54.59 -17.87 -2.89
CA LEU A 565 53.74 -17.49 -4.00
C LEU A 565 54.45 -16.54 -4.96
N THR A 566 55.19 -15.57 -4.41
CA THR A 566 55.92 -14.64 -5.27
C THR A 566 57.08 -15.34 -5.97
N HIS A 567 57.82 -16.19 -5.23
CA HIS A 567 58.97 -16.89 -5.80
C HIS A 567 58.58 -17.71 -7.02
N LEU A 568 57.49 -18.47 -6.92
CA LEU A 568 57.11 -19.33 -8.03
C LEU A 568 56.39 -18.56 -9.13
N ALA A 569 55.75 -17.45 -8.80
CA ALA A 569 55.06 -16.68 -9.82
C ALA A 569 56.04 -16.05 -10.81
N GLU A 570 57.33 -15.94 -10.44
CA GLU A 570 58.36 -15.37 -11.30
C GLU A 570 58.93 -16.37 -12.30
N LYS A 571 58.66 -17.66 -12.14
CA LYS A 571 59.07 -18.65 -13.12
C LYS A 571 58.08 -18.66 -14.28
N LYS A 572 58.40 -19.45 -15.31
CA LYS A 572 57.51 -19.58 -16.46
C LYS A 572 56.18 -20.18 -16.05
N SER A 573 55.12 -19.40 -16.20
CA SER A 573 53.81 -19.81 -15.69
C SER A 573 53.33 -21.11 -16.32
N ASP A 574 53.72 -21.39 -17.56
CA ASP A 574 53.26 -22.61 -18.21
C ASP A 574 53.68 -23.87 -17.47
N PHE A 575 54.62 -23.76 -16.52
CA PHE A 575 55.06 -24.92 -15.75
C PHE A 575 54.74 -24.79 -14.27
N ILE A 576 54.03 -23.74 -13.87
CA ILE A 576 53.73 -23.47 -12.47
C ILE A 576 52.21 -23.36 -12.31
N ARG A 577 51.67 -24.07 -11.33
CA ARG A 577 50.25 -23.98 -11.00
C ARG A 577 50.15 -23.77 -9.50
N GLN A 578 49.71 -22.58 -9.10
CA GLN A 578 49.53 -22.24 -7.69
C GLN A 578 48.05 -22.09 -7.40
N TYR A 579 47.59 -22.78 -6.36
CA TYR A 579 46.18 -22.82 -6.00
C TYR A 579 45.99 -22.39 -4.55
N LEU A 580 44.99 -21.53 -4.33
CA LEU A 580 44.64 -21.06 -2.99
C LEU A 580 43.18 -21.39 -2.70
N PRO A 581 42.86 -22.67 -2.54
CA PRO A 581 41.46 -23.04 -2.23
C PRO A 581 41.02 -22.44 -0.90
N ALA A 582 39.78 -21.98 -0.87
CA ALA A 582 39.24 -21.33 0.32
C ALA A 582 38.54 -22.29 1.26
N ASP A 583 38.21 -23.51 0.82
CA ASP A 583 37.55 -24.46 1.69
C ASP A 583 37.84 -25.88 1.24
N GLY A 584 37.25 -26.84 1.95
CA GLY A 584 37.60 -28.24 1.74
C GLY A 584 37.20 -28.76 0.38
N ASN A 585 35.99 -28.42 -0.08
CA ASN A 585 35.53 -28.91 -1.38
C ASN A 585 36.43 -28.41 -2.50
N THR A 586 36.84 -27.14 -2.47
CA THR A 586 37.75 -26.63 -3.47
C THR A 586 39.11 -27.34 -3.39
N LEU A 587 39.62 -27.54 -2.18
CA LEU A 587 40.89 -28.24 -2.02
C LEU A 587 40.83 -29.63 -2.64
N LEU A 588 39.73 -30.35 -2.40
CA LEU A 588 39.57 -31.65 -3.04
C LEU A 588 39.60 -31.52 -4.54
N ALA A 589 38.89 -30.53 -5.08
CA ALA A 589 38.77 -30.39 -6.52
C ALA A 589 40.08 -29.99 -7.18
N VAL A 590 40.89 -29.16 -6.51
CA VAL A 590 42.15 -28.75 -7.12
C VAL A 590 43.09 -29.94 -7.23
N PHE A 591 43.09 -30.81 -6.22
CA PHE A 591 44.01 -31.95 -6.26
C PHE A 591 43.55 -33.00 -7.27
N ASP A 592 42.25 -33.08 -7.53
CA ASP A 592 41.80 -33.90 -8.65
C ASP A 592 42.42 -33.41 -9.95
N ARG A 593 42.53 -32.09 -10.11
CA ARG A 593 43.16 -31.52 -11.30
C ARG A 593 44.69 -31.66 -11.23
N ALA A 594 45.27 -31.33 -10.07
CA ALA A 594 46.72 -31.37 -9.93
C ALA A 594 47.27 -32.76 -10.22
N PHE A 595 46.59 -33.80 -9.72
CA PHE A 595 47.04 -35.17 -9.91
C PHE A 595 46.92 -35.64 -11.35
N GLN A 596 46.24 -34.87 -12.21
CA GLN A 596 46.17 -35.23 -13.62
C GLN A 596 47.08 -34.39 -14.50
N ASP A 597 47.68 -33.33 -13.95
CA ASP A 597 48.53 -32.45 -14.73
C ASP A 597 49.92 -33.09 -14.91
N ARG A 598 50.62 -32.65 -15.97
CA ARG A 598 51.92 -33.21 -16.32
C ARG A 598 52.97 -32.12 -16.37
N SER A 599 54.17 -32.45 -15.90
CA SER A 599 55.33 -31.56 -15.99
C SER A 599 55.01 -30.17 -15.44
N LYS A 600 54.47 -30.16 -14.23
CA LYS A 600 54.20 -28.94 -13.50
C LYS A 600 54.83 -29.04 -12.12
N ILE A 601 54.97 -27.89 -11.47
CA ILE A 601 55.04 -27.80 -10.02
C ILE A 601 53.68 -27.31 -9.57
N ASN A 602 52.98 -28.13 -8.77
CA ASN A 602 51.70 -27.76 -8.18
C ASN A 602 51.95 -27.32 -6.75
N HIS A 603 51.73 -26.04 -6.46
CA HIS A 603 51.83 -25.47 -5.11
C HIS A 603 50.43 -25.14 -4.62
N ILE A 604 50.02 -25.79 -3.51
CA ILE A 604 48.70 -25.60 -2.93
C ILE A 604 48.86 -24.96 -1.55
N VAL A 605 48.22 -23.83 -1.35
CA VAL A 605 48.12 -23.20 -0.03
C VAL A 605 46.82 -23.70 0.60
N ALA A 606 46.93 -24.37 1.74
CA ALA A 606 45.79 -25.06 2.34
C ALA A 606 45.70 -24.81 3.84
N SER A 607 44.48 -24.82 4.34
CA SER A 607 44.17 -24.59 5.75
C SER A 607 44.01 -25.91 6.48
N LYS A 608 44.39 -25.92 7.76
CA LYS A 608 44.22 -27.09 8.60
C LYS A 608 43.32 -26.85 9.80
N GLN A 609 43.03 -25.61 10.16
CA GLN A 609 42.21 -25.32 11.32
C GLN A 609 40.73 -25.24 10.93
N PRO A 610 39.83 -25.45 11.89
CA PRO A 610 38.40 -25.45 11.56
C PRO A 610 37.96 -24.08 11.07
N ARG A 611 37.32 -24.06 9.89
CA ARG A 611 36.90 -22.83 9.25
C ARG A 611 35.55 -23.02 8.58
N GLN A 612 34.85 -21.91 8.35
CA GLN A 612 33.59 -21.97 7.64
C GLN A 612 33.78 -22.58 6.26
N GLN A 613 32.83 -23.41 5.85
CA GLN A 613 32.80 -23.99 4.51
C GLN A 613 31.78 -23.24 3.65
N TRP A 614 32.11 -23.04 2.37
CA TRP A 614 31.43 -22.06 1.55
C TRP A 614 30.79 -22.66 0.30
N PHE A 615 31.51 -23.48 -0.45
CA PHE A 615 31.14 -23.81 -1.81
C PHE A 615 30.63 -25.24 -1.91
N THR A 616 29.57 -25.41 -2.69
CA THR A 616 29.07 -26.73 -3.06
C THR A 616 30.09 -27.46 -3.91
N LYS A 617 29.90 -28.77 -4.05
CA LYS A 617 30.80 -29.55 -4.87
C LYS A 617 30.67 -29.21 -6.35
N GLU A 618 29.56 -28.62 -6.77
CA GLU A 618 29.43 -28.08 -8.12
C GLU A 618 30.23 -26.78 -8.25
N GLU A 619 30.10 -25.89 -7.26
CA GLU A 619 30.89 -24.66 -7.27
C GLU A 619 32.38 -24.97 -7.20
N ALA A 620 32.76 -25.95 -6.35
CA ALA A 620 34.17 -26.31 -6.22
C ALA A 620 34.74 -26.82 -7.53
N GLU A 621 33.99 -27.64 -8.26
CA GLU A 621 34.47 -28.13 -9.55
C GLU A 621 34.77 -26.97 -10.49
N LYS A 622 33.84 -26.01 -10.56
CA LYS A 622 34.04 -24.85 -11.41
C LYS A 622 35.25 -24.03 -10.97
N LEU A 623 35.40 -23.83 -9.66
CA LEU A 623 36.52 -23.04 -9.18
C LEU A 623 37.86 -23.72 -9.47
N ALA A 624 37.91 -25.05 -9.38
CA ALA A 624 39.16 -25.75 -9.63
C ALA A 624 39.46 -25.85 -11.13
N THR A 625 38.42 -25.95 -11.96
CA THR A 625 38.60 -26.02 -13.40
C THR A 625 38.92 -24.65 -14.00
N ASP A 626 38.09 -23.64 -13.71
CA ASP A 626 38.32 -22.31 -14.24
C ASP A 626 39.33 -21.52 -13.43
N GLY A 627 39.52 -21.88 -12.15
CA GLY A 627 40.45 -21.18 -11.28
C GLY A 627 39.95 -19.87 -10.74
N ILE A 628 38.78 -19.41 -11.16
CA ILE A 628 38.28 -18.10 -10.77
C ILE A 628 36.80 -18.01 -11.10
N ALA A 629 36.08 -17.20 -10.35
CA ALA A 629 34.66 -17.09 -10.62
C ALA A 629 33.97 -15.99 -9.83
N THR A 630 32.94 -15.40 -10.46
CA THR A 630 32.03 -14.53 -9.74
C THR A 630 31.00 -15.36 -8.98
N ILE A 631 30.82 -15.04 -7.69
CA ILE A 631 29.89 -15.78 -6.83
C ILE A 631 28.61 -14.96 -6.76
N ASP A 632 27.55 -15.45 -7.38
CA ASP A 632 26.35 -14.64 -7.49
C ASP A 632 25.71 -14.38 -6.13
N TRP A 633 25.68 -15.39 -5.24
CA TRP A 633 25.06 -15.20 -3.92
C TRP A 633 25.88 -14.31 -3.01
N ALA A 634 27.10 -13.94 -3.40
CA ALA A 634 27.91 -12.97 -2.67
C ALA A 634 28.03 -11.65 -3.43
N SER A 635 27.18 -11.43 -4.44
CA SER A 635 27.25 -10.26 -5.29
C SER A 635 25.90 -9.57 -5.36
N THR A 636 25.91 -8.24 -5.37
CA THR A 636 24.67 -7.49 -5.60
C THR A 636 24.52 -7.01 -7.03
N ALA A 637 25.51 -7.23 -7.87
CA ALA A 637 25.47 -6.83 -9.26
C ALA A 637 25.34 -8.12 -10.04
N LYS A 638 24.37 -8.15 -10.95
CA LYS A 638 24.03 -9.38 -11.63
C LYS A 638 24.80 -9.41 -12.95
N ASP A 639 24.59 -10.45 -13.75
CA ASP A 639 25.41 -10.58 -14.94
C ASP A 639 25.25 -9.37 -15.86
N GLY A 640 26.39 -8.83 -16.33
CA GLY A 640 26.38 -7.71 -17.24
C GLY A 640 26.04 -6.37 -16.62
N GLU A 641 26.07 -6.23 -15.30
CA GLU A 641 25.72 -4.96 -14.67
C GLU A 641 26.96 -4.18 -14.25
N ALA A 642 26.83 -2.86 -14.28
CA ALA A 642 27.87 -1.94 -13.81
C ALA A 642 28.02 -2.08 -12.30
N VAL A 643 29.22 -1.80 -11.80
CA VAL A 643 29.50 -1.97 -10.37
C VAL A 643 30.15 -0.71 -9.83
N ASP A 644 29.93 -0.46 -8.53
CA ASP A 644 30.62 0.60 -7.84
C ASP A 644 32.00 0.13 -7.37
N LEU A 645 32.14 -1.15 -7.10
CA LEU A 645 33.42 -1.73 -6.74
C LEU A 645 33.32 -3.25 -6.90
N VAL A 646 34.46 -3.92 -6.76
CA VAL A 646 34.54 -5.37 -6.81
C VAL A 646 35.27 -5.86 -5.58
N PHE A 647 34.75 -6.92 -4.99
CA PHE A 647 35.44 -7.64 -3.92
C PHE A 647 36.02 -8.93 -4.49
N ALA A 648 37.23 -9.26 -4.07
CA ALA A 648 37.88 -10.48 -4.51
C ALA A 648 38.84 -10.95 -3.44
N SER A 649 39.16 -12.23 -3.46
CA SER A 649 40.08 -12.78 -2.48
C SER A 649 40.66 -14.09 -3.00
N ALA A 650 41.84 -14.42 -2.48
CA ALA A 650 42.50 -15.69 -2.74
C ALA A 650 43.08 -16.20 -1.42
N GLY A 651 42.60 -17.37 -0.99
CA GLY A 651 43.01 -17.95 0.28
C GLY A 651 41.83 -18.14 1.22
N ALA A 652 42.02 -18.98 2.24
CA ALA A 652 40.95 -19.27 3.19
C ALA A 652 40.67 -18.07 4.08
N GLU A 653 41.66 -17.65 4.87
CA GLU A 653 41.45 -16.48 5.73
C GLU A 653 41.06 -15.22 4.96
N PRO A 654 41.74 -14.85 3.87
CA PRO A 654 41.28 -13.66 3.11
C PRO A 654 39.85 -13.77 2.61
N THR A 655 39.42 -14.95 2.15
CA THR A 655 38.05 -15.09 1.67
C THR A 655 37.03 -14.90 2.79
N ILE A 656 37.32 -15.44 3.97
CA ILE A 656 36.40 -15.25 5.10
C ILE A 656 36.26 -13.77 5.43
N GLU A 657 37.38 -13.04 5.44
CA GLU A 657 37.35 -11.63 5.83
C GLU A 657 36.78 -10.74 4.74
N THR A 658 37.05 -11.03 3.47
CA THR A 658 36.50 -10.24 2.39
C THR A 658 34.99 -10.45 2.28
N LEU A 659 34.54 -11.70 2.37
CA LEU A 659 33.10 -11.98 2.36
C LEU A 659 32.41 -11.30 3.53
N ALA A 660 33.04 -11.30 4.71
CA ALA A 660 32.47 -10.62 5.87
C ALA A 660 32.44 -9.11 5.68
N ALA A 661 33.44 -8.55 5.00
CA ALA A 661 33.50 -7.10 4.81
C ALA A 661 32.36 -6.63 3.92
N LEU A 662 32.17 -7.29 2.77
CA LEU A 662 31.09 -6.87 1.89
C LEU A 662 29.73 -7.11 2.53
N HIS A 663 29.62 -8.12 3.39
CA HIS A 663 28.38 -8.35 4.12
C HIS A 663 28.09 -7.18 5.05
N LEU A 664 29.12 -6.70 5.74
CA LEU A 664 28.94 -5.58 6.66
C LEU A 664 28.51 -4.33 5.91
N VAL A 665 29.10 -4.10 4.73
CA VAL A 665 28.72 -2.94 3.93
C VAL A 665 27.28 -3.08 3.47
N ASN A 666 26.93 -4.26 2.95
CA ASN A 666 25.60 -4.49 2.41
C ASN A 666 24.53 -4.35 3.49
N GLU A 667 24.87 -4.62 4.75
CA GLU A 667 23.90 -4.53 5.83
C GLU A 667 23.38 -3.11 6.01
N VAL A 668 24.26 -2.12 5.84
CA VAL A 668 23.87 -0.72 5.97
C VAL A 668 23.59 -0.05 4.63
N PHE A 669 24.07 -0.62 3.52
CA PHE A 669 23.95 0.01 2.20
C PHE A 669 23.68 -1.05 1.14
N PRO A 670 22.44 -1.56 1.09
CA PRO A 670 22.11 -2.57 0.08
C PRO A 670 22.18 -2.05 -1.34
N GLN A 671 22.17 -0.73 -1.53
CA GLN A 671 22.16 -0.16 -2.87
C GLN A 671 23.50 -0.30 -3.58
N ALA A 672 24.59 -0.55 -2.85
CA ALA A 672 25.90 -0.66 -3.47
C ALA A 672 25.97 -1.87 -4.39
N LYS A 673 26.41 -1.62 -5.63
CA LYS A 673 26.53 -2.67 -6.63
C LYS A 673 27.97 -3.17 -6.65
N PHE A 674 28.14 -4.49 -6.48
CA PHE A 674 29.47 -5.07 -6.49
C PHE A 674 29.34 -6.54 -6.88
N ARG A 675 30.45 -7.08 -7.37
CA ARG A 675 30.63 -8.52 -7.56
C ARG A 675 31.64 -9.00 -6.52
N TYR A 676 31.49 -10.26 -6.11
CA TYR A 676 32.54 -10.96 -5.39
C TYR A 676 33.16 -12.00 -6.33
N VAL A 677 34.49 -12.02 -6.41
CA VAL A 677 35.22 -12.94 -7.29
C VAL A 677 36.15 -13.74 -6.40
N ASN A 678 35.98 -15.05 -6.39
CA ASN A 678 36.87 -15.94 -5.67
C ASN A 678 37.99 -16.38 -6.60
N VAL A 679 39.23 -16.19 -6.16
CA VAL A 679 40.42 -16.49 -6.96
C VAL A 679 41.10 -17.70 -6.36
N VAL A 680 41.21 -18.76 -7.16
CA VAL A 680 41.89 -19.99 -6.75
C VAL A 680 43.20 -20.15 -7.51
N GLU A 681 43.16 -20.13 -8.84
CA GLU A 681 44.35 -20.29 -9.69
C GLU A 681 44.94 -18.92 -9.97
N LEU A 682 45.78 -18.45 -9.05
CA LEU A 682 46.26 -17.06 -9.09
C LEU A 682 47.00 -16.75 -10.38
N GLY A 683 47.69 -17.73 -10.97
CA GLY A 683 48.44 -17.48 -12.18
C GLY A 683 47.59 -16.96 -13.32
N ARG A 684 46.28 -17.22 -13.27
CA ARG A 684 45.40 -16.81 -14.36
C ARG A 684 45.37 -15.29 -14.50
N LEU A 685 45.63 -14.58 -13.40
CA LEU A 685 45.49 -13.12 -13.41
C LEU A 685 46.69 -12.40 -14.00
N GLN A 686 47.82 -13.08 -14.15
CA GLN A 686 49.03 -12.41 -14.63
C GLN A 686 48.93 -12.11 -16.14
N LYS A 687 49.76 -11.18 -16.57
CA LYS A 687 49.97 -10.93 -17.99
C LYS A 687 51.41 -10.48 -18.13
N LYS A 688 52.33 -11.44 -17.97
CA LYS A 688 53.76 -11.12 -17.93
C LYS A 688 54.35 -11.06 -19.33
N LYS A 689 55.45 -10.32 -19.44
CA LYS A 689 56.25 -10.32 -20.66
C LYS A 689 57.15 -11.56 -20.68
N GLY A 690 57.45 -12.02 -21.88
CA GLY A 690 58.19 -13.24 -22.07
C GLY A 690 57.29 -14.40 -22.44
N ALA A 691 57.83 -15.33 -23.23
CA ALA A 691 57.06 -16.45 -23.69
C ALA A 691 56.91 -17.50 -22.59
N LEU A 692 56.08 -18.51 -22.86
CA LEU A 692 55.82 -19.60 -21.93
C LEU A 692 55.14 -19.11 -20.65
N ASN A 693 54.31 -18.08 -20.77
CA ASN A 693 53.52 -17.58 -19.65
C ASN A 693 52.04 -17.44 -19.98
N GLN A 694 51.63 -17.76 -21.21
CA GLN A 694 50.31 -17.37 -21.70
C GLN A 694 49.31 -18.53 -21.73
N GLU A 695 49.75 -19.73 -21.35
CA GLU A 695 48.88 -20.89 -21.51
C GLU A 695 47.59 -20.71 -20.72
N ARG A 696 47.68 -20.15 -19.51
CA ARG A 696 46.53 -19.99 -18.63
C ARG A 696 46.17 -18.54 -18.33
N GLU A 697 46.85 -17.57 -18.93
CA GLU A 697 46.52 -16.18 -18.61
C GLU A 697 45.17 -15.79 -19.19
N LEU A 698 44.38 -15.09 -18.38
CA LEU A 698 43.06 -14.65 -18.83
C LEU A 698 43.18 -13.64 -19.96
N SER A 699 42.25 -13.70 -20.90
CA SER A 699 42.18 -12.67 -21.92
C SER A 699 41.75 -11.35 -21.28
N ASP A 700 41.99 -10.26 -22.02
CA ASP A 700 41.57 -8.96 -21.55
C ASP A 700 40.07 -8.93 -21.27
N GLU A 701 39.30 -9.59 -22.13
CA GLU A 701 37.85 -9.60 -21.95
C GLU A 701 37.45 -10.37 -20.69
N GLU A 702 38.05 -11.55 -20.47
CA GLU A 702 37.73 -12.34 -19.29
C GLU A 702 38.11 -11.60 -18.01
N PHE A 703 39.28 -10.95 -18.01
CA PHE A 703 39.71 -10.22 -16.82
C PHE A 703 38.79 -9.06 -16.50
N GLU A 704 38.36 -8.31 -17.52
CA GLU A 704 37.46 -7.20 -17.29
C GLU A 704 36.07 -7.68 -16.87
N LYS A 705 35.66 -8.85 -17.33
CA LYS A 705 34.37 -9.40 -16.91
C LYS A 705 34.31 -9.55 -15.39
N TYR A 706 35.42 -9.93 -14.76
CA TYR A 706 35.46 -10.11 -13.32
C TYR A 706 35.71 -8.80 -12.59
N PHE A 707 36.72 -8.05 -13.01
CA PHE A 707 37.16 -6.89 -12.24
C PHE A 707 36.70 -5.56 -12.84
N GLY A 708 35.95 -5.58 -13.94
CA GLY A 708 35.46 -4.38 -14.55
C GLY A 708 36.55 -3.60 -15.24
N PRO A 709 36.21 -2.45 -15.78
CA PRO A 709 37.21 -1.63 -16.48
C PRO A 709 38.18 -0.97 -15.51
N SER A 710 39.26 -0.47 -16.07
CA SER A 710 40.24 0.26 -15.27
C SER A 710 39.54 1.40 -14.54
N GLY A 711 39.94 1.61 -13.28
CA GLY A 711 39.30 2.57 -12.42
C GLY A 711 38.29 1.96 -11.47
N THR A 712 37.84 0.75 -11.76
CA THR A 712 36.92 0.07 -10.85
C THR A 712 37.67 -0.27 -9.57
N PRO A 713 37.25 0.22 -8.41
CA PRO A 713 37.91 -0.18 -7.17
C PRO A 713 37.79 -1.67 -6.96
N VAL A 714 38.86 -2.28 -6.47
CA VAL A 714 38.92 -3.72 -6.20
C VAL A 714 39.47 -3.89 -4.79
N ILE A 715 38.59 -4.28 -3.85
CA ILE A 715 39.03 -4.70 -2.53
C ILE A 715 39.52 -6.14 -2.66
N PHE A 716 40.84 -6.34 -2.60
CA PHE A 716 41.44 -7.64 -2.86
C PHE A 716 42.10 -8.15 -1.60
N GLY A 717 41.52 -9.19 -1.00
CA GLY A 717 42.14 -9.85 0.13
C GLY A 717 43.03 -10.98 -0.34
N PHE A 718 44.30 -10.95 0.06
CA PHE A 718 45.28 -11.90 -0.45
C PHE A 718 46.00 -12.58 0.71
N HIS A 719 46.35 -13.84 0.49
CA HIS A 719 47.03 -14.63 1.52
C HIS A 719 48.49 -14.21 1.65
N GLY A 720 49.14 -13.85 0.55
CA GLY A 720 50.55 -13.56 0.54
C GLY A 720 50.86 -12.08 0.56
N TYR A 721 52.08 -11.75 0.12
CA TYR A 721 52.54 -10.37 0.12
C TYR A 721 51.83 -9.57 -0.97
N GLU A 722 51.71 -8.27 -0.73
CA GLU A 722 50.89 -7.42 -1.58
C GLU A 722 51.56 -7.09 -2.90
N ASP A 723 52.90 -7.14 -2.98
CA ASP A 723 53.56 -6.76 -4.22
C ASP A 723 53.12 -7.64 -5.38
N LEU A 724 52.85 -8.92 -5.14
CA LEU A 724 52.50 -9.82 -6.23
C LEU A 724 51.20 -9.40 -6.90
N ILE A 725 50.20 -8.99 -6.12
CA ILE A 725 48.93 -8.55 -6.68
C ILE A 725 49.09 -7.19 -7.36
N GLU A 726 49.88 -6.30 -6.76
CA GLU A 726 50.14 -5.00 -7.36
C GLU A 726 50.81 -5.15 -8.73
N SER A 727 51.75 -6.08 -8.86
CA SER A 727 52.36 -6.31 -10.16
C SER A 727 51.33 -6.82 -11.16
N ILE A 728 50.43 -7.70 -10.71
CA ILE A 728 49.38 -8.23 -11.58
C ILE A 728 48.52 -7.10 -12.13
N PHE A 729 48.07 -6.20 -11.26
CA PHE A 729 47.16 -5.16 -11.72
C PHE A 729 47.86 -4.10 -12.55
N TYR A 730 49.18 -3.95 -12.41
CA TYR A 730 49.90 -3.11 -13.36
C TYR A 730 50.00 -3.79 -14.71
N GLN A 731 50.29 -5.11 -14.71
CA GLN A 731 50.32 -5.88 -15.95
C GLN A 731 48.99 -5.81 -16.69
N ARG A 732 47.90 -5.70 -15.95
CA ARG A 732 46.57 -5.60 -16.50
C ARG A 732 46.14 -4.16 -16.75
N GLY A 733 47.00 -3.20 -16.42
CA GLY A 733 46.66 -1.78 -16.62
C GLY A 733 45.38 -1.38 -15.94
N HIS A 734 45.13 -1.90 -14.75
CA HIS A 734 43.89 -1.67 -14.01
C HIS A 734 44.18 -0.83 -12.76
N ASP A 735 43.81 0.44 -12.79
CA ASP A 735 43.93 1.26 -11.60
CA ASP A 735 43.92 1.28 -11.61
C ASP A 735 42.73 1.05 -10.70
N GLY A 736 42.94 1.24 -9.40
CA GLY A 736 41.89 1.11 -8.41
C GLY A 736 42.00 -0.07 -7.48
N LEU A 737 43.08 -0.84 -7.55
CA LEU A 737 43.28 -1.96 -6.64
C LEU A 737 43.47 -1.45 -5.22
N ILE A 738 42.77 -2.07 -4.27
CA ILE A 738 42.94 -1.79 -2.84
C ILE A 738 43.31 -3.12 -2.19
N VAL A 739 44.61 -3.42 -2.12
CA VAL A 739 45.07 -4.75 -1.69
C VAL A 739 45.09 -4.84 -0.17
N HIS A 740 44.74 -6.02 0.33
CA HIS A 740 44.81 -6.35 1.75
C HIS A 740 45.45 -7.74 1.84
N GLY A 741 46.76 -7.77 2.02
CA GLY A 741 47.49 -9.02 2.17
C GLY A 741 48.34 -9.04 3.41
N TYR A 742 49.23 -10.02 3.52
CA TYR A 742 50.15 -10.09 4.64
C TYR A 742 51.18 -8.96 4.51
N ARG A 743 51.39 -8.23 5.60
CA ARG A 743 52.24 -7.04 5.59
C ARG A 743 53.42 -7.21 6.55
N GLU A 744 53.91 -8.43 6.70
CA GLU A 744 55.07 -8.72 7.53
C GLU A 744 54.86 -8.20 8.96
N ASP A 745 53.65 -8.41 9.48
CA ASP A 745 53.29 -8.04 10.84
C ASP A 745 52.53 -9.21 11.48
N GLY A 746 52.99 -9.62 12.66
CA GLY A 746 52.34 -10.72 13.34
C GLY A 746 53.18 -11.19 14.52
N ASP A 747 52.57 -12.04 15.33
CA ASP A 747 53.21 -12.59 16.52
C ASP A 747 52.27 -13.60 17.17
N ILE A 748 52.67 -14.14 18.33
CA ILE A 748 51.76 -14.96 19.13
C ILE A 748 50.56 -14.12 19.56
N THR A 749 49.38 -14.51 19.10
CA THR A 749 48.14 -13.82 19.44
C THR A 749 46.97 -14.75 19.09
N THR A 750 45.76 -14.20 19.12
CA THR A 750 44.55 -14.95 18.82
C THR A 750 44.37 -15.13 17.31
N THR A 751 43.44 -16.03 16.98
CA THR A 751 43.20 -16.38 15.58
C THR A 751 42.92 -15.14 14.74
N TYR A 752 41.98 -14.32 15.19
CA TYR A 752 41.55 -13.18 14.39
C TYR A 752 42.45 -11.98 14.55
N ASP A 753 43.24 -11.91 15.62
CA ASP A 753 44.20 -10.81 15.72
C ASP A 753 45.33 -10.97 14.71
N MET A 754 45.68 -12.21 14.35
CA MET A 754 46.67 -12.38 13.29
C MET A 754 46.21 -11.75 11.98
N ARG A 755 44.90 -11.62 11.78
CA ARG A 755 44.41 -10.95 10.58
C ARG A 755 44.38 -9.44 10.77
N VAL A 756 44.09 -8.97 11.98
CA VAL A 756 44.10 -7.54 12.26
C VAL A 756 45.52 -6.99 12.19
N TYR A 757 46.52 -7.82 12.52
CA TYR A 757 47.91 -7.38 12.48
C TYR A 757 48.26 -6.80 11.11
N SER A 758 47.79 -7.43 10.04
CA SER A 758 48.03 -6.94 8.68
C SER A 758 46.89 -6.10 8.13
N GLU A 759 45.86 -5.80 8.93
CA GLU A 759 44.66 -5.09 8.47
C GLU A 759 43.98 -5.84 7.34
N LEU A 760 44.12 -7.16 7.35
CA LEU A 760 43.39 -8.05 6.44
C LEU A 760 41.96 -8.29 6.91
N ASP A 761 41.66 -7.95 8.16
CA ASP A 761 40.39 -8.31 8.77
C ASP A 761 39.21 -7.62 8.09
N ARG A 762 38.01 -8.15 8.36
CA ARG A 762 36.78 -7.63 7.76
C ARG A 762 36.58 -6.16 8.06
N PHE A 763 36.97 -5.72 9.25
CA PHE A 763 36.65 -4.36 9.68
C PHE A 763 37.51 -3.34 8.96
N HIS A 764 38.81 -3.62 8.80
CA HIS A 764 39.66 -2.74 8.01
C HIS A 764 39.27 -2.77 6.54
N GLN A 765 38.87 -3.94 6.03
CA GLN A 765 38.42 -4.02 4.64
C GLN A 765 37.12 -3.25 4.44
N ALA A 766 36.19 -3.37 5.39
CA ALA A 766 34.91 -2.68 5.26
C ALA A 766 35.09 -1.18 5.26
N ILE A 767 36.00 -0.67 6.09
CA ILE A 767 36.29 0.75 6.12
C ILE A 767 36.76 1.22 4.74
N ASP A 768 37.73 0.51 4.16
CA ASP A 768 38.22 0.89 2.85
C ASP A 768 37.11 0.84 1.81
N ALA A 769 36.21 -0.12 1.92
CA ALA A 769 35.11 -0.21 0.96
C ALA A 769 34.19 1.00 1.09
N MET A 770 33.80 1.34 2.31
CA MET A 770 32.91 2.49 2.51
C MET A 770 33.60 3.79 2.14
N GLN A 771 34.90 3.91 2.44
CA GLN A 771 35.64 5.12 2.13
C GLN A 771 35.68 5.38 0.63
N VAL A 772 35.86 4.33 -0.17
CA VAL A 772 35.95 4.54 -1.62
C VAL A 772 34.56 4.84 -2.18
N LEU A 773 33.52 4.25 -1.60
CA LEU A 773 32.16 4.60 -2.01
C LEU A 773 31.88 6.07 -1.73
N TYR A 774 32.27 6.56 -0.55
CA TYR A 774 32.09 7.98 -0.22
C TYR A 774 32.95 8.87 -1.11
N VAL A 775 34.22 8.48 -1.30
CA VAL A 775 35.11 9.29 -2.14
C VAL A 775 34.51 9.43 -3.53
N ASN A 776 33.92 8.35 -4.06
CA ASN A 776 33.24 8.40 -5.34
C ASN A 776 31.83 8.94 -5.22
N ARG A 777 31.46 9.48 -4.07
CA ARG A 777 30.16 10.10 -3.88
C ARG A 777 29.04 9.15 -4.30
N LYS A 778 29.15 7.90 -3.85
CA LYS A 778 28.11 6.91 -4.06
C LYS A 778 27.23 6.72 -2.83
N VAL A 779 27.61 7.35 -1.70
CA VAL A 779 26.88 7.21 -0.45
C VAL A 779 27.03 8.52 0.31
N ASN A 780 26.00 8.86 1.09
CA ASN A 780 25.95 10.12 1.82
C ASN A 780 26.89 10.05 3.02
N GLN A 781 27.40 11.23 3.42
CA GLN A 781 28.44 11.28 4.44
C GLN A 781 27.94 10.78 5.79
N GLY A 782 26.67 11.06 6.13
CA GLY A 782 26.17 10.64 7.43
C GLY A 782 26.27 9.14 7.62
N LEU A 783 25.88 8.38 6.59
CA LEU A 783 25.96 6.92 6.65
C LEU A 783 27.40 6.45 6.63
N ALA A 784 28.22 7.04 5.75
CA ALA A 784 29.62 6.63 5.68
C ALA A 784 30.31 6.81 7.03
N LYS A 785 30.12 7.97 7.67
CA LYS A 785 30.82 8.22 8.93
C LYS A 785 30.30 7.31 10.04
N ALA A 786 28.99 7.11 10.13
CA ALA A 786 28.44 6.24 11.17
C ALA A 786 28.95 4.81 11.03
N PHE A 787 29.03 4.31 9.79
CA PHE A 787 29.52 2.96 9.56
C PHE A 787 31.00 2.85 9.93
N ILE A 788 31.82 3.76 9.41
CA ILE A 788 33.25 3.72 9.68
C ILE A 788 33.51 3.84 11.19
N ASP A 789 32.79 4.74 11.87
CA ASP A 789 32.94 4.85 13.32
C ASP A 789 32.61 3.53 14.00
N ARG A 790 31.59 2.82 13.52
CA ARG A 790 31.23 1.55 14.13
C ARG A 790 32.31 0.51 13.89
N MET A 791 32.87 0.48 12.68
CA MET A 791 33.99 -0.43 12.43
C MET A 791 35.15 -0.11 13.36
N LYS A 792 35.48 1.17 13.52
CA LYS A 792 36.57 1.56 14.42
C LYS A 792 36.26 1.18 15.86
N ARG A 793 35.02 1.38 16.31
CA ARG A 793 34.67 1.01 17.68
C ARG A 793 34.90 -0.47 17.92
N THR A 794 34.57 -1.31 16.93
CA THR A 794 34.76 -2.75 17.07
C THR A 794 36.25 -3.09 17.18
N LEU A 795 37.09 -2.38 16.44
CA LEU A 795 38.52 -2.68 16.51
C LEU A 795 39.11 -2.28 17.86
N VAL A 796 38.63 -1.17 18.43
CA VAL A 796 39.05 -0.78 19.78
C VAL A 796 38.72 -1.87 20.78
N LYS A 797 37.50 -2.42 20.69
CA LYS A 797 37.10 -3.50 21.59
C LYS A 797 37.95 -4.74 21.36
N HIS A 798 38.28 -5.01 20.10
CA HIS A 798 39.13 -6.15 19.76
C HIS A 798 40.44 -6.07 20.53
N PHE A 799 41.07 -4.88 20.52
CA PHE A 799 42.36 -4.72 21.19
C PHE A 799 42.22 -4.82 22.70
N GLU A 800 41.09 -4.41 23.27
CA GLU A 800 40.96 -4.49 24.72
C GLU A 800 40.74 -5.92 25.18
N VAL A 801 39.88 -6.66 24.48
CA VAL A 801 39.52 -8.01 24.90
C VAL A 801 40.70 -8.96 24.67
N THR A 802 41.39 -8.83 23.53
CA THR A 802 42.48 -9.76 23.23
C THR A 802 43.64 -9.56 24.20
N ARG A 803 43.99 -8.31 24.52
CA ARG A 803 45.11 -8.08 25.42
C ARG A 803 44.78 -8.39 26.87
N ASN A 804 43.52 -8.25 27.27
CA ASN A 804 43.13 -8.47 28.65
C ASN A 804 42.64 -9.88 28.94
N GLU A 805 42.01 -10.53 27.96
CA GLU A 805 41.35 -11.80 28.18
C GLU A 805 41.98 -12.96 27.41
N GLY A 806 42.67 -12.67 26.32
CA GLY A 806 43.30 -13.73 25.57
C GLY A 806 42.36 -14.47 24.66
N VAL A 807 41.24 -13.85 24.30
CA VAL A 807 40.25 -14.44 23.42
C VAL A 807 39.77 -13.37 22.45
N ASP A 808 39.05 -13.82 21.42
CA ASP A 808 38.54 -12.94 20.39
C ASP A 808 37.11 -12.49 20.72
N ILE A 809 36.68 -11.41 20.08
CA ILE A 809 35.36 -10.84 20.31
C ILE A 809 34.31 -11.63 19.53
N PRO A 810 33.05 -11.65 19.99
CA PRO A 810 32.02 -12.40 19.26
C PRO A 810 31.74 -11.87 17.87
N ASP A 811 32.10 -10.61 17.60
CA ASP A 811 31.96 -10.06 16.26
C ASP A 811 32.72 -10.89 15.23
N PHE A 812 33.84 -11.50 15.65
CA PHE A 812 34.58 -12.45 14.82
C PHE A 812 34.06 -13.87 14.99
N THR A 813 34.03 -14.35 16.24
CA THR A 813 33.93 -15.79 16.49
C THR A 813 32.54 -16.34 16.17
N GLU A 814 31.50 -15.53 16.34
CA GLU A 814 30.12 -15.99 16.22
C GLU A 814 29.53 -15.72 14.84
N TRP A 815 30.30 -15.15 13.92
CA TRP A 815 29.73 -14.74 12.64
C TRP A 815 29.47 -15.95 11.75
N VAL A 816 28.30 -15.94 11.12
CA VAL A 816 27.91 -16.92 10.12
C VAL A 816 27.35 -16.16 8.93
N TRP A 817 27.44 -16.78 7.76
CA TRP A 817 26.94 -16.14 6.56
C TRP A 817 25.42 -16.10 6.58
N SER A 818 24.87 -15.01 6.03
CA SER A 818 23.44 -14.93 5.77
C SER A 818 23.25 -14.23 4.42
N ASP A 819 22.07 -14.40 3.85
CA ASP A 819 21.79 -13.83 2.54
C ASP A 819 22.01 -12.32 2.57
N LEU A 820 22.48 -11.78 1.45
CA LEU A 820 22.61 -10.34 1.32
C LEU A 820 21.22 -9.71 1.20
N LYS A 821 21.15 -8.42 1.52
CA LYS A 821 19.91 -7.67 1.41
C LYS A 821 19.70 -7.26 -0.03
N LYS A 822 18.50 -7.57 -0.56
CA LYS A 822 18.21 -7.53 -1.99
C LYS A 822 19.09 -8.54 -2.75
N TYR B 4 81.51 -27.05 44.91
CA TYR B 4 80.58 -27.14 43.79
C TYR B 4 80.26 -28.58 43.40
N ASN B 5 80.84 -29.54 44.11
CA ASN B 5 80.60 -30.95 43.86
C ASN B 5 79.99 -31.68 45.04
N SER B 6 79.74 -30.98 46.15
CA SER B 6 79.17 -31.63 47.32
C SER B 6 77.70 -31.95 47.10
N GLU B 7 77.22 -32.93 47.86
CA GLU B 7 75.81 -33.29 47.78
C GLU B 7 74.93 -32.13 48.20
N ALA B 8 75.37 -31.37 49.20
CA ALA B 8 74.60 -30.22 49.66
C ALA B 8 74.44 -29.19 48.55
N TYR B 9 75.52 -28.89 47.82
CA TYR B 9 75.44 -27.92 46.74
C TYR B 9 74.57 -28.44 45.59
N LEU B 10 74.68 -29.72 45.29
CA LEU B 10 73.90 -30.28 44.20
C LEU B 10 72.42 -30.31 44.55
N LYS B 11 72.07 -30.49 45.82
CA LYS B 11 70.67 -30.35 46.20
C LYS B 11 70.20 -28.91 46.07
N LYS B 12 71.09 -27.96 46.32
CA LYS B 12 70.76 -26.56 46.05
C LYS B 12 70.52 -26.34 44.57
N LEU B 13 71.39 -26.91 43.72
CA LEU B 13 71.19 -26.83 42.28
C LEU B 13 69.87 -27.48 41.88
N ASP B 14 69.55 -28.63 42.49
CA ASP B 14 68.30 -29.31 42.15
C ASP B 14 67.09 -28.47 42.49
N LYS B 15 67.10 -27.79 43.65
CA LYS B 15 65.98 -26.92 44.00
C LYS B 15 65.86 -25.76 43.02
N TRP B 16 66.98 -25.13 42.68
CA TRP B 16 66.95 -24.06 41.70
C TRP B 16 66.37 -24.54 40.38
N TRP B 17 66.75 -25.74 39.95
CA TRP B 17 66.23 -26.31 38.71
C TRP B 17 64.72 -26.48 38.78
N ARG B 18 64.23 -27.08 39.86
CA ARG B 18 62.79 -27.30 39.98
C ARG B 18 62.02 -25.99 40.09
N ALA B 19 62.63 -24.96 40.68
CA ALA B 19 61.97 -23.67 40.76
C ALA B 19 61.79 -23.04 39.38
N ALA B 20 62.83 -23.11 38.55
CA ALA B 20 62.73 -22.54 37.21
C ALA B 20 61.73 -23.33 36.37
N THR B 21 61.74 -24.66 36.49
CA THR B 21 60.81 -25.50 35.74
C THR B 21 59.37 -25.33 36.22
N TYR B 22 59.18 -25.11 37.53
CA TYR B 22 57.85 -24.87 38.06
C TYR B 22 57.20 -23.66 37.38
N LEU B 23 57.95 -22.56 37.26
CA LEU B 23 57.41 -21.36 36.64
C LEU B 23 57.19 -21.55 35.14
N GLY B 24 58.13 -22.23 34.48
CA GLY B 24 58.00 -22.46 33.05
C GLY B 24 56.78 -23.29 32.70
N ALA B 25 56.45 -24.25 33.55
CA ALA B 25 55.23 -25.04 33.34
C ALA B 25 53.99 -24.23 33.71
N GLY B 26 54.04 -23.49 34.81
CA GLY B 26 52.86 -22.79 35.28
C GLY B 26 52.36 -21.73 34.32
N MET B 27 53.28 -20.99 33.68
CA MET B 27 52.86 -19.91 32.79
C MET B 27 52.21 -20.41 31.51
N ILE B 28 52.30 -21.72 31.22
CA ILE B 28 51.54 -22.26 30.09
C ILE B 28 50.05 -22.16 30.36
N PHE B 29 49.64 -22.43 31.59
CA PHE B 29 48.24 -22.58 31.95
C PHE B 29 47.66 -21.45 32.78
N LEU B 30 48.45 -20.81 33.63
CA LEU B 30 47.93 -19.83 34.59
C LEU B 30 48.26 -18.41 34.14
N LYS B 31 47.30 -17.50 34.33
CA LYS B 31 47.54 -16.06 34.20
C LYS B 31 47.45 -15.32 35.54
N GLU B 32 47.16 -16.03 36.63
CA GLU B 32 47.12 -15.46 37.97
C GLU B 32 47.31 -16.60 38.95
N ASN B 33 47.50 -16.25 40.22
CA ASN B 33 47.63 -17.22 41.30
C ASN B 33 48.74 -18.22 41.00
N PRO B 34 49.95 -17.76 40.70
CA PRO B 34 51.01 -18.69 40.26
C PRO B 34 51.56 -19.57 41.37
N LEU B 35 51.49 -19.12 42.63
CA LEU B 35 51.93 -19.93 43.76
C LEU B 35 50.75 -20.36 44.60
N PHE B 36 49.78 -21.02 43.94
CA PHE B 36 48.52 -21.34 44.57
C PHE B 36 48.70 -22.18 45.83
N SER B 37 49.61 -23.15 45.81
CA SER B 37 49.79 -24.04 46.95
C SER B 37 50.59 -23.39 48.07
N VAL B 38 51.39 -22.37 47.77
CA VAL B 38 52.15 -21.69 48.81
C VAL B 38 51.29 -20.63 49.49
N THR B 39 50.46 -19.93 48.72
CA THR B 39 49.57 -18.90 49.26
C THR B 39 48.24 -19.47 49.75
N GLY B 40 48.04 -20.78 49.69
CA GLY B 40 46.80 -21.36 50.16
C GLY B 40 45.56 -20.88 49.43
N THR B 41 45.67 -20.61 48.13
CA THR B 41 44.56 -20.13 47.31
C THR B 41 44.36 -21.11 46.16
N PRO B 42 43.50 -22.13 46.33
CA PRO B 42 43.33 -23.12 45.25
C PRO B 42 42.89 -22.49 43.94
N ILE B 43 43.19 -23.18 42.85
CA ILE B 43 42.97 -22.65 41.50
C ILE B 43 41.48 -22.60 41.19
N LYS B 44 41.05 -21.49 40.59
CA LYS B 44 39.71 -21.33 40.07
C LYS B 44 39.79 -21.03 38.57
N ALA B 45 38.66 -21.15 37.89
CA ALA B 45 38.64 -20.99 36.43
C ALA B 45 39.22 -19.66 35.98
N GLU B 46 38.89 -18.58 36.69
CA GLU B 46 39.36 -17.27 36.28
C GLU B 46 40.88 -17.13 36.40
N ASN B 47 41.56 -18.03 37.11
CA ASN B 47 43.02 -17.99 37.14
C ASN B 47 43.64 -18.60 35.89
N LEU B 48 42.89 -19.41 35.15
CA LEU B 48 43.45 -20.16 34.03
C LEU B 48 43.26 -19.42 32.72
N LYS B 49 44.19 -19.62 31.80
CA LYS B 49 44.07 -19.05 30.48
C LYS B 49 43.02 -19.80 29.68
N ALA B 50 42.33 -19.07 28.79
CA ALA B 50 41.25 -19.67 28.02
C ALA B 50 41.78 -20.64 26.97
N ASN B 51 42.95 -20.34 26.40
CA ASN B 51 43.54 -21.15 25.34
C ASN B 51 45.04 -21.28 25.61
N PRO B 52 45.44 -22.23 26.44
CA PRO B 52 46.86 -22.38 26.77
C PRO B 52 47.73 -22.60 25.53
N ILE B 53 48.84 -21.85 25.48
CA ILE B 53 49.76 -21.83 24.36
C ILE B 53 51.18 -22.07 24.90
N GLY B 54 51.96 -22.86 24.15
CA GLY B 54 53.36 -23.05 24.51
C GLY B 54 53.84 -24.47 24.36
N HIS B 55 55.12 -24.70 24.65
CA HIS B 55 55.72 -26.02 24.55
C HIS B 55 56.29 -26.42 25.91
N TRP B 56 56.15 -27.69 26.25
CA TRP B 56 56.61 -28.22 27.53
C TRP B 56 57.73 -29.24 27.40
N GLY B 57 57.68 -30.10 26.38
CA GLY B 57 58.57 -31.25 26.33
C GLY B 57 60.03 -30.90 26.53
N THR B 58 60.50 -29.85 25.86
CA THR B 58 61.93 -29.56 25.84
C THR B 58 62.43 -28.76 27.05
N VAL B 59 61.55 -28.11 27.81
CA VAL B 59 62.03 -27.07 28.72
C VAL B 59 62.82 -27.67 29.88
N SER B 60 62.25 -28.66 30.57
CA SER B 60 62.87 -29.15 31.80
C SER B 60 64.29 -29.65 31.56
N GLY B 61 64.52 -30.25 30.40
CA GLY B 61 65.88 -30.65 30.05
C GLY B 61 66.79 -29.45 29.82
N GLN B 62 66.25 -28.38 29.24
CA GLN B 62 67.07 -27.20 28.98
C GLN B 62 67.33 -26.42 30.26
N THR B 63 66.34 -26.37 31.17
CA THR B 63 66.58 -25.73 32.47
C THR B 63 67.57 -26.54 33.29
N PHE B 64 67.57 -27.87 33.14
CA PHE B 64 68.61 -28.69 33.75
C PHE B 64 69.98 -28.25 33.26
N LEU B 65 70.13 -28.10 31.94
CA LEU B 65 71.42 -27.72 31.36
C LEU B 65 71.77 -26.28 31.74
N TYR B 66 70.78 -25.38 31.74
CA TYR B 66 71.03 -24.00 32.14
C TYR B 66 71.56 -23.93 33.57
N ALA B 67 70.94 -24.69 34.49
CA ALA B 67 71.40 -24.68 35.87
C ALA B 67 72.84 -25.17 35.97
N HIS B 68 73.18 -26.25 35.27
CA HIS B 68 74.54 -26.76 35.30
C HIS B 68 75.51 -25.80 34.61
N ALA B 69 75.02 -25.03 33.63
CA ALA B 69 75.83 -23.97 33.04
C ALA B 69 76.14 -22.89 34.07
N ASN B 70 75.13 -22.48 34.86
CA ASN B 70 75.35 -21.52 35.93
C ASN B 70 76.41 -22.03 36.90
N ARG B 71 76.36 -23.32 37.24
CA ARG B 71 77.37 -23.89 38.12
C ARG B 71 78.75 -23.72 37.53
N LEU B 72 78.91 -24.04 36.24
CA LEU B 72 80.21 -23.91 35.58
C LEU B 72 80.71 -22.48 35.62
N ILE B 73 79.84 -21.51 35.36
CA ILE B 73 80.26 -20.11 35.36
C ILE B 73 80.86 -19.75 36.72
N ASN B 74 80.20 -20.15 37.80
CA ASN B 74 80.67 -19.77 39.13
C ASN B 74 81.92 -20.56 39.51
N LYS B 75 81.97 -21.87 39.19
CA LYS B 75 83.12 -22.66 39.60
C LYS B 75 84.39 -22.24 38.87
N TYR B 76 84.29 -22.00 37.56
CA TYR B 76 85.45 -21.74 36.73
C TYR B 76 85.61 -20.27 36.36
N ASP B 77 84.72 -19.40 36.85
CA ASP B 77 84.77 -17.97 36.55
C ASP B 77 84.79 -17.74 35.05
N GLN B 78 83.85 -18.38 34.37
CA GLN B 78 83.85 -18.48 32.92
C GLN B 78 82.87 -17.49 32.31
N LYS B 79 83.32 -16.78 31.28
CA LYS B 79 82.46 -15.96 30.44
C LYS B 79 81.75 -16.89 29.47
N MET B 80 80.42 -16.90 29.51
CA MET B 80 79.67 -17.90 28.77
C MET B 80 78.29 -17.34 28.47
N PHE B 81 77.64 -17.90 27.45
CA PHE B 81 76.29 -17.52 27.07
C PHE B 81 75.55 -18.76 26.57
N TYR B 82 74.22 -18.69 26.64
CA TYR B 82 73.35 -19.81 26.33
C TYR B 82 72.76 -19.65 24.94
N MET B 83 72.64 -20.76 24.21
CA MET B 83 72.05 -20.77 22.88
C MET B 83 71.14 -21.99 22.78
N GLY B 84 69.84 -21.75 22.67
CA GLY B 84 68.86 -22.82 22.66
C GLY B 84 68.45 -23.27 21.26
N GLY B 85 69.00 -24.39 20.81
CA GLY B 85 68.60 -24.98 19.55
C GLY B 85 67.10 -25.15 19.46
N PRO B 86 66.50 -25.84 20.45
CA PRO B 86 65.04 -25.95 20.53
C PRO B 86 64.42 -24.69 21.11
N GLY B 87 64.40 -23.63 20.28
CA GLY B 87 63.97 -22.32 20.71
C GLY B 87 62.51 -22.23 21.09
N HIS B 88 61.70 -23.21 20.69
CA HIS B 88 60.28 -23.20 20.99
C HIS B 88 59.98 -23.29 22.48
N GLY B 89 60.96 -23.65 23.31
CA GLY B 89 60.79 -23.66 24.74
C GLY B 89 61.30 -22.37 25.35
N GLY B 90 60.67 -21.26 25.01
CA GLY B 90 61.21 -19.96 25.42
C GLY B 90 61.34 -19.80 26.91
N GLN B 91 60.44 -20.40 27.70
CA GLN B 91 60.51 -20.25 29.14
C GLN B 91 61.83 -20.79 29.70
N ALA B 92 62.49 -21.70 29.00
CA ALA B 92 63.75 -22.23 29.48
C ALA B 92 64.84 -21.16 29.50
N MET B 93 64.64 -20.05 28.80
CA MET B 93 65.53 -18.89 28.89
C MET B 93 64.90 -17.71 29.62
N VAL B 94 63.57 -17.59 29.61
CA VAL B 94 62.93 -16.47 30.30
C VAL B 94 63.05 -16.64 31.81
N VAL B 95 62.73 -17.82 32.33
CA VAL B 95 62.61 -18.03 33.77
C VAL B 95 63.99 -17.97 34.42
N PRO B 96 65.00 -18.64 33.87
CA PRO B 96 66.35 -18.46 34.45
C PRO B 96 66.76 -17.00 34.54
N SER B 97 66.45 -16.21 33.52
CA SER B 97 66.72 -14.77 33.59
C SER B 97 65.88 -14.10 34.67
N TYR B 98 64.64 -14.57 34.85
CA TYR B 98 63.78 -13.99 35.88
C TYR B 98 64.32 -14.27 37.28
N LEU B 99 64.92 -15.43 37.49
CA LEU B 99 65.38 -15.82 38.82
C LEU B 99 66.66 -15.11 39.25
N ASP B 100 67.49 -14.65 38.31
CA ASP B 100 68.77 -14.02 38.66
C ASP B 100 68.73 -12.50 38.56
N GLY B 101 67.56 -11.91 38.33
CA GLY B 101 67.40 -10.47 38.35
C GLY B 101 67.61 -9.76 37.04
N SER B 102 68.16 -10.44 36.02
CA SER B 102 68.41 -9.78 34.73
C SER B 102 67.11 -9.44 34.03
N TYR B 103 66.07 -10.26 34.21
CA TYR B 103 64.79 -9.97 33.57
C TYR B 103 64.18 -8.69 34.12
N THR B 104 64.23 -8.51 35.44
CA THR B 104 63.67 -7.31 36.04
C THR B 104 64.44 -6.07 35.59
N GLU B 105 65.75 -6.20 35.42
CA GLU B 105 66.54 -5.08 34.93
C GLU B 105 66.11 -4.67 33.54
N ALA B 106 65.66 -5.61 32.72
CA ALA B 106 65.17 -5.29 31.39
C ALA B 106 63.72 -4.83 31.41
N TYR B 107 62.90 -5.44 32.27
CA TYR B 107 61.49 -5.13 32.42
C TYR B 107 61.22 -4.80 33.88
N PRO B 108 61.38 -3.54 34.30
CA PRO B 108 61.22 -3.20 35.72
C PRO B 108 59.87 -3.57 36.29
N GLU B 109 58.82 -3.60 35.47
CA GLU B 109 57.50 -3.96 35.98
C GLU B 109 57.40 -5.44 36.33
N ILE B 110 58.30 -6.27 35.83
CA ILE B 110 58.29 -7.71 36.13
C ILE B 110 59.21 -7.91 37.30
N THR B 111 58.71 -7.60 38.49
CA THR B 111 59.47 -7.67 39.72
C THR B 111 59.56 -9.10 40.23
N GLN B 112 60.54 -9.34 41.10
CA GLN B 112 60.77 -10.66 41.67
C GLN B 112 59.91 -10.87 42.92
N ASP B 113 58.60 -10.76 42.71
CA ASP B 113 57.62 -10.95 43.78
C ASP B 113 56.35 -11.51 43.17
N LEU B 114 55.33 -11.67 44.03
CA LEU B 114 54.12 -12.35 43.60
C LEU B 114 53.43 -11.56 42.49
N GLU B 115 53.42 -10.22 42.59
CA GLU B 115 52.77 -9.40 41.58
C GLU B 115 53.49 -9.51 40.24
N GLY B 116 54.80 -9.29 40.24
CA GLY B 116 55.55 -9.39 38.99
C GLY B 116 55.51 -10.79 38.41
N MET B 117 55.48 -11.80 39.29
CA MET B 117 55.38 -13.18 38.83
C MET B 117 54.06 -13.44 38.11
N SER B 118 52.96 -12.92 38.67
CA SER B 118 51.67 -13.04 37.99
C SER B 118 51.66 -12.27 36.68
N ARG B 119 52.30 -11.11 36.66
CA ARG B 119 52.39 -10.34 35.43
C ARG B 119 53.13 -11.11 34.34
N LEU B 120 54.20 -11.81 34.72
CA LEU B 120 54.97 -12.57 33.75
C LEU B 120 54.18 -13.77 33.24
N PHE B 121 53.47 -14.47 34.13
CA PHE B 121 52.63 -15.59 33.69
C PHE B 121 51.64 -15.15 32.64
N LYS B 122 50.96 -14.02 32.87
CA LYS B 122 49.97 -13.54 31.92
C LYS B 122 50.60 -13.09 30.61
N ARG B 123 51.82 -12.55 30.65
CA ARG B 123 52.44 -12.08 29.41
C ARG B 123 52.89 -13.23 28.51
N PHE B 124 53.19 -14.40 29.08
CA PHE B 124 53.77 -15.48 28.29
C PHE B 124 52.80 -15.96 27.22
N SER B 125 53.23 -15.88 25.96
CA SER B 125 52.44 -16.38 24.83
C SER B 125 51.05 -15.78 24.85
N PHE B 126 50.96 -14.48 25.16
CA PHE B 126 49.70 -13.79 25.29
C PHE B 126 49.62 -12.64 24.27
N PRO B 127 48.43 -12.31 23.76
CA PRO B 127 48.31 -11.14 22.87
C PRO B 127 48.87 -9.88 23.51
N GLY B 128 49.82 -9.23 22.84
CA GLY B 128 50.49 -8.06 23.37
C GLY B 128 51.52 -8.35 24.44
N GLY B 129 51.81 -9.62 24.72
CA GLY B 129 52.82 -9.98 25.70
C GLY B 129 54.15 -10.34 25.06
N ILE B 130 54.68 -11.51 25.42
CA ILE B 130 55.90 -12.06 24.85
C ILE B 130 55.54 -13.34 24.11
N GLY B 131 56.45 -13.76 23.21
CA GLY B 131 56.23 -14.94 22.40
C GLY B 131 56.47 -16.24 23.15
N SER B 132 56.32 -17.34 22.39
CA SER B 132 56.60 -18.67 22.94
C SER B 132 58.06 -19.09 22.79
N HIS B 133 58.81 -18.49 21.86
CA HIS B 133 60.18 -18.87 21.57
C HIS B 133 61.16 -17.98 22.32
N MET B 134 62.46 -18.24 22.12
CA MET B 134 63.53 -17.45 22.73
C MET B 134 63.80 -16.20 21.88
N THR B 135 62.75 -15.39 21.75
CA THR B 135 62.76 -14.24 20.86
C THR B 135 63.73 -13.18 21.38
N ALA B 136 63.85 -12.09 20.61
CA ALA B 136 64.63 -10.94 21.04
C ALA B 136 64.02 -10.25 22.25
N GLN B 137 62.76 -10.58 22.58
CA GLN B 137 62.18 -10.13 23.84
C GLN B 137 62.88 -10.77 25.03
N THR B 138 63.64 -11.83 24.81
CA THR B 138 64.26 -12.61 25.87
C THR B 138 65.65 -12.07 26.19
N PRO B 139 65.92 -11.62 27.41
CA PRO B 139 67.29 -11.25 27.78
C PRO B 139 68.24 -12.44 27.67
N GLY B 140 69.40 -12.19 27.06
CA GLY B 140 70.43 -13.20 26.92
C GLY B 140 70.38 -14.00 25.64
N SER B 141 69.40 -13.78 24.78
CA SER B 141 69.25 -14.57 23.57
C SER B 141 69.84 -13.84 22.36
N LEU B 142 70.56 -14.60 21.55
CA LEU B 142 70.94 -14.17 20.21
C LEU B 142 70.49 -15.18 19.16
N HIS B 143 69.55 -16.06 19.51
CA HIS B 143 69.18 -17.17 18.65
C HIS B 143 67.76 -17.59 19.04
N GLU B 144 66.79 -17.29 18.17
CA GLU B 144 65.40 -17.58 18.49
C GLU B 144 65.08 -19.06 18.35
N GLY B 145 65.73 -19.76 17.44
CA GLY B 145 65.48 -21.18 17.32
C GLY B 145 64.10 -21.52 16.79
N GLY B 146 63.50 -20.63 16.00
CA GLY B 146 62.24 -20.95 15.35
C GLY B 146 62.45 -21.87 14.16
N GLU B 147 63.25 -21.43 13.19
CA GLU B 147 63.69 -22.26 12.08
C GLU B 147 64.93 -23.02 12.53
N LEU B 148 64.78 -24.32 12.76
CA LEU B 148 65.83 -25.11 13.38
C LEU B 148 66.98 -25.36 12.43
N GLY B 149 68.18 -25.50 12.99
CA GLY B 149 69.33 -25.99 12.22
C GLY B 149 70.56 -25.10 12.23
N TYR B 150 70.52 -23.92 12.84
CA TYR B 150 71.59 -22.94 12.71
C TYR B 150 72.25 -22.60 14.05
N VAL B 151 72.01 -23.39 15.09
CA VAL B 151 72.53 -23.01 16.41
C VAL B 151 74.05 -23.15 16.44
N LEU B 152 74.62 -24.14 15.73
CA LEU B 152 76.07 -24.33 15.81
C LEU B 152 76.82 -23.42 14.85
N SER B 153 76.26 -23.14 13.68
CA SER B 153 76.87 -22.15 12.80
C SER B 153 76.85 -20.78 13.45
N HIS B 154 75.74 -20.42 14.10
CA HIS B 154 75.68 -19.18 14.86
C HIS B 154 76.66 -19.20 16.02
N ALA B 155 76.74 -20.31 16.75
CA ALA B 155 77.65 -20.39 17.88
C ALA B 155 79.10 -20.20 17.43
N THR B 156 79.47 -20.80 16.31
CA THR B 156 80.84 -20.66 15.80
C THR B 156 81.14 -19.20 15.49
N GLY B 157 80.28 -18.54 14.73
CA GLY B 157 80.50 -17.14 14.43
C GLY B 157 80.58 -16.28 15.68
N ALA B 158 79.85 -16.66 16.73
CA ALA B 158 79.86 -15.89 17.96
C ALA B 158 81.20 -15.98 18.67
N ILE B 159 81.86 -17.14 18.60
CA ILE B 159 83.13 -17.33 19.33
C ILE B 159 84.34 -17.02 18.47
N LEU B 160 84.16 -16.78 17.17
CA LEU B 160 85.28 -16.32 16.36
C LEU B 160 85.83 -15.02 16.94
N ASP B 161 87.14 -14.99 17.14
CA ASP B 161 87.84 -13.81 17.64
C ASP B 161 87.42 -13.41 19.05
N GLN B 162 86.85 -14.34 19.82
CA GLN B 162 86.48 -14.10 21.21
C GLN B 162 87.06 -15.20 22.08
N PRO B 163 88.37 -15.18 22.33
CA PRO B 163 89.02 -16.34 22.96
C PRO B 163 88.56 -16.63 24.38
N GLU B 164 87.97 -15.66 25.08
CA GLU B 164 87.55 -15.86 26.47
C GLU B 164 86.12 -16.36 26.59
N GLN B 165 85.39 -16.47 25.49
CA GLN B 165 83.99 -16.82 25.53
C GLN B 165 83.79 -18.30 25.21
N ILE B 166 82.78 -18.89 25.83
CA ILE B 166 82.33 -20.24 25.51
C ILE B 166 80.85 -20.15 25.16
N ALA B 167 80.47 -20.80 24.06
CA ALA B 167 79.09 -20.85 23.63
C ALA B 167 78.49 -22.16 24.14
N PHE B 168 77.62 -22.05 25.12
CA PHE B 168 76.88 -23.19 25.67
C PHE B 168 75.69 -23.41 24.76
N ALA B 169 75.88 -24.25 23.75
CA ALA B 169 74.92 -24.42 22.67
C ALA B 169 74.24 -25.77 22.79
N VAL B 170 72.93 -25.75 22.99
CA VAL B 170 72.12 -26.95 23.12
C VAL B 170 71.51 -27.26 21.75
N VAL B 171 71.66 -28.50 21.31
CA VAL B 171 71.18 -28.95 20.01
C VAL B 171 70.04 -29.92 20.25
N GLY B 172 68.88 -29.62 19.66
CA GLY B 172 67.77 -30.55 19.70
C GLY B 172 68.09 -31.79 18.86
N ASP B 173 67.58 -32.93 19.32
CA ASP B 173 67.86 -34.16 18.58
C ASP B 173 67.04 -34.25 17.31
N GLY B 174 65.87 -33.59 17.26
CA GLY B 174 65.19 -33.43 15.99
C GLY B 174 65.91 -32.44 15.09
N GLU B 175 66.34 -31.32 15.65
CA GLU B 175 67.13 -30.35 14.90
C GLU B 175 68.38 -30.97 14.31
N ALA B 176 68.95 -31.98 14.98
CA ALA B 176 70.15 -32.65 14.49
C ALA B 176 69.94 -33.41 13.19
N GLU B 177 68.70 -33.57 12.75
CA GLU B 177 68.41 -34.25 11.49
C GLU B 177 68.39 -33.32 10.30
N THR B 178 68.46 -32.00 10.52
CA THR B 178 68.44 -31.06 9.40
C THR B 178 69.79 -31.02 8.69
N GLY B 179 69.77 -30.56 7.45
CA GLY B 179 70.99 -30.41 6.68
C GLY B 179 71.97 -29.43 7.29
N PRO B 180 71.49 -28.21 7.58
CA PRO B 180 72.39 -27.20 8.15
C PRO B 180 73.08 -27.64 9.43
N LEU B 181 72.38 -28.29 10.36
CA LEU B 181 73.08 -28.72 11.56
C LEU B 181 74.06 -29.85 11.27
N MET B 182 73.63 -30.84 10.48
CA MET B 182 74.52 -31.98 10.21
C MET B 182 75.88 -31.50 9.70
N THR B 183 75.88 -30.55 8.78
CA THR B 183 77.16 -30.09 8.26
C THR B 183 77.82 -29.06 9.17
N SER B 184 77.08 -28.44 10.10
CA SER B 184 77.69 -27.48 11.00
C SER B 184 78.66 -28.14 11.99
N TRP B 185 78.60 -29.45 12.14
CA TRP B 185 79.60 -30.13 12.96
C TRP B 185 81.00 -29.93 12.42
N HIS B 186 81.15 -29.66 11.11
CA HIS B 186 82.45 -29.40 10.50
C HIS B 186 83.06 -28.08 10.96
N SER B 187 82.37 -27.29 11.78
CA SER B 187 82.88 -25.97 12.13
C SER B 187 84.22 -26.03 12.85
N ILE B 188 84.48 -27.09 13.62
CA ILE B 188 85.74 -27.18 14.35
C ILE B 188 86.93 -27.28 13.41
N LYS B 189 86.70 -27.59 12.14
CA LYS B 189 87.79 -27.53 11.18
C LYS B 189 88.17 -26.09 10.84
N PHE B 190 87.49 -25.10 11.42
CA PHE B 190 87.78 -23.69 11.18
C PHE B 190 87.93 -22.87 12.46
N ILE B 191 87.85 -23.50 13.63
CA ILE B 191 88.05 -22.84 14.91
C ILE B 191 89.49 -23.06 15.34
N ASN B 192 90.25 -21.98 15.50
CA ASN B 192 91.63 -22.07 15.96
C ASN B 192 91.68 -21.72 17.44
N PRO B 193 91.98 -22.65 18.34
CA PRO B 193 91.97 -22.33 19.77
C PRO B 193 92.95 -21.25 20.17
N LYS B 194 93.88 -20.90 19.29
CA LYS B 194 94.83 -19.83 19.60
C LYS B 194 94.13 -18.47 19.65
N ASN B 195 93.18 -18.24 18.75
CA ASN B 195 92.57 -16.92 18.61
C ASN B 195 91.06 -16.89 18.86
N ASP B 196 90.39 -18.04 18.79
CA ASP B 196 88.93 -18.07 18.87
C ASP B 196 88.48 -18.67 20.19
N GLY B 197 87.21 -18.46 20.50
CA GLY B 197 86.59 -19.07 21.66
C GLY B 197 86.30 -20.54 21.41
N ALA B 198 85.37 -21.09 22.19
CA ALA B 198 85.05 -22.52 22.11
C ALA B 198 83.55 -22.71 22.14
N ILE B 199 83.09 -23.74 21.45
CA ILE B 199 81.71 -24.19 21.53
C ILE B 199 81.67 -25.39 22.47
N LEU B 200 80.71 -25.39 23.39
CA LEU B 200 80.43 -26.55 24.21
C LEU B 200 79.07 -27.06 23.76
N PRO B 201 79.01 -27.92 22.74
CA PRO B 201 77.71 -28.37 22.24
C PRO B 201 77.14 -29.51 23.07
N ILE B 202 75.84 -29.43 23.34
CA ILE B 202 75.11 -30.46 24.06
C ILE B 202 74.01 -30.98 23.14
N LEU B 203 74.08 -32.27 22.81
CA LEU B 203 73.02 -32.91 22.02
C LEU B 203 71.90 -33.33 22.96
N ASP B 204 70.78 -32.63 22.91
CA ASP B 204 69.63 -32.86 23.79
C ASP B 204 68.86 -34.07 23.26
N LEU B 205 69.33 -35.26 23.64
CA LEU B 205 68.75 -36.52 23.18
C LEU B 205 67.57 -36.89 24.08
N ASN B 206 66.53 -36.07 24.00
CA ASN B 206 65.33 -36.35 24.78
C ASN B 206 64.44 -37.39 24.12
N GLY B 207 64.82 -37.88 22.93
CA GLY B 207 64.22 -39.07 22.34
C GLY B 207 63.22 -38.80 21.23
N PHE B 208 62.65 -37.60 21.16
CA PHE B 208 61.50 -37.37 20.29
C PHE B 208 61.54 -35.94 19.75
N LYS B 209 60.83 -35.76 18.64
CA LYS B 209 60.54 -34.43 18.12
C LYS B 209 59.03 -34.18 18.29
N ILE B 210 58.34 -33.64 17.27
CA ILE B 210 56.92 -33.32 17.45
C ILE B 210 56.11 -34.59 17.63
N SER B 211 56.18 -35.50 16.65
CA SER B 211 55.31 -36.67 16.60
C SER B 211 56.07 -37.97 16.33
N ASN B 212 57.40 -37.94 16.38
CA ASN B 212 58.23 -39.07 16.01
C ASN B 212 59.33 -39.23 17.04
N PRO B 213 59.90 -40.43 17.15
CA PRO B 213 61.22 -40.56 17.77
C PRO B 213 62.28 -39.96 16.84
N THR B 214 63.49 -39.79 17.38
CA THR B 214 64.57 -39.17 16.63
C THR B 214 65.59 -40.22 16.16
N LEU B 215 66.23 -39.91 15.03
CA LEU B 215 67.18 -40.84 14.43
C LEU B 215 68.41 -41.04 15.30
N PHE B 216 68.89 -39.98 15.95
CA PHE B 216 70.08 -40.11 16.78
C PHE B 216 69.75 -40.77 18.12
N ALA B 217 68.55 -40.56 18.66
CA ALA B 217 68.18 -41.21 19.91
C ALA B 217 68.14 -42.73 19.74
N ARG B 218 67.68 -43.20 18.58
CA ARG B 218 67.62 -44.62 18.28
C ARG B 218 68.91 -45.15 17.68
N THR B 219 69.94 -44.33 17.59
CA THR B 219 71.29 -44.79 17.29
C THR B 219 71.98 -45.16 18.59
N SER B 220 72.71 -46.27 18.58
CA SER B 220 73.41 -46.72 19.77
C SER B 220 74.48 -45.72 20.19
N ASP B 221 74.80 -45.72 21.47
CA ASP B 221 75.88 -44.87 21.97
C ASP B 221 77.20 -45.19 21.29
N VAL B 222 77.41 -46.46 20.92
CA VAL B 222 78.63 -46.84 20.20
C VAL B 222 78.67 -46.17 18.83
N ASP B 223 77.56 -46.23 18.09
CA ASP B 223 77.54 -45.60 16.77
C ASP B 223 77.58 -44.08 16.89
N ILE B 224 76.92 -43.51 17.89
CA ILE B 224 77.02 -42.07 18.13
C ILE B 224 78.47 -41.68 18.37
N ARG B 225 79.21 -42.51 19.12
CA ARG B 225 80.62 -42.23 19.33
C ARG B 225 81.39 -42.26 18.01
N LYS B 226 81.14 -43.30 17.20
CA LYS B 226 81.78 -43.38 15.91
C LYS B 226 81.49 -42.15 15.07
N PHE B 227 80.24 -41.68 15.09
CA PHE B 227 79.87 -40.52 14.29
C PHE B 227 80.68 -39.30 14.69
N PHE B 228 80.71 -39.00 15.99
CA PHE B 228 81.36 -37.76 16.42
C PHE B 228 82.88 -37.86 16.42
N GLU B 229 83.45 -39.03 16.75
CA GLU B 229 84.90 -39.19 16.65
C GLU B 229 85.36 -39.07 15.20
N GLY B 230 84.60 -39.63 14.27
CA GLY B 230 84.91 -39.46 12.87
C GLY B 230 84.90 -38.01 12.44
N LEU B 231 84.16 -37.16 13.14
CA LEU B 231 84.13 -35.73 12.89
C LEU B 231 85.10 -34.96 13.79
N GLY B 232 85.88 -35.66 14.62
CA GLY B 232 86.93 -35.03 15.40
C GLY B 232 86.57 -34.63 16.83
N TYR B 233 85.39 -34.99 17.32
CA TYR B 233 84.96 -34.62 18.66
C TYR B 233 85.31 -35.74 19.66
N SER B 234 85.19 -35.39 20.95
CA SER B 234 85.36 -36.32 22.05
C SER B 234 84.03 -36.44 22.79
N PRO B 235 83.21 -37.46 22.49
CA PRO B 235 81.87 -37.52 23.08
C PRO B 235 81.89 -38.00 24.52
N ARG B 236 81.11 -37.33 25.36
CA ARG B 236 80.85 -37.73 26.74
C ARG B 236 79.34 -37.76 26.96
N TYR B 237 78.90 -38.69 27.79
CA TYR B 237 77.50 -39.07 27.89
C TYR B 237 76.93 -38.78 29.27
N ILE B 238 75.70 -38.27 29.29
CA ILE B 238 74.93 -38.11 30.51
C ILE B 238 73.65 -38.92 30.32
N GLU B 239 73.53 -40.01 31.08
CA GLU B 239 72.36 -40.87 30.99
C GLU B 239 72.27 -41.69 32.27
N ASN B 240 71.12 -42.32 32.45
CA ASN B 240 70.90 -43.15 33.62
C ASN B 240 69.78 -44.13 33.31
N ASP B 241 69.83 -45.30 33.96
CA ASP B 241 68.81 -46.31 33.73
C ASP B 241 67.50 -45.93 34.43
N ASP B 242 67.59 -45.29 35.58
CA ASP B 242 66.41 -44.80 36.31
C ASP B 242 66.25 -43.31 36.03
N ILE B 243 65.27 -42.95 35.18
CA ILE B 243 65.13 -41.57 34.74
C ILE B 243 64.61 -40.65 35.83
N HIS B 244 64.16 -41.19 36.96
CA HIS B 244 63.64 -40.37 38.04
C HIS B 244 64.61 -40.25 39.21
N ASP B 245 65.85 -40.74 39.07
CA ASP B 245 66.88 -40.55 40.08
C ASP B 245 67.64 -39.27 39.75
N TYR B 246 67.01 -38.13 40.07
CA TYR B 246 67.50 -36.84 39.60
C TYR B 246 68.89 -36.53 40.14
N MET B 247 69.18 -36.94 41.38
CA MET B 247 70.49 -36.64 41.96
C MET B 247 71.60 -37.39 41.25
N ALA B 248 71.30 -38.57 40.68
CA ALA B 248 72.31 -39.27 39.89
C ALA B 248 72.67 -38.49 38.62
N TYR B 249 71.67 -37.89 37.96
CA TYR B 249 71.95 -37.07 36.78
C TYR B 249 72.78 -35.84 37.17
N HIS B 250 72.42 -35.20 38.28
CA HIS B 250 73.17 -34.02 38.70
C HIS B 250 74.64 -34.37 38.93
N LYS B 251 74.90 -35.46 39.64
CA LYS B 251 76.27 -35.87 39.93
C LYS B 251 77.03 -36.16 38.64
N LEU B 252 76.44 -36.96 37.74
CA LEU B 252 77.12 -37.32 36.50
C LEU B 252 77.31 -36.10 35.61
N ALA B 253 76.29 -35.23 35.52
CA ALA B 253 76.41 -34.04 34.70
C ALA B 253 77.52 -33.12 35.21
N ALA B 254 77.66 -33.01 36.54
CA ALA B 254 78.73 -32.19 37.10
C ALA B 254 80.10 -32.71 36.70
N GLU B 255 80.28 -34.04 36.70
CA GLU B 255 81.57 -34.61 36.29
C GLU B 255 81.83 -34.32 34.83
N VAL B 256 80.85 -34.61 33.97
CA VAL B 256 81.03 -34.46 32.54
C VAL B 256 81.32 -33.00 32.21
N PHE B 257 80.50 -32.08 32.71
CA PHE B 257 80.69 -30.69 32.34
C PHE B 257 82.00 -30.14 32.88
N ASP B 258 82.39 -30.56 34.09
CA ASP B 258 83.68 -30.13 34.63
C ASP B 258 84.81 -30.57 33.72
N LYS B 259 84.80 -31.84 33.31
CA LYS B 259 85.87 -32.37 32.48
C LYS B 259 85.89 -31.70 31.11
N ALA B 260 84.71 -31.34 30.60
CA ALA B 260 84.61 -30.68 29.30
C ALA B 260 85.23 -29.29 29.35
N ILE B 261 84.89 -28.50 30.37
CA ILE B 261 85.48 -27.16 30.50
C ILE B 261 86.99 -27.28 30.66
N GLU B 262 87.44 -28.20 31.50
CA GLU B 262 88.87 -28.34 31.75
C GLU B 262 89.61 -28.79 30.50
N ASP B 263 89.01 -29.68 29.72
CA ASP B 263 89.63 -30.11 28.47
C ASP B 263 89.67 -28.96 27.46
N ILE B 264 88.62 -28.14 27.44
CA ILE B 264 88.61 -26.96 26.56
C ILE B 264 89.73 -26.01 26.95
N HIS B 265 89.88 -25.75 28.26
CA HIS B 265 90.92 -24.85 28.71
C HIS B 265 92.31 -25.41 28.41
N GLN B 266 92.49 -26.72 28.55
CA GLN B 266 93.78 -27.32 28.23
C GLN B 266 94.09 -27.18 26.74
N ILE B 267 93.07 -27.38 25.89
CA ILE B 267 93.24 -27.15 24.46
C ILE B 267 93.67 -25.72 24.20
N GLN B 268 93.03 -24.76 24.88
CA GLN B 268 93.34 -23.36 24.65
C GLN B 268 94.71 -23.00 25.21
N LYS B 269 95.09 -23.58 26.35
CA LYS B 269 96.41 -23.32 26.90
C LYS B 269 97.51 -23.87 26.01
N ASP B 270 97.37 -25.13 25.59
CA ASP B 270 98.37 -25.72 24.70
C ASP B 270 98.49 -24.94 23.40
N ALA B 271 97.37 -24.39 22.90
CA ALA B 271 97.41 -23.66 21.65
C ALA B 271 98.07 -22.29 21.82
N ARG B 272 97.84 -21.65 22.96
CA ARG B 272 98.29 -20.29 23.20
C ARG B 272 99.66 -20.21 23.86
N GLU B 273 100.08 -21.23 24.59
CA GLU B 273 101.38 -21.25 25.25
C GLU B 273 102.42 -22.09 24.51
N ASP B 274 102.01 -23.22 23.95
CA ASP B 274 102.92 -24.12 23.26
C ASP B 274 102.84 -24.04 21.74
N ASN B 275 101.71 -23.61 21.19
CA ASN B 275 101.52 -23.40 19.75
C ASN B 275 100.98 -24.69 19.16
N ARG B 276 100.19 -25.41 19.94
CA ARG B 276 99.64 -26.65 19.48
C ARG B 276 98.48 -26.39 18.52
N TYR B 277 98.19 -27.37 17.67
CA TYR B 277 97.05 -27.32 16.76
C TYR B 277 97.26 -26.30 15.64
N GLN B 278 98.52 -26.02 15.28
CA GLN B 278 98.83 -25.16 14.14
C GLN B 278 99.46 -25.96 12.99
N ASN B 279 99.49 -27.29 13.12
CA ASN B 279 100.15 -28.16 12.16
C ASN B 279 99.18 -29.16 11.53
N GLY B 280 97.87 -28.93 11.64
CA GLY B 280 96.89 -29.85 11.10
C GLY B 280 96.17 -30.70 12.12
N GLU B 281 96.58 -30.65 13.38
CA GLU B 281 95.91 -31.42 14.42
C GLU B 281 94.64 -30.70 14.84
N ILE B 282 93.52 -31.42 14.82
CA ILE B 282 92.24 -30.86 15.23
C ILE B 282 92.06 -31.20 16.71
N PRO B 283 91.80 -30.20 17.57
CA PRO B 283 91.55 -30.52 18.98
C PRO B 283 90.38 -31.49 19.13
N ALA B 284 90.50 -32.39 20.11
CA ALA B 284 89.44 -33.33 20.44
C ALA B 284 88.36 -32.60 21.25
N TRP B 285 87.62 -31.74 20.56
CA TRP B 285 86.64 -30.90 21.22
C TRP B 285 85.59 -31.76 21.91
N PRO B 286 85.26 -31.49 23.18
CA PRO B 286 84.19 -32.27 23.83
C PRO B 286 82.84 -32.01 23.17
N ILE B 287 82.02 -33.06 23.11
CA ILE B 287 80.62 -32.91 22.74
C ILE B 287 79.83 -33.74 23.75
N VAL B 288 78.81 -33.14 24.34
CA VAL B 288 78.04 -33.78 25.40
C VAL B 288 76.76 -34.34 24.83
N ILE B 289 76.56 -35.64 25.02
CA ILE B 289 75.35 -36.34 24.63
C ILE B 289 74.52 -36.56 25.90
N ALA B 290 73.43 -35.83 26.02
CA ALA B 290 72.60 -35.84 27.22
C ALA B 290 71.26 -36.49 26.88
N ARG B 291 71.05 -37.70 27.40
CA ARG B 291 69.78 -38.39 27.23
C ARG B 291 68.84 -37.98 28.36
N LEU B 292 68.26 -36.79 28.21
CA LEU B 292 67.34 -36.25 29.19
C LEU B 292 65.91 -36.44 28.68
N PRO B 293 65.12 -37.33 29.29
CA PRO B 293 63.81 -37.68 28.71
C PRO B 293 62.94 -36.46 28.41
N LYS B 294 62.24 -36.52 27.29
CA LYS B 294 61.33 -35.43 26.93
C LYS B 294 60.17 -35.39 27.92
N GLY B 295 59.77 -34.19 28.29
CA GLY B 295 58.78 -34.02 29.34
C GLY B 295 59.27 -34.46 30.70
N TRP B 296 60.59 -34.37 30.93
CA TRP B 296 61.22 -34.84 32.16
C TRP B 296 60.53 -34.25 33.38
N GLY B 297 60.06 -35.13 34.26
CA GLY B 297 59.48 -34.71 35.52
C GLY B 297 58.06 -34.19 35.44
N GLY B 298 57.43 -34.26 34.27
CA GLY B 298 56.07 -33.81 34.11
C GLY B 298 55.10 -34.97 34.12
N PRO B 299 53.89 -34.73 33.62
CA PRO B 299 52.90 -35.81 33.50
C PRO B 299 53.49 -37.01 32.75
N ARG B 300 53.19 -38.20 33.26
CA ARG B 300 53.75 -39.44 32.74
C ARG B 300 52.83 -40.19 31.79
N TYR B 301 51.53 -40.25 32.06
CA TYR B 301 50.60 -41.02 31.25
C TYR B 301 49.29 -40.26 31.11
N ASN B 302 48.65 -40.44 29.96
CA ASN B 302 47.38 -39.77 29.67
C ASN B 302 46.26 -40.66 30.20
N ASP B 303 46.10 -40.64 31.53
CA ASP B 303 45.16 -41.54 32.20
C ASP B 303 43.71 -41.07 32.05
N TRP B 304 43.49 -39.82 31.68
CA TRP B 304 42.15 -39.24 31.62
C TRP B 304 41.42 -39.49 30.31
N SER B 305 42.12 -39.95 29.26
CA SER B 305 41.48 -40.19 27.98
C SER B 305 42.42 -40.98 27.09
N GLY B 306 41.87 -41.51 26.00
CA GLY B 306 42.65 -42.21 25.01
C GLY B 306 42.82 -43.67 25.34
N PRO B 307 43.47 -44.41 24.46
CA PRO B 307 43.63 -45.86 24.68
C PRO B 307 44.59 -46.14 25.82
N LYS B 308 44.58 -47.41 26.24
CA LYS B 308 45.42 -47.88 27.33
C LYS B 308 46.43 -48.87 26.81
N PHE B 309 47.56 -48.97 27.49
CA PHE B 309 48.55 -50.00 27.23
C PHE B 309 49.21 -50.36 28.54
N ASP B 310 49.24 -51.66 28.86
CA ASP B 310 49.79 -52.12 30.13
C ASP B 310 49.12 -51.35 31.29
N GLY B 311 47.81 -51.56 31.38
CA GLY B 311 46.97 -50.88 32.36
C GLY B 311 47.30 -49.42 32.64
N LYS B 312 47.80 -48.69 31.66
CA LYS B 312 48.14 -47.27 31.83
C LYS B 312 47.80 -46.50 30.56
N GLY B 313 47.62 -45.20 30.71
CA GLY B 313 47.38 -44.34 29.57
C GLY B 313 48.62 -44.18 28.71
N MET B 314 48.43 -43.51 27.58
CA MET B 314 49.54 -43.30 26.65
C MET B 314 50.62 -42.46 27.30
N PRO B 315 51.89 -42.82 27.18
CA PRO B 315 52.94 -42.07 27.85
C PRO B 315 53.06 -40.64 27.32
N ILE B 316 53.32 -39.72 28.24
CA ILE B 316 53.65 -38.34 27.92
C ILE B 316 55.14 -38.09 28.14
N GLU B 317 55.62 -38.26 29.37
CA GLU B 317 57.06 -38.26 29.61
C GLU B 317 57.72 -39.36 28.80
N HIS B 318 58.92 -39.08 28.29
CA HIS B 318 59.64 -40.06 27.46
C HIS B 318 58.83 -40.41 26.22
N SER B 319 58.12 -39.42 25.67
CA SER B 319 57.34 -39.61 24.45
C SER B 319 57.20 -38.27 23.74
N PHE B 320 56.79 -38.33 22.47
CA PHE B 320 56.53 -37.12 21.70
C PHE B 320 55.30 -36.38 22.21
N ARG B 321 54.40 -37.05 22.92
CA ARG B 321 53.17 -36.39 23.35
C ARG B 321 53.42 -35.25 24.33
N ALA B 322 54.63 -35.13 24.87
CA ALA B 322 54.94 -34.03 25.77
C ALA B 322 55.36 -32.76 25.03
N HIS B 323 55.37 -32.79 23.70
CA HIS B 323 56.02 -31.73 22.94
C HIS B 323 55.41 -30.37 23.24
N GLN B 324 54.10 -30.23 23.03
CA GLN B 324 53.45 -28.93 23.12
C GLN B 324 52.72 -28.78 24.46
N VAL B 325 51.41 -28.60 24.45
CA VAL B 325 50.61 -28.47 25.68
C VAL B 325 50.25 -29.87 26.17
N PRO B 326 50.74 -30.30 27.33
CA PRO B 326 50.57 -31.72 27.72
C PRO B 326 49.23 -32.04 28.40
N LEU B 327 48.42 -31.04 28.73
CA LEU B 327 47.11 -31.24 29.34
C LEU B 327 46.07 -30.42 28.58
N PRO B 328 44.82 -30.90 28.52
CA PRO B 328 43.74 -30.08 27.96
C PRO B 328 43.19 -29.03 28.91
N LEU B 329 43.78 -28.89 30.10
CA LEU B 329 43.30 -27.94 31.08
C LEU B 329 43.17 -26.56 30.48
N SER B 330 42.08 -25.87 30.83
CA SER B 330 41.84 -24.49 30.44
C SER B 330 40.70 -23.97 31.30
N SER B 331 40.45 -22.66 31.21
CA SER B 331 39.34 -22.06 31.94
C SER B 331 38.00 -22.62 31.49
N LYS B 332 37.91 -23.17 30.27
CA LYS B 332 36.66 -23.77 29.79
C LYS B 332 36.61 -25.28 29.98
N ASN B 333 37.68 -25.89 30.47
CA ASN B 333 37.76 -27.34 30.61
C ASN B 333 38.70 -27.64 31.78
N MET B 334 38.12 -27.72 32.98
CA MET B 334 38.85 -27.89 34.22
C MET B 334 38.92 -29.35 34.65
N GLY B 335 38.63 -30.26 33.73
CA GLY B 335 38.61 -31.67 34.08
C GLY B 335 39.93 -32.19 34.61
N THR B 336 41.05 -31.72 34.03
CA THR B 336 42.37 -32.21 34.41
C THR B 336 43.10 -31.26 35.35
N LEU B 337 42.38 -30.43 36.11
CA LEU B 337 43.06 -29.63 37.13
C LEU B 337 43.75 -30.48 38.18
N PRO B 338 43.20 -31.60 38.65
CA PRO B 338 43.96 -32.44 39.59
C PRO B 338 45.31 -32.88 39.06
N GLU B 339 45.40 -33.28 37.79
CA GLU B 339 46.70 -33.66 37.22
C GLU B 339 47.65 -32.48 37.23
N PHE B 340 47.15 -31.28 36.93
CA PHE B 340 48.00 -30.10 36.95
C PHE B 340 48.45 -29.78 38.37
N VAL B 341 47.55 -29.88 39.34
CA VAL B 341 47.92 -29.61 40.73
C VAL B 341 48.95 -30.61 41.22
N LYS B 342 48.72 -31.89 40.93
CA LYS B 342 49.68 -32.93 41.32
C LYS B 342 51.04 -32.66 40.67
N TRP B 343 51.02 -32.34 39.37
CA TRP B 343 52.25 -32.02 38.65
C TRP B 343 52.95 -30.83 39.29
N MET B 344 52.24 -29.71 39.45
CA MET B 344 52.85 -28.48 39.93
C MET B 344 53.35 -28.63 41.37
N THR B 345 52.56 -29.27 42.24
CA THR B 345 52.96 -29.40 43.63
C THR B 345 54.12 -30.38 43.81
N SER B 346 54.33 -31.29 42.85
CA SER B 346 55.42 -32.25 42.95
C SER B 346 56.78 -31.60 43.00
N TYR B 347 56.91 -30.37 42.49
CA TYR B 347 58.17 -29.64 42.57
C TYR B 347 58.45 -29.10 43.97
N GLN B 348 57.49 -29.23 44.90
CA GLN B 348 57.60 -28.74 46.27
C GLN B 348 57.85 -27.23 46.25
N PRO B 349 56.94 -26.45 45.67
CA PRO B 349 57.19 -25.00 45.58
C PRO B 349 57.31 -24.31 46.92
N GLU B 350 56.72 -24.87 47.99
CA GLU B 350 56.85 -24.27 49.31
C GLU B 350 58.28 -24.27 49.82
N THR B 351 59.14 -25.15 49.28
CA THR B 351 60.56 -25.17 49.61
C THR B 351 61.38 -24.28 48.67
N LEU B 352 60.75 -23.64 47.68
CA LEU B 352 61.46 -22.89 46.66
C LEU B 352 61.19 -21.40 46.70
N PHE B 353 59.95 -21.00 46.95
CA PHE B 353 59.57 -19.60 46.93
C PHE B 353 58.97 -19.21 48.28
N ASN B 354 59.18 -17.96 48.67
CA ASN B 354 58.52 -17.40 49.84
C ASN B 354 57.07 -17.05 49.48
N ALA B 355 56.28 -16.80 50.53
CA ALA B 355 54.87 -16.49 50.33
C ALA B 355 54.68 -15.18 49.59
N ASP B 356 55.65 -14.26 49.69
CA ASP B 356 55.57 -13.00 48.95
C ASP B 356 55.98 -13.14 47.49
N GLY B 357 56.32 -14.34 47.03
CA GLY B 357 56.69 -14.56 45.65
C GLY B 357 58.18 -14.56 45.40
N SER B 358 58.98 -14.08 46.35
CA SER B 358 60.41 -14.02 46.14
C SER B 358 61.02 -15.43 46.26
N LEU B 359 62.20 -15.58 45.66
CA LEU B 359 62.92 -16.83 45.74
C LEU B 359 63.50 -17.02 47.14
N LYS B 360 63.48 -18.26 47.62
CA LYS B 360 64.02 -18.60 48.94
C LYS B 360 65.46 -18.12 49.05
N GLU B 361 65.82 -17.63 50.25
CA GLU B 361 67.14 -17.02 50.44
C GLU B 361 68.27 -17.99 50.13
N GLU B 362 68.17 -19.23 50.59
CA GLU B 362 69.28 -20.15 50.42
C GLU B 362 69.58 -20.43 48.95
N LEU B 363 68.66 -20.06 48.04
CA LEU B 363 68.86 -20.31 46.62
C LEU B 363 69.35 -19.08 45.86
N ARG B 364 69.36 -17.91 46.50
CA ARG B 364 69.68 -16.69 45.75
C ARG B 364 71.15 -16.60 45.35
N ASP B 365 72.05 -17.30 46.03
CA ASP B 365 73.46 -17.26 45.69
C ASP B 365 73.85 -18.26 44.61
N PHE B 366 72.89 -19.03 44.08
CA PHE B 366 73.23 -20.05 43.08
C PHE B 366 73.63 -19.41 41.75
N ALA B 367 72.82 -18.50 41.23
CA ALA B 367 73.09 -17.94 39.91
C ALA B 367 74.26 -16.96 39.97
N PRO B 368 74.96 -16.76 38.86
CA PRO B 368 75.98 -15.71 38.83
C PRO B 368 75.35 -14.33 39.01
N LYS B 369 76.21 -13.33 39.10
CA LYS B 369 75.80 -11.96 39.33
C LYS B 369 76.43 -11.06 38.27
N GLY B 370 75.81 -9.91 38.07
CA GLY B 370 76.36 -8.92 37.17
C GLY B 370 76.47 -9.49 35.77
N GLU B 371 77.56 -9.11 35.08
CA GLU B 371 77.75 -9.50 33.70
C GLU B 371 78.15 -10.95 33.52
N MET B 372 78.43 -11.67 34.61
CA MET B 372 78.72 -13.10 34.51
C MET B 372 77.46 -13.90 34.23
N ARG B 373 76.29 -13.35 34.52
CA ARG B 373 75.04 -14.00 34.17
C ARG B 373 74.94 -14.10 32.65
N MET B 374 74.60 -15.29 32.15
CA MET B 374 74.48 -15.47 30.71
C MET B 374 73.46 -14.52 30.10
N ALA B 375 72.45 -14.11 30.88
CA ALA B 375 71.45 -13.16 30.40
C ALA B 375 71.96 -11.73 30.37
N SER B 376 73.06 -11.43 31.06
CA SER B 376 73.65 -10.11 31.08
C SER B 376 74.97 -10.02 30.32
N ASN B 377 75.46 -11.14 29.79
CA ASN B 377 76.71 -11.16 29.06
C ASN B 377 76.62 -10.23 27.85
N PRO B 378 77.46 -9.20 27.74
CA PRO B 378 77.33 -8.26 26.61
C PRO B 378 77.37 -8.93 25.25
N VAL B 379 77.89 -10.16 25.17
CA VAL B 379 77.85 -10.91 23.92
C VAL B 379 76.42 -10.99 23.39
N THR B 380 75.45 -11.09 24.30
CA THR B 380 74.06 -11.34 23.96
C THR B 380 73.26 -10.05 23.72
N ASN B 381 73.88 -8.89 23.88
CA ASN B 381 73.18 -7.61 23.71
C ASN B 381 74.01 -6.69 22.80
N GLY B 382 74.33 -7.17 21.60
CA GLY B 382 75.05 -6.39 20.63
C GLY B 382 76.54 -6.63 20.60
N GLY B 383 77.09 -7.33 21.58
CA GLY B 383 78.49 -7.69 21.57
C GLY B 383 79.28 -6.91 22.62
N VAL B 384 80.38 -7.50 23.08
CA VAL B 384 81.30 -6.81 23.96
C VAL B 384 81.72 -5.48 23.35
N ASP B 385 82.05 -5.51 22.05
CA ASP B 385 82.39 -4.31 21.30
C ASP B 385 81.56 -4.31 20.03
N SER B 386 80.69 -3.31 19.89
CA SER B 386 79.76 -3.25 18.77
C SER B 386 80.09 -2.14 17.79
N SER B 387 81.28 -1.55 17.85
CA SER B 387 81.61 -0.43 16.99
C SER B 387 81.78 -0.87 15.55
N ASN B 388 81.48 0.04 14.62
CA ASN B 388 81.64 -0.24 13.21
C ASN B 388 83.12 -0.30 12.86
N LEU B 389 83.40 -0.78 11.65
CA LEU B 389 84.77 -0.89 11.19
C LEU B 389 85.41 0.48 11.08
N VAL B 390 86.73 0.52 11.27
CA VAL B 390 87.51 1.69 10.90
C VAL B 390 87.84 1.55 9.42
N LEU B 391 87.35 2.48 8.63
CA LEU B 391 87.37 2.44 7.19
C LEU B 391 88.42 3.39 6.62
N PRO B 392 89.11 3.01 5.55
CA PRO B 392 89.89 3.99 4.79
C PRO B 392 88.99 4.77 3.86
N ASP B 393 89.51 5.89 3.36
CA ASP B 393 88.76 6.65 2.36
C ASP B 393 88.64 5.78 1.12
N TRP B 394 87.41 5.42 0.74
CA TRP B 394 87.20 4.53 -0.38
C TRP B 394 87.68 5.14 -1.70
N GLN B 395 87.80 6.46 -1.78
CA GLN B 395 88.27 7.10 -3.01
C GLN B 395 89.72 6.73 -3.33
N GLU B 396 90.52 6.37 -2.31
CA GLU B 396 91.90 5.95 -2.54
C GLU B 396 92.00 4.72 -3.43
N PHE B 397 90.92 3.96 -3.61
CA PHE B 397 90.92 2.79 -4.47
C PHE B 397 90.01 2.98 -5.68
N ALA B 398 89.52 4.19 -5.92
CA ALA B 398 88.62 4.45 -7.02
C ALA B 398 89.38 4.50 -8.35
N ASN B 399 88.67 4.19 -9.42
CA ASN B 399 89.17 4.30 -10.78
C ASN B 399 89.15 5.77 -11.22
N PRO B 400 90.17 6.23 -11.96
CA PRO B 400 90.19 7.64 -12.41
C PRO B 400 89.26 7.90 -13.59
N ILE B 401 87.95 7.92 -13.32
CA ILE B 401 86.93 8.14 -14.35
C ILE B 401 86.66 9.64 -14.48
N SER B 402 86.55 10.11 -15.72
CA SER B 402 86.24 11.49 -16.01
C SER B 402 85.49 11.52 -17.35
N GLU B 403 85.26 12.73 -17.88
CA GLU B 403 84.53 12.88 -19.13
C GLU B 403 85.22 12.21 -20.31
N ASN B 404 86.53 11.99 -20.22
CA ASN B 404 87.29 11.46 -21.36
C ASN B 404 87.19 9.95 -21.46
N ASN B 405 87.16 9.25 -20.33
CA ASN B 405 87.19 7.79 -20.34
CA ASN B 405 87.21 7.79 -20.32
C ASN B 405 85.96 7.17 -19.71
N ARG B 406 84.83 7.89 -19.72
CA ARG B 406 83.59 7.32 -19.22
C ARG B 406 82.95 6.45 -20.30
N GLY B 407 82.34 5.35 -19.86
CA GLY B 407 81.74 4.41 -20.78
C GLY B 407 82.76 3.66 -21.60
N LYS B 408 83.97 3.47 -21.05
CA LYS B 408 85.05 2.79 -21.73
C LYS B 408 85.71 1.81 -20.77
N LEU B 409 86.44 0.85 -21.35
CA LEU B 409 87.24 -0.09 -20.57
C LEU B 409 88.57 0.55 -20.20
N LEU B 410 88.91 0.49 -18.91
CA LEU B 410 90.22 0.91 -18.46
C LEU B 410 91.30 0.00 -19.06
N PRO B 411 92.53 0.49 -19.22
CA PRO B 411 93.56 -0.32 -19.90
C PRO B 411 93.90 -1.61 -19.18
N ASP B 412 93.93 -1.58 -17.85
CA ASP B 412 94.14 -2.79 -17.06
C ASP B 412 92.78 -3.49 -16.89
N THR B 413 92.65 -4.69 -17.47
CA THR B 413 91.35 -5.36 -17.49
C THR B 413 90.83 -5.61 -16.08
N ASN B 414 91.71 -5.85 -15.12
CA ASN B 414 91.28 -6.17 -13.77
C ASN B 414 90.60 -4.99 -13.07
N ASP B 415 90.88 -3.76 -13.52
CA ASP B 415 90.21 -2.59 -12.97
C ASP B 415 88.79 -2.43 -13.51
N ASN B 416 88.43 -3.14 -14.57
CA ASN B 416 87.07 -3.12 -15.08
C ASN B 416 86.19 -4.15 -14.39
N MET B 417 86.72 -4.88 -13.42
CA MET B 417 85.98 -5.89 -12.68
C MET B 417 85.71 -5.36 -11.28
N ASP B 418 84.44 -5.04 -11.00
CA ASP B 418 84.09 -4.32 -9.77
C ASP B 418 84.51 -5.10 -8.52
N MET B 419 84.32 -6.42 -8.53
CA MET B 419 84.67 -7.24 -7.35
C MET B 419 86.16 -7.15 -7.05
N ASN B 420 87.01 -7.17 -8.07
CA ASN B 420 88.45 -7.02 -7.81
C ASN B 420 88.75 -5.65 -7.24
N VAL B 421 88.11 -4.61 -7.78
CA VAL B 421 88.28 -3.26 -7.24
C VAL B 421 87.79 -3.22 -5.79
N LEU B 422 86.68 -3.90 -5.51
CA LEU B 422 86.20 -3.99 -4.14
C LEU B 422 87.19 -4.71 -3.25
N SER B 423 87.88 -5.72 -3.79
CA SER B 423 88.84 -6.48 -2.98
C SER B 423 90.01 -5.61 -2.55
N LYS B 424 90.41 -4.62 -3.36
CA LYS B 424 91.38 -3.64 -2.88
C LYS B 424 90.88 -2.96 -1.61
N TYR B 425 89.61 -2.54 -1.62
CA TYR B 425 89.04 -1.88 -0.44
C TYR B 425 88.96 -2.84 0.75
N PHE B 426 88.50 -4.07 0.52
CA PHE B 426 88.41 -5.05 1.60
C PHE B 426 89.79 -5.38 2.15
N ALA B 427 90.79 -5.48 1.28
CA ALA B 427 92.13 -5.83 1.75
C ALA B 427 92.65 -4.78 2.73
N GLU B 428 92.44 -3.50 2.44
CA GLU B 428 92.88 -2.46 3.36
C GLU B 428 92.07 -2.50 4.65
N ILE B 429 90.79 -2.87 4.57
CA ILE B 429 89.98 -2.99 5.79
C ILE B 429 90.52 -4.11 6.67
N VAL B 430 91.02 -5.19 6.06
CA VAL B 430 91.65 -6.25 6.85
C VAL B 430 92.82 -5.72 7.66
N LYS B 431 93.68 -4.90 7.04
CA LYS B 431 94.81 -4.35 7.79
C LYS B 431 94.36 -3.42 8.91
N LEU B 432 93.27 -2.69 8.71
CA LEU B 432 92.81 -1.75 9.72
C LEU B 432 91.93 -2.39 10.78
N ASN B 433 91.43 -3.61 10.54
CA ASN B 433 90.56 -4.31 11.50
C ASN B 433 90.99 -5.78 11.55
N PRO B 434 92.15 -6.07 12.15
CA PRO B 434 92.70 -7.44 12.07
C PRO B 434 91.94 -8.45 12.90
N THR B 435 91.06 -8.03 13.81
CA THR B 435 90.34 -8.97 14.66
C THR B 435 88.83 -8.80 14.63
N ARG B 436 88.30 -7.86 13.84
CA ARG B 436 86.87 -7.56 13.85
C ARG B 436 86.26 -7.49 12.45
N PHE B 437 86.98 -7.90 11.41
CA PHE B 437 86.42 -8.01 10.07
C PHE B 437 86.77 -9.38 9.50
N ARG B 438 85.79 -10.02 8.88
CA ARG B 438 85.99 -11.32 8.27
C ARG B 438 85.22 -11.41 6.96
N LEU B 439 85.78 -12.14 6.00
CA LEU B 439 85.17 -12.37 4.71
C LEU B 439 84.85 -13.86 4.59
N PHE B 440 83.62 -14.17 4.17
CA PHE B 440 83.13 -15.52 4.06
C PHE B 440 82.76 -15.83 2.63
N GLY B 441 82.94 -17.08 2.24
CA GLY B 441 82.52 -17.57 0.94
C GLY B 441 82.37 -19.08 0.97
N PRO B 442 81.63 -19.65 0.00
CA PRO B 442 81.51 -21.11 -0.06
C PRO B 442 82.34 -21.68 -1.19
N ASP B 443 83.67 -21.67 -1.03
CA ASP B 443 84.60 -22.13 -2.06
C ASP B 443 84.48 -21.26 -3.30
N GLU B 444 84.29 -19.95 -3.11
CA GLU B 444 84.09 -19.04 -4.23
C GLU B 444 84.86 -17.73 -4.12
N THR B 445 85.57 -17.49 -3.00
CA THR B 445 86.25 -16.20 -2.85
C THR B 445 87.20 -15.92 -4.01
N MET B 446 87.99 -16.93 -4.39
CA MET B 446 88.88 -16.78 -5.55
C MET B 446 88.07 -16.70 -6.83
N SER B 447 87.06 -17.56 -6.97
CA SER B 447 86.24 -17.56 -8.18
C SER B 447 85.54 -16.22 -8.37
N ASN B 448 85.12 -15.58 -7.28
CA ASN B 448 84.47 -14.28 -7.37
C ASN B 448 85.46 -13.13 -7.51
N ARG B 449 86.75 -13.44 -7.57
CA ARG B 449 87.78 -12.48 -7.97
C ARG B 449 88.04 -11.45 -6.87
N PHE B 450 88.09 -11.91 -5.62
CA PHE B 450 88.61 -11.13 -4.50
C PHE B 450 90.12 -11.25 -4.45
N TRP B 451 90.80 -11.00 -5.57
CA TRP B 451 92.19 -11.40 -5.71
C TRP B 451 93.09 -10.66 -4.75
N GLU B 452 92.80 -9.39 -4.46
CA GLU B 452 93.68 -8.61 -3.60
C GLU B 452 93.64 -9.07 -2.16
N MET B 453 92.54 -9.70 -1.74
CA MET B 453 92.45 -10.18 -0.37
C MET B 453 93.56 -11.17 -0.06
N PHE B 454 93.95 -12.00 -1.03
CA PHE B 454 94.92 -13.04 -0.78
C PHE B 454 96.35 -12.52 -0.65
N LYS B 455 96.59 -11.25 -0.92
CA LYS B 455 97.91 -10.67 -0.65
C LYS B 455 98.07 -10.21 0.79
N VAL B 456 97.01 -10.19 1.59
CA VAL B 456 97.08 -9.73 2.96
C VAL B 456 96.66 -10.79 3.95
N THR B 457 95.99 -11.86 3.52
CA THR B 457 95.53 -12.88 4.45
C THR B 457 95.28 -14.16 3.65
N ASN B 458 95.04 -15.23 4.38
CA ASN B 458 94.73 -16.53 3.80
C ASN B 458 93.34 -16.97 4.29
N ARG B 459 92.89 -18.12 3.77
CA ARG B 459 91.71 -18.78 4.30
C ARG B 459 92.06 -19.51 5.59
N GLN B 460 91.19 -19.39 6.59
CA GLN B 460 91.42 -20.13 7.83
C GLN B 460 91.08 -21.59 7.60
N TRP B 461 92.00 -22.47 7.99
CA TRP B 461 91.92 -23.90 7.68
C TRP B 461 92.76 -24.65 8.70
N MET B 462 92.14 -25.55 9.46
CA MET B 462 92.79 -26.20 10.58
C MET B 462 93.37 -27.58 10.26
N GLN B 463 92.91 -28.22 9.20
CA GLN B 463 93.44 -29.54 8.85
C GLN B 463 94.82 -29.41 8.21
N VAL B 464 95.37 -30.55 7.81
CA VAL B 464 96.72 -30.58 7.27
C VAL B 464 96.75 -29.80 5.96
N ILE B 465 97.87 -29.12 5.71
CA ILE B 465 98.08 -28.32 4.52
C ILE B 465 99.18 -28.97 3.67
N LYS B 466 98.96 -29.02 2.36
CA LYS B 466 99.88 -29.67 1.42
C LYS B 466 100.18 -28.71 0.26
N ASN B 467 101.02 -27.71 0.53
CA ASN B 467 101.51 -26.87 -0.54
C ASN B 467 102.50 -27.66 -1.40
N PRO B 468 102.57 -27.37 -2.71
CA PRO B 468 101.84 -26.33 -3.44
C PRO B 468 100.51 -26.82 -4.01
N ASN B 469 100.12 -28.06 -3.71
CA ASN B 469 98.80 -28.52 -4.15
C ASN B 469 97.70 -27.66 -3.56
N ASP B 470 97.88 -27.19 -2.33
CA ASP B 470 96.98 -26.23 -1.73
C ASP B 470 97.48 -24.82 -2.00
N GLU B 471 96.63 -23.84 -1.71
CA GLU B 471 97.00 -22.44 -1.91
C GLU B 471 96.17 -21.54 -0.99
N PHE B 472 96.85 -20.57 -0.37
CA PHE B 472 96.20 -19.53 0.42
C PHE B 472 95.30 -20.09 1.51
N ILE B 473 95.81 -21.10 2.21
CA ILE B 473 95.14 -21.64 3.39
C ILE B 473 96.16 -21.72 4.51
N SER B 474 95.69 -21.48 5.74
CA SER B 474 96.56 -21.37 6.90
C SER B 474 95.71 -21.54 8.15
N PRO B 475 96.29 -22.02 9.26
CA PRO B 475 95.51 -22.13 10.50
C PRO B 475 94.94 -20.79 10.97
N GLU B 476 95.52 -19.68 10.54
CA GLU B 476 95.04 -18.35 10.88
C GLU B 476 94.80 -17.58 9.59
N GLY B 477 93.59 -17.07 9.42
CA GLY B 477 93.26 -16.29 8.25
C GLY B 477 91.99 -15.50 8.46
N ARG B 478 91.93 -14.33 7.84
CA ARG B 478 90.74 -13.49 7.93
C ARG B 478 89.61 -13.94 7.03
N ILE B 479 89.89 -14.81 6.06
CA ILE B 479 88.87 -15.37 5.19
C ILE B 479 88.50 -16.76 5.70
N ILE B 480 87.20 -17.07 5.67
CA ILE B 480 86.73 -18.44 5.87
C ILE B 480 85.93 -18.80 4.62
N ASP B 481 86.50 -19.69 3.80
CA ASP B 481 85.98 -19.98 2.47
C ASP B 481 86.05 -21.45 2.09
N SER B 482 86.61 -22.30 2.95
CA SER B 482 86.98 -23.65 2.55
C SER B 482 85.93 -24.70 2.88
N GLN B 483 84.71 -24.31 3.22
CA GLN B 483 83.60 -25.26 3.33
C GLN B 483 82.55 -24.89 2.29
N LEU B 484 82.13 -25.90 1.53
CA LEU B 484 81.17 -25.73 0.45
C LEU B 484 79.77 -25.82 1.06
N SER B 485 79.34 -24.75 1.70
CA SER B 485 78.01 -24.69 2.33
C SER B 485 77.60 -23.24 2.52
N GLU B 486 76.54 -22.82 1.83
CA GLU B 486 75.99 -21.49 2.07
C GLU B 486 75.42 -21.37 3.47
N HIS B 487 74.83 -22.44 3.99
CA HIS B 487 74.30 -22.41 5.35
C HIS B 487 75.39 -22.07 6.35
N GLN B 488 76.59 -22.64 6.18
CA GLN B 488 77.69 -22.36 7.10
C GLN B 488 78.15 -20.91 6.98
N ALA B 489 78.44 -20.46 5.75
CA ALA B 489 78.91 -19.11 5.53
C ALA B 489 77.94 -18.08 6.09
N GLU B 490 76.65 -18.27 5.81
CA GLU B 490 75.62 -17.35 6.30
C GLU B 490 75.48 -17.44 7.82
N GLY B 491 75.45 -18.66 8.36
CA GLY B 491 75.32 -18.82 9.80
C GLY B 491 76.48 -18.24 10.57
N TRP B 492 77.70 -18.47 10.09
CA TRP B 492 78.89 -17.88 10.72
C TRP B 492 78.79 -16.36 10.71
N LEU B 493 78.45 -15.77 9.57
CA LEU B 493 78.37 -14.32 9.46
C LEU B 493 77.31 -13.77 10.41
N GLU B 494 76.15 -14.44 10.49
CA GLU B 494 75.08 -13.98 11.37
C GLU B 494 75.55 -13.97 12.83
N GLY B 495 76.18 -15.05 13.27
CA GLY B 495 76.72 -15.06 14.63
C GLY B 495 77.79 -14.02 14.83
N TYR B 496 78.69 -13.86 13.85
CA TYR B 496 79.72 -12.83 13.92
C TYR B 496 79.11 -11.45 14.01
N THR B 497 78.01 -11.23 13.29
CA THR B 497 77.37 -9.93 13.24
C THR B 497 76.62 -9.62 14.52
N LEU B 498 75.80 -10.56 15.00
CA LEU B 498 75.01 -10.28 16.20
C LEU B 498 75.89 -10.07 17.42
N THR B 499 77.14 -10.56 17.40
CA THR B 499 78.03 -10.40 18.53
C THR B 499 78.95 -9.20 18.39
N GLY B 500 78.61 -8.25 17.52
CA GLY B 500 79.25 -6.96 17.49
C GLY B 500 80.22 -6.72 16.35
N ARG B 501 80.59 -7.74 15.60
CA ARG B 501 81.58 -7.59 14.54
C ARG B 501 80.88 -7.41 13.19
N THR B 502 81.69 -7.13 12.16
CA THR B 502 81.20 -6.89 10.81
C THR B 502 81.97 -7.76 9.82
N GLY B 503 81.26 -8.22 8.81
CA GLY B 503 81.87 -9.03 7.77
C GLY B 503 81.07 -8.94 6.50
N ALA B 504 81.37 -9.86 5.59
CA ALA B 504 80.66 -9.94 4.32
C ALA B 504 80.66 -11.40 3.87
N PHE B 505 79.57 -11.80 3.23
CA PHE B 505 79.39 -13.15 2.69
C PHE B 505 79.09 -12.99 1.21
N ALA B 506 80.01 -13.44 0.37
CA ALA B 506 79.85 -13.38 -1.07
C ALA B 506 79.51 -14.76 -1.62
N SER B 507 78.59 -14.81 -2.58
CA SER B 507 78.15 -16.07 -3.13
C SER B 507 77.66 -15.86 -4.55
N TYR B 508 77.73 -16.92 -5.36
CA TYR B 508 77.01 -16.95 -6.62
C TYR B 508 75.55 -16.57 -6.38
N GLU B 509 75.02 -15.71 -7.25
CA GLU B 509 73.70 -15.13 -7.03
C GLU B 509 72.64 -16.19 -6.83
N SER B 510 72.50 -17.11 -7.79
CA SER B 510 71.42 -18.09 -7.74
C SER B 510 71.55 -19.02 -6.53
N PHE B 511 72.77 -19.33 -6.11
CA PHE B 511 72.98 -20.22 -4.98
C PHE B 511 72.90 -19.51 -3.63
N LEU B 512 72.93 -18.18 -3.62
CA LEU B 512 72.65 -17.50 -2.36
C LEU B 512 71.22 -17.77 -1.91
N ARG B 513 70.34 -18.12 -2.84
CA ARG B 513 68.95 -18.41 -2.46
C ARG B 513 68.81 -19.70 -1.68
N VAL B 514 69.87 -20.52 -1.62
CA VAL B 514 69.88 -21.65 -0.70
C VAL B 514 69.55 -21.20 0.72
N VAL B 515 69.94 -19.97 1.08
CA VAL B 515 69.76 -19.45 2.43
C VAL B 515 68.72 -18.32 2.43
N ASP B 516 67.81 -18.37 1.46
CA ASP B 516 66.65 -17.46 1.46
C ASP B 516 66.02 -17.38 2.84
N SER B 517 65.75 -18.54 3.45
CA SER B 517 65.02 -18.58 4.71
C SER B 517 65.88 -18.11 5.88
N MET B 518 67.19 -18.31 5.80
CA MET B 518 68.07 -17.81 6.86
C MET B 518 68.03 -16.28 6.91
N LEU B 519 68.11 -15.63 5.74
CA LEU B 519 68.04 -14.17 5.71
C LEU B 519 66.70 -13.69 6.25
N THR B 520 65.63 -14.41 5.94
CA THR B 520 64.32 -14.12 6.53
C THR B 520 64.41 -14.10 8.05
N GLN B 521 65.04 -15.14 8.63
CA GLN B 521 65.09 -15.25 10.08
C GLN B 521 65.95 -14.17 10.71
N HIS B 522 67.06 -13.79 10.06
CA HIS B 522 67.89 -12.72 10.59
C HIS B 522 67.18 -11.38 10.53
N PHE B 523 66.46 -11.12 9.42
CA PHE B 523 65.65 -9.91 9.34
C PHE B 523 64.62 -9.87 10.46
N LYS B 524 63.86 -10.96 10.65
CA LYS B 524 62.85 -10.97 11.71
C LYS B 524 63.50 -10.68 13.06
N TRP B 525 64.71 -11.19 13.29
CA TRP B 525 65.37 -10.97 14.57
C TRP B 525 65.70 -9.50 14.78
N ILE B 526 66.41 -8.88 13.84
CA ILE B 526 66.84 -7.50 14.03
C ILE B 526 65.64 -6.56 14.07
N ARG B 527 64.56 -6.90 13.35
CA ARG B 527 63.35 -6.10 13.42
C ARG B 527 62.72 -6.19 14.79
N GLN B 528 62.61 -7.41 15.32
CA GLN B 528 62.02 -7.57 16.65
C GLN B 528 62.94 -7.02 17.73
N ALA B 529 64.26 -7.13 17.55
CA ALA B 529 65.17 -6.55 18.51
C ALA B 529 65.00 -5.04 18.59
N ALA B 530 64.68 -4.40 17.46
CA ALA B 530 64.48 -2.96 17.43
C ALA B 530 63.29 -2.52 18.28
N ASP B 531 62.32 -3.41 18.52
CA ASP B 531 61.17 -3.09 19.35
C ASP B 531 61.47 -3.16 20.84
N GLN B 532 62.66 -3.62 21.22
CA GLN B 532 63.05 -3.73 22.64
C GLN B 532 63.95 -2.56 22.99
N LYS B 533 63.44 -1.64 23.82
CA LYS B 533 64.21 -0.45 24.18
C LYS B 533 65.40 -0.77 25.06
N TRP B 534 65.43 -1.95 25.68
CA TRP B 534 66.58 -2.34 26.49
C TRP B 534 67.69 -2.98 25.67
N ARG B 535 67.48 -3.17 24.36
CA ARG B 535 68.46 -3.84 23.51
C ARG B 535 69.28 -2.82 22.73
N HIS B 536 70.58 -3.07 22.68
CA HIS B 536 71.52 -2.32 21.87
C HIS B 536 71.37 -2.64 20.39
N ASP B 537 71.92 -1.75 19.56
CA ASP B 537 71.94 -1.89 18.12
C ASP B 537 72.80 -3.08 17.71
N TYR B 538 72.71 -3.43 16.43
CA TYR B 538 73.57 -4.44 15.85
C TYR B 538 74.35 -3.85 14.68
N PRO B 539 75.49 -4.41 14.33
CA PRO B 539 76.06 -4.15 13.00
C PRO B 539 75.15 -4.72 11.93
N SER B 540 75.38 -4.28 10.69
CA SER B 540 74.61 -4.78 9.58
C SER B 540 75.21 -6.08 9.04
N LEU B 541 74.34 -6.91 8.47
CA LEU B 541 74.73 -8.15 7.82
C LEU B 541 74.92 -7.89 6.33
N ASN B 542 76.14 -8.11 5.83
CA ASN B 542 76.47 -7.77 4.44
C ASN B 542 76.59 -9.05 3.62
N VAL B 543 75.74 -9.18 2.59
CA VAL B 543 75.77 -10.32 1.67
C VAL B 543 75.87 -9.80 0.26
N ILE B 544 76.75 -10.43 -0.53
CA ILE B 544 77.03 -10.02 -1.90
C ILE B 544 76.55 -11.12 -2.84
N SER B 545 75.74 -10.74 -3.82
CA SER B 545 75.34 -11.63 -4.90
C SER B 545 76.19 -11.29 -6.12
N THR B 546 77.09 -12.20 -6.49
CA THR B 546 77.94 -12.04 -7.66
C THR B 546 77.71 -13.19 -8.62
N SER B 547 78.54 -13.25 -9.65
CA SER B 547 78.36 -14.19 -10.75
C SER B 547 76.88 -14.22 -11.13
N THR B 548 76.38 -13.04 -11.49
CA THR B 548 74.94 -12.86 -11.54
C THR B 548 74.39 -13.53 -12.80
N VAL B 549 73.09 -13.38 -13.05
CA VAL B 549 72.43 -14.12 -14.13
C VAL B 549 73.05 -13.79 -15.48
N PHE B 550 73.46 -12.55 -15.68
CA PHE B 550 74.01 -12.10 -16.94
C PHE B 550 75.53 -12.24 -16.98
N GLN B 551 76.08 -13.12 -16.15
CA GLN B 551 77.52 -13.32 -16.06
C GLN B 551 77.87 -14.79 -15.86
N GLN B 552 77.11 -15.68 -16.51
CA GLN B 552 77.38 -17.12 -16.42
C GLN B 552 78.04 -17.56 -17.72
N ASP B 553 79.32 -17.92 -17.62
CA ASP B 553 80.09 -18.39 -18.77
C ASP B 553 80.19 -19.91 -18.74
N HIS B 554 80.81 -20.46 -17.70
CA HIS B 554 81.06 -21.87 -17.59
C HIS B 554 79.87 -22.61 -17.01
N ASN B 555 78.86 -21.87 -16.57
CA ASN B 555 77.63 -22.43 -16.03
C ASN B 555 76.46 -21.91 -16.86
N GLY B 556 75.33 -22.61 -16.76
CA GLY B 556 74.16 -22.29 -17.54
C GLY B 556 72.91 -21.93 -16.77
N TYR B 557 71.80 -22.52 -17.22
CA TYR B 557 70.47 -22.08 -16.82
C TYR B 557 70.23 -22.27 -15.33
N THR B 558 70.81 -23.31 -14.72
CA THR B 558 70.56 -23.58 -13.31
C THR B 558 71.24 -22.57 -12.40
N HIS B 559 72.10 -21.72 -12.95
CA HIS B 559 72.77 -20.68 -12.19
C HIS B 559 72.16 -19.32 -12.46
N GLN B 560 70.88 -19.29 -12.82
CA GLN B 560 70.21 -18.05 -13.19
C GLN B 560 68.96 -17.89 -12.33
N ASP B 561 69.03 -17.03 -11.32
CA ASP B 561 67.88 -16.71 -10.48
C ASP B 561 68.16 -15.43 -9.71
N PRO B 562 67.72 -14.26 -10.21
CA PRO B 562 67.93 -13.02 -9.46
C PRO B 562 66.77 -12.68 -8.53
N GLY B 563 66.03 -13.70 -8.10
CA GLY B 563 64.82 -13.48 -7.31
C GLY B 563 65.06 -13.00 -5.89
N MET B 564 66.31 -12.98 -5.43
CA MET B 564 66.60 -12.47 -4.09
C MET B 564 66.15 -11.03 -3.93
N LEU B 565 66.23 -10.23 -4.98
CA LEU B 565 65.80 -8.85 -4.89
C LEU B 565 64.34 -8.77 -4.46
N THR B 566 63.48 -9.61 -5.05
CA THR B 566 62.08 -9.61 -4.69
C THR B 566 61.84 -10.17 -3.30
N HIS B 567 62.56 -11.24 -2.95
CA HIS B 567 62.39 -11.87 -1.64
C HIS B 567 62.59 -10.86 -0.52
N LEU B 568 63.69 -10.10 -0.57
CA LEU B 568 64.02 -9.18 0.52
C LEU B 568 63.19 -7.89 0.44
N ALA B 569 62.74 -7.51 -0.75
CA ALA B 569 61.91 -6.32 -0.89
C ALA B 569 60.55 -6.47 -0.21
N GLU B 570 60.12 -7.71 0.04
CA GLU B 570 58.83 -7.95 0.69
C GLU B 570 58.90 -7.85 2.20
N LYS B 571 60.09 -7.82 2.78
CA LYS B 571 60.22 -7.63 4.21
C LYS B 571 60.12 -6.14 4.55
N LYS B 572 60.10 -5.83 5.85
CA LYS B 572 60.04 -4.44 6.29
C LYS B 572 61.28 -3.69 5.83
N SER B 573 61.10 -2.73 4.91
CA SER B 573 62.23 -2.12 4.23
C SER B 573 63.09 -1.28 5.14
N ASP B 574 62.64 -0.97 6.36
CA ASP B 574 63.46 -0.23 7.32
C ASP B 574 64.66 -1.03 7.81
N PHE B 575 64.70 -2.34 7.54
CA PHE B 575 65.81 -3.18 7.93
C PHE B 575 66.50 -3.82 6.73
N ILE B 576 66.15 -3.39 5.51
CA ILE B 576 66.68 -3.96 4.28
C ILE B 576 67.26 -2.85 3.44
N ARG B 577 68.48 -3.06 2.94
CA ARG B 577 69.13 -2.15 2.01
C ARG B 577 69.68 -2.97 0.84
N GLN B 578 69.10 -2.79 -0.33
CA GLN B 578 69.52 -3.48 -1.54
C GLN B 578 70.13 -2.48 -2.50
N TYR B 579 71.35 -2.76 -2.94
CA TYR B 579 72.09 -1.86 -3.81
C TYR B 579 72.51 -2.60 -5.07
N LEU B 580 72.30 -1.96 -6.22
CA LEU B 580 72.68 -2.52 -7.52
C LEU B 580 73.63 -1.54 -8.21
N PRO B 581 74.85 -1.40 -7.69
CA PRO B 581 75.82 -0.51 -8.33
C PRO B 581 76.13 -0.91 -9.76
N ALA B 582 76.28 0.09 -10.62
CA ALA B 582 76.49 -0.17 -12.04
C ALA B 582 77.96 -0.26 -12.42
N ASP B 583 78.87 0.17 -11.54
CA ASP B 583 80.30 0.11 -11.84
C ASP B 583 81.08 0.05 -10.53
N GLY B 584 82.41 0.05 -10.64
CA GLY B 584 83.26 -0.17 -9.48
C GLY B 584 83.24 0.97 -8.48
N ASN B 585 83.32 2.20 -8.97
CA ASN B 585 83.32 3.35 -8.07
C ASN B 585 82.03 3.41 -7.24
N THR B 586 80.88 3.11 -7.87
CA THR B 586 79.64 3.05 -7.11
C THR B 586 79.69 1.93 -6.08
N LEU B 587 80.19 0.75 -6.48
CA LEU B 587 80.31 -0.36 -5.54
C LEU B 587 81.18 0.02 -4.34
N LEU B 588 82.29 0.71 -4.58
CA LEU B 588 83.13 1.18 -3.46
C LEU B 588 82.35 2.11 -2.54
N ALA B 589 81.61 3.06 -3.12
CA ALA B 589 80.87 4.02 -2.31
C ALA B 589 79.73 3.35 -1.56
N VAL B 590 79.13 2.32 -2.15
CA VAL B 590 78.02 1.62 -1.49
C VAL B 590 78.49 0.95 -0.21
N PHE B 591 79.67 0.33 -0.25
CA PHE B 591 80.14 -0.38 0.93
C PHE B 591 80.67 0.57 1.99
N ASP B 592 81.18 1.73 1.60
CA ASP B 592 81.47 2.76 2.58
C ASP B 592 80.24 3.10 3.40
N ARG B 593 79.07 3.15 2.74
CA ARG B 593 77.81 3.39 3.44
C ARG B 593 77.33 2.14 4.17
N ALA B 594 77.40 0.97 3.50
CA ALA B 594 76.88 -0.25 4.12
C ALA B 594 77.59 -0.55 5.44
N PHE B 595 78.91 -0.39 5.49
CA PHE B 595 79.68 -0.69 6.69
C PHE B 595 79.41 0.29 7.83
N GLN B 596 78.70 1.39 7.57
CA GLN B 596 78.36 2.36 8.60
C GLN B 596 76.91 2.26 9.05
N ASP B 597 76.09 1.45 8.38
CA ASP B 597 74.68 1.27 8.73
C ASP B 597 74.54 0.29 9.91
N ARG B 598 73.42 0.41 10.62
CA ARG B 598 73.14 -0.41 11.79
C ARG B 598 71.82 -1.15 11.62
N SER B 599 71.79 -2.40 12.09
CA SER B 599 70.57 -3.22 12.11
C SER B 599 69.91 -3.28 10.74
N LYS B 600 70.71 -3.61 9.73
CA LYS B 600 70.21 -3.81 8.39
C LYS B 600 70.67 -5.16 7.86
N ILE B 601 70.00 -5.59 6.81
CA ILE B 601 70.57 -6.53 5.86
C ILE B 601 70.96 -5.71 4.64
N ASN B 602 72.24 -5.69 4.32
CA ASN B 602 72.76 -5.03 3.14
C ASN B 602 72.99 -6.10 2.08
N HIS B 603 72.17 -6.08 1.03
CA HIS B 603 72.31 -6.99 -0.10
C HIS B 603 72.83 -6.19 -1.29
N ILE B 604 74.02 -6.53 -1.75
CA ILE B 604 74.68 -5.82 -2.84
C ILE B 604 74.80 -6.78 -4.03
N VAL B 605 74.24 -6.38 -5.16
CA VAL B 605 74.41 -7.09 -6.42
C VAL B 605 75.58 -6.45 -7.16
N ALA B 606 76.60 -7.23 -7.45
CA ALA B 606 77.86 -6.71 -7.98
C ALA B 606 78.36 -7.53 -9.15
N SER B 607 79.09 -6.88 -10.05
CA SER B 607 79.68 -7.50 -11.22
C SER B 607 81.11 -7.92 -10.92
N LYS B 608 81.53 -9.04 -11.53
CA LYS B 608 82.92 -9.49 -11.42
C LYS B 608 83.65 -9.57 -12.75
N GLN B 609 82.96 -9.55 -13.86
CA GLN B 609 83.58 -9.60 -15.18
C GLN B 609 83.85 -8.20 -15.71
N PRO B 610 84.82 -8.06 -16.62
CA PRO B 610 85.20 -6.72 -17.11
C PRO B 610 84.06 -6.05 -17.86
N ARG B 611 83.74 -4.83 -17.43
CA ARG B 611 82.64 -4.05 -17.98
C ARG B 611 83.04 -2.59 -18.05
N GLN B 612 82.35 -1.83 -18.91
CA GLN B 612 82.59 -0.40 -19.03
C GLN B 612 82.38 0.29 -17.68
N GLN B 613 83.26 1.25 -17.38
CA GLN B 613 83.13 2.07 -16.18
C GLN B 613 82.56 3.43 -16.56
N TRP B 614 81.73 3.99 -15.67
CA TRP B 614 80.83 5.09 -16.03
C TRP B 614 81.00 6.33 -15.17
N PHE B 615 81.07 6.19 -13.85
CA PHE B 615 80.87 7.32 -12.95
C PHE B 615 82.15 7.74 -12.26
N THR B 616 82.35 9.06 -12.17
CA THR B 616 83.41 9.63 -11.36
C THR B 616 83.16 9.31 -9.88
N LYS B 617 84.20 9.52 -9.07
CA LYS B 617 84.05 9.27 -7.64
C LYS B 617 83.14 10.31 -6.99
N GLU B 618 82.91 11.44 -7.65
CA GLU B 618 81.91 12.40 -7.18
C GLU B 618 80.51 11.88 -7.46
N GLU B 619 80.27 11.41 -8.68
CA GLU B 619 78.98 10.81 -9.02
C GLU B 619 78.73 9.56 -8.19
N ALA B 620 79.77 8.75 -7.97
CA ALA B 620 79.62 7.53 -7.18
C ALA B 620 79.16 7.84 -5.76
N GLU B 621 79.75 8.85 -5.12
CA GLU B 621 79.32 9.23 -3.78
C GLU B 621 77.86 9.62 -3.79
N LYS B 622 77.44 10.42 -4.75
CA LYS B 622 76.06 10.87 -4.81
C LYS B 622 75.13 9.70 -5.05
N LEU B 623 75.52 8.76 -5.92
CA LEU B 623 74.66 7.62 -6.18
C LEU B 623 74.51 6.73 -4.94
N ALA B 624 75.58 6.59 -4.15
CA ALA B 624 75.51 5.76 -2.95
C ALA B 624 74.78 6.47 -1.81
N THR B 625 74.90 7.80 -1.72
CA THR B 625 74.22 8.55 -0.67
C THR B 625 72.73 8.73 -0.95
N ASP B 626 72.39 9.26 -2.12
CA ASP B 626 70.98 9.44 -2.46
C ASP B 626 70.34 8.17 -2.98
N GLY B 627 71.14 7.23 -3.48
CA GLY B 627 70.62 5.98 -4.02
C GLY B 627 70.03 6.09 -5.40
N ILE B 628 69.98 7.29 -5.97
CA ILE B 628 69.37 7.53 -7.27
C ILE B 628 69.81 8.91 -7.71
N ALA B 629 69.93 9.11 -9.03
CA ALA B 629 70.37 10.41 -9.51
C ALA B 629 70.12 10.51 -11.02
N THR B 630 69.73 11.69 -11.46
CA THR B 630 69.70 12.01 -12.89
C THR B 630 71.11 12.33 -13.36
N ILE B 631 71.52 11.71 -14.47
CA ILE B 631 72.87 11.86 -15.00
C ILE B 631 72.81 12.86 -16.15
N ASP B 632 73.43 14.02 -15.96
CA ASP B 632 73.27 15.11 -16.93
C ASP B 632 73.86 14.74 -18.29
N TRP B 633 75.04 14.13 -18.32
CA TRP B 633 75.68 13.82 -19.60
C TRP B 633 74.98 12.70 -20.35
N ALA B 634 74.04 12.00 -19.73
CA ALA B 634 73.20 11.02 -20.41
C ALA B 634 71.77 11.53 -20.56
N SER B 635 71.56 12.83 -20.35
CA SER B 635 70.22 13.44 -20.37
C SER B 635 70.23 14.65 -21.28
N THR B 636 69.12 14.84 -22.00
CA THR B 636 68.89 16.05 -22.77
C THR B 636 67.97 17.04 -22.06
N ALA B 637 67.44 16.67 -20.88
CA ALA B 637 66.56 17.53 -20.09
C ALA B 637 66.92 17.42 -18.61
N LYS B 638 66.46 18.39 -17.82
CA LYS B 638 66.82 18.50 -16.40
C LYS B 638 65.75 17.86 -15.50
N ASP B 639 66.03 17.87 -14.18
CA ASP B 639 65.12 17.35 -13.18
C ASP B 639 63.85 18.19 -13.07
N GLY B 640 62.70 17.52 -12.98
CA GLY B 640 61.45 18.23 -12.80
C GLY B 640 61.02 19.00 -14.03
N GLU B 641 61.69 18.77 -15.15
CA GLU B 641 61.45 19.43 -16.42
C GLU B 641 60.69 18.50 -17.35
N ALA B 642 59.97 19.08 -18.29
CA ALA B 642 59.18 18.28 -19.23
C ALA B 642 60.09 17.42 -20.09
N VAL B 643 59.65 16.18 -20.32
CA VAL B 643 60.38 15.18 -21.09
C VAL B 643 59.39 14.40 -21.95
N ASP B 644 59.92 13.83 -23.04
CA ASP B 644 59.13 12.95 -23.87
C ASP B 644 59.10 11.54 -23.29
N LEU B 645 60.16 11.14 -22.62
CA LEU B 645 60.24 9.84 -21.96
C LEU B 645 61.40 9.89 -20.98
N VAL B 646 61.50 8.85 -20.16
CA VAL B 646 62.57 8.74 -19.18
C VAL B 646 63.24 7.38 -19.33
N PHE B 647 64.57 7.38 -19.30
CA PHE B 647 65.36 6.16 -19.25
C PHE B 647 65.86 5.95 -17.83
N ALA B 648 65.82 4.72 -17.36
CA ALA B 648 66.30 4.39 -16.03
C ALA B 648 66.80 2.95 -16.01
N SER B 649 67.70 2.66 -15.09
CA SER B 649 68.25 1.32 -15.00
C SER B 649 68.82 1.09 -13.62
N ALA B 650 68.88 -0.19 -13.25
CA ALA B 650 69.50 -0.62 -12.00
C ALA B 650 70.31 -1.88 -12.29
N GLY B 651 71.62 -1.81 -12.10
CA GLY B 651 72.52 -2.91 -12.39
C GLY B 651 73.54 -2.55 -13.46
N ALA B 652 74.58 -3.38 -13.53
CA ALA B 652 75.68 -3.15 -14.47
C ALA B 652 75.23 -3.40 -15.91
N GLU B 653 74.88 -4.64 -16.24
CA GLU B 653 74.42 -4.93 -17.59
C GLU B 653 73.19 -4.11 -17.98
N PRO B 654 72.15 -4.00 -17.16
CA PRO B 654 71.00 -3.16 -17.55
C PRO B 654 71.38 -1.72 -17.83
N THR B 655 72.29 -1.16 -17.03
CA THR B 655 72.72 0.22 -17.26
C THR B 655 73.46 0.34 -18.59
N ILE B 656 74.29 -0.65 -18.92
CA ILE B 656 75.04 -0.62 -20.18
C ILE B 656 74.07 -0.57 -21.36
N GLU B 657 73.04 -1.43 -21.34
CA GLU B 657 72.14 -1.52 -22.49
C GLU B 657 71.18 -0.33 -22.55
N THR B 658 70.73 0.16 -21.40
CA THR B 658 69.85 1.31 -21.39
C THR B 658 70.60 2.56 -21.87
N LEU B 659 71.84 2.74 -21.42
CA LEU B 659 72.65 3.85 -21.91
C LEU B 659 72.90 3.76 -23.40
N ALA B 660 73.21 2.56 -23.89
CA ALA B 660 73.40 2.39 -25.34
C ALA B 660 72.10 2.59 -26.10
N ALA B 661 70.97 2.23 -25.49
CA ALA B 661 69.69 2.40 -26.16
C ALA B 661 69.35 3.88 -26.35
N LEU B 662 69.46 4.67 -25.28
CA LEU B 662 69.16 6.09 -25.39
C LEU B 662 70.15 6.80 -26.29
N HIS B 663 71.39 6.28 -26.37
CA HIS B 663 72.38 6.83 -27.28
C HIS B 663 71.96 6.63 -28.73
N LEU B 664 71.39 5.45 -29.04
CA LEU B 664 70.94 5.17 -30.39
C LEU B 664 69.79 6.09 -30.79
N VAL B 665 68.86 6.36 -29.87
CA VAL B 665 67.75 7.25 -30.19
C VAL B 665 68.24 8.67 -30.43
N ASN B 666 69.03 9.20 -29.49
CA ASN B 666 69.52 10.57 -29.61
C ASN B 666 70.43 10.70 -30.83
N GLU B 667 71.10 9.60 -31.22
CA GLU B 667 72.01 9.65 -32.36
C GLU B 667 71.27 10.03 -33.63
N VAL B 668 70.04 9.55 -33.81
CA VAL B 668 69.24 9.87 -34.97
C VAL B 668 68.20 10.96 -34.72
N PHE B 669 67.79 11.18 -33.46
CA PHE B 669 66.71 12.11 -33.16
C PHE B 669 67.08 12.88 -31.90
N PRO B 670 68.06 13.79 -32.01
CA PRO B 670 68.46 14.58 -30.83
C PRO B 670 67.37 15.49 -30.32
N GLN B 671 66.29 15.67 -31.09
CA GLN B 671 65.18 16.48 -30.61
CA GLN B 671 65.18 16.47 -30.60
C GLN B 671 64.49 15.81 -29.41
N ALA B 672 64.49 14.48 -29.36
CA ALA B 672 63.86 13.78 -28.24
C ALA B 672 64.43 14.27 -26.93
N LYS B 673 63.56 14.75 -26.05
CA LYS B 673 63.96 15.24 -24.74
C LYS B 673 63.73 14.16 -23.70
N PHE B 674 64.79 13.81 -22.98
CA PHE B 674 64.69 12.78 -21.95
C PHE B 674 65.81 13.00 -20.94
N ARG B 675 65.59 12.48 -19.74
CA ARG B 675 66.66 12.34 -18.76
C ARG B 675 66.92 10.86 -18.51
N TYR B 676 68.16 10.55 -18.12
CA TYR B 676 68.54 9.23 -17.65
C TYR B 676 68.71 9.23 -16.13
N VAL B 677 68.14 8.23 -15.48
CA VAL B 677 68.16 8.10 -14.03
C VAL B 677 68.81 6.76 -13.70
N ASN B 678 69.94 6.81 -13.01
CA ASN B 678 70.60 5.62 -12.51
C ASN B 678 70.06 5.31 -11.12
N VAL B 679 69.60 4.07 -10.94
CA VAL B 679 68.99 3.62 -9.70
C VAL B 679 69.92 2.63 -9.04
N VAL B 680 70.34 2.93 -7.81
CA VAL B 680 71.19 2.05 -7.01
C VAL B 680 70.43 1.46 -5.82
N GLU B 681 69.85 2.32 -4.98
CA GLU B 681 69.09 1.88 -3.81
C GLU B 681 67.64 1.68 -4.23
N LEU B 682 67.32 0.47 -4.71
CA LEU B 682 66.04 0.22 -5.34
C LEU B 682 64.87 0.44 -4.39
N GLY B 683 65.06 0.16 -3.09
CA GLY B 683 63.99 0.27 -2.13
C GLY B 683 63.37 1.65 -2.03
N ARG B 684 64.10 2.69 -2.43
CA ARG B 684 63.57 4.04 -2.34
C ARG B 684 62.35 4.24 -3.24
N LEU B 685 62.22 3.44 -4.29
CA LEU B 685 61.13 3.62 -5.24
C LEU B 685 59.81 3.05 -4.74
N GLN B 686 59.83 2.20 -3.73
CA GLN B 686 58.63 1.58 -3.21
C GLN B 686 57.75 2.59 -2.48
N LYS B 687 56.48 2.23 -2.33
CA LYS B 687 55.49 2.92 -1.52
C LYS B 687 54.50 1.86 -1.00
N LYS B 688 54.96 1.07 -0.06
CA LYS B 688 54.24 -0.10 0.43
C LYS B 688 53.24 0.30 1.51
N LYS B 689 52.20 -0.53 1.66
CA LYS B 689 51.31 -0.40 2.80
C LYS B 689 51.91 -1.09 4.01
N GLY B 690 51.58 -0.59 5.18
CA GLY B 690 52.18 -1.09 6.40
C GLY B 690 53.30 -0.20 6.90
N ALA B 691 53.49 -0.18 8.22
CA ALA B 691 54.50 0.65 8.82
C ALA B 691 55.88 0.01 8.65
N LEU B 692 56.90 0.75 9.09
CA LEU B 692 58.29 0.32 9.03
C LEU B 692 58.78 0.12 7.59
N ASN B 693 58.25 0.90 6.65
CA ASN B 693 58.69 0.87 5.27
C ASN B 693 59.01 2.25 4.71
N GLN B 694 58.88 3.31 5.50
CA GLN B 694 58.84 4.65 4.95
C GLN B 694 60.14 5.44 5.11
N GLU B 695 61.14 4.91 5.83
CA GLU B 695 62.32 5.73 6.14
C GLU B 695 63.02 6.25 4.90
N ARG B 696 63.18 5.43 3.88
CA ARG B 696 63.96 5.81 2.70
C ARG B 696 63.10 5.93 1.46
N GLU B 697 61.79 5.86 1.59
CA GLU B 697 60.93 5.99 0.44
C GLU B 697 60.91 7.44 -0.06
N LEU B 698 60.99 7.59 -1.37
CA LEU B 698 60.92 8.92 -1.95
C LEU B 698 59.54 9.52 -1.73
N SER B 699 59.51 10.82 -1.49
CA SER B 699 58.23 11.51 -1.50
C SER B 699 57.68 11.54 -2.92
N ASP B 700 56.38 11.82 -3.02
CA ASP B 700 55.77 11.94 -4.34
C ASP B 700 56.48 13.01 -5.16
N GLU B 701 56.93 14.10 -4.51
CA GLU B 701 57.64 15.14 -5.22
C GLU B 701 58.98 14.62 -5.74
N GLU B 702 59.70 13.88 -4.90
CA GLU B 702 60.99 13.34 -5.30
C GLU B 702 60.84 12.33 -6.43
N PHE B 703 59.82 11.47 -6.36
CA PHE B 703 59.63 10.48 -7.41
C PHE B 703 59.33 11.15 -8.74
N GLU B 704 58.49 12.19 -8.74
CA GLU B 704 58.17 12.86 -9.99
C GLU B 704 59.38 13.62 -10.53
N LYS B 705 60.25 14.10 -9.63
CA LYS B 705 61.46 14.79 -10.07
C LYS B 705 62.29 13.91 -11.00
N TYR B 706 62.35 12.62 -10.73
CA TYR B 706 63.12 11.69 -11.54
C TYR B 706 62.32 11.15 -12.72
N PHE B 707 61.09 10.68 -12.47
CA PHE B 707 60.33 9.94 -13.46
C PHE B 707 59.19 10.73 -14.08
N GLY B 708 59.00 11.99 -13.71
CA GLY B 708 57.95 12.79 -14.27
C GLY B 708 56.58 12.36 -13.78
N PRO B 709 55.53 12.99 -14.29
CA PRO B 709 54.17 12.66 -13.85
C PRO B 709 53.68 11.35 -14.45
N SER B 710 52.60 10.85 -13.85
CA SER B 710 51.98 9.64 -14.36
C SER B 710 51.66 9.79 -15.83
N GLY B 711 51.94 8.73 -16.61
CA GLY B 711 51.80 8.76 -18.03
C GLY B 711 53.11 8.97 -18.78
N THR B 712 54.13 9.46 -18.09
CA THR B 712 55.44 9.62 -18.71
C THR B 712 56.00 8.24 -19.00
N PRO B 713 56.31 7.90 -20.26
CA PRO B 713 56.95 6.59 -20.51
C PRO B 713 58.27 6.49 -19.79
N VAL B 714 58.54 5.31 -19.22
CA VAL B 714 59.77 5.05 -18.48
C VAL B 714 60.35 3.75 -19.02
N ILE B 715 61.43 3.86 -19.79
CA ILE B 715 62.21 2.71 -20.23
C ILE B 715 63.11 2.30 -19.07
N PHE B 716 62.78 1.18 -18.43
CA PHE B 716 63.41 0.77 -17.18
C PHE B 716 64.14 -0.56 -17.39
N GLY B 717 65.47 -0.52 -17.40
CA GLY B 717 66.27 -1.72 -17.44
C GLY B 717 66.62 -2.21 -16.06
N PHE B 718 66.30 -3.46 -15.75
CA PHE B 718 66.43 -3.96 -14.40
C PHE B 718 67.20 -5.28 -14.39
N HIS B 719 67.94 -5.49 -13.31
CA HIS B 719 68.75 -6.68 -13.16
C HIS B 719 67.89 -7.92 -12.86
N GLY B 720 66.83 -7.75 -12.08
CA GLY B 720 66.05 -8.86 -11.58
C GLY B 720 64.76 -9.07 -12.35
N TYR B 721 63.80 -9.73 -11.69
CA TYR B 721 62.52 -10.01 -12.32
C TYR B 721 61.67 -8.76 -12.45
N GLU B 722 60.78 -8.76 -13.44
CA GLU B 722 60.06 -7.54 -13.77
C GLU B 722 58.95 -7.22 -12.78
N ASP B 723 58.40 -8.22 -12.09
CA ASP B 723 57.25 -7.96 -11.23
C ASP B 723 57.59 -7.00 -10.10
N LEU B 724 58.85 -7.00 -9.64
CA LEU B 724 59.22 -6.07 -8.59
C LEU B 724 59.08 -4.62 -9.06
N ILE B 725 59.49 -4.35 -10.29
CA ILE B 725 59.36 -2.98 -10.81
C ILE B 725 57.91 -2.65 -11.05
N GLU B 726 57.13 -3.62 -11.55
CA GLU B 726 55.71 -3.40 -11.80
C GLU B 726 54.97 -3.10 -10.50
N SER B 727 55.31 -3.79 -9.42
CA SER B 727 54.68 -3.49 -8.13
C SER B 727 55.04 -2.08 -7.66
N ILE B 728 56.30 -1.68 -7.86
CA ILE B 728 56.74 -0.34 -7.46
C ILE B 728 55.92 0.73 -8.19
N PHE B 729 55.78 0.59 -9.50
CA PHE B 729 55.09 1.61 -10.27
C PHE B 729 53.59 1.60 -10.05
N TYR B 730 53.02 0.48 -9.61
CA TYR B 730 51.62 0.50 -9.19
C TYR B 730 51.48 1.21 -7.85
N GLN B 731 52.41 0.95 -6.92
CA GLN B 731 52.40 1.66 -5.65
C GLN B 731 52.49 3.17 -5.84
N ARG B 732 53.20 3.62 -6.88
CA ARG B 732 53.35 5.03 -7.19
C ARG B 732 52.27 5.56 -8.12
N GLY B 733 51.35 4.72 -8.56
CA GLY B 733 50.31 5.18 -9.46
C GLY B 733 50.85 5.84 -10.70
N HIS B 734 51.92 5.29 -11.26
CA HIS B 734 52.60 5.89 -12.40
C HIS B 734 52.37 5.02 -13.63
N ASP B 735 51.52 5.49 -14.52
CA ASP B 735 51.26 4.78 -15.77
C ASP B 735 52.39 5.03 -16.76
N GLY B 736 52.71 4.03 -17.56
CA GLY B 736 53.66 4.18 -18.65
C GLY B 736 54.97 3.42 -18.51
N LEU B 737 55.11 2.55 -17.51
CA LEU B 737 56.35 1.79 -17.34
C LEU B 737 56.55 0.85 -18.51
N ILE B 738 57.76 0.85 -19.05
CA ILE B 738 58.16 -0.11 -20.09
C ILE B 738 59.39 -0.82 -19.53
N VAL B 739 59.15 -1.88 -18.75
CA VAL B 739 60.22 -2.54 -18.00
C VAL B 739 60.94 -3.56 -18.87
N HIS B 740 62.26 -3.67 -18.66
CA HIS B 740 63.12 -4.64 -19.35
C HIS B 740 64.01 -5.30 -18.31
N GLY B 741 63.57 -6.43 -17.77
CA GLY B 741 64.35 -7.17 -16.80
C GLY B 741 64.62 -8.61 -17.21
N TYR B 742 65.07 -9.44 -16.27
CA TYR B 742 65.26 -10.85 -16.56
C TYR B 742 63.90 -11.53 -16.71
N ARG B 743 63.74 -12.33 -17.77
CA ARG B 743 62.46 -12.95 -18.11
C ARG B 743 62.55 -14.47 -18.12
N GLU B 744 63.40 -15.04 -17.27
CA GLU B 744 63.54 -16.49 -17.12
C GLU B 744 63.87 -17.15 -18.46
N ASP B 745 64.78 -16.54 -19.21
CA ASP B 745 65.28 -17.10 -20.46
C ASP B 745 66.79 -16.94 -20.50
N GLY B 746 67.50 -18.01 -20.80
CA GLY B 746 68.95 -17.97 -20.82
C GLY B 746 69.51 -19.38 -20.99
N ASP B 747 70.82 -19.43 -21.18
CA ASP B 747 71.50 -20.71 -21.38
C ASP B 747 73.00 -20.42 -21.45
N ILE B 748 73.79 -21.48 -21.68
CA ILE B 748 75.21 -21.33 -22.02
C ILE B 748 75.27 -20.64 -23.37
N THR B 749 75.79 -19.41 -23.39
CA THR B 749 75.83 -18.62 -24.62
C THR B 749 76.89 -17.53 -24.47
N THR B 750 76.87 -16.57 -25.40
CA THR B 750 77.81 -15.46 -25.41
C THR B 750 77.40 -14.36 -24.44
N THR B 751 78.34 -13.44 -24.23
CA THR B 751 78.16 -12.36 -23.26
C THR B 751 76.88 -11.57 -23.54
N TYR B 752 76.73 -11.05 -24.76
CA TYR B 752 75.63 -10.15 -25.05
C TYR B 752 74.35 -10.88 -25.44
N ASP B 753 74.45 -12.15 -25.81
CA ASP B 753 73.24 -12.92 -26.09
C ASP B 753 72.43 -13.19 -24.82
N MET B 754 73.09 -13.29 -23.67
CA MET B 754 72.36 -13.46 -22.43
C MET B 754 71.40 -12.30 -22.19
N ARG B 755 71.71 -11.13 -22.74
CA ARG B 755 70.85 -9.97 -22.61
C ARG B 755 69.75 -9.96 -23.67
N VAL B 756 70.04 -10.45 -24.87
CA VAL B 756 69.01 -10.51 -25.89
C VAL B 756 67.97 -11.57 -25.52
N TYR B 757 68.38 -12.61 -24.80
CA TYR B 757 67.43 -13.65 -24.43
C TYR B 757 66.21 -13.07 -23.72
N SER B 758 66.42 -12.09 -22.84
CA SER B 758 65.34 -11.44 -22.12
C SER B 758 64.89 -10.15 -22.80
N GLU B 759 65.42 -9.86 -23.99
CA GLU B 759 65.14 -8.60 -24.69
C GLU B 759 65.55 -7.40 -23.85
N LEU B 760 66.55 -7.58 -23.01
CA LEU B 760 67.16 -6.48 -22.25
C LEU B 760 68.13 -5.66 -23.10
N ASP B 761 68.55 -6.17 -24.24
CA ASP B 761 69.61 -5.51 -25.00
C ASP B 761 69.17 -4.11 -25.45
N ARG B 762 70.17 -3.31 -25.82
CA ARG B 762 69.92 -1.94 -26.25
C ARG B 762 68.96 -1.88 -27.43
N PHE B 763 69.03 -2.88 -28.31
CA PHE B 763 68.27 -2.78 -29.56
C PHE B 763 66.78 -2.98 -29.30
N HIS B 764 66.43 -3.94 -28.44
CA HIS B 764 65.03 -4.08 -28.05
C HIS B 764 64.56 -2.86 -27.26
N GLN B 765 65.44 -2.31 -26.42
CA GLN B 765 65.09 -1.11 -25.67
C GLN B 765 64.90 0.09 -26.60
N ALA B 766 65.77 0.24 -27.59
CA ALA B 766 65.65 1.36 -28.52
C ALA B 766 64.37 1.24 -29.33
N ILE B 767 64.00 0.02 -29.72
CA ILE B 767 62.74 -0.19 -30.44
C ILE B 767 61.56 0.29 -29.59
N ASP B 768 61.52 -0.13 -28.33
CA ASP B 768 60.43 0.32 -27.44
C ASP B 768 60.45 1.83 -27.28
N ALA B 769 61.64 2.43 -27.20
CA ALA B 769 61.71 3.88 -27.02
C ALA B 769 61.16 4.60 -28.23
N MET B 770 61.54 4.17 -29.43
CA MET B 770 61.04 4.83 -30.64
C MET B 770 59.55 4.55 -30.81
N GLN B 771 59.10 3.34 -30.49
CA GLN B 771 57.69 3.01 -30.63
C GLN B 771 56.83 3.93 -29.77
N VAL B 772 57.30 4.26 -28.56
CA VAL B 772 56.48 5.09 -27.69
C VAL B 772 56.45 6.53 -28.20
N LEU B 773 57.56 7.01 -28.75
CA LEU B 773 57.58 8.35 -29.33
C LEU B 773 56.62 8.45 -30.51
N TYR B 774 56.58 7.42 -31.35
CA TYR B 774 55.66 7.40 -32.49
C TYR B 774 54.21 7.40 -32.02
N VAL B 775 53.86 6.52 -31.09
CA VAL B 775 52.50 6.53 -30.55
C VAL B 775 52.19 7.89 -29.94
N ASN B 776 53.18 8.53 -29.30
CA ASN B 776 53.01 9.85 -28.70
C ASN B 776 53.17 11.02 -29.69
N ARG B 777 53.27 10.72 -30.98
CA ARG B 777 53.30 11.73 -32.05
C ARG B 777 54.36 12.81 -31.83
N LYS B 778 55.56 12.40 -31.39
CA LYS B 778 56.70 13.31 -31.37
C LYS B 778 57.76 12.98 -32.42
N VAL B 779 57.39 12.17 -33.40
CA VAL B 779 58.29 11.77 -34.46
C VAL B 779 57.44 11.38 -35.67
N ASN B 780 58.08 11.29 -36.83
CA ASN B 780 57.42 10.91 -38.07
C ASN B 780 57.63 9.44 -38.37
N GLN B 781 56.68 8.86 -39.11
CA GLN B 781 56.67 7.42 -39.36
C GLN B 781 57.93 6.97 -40.09
N GLY B 782 58.38 7.74 -41.09
CA GLY B 782 59.52 7.31 -41.88
C GLY B 782 60.78 7.13 -41.04
N LEU B 783 61.02 8.06 -40.12
CA LEU B 783 62.22 8.00 -39.29
C LEU B 783 62.15 6.80 -38.36
N ALA B 784 61.01 6.61 -37.69
CA ALA B 784 60.84 5.51 -36.74
C ALA B 784 61.06 4.14 -37.37
N LYS B 785 60.41 3.88 -38.50
CA LYS B 785 60.52 2.57 -39.12
C LYS B 785 61.93 2.30 -39.65
N ALA B 786 62.58 3.30 -40.24
CA ALA B 786 63.97 3.10 -40.66
C ALA B 786 64.84 2.76 -39.47
N PHE B 787 64.62 3.44 -38.34
CA PHE B 787 65.38 3.14 -37.14
C PHE B 787 65.01 1.74 -36.62
N ILE B 788 63.72 1.49 -36.46
CA ILE B 788 63.25 0.20 -35.94
C ILE B 788 63.69 -0.94 -36.84
N ASP B 789 63.50 -0.80 -38.15
CA ASP B 789 63.94 -1.82 -39.08
C ASP B 789 65.44 -2.05 -38.97
N ARG B 790 66.19 -0.97 -38.74
CA ARG B 790 67.63 -1.10 -38.54
C ARG B 790 67.91 -1.84 -37.24
N MET B 791 67.16 -1.52 -36.18
CA MET B 791 67.33 -2.25 -34.92
C MET B 791 67.03 -3.73 -35.13
N LYS B 792 65.93 -4.03 -35.83
CA LYS B 792 65.57 -5.42 -36.12
C LYS B 792 66.66 -6.10 -36.92
N ARG B 793 67.16 -5.42 -37.96
CA ARG B 793 68.21 -5.98 -38.80
C ARG B 793 69.46 -6.29 -37.99
N THR B 794 69.82 -5.43 -37.04
CA THR B 794 70.99 -5.70 -36.22
C THR B 794 70.77 -6.95 -35.37
N LEU B 795 69.54 -7.14 -34.88
CA LEU B 795 69.20 -8.33 -34.11
C LEU B 795 69.19 -9.57 -35.00
N VAL B 796 68.75 -9.42 -36.25
CA VAL B 796 68.79 -10.51 -37.21
C VAL B 796 70.21 -11.08 -37.32
N LYS B 797 71.20 -10.20 -37.45
CA LYS B 797 72.59 -10.64 -37.52
C LYS B 797 73.10 -11.23 -36.22
N HIS B 798 72.70 -10.66 -35.08
CA HIS B 798 73.18 -11.17 -33.80
C HIS B 798 72.91 -12.66 -33.68
N PHE B 799 71.72 -13.10 -34.08
CA PHE B 799 71.37 -14.50 -33.91
C PHE B 799 72.24 -15.40 -34.78
N GLU B 800 72.71 -14.89 -35.92
CA GLU B 800 73.45 -15.70 -36.87
C GLU B 800 74.92 -15.91 -36.46
N VAL B 801 75.58 -14.85 -35.98
CA VAL B 801 77.02 -14.92 -35.74
C VAL B 801 77.34 -15.78 -34.52
N THR B 802 76.61 -15.59 -33.43
CA THR B 802 76.92 -16.29 -32.20
C THR B 802 76.71 -17.80 -32.34
N ARG B 803 75.64 -18.20 -33.01
CA ARG B 803 75.38 -19.63 -33.21
C ARG B 803 76.32 -20.27 -34.22
N ASN B 804 76.99 -19.49 -35.08
CA ASN B 804 77.91 -20.07 -36.03
C ASN B 804 79.36 -20.08 -35.58
N GLU B 805 79.78 -19.06 -34.82
CA GLU B 805 81.18 -18.88 -34.45
C GLU B 805 81.44 -18.99 -32.96
N GLY B 806 80.44 -18.73 -32.11
CA GLY B 806 80.64 -18.76 -30.69
C GLY B 806 81.20 -17.48 -30.13
N VAL B 807 81.07 -16.38 -30.87
CA VAL B 807 81.51 -15.06 -30.42
C VAL B 807 80.44 -14.06 -30.81
N ASP B 808 80.52 -12.89 -30.19
CA ASP B 808 79.51 -11.84 -30.38
C ASP B 808 79.94 -10.85 -31.45
N ILE B 809 78.95 -10.10 -31.94
CA ILE B 809 79.12 -9.20 -33.07
C ILE B 809 79.79 -7.90 -32.65
N PRO B 810 80.48 -7.20 -33.56
CA PRO B 810 81.11 -5.92 -33.19
C PRO B 810 80.13 -4.83 -32.77
N ASP B 811 78.85 -4.88 -33.17
CA ASP B 811 77.90 -3.87 -32.73
C ASP B 811 77.79 -3.83 -31.22
N PHE B 812 77.99 -4.95 -30.54
CA PHE B 812 78.04 -4.97 -29.09
C PHE B 812 79.45 -4.70 -28.59
N THR B 813 80.42 -5.48 -29.07
CA THR B 813 81.73 -5.53 -28.43
C THR B 813 82.50 -4.23 -28.65
N GLU B 814 82.25 -3.53 -29.75
CA GLU B 814 83.00 -2.32 -30.10
C GLU B 814 82.33 -1.03 -29.64
N TRP B 815 81.17 -1.09 -29.00
CA TRP B 815 80.49 0.15 -28.66
C TRP B 815 81.21 0.83 -27.50
N VAL B 816 81.38 2.13 -27.63
CA VAL B 816 81.95 2.97 -26.59
C VAL B 816 81.08 4.21 -26.44
N TRP B 817 81.06 4.77 -25.24
CA TRP B 817 80.26 5.96 -25.00
C TRP B 817 80.85 7.18 -25.69
N SER B 818 79.99 8.04 -26.21
CA SER B 818 80.38 9.33 -26.76
C SER B 818 79.34 10.36 -26.37
N ASP B 819 79.71 11.63 -26.50
CA ASP B 819 78.81 12.71 -26.11
C ASP B 819 77.48 12.60 -26.86
N LEU B 820 76.40 12.93 -26.15
CA LEU B 820 75.10 13.03 -26.78
C LEU B 820 75.02 14.30 -27.62
N LYS B 821 74.08 14.31 -28.55
CA LYS B 821 73.79 15.50 -29.34
C LYS B 821 72.85 16.43 -28.58
N GLU C 3 29.05 -14.84 -48.48
CA GLU C 3 28.75 -14.16 -49.74
C GLU C 3 28.51 -12.68 -49.51
N TYR C 4 28.35 -12.30 -48.23
CA TYR C 4 28.22 -10.91 -47.85
C TYR C 4 29.27 -10.50 -46.82
N ASN C 5 30.15 -11.41 -46.40
CA ASN C 5 31.20 -11.12 -45.45
C ASN C 5 32.59 -11.37 -46.01
N SER C 6 32.70 -11.84 -47.25
CA SER C 6 34.01 -12.18 -47.81
C SER C 6 34.81 -10.93 -48.17
N GLU C 7 36.12 -11.10 -48.23
CA GLU C 7 36.99 -10.01 -48.64
C GLU C 7 36.66 -9.59 -50.07
N ALA C 8 36.30 -10.55 -50.92
CA ALA C 8 35.91 -10.23 -52.28
C ALA C 8 34.67 -9.33 -52.31
N TYR C 9 33.68 -9.64 -51.47
CA TYR C 9 32.45 -8.85 -51.45
C TYR C 9 32.70 -7.46 -50.89
N LEU C 10 33.47 -7.34 -49.81
CA LEU C 10 33.72 -6.04 -49.21
C LEU C 10 34.55 -5.16 -50.12
N LYS C 11 35.43 -5.74 -50.94
CA LYS C 11 36.15 -4.95 -51.93
C LYS C 11 35.19 -4.43 -53.00
N LYS C 12 34.16 -5.21 -53.33
CA LYS C 12 33.11 -4.73 -54.22
C LYS C 12 32.31 -3.62 -53.58
N LEU C 13 31.98 -3.75 -52.29
CA LEU C 13 31.30 -2.67 -51.58
C LEU C 13 32.14 -1.41 -51.54
N ASP C 14 33.45 -1.54 -51.30
CA ASP C 14 34.32 -0.38 -51.22
C ASP C 14 34.35 0.37 -52.55
N LYS C 15 34.38 -0.35 -53.67
CA LYS C 15 34.38 0.30 -54.97
C LYS C 15 33.06 1.04 -55.20
N TRP C 16 31.94 0.38 -54.90
CA TRP C 16 30.64 1.03 -55.02
C TRP C 16 30.59 2.29 -54.18
N TRP C 17 31.17 2.24 -52.98
CA TRP C 17 31.25 3.42 -52.12
C TRP C 17 32.03 4.53 -52.80
N ARG C 18 33.20 4.20 -53.36
CA ARG C 18 34.01 5.21 -54.02
C ARG C 18 33.35 5.70 -55.30
N ALA C 19 32.54 4.86 -55.95
CA ALA C 19 31.79 5.33 -57.11
C ALA C 19 30.77 6.39 -56.70
N ALA C 20 30.06 6.16 -55.60
CA ALA C 20 29.09 7.15 -55.15
C ALA C 20 29.79 8.43 -54.65
N THR C 21 30.89 8.27 -53.92
CA THR C 21 31.58 9.44 -53.37
C THR C 21 32.26 10.25 -54.47
N TYR C 22 32.82 9.57 -55.48
CA TYR C 22 33.46 10.28 -56.59
C TYR C 22 32.48 11.21 -57.28
N LEU C 23 31.28 10.72 -57.57
CA LEU C 23 30.28 11.56 -58.23
C LEU C 23 29.79 12.67 -57.32
N GLY C 24 29.61 12.37 -56.04
CA GLY C 24 29.15 13.38 -55.11
C GLY C 24 30.15 14.51 -54.95
N ALA C 25 31.44 14.18 -55.01
CA ALA C 25 32.45 15.23 -54.92
C ALA C 25 32.56 16.00 -56.23
N GLY C 26 32.50 15.30 -57.36
CA GLY C 26 32.71 15.94 -58.65
C GLY C 26 31.63 16.96 -58.97
N MET C 27 30.37 16.65 -58.65
CA MET C 27 29.29 17.56 -59.00
C MET C 27 29.32 18.85 -58.19
N ILE C 28 30.16 18.94 -57.15
CA ILE C 28 30.34 20.21 -56.46
C ILE C 28 31.00 21.22 -57.38
N PHE C 29 31.99 20.79 -58.15
CA PHE C 29 32.84 21.68 -58.93
C PHE C 29 32.59 21.63 -60.43
N LEU C 30 32.15 20.49 -60.97
CA LEU C 30 32.03 20.29 -62.41
C LEU C 30 30.59 20.37 -62.89
N LYS C 31 30.39 21.02 -64.04
CA LYS C 31 29.14 20.96 -64.79
C LYS C 31 29.28 20.22 -66.11
N GLU C 32 30.46 19.69 -66.41
CA GLU C 32 30.70 18.89 -67.60
C GLU C 32 31.94 18.03 -67.34
N ASN C 33 32.20 17.13 -68.28
CA ASN C 33 33.39 16.30 -68.24
C ASN C 33 33.49 15.55 -66.92
N PRO C 34 32.46 14.80 -66.51
CA PRO C 34 32.47 14.19 -65.18
C PRO C 34 33.46 13.06 -65.04
N LEU C 35 33.79 12.37 -66.14
CA LEU C 35 34.77 11.30 -66.11
C LEU C 35 36.03 11.68 -66.88
N PHE C 36 36.64 12.80 -66.50
CA PHE C 36 37.79 13.32 -67.25
C PHE C 36 38.91 12.31 -67.33
N SER C 37 39.15 11.55 -66.25
CA SER C 37 40.25 10.59 -66.23
C SER C 37 39.96 9.32 -67.00
N VAL C 38 38.69 8.97 -67.19
CA VAL C 38 38.33 7.79 -67.97
C VAL C 38 38.28 8.11 -69.45
N THR C 39 37.76 9.29 -69.80
CA THR C 39 37.62 9.70 -71.18
C THR C 39 38.88 10.37 -71.74
N GLY C 40 39.92 10.53 -70.93
CA GLY C 40 41.15 11.13 -71.42
C GLY C 40 41.00 12.55 -71.93
N THR C 41 40.12 13.34 -71.31
CA THR C 41 39.88 14.73 -71.70
C THR C 41 40.16 15.60 -70.48
N PRO C 42 41.38 16.13 -70.33
CA PRO C 42 41.72 16.88 -69.13
C PRO C 42 40.74 18.03 -68.89
N ILE C 43 40.66 18.44 -67.62
CA ILE C 43 39.69 19.46 -67.22
C ILE C 43 40.05 20.80 -67.84
N LYS C 44 39.04 21.48 -68.35
CA LYS C 44 39.18 22.84 -68.88
C LYS C 44 38.29 23.78 -68.07
N ALA C 45 38.56 25.08 -68.22
CA ALA C 45 37.82 26.06 -67.43
C ALA C 45 36.32 25.97 -67.67
N GLU C 46 35.89 25.74 -68.92
CA GLU C 46 34.45 25.69 -69.20
C GLU C 46 33.76 24.51 -68.53
N ASN C 47 34.51 23.51 -68.08
CA ASN C 47 33.91 22.36 -67.41
C ASN C 47 33.56 22.68 -65.97
N LEU C 48 34.16 23.72 -65.40
CA LEU C 48 34.01 24.04 -63.99
C LEU C 48 32.89 25.05 -63.78
N LYS C 49 32.25 24.96 -62.62
CA LYS C 49 31.24 25.91 -62.24
C LYS C 49 31.89 27.22 -61.77
N ALA C 50 31.21 28.33 -62.06
CA ALA C 50 31.76 29.63 -61.71
C ALA C 50 31.70 29.87 -60.20
N ASN C 51 30.66 29.35 -59.55
CA ASN C 51 30.46 29.54 -58.11
C ASN C 51 30.05 28.19 -57.54
N PRO C 52 31.01 27.30 -57.28
CA PRO C 52 30.65 25.99 -56.73
C PRO C 52 29.87 26.09 -55.44
N ILE C 53 28.81 25.29 -55.35
CA ILE C 53 27.91 25.27 -54.21
C ILE C 53 27.78 23.86 -53.69
N GLY C 54 27.74 23.72 -52.37
CA GLY C 54 27.49 22.43 -51.79
C GLY C 54 28.30 22.15 -50.54
N HIS C 55 28.08 20.97 -49.99
CA HIS C 55 28.76 20.53 -48.79
C HIS C 55 29.49 19.23 -49.10
N TRP C 56 30.68 19.08 -48.54
CA TRP C 56 31.50 17.90 -48.76
C TRP C 56 31.70 17.09 -47.49
N GLY C 57 31.84 17.76 -46.34
CA GLY C 57 32.29 17.09 -45.13
C GLY C 57 31.52 15.83 -44.79
N THR C 58 30.18 15.91 -44.82
CA THR C 58 29.37 14.79 -44.33
C THR C 58 29.19 13.68 -45.37
N VAL C 59 29.53 13.93 -46.63
CA VAL C 59 29.07 13.07 -47.72
C VAL C 59 29.67 11.68 -47.60
N SER C 60 31.01 11.58 -47.63
CA SER C 60 31.64 10.26 -47.73
C SER C 60 31.26 9.36 -46.55
N GLY C 61 31.10 9.95 -45.36
CA GLY C 61 30.68 9.16 -44.22
C GLY C 61 29.28 8.58 -44.41
N GLN C 62 28.38 9.35 -45.04
CA GLN C 62 27.02 8.89 -45.22
C GLN C 62 26.89 7.88 -46.37
N THR C 63 27.65 8.07 -47.46
CA THR C 63 27.64 7.08 -48.53
C THR C 63 28.26 5.77 -48.07
N PHE C 64 29.22 5.83 -47.16
CA PHE C 64 29.72 4.62 -46.51
C PHE C 64 28.57 3.88 -45.82
N LEU C 65 27.76 4.60 -45.03
CA LEU C 65 26.67 3.97 -44.31
C LEU C 65 25.56 3.54 -45.26
N TYR C 66 25.26 4.34 -46.28
CA TYR C 66 24.27 3.95 -47.27
C TYR C 66 24.67 2.66 -47.96
N ALA C 67 25.95 2.54 -48.32
CA ALA C 67 26.43 1.32 -48.96
C ALA C 67 26.22 0.11 -48.06
N HIS C 68 26.56 0.25 -46.78
CA HIS C 68 26.37 -0.86 -45.86
C HIS C 68 24.90 -1.14 -45.60
N ALA C 69 24.05 -0.11 -45.71
CA ALA C 69 22.61 -0.33 -45.62
C ALA C 69 22.13 -1.18 -46.78
N ASN C 70 22.62 -0.91 -47.99
CA ASN C 70 22.28 -1.74 -49.14
C ASN C 70 22.69 -3.19 -48.90
N ARG C 71 23.86 -3.40 -48.30
CA ARG C 71 24.32 -4.75 -47.99
C ARG C 71 23.32 -5.48 -47.10
N LEU C 72 22.88 -4.82 -46.03
CA LEU C 72 21.92 -5.42 -45.11
C LEU C 72 20.62 -5.79 -45.83
N ILE C 73 20.14 -4.90 -46.70
CA ILE C 73 18.88 -5.15 -47.39
C ILE C 73 18.97 -6.45 -48.19
N ASN C 74 20.07 -6.63 -48.92
CA ASN C 74 20.22 -7.81 -49.77
C ASN C 74 20.47 -9.06 -48.94
N LYS C 75 21.30 -8.95 -47.90
CA LYS C 75 21.62 -10.11 -47.09
C LYS C 75 20.42 -10.61 -46.30
N TYR C 76 19.65 -9.70 -45.72
CA TYR C 76 18.55 -10.06 -44.85
C TYR C 76 17.19 -9.91 -45.52
N ASP C 77 17.14 -9.55 -46.79
CA ASP C 77 15.87 -9.32 -47.49
C ASP C 77 14.99 -8.40 -46.65
N GLN C 78 15.58 -7.26 -46.27
CA GLN C 78 14.98 -6.34 -45.30
C GLN C 78 14.33 -5.17 -46.02
N LYS C 79 13.11 -4.82 -45.60
CA LYS C 79 12.48 -3.59 -46.03
C LYS C 79 13.03 -2.45 -45.20
N MET C 80 13.61 -1.44 -45.86
CA MET C 80 14.35 -0.41 -45.14
C MET C 80 14.34 0.89 -45.95
N PHE C 81 14.56 2.00 -45.25
CA PHE C 81 14.66 3.31 -45.89
C PHE C 81 15.68 4.16 -45.15
N TYR C 82 16.25 5.11 -45.88
CA TYR C 82 17.34 5.93 -45.39
C TYR C 82 16.84 7.31 -44.97
N MET C 83 17.36 7.80 -43.85
CA MET C 83 17.01 9.12 -43.33
C MET C 83 18.30 9.83 -42.97
N GLY C 84 18.63 10.87 -43.72
CA GLY C 84 19.87 11.59 -43.52
C GLY C 84 19.70 12.75 -42.57
N GLY C 85 20.13 12.57 -41.32
CA GLY C 85 20.10 13.64 -40.35
C GLY C 85 20.79 14.87 -40.87
N PRO C 86 22.07 14.74 -41.27
CA PRO C 86 22.79 15.85 -41.92
C PRO C 86 22.37 16.01 -43.38
N GLY C 87 21.17 16.58 -43.55
CA GLY C 87 20.54 16.67 -44.85
C GLY C 87 21.27 17.55 -45.83
N HIS C 88 22.17 18.41 -45.35
CA HIS C 88 22.93 19.30 -46.24
C HIS C 88 23.84 18.55 -47.20
N GLY C 89 24.08 17.26 -47.00
CA GLY C 89 24.85 16.47 -47.94
C GLY C 89 23.92 15.74 -48.89
N GLY C 90 23.18 16.49 -49.70
CA GLY C 90 22.16 15.88 -50.53
C GLY C 90 22.69 14.81 -51.47
N GLN C 91 23.91 14.99 -51.98
CA GLN C 91 24.46 14.00 -52.91
C GLN C 91 24.56 12.63 -52.28
N ALA C 92 24.66 12.55 -50.95
CA ALA C 92 24.79 11.26 -50.29
C ALA C 92 23.54 10.40 -50.46
N MET C 93 22.42 10.99 -50.85
CA MET C 93 21.21 10.26 -51.21
C MET C 93 20.92 10.29 -52.71
N VAL C 94 21.37 11.33 -53.41
CA VAL C 94 21.09 11.46 -54.83
C VAL C 94 21.85 10.41 -55.62
N VAL C 95 23.15 10.27 -55.37
CA VAL C 95 24.02 9.46 -56.21
C VAL C 95 23.71 7.98 -56.01
N PRO C 96 23.57 7.48 -54.77
CA PRO C 96 23.15 6.08 -54.62
C PRO C 96 21.89 5.75 -55.39
N SER C 97 20.92 6.67 -55.42
CA SER C 97 19.74 6.48 -56.24
C SER C 97 20.11 6.47 -57.72
N TYR C 98 21.08 7.30 -58.11
CA TYR C 98 21.50 7.34 -59.51
C TYR C 98 22.18 6.04 -59.90
N LEU C 99 22.91 5.42 -58.97
CA LEU C 99 23.67 4.22 -59.30
C LEU C 99 22.79 2.99 -59.44
N ASP C 100 21.63 2.95 -58.78
CA ASP C 100 20.78 1.76 -58.81
C ASP C 100 19.59 1.91 -59.75
N GLY C 101 19.52 2.98 -60.53
CA GLY C 101 18.49 3.12 -61.54
C GLY C 101 17.22 3.79 -61.08
N SER C 102 17.03 3.96 -59.75
CA SER C 102 15.80 4.59 -59.27
C SER C 102 15.74 6.07 -59.68
N TYR C 103 16.88 6.75 -59.74
CA TYR C 103 16.87 8.16 -60.12
C TYR C 103 16.41 8.31 -61.57
N THR C 104 16.90 7.44 -62.45
CA THR C 104 16.48 7.48 -63.85
C THR C 104 14.98 7.18 -63.97
N GLU C 105 14.48 6.29 -63.12
CA GLU C 105 13.05 6.02 -63.12
C GLU C 105 12.26 7.26 -62.73
N ALA C 106 12.81 8.11 -61.88
CA ALA C 106 12.14 9.36 -61.52
C ALA C 106 12.40 10.45 -62.55
N TYR C 107 13.62 10.50 -63.09
CA TYR C 107 14.03 11.50 -64.07
C TYR C 107 14.56 10.78 -65.31
N PRO C 108 13.71 10.46 -66.28
CA PRO C 108 14.19 9.68 -67.43
C PRO C 108 15.33 10.35 -68.19
N GLU C 109 15.39 11.68 -68.22
CA GLU C 109 16.46 12.37 -68.92
C GLU C 109 17.81 12.19 -68.24
N ILE C 110 17.82 11.78 -66.98
CA ILE C 110 19.09 11.56 -66.25
C ILE C 110 19.41 10.09 -66.42
N THR C 111 19.93 9.74 -67.59
CA THR C 111 20.25 8.37 -67.91
C THR C 111 21.57 7.96 -67.24
N GLN C 112 21.75 6.65 -67.12
CA GLN C 112 22.95 6.09 -66.50
C GLN C 112 24.09 5.95 -67.52
N ASP C 113 24.47 7.09 -68.10
CA ASP C 113 25.57 7.14 -69.05
C ASP C 113 26.24 8.52 -68.96
N LEU C 114 27.22 8.75 -69.84
CA LEU C 114 28.03 9.97 -69.75
C LEU C 114 27.17 11.21 -69.91
N GLU C 115 26.20 11.16 -70.83
CA GLU C 115 25.34 12.31 -71.07
C GLU C 115 24.49 12.62 -69.85
N GLY C 116 23.83 11.60 -69.30
CA GLY C 116 23.00 11.80 -68.12
C GLY C 116 23.79 12.20 -66.89
N MET C 117 25.01 11.67 -66.75
CA MET C 117 25.86 12.04 -65.63
C MET C 117 26.21 13.52 -65.69
N SER C 118 26.54 14.00 -66.89
CA SER C 118 26.83 15.42 -67.08
C SER C 118 25.60 16.26 -66.79
N ARG C 119 24.42 15.79 -67.20
CA ARG C 119 23.19 16.51 -66.90
C ARG C 119 22.98 16.61 -65.40
N LEU C 120 23.27 15.53 -64.67
CA LEU C 120 23.09 15.54 -63.22
C LEU C 120 24.10 16.46 -62.55
N PHE C 121 25.36 16.42 -62.99
CA PHE C 121 26.37 17.31 -62.44
C PHE C 121 25.94 18.76 -62.53
N LYS C 122 25.45 19.17 -63.70
CA LYS C 122 25.07 20.56 -63.88
C LYS C 122 23.84 20.93 -63.05
N ARG C 123 22.93 19.96 -62.82
CA ARG C 123 21.73 20.28 -62.05
C ARG C 123 22.04 20.48 -60.57
N PHE C 124 23.09 19.85 -60.05
CA PHE C 124 23.30 19.87 -58.61
C PHE C 124 23.58 21.29 -58.12
N SER C 125 22.72 21.76 -57.20
CA SER C 125 22.89 23.07 -56.56
C SER C 125 23.04 24.17 -57.61
N PHE C 126 22.26 24.05 -58.67
CA PHE C 126 22.33 24.96 -59.80
C PHE C 126 20.98 25.65 -59.99
N PRO C 127 20.95 26.90 -60.43
CA PRO C 127 19.67 27.56 -60.72
C PRO C 127 18.81 26.73 -61.66
N GLY C 128 17.57 26.48 -61.24
CA GLY C 128 16.65 25.66 -62.01
C GLY C 128 16.93 24.18 -61.99
N GLY C 129 17.92 23.75 -61.21
CA GLY C 129 18.24 22.34 -61.07
C GLY C 129 17.65 21.73 -59.81
N ILE C 130 18.51 21.05 -59.04
CA ILE C 130 18.12 20.46 -57.77
C ILE C 130 18.91 21.14 -56.67
N GLY C 131 18.39 21.04 -55.44
CA GLY C 131 18.99 21.70 -54.30
C GLY C 131 20.24 20.99 -53.80
N SER C 132 20.81 21.54 -52.72
CA SER C 132 21.97 20.95 -52.08
C SER C 132 21.60 19.93 -51.00
N HIS C 133 20.37 19.99 -50.48
CA HIS C 133 19.92 19.14 -49.40
C HIS C 133 19.15 17.94 -49.96
N MET C 134 18.69 17.09 -49.04
CA MET C 134 17.93 15.89 -49.40
C MET C 134 16.44 16.28 -49.56
N THR C 135 16.22 17.19 -50.50
CA THR C 135 14.90 17.77 -50.72
C THR C 135 13.94 16.72 -51.26
N ALA C 136 12.68 17.12 -51.42
CA ALA C 136 11.68 16.25 -52.03
C ALA C 136 12.04 15.91 -53.47
N GLN C 137 12.98 16.63 -54.08
CA GLN C 137 13.53 16.26 -55.37
C GLN C 137 14.29 14.95 -55.33
N THR C 138 14.66 14.49 -54.12
CA THR C 138 15.50 13.31 -53.96
C THR C 138 14.64 12.06 -53.84
N PRO C 139 14.76 11.10 -54.76
CA PRO C 139 14.06 9.82 -54.55
C PRO C 139 14.53 9.15 -53.26
N GLY C 140 13.56 8.65 -52.49
CA GLY C 140 13.84 7.95 -51.26
C GLY C 140 13.85 8.80 -50.02
N SER C 141 13.67 10.11 -50.13
CA SER C 141 13.76 11.01 -48.99
C SER C 141 12.37 11.30 -48.44
N LEU C 142 12.25 11.25 -47.12
CA LEU C 142 11.10 11.83 -46.42
C LEU C 142 11.57 12.80 -45.35
N HIS C 143 12.80 13.29 -45.47
CA HIS C 143 13.42 14.10 -44.42
C HIS C 143 14.50 14.94 -45.07
N GLU C 144 14.26 16.25 -45.20
CA GLU C 144 15.22 17.12 -45.88
C GLU C 144 16.42 17.44 -45.01
N GLY C 145 16.23 17.54 -43.69
CA GLY C 145 17.36 17.76 -42.82
C GLY C 145 18.00 19.13 -42.92
N GLY C 146 17.22 20.14 -43.32
CA GLY C 146 17.74 21.49 -43.34
C GLY C 146 17.78 22.08 -41.95
N GLU C 147 16.63 22.11 -41.27
CA GLU C 147 16.55 22.44 -39.85
C GLU C 147 16.80 21.18 -39.03
N LEU C 148 17.97 21.10 -38.41
CA LEU C 148 18.40 19.86 -37.78
C LEU C 148 17.64 19.60 -36.48
N GLY C 149 17.52 18.32 -36.14
CA GLY C 149 17.03 17.89 -34.84
C GLY C 149 15.84 16.95 -34.85
N TYR C 150 15.25 16.62 -36.00
CA TYR C 150 13.98 15.92 -36.06
C TYR C 150 14.07 14.56 -36.74
N VAL C 151 15.27 14.04 -36.98
CA VAL C 151 15.41 12.82 -37.77
C VAL C 151 14.90 11.62 -36.98
N LEU C 152 15.04 11.62 -35.66
CA LEU C 152 14.61 10.44 -34.90
C LEU C 152 13.12 10.46 -34.59
N SER C 153 12.56 11.63 -34.28
CA SER C 153 11.11 11.73 -34.09
C SER C 153 10.39 11.39 -35.38
N HIS C 154 10.92 11.86 -36.51
CA HIS C 154 10.37 11.47 -37.81
C HIS C 154 10.51 9.97 -38.03
N ALA C 155 11.67 9.41 -37.69
CA ALA C 155 11.89 7.98 -37.88
C ALA C 155 10.91 7.16 -37.05
N THR C 156 10.71 7.56 -35.79
CA THR C 156 9.78 6.84 -34.92
C THR C 156 8.37 6.85 -35.50
N GLY C 157 7.87 8.04 -35.84
CA GLY C 157 6.55 8.10 -36.44
C GLY C 157 6.45 7.27 -37.71
N ALA C 158 7.56 7.14 -38.45
CA ALA C 158 7.54 6.39 -39.69
C ALA C 158 7.33 4.90 -39.44
N ILE C 159 7.89 4.37 -38.37
CA ILE C 159 7.84 2.94 -38.09
C ILE C 159 6.69 2.55 -37.15
N LEU C 160 5.97 3.52 -36.60
CA LEU C 160 4.77 3.18 -35.84
C LEU C 160 3.80 2.42 -36.73
N ASP C 161 3.34 1.27 -36.26
CA ASP C 161 2.37 0.45 -36.97
C ASP C 161 2.90 -0.08 -38.30
N GLN C 162 4.22 -0.17 -38.46
CA GLN C 162 4.86 -0.75 -39.64
C GLN C 162 5.86 -1.80 -39.16
N PRO C 163 5.37 -2.96 -38.71
CA PRO C 163 6.26 -3.91 -38.00
C PRO C 163 7.42 -4.45 -38.82
N GLU C 164 7.32 -4.49 -40.15
CA GLU C 164 8.38 -5.05 -40.97
C GLU C 164 9.40 -4.02 -41.46
N GLN C 165 9.22 -2.74 -41.15
CA GLN C 165 10.10 -1.70 -41.66
C GLN C 165 11.16 -1.35 -40.61
N ILE C 166 12.35 -1.01 -41.11
CA ILE C 166 13.43 -0.48 -40.27
C ILE C 166 13.86 0.86 -40.86
N ALA C 167 14.00 1.86 -40.01
CA ALA C 167 14.45 3.19 -40.40
C ALA C 167 15.95 3.29 -40.13
N PHE C 168 16.74 3.33 -41.20
CA PHE C 168 18.19 3.51 -41.12
C PHE C 168 18.44 5.00 -40.97
N ALA C 169 18.51 5.46 -39.72
CA ALA C 169 18.52 6.89 -39.40
C ALA C 169 19.91 7.29 -38.91
N VAL C 170 20.62 8.07 -39.72
CA VAL C 170 21.96 8.54 -39.35
C VAL C 170 21.82 9.93 -38.73
N VAL C 171 22.44 10.11 -37.57
CA VAL C 171 22.33 11.33 -36.78
C VAL C 171 23.65 12.08 -36.84
N GLY C 172 23.59 13.36 -37.24
CA GLY C 172 24.77 14.19 -37.20
C GLY C 172 25.18 14.48 -35.77
N ASP C 173 26.49 14.52 -35.53
CA ASP C 173 26.97 14.72 -34.17
C ASP C 173 26.79 16.16 -33.71
N GLY C 174 26.75 17.11 -34.64
CA GLY C 174 26.29 18.44 -34.29
C GLY C 174 24.79 18.46 -34.02
N GLU C 175 24.02 17.78 -34.87
CA GLU C 175 22.59 17.68 -34.67
C GLU C 175 22.26 17.10 -33.30
N ALA C 176 23.10 16.20 -32.80
CA ALA C 176 22.88 15.58 -31.49
C ALA C 176 22.95 16.59 -30.35
N GLU C 177 23.35 17.82 -30.62
CA GLU C 177 23.41 18.84 -29.59
C GLU C 177 22.13 19.66 -29.46
N THR C 178 21.18 19.50 -30.39
CA THR C 178 19.92 20.23 -30.32
C THR C 178 19.00 19.63 -29.28
N GLY C 179 18.06 20.44 -28.80
CA GLY C 179 17.07 20.00 -27.85
C GLY C 179 16.19 18.88 -28.38
N PRO C 180 15.57 19.09 -29.54
CA PRO C 180 14.70 18.05 -30.09
C PRO C 180 15.39 16.73 -30.29
N LEU C 181 16.64 16.73 -30.78
CA LEU C 181 17.34 15.46 -30.97
C LEU C 181 17.64 14.80 -29.64
N MET C 182 18.17 15.57 -28.69
CA MET C 182 18.52 15.01 -27.38
C MET C 182 17.32 14.31 -26.75
N THR C 183 16.15 14.95 -26.80
CA THR C 183 14.99 14.34 -26.15
C THR C 183 14.36 13.25 -27.00
N SER C 184 14.63 13.22 -28.31
CA SER C 184 14.06 12.19 -29.15
C SER C 184 14.62 10.80 -28.85
N TRP C 185 15.73 10.71 -28.12
CA TRP C 185 16.22 9.40 -27.69
C TRP C 185 15.21 8.68 -26.81
N HIS C 186 14.30 9.42 -26.15
CA HIS C 186 13.24 8.82 -25.35
C HIS C 186 12.20 8.11 -26.20
N SER C 187 12.29 8.17 -27.53
CA SER C 187 11.23 7.63 -28.36
C SER C 187 11.04 6.13 -28.14
N ILE C 188 12.11 5.41 -27.81
CA ILE C 188 12.00 3.97 -27.63
C ILE C 188 11.15 3.59 -26.42
N LYS C 189 10.88 4.54 -25.53
CA LYS C 189 9.93 4.30 -24.46
C LYS C 189 8.50 4.25 -24.95
N PHE C 190 8.28 4.42 -26.26
CA PHE C 190 6.96 4.38 -26.85
C PHE C 190 6.89 3.47 -28.06
N ILE C 191 7.97 2.80 -28.41
CA ILE C 191 7.99 1.85 -29.52
C ILE C 191 7.76 0.45 -28.96
N ASN C 192 6.70 -0.20 -29.43
CA ASN C 192 6.42 -1.56 -29.00
C ASN C 192 6.82 -2.50 -30.13
N PRO C 193 7.85 -3.34 -29.96
CA PRO C 193 8.26 -4.23 -31.07
C PRO C 193 7.19 -5.21 -31.48
N LYS C 194 6.14 -5.38 -30.68
CA LYS C 194 5.08 -6.31 -31.03
C LYS C 194 4.29 -5.82 -32.24
N ASN C 195 4.08 -4.51 -32.33
CA ASN C 195 3.23 -3.91 -33.36
C ASN C 195 3.95 -2.91 -34.26
N ASP C 196 5.08 -2.36 -33.83
CA ASP C 196 5.76 -1.28 -34.54
C ASP C 196 7.06 -1.78 -35.16
N GLY C 197 7.57 -1.01 -36.12
CA GLY C 197 8.87 -1.28 -36.69
C GLY C 197 9.99 -0.88 -35.76
N ALA C 198 11.20 -0.69 -36.28
CA ALA C 198 12.35 -0.38 -35.46
C ALA C 198 13.14 0.74 -36.11
N ILE C 199 13.75 1.58 -35.27
CA ILE C 199 14.68 2.59 -35.72
C ILE C 199 16.07 2.06 -35.45
N LEU C 200 16.95 2.16 -36.45
CA LEU C 200 18.37 1.82 -36.28
C LEU C 200 19.17 3.11 -36.35
N PRO C 201 19.41 3.78 -35.21
CA PRO C 201 20.13 5.05 -35.24
C PRO C 201 21.64 4.86 -35.32
N ILE C 202 22.27 5.67 -36.15
CA ILE C 202 23.72 5.74 -36.27
C ILE C 202 24.15 7.15 -35.91
N LEU C 203 24.97 7.26 -34.88
CA LEU C 203 25.55 8.55 -34.51
C LEU C 203 26.79 8.79 -35.38
N ASP C 204 26.68 9.73 -36.33
CA ASP C 204 27.77 10.04 -37.25
C ASP C 204 28.77 10.95 -36.52
N LEU C 205 29.64 10.33 -35.74
CA LEU C 205 30.64 11.05 -34.93
C LEU C 205 31.87 11.38 -35.79
N ASN C 206 31.65 12.23 -36.80
CA ASN C 206 32.75 12.65 -37.66
C ASN C 206 33.59 13.75 -37.02
N GLY C 207 33.23 14.22 -35.82
CA GLY C 207 34.10 15.03 -35.01
C GLY C 207 33.79 16.51 -35.00
N PHE C 208 33.08 17.03 -36.00
CA PHE C 208 32.99 18.48 -36.15
C PHE C 208 31.63 18.87 -36.71
N LYS C 209 31.28 20.13 -36.48
CA LYS C 209 30.13 20.73 -37.15
C LYS C 209 30.65 21.81 -38.10
N ILE C 210 30.01 22.98 -38.19
CA ILE C 210 30.43 23.97 -39.20
C ILE C 210 31.84 24.47 -38.89
N SER C 211 32.03 25.04 -37.70
CA SER C 211 33.27 25.70 -37.34
C SER C 211 33.80 25.26 -35.98
N ASN C 212 33.24 24.21 -35.40
CA ASN C 212 33.56 23.78 -34.05
C ASN C 212 33.71 22.26 -34.06
N PRO C 213 34.43 21.71 -33.09
CA PRO C 213 34.28 20.29 -32.78
C PRO C 213 32.94 20.06 -32.09
N THR C 214 32.55 18.80 -31.97
CA THR C 214 31.25 18.47 -31.40
C THR C 214 31.41 17.97 -29.96
N LEU C 215 30.37 18.22 -29.16
CA LEU C 215 30.43 17.89 -27.74
C LEU C 215 30.51 16.38 -27.53
N PHE C 216 29.84 15.60 -28.37
CA PHE C 216 29.85 14.14 -28.20
C PHE C 216 31.14 13.52 -28.72
N ALA C 217 31.73 14.08 -29.77
CA ALA C 217 32.98 13.53 -30.27
C ALA C 217 34.10 13.66 -29.24
N ARG C 218 34.08 14.74 -28.45
CA ARG C 218 35.06 14.93 -27.40
C ARG C 218 34.63 14.30 -26.06
N THR C 219 33.53 13.57 -26.05
CA THR C 219 33.18 12.71 -24.92
C THR C 219 33.79 11.33 -25.14
N SER C 220 34.33 10.76 -24.06
CA SER C 220 34.96 9.45 -24.16
C SER C 220 33.95 8.39 -24.56
N ASP C 221 34.45 7.31 -25.17
CA ASP C 221 33.57 6.21 -25.55
C ASP C 221 32.87 5.62 -24.34
N VAL C 222 33.55 5.59 -23.18
CA VAL C 222 32.93 5.05 -21.97
C VAL C 222 31.76 5.92 -21.54
N ASP C 223 31.93 7.24 -21.54
CA ASP C 223 30.84 8.12 -21.14
C ASP C 223 29.70 8.08 -22.16
N ILE C 224 30.03 7.96 -23.43
CA ILE C 224 29.00 7.79 -24.46
C ILE C 224 28.20 6.52 -24.17
N ARG C 225 28.88 5.47 -23.71
CA ARG C 225 28.18 4.24 -23.34
C ARG C 225 27.24 4.50 -22.16
N LYS C 226 27.72 5.19 -21.14
CA LYS C 226 26.86 5.52 -20.00
C LYS C 226 25.64 6.30 -20.45
N PHE C 227 25.83 7.28 -21.34
CA PHE C 227 24.72 8.11 -21.78
C PHE C 227 23.62 7.26 -22.42
N PHE C 228 23.99 6.41 -23.37
CA PHE C 228 23.00 5.68 -24.14
C PHE C 228 22.43 4.49 -23.36
N GLU C 229 23.24 3.85 -22.51
CA GLU C 229 22.70 2.81 -21.65
C GLU C 229 21.74 3.39 -20.63
N GLY C 230 22.04 4.57 -20.10
CA GLY C 230 21.10 5.25 -19.22
C GLY C 230 19.77 5.53 -19.89
N LEU C 231 19.76 5.60 -21.22
CA LEU C 231 18.54 5.80 -21.98
C LEU C 231 17.95 4.50 -22.52
N GLY C 232 18.58 3.36 -22.21
CA GLY C 232 18.02 2.08 -22.58
C GLY C 232 18.52 1.50 -23.87
N TYR C 233 19.51 2.13 -24.50
CA TYR C 233 20.06 1.64 -25.76
C TYR C 233 21.25 0.72 -25.52
N SER C 234 21.64 0.01 -26.57
CA SER C 234 22.81 -0.88 -26.56
C SER C 234 23.85 -0.37 -27.56
N PRO C 235 24.85 0.40 -27.13
CA PRO C 235 25.78 1.01 -28.09
C PRO C 235 26.82 0.04 -28.63
N ARG C 236 27.03 0.12 -29.94
CA ARG C 236 28.11 -0.60 -30.61
C ARG C 236 28.89 0.39 -31.47
N TYR C 237 30.20 0.16 -31.57
CA TYR C 237 31.13 1.16 -32.07
C TYR C 237 31.78 0.71 -33.37
N ILE C 238 31.89 1.65 -34.31
CA ILE C 238 32.65 1.47 -35.55
C ILE C 238 33.71 2.56 -35.53
N GLU C 239 34.98 2.16 -35.35
CA GLU C 239 36.06 3.12 -35.29
C GLU C 239 37.37 2.39 -35.57
N ASN C 240 38.43 3.17 -35.79
CA ASN C 240 39.74 2.59 -36.06
C ASN C 240 40.81 3.63 -35.80
N ASP C 241 42.00 3.15 -35.44
CA ASP C 241 43.13 4.02 -35.16
C ASP C 241 43.75 4.57 -36.44
N ASP C 242 43.78 3.77 -37.51
CA ASP C 242 44.27 4.21 -38.81
C ASP C 242 43.06 4.57 -39.67
N ILE C 243 42.83 5.87 -39.84
CA ILE C 243 41.62 6.35 -40.51
C ILE C 243 41.65 6.10 -42.01
N HIS C 244 42.79 5.70 -42.56
CA HIS C 244 42.92 5.46 -43.99
C HIS C 244 42.94 3.97 -44.33
N ASP C 245 42.69 3.11 -43.33
CA ASP C 245 42.56 1.67 -43.53
C ASP C 245 41.10 1.32 -43.81
N TYR C 246 40.66 1.63 -45.04
CA TYR C 246 39.24 1.57 -45.34
C TYR C 246 38.68 0.14 -45.20
N MET C 247 39.47 -0.87 -45.56
CA MET C 247 38.99 -2.25 -45.45
C MET C 247 38.76 -2.66 -44.00
N ALA C 248 39.50 -2.09 -43.06
CA ALA C 248 39.22 -2.36 -41.65
C ALA C 248 37.85 -1.82 -41.26
N TYR C 249 37.48 -0.63 -41.76
CA TYR C 249 36.17 -0.08 -41.46
C TYR C 249 35.07 -0.94 -42.05
N HIS C 250 35.24 -1.38 -43.30
CA HIS C 250 34.25 -2.24 -43.92
C HIS C 250 34.09 -3.53 -43.14
N LYS C 251 35.21 -4.13 -42.72
CA LYS C 251 35.18 -5.37 -41.96
C LYS C 251 34.40 -5.19 -40.66
N LEU C 252 34.72 -4.14 -39.91
CA LEU C 252 34.07 -3.89 -38.63
C LEU C 252 32.61 -3.45 -38.82
N ALA C 253 32.34 -2.62 -39.82
CA ALA C 253 30.97 -2.14 -40.05
C ALA C 253 30.03 -3.28 -40.40
N ALA C 254 30.48 -4.22 -41.22
CA ALA C 254 29.64 -5.36 -41.58
C ALA C 254 29.30 -6.18 -40.34
N GLU C 255 30.26 -6.36 -39.44
CA GLU C 255 30.01 -7.11 -38.23
C GLU C 255 29.00 -6.38 -37.35
N VAL C 256 29.26 -5.10 -37.07
CA VAL C 256 28.39 -4.36 -36.16
C VAL C 256 26.96 -4.31 -36.70
N PHE C 257 26.81 -3.98 -37.98
CA PHE C 257 25.47 -3.85 -38.51
C PHE C 257 24.76 -5.20 -38.55
N ASP C 258 25.50 -6.27 -38.80
CA ASP C 258 24.91 -7.60 -38.77
C ASP C 258 24.34 -7.92 -37.40
N LYS C 259 25.10 -7.65 -36.34
CA LYS C 259 24.60 -7.95 -35.00
C LYS C 259 23.41 -7.07 -34.67
N ALA C 260 23.40 -5.83 -35.17
CA ALA C 260 22.29 -4.93 -34.90
C ALA C 260 21.00 -5.41 -35.53
N ILE C 261 21.03 -5.80 -36.80
CA ILE C 261 19.81 -6.31 -37.43
C ILE C 261 19.35 -7.57 -36.74
N GLU C 262 20.28 -8.48 -36.45
CA GLU C 262 19.90 -9.75 -35.83
C GLU C 262 19.36 -9.53 -34.43
N ASP C 263 19.93 -8.58 -33.70
CA ASP C 263 19.40 -8.25 -32.38
C ASP C 263 18.03 -7.60 -32.47
N ILE C 264 17.82 -6.75 -33.48
CA ILE C 264 16.50 -6.15 -33.69
C ILE C 264 15.47 -7.24 -33.99
N HIS C 265 15.82 -8.17 -34.88
CA HIS C 265 14.90 -9.24 -35.24
C HIS C 265 14.61 -10.15 -34.05
N GLN C 266 15.62 -10.41 -33.23
CA GLN C 266 15.43 -11.21 -32.04
C GLN C 266 14.49 -10.50 -31.07
N ILE C 267 14.68 -9.19 -30.91
CA ILE C 267 13.76 -8.40 -30.09
C ILE C 267 12.34 -8.51 -30.64
N GLN C 268 12.19 -8.43 -31.97
CA GLN C 268 10.87 -8.49 -32.57
C GLN C 268 10.29 -9.90 -32.49
N LYS C 269 11.14 -10.92 -32.60
CA LYS C 269 10.69 -12.30 -32.45
C LYS C 269 10.17 -12.56 -31.05
N ASP C 270 10.94 -12.17 -30.03
CA ASP C 270 10.52 -12.39 -28.65
C ASP C 270 9.22 -11.68 -28.34
N ALA C 271 9.03 -10.49 -28.90
CA ALA C 271 7.82 -9.71 -28.60
C ALA C 271 6.60 -10.29 -29.31
N ARG C 272 6.77 -10.76 -30.55
CA ARG C 272 5.62 -11.17 -31.36
C ARG C 272 5.28 -12.64 -31.22
N GLU C 273 6.22 -13.50 -30.87
CA GLU C 273 5.95 -14.92 -30.70
C GLU C 273 5.76 -15.27 -29.23
N ASP C 274 6.54 -14.66 -28.37
CA ASP C 274 6.29 -14.73 -26.95
C ASP C 274 5.50 -13.45 -26.67
N ASN C 275 5.49 -12.99 -25.43
CA ASN C 275 4.84 -11.73 -25.14
C ASN C 275 5.80 -10.84 -24.39
N ARG C 276 7.06 -10.87 -24.82
CA ARG C 276 8.08 -10.10 -24.14
C ARG C 276 7.93 -8.62 -24.42
N TYR C 277 8.43 -7.81 -23.49
CA TYR C 277 8.41 -6.36 -23.57
C TYR C 277 7.01 -5.78 -23.43
N GLN C 278 6.11 -6.51 -22.77
CA GLN C 278 4.79 -6.00 -22.43
C GLN C 278 4.65 -5.82 -20.93
N ASN C 279 5.73 -5.99 -20.16
CA ASN C 279 5.70 -5.95 -18.70
C ASN C 279 6.57 -4.84 -18.14
N GLY C 280 6.97 -3.88 -18.95
CA GLY C 280 7.80 -2.79 -18.50
C GLY C 280 9.25 -2.89 -18.94
N GLU C 281 9.66 -4.01 -19.52
CA GLU C 281 11.04 -4.17 -19.98
C GLU C 281 11.22 -3.47 -21.32
N ILE C 282 12.21 -2.59 -21.40
CA ILE C 282 12.52 -1.90 -22.65
C ILE C 282 13.61 -2.67 -23.39
N PRO C 283 13.41 -3.01 -24.66
CA PRO C 283 14.47 -3.69 -25.42
C PRO C 283 15.77 -2.91 -25.41
N ALA C 284 16.89 -3.63 -25.37
CA ALA C 284 18.21 -3.02 -25.49
C ALA C 284 18.46 -2.73 -26.97
N TRP C 285 17.78 -1.70 -27.47
CA TRP C 285 17.84 -1.38 -28.88
C TRP C 285 19.28 -1.06 -29.26
N PRO C 286 19.79 -1.57 -30.38
CA PRO C 286 21.14 -1.18 -30.81
C PRO C 286 21.17 0.29 -31.21
N ILE C 287 22.28 0.94 -30.90
CA ILE C 287 22.59 2.25 -31.44
C ILE C 287 24.05 2.20 -31.89
N VAL C 288 24.30 2.60 -33.13
CA VAL C 288 25.62 2.46 -33.74
C VAL C 288 26.39 3.76 -33.61
N ILE C 289 27.59 3.67 -33.06
CA ILE C 289 28.48 4.81 -32.88
C ILE C 289 29.57 4.70 -33.94
N ALA C 290 29.51 5.56 -34.95
CA ALA C 290 30.45 5.51 -36.07
C ALA C 290 31.34 6.74 -36.04
N ARG C 291 32.62 6.55 -35.69
CA ARG C 291 33.59 7.64 -35.72
C ARG C 291 34.25 7.66 -37.10
N LEU C 292 33.50 8.22 -38.06
CA LEU C 292 33.94 8.33 -39.45
C LEU C 292 34.42 9.75 -39.72
N PRO C 293 35.72 9.98 -39.91
CA PRO C 293 36.24 11.35 -39.97
C PRO C 293 35.51 12.23 -40.98
N LYS C 294 35.28 13.48 -40.58
CA LYS C 294 34.66 14.44 -41.48
C LYS C 294 35.59 14.72 -42.65
N GLY C 295 35.02 14.83 -43.85
CA GLY C 295 35.83 14.92 -45.06
C GLY C 295 36.62 13.68 -45.34
N TRP C 296 36.12 12.51 -44.92
CA TRP C 296 36.82 11.24 -45.07
C TRP C 296 37.24 11.01 -46.52
N GLY C 297 38.55 10.83 -46.73
CA GLY C 297 39.08 10.50 -48.04
C GLY C 297 39.24 11.67 -48.99
N GLY C 298 39.01 12.90 -48.53
CA GLY C 298 39.17 14.06 -49.38
C GLY C 298 40.49 14.75 -49.11
N PRO C 299 40.60 16.02 -49.52
CA PRO C 299 41.80 16.80 -49.22
C PRO C 299 42.10 16.77 -47.72
N ARG C 300 43.38 16.57 -47.40
CA ARG C 300 43.86 16.39 -46.04
C ARG C 300 44.37 17.68 -45.39
N TYR C 301 45.09 18.51 -46.13
CA TYR C 301 45.65 19.74 -45.57
C TYR C 301 45.59 20.83 -46.62
N ASN C 302 45.39 22.06 -46.16
CA ASN C 302 45.30 23.24 -47.03
C ASN C 302 46.69 23.79 -47.27
N ASP C 303 47.43 23.13 -48.16
CA ASP C 303 48.82 23.48 -48.42
C ASP C 303 48.98 24.69 -49.34
N TRP C 304 47.94 25.08 -50.06
CA TRP C 304 48.04 26.14 -51.06
C TRP C 304 47.85 27.54 -50.49
N SER C 305 47.39 27.66 -49.25
CA SER C 305 47.16 28.98 -48.66
C SER C 305 46.99 28.83 -47.15
N GLY C 306 47.09 29.95 -46.46
CA GLY C 306 46.86 29.99 -45.03
C GLY C 306 48.10 29.62 -44.24
N PRO C 307 48.00 29.70 -42.92
CA PRO C 307 49.16 29.45 -42.06
C PRO C 307 49.52 27.97 -42.03
N LYS C 308 50.70 27.68 -41.50
CA LYS C 308 51.21 26.32 -41.42
C LYS C 308 51.38 25.90 -39.97
N PHE C 309 51.32 24.58 -39.77
CA PHE C 309 51.63 23.97 -38.47
C PHE C 309 52.26 22.59 -38.70
N ASP C 310 53.44 22.38 -38.11
CA ASP C 310 54.17 21.14 -38.28
C ASP C 310 54.38 20.83 -39.76
N GLY C 311 54.89 21.83 -40.48
CA GLY C 311 55.16 21.72 -41.90
C GLY C 311 54.01 21.26 -42.78
N LYS C 312 52.78 21.53 -42.36
CA LYS C 312 51.59 21.17 -43.12
C LYS C 312 50.58 22.30 -43.02
N GLY C 313 49.72 22.39 -44.04
CA GLY C 313 48.63 23.35 -44.01
C GLY C 313 47.59 22.94 -42.99
N MET C 314 46.60 23.82 -42.82
CA MET C 314 45.56 23.55 -41.85
C MET C 314 44.81 22.28 -42.24
N PRO C 315 44.54 21.39 -41.29
CA PRO C 315 43.86 20.14 -41.64
C PRO C 315 42.47 20.38 -42.22
N ILE C 316 42.14 19.61 -43.24
CA ILE C 316 40.81 19.60 -43.84
C ILE C 316 40.05 18.35 -43.44
N GLU C 317 40.56 17.18 -43.81
CA GLU C 317 40.02 15.92 -43.30
C GLU C 317 40.12 15.89 -41.79
N HIS C 318 39.06 15.36 -41.15
CA HIS C 318 38.98 15.27 -39.69
C HIS C 318 39.12 16.66 -39.06
N SER C 319 38.47 17.64 -39.69
CA SER C 319 38.41 19.00 -39.19
C SER C 319 37.11 19.62 -39.68
N PHE C 320 36.74 20.74 -39.06
CA PHE C 320 35.57 21.48 -39.49
C PHE C 320 35.75 22.10 -40.87
N ARG C 321 36.98 22.30 -41.31
CA ARG C 321 37.24 22.98 -42.58
C ARG C 321 36.75 22.18 -43.78
N ALA C 322 36.39 20.92 -43.62
CA ALA C 322 35.84 20.13 -44.70
C ALA C 322 34.33 20.30 -44.87
N HIS C 323 33.70 21.12 -44.04
CA HIS C 323 32.24 21.13 -43.97
C HIS C 323 31.61 21.48 -45.33
N GLN C 324 31.94 22.65 -45.87
CA GLN C 324 31.25 23.12 -47.06
C GLN C 324 32.09 22.83 -48.31
N VAL C 325 32.48 23.85 -49.07
CA VAL C 325 33.28 23.66 -50.27
C VAL C 325 34.75 23.61 -49.84
N PRO C 326 35.45 22.50 -50.03
CA PRO C 326 36.79 22.35 -49.46
C PRO C 326 37.93 22.93 -50.31
N LEU C 327 37.66 23.33 -51.55
CA LEU C 327 38.67 23.91 -52.42
C LEU C 327 38.16 25.23 -53.00
N PRO C 328 39.05 26.19 -53.24
CA PRO C 328 38.65 27.41 -53.94
C PRO C 328 38.53 27.24 -55.45
N LEU C 329 38.69 26.02 -55.93
CA LEU C 329 38.65 25.76 -57.37
C LEU C 329 37.36 26.33 -57.96
N SER C 330 37.47 26.94 -59.13
CA SER C 330 36.34 27.43 -59.89
C SER C 330 36.82 27.74 -61.30
N SER C 331 35.87 28.00 -62.19
CA SER C 331 36.21 28.40 -63.55
C SER C 331 36.96 29.73 -63.58
N LYS C 332 36.84 30.51 -62.51
CA LYS C 332 37.47 31.81 -62.37
C LYS C 332 38.78 31.76 -61.60
N ASN C 333 39.11 30.60 -61.04
CA ASN C 333 40.28 30.45 -60.16
C ASN C 333 40.74 28.98 -60.23
N MET C 334 41.66 28.70 -61.16
CA MET C 334 42.06 27.34 -61.44
C MET C 334 43.34 26.94 -60.69
N GLY C 335 43.70 27.69 -59.65
CA GLY C 335 44.95 27.44 -58.96
C GLY C 335 45.03 26.08 -58.30
N THR C 336 43.93 25.62 -57.70
CA THR C 336 43.94 24.36 -56.98
C THR C 336 43.35 23.22 -57.82
N LEU C 337 43.35 23.37 -59.15
CA LEU C 337 42.93 22.25 -59.98
C LEU C 337 43.82 21.03 -59.79
N PRO C 338 45.14 21.15 -59.64
CA PRO C 338 45.95 19.95 -59.37
C PRO C 338 45.50 19.19 -58.13
N GLU C 339 45.19 19.90 -57.04
CA GLU C 339 44.69 19.22 -55.84
C GLU C 339 43.37 18.53 -56.12
N PHE C 340 42.52 19.14 -56.95
CA PHE C 340 41.24 18.53 -57.29
C PHE C 340 41.44 17.28 -58.14
N VAL C 341 42.36 17.33 -59.10
CA VAL C 341 42.63 16.16 -59.93
C VAL C 341 43.15 15.01 -59.08
N LYS C 342 44.09 15.29 -58.18
CA LYS C 342 44.60 14.23 -57.32
C LYS C 342 43.51 13.65 -56.44
N TRP C 343 42.67 14.50 -55.87
CA TRP C 343 41.56 14.04 -55.04
C TRP C 343 40.65 13.10 -55.83
N MET C 344 40.22 13.53 -57.02
CA MET C 344 39.25 12.74 -57.78
C MET C 344 39.87 11.48 -58.36
N THR C 345 41.13 11.55 -58.81
CA THR C 345 41.78 10.37 -59.36
C THR C 345 42.11 9.35 -58.29
N SER C 346 42.22 9.77 -57.03
CA SER C 346 42.53 8.82 -55.95
C SER C 346 41.43 7.76 -55.79
N TYR C 347 40.21 8.04 -56.25
CA TYR C 347 39.14 7.05 -56.18
C TYR C 347 39.28 5.94 -57.22
N GLN C 348 40.23 6.04 -58.15
CA GLN C 348 40.42 5.07 -59.21
C GLN C 348 39.14 4.94 -60.04
N PRO C 349 38.66 6.04 -60.61
CA PRO C 349 37.40 5.97 -61.39
C PRO C 349 37.50 5.07 -62.61
N GLU C 350 38.70 4.84 -63.13
CA GLU C 350 38.83 3.92 -64.26
C GLU C 350 38.44 2.50 -63.89
N THR C 351 38.49 2.16 -62.59
CA THR C 351 38.04 0.86 -62.11
C THR C 351 36.56 0.85 -61.73
N LEU C 352 35.87 1.98 -61.84
CA LEU C 352 34.49 2.09 -61.38
C LEU C 352 33.49 2.34 -62.51
N PHE C 353 33.84 3.18 -63.48
CA PHE C 353 32.92 3.54 -64.54
C PHE C 353 33.54 3.20 -65.90
N ASN C 354 32.69 2.83 -66.84
CA ASN C 354 33.14 2.66 -68.21
C ASN C 354 33.25 4.02 -68.90
N ALA C 355 33.93 4.02 -70.05
CA ALA C 355 34.15 5.27 -70.78
C ALA C 355 32.85 5.87 -71.27
N ASP C 356 31.83 5.05 -71.50
CA ASP C 356 30.53 5.54 -71.92
C ASP C 356 29.70 6.09 -70.75
N GLY C 357 30.26 6.11 -69.54
CA GLY C 357 29.60 6.69 -68.39
C GLY C 357 28.85 5.70 -67.52
N SER C 358 28.60 4.49 -68.00
CA SER C 358 27.85 3.52 -67.22
C SER C 358 28.72 2.95 -66.10
N LEU C 359 28.06 2.45 -65.06
CA LEU C 359 28.76 1.80 -63.97
C LEU C 359 29.25 0.43 -64.45
N LYS C 360 30.45 0.05 -64.02
CA LYS C 360 31.03 -1.23 -64.40
C LYS C 360 30.13 -2.41 -64.01
N GLU C 361 30.13 -3.43 -64.88
CA GLU C 361 29.21 -4.55 -64.73
C GLU C 361 29.37 -5.24 -63.38
N GLU C 362 30.61 -5.42 -62.93
CA GLU C 362 30.84 -6.14 -61.68
C GLU C 362 30.22 -5.47 -60.46
N LEU C 363 29.88 -4.18 -60.56
CA LEU C 363 29.29 -3.44 -59.45
C LEU C 363 27.78 -3.27 -59.58
N ARG C 364 27.19 -3.64 -60.72
CA ARG C 364 25.77 -3.38 -60.92
C ARG C 364 24.87 -4.27 -60.06
N ASP C 365 25.39 -5.40 -59.57
CA ASP C 365 24.61 -6.30 -58.74
C ASP C 365 24.65 -5.94 -57.25
N PHE C 366 25.39 -4.89 -56.88
CA PHE C 366 25.55 -4.57 -55.47
C PHE C 366 24.25 -4.02 -54.86
N ALA C 367 23.63 -3.06 -55.53
CA ALA C 367 22.46 -2.41 -54.97
C ALA C 367 21.25 -3.34 -55.00
N PRO C 368 20.28 -3.12 -54.11
CA PRO C 368 19.03 -3.89 -54.21
C PRO C 368 18.28 -3.62 -55.49
N LYS C 369 17.17 -4.32 -55.72
CA LYS C 369 16.40 -4.17 -56.94
C LYS C 369 14.94 -3.91 -56.60
N GLY C 370 14.24 -3.29 -57.54
CA GLY C 370 12.81 -3.08 -57.38
C GLY C 370 12.49 -2.26 -56.13
N GLU C 371 11.41 -2.64 -55.45
CA GLU C 371 10.98 -1.90 -54.26
C GLU C 371 11.89 -2.13 -53.07
N MET C 372 12.85 -3.05 -53.15
CA MET C 372 13.78 -3.26 -52.05
C MET C 372 14.81 -2.14 -51.95
N ARG C 373 15.03 -1.39 -53.03
CA ARG C 373 15.90 -0.23 -52.97
C ARG C 373 15.31 0.83 -52.04
N MET C 374 16.14 1.36 -51.15
CA MET C 374 15.65 2.37 -50.22
C MET C 374 15.05 3.56 -50.96
N ALA C 375 15.56 3.88 -52.14
CA ALA C 375 15.02 4.98 -52.94
C ALA C 375 13.71 4.60 -53.63
N SER C 376 13.37 3.32 -53.70
CA SER C 376 12.12 2.87 -54.31
C SER C 376 11.11 2.35 -53.28
N ASN C 377 11.49 2.31 -52.01
CA ASN C 377 10.59 1.84 -50.97
C ASN C 377 9.35 2.74 -50.89
N PRO C 378 8.14 2.20 -51.08
CA PRO C 378 6.94 3.07 -51.06
C PRO C 378 6.79 3.88 -49.79
N VAL C 379 7.44 3.48 -48.69
CA VAL C 379 7.44 4.29 -47.48
C VAL C 379 7.88 5.71 -47.79
N THR C 380 8.82 5.86 -48.73
CA THR C 380 9.42 7.15 -49.04
C THR C 380 8.64 7.93 -50.08
N ASN C 381 7.55 7.38 -50.61
CA ASN C 381 6.76 8.04 -51.65
C ASN C 381 5.29 8.02 -51.27
N GLY C 382 4.97 8.53 -50.07
CA GLY C 382 3.60 8.61 -49.61
C GLY C 382 3.15 7.47 -48.72
N GLY C 383 3.93 6.42 -48.61
CA GLY C 383 3.63 5.32 -47.72
C GLY C 383 3.22 4.06 -48.48
N VAL C 384 3.42 2.91 -47.84
CA VAL C 384 2.94 1.65 -48.40
C VAL C 384 1.45 1.74 -48.70
N ASP C 385 0.68 2.29 -47.76
CA ASP C 385 -0.74 2.53 -47.94
C ASP C 385 -1.01 3.98 -47.56
N SER C 386 -1.47 4.78 -48.53
CA SER C 386 -1.66 6.21 -48.34
C SER C 386 -3.14 6.60 -48.32
N SER C 387 -4.04 5.63 -48.18
CA SER C 387 -5.46 5.94 -48.24
C SER C 387 -5.92 6.72 -47.02
N ASN C 388 -6.97 7.51 -47.20
CA ASN C 388 -7.54 8.29 -46.11
C ASN C 388 -8.20 7.37 -45.09
N LEU C 389 -8.59 7.96 -43.96
CA LEU C 389 -9.27 7.23 -42.91
C LEU C 389 -10.65 6.75 -43.35
N VAL C 390 -11.09 5.67 -42.71
CA VAL C 390 -12.48 5.24 -42.79
C VAL C 390 -13.25 6.06 -41.78
N LEU C 391 -14.16 6.89 -42.26
CA LEU C 391 -14.82 7.82 -41.36
C LEU C 391 -16.25 7.38 -41.06
N PRO C 392 -16.69 7.53 -39.82
CA PRO C 392 -18.12 7.41 -39.53
C PRO C 392 -18.83 8.71 -39.84
N ASP C 393 -20.13 8.62 -40.11
CA ASP C 393 -20.92 9.82 -40.33
CA ASP C 393 -20.93 9.82 -40.33
C ASP C 393 -20.86 10.71 -39.10
N TRP C 394 -20.16 11.83 -39.21
CA TRP C 394 -19.97 12.73 -38.06
C TRP C 394 -21.28 13.18 -37.44
N GLN C 395 -22.38 13.14 -38.20
CA GLN C 395 -23.65 13.63 -37.68
C GLN C 395 -24.22 12.74 -36.58
N GLU C 396 -23.68 11.53 -36.38
CA GLU C 396 -24.10 10.72 -35.25
C GLU C 396 -23.71 11.34 -33.92
N PHE C 397 -22.74 12.25 -33.93
CA PHE C 397 -22.25 12.87 -32.70
C PHE C 397 -22.59 14.35 -32.63
N ALA C 398 -23.45 14.83 -33.53
CA ALA C 398 -23.80 16.23 -33.54
C ALA C 398 -24.75 16.51 -32.38
N ASN C 399 -24.71 17.74 -31.91
CA ASN C 399 -25.65 18.18 -30.89
C ASN C 399 -27.01 18.44 -31.52
N PRO C 400 -28.12 18.07 -30.84
CA PRO C 400 -29.45 18.31 -31.44
C PRO C 400 -29.85 19.77 -31.34
N ILE C 401 -29.21 20.59 -32.15
CA ILE C 401 -29.44 22.03 -32.17
C ILE C 401 -30.55 22.35 -33.15
N SER C 402 -31.43 23.26 -32.74
CA SER C 402 -32.51 23.76 -33.57
C SER C 402 -32.78 25.19 -33.14
N GLU C 403 -33.83 25.79 -33.73
CA GLU C 403 -34.18 27.16 -33.41
C GLU C 403 -34.60 27.34 -31.96
N ASN C 404 -34.97 26.27 -31.26
CA ASN C 404 -35.51 26.43 -29.91
C ASN C 404 -34.41 26.51 -28.86
N ASN C 405 -33.32 25.77 -29.05
CA ASN C 405 -32.17 25.81 -28.15
C ASN C 405 -30.98 26.54 -28.76
N ARG C 406 -31.18 27.27 -29.84
CA ARG C 406 -30.10 28.02 -30.45
C ARG C 406 -29.53 29.02 -29.44
N GLY C 407 -28.21 29.13 -29.40
CA GLY C 407 -27.56 30.07 -28.52
C GLY C 407 -27.73 29.78 -27.04
N LYS C 408 -27.74 28.51 -26.65
CA LYS C 408 -27.98 28.13 -25.26
C LYS C 408 -27.03 27.01 -24.86
N LEU C 409 -26.91 26.83 -23.54
CA LEU C 409 -26.13 25.72 -23.02
C LEU C 409 -26.98 24.47 -23.00
N LEU C 410 -26.47 23.39 -23.58
CA LEU C 410 -27.14 22.11 -23.50
C LEU C 410 -27.19 21.65 -22.04
N PRO C 411 -28.18 20.81 -21.69
CA PRO C 411 -28.33 20.44 -20.26
C PRO C 411 -27.12 19.71 -19.70
N ASP C 412 -26.48 18.85 -20.50
CA ASP C 412 -25.25 18.19 -20.12
C ASP C 412 -24.08 19.12 -20.45
N THR C 413 -23.38 19.60 -19.41
CA THR C 413 -22.34 20.61 -19.62
C THR C 413 -21.24 20.10 -20.55
N ASN C 414 -20.95 18.80 -20.52
CA ASN C 414 -19.87 18.27 -21.34
C ASN C 414 -20.18 18.34 -22.84
N ASP C 415 -21.46 18.41 -23.21
CA ASP C 415 -21.84 18.59 -24.60
C ASP C 415 -21.61 20.01 -25.09
N ASN C 416 -21.40 20.95 -24.16
CA ASN C 416 -21.04 22.31 -24.49
C ASN C 416 -19.53 22.49 -24.66
N MET C 417 -18.76 21.41 -24.55
CA MET C 417 -17.31 21.45 -24.68
C MET C 417 -16.95 20.85 -26.04
N ASP C 418 -16.55 21.71 -26.99
CA ASP C 418 -16.37 21.26 -28.36
C ASP C 418 -15.34 20.12 -28.44
N MET C 419 -14.26 20.22 -27.66
CA MET C 419 -13.23 19.18 -27.67
C MET C 419 -13.79 17.85 -27.18
N ASN C 420 -14.64 17.87 -26.16
CA ASN C 420 -15.25 16.62 -25.70
C ASN C 420 -16.13 16.01 -26.78
N VAL C 421 -16.96 16.84 -27.43
CA VAL C 421 -17.81 16.33 -28.52
C VAL C 421 -16.95 15.77 -29.65
N LEU C 422 -15.83 16.44 -29.94
CA LEU C 422 -14.92 15.92 -30.96
C LEU C 422 -14.33 14.57 -30.58
N SER C 423 -14.06 14.34 -29.28
CA SER C 423 -13.47 13.08 -28.86
C SER C 423 -14.40 11.90 -29.11
N LYS C 424 -15.71 12.13 -29.07
CA LYS C 424 -16.66 11.09 -29.47
C LYS C 424 -16.37 10.63 -30.88
N TYR C 425 -16.20 11.59 -31.79
CA TYR C 425 -15.92 11.30 -33.19
C TYR C 425 -14.57 10.60 -33.34
N PHE C 426 -13.55 11.10 -32.63
CA PHE C 426 -12.22 10.48 -32.68
C PHE C 426 -12.27 9.06 -32.13
N ALA C 427 -13.05 8.84 -31.06
CA ALA C 427 -13.14 7.51 -30.47
C ALA C 427 -13.69 6.51 -31.47
N GLU C 428 -14.72 6.89 -32.21
CA GLU C 428 -15.26 5.98 -33.21
C GLU C 428 -14.29 5.79 -34.37
N ILE C 429 -13.52 6.83 -34.73
CA ILE C 429 -12.53 6.69 -35.79
C ILE C 429 -11.45 5.70 -35.36
N VAL C 430 -11.10 5.69 -34.08
CA VAL C 430 -10.14 4.72 -33.56
C VAL C 430 -10.62 3.31 -33.83
N LYS C 431 -11.90 3.04 -33.54
CA LYS C 431 -12.41 1.69 -33.74
C LYS C 431 -12.44 1.31 -35.22
N LEU C 432 -12.63 2.27 -36.11
CA LEU C 432 -12.65 1.98 -37.54
C LEU C 432 -11.25 1.96 -38.16
N ASN C 433 -10.24 2.47 -37.47
CA ASN C 433 -8.87 2.51 -37.98
C ASN C 433 -7.91 2.10 -36.87
N PRO C 434 -7.86 0.81 -36.55
CA PRO C 434 -7.08 0.36 -35.39
C PRO C 434 -5.57 0.45 -35.57
N THR C 435 -5.08 0.59 -36.81
CA THR C 435 -3.64 0.65 -37.05
C THR C 435 -3.18 1.86 -37.85
N ARG C 436 -4.09 2.66 -38.42
CA ARG C 436 -3.70 3.77 -39.29
CA ARG C 436 -3.72 3.77 -39.30
C ARG C 436 -4.19 5.11 -38.78
N PHE C 437 -4.53 5.20 -37.49
CA PHE C 437 -4.93 6.45 -36.87
C PHE C 437 -4.34 6.53 -35.47
N ARG C 438 -3.84 7.71 -35.12
CA ARG C 438 -3.24 7.93 -33.81
C ARG C 438 -3.48 9.36 -33.38
N LEU C 439 -3.53 9.56 -32.06
CA LEU C 439 -3.69 10.88 -31.46
C LEU C 439 -2.46 11.16 -30.61
N PHE C 440 -1.88 12.35 -30.78
CA PHE C 440 -0.65 12.74 -30.12
C PHE C 440 -0.92 13.95 -29.24
N GLY C 441 -0.22 14.02 -28.12
CA GLY C 441 -0.31 15.16 -27.24
C GLY C 441 0.90 15.23 -26.32
N PRO C 442 1.14 16.39 -25.70
CA PRO C 442 2.26 16.50 -24.74
C PRO C 442 1.79 16.52 -23.30
N ASP C 443 1.30 15.38 -22.81
CA ASP C 443 0.74 15.27 -21.46
C ASP C 443 -0.47 16.18 -21.29
N GLU C 444 -1.29 16.27 -22.35
CA GLU C 444 -2.45 17.15 -22.33
C GLU C 444 -3.72 16.51 -22.88
N THR C 445 -3.67 15.25 -23.34
CA THR C 445 -4.86 14.65 -23.93
C THR C 445 -6.02 14.69 -22.94
N MET C 446 -5.77 14.31 -21.69
CA MET C 446 -6.81 14.37 -20.68
C MET C 446 -7.17 15.81 -20.35
N SER C 447 -6.16 16.67 -20.19
CA SER C 447 -6.41 18.07 -19.84
C SER C 447 -7.23 18.78 -20.90
N ASN C 448 -7.02 18.43 -22.17
CA ASN C 448 -7.79 19.00 -23.27
C ASN C 448 -9.13 18.33 -23.48
N ARG C 449 -9.51 17.41 -22.60
CA ARG C 449 -10.87 16.89 -22.51
C ARG C 449 -11.21 15.99 -23.69
N PHE C 450 -10.25 15.13 -24.08
CA PHE C 450 -10.54 14.03 -24.97
C PHE C 450 -11.07 12.85 -24.17
N TRP C 451 -12.11 13.10 -23.38
CA TRP C 451 -12.52 12.13 -22.36
C TRP C 451 -13.03 10.85 -22.99
N GLU C 452 -13.71 10.95 -24.13
CA GLU C 452 -14.30 9.78 -24.77
C GLU C 452 -13.24 8.85 -25.35
N MET C 453 -12.07 9.39 -25.71
CA MET C 453 -11.00 8.57 -26.29
C MET C 453 -10.56 7.48 -25.32
N PHE C 454 -10.49 7.79 -24.03
CA PHE C 454 -10.02 6.82 -23.03
C PHE C 454 -11.01 5.71 -22.77
N LYS C 455 -12.21 5.80 -23.34
CA LYS C 455 -13.20 4.74 -23.28
C LYS C 455 -12.95 3.67 -24.34
N VAL C 456 -12.03 3.92 -25.27
CA VAL C 456 -11.75 3.02 -26.38
C VAL C 456 -10.28 2.65 -26.49
N THR C 457 -9.35 3.36 -25.86
CA THR C 457 -7.93 3.05 -25.97
C THR C 457 -7.21 3.70 -24.79
N ASN C 458 -5.92 3.38 -24.67
CA ASN C 458 -5.04 3.95 -23.66
C ASN C 458 -3.86 4.65 -24.33
N ARG C 459 -3.04 5.30 -23.51
CA ARG C 459 -1.78 5.86 -23.97
C ARG C 459 -0.74 4.75 -24.08
N GLN C 460 0.01 4.75 -25.17
CA GLN C 460 1.06 3.76 -25.33
C GLN C 460 2.21 4.11 -24.41
N TRP C 461 2.68 3.13 -23.64
CA TRP C 461 3.66 3.36 -22.59
C TRP C 461 4.40 2.05 -22.35
N MET C 462 5.71 2.05 -22.52
CA MET C 462 6.50 0.83 -22.48
C MET C 462 7.16 0.57 -21.13
N GLN C 463 7.33 1.59 -20.30
CA GLN C 463 7.95 1.39 -19.00
C GLN C 463 6.98 0.71 -18.04
N VAL C 464 7.42 0.51 -16.81
CA VAL C 464 6.61 -0.20 -15.83
C VAL C 464 5.36 0.61 -15.52
N ILE C 465 4.25 -0.09 -15.27
CA ILE C 465 2.98 0.53 -14.95
C ILE C 465 2.65 0.24 -13.49
N LYS C 466 2.16 1.26 -12.77
CA LYS C 466 1.84 1.11 -11.35
C LYS C 466 0.43 1.65 -11.09
N ASN C 467 -0.57 0.87 -11.51
CA ASN C 467 -1.94 1.20 -11.15
C ASN C 467 -2.16 0.95 -9.66
N PRO C 468 -3.06 1.72 -9.01
CA PRO C 468 -3.93 2.76 -9.57
C PRO C 468 -3.31 4.17 -9.53
N ASN C 469 -2.04 4.27 -9.11
CA ASN C 469 -1.35 5.56 -9.17
C ASN C 469 -1.30 6.09 -10.60
N ASP C 470 -1.13 5.21 -11.57
CA ASP C 470 -1.22 5.56 -12.98
C ASP C 470 -2.64 5.31 -13.50
N GLU C 471 -2.92 5.81 -14.69
CA GLU C 471 -4.23 5.61 -15.30
C GLU C 471 -4.12 5.74 -16.82
N PHE C 472 -4.82 4.84 -17.52
CA PHE C 472 -4.98 4.86 -18.97
C PHE C 472 -3.62 4.85 -19.68
N ILE C 473 -2.72 3.98 -19.21
CA ILE C 473 -1.46 3.72 -19.88
C ILE C 473 -1.30 2.21 -20.02
N SER C 474 -0.69 1.79 -21.13
CA SER C 474 -0.58 0.39 -21.48
C SER C 474 0.51 0.25 -22.53
N PRO C 475 1.18 -0.91 -22.61
CA PRO C 475 2.17 -1.09 -23.69
C PRO C 475 1.60 -0.95 -25.08
N GLU C 476 0.28 -1.11 -25.26
CA GLU C 476 -0.38 -0.94 -26.54
C GLU C 476 -1.50 0.09 -26.41
N GLY C 477 -1.43 1.14 -27.22
CA GLY C 477 -2.46 2.17 -27.20
C GLY C 477 -2.37 3.04 -28.45
N ARG C 478 -3.52 3.60 -28.83
CA ARG C 478 -3.56 4.46 -30.02
CA ARG C 478 -3.58 4.46 -30.01
C ARG C 478 -3.27 5.91 -29.71
N ILE C 479 -3.14 6.27 -28.44
CA ILE C 479 -2.74 7.62 -28.04
C ILE C 479 -1.28 7.54 -27.63
N ILE C 480 -0.50 8.54 -28.04
CA ILE C 480 0.86 8.73 -27.52
C ILE C 480 0.88 10.14 -26.94
N ASP C 481 0.92 10.21 -25.61
CA ASP C 481 0.69 11.45 -24.87
C ASP C 481 1.58 11.60 -23.65
N SER C 482 2.41 10.62 -23.34
CA SER C 482 3.07 10.54 -22.04
C SER C 482 4.49 11.12 -22.06
N GLN C 483 4.87 11.85 -23.10
CA GLN C 483 6.12 12.60 -23.08
C GLN C 483 5.83 14.09 -23.21
N LEU C 484 6.41 14.87 -22.29
CA LEU C 484 6.19 16.31 -22.25
C LEU C 484 7.15 16.97 -23.23
N SER C 485 6.79 16.90 -24.51
CA SER C 485 7.62 17.49 -25.56
C SER C 485 6.76 17.74 -26.80
N GLU C 486 6.56 19.01 -27.14
CA GLU C 486 5.87 19.32 -28.38
C GLU C 486 6.69 18.88 -29.59
N HIS C 487 8.01 19.01 -29.52
CA HIS C 487 8.87 18.58 -30.63
C HIS C 487 8.64 17.10 -30.92
N GLN C 488 8.52 16.29 -29.87
CA GLN C 488 8.27 14.87 -30.03
C GLN C 488 6.90 14.63 -30.64
N ALA C 489 5.85 15.22 -30.06
CA ALA C 489 4.50 15.01 -30.57
C ALA C 489 4.38 15.40 -32.02
N GLU C 490 4.92 16.57 -32.38
CA GLU C 490 4.88 17.03 -33.77
C GLU C 490 5.72 16.14 -34.67
N GLY C 491 6.94 15.82 -34.24
CA GLY C 491 7.81 14.99 -35.07
C GLY C 491 7.23 13.62 -35.33
N TRP C 492 6.67 12.99 -34.29
CA TRP C 492 6.01 11.70 -34.48
C TRP C 492 4.88 11.81 -35.50
N LEU C 493 4.02 12.82 -35.35
CA LEU C 493 2.91 12.99 -36.29
C LEU C 493 3.40 13.20 -37.71
N GLU C 494 4.45 14.01 -37.87
CA GLU C 494 5.00 14.27 -39.21
C GLU C 494 5.49 12.98 -39.86
N GLY C 495 6.25 12.18 -39.12
CA GLY C 495 6.71 10.91 -39.67
C GLY C 495 5.55 9.96 -39.96
N TYR C 496 4.57 9.92 -39.06
CA TYR C 496 3.38 9.11 -39.28
C TYR C 496 2.63 9.57 -40.52
N THR C 497 2.56 10.89 -40.74
CA THR C 497 1.79 11.43 -41.86
C THR C 497 2.50 11.19 -43.19
N LEU C 498 3.80 11.48 -43.25
CA LEU C 498 4.55 11.32 -44.49
C LEU C 498 4.57 9.87 -44.96
N THR C 499 4.38 8.91 -44.06
CA THR C 499 4.40 7.51 -44.42
C THR C 499 3.01 6.95 -44.68
N GLY C 500 2.03 7.83 -44.91
CA GLY C 500 0.75 7.42 -45.44
C GLY C 500 -0.39 7.38 -44.45
N ARG C 501 -0.12 7.49 -43.17
CA ARG C 501 -1.17 7.40 -42.16
C ARG C 501 -1.65 8.79 -41.75
N THR C 502 -2.70 8.81 -40.93
CA THR C 502 -3.33 10.05 -40.50
C THR C 502 -3.41 10.12 -38.99
N GLY C 503 -3.25 11.32 -38.44
CA GLY C 503 -3.33 11.50 -37.01
C GLY C 503 -3.68 12.93 -36.66
N ALA C 504 -3.52 13.25 -35.38
CA ALA C 504 -3.77 14.60 -34.91
C ALA C 504 -2.90 14.87 -33.69
N PHE C 505 -2.45 16.12 -33.55
CA PHE C 505 -1.64 16.57 -32.43
C PHE C 505 -2.35 17.76 -31.80
N ALA C 506 -2.83 17.57 -30.57
CA ALA C 506 -3.51 18.65 -29.84
C ALA C 506 -2.58 19.23 -28.78
N SER C 507 -2.61 20.55 -28.64
CA SER C 507 -1.73 21.24 -27.72
C SER C 507 -2.36 22.54 -27.25
N TYR C 508 -1.95 22.98 -26.07
CA TYR C 508 -2.23 24.34 -25.64
C TYR C 508 -1.80 25.31 -26.74
N GLU C 509 -2.65 26.30 -26.99
CA GLU C 509 -2.44 27.19 -28.14
C GLU C 509 -1.05 27.83 -28.09
N SER C 510 -0.70 28.43 -26.95
CA SER C 510 0.55 29.20 -26.87
C SER C 510 1.77 28.28 -26.96
N PHE C 511 1.67 27.07 -26.42
CA PHE C 511 2.80 26.15 -26.42
C PHE C 511 2.94 25.38 -27.72
N LEU C 512 1.92 25.38 -28.59
CA LEU C 512 2.14 24.84 -29.92
C LEU C 512 3.17 25.65 -30.69
N ARG C 513 3.36 26.92 -30.33
CA ARG C 513 4.33 27.75 -31.01
C ARG C 513 5.75 27.35 -30.69
N VAL C 514 5.95 26.49 -29.68
CA VAL C 514 7.25 25.86 -29.48
C VAL C 514 7.67 25.17 -30.77
N VAL C 515 6.71 24.76 -31.58
CA VAL C 515 6.94 23.96 -32.77
C VAL C 515 6.64 24.77 -34.04
N ASP C 516 6.63 26.11 -33.93
CA ASP C 516 6.44 26.97 -35.10
C ASP C 516 7.32 26.55 -36.27
N SER C 517 8.62 26.34 -36.01
CA SER C 517 9.55 26.10 -37.12
C SER C 517 9.39 24.71 -37.72
N MET C 518 8.97 23.73 -36.92
CA MET C 518 8.70 22.40 -37.48
C MET C 518 7.55 22.46 -38.47
N LEU C 519 6.48 23.18 -38.13
CA LEU C 519 5.37 23.32 -39.06
C LEU C 519 5.83 24.01 -40.34
N THR C 520 6.71 25.01 -40.22
CA THR C 520 7.28 25.62 -41.41
C THR C 520 7.94 24.58 -42.30
N GLN C 521 8.78 23.73 -41.71
CA GLN C 521 9.53 22.75 -42.50
C GLN C 521 8.62 21.70 -43.12
N HIS C 522 7.57 21.30 -42.40
CA HIS C 522 6.63 20.34 -42.98
C HIS C 522 5.88 20.95 -44.16
N PHE C 523 5.47 22.22 -44.04
CA PHE C 523 4.87 22.92 -45.16
C PHE C 523 5.82 22.96 -46.36
N LYS C 524 7.05 23.40 -46.14
CA LYS C 524 7.99 23.48 -47.24
C LYS C 524 8.14 22.13 -47.94
N TRP C 525 8.13 21.05 -47.17
CA TRP C 525 8.31 19.73 -47.76
C TRP C 525 7.14 19.37 -48.67
N ILE C 526 5.91 19.45 -48.16
CA ILE C 526 4.75 19.06 -48.97
C ILE C 526 4.58 20.03 -50.15
N ARG C 527 4.99 21.29 -49.99
CA ARG C 527 4.93 22.22 -51.11
C ARG C 527 5.90 21.81 -52.20
N GLN C 528 7.16 21.52 -51.82
CA GLN C 528 8.15 21.15 -52.83
C GLN C 528 7.83 19.78 -53.42
N ALA C 529 7.32 18.86 -52.60
CA ALA C 529 6.96 17.55 -53.11
C ALA C 529 5.84 17.62 -54.14
N ALA C 530 4.93 18.59 -53.98
CA ALA C 530 3.86 18.78 -54.95
C ALA C 530 4.40 19.20 -56.31
N ASP C 531 5.58 19.82 -56.35
CA ASP C 531 6.17 20.22 -57.62
C ASP C 531 6.83 19.04 -58.33
N GLN C 532 6.91 17.88 -57.70
CA GLN C 532 7.50 16.69 -58.30
C GLN C 532 6.36 15.79 -58.78
N LYS C 533 6.18 15.73 -60.10
CA LYS C 533 5.10 14.94 -60.67
C LYS C 533 5.28 13.44 -60.52
N TRP C 534 6.49 12.98 -60.18
CA TRP C 534 6.73 11.57 -59.94
C TRP C 534 6.41 11.14 -58.52
N ARG C 535 6.00 12.08 -57.65
CA ARG C 535 5.73 11.80 -56.25
C ARG C 535 4.24 11.67 -55.99
N HIS C 536 3.87 10.69 -55.17
CA HIS C 536 2.51 10.57 -54.68
C HIS C 536 2.26 11.67 -53.63
N ASP C 537 1.01 12.09 -53.52
CA ASP C 537 0.65 13.08 -52.51
C ASP C 537 0.62 12.45 -51.12
N TYR C 538 0.41 13.27 -50.10
CA TYR C 538 0.43 12.83 -48.72
C TYR C 538 -0.93 13.02 -48.05
N PRO C 539 -1.19 12.31 -46.95
CA PRO C 539 -2.28 12.71 -46.06
C PRO C 539 -1.95 14.08 -45.48
N SER C 540 -2.97 14.71 -44.89
CA SER C 540 -2.81 16.02 -44.28
C SER C 540 -2.33 15.88 -42.84
N LEU C 541 -1.60 16.89 -42.37
CA LEU C 541 -1.13 16.97 -41.00
C LEU C 541 -2.13 17.79 -40.18
N ASN C 542 -2.71 17.19 -39.15
CA ASN C 542 -3.77 17.82 -38.37
C ASN C 542 -3.24 18.21 -37.00
N VAL C 543 -3.25 19.51 -36.71
CA VAL C 543 -2.83 20.05 -35.41
C VAL C 543 -3.95 20.90 -34.84
N ILE C 544 -4.19 20.77 -33.54
CA ILE C 544 -5.28 21.45 -32.85
C ILE C 544 -4.71 22.38 -31.81
N SER C 545 -5.11 23.65 -31.85
CA SER C 545 -4.84 24.63 -30.81
C SER C 545 -6.09 24.74 -29.94
N THR C 546 -5.99 24.25 -28.70
CA THR C 546 -7.08 24.38 -27.74
C THR C 546 -6.51 25.10 -26.51
N SER C 547 -7.32 25.17 -25.44
CA SER C 547 -6.99 25.98 -24.27
C SER C 547 -6.50 27.36 -24.72
N THR C 548 -7.34 28.02 -25.50
CA THR C 548 -6.92 29.15 -26.32
C THR C 548 -6.85 30.46 -25.53
N VAL C 549 -6.61 31.55 -26.27
CA VAL C 549 -6.31 32.85 -25.68
C VAL C 549 -7.47 33.39 -24.85
N PHE C 550 -8.71 33.24 -25.30
CA PHE C 550 -9.85 33.85 -24.61
C PHE C 550 -10.56 32.89 -23.65
N GLN C 551 -9.92 31.78 -23.28
CA GLN C 551 -10.50 30.86 -22.32
C GLN C 551 -9.35 30.29 -21.47
N GLN C 552 -8.60 31.21 -20.86
CA GLN C 552 -7.51 30.84 -19.98
C GLN C 552 -8.03 29.95 -18.85
N ASP C 553 -7.17 29.07 -18.38
CA ASP C 553 -7.52 28.16 -17.30
C ASP C 553 -6.83 28.67 -16.04
N HIS C 554 -5.90 27.88 -15.49
CA HIS C 554 -5.18 28.25 -14.29
C HIS C 554 -3.82 28.87 -14.62
N ASN C 555 -3.73 29.63 -15.72
CA ASN C 555 -2.46 30.14 -16.22
C ASN C 555 -2.37 31.67 -16.16
N GLY C 556 -2.96 32.38 -17.13
CA GLY C 556 -3.02 33.83 -17.11
C GLY C 556 -2.38 34.46 -18.35
N TYR C 557 -1.87 35.70 -18.16
CA TYR C 557 -1.47 36.57 -19.26
C TYR C 557 -0.28 36.04 -20.03
N THR C 558 0.65 35.41 -19.32
CA THR C 558 1.90 35.02 -19.95
C THR C 558 1.74 33.88 -20.94
N HIS C 559 0.59 33.22 -20.94
CA HIS C 559 0.34 32.06 -21.78
C HIS C 559 -0.72 32.30 -22.84
N GLN C 560 -0.73 33.50 -23.38
CA GLN C 560 -1.72 33.95 -24.37
C GLN C 560 -0.94 34.31 -25.61
N ASP C 561 -1.09 33.50 -26.66
CA ASP C 561 -0.45 33.76 -27.94
C ASP C 561 -1.18 33.03 -29.07
N PRO C 562 -2.14 33.71 -29.74
CA PRO C 562 -2.82 33.09 -30.89
C PRO C 562 -2.13 33.39 -32.22
N GLY C 563 -0.83 33.64 -32.18
CA GLY C 563 -0.09 34.06 -33.36
C GLY C 563 0.15 32.97 -34.39
N MET C 564 -0.16 31.72 -34.07
CA MET C 564 -0.01 30.65 -35.06
C MET C 564 -0.80 30.95 -36.33
N LEU C 565 -1.98 31.55 -36.18
CA LEU C 565 -2.80 31.86 -37.34
C LEU C 565 -2.03 32.75 -38.33
N THR C 566 -1.32 33.76 -37.81
CA THR C 566 -0.55 34.64 -38.67
C THR C 566 0.65 33.91 -39.26
N HIS C 567 1.33 33.10 -38.46
CA HIS C 567 2.51 32.38 -38.93
C HIS C 567 2.17 31.52 -40.15
N LEU C 568 1.08 30.76 -40.07
CA LEU C 568 0.73 29.84 -41.14
C LEU C 568 0.04 30.55 -42.30
N ALA C 569 -0.61 31.69 -42.03
CA ALA C 569 -1.26 32.45 -43.09
C ALA C 569 -0.25 33.08 -44.05
N GLU C 570 1.03 33.17 -43.65
CA GLU C 570 2.07 33.71 -44.50
C GLU C 570 2.68 32.68 -45.45
N LYS C 571 2.42 31.38 -45.24
CA LYS C 571 2.90 30.40 -46.18
C LYS C 571 1.96 30.30 -47.38
N LYS C 572 2.36 29.50 -48.38
CA LYS C 572 1.52 29.32 -49.57
C LYS C 572 0.19 28.69 -49.18
N SER C 573 -0.90 29.44 -49.43
CA SER C 573 -2.22 29.07 -48.93
C SER C 573 -2.76 27.78 -49.54
N ASP C 574 -2.25 27.37 -50.70
CA ASP C 574 -2.71 26.11 -51.31
C ASP C 574 -2.33 24.89 -50.49
N PHE C 575 -1.46 25.03 -49.48
CA PHE C 575 -1.07 23.91 -48.64
C PHE C 575 -1.44 24.12 -47.18
N ILE C 576 -2.17 25.18 -46.86
CA ILE C 576 -2.55 25.49 -45.49
C ILE C 576 -4.06 25.64 -45.43
N ARG C 577 -4.67 24.99 -44.44
CA ARG C 577 -6.11 25.12 -44.17
C ARG C 577 -6.27 25.41 -42.68
N GLN C 578 -6.71 26.61 -42.34
CA GLN C 578 -6.94 27.01 -40.96
C GLN C 578 -8.43 27.20 -40.71
N TYR C 579 -8.94 26.51 -39.69
CA TYR C 579 -10.37 26.51 -39.38
C TYR C 579 -10.59 26.96 -37.94
N LEU C 580 -11.57 27.85 -37.76
CA LEU C 580 -11.94 28.39 -36.45
C LEU C 580 -13.41 28.10 -36.17
N PRO C 581 -13.77 26.84 -35.94
CA PRO C 581 -15.17 26.51 -35.63
C PRO C 581 -15.65 27.21 -34.37
N ALA C 582 -16.89 27.69 -34.41
CA ALA C 582 -17.44 28.43 -33.29
C ALA C 582 -18.19 27.55 -32.29
N ASP C 583 -18.50 26.30 -32.64
CA ASP C 583 -19.18 25.40 -31.73
C ASP C 583 -18.84 23.96 -32.10
N GLY C 584 -19.46 23.02 -31.40
CA GLY C 584 -19.08 21.61 -31.54
C GLY C 584 -19.45 21.04 -32.89
N ASN C 585 -20.66 21.33 -33.37
CA ASN C 585 -21.11 20.77 -34.64
C ASN C 585 -20.20 21.22 -35.79
N THR C 586 -19.82 22.50 -35.81
CA THR C 586 -18.90 22.97 -36.82
C THR C 586 -17.56 22.25 -36.72
N LEU C 587 -17.06 22.08 -35.49
CA LEU C 587 -15.81 21.36 -35.28
C LEU C 587 -15.88 19.96 -35.86
N LEU C 588 -16.99 19.25 -35.62
CA LEU C 588 -17.15 17.91 -36.18
C LEU C 588 -17.12 17.95 -37.70
N ALA C 589 -17.87 18.89 -38.30
CA ALA C 589 -17.96 18.95 -39.75
C ALA C 589 -16.63 19.34 -40.36
N VAL C 590 -15.85 20.16 -39.67
CA VAL C 590 -14.54 20.59 -40.16
C VAL C 590 -13.60 19.40 -40.24
N PHE C 591 -13.63 18.51 -39.25
CA PHE C 591 -12.69 17.40 -39.28
C PHE C 591 -13.10 16.33 -40.27
N ASP C 592 -14.39 16.17 -40.55
CA ASP C 592 -14.79 15.31 -41.65
C ASP C 592 -14.12 15.75 -42.95
N ARG C 593 -13.99 17.06 -43.15
CA ARG C 593 -13.32 17.57 -44.33
C ARG C 593 -11.81 17.48 -44.22
N ALA C 594 -11.25 17.87 -43.06
CA ALA C 594 -9.81 17.87 -42.89
C ALA C 594 -9.23 16.46 -43.08
N PHE C 595 -9.91 15.45 -42.53
CA PHE C 595 -9.44 14.07 -42.64
C PHE C 595 -9.53 13.53 -44.06
N GLN C 596 -10.16 14.25 -44.98
CA GLN C 596 -10.23 13.85 -46.38
C GLN C 596 -9.29 14.65 -47.28
N ASP C 597 -8.68 15.72 -46.79
CA ASP C 597 -7.81 16.56 -47.60
C ASP C 597 -6.42 15.93 -47.73
N ARG C 598 -5.72 16.35 -48.77
CA ARG C 598 -4.41 15.80 -49.10
C ARG C 598 -3.37 16.92 -49.10
N SER C 599 -2.18 16.59 -48.60
CA SER C 599 -1.03 17.48 -48.66
C SER C 599 -1.35 18.87 -48.13
N LYS C 600 -1.90 18.90 -46.92
CA LYS C 600 -2.18 20.15 -46.23
C LYS C 600 -1.59 20.08 -44.82
N ILE C 601 -1.46 21.26 -44.23
CA ILE C 601 -1.44 21.41 -42.78
C ILE C 601 -2.80 21.91 -42.40
N ASN C 602 -3.53 21.13 -41.62
CA ASN C 602 -4.83 21.53 -41.10
C ASN C 602 -4.63 22.00 -39.66
N HIS C 603 -4.80 23.30 -39.44
CA HIS C 603 -4.72 23.90 -38.12
C HIS C 603 -6.12 24.27 -37.67
N ILE C 604 -6.58 23.65 -36.60
CA ILE C 604 -7.93 23.84 -36.07
C ILE C 604 -7.82 24.50 -34.70
N VAL C 605 -8.47 25.65 -34.56
CA VAL C 605 -8.64 26.31 -33.27
C VAL C 605 -9.95 25.86 -32.68
N ALA C 606 -9.90 25.24 -31.49
CA ALA C 606 -11.08 24.60 -30.91
C ALA C 606 -11.18 24.93 -29.43
N SER C 607 -12.41 25.11 -28.97
CA SER C 607 -12.70 25.39 -27.57
C SER C 607 -12.89 24.10 -26.79
N LYS C 608 -12.45 24.12 -25.53
CA LYS C 608 -12.67 23.02 -24.61
C LYS C 608 -13.54 23.41 -23.42
N GLN C 609 -13.79 24.71 -23.22
CA GLN C 609 -14.60 25.16 -22.10
C GLN C 609 -16.08 25.11 -22.49
N PRO C 610 -16.98 24.96 -21.52
CA PRO C 610 -18.41 24.89 -21.87
C PRO C 610 -18.86 26.23 -22.45
N ARG C 611 -19.49 26.18 -23.62
CA ARG C 611 -19.91 27.37 -24.34
C ARG C 611 -21.24 27.12 -25.02
N GLN C 612 -21.95 28.21 -25.32
CA GLN C 612 -23.21 28.12 -26.05
C GLN C 612 -23.01 27.45 -27.41
N GLN C 613 -23.99 26.62 -27.78
CA GLN C 613 -24.01 25.98 -29.09
C GLN C 613 -25.00 26.73 -29.99
N TRP C 614 -24.66 26.83 -31.27
CA TRP C 614 -25.33 27.77 -32.15
C TRP C 614 -25.96 27.14 -33.39
N PHE C 615 -25.23 26.27 -34.08
CA PHE C 615 -25.57 25.92 -35.45
C PHE C 615 -26.15 24.51 -35.54
N THR C 616 -27.17 24.37 -36.38
CA THR C 616 -27.68 23.07 -36.77
C THR C 616 -26.60 22.31 -37.53
N LYS C 617 -26.77 21.00 -37.61
CA LYS C 617 -25.77 20.22 -38.33
C LYS C 617 -25.84 20.46 -39.83
N GLU C 618 -26.95 21.01 -40.33
CA GLU C 618 -27.01 21.43 -41.72
C GLU C 618 -26.21 22.70 -41.93
N GLU C 619 -26.37 23.68 -41.03
CA GLU C 619 -25.58 24.89 -41.09
C GLU C 619 -24.09 24.57 -40.89
N ALA C 620 -23.78 23.64 -39.98
CA ALA C 620 -22.39 23.26 -39.75
C ALA C 620 -21.76 22.67 -41.00
N GLU C 621 -22.50 21.80 -41.70
CA GLU C 621 -22.00 21.25 -42.96
C GLU C 621 -21.71 22.37 -43.95
N LYS C 622 -22.60 23.35 -44.04
CA LYS C 622 -22.37 24.47 -44.95
C LYS C 622 -21.15 25.27 -44.53
N LEU C 623 -21.01 25.53 -43.24
CA LEU C 623 -19.88 26.34 -42.78
C LEU C 623 -18.55 25.61 -43.01
N ALA C 624 -18.53 24.29 -42.84
CA ALA C 624 -17.31 23.52 -43.05
C ALA C 624 -16.99 23.32 -44.53
N THR C 625 -18.01 23.18 -45.37
CA THR C 625 -17.77 22.99 -46.80
C THR C 625 -17.40 24.30 -47.50
N ASP C 626 -18.20 25.34 -47.32
CA ASP C 626 -17.90 26.62 -47.94
C ASP C 626 -16.90 27.44 -47.15
N GLY C 627 -16.72 27.15 -45.85
CA GLY C 627 -15.82 27.88 -45.01
C GLY C 627 -16.34 29.22 -44.54
N ILE C 628 -17.52 29.63 -44.99
CA ILE C 628 -18.07 30.94 -44.67
C ILE C 628 -19.55 30.93 -45.04
N ALA C 629 -20.35 31.70 -44.34
CA ALA C 629 -21.78 31.72 -44.64
C ALA C 629 -22.44 32.88 -43.92
N THR C 630 -23.40 33.52 -44.59
CA THR C 630 -24.29 34.48 -43.97
C THR C 630 -25.39 33.73 -43.23
N ILE C 631 -25.63 34.10 -41.98
CA ILE C 631 -26.57 33.39 -41.11
C ILE C 631 -27.88 34.19 -41.09
N ASP C 632 -28.94 33.62 -41.67
CA ASP C 632 -30.17 34.39 -41.85
C ASP C 632 -30.79 34.81 -40.52
N TRP C 633 -30.84 33.91 -39.54
CA TRP C 633 -31.51 34.25 -38.28
C TRP C 633 -30.70 35.23 -37.44
N ALA C 634 -29.46 35.52 -37.82
CA ALA C 634 -28.66 36.56 -37.20
C ALA C 634 -28.49 37.78 -38.10
N SER C 635 -29.29 37.87 -39.15
CA SER C 635 -29.17 38.93 -40.15
C SER C 635 -30.53 39.60 -40.37
N THR C 636 -30.52 40.91 -40.57
CA THR C 636 -31.73 41.62 -40.96
C THR C 636 -31.80 41.86 -42.46
N ALA C 637 -30.75 41.49 -43.20
CA ALA C 637 -30.68 41.61 -44.65
C ALA C 637 -30.10 40.31 -45.21
N LYS C 638 -30.12 40.18 -46.53
CA LYS C 638 -29.64 38.97 -47.20
C LYS C 638 -28.36 39.24 -48.00
N ASP C 639 -27.85 38.17 -48.61
CA ASP C 639 -26.61 38.21 -49.40
C ASP C 639 -26.77 39.09 -50.63
N GLY C 640 -25.75 39.91 -50.88
CA GLY C 640 -25.70 40.77 -52.04
C GLY C 640 -26.66 41.93 -52.00
N GLU C 641 -27.27 42.17 -50.85
CA GLU C 641 -28.23 43.25 -50.65
C GLU C 641 -27.56 44.40 -49.91
N ALA C 642 -28.05 45.62 -50.16
CA ALA C 642 -27.49 46.78 -49.48
C ALA C 642 -27.76 46.69 -47.98
N VAL C 643 -26.76 47.12 -47.20
CA VAL C 643 -26.80 47.05 -45.74
C VAL C 643 -26.21 48.32 -45.16
N ASP C 644 -26.53 48.59 -43.90
CA ASP C 644 -25.92 49.70 -43.18
C ASP C 644 -24.54 49.32 -42.62
N LEU C 645 -24.36 48.06 -42.23
CA LEU C 645 -23.08 47.55 -41.78
C LEU C 645 -23.15 46.03 -41.82
N VAL C 646 -22.00 45.38 -41.61
CA VAL C 646 -21.92 43.93 -41.62
C VAL C 646 -21.21 43.48 -40.35
N PHE C 647 -21.77 42.45 -39.71
CA PHE C 647 -21.15 41.77 -38.58
C PHE C 647 -20.54 40.46 -39.03
N ALA C 648 -19.33 40.17 -38.52
CA ALA C 648 -18.64 38.94 -38.86
C ALA C 648 -17.74 38.55 -37.70
N SER C 649 -17.42 37.26 -37.62
CA SER C 649 -16.56 36.77 -36.56
C SER C 649 -15.98 35.43 -36.97
N ALA C 650 -14.83 35.10 -36.37
CA ALA C 650 -14.19 33.80 -36.55
C ALA C 650 -13.66 33.35 -35.19
N GLY C 651 -14.18 32.23 -34.69
CA GLY C 651 -13.81 31.73 -33.38
C GLY C 651 -15.02 31.62 -32.47
N ALA C 652 -14.80 30.88 -31.37
CA ALA C 652 -15.87 30.62 -30.42
C ALA C 652 -16.23 31.87 -29.62
N GLU C 653 -15.30 32.36 -28.81
CA GLU C 653 -15.57 33.57 -28.03
C GLU C 653 -15.93 34.76 -28.92
N PRO C 654 -15.17 35.07 -29.98
CA PRO C 654 -15.58 36.21 -30.82
C PRO C 654 -16.98 36.08 -31.40
N THR C 655 -17.39 34.88 -31.77
CA THR C 655 -18.74 34.68 -32.30
C THR C 655 -19.79 34.97 -31.25
N ILE C 656 -19.55 34.56 -30.01
CA ILE C 656 -20.49 34.83 -28.93
C ILE C 656 -20.67 36.33 -28.75
N GLU C 657 -19.57 37.07 -28.74
CA GLU C 657 -19.63 38.49 -28.45
C GLU C 657 -20.18 39.29 -29.64
N THR C 658 -19.83 38.89 -30.86
CA THR C 658 -20.35 39.59 -32.03
C THR C 658 -21.86 39.38 -32.15
N LEU C 659 -22.33 38.15 -31.94
CA LEU C 659 -23.77 37.90 -31.97
C LEU C 659 -24.50 38.69 -30.90
N ALA C 660 -23.92 38.74 -29.70
CA ALA C 660 -24.54 39.53 -28.63
C ALA C 660 -24.54 41.02 -28.96
N ALA C 661 -23.53 41.48 -29.69
CA ALA C 661 -23.45 42.90 -30.04
C ALA C 661 -24.60 43.31 -30.97
N LEU C 662 -24.78 42.56 -32.06
CA LEU C 662 -25.84 42.89 -33.01
C LEU C 662 -27.21 42.65 -32.40
N HIS C 663 -27.31 41.73 -31.45
CA HIS C 663 -28.57 41.49 -30.74
C HIS C 663 -28.97 42.72 -29.94
N LEU C 664 -28.00 43.38 -29.32
CA LEU C 664 -28.24 44.61 -28.58
C LEU C 664 -28.63 45.76 -29.52
N VAL C 665 -27.97 45.87 -30.68
CA VAL C 665 -28.29 46.94 -31.63
C VAL C 665 -29.66 46.73 -32.25
N ASN C 666 -29.93 45.54 -32.79
CA ASN C 666 -31.19 45.30 -33.49
C ASN C 666 -32.37 45.51 -32.58
N GLU C 667 -32.21 45.18 -31.31
CA GLU C 667 -33.30 45.34 -30.37
C GLU C 667 -33.70 46.81 -30.27
N VAL C 668 -32.73 47.74 -30.29
CA VAL C 668 -33.03 49.14 -30.12
C VAL C 668 -33.28 49.87 -31.44
N PHE C 669 -32.78 49.34 -32.55
CA PHE C 669 -32.93 49.97 -33.85
C PHE C 669 -33.15 48.86 -34.87
N PRO C 670 -34.35 48.27 -34.88
CA PRO C 670 -34.60 47.14 -35.79
C PRO C 670 -34.51 47.50 -37.26
N GLN C 671 -34.47 48.78 -37.61
CA GLN C 671 -34.36 49.22 -39.00
CA GLN C 671 -34.37 49.15 -39.02
C GLN C 671 -32.94 49.12 -39.53
N ALA C 672 -31.95 48.93 -38.67
CA ALA C 672 -30.59 48.79 -39.15
C ALA C 672 -30.49 47.52 -39.99
N LYS C 673 -30.02 47.67 -41.22
CA LYS C 673 -29.90 46.57 -42.17
C LYS C 673 -28.47 46.03 -42.08
N PHE C 674 -28.33 44.74 -41.78
CA PHE C 674 -27.01 44.15 -41.68
C PHE C 674 -27.11 42.65 -41.92
N ARG C 675 -25.96 42.08 -42.30
CA ARG C 675 -25.75 40.65 -42.33
C ARG C 675 -24.81 40.26 -41.20
N TYR C 676 -25.00 39.04 -40.67
CA TYR C 676 -23.99 38.41 -39.84
C TYR C 676 -23.34 37.31 -40.66
N VAL C 677 -22.02 37.30 -40.69
CA VAL C 677 -21.26 36.34 -41.50
C VAL C 677 -20.34 35.60 -40.55
N ASN C 678 -20.53 34.28 -40.46
CA ASN C 678 -19.64 33.45 -39.66
C ASN C 678 -18.49 32.96 -40.53
N VAL C 679 -17.27 33.20 -40.07
CA VAL C 679 -16.06 32.87 -40.83
C VAL C 679 -15.37 31.70 -40.15
N VAL C 680 -15.25 30.60 -40.86
CA VAL C 680 -14.56 29.42 -40.37
C VAL C 680 -13.23 29.20 -41.10
N GLU C 681 -13.26 29.17 -42.43
CA GLU C 681 -12.06 28.95 -43.24
C GLU C 681 -11.45 30.33 -43.54
N LEU C 682 -10.59 30.79 -42.62
CA LEU C 682 -10.10 32.17 -42.68
C LEU C 682 -9.32 32.45 -43.96
N GLY C 683 -8.60 31.47 -44.48
CA GLY C 683 -7.77 31.69 -45.66
C GLY C 683 -8.53 32.16 -46.89
N ARG C 684 -9.84 31.88 -46.96
CA ARG C 684 -10.60 32.26 -48.15
C ARG C 684 -10.68 33.77 -48.33
N LEU C 685 -10.54 34.53 -47.24
CA LEU C 685 -10.68 35.99 -47.34
C LEU C 685 -9.42 36.66 -47.88
N GLN C 686 -8.30 35.94 -47.94
CA GLN C 686 -7.06 36.54 -48.39
C GLN C 686 -7.09 36.77 -49.89
N LYS C 687 -6.21 37.67 -50.34
CA LYS C 687 -5.92 37.86 -51.76
C LYS C 687 -4.44 38.28 -51.84
N LYS C 688 -3.58 37.30 -51.66
CA LYS C 688 -2.14 37.51 -51.56
C LYS C 688 -1.51 37.60 -52.94
N LYS C 689 -0.39 38.31 -53.02
CA LYS C 689 0.41 38.28 -54.23
C LYS C 689 1.30 37.03 -54.22
N GLY C 690 1.61 36.55 -55.41
CA GLY C 690 2.37 35.32 -55.52
C GLY C 690 1.47 34.15 -55.83
N ALA C 691 2.00 33.18 -56.56
CA ALA C 691 1.22 32.02 -56.96
C ALA C 691 1.08 31.04 -55.80
N LEU C 692 0.27 30.01 -56.05
CA LEU C 692 -0.02 28.94 -55.07
C LEU C 692 -0.75 29.45 -53.84
N ASN C 693 -1.59 30.48 -54.01
CA ASN C 693 -2.42 31.01 -52.95
C ASN C 693 -3.89 31.12 -53.33
N GLN C 694 -4.27 30.73 -54.56
CA GLN C 694 -5.54 31.13 -55.14
C GLN C 694 -6.62 30.05 -55.14
N GLU C 695 -6.32 28.83 -54.69
CA GLU C 695 -7.30 27.76 -54.84
C GLU C 695 -8.61 28.06 -54.10
N ARG C 696 -8.53 28.58 -52.87
CA ARG C 696 -9.70 28.77 -52.03
C ARG C 696 -10.03 30.23 -51.77
N GLU C 697 -9.32 31.16 -52.40
CA GLU C 697 -9.58 32.58 -52.19
C GLU C 697 -10.91 32.94 -52.84
N LEU C 698 -11.70 33.73 -52.13
CA LEU C 698 -12.97 34.19 -52.68
C LEU C 698 -12.73 35.10 -53.87
N SER C 699 -13.60 34.98 -54.88
CA SER C 699 -13.59 35.94 -55.96
C SER C 699 -14.05 37.30 -55.47
N ASP C 700 -13.78 38.33 -56.27
CA ASP C 700 -14.24 39.67 -55.90
C ASP C 700 -15.74 39.70 -55.73
N GLU C 701 -16.48 38.94 -56.54
CA GLU C 701 -17.94 38.93 -56.46
C GLU C 701 -18.43 38.33 -55.15
N GLU C 702 -17.94 37.14 -54.80
CA GLU C 702 -18.42 36.50 -53.59
C GLU C 702 -17.99 37.25 -52.34
N PHE C 703 -16.79 37.82 -52.33
CA PHE C 703 -16.35 38.57 -51.15
C PHE C 703 -17.30 39.74 -50.87
N GLU C 704 -17.70 40.45 -51.93
CA GLU C 704 -18.62 41.58 -51.75
C GLU C 704 -20.01 41.09 -51.33
N LYS C 705 -20.38 39.88 -51.74
CA LYS C 705 -21.65 39.29 -51.33
C LYS C 705 -21.75 39.19 -49.81
N TYR C 706 -20.64 38.89 -49.15
CA TYR C 706 -20.67 38.76 -47.70
C TYR C 706 -20.47 40.12 -47.03
N PHE C 707 -19.46 40.88 -47.46
CA PHE C 707 -19.04 42.08 -46.76
C PHE C 707 -19.46 43.38 -47.46
N GLY C 708 -20.16 43.30 -48.58
CA GLY C 708 -20.58 44.48 -49.30
C GLY C 708 -19.42 45.15 -50.00
N PRO C 709 -19.67 46.29 -50.64
CA PRO C 709 -18.60 47.02 -51.34
C PRO C 709 -17.71 47.78 -50.36
N SER C 710 -16.58 48.26 -50.90
CA SER C 710 -15.66 49.05 -50.11
C SER C 710 -16.37 50.26 -49.50
N GLY C 711 -16.07 50.52 -48.23
CA GLY C 711 -16.74 51.54 -47.45
C GLY C 711 -17.79 50.98 -46.50
N THR C 712 -18.26 49.77 -46.74
CA THR C 712 -19.23 49.14 -45.85
C THR C 712 -18.56 48.84 -44.52
N PRO C 713 -19.04 49.39 -43.40
CA PRO C 713 -18.44 49.04 -42.11
C PRO C 713 -18.59 47.55 -41.82
N VAL C 714 -17.54 46.96 -41.26
CA VAL C 714 -17.52 45.54 -40.92
C VAL C 714 -17.00 45.43 -39.50
N ILE C 715 -17.89 45.13 -38.56
CA ILE C 715 -17.48 44.82 -37.19
C ILE C 715 -17.04 43.35 -37.20
N PHE C 716 -15.73 43.13 -37.07
CA PHE C 716 -15.13 41.80 -37.22
C PHE C 716 -14.53 41.38 -35.90
N GLY C 717 -15.14 40.39 -35.25
CA GLY C 717 -14.58 39.80 -34.05
C GLY C 717 -13.68 38.62 -34.39
N PHE C 718 -12.43 38.65 -33.98
CA PHE C 718 -11.45 37.67 -34.41
C PHE C 718 -10.75 37.04 -33.20
N HIS C 719 -10.41 35.77 -33.35
CA HIS C 719 -9.77 35.02 -32.27
C HIS C 719 -8.31 35.43 -32.09
N GLY C 720 -7.61 35.73 -33.18
CA GLY C 720 -6.19 36.00 -33.15
C GLY C 720 -5.85 37.48 -33.19
N TYR C 721 -4.62 37.76 -33.59
CA TYR C 721 -4.15 39.14 -33.67
C TYR C 721 -4.83 39.88 -34.81
N GLU C 722 -4.93 41.19 -34.65
CA GLU C 722 -5.70 42.00 -35.58
C GLU C 722 -4.96 42.26 -36.89
N ASP C 723 -3.62 42.17 -36.91
CA ASP C 723 -2.89 42.49 -38.13
C ASP C 723 -3.29 41.55 -39.26
N LEU C 724 -3.61 40.29 -38.95
CA LEU C 724 -3.97 39.35 -40.02
C LEU C 724 -5.22 39.79 -40.73
N ILE C 725 -6.23 40.24 -39.98
CA ILE C 725 -7.48 40.69 -40.59
C ILE C 725 -7.28 42.01 -41.31
N GLU C 726 -6.46 42.90 -40.73
CA GLU C 726 -6.17 44.17 -41.39
C GLU C 726 -5.47 43.95 -42.73
N SER C 727 -4.51 43.01 -42.78
CA SER C 727 -3.86 42.73 -44.05
C SER C 727 -4.84 42.15 -45.06
N ILE C 728 -5.76 41.31 -44.60
CA ILE C 728 -6.75 40.71 -45.50
C ILE C 728 -7.58 41.82 -46.16
N PHE C 729 -8.06 42.78 -45.37
CA PHE C 729 -8.94 43.79 -45.93
C PHE C 729 -8.18 44.80 -46.79
N TYR C 730 -6.87 44.97 -46.58
CA TYR C 730 -6.09 45.78 -47.51
C TYR C 730 -5.93 45.05 -48.83
N GLN C 731 -5.69 43.74 -48.77
CA GLN C 731 -5.61 42.94 -49.99
C GLN C 731 -6.90 43.03 -50.80
N ARG C 732 -8.04 43.19 -50.12
CA ARG C 732 -9.34 43.30 -50.76
C ARG C 732 -9.73 44.74 -51.08
N GLY C 733 -8.89 45.71 -50.74
CA GLY C 733 -9.24 47.10 -51.00
C GLY C 733 -10.56 47.49 -50.39
N HIS C 734 -10.86 46.96 -49.20
CA HIS C 734 -12.13 47.17 -48.53
C HIS C 734 -11.90 48.01 -47.27
N ASP C 735 -12.06 49.32 -47.39
CA ASP C 735 -11.94 50.17 -46.20
C ASP C 735 -13.26 50.18 -45.43
N GLY C 736 -13.16 50.43 -44.12
CA GLY C 736 -14.29 50.37 -43.22
C GLY C 736 -14.24 49.24 -42.23
N LEU C 737 -13.15 48.48 -42.16
CA LEU C 737 -13.01 47.43 -41.17
C LEU C 737 -12.89 47.99 -39.77
N ILE C 738 -13.66 47.44 -38.84
CA ILE C 738 -13.57 47.75 -37.42
C ILE C 738 -13.28 46.42 -36.75
N VAL C 739 -12.01 46.06 -36.69
CA VAL C 739 -11.61 44.73 -36.23
C VAL C 739 -11.57 44.71 -34.71
N HIS C 740 -11.95 43.57 -34.13
CA HIS C 740 -11.93 43.32 -32.68
C HIS C 740 -11.30 41.96 -32.45
N GLY C 741 -9.98 41.93 -32.23
CA GLY C 741 -9.29 40.68 -31.96
C GLY C 741 -8.51 40.72 -30.66
N TYR C 742 -7.63 39.74 -30.46
CA TYR C 742 -6.77 39.76 -29.28
C TYR C 742 -5.72 40.87 -29.41
N ARG C 743 -5.55 41.66 -28.35
CA ARG C 743 -4.69 42.83 -28.40
C ARG C 743 -3.55 42.74 -27.38
N GLU C 744 -3.08 41.53 -27.12
CA GLU C 744 -1.94 41.31 -26.21
C GLU C 744 -2.21 41.93 -24.83
N ASP C 745 -3.44 41.75 -24.34
CA ASP C 745 -3.84 42.21 -23.01
C ASP C 745 -4.62 41.09 -22.33
N GLY C 746 -4.30 40.84 -21.07
CA GLY C 746 -4.92 39.74 -20.35
C GLY C 746 -4.30 39.58 -18.99
N ASP C 747 -4.88 38.67 -18.21
CA ASP C 747 -4.43 38.45 -16.84
C ASP C 747 -5.19 37.25 -16.28
N ILE C 748 -4.89 36.90 -15.03
CA ILE C 748 -5.78 36.03 -14.27
C ILE C 748 -7.03 36.86 -13.97
N THR C 749 -8.17 36.46 -14.52
CA THR C 749 -9.36 37.27 -14.36
C THR C 749 -10.59 36.40 -14.61
N THR C 750 -11.74 37.05 -14.72
CA THR C 750 -12.97 36.31 -14.95
C THR C 750 -13.07 35.89 -16.41
N THR C 751 -13.98 34.95 -16.67
CA THR C 751 -14.17 34.44 -18.01
C THR C 751 -14.46 35.57 -18.99
N TYR C 752 -15.38 36.46 -18.65
CA TYR C 752 -15.80 37.50 -19.57
C TYR C 752 -14.90 38.74 -19.51
N ASP C 753 -14.14 38.93 -18.44
CA ASP C 753 -13.18 40.03 -18.41
C ASP C 753 -12.03 39.76 -19.37
N MET C 754 -11.76 38.49 -19.64
CA MET C 754 -10.76 38.10 -20.61
C MET C 754 -11.04 38.73 -21.97
N ARG C 755 -12.32 38.95 -22.27
CA ARG C 755 -12.75 39.59 -23.50
C ARG C 755 -12.78 41.10 -23.39
N VAL C 756 -13.13 41.63 -22.21
CA VAL C 756 -13.15 43.07 -22.03
C VAL C 756 -11.74 43.62 -22.13
N TYR C 757 -10.75 42.83 -21.71
CA TYR C 757 -9.36 43.30 -21.75
C TYR C 757 -8.97 43.74 -23.15
N SER C 758 -9.34 42.97 -24.17
CA SER C 758 -9.03 43.33 -25.56
C SER C 758 -10.16 44.08 -26.23
N GLU C 759 -11.19 44.45 -25.47
CA GLU C 759 -12.35 45.13 -26.03
C GLU C 759 -13.02 44.27 -27.09
N LEU C 760 -12.90 42.96 -26.95
CA LEU C 760 -13.60 42.02 -27.82
C LEU C 760 -15.07 41.88 -27.45
N ASP C 761 -15.45 42.34 -26.26
CA ASP C 761 -16.75 42.04 -25.71
C ASP C 761 -17.88 42.70 -26.51
N ARG C 762 -19.08 42.18 -26.26
CA ARG C 762 -20.29 42.66 -26.93
C ARG C 762 -20.50 44.16 -26.72
N PHE C 763 -20.12 44.69 -25.56
CA PHE C 763 -20.44 46.09 -25.28
C PHE C 763 -19.53 47.04 -26.05
N HIS C 764 -18.23 46.74 -26.12
CA HIS C 764 -17.36 47.57 -26.96
C HIS C 764 -17.71 47.39 -28.44
N GLN C 765 -18.06 46.17 -28.85
CA GLN C 765 -18.47 45.96 -30.23
C GLN C 765 -19.76 46.71 -30.55
N ALA C 766 -20.72 46.68 -29.62
CA ALA C 766 -21.99 47.38 -29.86
C ALA C 766 -21.77 48.88 -29.95
N ILE C 767 -20.87 49.42 -29.12
CA ILE C 767 -20.56 50.84 -29.17
C ILE C 767 -20.05 51.23 -30.56
N ASP C 768 -19.08 50.48 -31.07
CA ASP C 768 -18.53 50.78 -32.40
C ASP C 768 -19.61 50.67 -33.47
N ALA C 769 -20.53 49.71 -33.33
CA ALA C 769 -21.58 49.56 -34.32
C ALA C 769 -22.50 50.78 -34.35
N MET C 770 -22.90 51.26 -33.17
CA MET C 770 -23.80 52.41 -33.12
C MET C 770 -23.12 53.69 -33.58
N GLN C 771 -21.84 53.87 -33.23
CA GLN C 771 -21.14 55.08 -33.59
C GLN C 771 -21.01 55.21 -35.11
N VAL C 772 -20.78 54.11 -35.80
CA VAL C 772 -20.59 54.19 -37.25
C VAL C 772 -21.91 54.48 -37.94
N LEU C 773 -23.01 53.92 -37.41
CA LEU C 773 -24.34 54.29 -37.86
C LEU C 773 -24.59 55.77 -37.59
N TYR C 774 -24.15 56.24 -36.43
CA TYR C 774 -24.27 57.64 -36.06
C TYR C 774 -23.50 58.52 -37.05
N VAL C 775 -22.24 58.17 -37.31
CA VAL C 775 -21.43 58.94 -38.25
C VAL C 775 -22.06 58.95 -39.64
N ASN C 776 -22.60 57.80 -40.07
CA ASN C 776 -23.23 57.68 -41.38
C ASN C 776 -24.69 58.14 -41.39
N ARG C 777 -25.19 58.72 -40.30
CA ARG C 777 -26.55 59.29 -40.25
C ARG C 777 -27.63 58.30 -40.70
N LYS C 778 -27.57 57.08 -40.17
CA LYS C 778 -28.66 56.13 -40.33
C LYS C 778 -29.43 55.93 -39.03
N VAL C 779 -29.15 56.73 -38.00
CA VAL C 779 -29.72 56.54 -36.67
C VAL C 779 -29.93 57.92 -36.06
N ASN C 780 -30.82 58.00 -35.07
CA ASN C 780 -31.09 59.28 -34.44
C ASN C 780 -29.91 59.67 -33.55
N GLN C 781 -29.53 60.95 -33.60
CA GLN C 781 -28.40 61.38 -32.79
C GLN C 781 -28.72 61.24 -31.31
N GLY C 782 -29.97 61.55 -30.93
CA GLY C 782 -30.39 61.39 -29.56
C GLY C 782 -30.41 59.94 -29.10
N LEU C 783 -30.96 59.05 -29.94
CA LEU C 783 -31.04 57.64 -29.61
C LEU C 783 -29.65 56.98 -29.63
N ALA C 784 -28.84 57.26 -30.65
CA ALA C 784 -27.49 56.69 -30.68
C ALA C 784 -26.73 57.03 -29.40
N LYS C 785 -26.83 58.27 -28.95
CA LYS C 785 -26.17 58.67 -27.70
C LYS C 785 -26.74 57.92 -26.50
N ALA C 786 -28.07 57.76 -26.44
CA ALA C 786 -28.67 57.03 -25.33
C ALA C 786 -28.17 55.59 -25.28
N PHE C 787 -28.05 54.95 -26.44
CA PHE C 787 -27.58 53.57 -26.51
C PHE C 787 -26.12 53.47 -26.10
N ILE C 788 -25.27 54.31 -26.71
CA ILE C 788 -23.85 54.30 -26.36
C ILE C 788 -23.67 54.59 -24.88
N ASP C 789 -24.39 55.59 -24.36
CA ASP C 789 -24.30 55.91 -22.94
C ASP C 789 -24.67 54.70 -22.09
N ARG C 790 -25.65 53.91 -22.52
CA ARG C 790 -26.03 52.73 -21.75
C ARG C 790 -24.94 51.67 -21.79
N MET C 791 -24.35 51.41 -22.96
CA MET C 791 -23.24 50.45 -23.03
C MET C 791 -22.11 50.86 -22.11
N LYS C 792 -21.77 52.16 -22.08
CA LYS C 792 -20.69 52.61 -21.23
C LYS C 792 -21.01 52.29 -19.77
N ARG C 793 -22.24 52.56 -19.34
CA ARG C 793 -22.65 52.26 -17.98
C ARG C 793 -22.54 50.78 -17.67
N THR C 794 -22.88 49.92 -18.64
CA THR C 794 -22.76 48.48 -18.43
C THR C 794 -21.30 48.12 -18.22
N LEU C 795 -20.40 48.78 -18.94
CA LEU C 795 -18.97 48.53 -18.77
C LEU C 795 -18.45 49.09 -17.44
N VAL C 796 -18.91 50.27 -17.05
CA VAL C 796 -18.54 50.80 -15.74
C VAL C 796 -18.96 49.80 -14.68
N LYS C 797 -20.16 49.23 -14.83
CA LYS C 797 -20.66 48.23 -13.91
C LYS C 797 -19.77 46.99 -13.93
N HIS C 798 -19.40 46.54 -15.13
CA HIS C 798 -18.54 45.36 -15.24
C HIS C 798 -17.21 45.61 -14.54
N PHE C 799 -16.60 46.78 -14.80
CA PHE C 799 -15.32 47.07 -14.18
C PHE C 799 -15.45 47.21 -12.67
N GLU C 800 -16.60 47.67 -12.18
CA GLU C 800 -16.75 47.81 -10.74
C GLU C 800 -16.96 46.44 -10.11
N VAL C 801 -17.79 45.60 -10.72
CA VAL C 801 -18.10 44.32 -10.10
C VAL C 801 -16.89 43.38 -10.17
N THR C 802 -16.18 43.37 -11.30
CA THR C 802 -15.06 42.43 -11.43
C THR C 802 -13.94 42.78 -10.45
N ARG C 803 -13.63 44.07 -10.28
CA ARG C 803 -12.62 44.46 -9.32
C ARG C 803 -13.15 44.36 -7.89
N ASN C 804 -14.46 44.46 -7.70
CA ASN C 804 -15.06 44.50 -6.36
C ASN C 804 -15.43 43.14 -5.81
N GLU C 805 -15.99 42.25 -6.64
CA GLU C 805 -16.47 40.96 -6.18
C GLU C 805 -15.71 39.79 -6.77
N GLY C 806 -15.06 39.97 -7.92
CA GLY C 806 -14.29 38.91 -8.55
C GLY C 806 -15.09 37.95 -9.39
N VAL C 807 -16.28 38.35 -9.83
CA VAL C 807 -17.10 37.57 -10.75
C VAL C 807 -17.75 38.52 -11.75
N ASP C 808 -18.40 37.95 -12.74
CA ASP C 808 -18.95 38.74 -13.85
C ASP C 808 -20.38 39.18 -13.57
N ILE C 809 -20.79 40.23 -14.27
CA ILE C 809 -22.11 40.82 -14.09
C ILE C 809 -23.13 39.97 -14.85
N PRO C 810 -24.40 39.97 -14.44
CA PRO C 810 -25.39 39.15 -15.15
C PRO C 810 -25.60 39.53 -16.60
N ASP C 811 -25.21 40.74 -17.03
CA ASP C 811 -25.33 41.08 -18.45
C ASP C 811 -24.58 40.10 -19.34
N PHE C 812 -23.48 39.52 -18.86
CA PHE C 812 -22.76 38.48 -19.58
C PHE C 812 -23.32 37.11 -19.26
N THR C 813 -23.36 36.77 -17.96
CA THR C 813 -23.51 35.38 -17.55
C THR C 813 -24.92 34.87 -17.84
N GLU C 814 -25.91 35.75 -17.79
CA GLU C 814 -27.31 35.34 -17.90
C GLU C 814 -27.88 35.49 -19.31
N TRP C 815 -27.08 35.92 -20.29
CA TRP C 815 -27.61 36.18 -21.61
C TRP C 815 -27.87 34.88 -22.38
N VAL C 816 -28.99 34.86 -23.09
CA VAL C 816 -29.34 33.75 -23.97
C VAL C 816 -29.81 34.35 -25.29
N TRP C 817 -29.63 33.60 -26.37
CA TRP C 817 -30.05 34.11 -27.67
C TRP C 817 -31.57 34.12 -27.74
N SER C 818 -32.11 35.17 -28.37
CA SER C 818 -33.53 35.26 -28.69
C SER C 818 -33.65 35.83 -30.08
N ASP C 819 -34.82 35.66 -30.66
CA ASP C 819 -35.04 36.11 -32.03
C ASP C 819 -34.80 37.61 -32.15
N LEU C 820 -34.25 38.00 -33.30
CA LEU C 820 -34.11 39.40 -33.63
C LEU C 820 -35.49 39.98 -33.92
N LYS C 821 -35.58 41.30 -33.87
CA LYS C 821 -36.84 41.98 -34.18
C LYS C 821 -36.99 42.02 -35.70
N LYS C 822 -37.94 41.24 -36.20
CA LYS C 822 -38.02 40.88 -37.61
C LYS C 822 -36.64 40.44 -38.12
N GLU D 3 24.83 25.47 14.93
CA GLU D 3 24.85 24.05 14.54
C GLU D 3 23.66 23.72 13.63
N TYR D 4 23.98 23.37 12.39
CA TYR D 4 22.97 23.21 11.33
C TYR D 4 22.67 21.74 11.04
N ASN D 5 23.25 20.80 11.79
CA ASN D 5 23.00 19.38 11.59
C ASN D 5 22.37 18.69 12.79
N SER D 6 22.11 19.42 13.87
CA SER D 6 21.52 18.83 15.06
C SER D 6 20.04 18.50 14.83
N GLU D 7 19.54 17.56 15.64
CA GLU D 7 18.12 17.23 15.60
C GLU D 7 17.28 18.44 15.96
N ALA D 8 17.73 19.24 16.93
CA ALA D 8 16.97 20.43 17.31
C ALA D 8 16.83 21.40 16.15
N TYR D 9 17.91 21.62 15.39
CA TYR D 9 17.84 22.54 14.25
C TYR D 9 16.98 21.97 13.13
N LEU D 10 17.15 20.69 12.80
CA LEU D 10 16.35 20.11 11.73
C LEU D 10 14.87 20.06 12.09
N LYS D 11 14.55 19.95 13.37
CA LYS D 11 13.15 20.06 13.80
C LYS D 11 12.64 21.47 13.60
N LYS D 12 13.51 22.47 13.76
CA LYS D 12 13.12 23.84 13.46
C LYS D 12 12.91 24.03 11.96
N LEU D 13 13.79 23.46 11.14
CA LEU D 13 13.61 23.51 9.69
C LEU D 13 12.30 22.84 9.28
N ASP D 14 11.98 21.70 9.89
CA ASP D 14 10.74 21.00 9.57
C ASP D 14 9.52 21.84 9.90
N LYS D 15 9.55 22.55 11.03
CA LYS D 15 8.44 23.43 11.36
C LYS D 15 8.30 24.55 10.34
N TRP D 16 9.41 25.18 9.98
CA TRP D 16 9.38 26.24 8.98
C TRP D 16 8.82 25.72 7.67
N TRP D 17 9.21 24.51 7.28
CA TRP D 17 8.69 23.90 6.05
C TRP D 17 7.18 23.76 6.12
N ARG D 18 6.68 23.22 7.23
CA ARG D 18 5.24 23.04 7.39
CA ARG D 18 5.24 23.04 7.39
C ARG D 18 4.51 24.38 7.39
N ALA D 19 5.10 25.39 8.03
CA ALA D 19 4.49 26.72 8.04
C ALA D 19 4.34 27.26 6.62
N ALA D 20 5.37 27.10 5.79
CA ALA D 20 5.27 27.56 4.41
C ALA D 20 4.27 26.72 3.63
N THR D 21 4.28 25.41 3.82
CA THR D 21 3.37 24.54 3.09
C THR D 21 1.92 24.74 3.53
N TYR D 22 1.69 24.99 4.83
CA TYR D 22 0.35 25.24 5.33
C TYR D 22 -0.29 26.43 4.61
N LEU D 23 0.45 27.54 4.49
CA LEU D 23 -0.09 28.71 3.82
C LEU D 23 -0.27 28.47 2.32
N GLY D 24 0.69 27.77 1.70
CA GLY D 24 0.58 27.51 0.27
C GLY D 24 -0.64 26.67 -0.06
N ALA D 25 -1.00 25.74 0.82
CA ALA D 25 -2.19 24.93 0.62
C ALA D 25 -3.46 25.71 0.92
N GLY D 26 -3.44 26.50 1.99
CA GLY D 26 -4.65 27.20 2.41
C GLY D 26 -5.13 28.22 1.39
N MET D 27 -4.21 28.96 0.78
CA MET D 27 -4.61 30.03 -0.13
C MET D 27 -5.24 29.48 -1.41
N ILE D 28 -5.16 28.18 -1.66
CA ILE D 28 -5.90 27.61 -2.79
C ILE D 28 -7.40 27.71 -2.52
N PHE D 29 -7.82 27.45 -1.28
CA PHE D 29 -9.22 27.29 -0.95
C PHE D 29 -9.81 28.43 -0.14
N LEU D 30 -9.03 29.09 0.70
CA LEU D 30 -9.53 30.11 1.62
C LEU D 30 -9.21 31.50 1.10
N LYS D 31 -10.15 32.42 1.25
CA LYS D 31 -9.89 33.83 0.97
C LYS D 31 -9.88 34.66 2.25
N GLU D 32 -10.12 34.03 3.40
CA GLU D 32 -10.06 34.69 4.70
C GLU D 32 -10.00 33.60 5.76
N ASN D 33 -9.84 34.01 7.01
CA ASN D 33 -9.79 33.09 8.14
C ASN D 33 -8.67 32.07 7.96
N PRO D 34 -7.44 32.52 7.70
CA PRO D 34 -6.37 31.57 7.31
C PRO D 34 -5.86 30.70 8.44
N LEU D 35 -5.93 31.15 9.70
CA LEU D 35 -5.50 30.34 10.83
C LEU D 35 -6.71 29.94 11.66
N PHE D 36 -7.70 29.36 11.01
CA PHE D 36 -9.00 29.11 11.63
C PHE D 36 -8.86 28.27 12.91
N SER D 37 -7.95 27.29 12.91
CA SER D 37 -7.80 26.42 14.07
C SER D 37 -7.00 27.07 15.19
N VAL D 38 -6.18 28.06 14.87
CA VAL D 38 -5.40 28.76 15.89
C VAL D 38 -6.21 29.91 16.50
N THR D 39 -7.02 30.60 15.69
CA THR D 39 -7.84 31.71 16.16
C THR D 39 -9.19 31.26 16.71
N GLY D 40 -9.46 29.95 16.73
CA GLY D 40 -10.72 29.44 17.24
C GLY D 40 -11.94 29.92 16.48
N THR D 41 -11.81 30.11 15.17
CA THR D 41 -12.91 30.59 14.32
C THR D 41 -13.16 29.58 13.21
N PRO D 42 -14.08 28.62 13.40
CA PRO D 42 -14.29 27.59 12.40
C PRO D 42 -14.63 28.15 11.03
N ILE D 43 -14.34 27.35 10.00
CA ILE D 43 -14.53 27.79 8.62
C ILE D 43 -16.01 27.95 8.31
N LYS D 44 -16.33 29.01 7.57
CA LYS D 44 -17.67 29.24 7.04
C LYS D 44 -17.62 29.19 5.53
N ALA D 45 -18.79 29.02 4.93
CA ALA D 45 -18.86 29.07 3.47
C ALA D 45 -18.32 30.40 2.99
N GLU D 46 -18.58 31.47 3.75
CA GLU D 46 -18.12 32.80 3.36
C GLU D 46 -16.60 32.92 3.35
N ASN D 47 -15.90 32.03 4.05
CA ASN D 47 -14.44 32.05 4.03
C ASN D 47 -13.85 31.42 2.79
N LEU D 48 -14.63 30.60 2.07
CA LEU D 48 -14.11 29.78 0.99
C LEU D 48 -14.27 30.48 -0.35
N LYS D 49 -13.35 30.17 -1.26
CA LYS D 49 -13.40 30.69 -2.62
C LYS D 49 -14.44 29.92 -3.44
N ALA D 50 -15.07 30.65 -4.35
CA ALA D 50 -16.15 30.06 -5.14
C ALA D 50 -15.61 29.09 -6.18
N ASN D 51 -14.45 29.39 -6.75
CA ASN D 51 -13.83 28.54 -7.77
C ASN D 51 -12.35 28.42 -7.47
N PRO D 52 -11.98 27.56 -6.51
CA PRO D 52 -10.55 27.43 -6.19
C PRO D 52 -9.75 26.95 -7.39
N ILE D 53 -8.68 27.67 -7.68
CA ILE D 53 -7.77 27.30 -8.75
C ILE D 53 -6.36 27.43 -8.22
N GLY D 54 -5.45 26.74 -8.89
CA GLY D 54 -4.05 26.75 -8.53
C GLY D 54 -3.51 25.34 -8.54
N HIS D 55 -2.24 25.22 -8.20
CA HIS D 55 -1.59 23.93 -8.21
C HIS D 55 -1.09 23.61 -6.82
N TRP D 56 -1.19 22.33 -6.47
CA TRP D 56 -0.75 21.79 -5.19
C TRP D 56 0.38 20.79 -5.32
N GLY D 57 0.35 19.94 -6.35
CA GLY D 57 1.25 18.78 -6.40
C GLY D 57 2.70 19.12 -6.18
N THR D 58 3.19 20.15 -6.85
CA THR D 58 4.61 20.48 -6.82
C THR D 58 5.01 21.28 -5.59
N VAL D 59 4.04 21.82 -4.85
CA VAL D 59 4.33 22.86 -3.87
C VAL D 59 5.17 22.32 -2.72
N SER D 60 4.68 21.30 -2.01
CA SER D 60 5.36 20.85 -0.80
C SER D 60 6.79 20.40 -1.07
N GLY D 61 7.03 19.79 -2.23
CA GLY D 61 8.38 19.39 -2.58
C GLY D 61 9.31 20.58 -2.80
N GLN D 62 8.79 21.65 -3.40
CA GLN D 62 9.64 22.81 -3.66
C GLN D 62 9.91 23.60 -2.38
N THR D 63 8.92 23.69 -1.48
CA THR D 63 9.15 24.35 -0.21
C THR D 63 10.12 23.56 0.66
N PHE D 64 10.10 22.23 0.55
CA PHE D 64 11.12 21.41 1.18
C PHE D 64 12.51 21.80 0.70
N LEU D 65 12.68 21.92 -0.63
CA LEU D 65 13.99 22.26 -1.18
C LEU D 65 14.36 23.69 -0.85
N TYR D 66 13.39 24.60 -0.89
CA TYR D 66 13.63 25.99 -0.53
C TYR D 66 14.12 26.11 0.91
N ALA D 67 13.47 25.39 1.83
CA ALA D 67 13.89 25.43 3.22
C ALA D 67 15.32 24.93 3.36
N HIS D 68 15.67 23.85 2.66
CA HIS D 68 17.03 23.35 2.74
C HIS D 68 18.02 24.29 2.06
N ALA D 69 17.57 25.03 1.04
CA ALA D 69 18.42 26.07 0.46
C ALA D 69 18.70 27.18 1.47
N ASN D 70 17.67 27.59 2.22
CA ASN D 70 17.85 28.58 3.28
C ASN D 70 18.87 28.10 4.31
N ARG D 71 18.83 26.81 4.66
CA ARG D 71 19.82 26.26 5.58
C ARG D 71 21.24 26.43 5.04
N LEU D 72 21.45 26.08 3.76
CA LEU D 72 22.76 26.20 3.14
C LEU D 72 23.24 27.64 3.16
N ILE D 73 22.35 28.59 2.85
CA ILE D 73 22.74 30.00 2.81
C ILE D 73 23.32 30.43 4.16
N ASN D 74 22.65 30.04 5.25
CA ASN D 74 23.09 30.43 6.58
C ASN D 74 24.33 29.68 7.03
N LYS D 75 24.41 28.37 6.72
CA LYS D 75 25.55 27.58 7.17
C LYS D 75 26.83 27.98 6.44
N TYR D 76 26.75 28.19 5.13
CA TYR D 76 27.93 28.45 4.31
C TYR D 76 28.09 29.89 3.88
N ASP D 77 27.22 30.79 4.37
CA ASP D 77 27.34 32.20 4.03
C ASP D 77 27.28 32.41 2.52
N GLN D 78 26.43 31.62 1.85
CA GLN D 78 26.45 31.53 0.40
C GLN D 78 25.47 32.53 -0.23
N LYS D 79 25.93 33.20 -1.28
CA LYS D 79 25.05 34.00 -2.12
C LYS D 79 24.35 33.08 -3.11
N MET D 80 23.02 33.08 -3.07
CA MET D 80 22.23 32.08 -3.77
C MET D 80 20.89 32.70 -4.16
N PHE D 81 20.28 32.11 -5.19
CA PHE D 81 18.95 32.48 -5.63
C PHE D 81 18.23 31.24 -6.13
N TYR D 82 16.90 31.27 -6.05
CA TYR D 82 16.06 30.14 -6.35
C TYR D 82 15.42 30.28 -7.72
N MET D 83 15.36 29.18 -8.46
CA MET D 83 14.79 29.15 -9.80
C MET D 83 13.87 27.94 -9.91
N GLY D 84 12.56 28.20 -10.00
CA GLY D 84 11.57 27.15 -10.04
C GLY D 84 11.19 26.72 -11.43
N GLY D 85 11.75 25.60 -11.88
CA GLY D 85 11.37 25.01 -13.15
C GLY D 85 9.87 24.78 -13.25
N PRO D 86 9.29 24.06 -12.29
CA PRO D 86 7.81 23.91 -12.24
C PRO D 86 7.16 25.17 -11.70
N GLY D 87 7.12 26.19 -12.55
CA GLY D 87 6.68 27.52 -12.16
C GLY D 87 5.23 27.61 -11.76
N HIS D 88 4.42 26.62 -12.13
CA HIS D 88 3.01 26.60 -11.76
C HIS D 88 2.79 26.51 -10.26
N GLY D 89 3.83 26.20 -9.48
CA GLY D 89 3.70 26.18 -8.04
C GLY D 89 4.12 27.50 -7.42
N GLY D 90 3.40 28.56 -7.77
CA GLY D 90 3.79 29.90 -7.35
C GLY D 90 3.90 30.06 -5.85
N GLN D 91 3.09 29.32 -5.09
CA GLN D 91 3.13 29.40 -3.63
C GLN D 91 4.51 29.05 -3.10
N ALA D 92 5.25 28.18 -3.79
CA ALA D 92 6.55 27.74 -3.30
C ALA D 92 7.60 28.85 -3.31
N MET D 93 7.36 29.94 -4.05
CA MET D 93 8.23 31.12 -3.99
C MET D 93 7.58 32.29 -3.28
N VAL D 94 6.26 32.41 -3.33
CA VAL D 94 5.58 33.53 -2.68
C VAL D 94 5.67 33.42 -1.17
N VAL D 95 5.38 32.24 -0.63
CA VAL D 95 5.25 32.07 0.82
C VAL D 95 6.61 32.17 1.50
N PRO D 96 7.66 31.52 1.00
CA PRO D 96 8.99 31.76 1.61
C PRO D 96 9.37 33.22 1.69
N SER D 97 9.09 34.01 0.65
CA SER D 97 9.35 35.44 0.71
C SER D 97 8.49 36.12 1.76
N TYR D 98 7.24 35.66 1.91
CA TYR D 98 6.36 36.22 2.92
C TYR D 98 6.88 35.92 4.33
N LEU D 99 7.47 34.74 4.55
CA LEU D 99 7.89 34.37 5.90
C LEU D 99 9.15 35.10 6.35
N ASP D 100 9.99 35.54 5.41
CA ASP D 100 11.26 36.18 5.76
C ASP D 100 11.23 37.69 5.60
N GLY D 101 10.06 38.28 5.33
CA GLY D 101 9.93 39.73 5.27
C GLY D 101 10.13 40.33 3.89
N SER D 102 10.65 39.56 2.92
CA SER D 102 10.90 40.11 1.59
C SER D 102 9.60 40.51 0.89
N TYR D 103 8.54 39.73 1.09
CA TYR D 103 7.27 40.04 0.42
C TYR D 103 6.70 41.35 0.91
N THR D 104 6.77 41.60 2.21
CA THR D 104 6.23 42.84 2.76
C THR D 104 7.00 44.06 2.27
N GLU D 105 8.32 43.91 2.09
CA GLU D 105 9.12 45.02 1.58
C GLU D 105 8.70 45.41 0.17
N ALA D 106 8.26 44.45 -0.64
CA ALA D 106 7.75 44.75 -1.97
C ALA D 106 6.30 45.17 -1.94
N TYR D 107 5.50 44.55 -1.07
CA TYR D 107 4.07 44.82 -0.94
C TYR D 107 3.78 45.17 0.51
N PRO D 108 3.92 46.44 0.90
CA PRO D 108 3.76 46.80 2.32
C PRO D 108 2.39 46.46 2.88
N GLU D 109 1.36 46.42 2.05
CA GLU D 109 0.03 46.09 2.56
C GLU D 109 -0.05 44.61 2.97
N ILE D 110 0.86 43.77 2.50
CA ILE D 110 0.85 42.34 2.84
C ILE D 110 1.78 42.18 4.05
N THR D 111 1.26 42.56 5.20
CA THR D 111 2.02 42.50 6.44
C THR D 111 2.06 41.08 7.00
N GLN D 112 3.06 40.85 7.87
CA GLN D 112 3.26 39.55 8.51
C GLN D 112 2.40 39.44 9.77
N ASP D 113 1.09 39.56 9.56
CA ASP D 113 0.11 39.42 10.62
C ASP D 113 -1.17 38.88 10.00
N LEU D 114 -2.20 38.73 10.84
CA LEU D 114 -3.44 38.12 10.37
C LEU D 114 -4.06 38.91 9.23
N GLU D 115 -4.04 40.25 9.33
CA GLU D 115 -4.65 41.05 8.29
C GLU D 115 -3.92 40.88 6.96
N GLY D 116 -2.59 40.98 6.97
CA GLY D 116 -1.83 40.82 5.76
C GLY D 116 -1.91 39.40 5.21
N MET D 117 -1.96 38.40 6.10
CA MET D 117 -2.08 37.02 5.66
C MET D 117 -3.40 36.79 4.94
N SER D 118 -4.49 37.32 5.50
CA SER D 118 -5.79 37.20 4.85
C SER D 118 -5.79 37.91 3.51
N ARG D 119 -5.14 39.07 3.44
CA ARG D 119 -5.07 39.79 2.18
C ARG D 119 -4.35 38.96 1.12
N LEU D 120 -3.28 38.27 1.52
CA LEU D 120 -2.54 37.43 0.58
C LEU D 120 -3.39 36.26 0.11
N PHE D 121 -4.10 35.60 1.03
CA PHE D 121 -4.97 34.50 0.65
C PHE D 121 -5.99 34.96 -0.38
N LYS D 122 -6.64 36.10 -0.13
CA LYS D 122 -7.70 36.56 -1.03
C LYS D 122 -7.14 36.97 -2.39
N ARG D 123 -5.93 37.53 -2.43
CA ARG D 123 -5.33 37.94 -3.68
C ARG D 123 -4.82 36.76 -4.50
N PHE D 124 -4.53 35.62 -3.88
CA PHE D 124 -3.96 34.51 -4.63
C PHE D 124 -4.96 34.07 -5.69
N SER D 125 -4.55 34.17 -6.96
CA SER D 125 -5.37 33.70 -8.08
C SER D 125 -6.78 34.30 -8.05
N PHE D 126 -6.87 35.59 -7.74
CA PHE D 126 -8.10 36.36 -7.72
C PHE D 126 -8.01 37.38 -8.84
N PRO D 127 -9.10 37.73 -9.53
CA PRO D 127 -8.98 38.67 -10.64
C PRO D 127 -8.24 39.95 -10.24
N GLY D 128 -7.17 40.25 -10.95
CA GLY D 128 -6.35 41.40 -10.64
C GLY D 128 -5.43 41.25 -9.45
N GLY D 129 -5.33 40.04 -8.89
CA GLY D 129 -4.47 39.80 -7.75
C GLY D 129 -3.11 39.30 -8.19
N ILE D 130 -2.66 38.18 -7.64
CA ILE D 130 -1.40 37.59 -8.09
C ILE D 130 -1.74 36.29 -8.79
N GLY D 131 -0.89 35.90 -9.74
CA GLY D 131 -1.13 34.70 -10.51
C GLY D 131 -0.76 33.46 -9.74
N SER D 132 -0.95 32.33 -10.42
CA SER D 132 -0.54 31.04 -9.85
C SER D 132 0.92 30.72 -10.14
N HIS D 133 1.53 31.36 -11.15
CA HIS D 133 2.89 31.04 -11.54
C HIS D 133 3.89 31.97 -10.86
N MET D 134 5.18 31.70 -11.07
CA MET D 134 6.25 32.50 -10.48
C MET D 134 6.58 33.71 -11.37
N THR D 135 5.56 34.52 -11.61
CA THR D 135 5.64 35.66 -12.51
C THR D 135 6.56 36.75 -11.94
N ALA D 136 6.69 37.83 -12.70
CA ALA D 136 7.44 38.99 -12.23
C ALA D 136 6.80 39.66 -11.01
N GLN D 137 5.55 39.33 -10.69
CA GLN D 137 4.96 39.75 -9.42
C GLN D 137 5.64 39.11 -8.22
N THR D 138 6.41 38.06 -8.44
CA THR D 138 7.01 37.29 -7.35
C THR D 138 8.37 37.87 -7.01
N PRO D 139 8.59 38.37 -5.79
CA PRO D 139 9.95 38.78 -5.41
C PRO D 139 10.91 37.60 -5.46
N GLY D 140 12.08 37.84 -6.03
CA GLY D 140 13.11 36.83 -6.09
C GLY D 140 13.11 35.98 -7.35
N SER D 141 12.17 36.21 -8.25
CA SER D 141 12.03 35.40 -9.45
C SER D 141 12.68 36.09 -10.63
N LEU D 142 13.42 35.30 -11.43
CA LEU D 142 13.83 35.69 -12.77
C LEU D 142 13.38 34.65 -13.79
N HIS D 143 12.41 33.81 -13.42
CA HIS D 143 12.05 32.65 -14.23
C HIS D 143 10.61 32.27 -13.87
N GLU D 144 9.68 32.46 -14.81
CA GLU D 144 8.28 32.16 -14.54
C GLU D 144 7.98 30.66 -14.56
N GLY D 145 8.66 29.90 -15.41
CA GLY D 145 8.47 28.47 -15.44
C GLY D 145 7.11 28.01 -15.89
N GLY D 146 6.39 28.82 -16.66
CA GLY D 146 5.13 28.40 -17.24
C GLY D 146 5.33 27.53 -18.46
N GLU D 147 6.06 28.07 -19.44
CA GLU D 147 6.52 27.29 -20.58
C GLU D 147 7.80 26.58 -20.16
N LEU D 148 7.70 25.27 -19.94
CA LEU D 148 8.78 24.52 -19.32
C LEU D 148 9.93 24.27 -20.27
N GLY D 149 11.13 24.15 -19.68
CA GLY D 149 12.31 23.67 -20.40
C GLY D 149 13.50 24.59 -20.37
N TYR D 150 13.42 25.80 -19.78
CA TYR D 150 14.49 26.78 -19.90
C TYR D 150 15.12 27.12 -18.55
N VAL D 151 14.84 26.33 -17.50
CA VAL D 151 15.33 26.71 -16.18
C VAL D 151 16.85 26.58 -16.08
N LEU D 152 17.45 25.62 -16.77
CA LEU D 152 18.89 25.41 -16.70
C LEU D 152 19.66 26.30 -17.67
N SER D 153 19.13 26.56 -18.86
CA SER D 153 19.76 27.53 -19.74
C SER D 153 19.73 28.91 -19.10
N HIS D 154 18.60 29.28 -18.49
CA HIS D 154 18.53 30.53 -17.75
C HIS D 154 19.52 30.55 -16.58
N ALA D 155 19.60 29.44 -15.84
CA ALA D 155 20.50 29.41 -14.69
C ALA D 155 21.95 29.60 -15.13
N THR D 156 22.35 28.97 -16.22
CA THR D 156 23.73 29.12 -16.70
C THR D 156 24.03 30.57 -17.04
N GLY D 157 23.20 31.20 -17.86
CA GLY D 157 23.42 32.59 -18.18
C GLY D 157 23.46 33.49 -16.96
N ALA D 158 22.71 33.13 -15.91
CA ALA D 158 22.68 33.95 -14.70
C ALA D 158 24.02 33.88 -13.96
N ILE D 159 24.67 32.71 -13.95
CA ILE D 159 25.92 32.54 -13.20
C ILE D 159 27.17 32.78 -14.04
N LEU D 160 27.04 32.95 -15.36
CA LEU D 160 28.21 33.34 -16.14
C LEU D 160 28.74 34.67 -15.61
N ASP D 161 30.05 34.71 -15.36
CA ASP D 161 30.75 35.91 -14.89
C ASP D 161 30.24 36.39 -13.53
N GLN D 162 29.66 35.49 -12.72
CA GLN D 162 29.25 35.78 -11.35
C GLN D 162 29.86 34.71 -10.44
N PRO D 163 31.16 34.80 -10.15
CA PRO D 163 31.86 33.65 -9.55
C PRO D 163 31.36 33.22 -8.18
N GLU D 164 30.80 34.12 -7.38
CA GLU D 164 30.37 33.75 -6.04
C GLU D 164 28.88 33.42 -5.94
N GLN D 165 28.15 33.40 -7.06
CA GLN D 165 26.73 33.13 -7.04
C GLN D 165 26.48 31.66 -7.37
N ILE D 166 25.44 31.11 -6.74
CA ILE D 166 24.97 29.76 -7.03
C ILE D 166 23.49 29.82 -7.35
N ALA D 167 23.11 29.15 -8.43
CA ALA D 167 21.71 29.06 -8.85
C ALA D 167 21.14 27.74 -8.33
N PHE D 168 20.24 27.83 -7.35
CA PHE D 168 19.54 26.67 -6.81
C PHE D 168 18.36 26.39 -7.73
N ALA D 169 18.58 25.52 -8.72
CA ALA D 169 17.67 25.35 -9.85
C ALA D 169 16.90 24.04 -9.76
N VAL D 170 15.61 24.13 -9.44
CA VAL D 170 14.76 22.97 -9.33
C VAL D 170 14.18 22.64 -10.71
N VAL D 171 14.31 21.37 -11.12
CA VAL D 171 13.87 20.92 -12.43
C VAL D 171 12.71 19.95 -12.24
N GLY D 172 11.57 20.25 -12.86
CA GLY D 172 10.47 19.29 -12.86
C GLY D 172 10.82 18.06 -13.67
N ASP D 173 10.35 16.90 -13.21
CA ASP D 173 10.69 15.68 -13.93
C ASP D 173 9.90 15.56 -15.22
N GLY D 174 8.71 16.18 -15.28
CA GLY D 174 8.04 16.32 -16.56
C GLY D 174 8.78 17.29 -17.47
N GLU D 175 9.21 18.42 -16.91
CA GLU D 175 10.04 19.37 -17.64
C GLU D 175 11.29 18.71 -18.20
N ALA D 176 11.83 17.69 -17.50
CA ALA D 176 13.03 17.02 -17.96
C ALA D 176 12.84 16.26 -19.26
N GLU D 177 11.60 16.11 -19.72
CA GLU D 177 11.30 15.43 -20.97
C GLU D 177 11.28 16.36 -22.16
N THR D 178 11.37 17.67 -21.94
CA THR D 178 11.36 18.63 -23.04
C THR D 178 12.70 18.62 -23.74
N GLY D 179 12.69 19.09 -24.99
CA GLY D 179 13.90 19.20 -25.77
C GLY D 179 14.88 20.19 -25.16
N PRO D 180 14.42 21.41 -24.91
CA PRO D 180 15.33 22.41 -24.34
C PRO D 180 15.98 21.95 -23.04
N LEU D 181 15.24 21.30 -22.15
CA LEU D 181 15.83 20.88 -20.89
C LEU D 181 16.86 19.77 -21.12
N MET D 182 16.51 18.76 -21.91
CA MET D 182 17.42 17.64 -22.13
C MET D 182 18.78 18.13 -22.61
N THR D 183 18.80 19.05 -23.57
CA THR D 183 20.09 19.49 -24.08
C THR D 183 20.75 20.52 -23.19
N SER D 184 19.99 21.15 -22.28
CA SER D 184 20.59 22.13 -21.36
C SER D 184 21.54 21.47 -20.35
N TRP D 185 21.49 20.15 -20.19
CA TRP D 185 22.47 19.49 -19.32
C TRP D 185 23.90 19.69 -19.81
N HIS D 186 24.09 19.93 -21.11
CA HIS D 186 25.41 20.19 -21.68
C HIS D 186 26.00 21.52 -21.24
N SER D 187 25.29 22.32 -20.46
CA SER D 187 25.78 23.65 -20.14
C SER D 187 27.13 23.61 -19.42
N ILE D 188 27.40 22.55 -18.63
CA ILE D 188 28.65 22.47 -17.89
C ILE D 188 29.85 22.32 -18.81
N LYS D 189 29.63 22.01 -20.08
CA LYS D 189 30.71 22.05 -21.05
C LYS D 189 31.14 23.47 -21.39
N PHE D 190 30.47 24.48 -20.81
CA PHE D 190 30.79 25.87 -21.07
C PHE D 190 30.90 26.71 -19.80
N ILE D 191 30.73 26.12 -18.62
CA ILE D 191 30.89 26.83 -17.36
C ILE D 191 32.32 26.60 -16.92
N ASN D 192 33.07 27.70 -16.77
CA ASN D 192 34.45 27.62 -16.31
C ASN D 192 34.45 28.01 -14.83
N PRO D 193 34.76 27.10 -13.91
CA PRO D 193 34.74 27.45 -12.49
C PRO D 193 35.71 28.54 -12.10
N LYS D 194 36.68 28.87 -12.94
CA LYS D 194 37.61 29.93 -12.58
C LYS D 194 36.94 31.31 -12.61
N ASN D 195 36.04 31.54 -13.57
CA ASN D 195 35.45 32.86 -13.75
C ASN D 195 33.96 32.92 -13.51
N ASP D 196 33.26 31.80 -13.56
CA ASP D 196 31.80 31.77 -13.48
C ASP D 196 31.34 31.17 -12.16
N GLY D 197 30.08 31.41 -11.85
CA GLY D 197 29.43 30.80 -10.71
C GLY D 197 29.10 29.35 -11.01
N ALA D 198 28.15 28.79 -10.27
CA ALA D 198 27.79 27.38 -10.39
C ALA D 198 26.28 27.24 -10.36
N ILE D 199 25.78 26.23 -11.06
CA ILE D 199 24.39 25.81 -10.98
C ILE D 199 24.32 24.58 -10.10
N LEU D 200 23.37 24.56 -9.17
CA LEU D 200 23.07 23.40 -8.34
C LEU D 200 21.73 22.84 -8.78
N PRO D 201 21.69 21.93 -9.74
CA PRO D 201 20.41 21.42 -10.24
C PRO D 201 19.84 20.35 -9.32
N ILE D 202 18.54 20.44 -9.08
CA ILE D 202 17.80 19.41 -8.34
C ILE D 202 16.73 18.86 -9.28
N LEU D 203 16.80 17.57 -9.55
CA LEU D 203 15.77 16.91 -10.34
C LEU D 203 14.61 16.56 -9.40
N ASP D 204 13.50 17.27 -9.53
CA ASP D 204 12.33 17.06 -8.67
C ASP D 204 11.56 15.85 -9.18
N LEU D 205 12.04 14.66 -8.78
CA LEU D 205 11.45 13.40 -9.23
C LEU D 205 10.25 13.03 -8.36
N ASN D 206 9.21 13.85 -8.43
CA ASN D 206 8.01 13.59 -7.65
C ASN D 206 7.14 12.51 -8.30
N GLY D 207 7.52 12.00 -9.47
CA GLY D 207 6.92 10.82 -10.04
C GLY D 207 5.95 11.07 -11.18
N PHE D 208 5.37 12.27 -11.28
CA PHE D 208 4.26 12.47 -12.18
C PHE D 208 4.29 13.89 -12.75
N LYS D 209 3.60 14.05 -13.88
CA LYS D 209 3.31 15.37 -14.43
C LYS D 209 1.80 15.62 -14.30
N ILE D 210 1.12 16.16 -15.32
CA ILE D 210 -0.30 16.49 -15.17
C ILE D 210 -1.14 15.23 -15.01
N SER D 211 -1.05 14.32 -15.98
CA SER D 211 -1.91 13.14 -16.04
C SER D 211 -1.13 11.85 -16.25
N ASN D 212 0.20 11.87 -16.18
CA ASN D 212 1.02 10.73 -16.52
C ASN D 212 2.14 10.58 -15.51
N PRO D 213 2.70 9.38 -15.37
CA PRO D 213 4.01 9.26 -14.74
C PRO D 213 5.08 9.82 -15.66
N THR D 214 6.27 10.01 -15.11
CA THR D 214 7.36 10.62 -15.85
C THR D 214 8.39 9.58 -16.26
N LEU D 215 9.05 9.85 -17.39
CA LEU D 215 10.01 8.90 -17.95
C LEU D 215 11.22 8.72 -17.04
N PHE D 216 11.67 9.78 -16.39
CA PHE D 216 12.83 9.66 -15.52
C PHE D 216 12.47 9.02 -14.18
N ALA D 217 11.26 9.26 -13.67
CA ALA D 217 10.86 8.64 -12.42
C ALA D 217 10.77 7.12 -12.54
N ARG D 218 10.32 6.62 -13.70
CA ARG D 218 10.23 5.19 -13.95
C ARG D 218 11.52 4.62 -14.53
N THR D 219 12.58 5.43 -14.61
CA THR D 219 13.92 4.94 -14.88
C THR D 219 14.57 4.60 -13.54
N SER D 220 15.29 3.48 -13.51
CA SER D 220 15.95 3.06 -12.27
C SER D 220 17.02 4.07 -11.87
N ASP D 221 17.30 4.13 -10.56
CA ASP D 221 18.38 4.99 -10.09
C ASP D 221 19.71 4.62 -10.75
N VAL D 222 19.91 3.34 -11.07
CA VAL D 222 21.13 2.91 -11.75
C VAL D 222 21.25 3.57 -13.12
N ASP D 223 20.17 3.53 -13.90
CA ASP D 223 20.21 4.13 -15.23
C ASP D 223 20.28 5.65 -15.15
N ILE D 224 19.60 6.25 -14.17
CA ILE D 224 19.70 7.70 -13.96
C ILE D 224 21.15 8.08 -13.73
N ARG D 225 21.88 7.26 -12.97
CA ARG D 225 23.30 7.51 -12.73
C ARG D 225 24.10 7.45 -14.02
N LYS D 226 23.87 6.40 -14.82
CA LYS D 226 24.57 6.30 -16.10
C LYS D 226 24.31 7.52 -16.97
N PHE D 227 23.06 7.98 -17.02
CA PHE D 227 22.70 9.13 -17.85
C PHE D 227 23.48 10.36 -17.42
N PHE D 228 23.47 10.68 -16.12
CA PHE D 228 24.11 11.90 -15.68
C PHE D 228 25.63 11.77 -15.62
N GLU D 229 26.15 10.59 -15.26
CA GLU D 229 27.59 10.41 -15.30
C GLU D 229 28.10 10.53 -16.74
N GLY D 230 27.34 9.99 -17.69
CA GLY D 230 27.70 10.14 -19.10
C GLY D 230 27.77 11.58 -19.56
N LEU D 231 27.05 12.49 -18.88
CA LEU D 231 27.07 13.90 -19.19
C LEU D 231 28.05 14.69 -18.30
N GLY D 232 28.77 14.03 -17.42
CA GLY D 232 29.81 14.67 -16.63
C GLY D 232 29.41 15.10 -15.24
N TYR D 233 28.20 14.77 -14.79
CA TYR D 233 27.75 15.16 -13.46
C TYR D 233 28.06 14.07 -12.44
N SER D 234 27.92 14.43 -11.16
CA SER D 234 28.07 13.50 -10.05
C SER D 234 26.73 13.39 -9.32
N PRO D 235 25.90 12.41 -9.64
CA PRO D 235 24.56 12.37 -9.06
C PRO D 235 24.55 11.87 -7.62
N ARG D 236 23.76 12.57 -6.79
CA ARG D 236 23.49 12.17 -5.42
C ARG D 236 21.99 12.16 -5.20
N TYR D 237 21.53 11.22 -4.38
CA TYR D 237 20.12 10.85 -4.28
C TYR D 237 19.56 11.16 -2.90
N ILE D 238 18.33 11.70 -2.88
CA ILE D 238 17.55 11.91 -1.67
C ILE D 238 16.28 11.09 -1.84
N GLU D 239 16.14 10.03 -1.06
CA GLU D 239 14.96 9.18 -1.16
C GLU D 239 14.84 8.38 0.13
N ASN D 240 13.68 7.75 0.31
CA ASN D 240 13.43 6.96 1.51
C ASN D 240 12.32 5.96 1.23
N ASP D 241 12.35 4.84 1.96
CA ASP D 241 11.31 3.83 1.80
C ASP D 241 10.00 4.25 2.44
N ASP D 242 10.06 4.94 3.58
CA ASP D 242 8.89 5.45 4.28
C ASP D 242 8.72 6.92 3.93
N ILE D 243 7.74 7.22 3.06
CA ILE D 243 7.62 8.57 2.53
C ILE D 243 7.11 9.58 3.55
N HIS D 244 6.60 9.12 4.69
CA HIS D 244 6.08 10.01 5.72
C HIS D 244 7.01 10.14 6.91
N ASP D 245 8.22 9.56 6.83
CA ASP D 245 9.24 9.75 7.85
C ASP D 245 10.03 10.99 7.46
N TYR D 246 9.43 12.15 7.72
CA TYR D 246 9.96 13.39 7.18
C TYR D 246 11.36 13.70 7.72
N MET D 247 11.61 13.36 8.99
CA MET D 247 12.91 13.66 9.57
C MET D 247 14.01 12.86 8.91
N ALA D 248 13.70 11.67 8.41
CA ALA D 248 14.69 10.92 7.65
C ALA D 248 15.04 11.66 6.37
N TYR D 249 14.03 12.26 5.71
CA TYR D 249 14.33 13.07 4.53
C TYR D 249 15.17 14.30 4.89
N HIS D 250 14.81 14.98 5.98
CA HIS D 250 15.56 16.18 6.36
C HIS D 250 17.02 15.87 6.67
N LYS D 251 17.27 14.81 7.46
CA LYS D 251 18.65 14.43 7.76
C LYS D 251 19.41 14.09 6.50
N LEU D 252 18.81 13.30 5.61
CA LEU D 252 19.48 12.88 4.40
C LEU D 252 19.76 14.06 3.47
N ALA D 253 18.77 14.94 3.29
CA ALA D 253 18.95 16.08 2.42
C ALA D 253 20.05 16.99 2.95
N ALA D 254 20.12 17.16 4.27
CA ALA D 254 21.16 17.99 4.85
C ALA D 254 22.55 17.44 4.50
N GLU D 255 22.73 16.12 4.57
CA GLU D 255 24.02 15.53 4.22
C GLU D 255 24.33 15.73 2.74
N VAL D 256 23.36 15.41 1.88
CA VAL D 256 23.56 15.48 0.44
C VAL D 256 23.85 16.92 0.01
N PHE D 257 23.03 17.87 0.48
CA PHE D 257 23.20 19.25 0.07
C PHE D 257 24.49 19.86 0.62
N ASP D 258 24.91 19.46 1.82
CA ASP D 258 26.19 19.95 2.35
C ASP D 258 27.34 19.59 1.43
N LYS D 259 27.44 18.32 1.04
CA LYS D 259 28.53 17.90 0.16
C LYS D 259 28.36 18.47 -1.24
N ALA D 260 27.13 18.76 -1.67
CA ALA D 260 26.97 19.40 -2.97
C ALA D 260 27.62 20.78 -2.95
N ILE D 261 27.33 21.58 -1.92
CA ILE D 261 27.97 22.89 -1.80
C ILE D 261 29.47 22.74 -1.62
N GLU D 262 29.89 21.83 -0.75
CA GLU D 262 31.31 21.70 -0.47
C GLU D 262 32.05 21.22 -1.71
N ASP D 263 31.45 20.32 -2.48
CA ASP D 263 32.09 19.90 -3.71
C ASP D 263 32.13 21.04 -4.72
N ILE D 264 31.11 21.89 -4.76
CA ILE D 264 31.14 23.07 -5.63
C ILE D 264 32.29 23.98 -5.22
N HIS D 265 32.40 24.25 -3.93
CA HIS D 265 33.46 25.14 -3.45
C HIS D 265 34.84 24.55 -3.67
N GLN D 266 34.97 23.23 -3.52
CA GLN D 266 36.25 22.59 -3.81
C GLN D 266 36.60 22.71 -5.28
N ILE D 267 35.62 22.48 -6.15
CA ILE D 267 35.82 22.68 -7.59
C ILE D 267 36.28 24.10 -7.86
N GLN D 268 35.66 25.08 -7.22
CA GLN D 268 36.02 26.47 -7.46
C GLN D 268 37.38 26.79 -6.86
N LYS D 269 37.72 26.17 -5.72
CA LYS D 269 39.03 26.39 -5.13
C LYS D 269 40.13 25.87 -6.05
N ASP D 270 39.97 24.62 -6.53
CA ASP D 270 40.98 24.04 -7.41
C ASP D 270 41.16 24.86 -8.69
N ALA D 271 40.06 25.42 -9.21
CA ALA D 271 40.14 26.17 -10.45
C ALA D 271 40.80 27.52 -10.25
N ARG D 272 40.54 28.18 -9.12
CA ARG D 272 41.00 29.55 -8.91
C ARG D 272 42.37 29.63 -8.25
N GLU D 273 42.79 28.59 -7.51
CA GLU D 273 44.09 28.58 -6.86
C GLU D 273 45.14 27.76 -7.61
N ASP D 274 44.75 26.61 -8.17
CA ASP D 274 45.69 25.72 -8.85
C ASP D 274 45.53 25.69 -10.36
N ASN D 275 44.49 26.32 -10.91
CA ASN D 275 44.29 26.40 -12.36
C ASN D 275 43.78 25.07 -12.90
N ARG D 276 42.99 24.37 -12.10
CA ARG D 276 42.43 23.09 -12.53
C ARG D 276 41.27 23.32 -13.49
N TYR D 277 40.99 22.30 -14.30
CA TYR D 277 39.88 22.29 -15.24
C TYR D 277 40.11 23.25 -16.42
N GLN D 278 41.37 23.53 -16.72
CA GLN D 278 41.74 24.35 -17.87
C GLN D 278 42.39 23.52 -18.97
N ASN D 279 42.43 22.20 -18.82
CA ASN D 279 43.13 21.30 -19.73
C ASN D 279 42.19 20.29 -20.39
N GLY D 280 40.87 20.51 -20.31
CA GLY D 280 39.91 19.58 -20.85
C GLY D 280 39.15 18.80 -19.80
N GLU D 281 39.51 18.91 -18.52
CA GLU D 281 38.79 18.20 -17.48
C GLU D 281 37.51 18.93 -17.12
N ILE D 282 36.39 18.21 -17.16
CA ILE D 282 35.09 18.77 -16.79
C ILE D 282 34.87 18.48 -15.31
N PRO D 283 34.61 19.48 -14.48
CA PRO D 283 34.34 19.21 -13.07
C PRO D 283 33.17 18.24 -12.91
N ALA D 284 33.27 17.37 -11.90
CA ALA D 284 32.19 16.44 -11.56
C ALA D 284 31.11 17.19 -10.80
N TRP D 285 30.35 17.99 -11.55
CA TRP D 285 29.36 18.87 -10.96
C TRP D 285 28.29 18.06 -10.23
N PRO D 286 27.93 18.41 -8.99
CA PRO D 286 26.85 17.69 -8.33
C PRO D 286 25.50 17.95 -8.97
N ILE D 287 24.69 16.91 -9.03
CA ILE D 287 23.27 17.02 -9.35
C ILE D 287 22.50 16.19 -8.35
N VAL D 288 21.48 16.79 -7.74
CA VAL D 288 20.69 16.13 -6.70
C VAL D 288 19.44 15.54 -7.35
N ILE D 289 19.25 14.24 -7.16
CA ILE D 289 18.05 13.54 -7.61
C ILE D 289 17.18 13.31 -6.39
N ALA D 290 16.09 14.05 -6.29
CA ALA D 290 15.22 14.06 -5.11
C ALA D 290 13.88 13.42 -5.46
N ARG D 291 13.64 12.24 -4.92
CA ARG D 291 12.37 11.55 -5.09
C ARG D 291 11.44 11.99 -3.95
N LEU D 292 10.85 13.17 -4.14
CA LEU D 292 9.90 13.73 -3.17
C LEU D 292 8.48 13.54 -3.69
N PRO D 293 7.67 12.66 -3.10
CA PRO D 293 6.39 12.31 -3.71
C PRO D 293 5.52 13.53 -4.02
N LYS D 294 4.86 13.47 -5.17
CA LYS D 294 3.97 14.55 -5.57
C LYS D 294 2.79 14.65 -4.62
N GLY D 295 2.40 15.87 -4.30
CA GLY D 295 1.37 16.06 -3.30
C GLY D 295 1.82 15.64 -1.92
N TRP D 296 3.13 15.70 -1.67
CA TRP D 296 3.72 15.23 -0.42
C TRP D 296 3.00 15.81 0.79
N GLY D 297 2.49 14.94 1.64
CA GLY D 297 1.86 15.37 2.87
C GLY D 297 0.45 15.89 2.75
N GLY D 298 -0.16 15.82 1.55
CA GLY D 298 -1.50 16.29 1.36
C GLY D 298 -2.49 15.14 1.40
N PRO D 299 -3.70 15.35 0.86
CA PRO D 299 -4.67 14.25 0.79
C PRO D 299 -4.05 13.03 0.11
N ARG D 300 -4.29 11.85 0.67
CA ARG D 300 -3.65 10.65 0.18
C ARG D 300 -4.50 9.88 -0.82
N TYR D 301 -5.81 9.81 -0.58
CA TYR D 301 -6.72 9.03 -1.41
C TYR D 301 -8.02 9.79 -1.60
N ASN D 302 -8.61 9.59 -2.77
CA ASN D 302 -9.88 10.23 -3.12
C ASN D 302 -11.02 9.34 -2.61
N ASP D 303 -11.21 9.37 -1.29
CA ASP D 303 -12.17 8.48 -0.63
C ASP D 303 -13.61 8.96 -0.74
N TRP D 304 -13.83 10.23 -1.05
CA TRP D 304 -15.18 10.82 -1.04
C TRP D 304 -15.95 10.58 -2.33
N SER D 305 -15.30 10.10 -3.38
CA SER D 305 -15.99 9.83 -4.64
C SER D 305 -15.08 8.97 -5.51
N GLY D 306 -15.67 8.38 -6.54
CA GLY D 306 -14.90 7.63 -7.51
C GLY D 306 -14.64 6.20 -7.10
N PRO D 307 -13.97 5.44 -7.96
CA PRO D 307 -13.76 4.02 -7.68
C PRO D 307 -12.77 3.80 -6.56
N LYS D 308 -12.77 2.58 -6.03
CA LYS D 308 -11.87 2.19 -4.96
C LYS D 308 -10.96 1.08 -5.44
N PHE D 309 -9.79 1.01 -4.79
CA PHE D 309 -8.82 -0.06 -5.03
C PHE D 309 -8.13 -0.35 -3.72
N ASP D 310 -8.15 -1.62 -3.31
CA ASP D 310 -7.60 -2.02 -2.03
C ASP D 310 -8.22 -1.18 -0.91
N GLY D 311 -9.55 -1.28 -0.82
CA GLY D 311 -10.37 -0.52 0.11
C GLY D 311 -10.04 0.95 0.30
N LYS D 312 -9.52 1.59 -0.76
CA LYS D 312 -9.17 3.01 -0.71
C LYS D 312 -9.53 3.67 -2.04
N GLY D 313 -9.75 4.97 -1.98
CA GLY D 313 -9.98 5.75 -3.18
C GLY D 313 -8.71 5.89 -4.00
N MET D 314 -8.87 6.48 -5.17
CA MET D 314 -7.72 6.62 -6.05
C MET D 314 -6.65 7.47 -5.36
N PRO D 315 -5.38 7.07 -5.43
CA PRO D 315 -4.34 7.84 -4.74
C PRO D 315 -4.21 9.24 -5.31
N ILE D 316 -4.02 10.19 -4.41
CA ILE D 316 -3.73 11.59 -4.76
C ILE D 316 -2.25 11.88 -4.54
N GLU D 317 -1.79 11.74 -3.31
CA GLU D 317 -0.36 11.82 -3.02
C GLU D 317 0.36 10.72 -3.81
N HIS D 318 1.53 11.08 -4.35
CA HIS D 318 2.32 10.18 -5.19
C HIS D 318 1.52 9.72 -6.41
N SER D 319 0.78 10.64 -7.00
CA SER D 319 0.03 10.37 -8.22
C SER D 319 -0.10 11.66 -8.99
N PHE D 320 -0.51 11.54 -10.26
CA PHE D 320 -0.79 12.72 -11.06
C PHE D 320 -2.00 13.48 -10.54
N ARG D 321 -2.89 12.81 -9.80
CA ARG D 321 -4.13 13.44 -9.36
C ARG D 321 -3.88 14.58 -8.38
N ALA D 322 -2.67 14.71 -7.86
CA ALA D 322 -2.33 15.80 -6.95
C ALA D 322 -1.90 17.07 -7.67
N HIS D 323 -1.87 17.06 -9.01
CA HIS D 323 -1.23 18.15 -9.75
C HIS D 323 -1.89 19.50 -9.46
N GLN D 324 -3.18 19.60 -9.72
CA GLN D 324 -3.85 20.90 -9.64
C GLN D 324 -4.57 21.05 -8.30
N VAL D 325 -5.88 21.21 -8.29
CA VAL D 325 -6.65 21.36 -7.06
C VAL D 325 -6.98 19.97 -6.52
N PRO D 326 -6.52 19.59 -5.33
CA PRO D 326 -6.69 18.20 -4.88
C PRO D 326 -8.04 17.88 -4.25
N LEU D 327 -8.90 18.87 -3.98
CA LEU D 327 -10.21 18.65 -3.41
C LEU D 327 -11.27 19.41 -4.22
N PRO D 328 -12.50 18.91 -4.27
CA PRO D 328 -13.60 19.68 -4.86
C PRO D 328 -14.14 20.78 -3.95
N LEU D 329 -13.51 20.99 -2.80
CA LEU D 329 -14.00 21.98 -1.85
C LEU D 329 -14.15 23.35 -2.50
N SER D 330 -15.26 24.01 -2.18
CA SER D 330 -15.52 25.38 -2.62
C SER D 330 -16.66 25.92 -1.78
N SER D 331 -16.94 27.22 -1.93
CA SER D 331 -18.06 27.84 -1.22
C SER D 331 -19.40 27.26 -1.65
N LYS D 332 -19.48 26.69 -2.86
CA LYS D 332 -20.68 26.07 -3.38
C LYS D 332 -20.70 24.56 -3.18
N ASN D 333 -19.63 23.98 -2.63
CA ASN D 333 -19.54 22.54 -2.45
C ASN D 333 -18.61 22.27 -1.26
N MET D 334 -19.21 22.19 -0.06
CA MET D 334 -18.46 22.01 1.16
C MET D 334 -18.40 20.56 1.62
N GLY D 335 -18.67 19.61 0.72
CA GLY D 335 -18.69 18.21 1.11
C GLY D 335 -17.35 17.73 1.64
N THR D 336 -16.24 18.19 1.06
CA THR D 336 -14.92 17.76 1.48
C THR D 336 -14.27 18.74 2.44
N LEU D 337 -15.05 19.57 3.12
CA LEU D 337 -14.50 20.42 4.16
C LEU D 337 -13.88 19.62 5.29
N PRO D 338 -14.46 18.50 5.74
CA PRO D 338 -13.79 17.71 6.78
C PRO D 338 -12.39 17.24 6.37
N GLU D 339 -12.24 16.78 5.13
CA GLU D 339 -10.93 16.36 4.64
C GLU D 339 -9.94 17.53 4.62
N PHE D 340 -10.42 18.72 4.27
CA PHE D 340 -9.56 19.90 4.23
C PHE D 340 -9.10 20.29 5.62
N VAL D 341 -10.02 20.25 6.60
CA VAL D 341 -9.64 20.58 7.97
C VAL D 341 -8.62 19.57 8.49
N LYS D 342 -8.82 18.29 8.18
CA LYS D 342 -7.88 17.25 8.60
C LYS D 342 -6.51 17.48 7.98
N TRP D 343 -6.49 17.78 6.68
CA TRP D 343 -5.24 18.06 5.99
C TRP D 343 -4.53 19.27 6.59
N MET D 344 -5.27 20.37 6.75
CA MET D 344 -4.65 21.62 7.20
C MET D 344 -4.17 21.53 8.65
N THR D 345 -4.98 20.94 9.53
CA THR D 345 -4.58 20.82 10.94
C THR D 345 -3.46 19.81 11.13
N SER D 346 -3.25 18.90 10.18
CA SER D 346 -2.15 17.95 10.31
C SER D 346 -0.80 18.64 10.35
N TYR D 347 -0.71 19.86 9.81
CA TYR D 347 0.54 20.62 9.88
C TYR D 347 0.82 21.18 11.28
N GLN D 348 -0.15 21.07 12.20
CA GLN D 348 -0.04 21.59 13.56
C GLN D 348 0.22 23.09 13.52
N PRO D 349 -0.67 23.87 12.88
CA PRO D 349 -0.39 25.31 12.72
C PRO D 349 -0.25 26.07 14.02
N GLU D 350 -0.89 25.61 15.10
CA GLU D 350 -0.77 26.31 16.39
C GLU D 350 0.65 26.27 16.93
N THR D 351 1.47 25.33 16.45
CA THR D 351 2.88 25.29 16.81
C THR D 351 3.74 26.13 15.87
N LEU D 352 3.16 26.74 14.85
CA LEU D 352 3.91 27.48 13.84
C LEU D 352 3.63 28.98 13.85
N PHE D 353 2.37 29.37 14.04
CA PHE D 353 1.94 30.76 13.99
C PHE D 353 1.28 31.17 15.31
N ASN D 354 1.46 32.43 15.66
CA ASN D 354 0.71 33.01 16.77
C ASN D 354 -0.70 33.37 16.34
N ALA D 355 -1.56 33.61 17.33
CA ALA D 355 -2.95 33.94 17.05
C ALA D 355 -3.08 35.28 16.32
N ASP D 356 -2.12 36.18 16.52
CA ASP D 356 -2.14 37.45 15.81
C ASP D 356 -1.63 37.34 14.38
N GLY D 357 -1.31 36.13 13.90
CA GLY D 357 -0.90 35.91 12.54
C GLY D 357 0.60 35.86 12.30
N SER D 358 1.40 36.30 13.26
CA SER D 358 2.84 36.31 13.08
C SER D 358 3.41 34.90 13.23
N LEU D 359 4.60 34.72 12.67
CA LEU D 359 5.32 33.47 12.80
C LEU D 359 5.86 33.31 14.22
N LYS D 360 5.85 32.08 14.71
CA LYS D 360 6.36 31.84 16.05
C LYS D 360 7.77 32.38 16.16
N GLU D 361 8.08 32.97 17.31
CA GLU D 361 9.36 33.67 17.46
C GLU D 361 10.53 32.74 17.21
N GLU D 362 10.46 31.51 17.71
CA GLU D 362 11.54 30.53 17.59
C GLU D 362 11.85 30.14 16.14
N LEU D 363 10.95 30.43 15.19
CA LEU D 363 11.18 30.10 13.79
C LEU D 363 11.65 31.28 12.96
N ARG D 364 11.68 32.48 13.55
CA ARG D 364 12.02 33.69 12.80
C ARG D 364 13.49 33.78 12.43
N ASP D 365 14.38 33.08 13.15
CA ASP D 365 15.80 33.14 12.84
C ASP D 365 16.23 32.11 11.80
N PHE D 366 15.30 31.27 11.31
CA PHE D 366 15.67 30.25 10.34
C PHE D 366 16.05 30.86 8.99
N ALA D 367 15.22 31.76 8.49
CA ALA D 367 15.46 32.31 7.16
C ALA D 367 16.66 33.26 7.20
N PRO D 368 17.33 33.44 6.07
CA PRO D 368 18.37 34.48 6.00
C PRO D 368 17.76 35.86 6.18
N LYS D 369 18.63 36.87 6.27
CA LYS D 369 18.20 38.26 6.39
C LYS D 369 18.92 39.12 5.35
N GLY D 370 18.29 40.25 5.03
CA GLY D 370 18.87 41.22 4.11
C GLY D 370 19.06 40.62 2.73
N GLU D 371 20.18 40.98 2.10
CA GLU D 371 20.44 40.53 0.74
C GLU D 371 20.79 39.05 0.66
N MET D 372 21.02 38.38 1.79
CA MET D 372 21.27 36.94 1.76
C MET D 372 19.99 36.16 1.49
N ARG D 373 18.83 36.77 1.69
CA ARG D 373 17.58 36.11 1.31
C ARG D 373 17.51 35.96 -0.20
N MET D 374 17.16 34.76 -0.67
CA MET D 374 17.09 34.52 -2.10
C MET D 374 16.10 35.47 -2.78
N ALA D 375 15.06 35.89 -2.05
CA ALA D 375 14.10 36.84 -2.62
C ALA D 375 14.62 38.26 -2.66
N SER D 376 15.67 38.56 -1.90
CA SER D 376 16.27 39.88 -1.86
C SER D 376 17.62 39.94 -2.57
N ASN D 377 18.10 38.83 -3.11
CA ASN D 377 19.36 38.78 -3.83
C ASN D 377 19.30 39.69 -5.05
N PRO D 378 20.15 40.71 -5.15
CA PRO D 378 20.05 41.64 -6.31
C PRO D 378 20.13 40.97 -7.66
N VAL D 379 20.66 39.74 -7.73
CA VAL D 379 20.63 39.00 -8.99
C VAL D 379 19.21 38.91 -9.52
N THR D 380 18.24 38.78 -8.62
CA THR D 380 16.84 38.53 -9.00
C THR D 380 16.03 39.80 -9.24
N ASN D 381 16.63 40.98 -9.07
CA ASN D 381 15.91 42.24 -9.27
C ASN D 381 16.75 43.16 -10.17
N GLY D 382 17.10 42.66 -11.36
CA GLY D 382 17.84 43.44 -12.33
C GLY D 382 19.33 43.22 -12.33
N GLY D 383 19.87 42.53 -11.34
CA GLY D 383 21.28 42.18 -11.28
C GLY D 383 22.03 42.94 -10.20
N VAL D 384 23.12 42.35 -9.75
CA VAL D 384 24.04 43.02 -8.83
C VAL D 384 24.48 44.36 -9.42
N ASP D 385 24.84 44.35 -10.71
CA ASP D 385 25.18 45.55 -11.45
C ASP D 385 24.38 45.51 -12.74
N SER D 386 23.51 46.51 -12.92
CA SER D 386 22.59 46.56 -14.06
C SER D 386 22.94 47.65 -15.05
N SER D 387 24.16 48.19 -14.98
CA SER D 387 24.54 49.31 -15.84
C SER D 387 24.71 48.85 -17.29
N ASN D 388 24.46 49.78 -18.21
CA ASN D 388 24.66 49.49 -19.61
C ASN D 388 26.16 49.35 -19.91
N LEU D 389 26.44 48.90 -21.12
CA LEU D 389 27.81 48.73 -21.59
C LEU D 389 28.51 50.08 -21.71
N VAL D 390 29.83 50.04 -21.60
CA VAL D 390 30.67 51.19 -21.94
C VAL D 390 30.93 51.11 -23.43
N LEU D 391 30.42 52.09 -24.19
CA LEU D 391 30.48 51.98 -25.64
C LEU D 391 31.54 52.91 -26.22
N PRO D 392 32.26 52.47 -27.24
CA PRO D 392 33.07 53.42 -28.02
C PRO D 392 32.18 54.16 -29.01
N ASP D 393 32.70 55.27 -29.51
CA ASP D 393 32.02 55.99 -30.59
C ASP D 393 32.00 55.10 -31.82
N TRP D 394 30.79 54.70 -32.23
CA TRP D 394 30.68 53.81 -33.38
C TRP D 394 31.24 54.46 -34.65
N GLN D 395 31.22 55.80 -34.72
CA GLN D 395 31.78 56.47 -35.88
C GLN D 395 33.22 56.04 -36.11
N GLU D 396 33.94 55.72 -35.04
CA GLU D 396 35.32 55.24 -35.16
C GLU D 396 35.42 53.98 -36.02
N PHE D 397 34.31 53.27 -36.24
CA PHE D 397 34.30 52.08 -37.09
C PHE D 397 33.46 52.27 -38.35
N ALA D 398 33.01 53.50 -38.63
CA ALA D 398 32.15 53.71 -39.79
C ALA D 398 32.95 53.60 -41.07
N ASN D 399 32.26 53.21 -42.15
CA ASN D 399 32.85 53.20 -43.47
C ASN D 399 32.93 54.64 -44.00
N PRO D 400 34.03 55.00 -44.70
CA PRO D 400 34.18 56.40 -45.17
C PRO D 400 33.32 56.67 -46.41
N ILE D 401 32.02 56.71 -46.20
CA ILE D 401 31.06 56.91 -47.27
C ILE D 401 30.84 58.40 -47.45
N SER D 402 30.78 58.83 -48.72
CA SER D 402 30.50 60.22 -49.05
C SER D 402 29.72 60.26 -50.35
N GLU D 403 29.40 61.47 -50.81
CA GLU D 403 28.63 61.59 -52.04
C GLU D 403 29.39 61.04 -53.25
N ASN D 404 30.71 60.92 -53.17
CA ASN D 404 31.47 60.45 -54.31
C ASN D 404 31.45 58.94 -54.47
N ASN D 405 31.28 58.19 -53.37
CA ASN D 405 31.36 56.74 -53.42
C ASN D 405 30.10 56.05 -52.89
N ARG D 406 28.99 56.77 -52.72
CA ARG D 406 27.77 56.11 -52.23
C ARG D 406 27.20 55.19 -53.30
N GLY D 407 26.61 54.08 -52.84
CA GLY D 407 26.04 53.10 -53.75
C GLY D 407 27.06 52.31 -54.52
N LYS D 408 28.25 52.13 -53.94
CA LYS D 408 29.35 51.40 -54.57
C LYS D 408 30.02 50.51 -53.54
N LEU D 409 30.78 49.54 -54.03
CA LEU D 409 31.56 48.67 -53.16
C LEU D 409 32.87 49.35 -52.79
N LEU D 410 33.16 49.40 -51.49
CA LEU D 410 34.44 49.90 -51.02
C LEU D 410 35.55 48.97 -51.49
N PRO D 411 36.80 49.47 -51.59
CA PRO D 411 37.87 48.62 -52.14
C PRO D 411 38.11 47.32 -51.37
N ASP D 412 38.07 47.36 -50.05
CA ASP D 412 38.22 46.15 -49.23
C ASP D 412 36.89 45.43 -49.12
N THR D 413 36.79 44.24 -49.70
CA THR D 413 35.51 43.55 -49.76
C THR D 413 34.92 43.35 -48.37
N ASN D 414 35.77 43.21 -47.35
CA ASN D 414 35.29 42.97 -45.99
C ASN D 414 34.57 44.17 -45.40
N ASP D 415 34.84 45.39 -45.89
CA ASP D 415 34.11 46.56 -45.42
C ASP D 415 32.71 46.65 -46.02
N ASN D 416 32.42 45.89 -47.07
CA ASN D 416 31.09 45.84 -47.65
C ASN D 416 30.20 44.79 -46.98
N MET D 417 30.70 44.13 -45.94
CA MET D 417 29.96 43.11 -45.21
C MET D 417 29.54 43.70 -43.86
N ASP D 418 28.24 43.98 -43.72
CA ASP D 418 27.78 44.74 -42.56
C ASP D 418 28.14 44.02 -41.25
N MET D 419 27.99 42.70 -41.20
CA MET D 419 28.32 41.98 -39.97
C MET D 419 29.80 42.10 -39.62
N ASN D 420 30.67 42.01 -40.63
CA ASN D 420 32.09 42.16 -40.36
C ASN D 420 32.39 43.55 -39.81
N VAL D 421 31.78 44.58 -40.39
CA VAL D 421 31.93 45.92 -39.86
C VAL D 421 31.41 45.99 -38.43
N LEU D 422 30.27 45.34 -38.17
CA LEU D 422 29.73 45.30 -36.82
C LEU D 422 30.66 44.58 -35.87
N SER D 423 31.36 43.55 -36.36
CA SER D 423 32.28 42.80 -35.49
C SER D 423 33.43 43.69 -35.02
N LYS D 424 33.86 44.67 -35.83
CA LYS D 424 34.82 45.66 -35.36
C LYS D 424 34.31 46.37 -34.12
N TYR D 425 33.06 46.81 -34.16
CA TYR D 425 32.46 47.50 -33.03
C TYR D 425 32.34 46.58 -31.83
N PHE D 426 31.86 45.35 -32.05
CA PHE D 426 31.73 44.40 -30.95
C PHE D 426 33.08 44.06 -30.35
N ALA D 427 34.11 43.95 -31.19
CA ALA D 427 35.44 43.62 -30.68
C ALA D 427 35.92 44.68 -29.70
N GLU D 428 35.69 45.96 -30.02
CA GLU D 428 36.08 47.01 -29.09
C GLU D 428 35.25 46.98 -27.82
N ILE D 429 33.97 46.61 -27.92
CA ILE D 429 33.14 46.53 -26.72
C ILE D 429 33.66 45.44 -25.80
N VAL D 430 34.18 44.35 -26.35
CA VAL D 430 34.81 43.32 -25.53
C VAL D 430 35.95 43.91 -24.72
N LYS D 431 36.77 44.75 -25.37
CA LYS D 431 37.93 45.32 -24.70
C LYS D 431 37.51 46.23 -23.55
N LEU D 432 36.40 46.96 -23.74
CA LEU D 432 35.92 47.89 -22.74
C LEU D 432 35.00 47.26 -21.71
N ASN D 433 34.51 46.05 -21.96
CA ASN D 433 33.59 45.35 -21.05
C ASN D 433 34.02 43.90 -20.96
N PRO D 434 35.14 43.63 -20.28
CA PRO D 434 35.71 42.27 -20.32
C PRO D 434 34.93 41.23 -19.54
N THR D 435 34.01 41.64 -18.66
CA THR D 435 33.26 40.69 -17.84
C THR D 435 31.75 40.83 -17.95
N ARG D 436 31.25 41.81 -18.72
CA ARG D 436 29.81 42.08 -18.75
C ARG D 436 29.24 42.10 -20.17
N PHE D 437 30.01 41.65 -21.16
CA PHE D 437 29.52 41.53 -22.52
C PHE D 437 29.86 40.14 -23.05
N ARG D 438 28.91 39.52 -23.75
CA ARG D 438 29.09 38.20 -24.32
CA ARG D 438 29.11 38.21 -24.33
C ARG D 438 28.33 38.08 -25.63
N LEU D 439 28.91 37.38 -26.59
CA LEU D 439 28.29 37.12 -27.87
C LEU D 439 27.95 35.62 -27.94
N PHE D 440 26.72 35.31 -28.31
CA PHE D 440 26.23 33.95 -28.34
C PHE D 440 25.83 33.59 -29.76
N GLY D 441 26.02 32.32 -30.11
CA GLY D 441 25.60 31.81 -31.39
C GLY D 441 25.49 30.30 -31.34
N PRO D 442 24.80 29.69 -32.32
CA PRO D 442 24.71 28.22 -32.37
C PRO D 442 25.59 27.62 -33.44
N ASP D 443 26.91 27.66 -33.27
CA ASP D 443 27.85 27.17 -34.27
C ASP D 443 27.75 27.98 -35.56
N GLU D 444 27.57 29.29 -35.42
CA GLU D 444 27.38 30.17 -36.56
C GLU D 444 28.15 31.49 -36.47
N THR D 445 28.89 31.74 -35.39
CA THR D 445 29.58 33.02 -35.26
C THR D 445 30.55 33.24 -36.42
N MET D 446 31.29 32.21 -36.80
CA MET D 446 32.20 32.34 -37.94
C MET D 446 31.44 32.45 -39.25
N SER D 447 30.43 31.60 -39.44
CA SER D 447 29.65 31.62 -40.68
C SER D 447 28.94 32.96 -40.86
N ASN D 448 28.49 33.57 -39.77
CA ASN D 448 27.84 34.88 -39.83
C ASN D 448 28.85 36.00 -39.93
N ARG D 449 30.15 35.68 -39.95
CA ARG D 449 31.21 36.62 -40.32
C ARG D 449 31.45 37.69 -39.25
N PHE D 450 31.52 37.24 -37.99
CA PHE D 450 32.01 38.05 -36.88
C PHE D 450 33.53 37.98 -36.83
N TRP D 451 34.20 38.26 -37.94
CA TRP D 451 35.61 37.90 -38.06
C TRP D 451 36.49 38.66 -37.08
N GLU D 452 36.20 39.93 -36.82
CA GLU D 452 37.06 40.72 -35.94
C GLU D 452 36.98 40.26 -34.50
N MET D 453 35.87 39.63 -34.10
CA MET D 453 35.74 39.16 -32.74
C MET D 453 36.83 38.14 -32.41
N PHE D 454 37.17 37.28 -33.37
CA PHE D 454 38.15 36.23 -33.10
C PHE D 454 39.57 36.75 -32.99
N LYS D 455 39.80 38.04 -33.23
CA LYS D 455 41.11 38.63 -33.01
C LYS D 455 41.30 39.12 -31.58
N VAL D 456 40.24 39.15 -30.77
CA VAL D 456 40.33 39.63 -29.40
C VAL D 456 39.85 38.59 -28.39
N THR D 457 39.17 37.54 -28.82
CA THR D 457 38.70 36.53 -27.89
C THR D 457 38.47 35.23 -28.65
N ASN D 458 38.19 34.18 -27.89
CA ASN D 458 37.89 32.86 -28.44
C ASN D 458 36.50 32.44 -27.95
N ARG D 459 36.06 31.29 -28.43
CA ARG D 459 34.88 30.64 -27.90
C ARG D 459 35.24 29.94 -26.60
N GLN D 460 34.37 30.07 -25.59
CA GLN D 460 34.58 29.35 -24.34
C GLN D 460 34.25 27.88 -24.54
N TRP D 461 35.18 27.01 -24.13
CA TRP D 461 35.08 25.58 -24.44
C TRP D 461 35.88 24.82 -23.39
N MET D 462 35.22 23.93 -22.64
CA MET D 462 35.83 23.26 -21.50
C MET D 462 36.39 21.87 -21.82
N GLN D 463 35.92 21.21 -22.87
CA GLN D 463 36.44 19.89 -23.20
C GLN D 463 37.82 20.01 -23.83
N VAL D 464 38.41 18.86 -24.20
CA VAL D 464 39.77 18.83 -24.72
C VAL D 464 39.83 19.58 -26.06
N ILE D 465 40.96 20.24 -26.30
CA ILE D 465 41.18 21.02 -27.51
C ILE D 465 42.27 20.34 -28.33
N LYS D 466 42.05 20.25 -29.65
CA LYS D 466 42.98 19.57 -30.55
C LYS D 466 43.32 20.51 -31.72
N ASN D 467 44.16 21.50 -31.43
CA ASN D 467 44.66 22.37 -32.48
C ASN D 467 45.65 21.58 -33.36
N PRO D 468 45.74 21.91 -34.66
CA PRO D 468 45.03 22.94 -35.41
C PRO D 468 43.72 22.45 -36.01
N ASN D 469 43.34 21.21 -35.68
CA ASN D 469 42.04 20.71 -36.14
C ASN D 469 40.93 21.60 -35.65
N ASP D 470 41.06 22.11 -34.42
CA ASP D 470 40.19 23.11 -33.84
C ASP D 470 40.74 24.51 -34.09
N GLU D 471 39.91 25.51 -33.83
CA GLU D 471 40.30 26.90 -34.01
C GLU D 471 39.43 27.81 -33.14
N PHE D 472 40.08 28.79 -32.50
CA PHE D 472 39.39 29.84 -31.75
C PHE D 472 38.48 29.25 -30.68
N ILE D 473 38.99 28.27 -29.94
CA ILE D 473 38.30 27.74 -28.76
C ILE D 473 39.29 27.68 -27.61
N SER D 474 38.79 27.94 -26.41
CA SER D 474 39.62 28.08 -25.21
C SER D 474 38.74 27.90 -23.99
N PRO D 475 39.29 27.44 -22.87
CA PRO D 475 38.49 27.35 -21.63
C PRO D 475 37.96 28.70 -21.16
N GLU D 476 38.56 29.81 -21.57
CA GLU D 476 38.06 31.14 -21.24
C GLU D 476 37.81 31.87 -22.54
N GLY D 477 36.60 32.37 -22.72
CA GLY D 477 36.26 33.11 -23.93
C GLY D 477 35.01 33.94 -23.78
N ARG D 478 34.99 35.11 -24.42
CA ARG D 478 33.82 35.97 -24.36
C ARG D 478 32.73 35.54 -25.32
N ILE D 479 33.01 34.61 -26.23
CA ILE D 479 32.03 34.05 -27.14
C ILE D 479 31.61 32.68 -26.61
N ILE D 480 30.32 32.37 -26.69
CA ILE D 480 29.82 31.02 -26.45
C ILE D 480 29.07 30.61 -27.72
N ASP D 481 29.66 29.68 -28.48
CA ASP D 481 29.19 29.37 -29.82
C ASP D 481 29.26 27.89 -30.16
N SER D 482 29.80 27.04 -29.28
CA SER D 482 30.20 25.69 -29.66
C SER D 482 29.15 24.64 -29.36
N GLN D 483 27.91 25.04 -29.05
CA GLN D 483 26.80 24.10 -28.97
C GLN D 483 25.76 24.47 -30.02
N LEU D 484 25.34 23.45 -30.79
CA LEU D 484 24.37 23.60 -31.85
C LEU D 484 22.97 23.50 -31.25
N SER D 485 22.53 24.62 -30.67
CA SER D 485 21.20 24.69 -30.08
C SER D 485 20.80 26.15 -29.95
N GLU D 486 19.80 26.58 -30.72
CA GLU D 486 19.27 27.92 -30.54
C GLU D 486 18.65 28.09 -29.15
N HIS D 487 18.01 27.04 -28.62
CA HIS D 487 17.43 27.12 -27.28
C HIS D 487 18.48 27.47 -26.24
N GLN D 488 19.66 26.87 -26.35
CA GLN D 488 20.74 27.17 -25.40
C GLN D 488 21.21 28.61 -25.54
N ALA D 489 21.53 29.03 -26.76
CA ALA D 489 22.03 30.39 -26.97
C ALA D 489 21.04 31.42 -26.45
N GLU D 490 19.76 31.23 -26.78
CA GLU D 490 18.71 32.15 -26.32
C GLU D 490 18.55 32.08 -24.81
N GLY D 491 18.54 30.87 -24.24
CA GLY D 491 18.40 30.73 -22.80
C GLY D 491 19.54 31.37 -22.04
N TRP D 492 20.78 31.15 -22.50
CA TRP D 492 21.94 31.78 -21.88
C TRP D 492 21.83 33.31 -21.94
N LEU D 493 21.49 33.84 -23.11
CA LEU D 493 21.37 35.29 -23.25
C LEU D 493 20.30 35.86 -22.33
N GLU D 494 19.15 35.19 -22.25
CA GLU D 494 18.08 35.68 -21.38
C GLU D 494 18.54 35.73 -19.93
N GLY D 495 19.19 34.66 -19.47
CA GLY D 495 19.70 34.67 -18.10
C GLY D 495 20.78 35.72 -17.90
N TYR D 496 21.67 35.87 -18.87
CA TYR D 496 22.70 36.91 -18.78
C TYR D 496 22.07 38.29 -18.72
N THR D 497 21.00 38.50 -19.50
CA THR D 497 20.35 39.82 -19.59
C THR D 497 19.55 40.12 -18.33
N LEU D 498 18.72 39.18 -17.88
CA LEU D 498 17.89 39.43 -16.71
C LEU D 498 18.71 39.71 -15.48
N THR D 499 19.96 39.25 -15.44
CA THR D 499 20.84 39.44 -14.29
C THR D 499 21.77 40.64 -14.45
N GLY D 500 21.43 41.58 -15.34
CA GLY D 500 22.07 42.88 -15.38
C GLY D 500 23.09 43.09 -16.48
N ARG D 501 23.49 42.04 -17.18
CA ARG D 501 24.51 42.17 -18.21
C ARG D 501 23.85 42.32 -19.58
N THR D 502 24.67 42.58 -20.59
CA THR D 502 24.20 42.78 -21.94
C THR D 502 24.95 41.85 -22.89
N GLY D 503 24.27 41.37 -23.91
CA GLY D 503 24.90 40.52 -24.88
C GLY D 503 24.16 40.57 -26.19
N ALA D 504 24.48 39.62 -27.06
CA ALA D 504 23.83 39.51 -28.35
C ALA D 504 23.82 38.05 -28.77
N PHE D 505 22.75 37.64 -29.43
CA PHE D 505 22.59 36.30 -29.95
C PHE D 505 22.33 36.43 -31.44
N ALA D 506 23.30 36.01 -32.26
CA ALA D 506 23.17 36.04 -33.71
C ALA D 506 22.88 34.64 -34.23
N SER D 507 21.98 34.55 -35.20
CA SER D 507 21.57 33.26 -35.73
C SER D 507 21.12 33.42 -37.17
N TYR D 508 21.22 32.33 -37.93
CA TYR D 508 20.54 32.28 -39.22
C TYR D 508 19.08 32.65 -39.03
N GLU D 509 18.60 33.55 -39.88
CA GLU D 509 17.27 34.13 -39.69
C GLU D 509 16.20 33.04 -39.54
N SER D 510 16.16 32.11 -40.49
CA SER D 510 15.08 31.11 -40.50
C SER D 510 15.06 30.31 -39.20
N PHE D 511 16.24 29.98 -38.66
CA PHE D 511 16.32 29.10 -37.51
C PHE D 511 16.26 29.84 -36.19
N LEU D 512 16.32 31.16 -36.21
CA LEU D 512 16.00 31.89 -35.00
C LEU D 512 14.55 31.67 -34.60
N ARG D 513 13.70 31.29 -35.56
CA ARG D 513 12.31 30.99 -35.27
C ARG D 513 12.14 29.70 -34.48
N VAL D 514 13.18 28.89 -34.35
CA VAL D 514 13.17 27.79 -33.38
C VAL D 514 12.81 28.33 -32.01
N VAL D 515 13.15 29.59 -31.75
CA VAL D 515 13.05 30.22 -30.45
C VAL D 515 11.91 31.26 -30.41
N ASP D 516 10.98 31.17 -31.36
CA ASP D 516 9.82 32.07 -31.36
C ASP D 516 9.18 32.17 -29.98
N SER D 517 8.89 31.03 -29.36
CA SER D 517 8.12 31.05 -28.11
C SER D 517 8.95 31.52 -26.93
N MET D 518 10.27 31.30 -26.95
CA MET D 518 11.12 31.83 -25.90
C MET D 518 11.12 33.35 -25.92
N LEU D 519 11.21 33.94 -27.12
CA LEU D 519 11.14 35.39 -27.24
C LEU D 519 9.79 35.92 -26.76
N THR D 520 8.71 35.20 -27.05
CA THR D 520 7.40 35.58 -26.51
C THR D 520 7.45 35.69 -24.99
N GLN D 521 8.00 34.67 -24.32
CA GLN D 521 8.00 34.63 -22.86
C GLN D 521 8.85 35.74 -22.27
N HIS D 522 9.99 36.05 -22.91
CA HIS D 522 10.82 37.13 -22.41
C HIS D 522 10.12 38.47 -22.55
N PHE D 523 9.42 38.69 -23.66
CA PHE D 523 8.62 39.90 -23.80
C PHE D 523 7.58 39.99 -22.70
N LYS D 524 6.81 38.91 -22.50
CA LYS D 524 5.80 38.89 -21.45
C LYS D 524 6.41 39.19 -20.08
N TRP D 525 7.61 38.68 -19.81
CA TRP D 525 8.24 38.91 -18.52
C TRP D 525 8.57 40.39 -18.33
N ILE D 526 9.28 40.99 -19.29
CA ILE D 526 9.69 42.39 -19.11
C ILE D 526 8.48 43.31 -19.10
N ARG D 527 7.41 42.96 -19.81
CA ARG D 527 6.21 43.79 -19.77
C ARG D 527 5.55 43.72 -18.39
N GLN D 528 5.42 42.51 -17.84
CA GLN D 528 4.82 42.38 -16.51
C GLN D 528 5.74 42.97 -15.45
N ALA D 529 7.06 42.83 -15.62
CA ALA D 529 8.00 43.40 -14.66
C ALA D 529 7.92 44.91 -14.63
N ALA D 530 7.67 45.54 -15.78
CA ALA D 530 7.54 46.99 -15.82
C ALA D 530 6.36 47.47 -15.00
N ASP D 531 5.36 46.62 -14.79
CA ASP D 531 4.20 47.00 -13.98
C ASP D 531 4.48 46.90 -12.49
N GLN D 532 5.64 46.38 -12.09
CA GLN D 532 6.01 46.26 -10.69
C GLN D 532 6.94 47.41 -10.33
N LYS D 533 6.43 48.37 -9.57
CA LYS D 533 7.21 49.56 -9.23
C LYS D 533 8.34 49.25 -8.26
N TRP D 534 8.30 48.09 -7.60
CA TRP D 534 9.39 47.67 -6.72
C TRP D 534 10.52 46.99 -7.49
N ARG D 535 10.38 46.79 -8.80
CA ARG D 535 11.37 46.10 -9.61
C ARG D 535 12.20 47.11 -10.41
N HIS D 536 13.51 46.86 -10.45
CA HIS D 536 14.40 47.59 -11.34
C HIS D 536 14.18 47.11 -12.77
N ASP D 537 14.44 47.99 -13.74
CA ASP D 537 14.33 47.60 -15.13
C ASP D 537 15.54 46.74 -15.52
N TYR D 538 15.49 46.23 -16.74
CA TYR D 538 16.50 45.30 -17.24
C TYR D 538 17.26 45.87 -18.42
N PRO D 539 18.45 45.35 -18.72
CA PRO D 539 19.05 45.60 -20.04
C PRO D 539 18.16 45.00 -21.10
N SER D 540 18.41 45.39 -22.35
CA SER D 540 17.64 44.90 -23.47
C SER D 540 18.21 43.59 -23.98
N LEU D 541 17.33 42.77 -24.55
CA LEU D 541 17.70 41.49 -25.15
C LEU D 541 17.95 41.72 -26.65
N ASN D 542 19.17 41.43 -27.11
CA ASN D 542 19.58 41.72 -28.48
C ASN D 542 19.74 40.43 -29.28
N VAL D 543 18.89 40.25 -30.29
CA VAL D 543 18.95 39.11 -31.19
C VAL D 543 19.14 39.62 -32.61
N ILE D 544 20.03 38.96 -33.36
CA ILE D 544 20.36 39.35 -34.72
C ILE D 544 19.95 38.22 -35.64
N SER D 545 19.16 38.54 -36.66
CA SER D 545 18.83 37.63 -37.73
C SER D 545 19.75 37.92 -38.90
N THR D 546 20.68 37.00 -39.16
CA THR D 546 21.60 37.12 -40.29
C THR D 546 21.46 35.91 -41.18
N SER D 547 22.34 35.82 -42.18
CA SER D 547 22.21 34.82 -43.22
C SER D 547 20.75 34.72 -43.63
N THR D 548 20.21 35.86 -44.06
CA THR D 548 18.78 36.04 -44.18
C THR D 548 18.29 35.32 -45.42
N VAL D 549 17.01 35.56 -45.76
CA VAL D 549 16.37 34.83 -46.86
C VAL D 549 17.18 35.00 -48.14
N PHE D 550 17.76 36.18 -48.36
CA PHE D 550 18.44 36.49 -49.61
C PHE D 550 19.96 36.28 -49.51
N GLN D 551 20.44 35.57 -48.49
CA GLN D 551 21.87 35.34 -48.27
C GLN D 551 22.09 33.93 -47.74
N GLN D 552 21.49 32.94 -48.41
CA GLN D 552 21.59 31.53 -48.04
C GLN D 552 21.98 30.71 -49.28
N ASP D 553 23.11 31.12 -49.87
CA ASP D 553 23.64 30.52 -51.10
C ASP D 553 23.65 28.99 -51.07
N HIS D 554 24.38 28.41 -50.11
CA HIS D 554 24.61 26.96 -50.12
C HIS D 554 23.48 26.13 -49.50
N ASN D 555 22.41 26.75 -49.00
CA ASN D 555 21.39 26.01 -48.25
C ASN D 555 20.03 25.98 -48.93
N GLY D 556 19.50 27.13 -49.32
CA GLY D 556 18.26 27.13 -50.07
C GLY D 556 16.94 27.31 -49.33
N TYR D 557 15.94 26.56 -49.80
CA TYR D 557 14.55 26.88 -49.47
C TYR D 557 14.22 26.67 -47.99
N THR D 558 14.82 25.67 -47.34
CA THR D 558 14.48 25.41 -45.93
C THR D 558 15.07 26.45 -45.00
N HIS D 559 15.98 27.29 -45.49
CA HIS D 559 16.63 28.35 -44.71
C HIS D 559 16.03 29.71 -45.03
N GLN D 560 14.75 29.75 -45.41
CA GLN D 560 14.08 30.98 -45.83
C GLN D 560 12.80 31.15 -45.01
N ASP D 561 12.85 32.04 -44.01
CA ASP D 561 11.66 32.39 -43.22
C ASP D 561 11.91 33.71 -42.49
N PRO D 562 11.48 34.84 -43.07
CA PRO D 562 11.66 36.13 -42.38
C PRO D 562 10.48 36.53 -41.52
N GLY D 563 9.70 35.53 -41.08
CA GLY D 563 8.47 35.79 -40.36
C GLY D 563 8.65 36.30 -38.94
N MET D 564 9.88 36.30 -38.40
CA MET D 564 10.08 36.86 -37.06
C MET D 564 9.61 38.30 -36.99
N LEU D 565 9.77 39.07 -38.07
CA LEU D 565 9.30 40.45 -38.08
C LEU D 565 7.81 40.50 -37.78
N THR D 566 7.03 39.58 -38.37
CA THR D 566 5.60 39.55 -38.10
C THR D 566 5.34 39.10 -36.67
N HIS D 567 6.05 38.08 -36.22
CA HIS D 567 5.81 37.53 -34.88
C HIS D 567 5.94 38.60 -33.80
N LEU D 568 7.02 39.39 -33.86
CA LEU D 568 7.28 40.38 -32.82
C LEU D 568 6.49 41.66 -33.01
N ALA D 569 6.08 41.98 -34.24
CA ALA D 569 5.26 43.17 -34.44
C ALA D 569 3.88 43.04 -33.79
N GLU D 570 3.48 41.82 -33.44
CA GLU D 570 2.19 41.57 -32.80
C GLU D 570 2.23 41.79 -31.29
N LYS D 571 3.41 41.89 -30.68
CA LYS D 571 3.51 42.19 -29.27
C LYS D 571 3.37 43.69 -29.02
N LYS D 572 3.31 44.06 -27.74
CA LYS D 572 3.23 45.47 -27.39
C LYS D 572 4.49 46.20 -27.87
N SER D 573 4.29 47.19 -28.74
CA SER D 573 5.40 47.81 -29.44
C SER D 573 6.31 48.60 -28.50
N ASP D 574 5.80 49.06 -27.37
CA ASP D 574 6.63 49.81 -26.45
C ASP D 574 7.78 48.98 -25.87
N PHE D 575 7.75 47.66 -26.05
CA PHE D 575 8.81 46.78 -25.55
C PHE D 575 9.57 46.08 -26.67
N ILE D 576 9.28 46.42 -27.93
CA ILE D 576 9.89 45.78 -29.09
C ILE D 576 10.51 46.85 -29.98
N ARG D 577 11.74 46.61 -30.40
CA ARG D 577 12.44 47.47 -31.36
C ARG D 577 13.03 46.60 -32.45
N GLN D 578 12.48 46.69 -33.66
CA GLN D 578 12.97 45.93 -34.80
C GLN D 578 13.62 46.88 -35.79
N TYR D 579 14.85 46.58 -36.18
CA TYR D 579 15.66 47.43 -37.04
C TYR D 579 16.11 46.66 -38.27
N LEU D 580 15.95 47.27 -39.44
CA LEU D 580 16.37 46.67 -40.71
C LEU D 580 17.37 47.58 -41.41
N PRO D 581 18.57 47.73 -40.84
CA PRO D 581 19.58 48.58 -41.48
C PRO D 581 19.96 48.08 -42.86
N ALA D 582 20.15 49.02 -43.78
CA ALA D 582 20.46 48.68 -45.16
C ALA D 582 21.95 48.64 -45.45
N ASP D 583 22.81 49.14 -44.55
CA ASP D 583 24.25 49.08 -44.80
C ASP D 583 25.00 49.10 -43.47
N GLY D 584 26.33 49.11 -43.56
CA GLY D 584 27.15 48.93 -42.37
C GLY D 584 27.06 50.09 -41.41
N ASN D 585 27.11 51.32 -41.91
CA ASN D 585 27.02 52.48 -41.03
C ASN D 585 25.69 52.52 -40.29
N THR D 586 24.60 52.21 -40.97
CA THR D 586 23.30 52.18 -40.28
C THR D 586 23.30 51.11 -39.20
N LEU D 587 23.81 49.91 -39.52
CA LEU D 587 23.88 48.85 -38.53
C LEU D 587 24.66 49.28 -37.30
N LEU D 588 25.81 49.95 -37.50
CA LEU D 588 26.59 50.45 -36.38
C LEU D 588 25.77 51.42 -35.53
N ALA D 589 25.09 52.36 -36.18
CA ALA D 589 24.34 53.36 -35.43
C ALA D 589 23.16 52.72 -34.72
N VAL D 590 22.59 51.67 -35.30
CA VAL D 590 21.45 51.00 -34.67
C VAL D 590 21.88 50.33 -33.37
N PHE D 591 23.04 49.69 -33.36
CA PHE D 591 23.44 48.99 -32.14
C PHE D 591 23.94 49.95 -31.06
N ASP D 592 24.49 51.10 -31.47
CA ASP D 592 24.77 52.15 -30.49
C ASP D 592 23.50 52.54 -29.74
N ARG D 593 22.37 52.60 -30.45
CA ARG D 593 21.11 52.90 -29.81
C ARG D 593 20.58 51.69 -29.04
N ALA D 594 20.66 50.51 -29.65
CA ALA D 594 20.12 49.31 -29.02
C ALA D 594 20.79 49.03 -27.68
N PHE D 595 22.12 49.18 -27.62
CA PHE D 595 22.87 48.91 -26.40
C PHE D 595 22.60 49.91 -25.29
N GLN D 596 21.87 51.00 -25.57
CA GLN D 596 21.53 51.96 -24.54
C GLN D 596 20.07 51.85 -24.09
N ASP D 597 19.25 51.08 -24.80
CA ASP D 597 17.85 50.96 -24.46
C ASP D 597 17.66 49.97 -23.31
N ARG D 598 16.54 50.13 -22.60
CA ARG D 598 16.23 49.34 -21.42
C ARG D 598 14.91 48.61 -21.60
N SER D 599 14.85 47.38 -21.10
CA SER D 599 13.62 46.58 -21.07
C SER D 599 12.97 46.49 -22.45
N LYS D 600 13.77 46.12 -23.44
CA LYS D 600 13.32 45.90 -24.80
C LYS D 600 13.78 44.53 -25.28
N ILE D 601 13.12 44.06 -26.34
CA ILE D 601 13.70 43.07 -27.24
C ILE D 601 14.12 43.84 -28.49
N ASN D 602 15.42 43.85 -28.77
CA ASN D 602 15.98 44.47 -29.95
C ASN D 602 16.24 43.36 -30.98
N HIS D 603 15.48 43.38 -32.08
CA HIS D 603 15.65 42.44 -33.18
C HIS D 603 16.26 43.18 -34.37
N ILE D 604 17.45 42.77 -34.79
CA ILE D 604 18.18 43.41 -35.87
C ILE D 604 18.29 42.42 -37.03
N VAL D 605 17.79 42.82 -38.20
CA VAL D 605 17.98 42.07 -39.43
C VAL D 605 19.16 42.71 -40.16
N ALA D 606 20.22 41.92 -40.39
CA ALA D 606 21.46 42.49 -40.91
C ALA D 606 22.04 41.61 -42.00
N SER D 607 22.84 42.24 -42.86
CA SER D 607 23.51 41.57 -43.97
C SER D 607 24.94 41.18 -43.59
N LYS D 608 25.42 40.08 -44.18
CA LYS D 608 26.79 39.63 -44.00
C LYS D 608 27.57 39.53 -45.29
N GLN D 609 26.91 39.52 -46.45
CA GLN D 609 27.58 39.39 -47.73
C GLN D 609 27.97 40.74 -48.28
N PRO D 610 28.98 40.80 -49.14
CA PRO D 610 29.42 42.11 -49.65
C PRO D 610 28.34 42.78 -50.47
N ARG D 611 28.01 44.02 -50.08
CA ARG D 611 26.92 44.78 -50.69
C ARG D 611 27.32 46.24 -50.78
N GLN D 612 26.65 46.96 -51.70
CA GLN D 612 26.89 48.39 -51.85
C GLN D 612 26.60 49.10 -50.53
N GLN D 613 27.42 50.08 -50.20
CA GLN D 613 27.24 50.95 -49.04
C GLN D 613 26.66 52.29 -49.49
N TRP D 614 25.76 52.85 -48.69
CA TRP D 614 24.89 53.93 -49.14
C TRP D 614 25.03 55.22 -48.33
N PHE D 615 25.07 55.13 -47.01
CA PHE D 615 24.83 56.30 -46.16
C PHE D 615 26.10 56.73 -45.43
N THR D 616 26.31 58.05 -45.38
CA THR D 616 27.35 58.62 -44.55
C THR D 616 27.07 58.36 -43.07
N LYS D 617 28.10 58.54 -42.26
CA LYS D 617 27.91 58.32 -40.83
C LYS D 617 26.96 59.36 -40.24
N GLU D 618 26.77 60.49 -40.93
CA GLU D 618 25.75 61.45 -40.52
C GLU D 618 24.35 60.96 -40.85
N GLU D 619 24.16 60.47 -42.08
CA GLU D 619 22.86 59.93 -42.45
C GLU D 619 22.50 58.72 -41.62
N ALA D 620 23.48 57.85 -41.36
CA ALA D 620 23.24 56.65 -40.57
C ALA D 620 22.76 57.00 -39.16
N GLU D 621 23.35 58.05 -38.56
CA GLU D 621 22.94 58.47 -37.24
C GLU D 621 21.47 58.87 -37.21
N LYS D 622 21.03 59.69 -38.17
CA LYS D 622 19.64 60.11 -38.17
C LYS D 622 18.70 58.95 -38.49
N LEU D 623 19.11 58.05 -39.39
CA LEU D 623 18.27 56.91 -39.70
C LEU D 623 18.10 56.02 -38.47
N ALA D 624 19.15 55.89 -37.65
CA ALA D 624 19.05 55.08 -36.45
C ALA D 624 18.28 55.79 -35.35
N THR D 625 18.40 57.12 -35.27
CA THR D 625 17.68 57.89 -34.26
C THR D 625 16.22 58.07 -34.63
N ASP D 626 15.95 58.55 -35.84
CA ASP D 626 14.57 58.74 -36.27
C ASP D 626 13.92 57.46 -36.77
N GLY D 627 14.71 56.48 -37.18
CA GLY D 627 14.17 55.24 -37.71
C GLY D 627 13.65 55.31 -39.12
N ILE D 628 13.67 56.49 -39.74
CA ILE D 628 13.09 56.67 -41.07
C ILE D 628 13.56 58.02 -41.60
N ALA D 629 13.67 58.15 -42.91
CA ALA D 629 14.11 59.42 -43.48
C ALA D 629 13.85 59.42 -44.98
N THR D 630 13.46 60.59 -45.48
CA THR D 630 13.47 60.87 -46.91
C THR D 630 14.91 61.20 -47.30
N ILE D 631 15.41 60.55 -48.34
CA ILE D 631 16.77 60.75 -48.82
C ILE D 631 16.73 61.63 -50.07
N ASP D 632 17.27 62.84 -49.94
CA ASP D 632 17.15 63.83 -50.99
C ASP D 632 17.87 63.38 -52.27
N TRP D 633 19.05 62.79 -52.13
CA TRP D 633 19.79 62.41 -53.34
C TRP D 633 19.15 61.23 -54.08
N ALA D 634 18.16 60.58 -53.48
CA ALA D 634 17.40 59.53 -54.16
C ALA D 634 15.98 59.99 -54.46
N SER D 635 15.72 61.30 -54.40
CA SER D 635 14.38 61.85 -54.61
C SER D 635 14.45 62.91 -55.70
N THR D 636 13.43 62.93 -56.57
CA THR D 636 13.29 64.00 -57.56
C THR D 636 12.32 65.08 -57.14
N ALA D 637 11.65 64.91 -56.01
CA ALA D 637 10.70 65.90 -55.54
C ALA D 637 11.28 66.49 -54.27
N LYS D 638 11.23 67.81 -54.17
CA LYS D 638 11.85 68.43 -53.02
C LYS D 638 10.80 68.57 -51.93
N ASP D 639 11.21 69.09 -50.80
CA ASP D 639 10.30 69.15 -49.66
C ASP D 639 9.10 70.02 -50.00
N GLY D 640 7.93 69.53 -49.64
CA GLY D 640 6.69 70.25 -49.85
C GLY D 640 6.19 70.26 -51.27
N GLU D 641 6.73 69.43 -52.14
CA GLU D 641 6.29 69.36 -53.52
C GLU D 641 5.39 68.15 -53.71
N ALA D 642 4.45 68.28 -54.65
CA ALA D 642 3.55 67.19 -54.98
C ALA D 642 4.32 66.03 -55.59
N VAL D 643 3.78 64.82 -55.43
CA VAL D 643 4.49 63.62 -55.85
C VAL D 643 3.55 62.74 -56.69
N ASP D 644 4.14 62.05 -57.67
CA ASP D 644 3.39 61.06 -58.45
C ASP D 644 3.37 59.70 -57.78
N LEU D 645 4.43 59.36 -57.04
CA LEU D 645 4.48 58.14 -56.26
C LEU D 645 5.64 58.28 -55.28
N VAL D 646 5.74 57.32 -54.38
CA VAL D 646 6.79 57.29 -53.37
C VAL D 646 7.43 55.91 -53.44
N PHE D 647 8.77 55.89 -53.45
CA PHE D 647 9.53 54.67 -53.30
C PHE D 647 10.01 54.60 -51.86
N ALA D 648 9.97 53.40 -51.28
CA ALA D 648 10.44 53.18 -49.93
C ALA D 648 10.87 51.73 -49.80
N SER D 649 11.74 51.46 -48.82
CA SER D 649 12.19 50.09 -48.62
C SER D 649 12.75 49.94 -47.22
N ALA D 650 12.75 48.70 -46.76
CA ALA D 650 13.33 48.32 -45.46
C ALA D 650 14.11 47.03 -45.66
N GLY D 651 15.42 47.10 -45.40
CA GLY D 651 16.30 45.95 -45.57
C GLY D 651 17.40 46.23 -46.58
N ALA D 652 18.45 45.41 -46.57
CA ALA D 652 19.57 45.64 -47.46
C ALA D 652 19.19 45.32 -48.90
N GLU D 653 18.85 44.07 -49.19
CA GLU D 653 18.48 43.71 -50.55
C GLU D 653 17.30 44.54 -51.06
N PRO D 654 16.20 44.69 -50.31
CA PRO D 654 15.11 45.56 -50.80
C PRO D 654 15.55 46.99 -51.09
N THR D 655 16.43 47.57 -50.26
CA THR D 655 16.89 48.93 -50.53
C THR D 655 17.68 49.00 -51.83
N ILE D 656 18.53 48.01 -52.09
CA ILE D 656 19.31 47.99 -53.32
C ILE D 656 18.39 47.93 -54.53
N GLU D 657 17.36 47.08 -54.48
CA GLU D 657 16.49 46.89 -55.65
C GLU D 657 15.53 48.06 -55.85
N THR D 658 15.00 48.64 -54.78
CA THR D 658 14.13 49.79 -54.93
C THR D 658 14.89 51.01 -55.43
N LEU D 659 16.09 51.25 -54.88
CA LEU D 659 16.91 52.35 -55.38
C LEU D 659 17.26 52.15 -56.84
N ALA D 660 17.60 50.92 -57.24
CA ALA D 660 17.89 50.68 -58.64
C ALA D 660 16.66 50.85 -59.52
N ALA D 661 15.48 50.51 -58.98
CA ALA D 661 14.24 50.64 -59.75
C ALA D 661 13.93 52.10 -60.05
N LEU D 662 13.96 52.95 -59.02
CA LEU D 662 13.68 54.35 -59.26
C LEU D 662 14.76 54.98 -60.13
N HIS D 663 15.99 54.46 -60.04
CA HIS D 663 17.05 54.95 -60.92
C HIS D 663 16.74 54.61 -62.38
N LEU D 664 16.24 53.40 -62.62
CA LEU D 664 15.90 53.00 -63.99
C LEU D 664 14.76 53.84 -64.53
N VAL D 665 13.77 54.15 -63.69
CA VAL D 665 12.65 55.00 -64.12
C VAL D 665 13.16 56.39 -64.48
N ASN D 666 13.92 57.00 -63.58
CA ASN D 666 14.37 58.37 -63.77
C ASN D 666 15.25 58.50 -65.00
N GLU D 667 15.95 57.43 -65.40
CA GLU D 667 16.85 57.50 -66.54
C GLU D 667 16.09 57.81 -67.82
N VAL D 668 14.88 57.26 -67.97
CA VAL D 668 14.07 57.50 -69.17
C VAL D 668 13.00 58.57 -68.99
N PHE D 669 12.62 58.89 -67.75
CA PHE D 669 11.54 59.85 -67.48
C PHE D 669 11.92 60.72 -66.28
N PRO D 670 12.84 61.66 -66.49
CA PRO D 670 13.29 62.50 -65.37
C PRO D 670 12.21 63.38 -64.77
N GLN D 671 11.10 63.60 -65.47
CA GLN D 671 10.03 64.46 -64.96
C GLN D 671 9.15 63.77 -63.92
N ALA D 672 9.30 62.45 -63.73
CA ALA D 672 8.58 61.77 -62.67
C ALA D 672 9.01 62.32 -61.32
N LYS D 673 8.03 62.73 -60.51
CA LYS D 673 8.28 63.31 -59.20
C LYS D 673 8.05 62.24 -58.14
N PHE D 674 9.07 61.98 -57.31
CA PHE D 674 8.95 60.96 -56.27
C PHE D 674 9.92 61.26 -55.14
N ARG D 675 9.59 60.71 -53.97
CA ARG D 675 10.51 60.64 -52.83
C ARG D 675 10.97 59.21 -52.66
N TYR D 676 12.20 59.05 -52.16
CA TYR D 676 12.66 57.77 -51.63
C TYR D 676 12.73 57.89 -50.11
N VAL D 677 12.17 56.91 -49.41
CA VAL D 677 12.13 56.88 -47.96
C VAL D 677 12.77 55.57 -47.51
N ASN D 678 13.85 55.68 -46.73
CA ASN D 678 14.49 54.50 -46.15
C ASN D 678 13.86 54.22 -44.79
N VAL D 679 13.40 53.00 -44.60
CA VAL D 679 12.71 52.59 -43.38
C VAL D 679 13.62 51.62 -42.63
N VAL D 680 14.00 52.01 -41.42
CA VAL D 680 14.84 51.20 -40.55
C VAL D 680 14.05 50.67 -39.36
N GLU D 681 13.41 51.58 -38.61
CA GLU D 681 12.61 51.21 -37.43
C GLU D 681 11.17 50.98 -37.88
N LEU D 682 10.89 49.74 -38.30
CA LEU D 682 9.61 49.44 -38.95
C LEU D 682 8.43 49.73 -38.03
N GLY D 683 8.60 49.54 -36.73
CA GLY D 683 7.49 49.73 -35.81
C GLY D 683 6.89 51.12 -35.82
N ARG D 684 7.65 52.12 -36.27
CA ARG D 684 7.12 53.48 -36.27
C ARG D 684 5.94 53.64 -37.22
N LEU D 685 5.84 52.78 -38.23
CA LEU D 685 4.80 52.92 -39.24
C LEU D 685 3.46 52.38 -38.78
N GLN D 686 3.44 51.58 -37.71
CA GLN D 686 2.21 50.96 -37.25
C GLN D 686 1.27 51.96 -36.59
N LYS D 687 -0.01 51.59 -36.53
CA LYS D 687 -1.00 52.34 -35.76
C LYS D 687 -2.01 51.31 -35.26
N LYS D 688 -1.59 50.55 -34.25
CA LYS D 688 -2.31 49.40 -33.73
C LYS D 688 -3.33 49.83 -32.68
N LYS D 689 -4.38 49.04 -32.54
CA LYS D 689 -5.30 49.24 -31.43
C LYS D 689 -4.75 48.61 -30.17
N GLY D 690 -5.11 49.20 -29.04
CA GLY D 690 -4.59 48.80 -27.75
C GLY D 690 -3.47 49.72 -27.29
N ALA D 691 -3.37 49.91 -25.98
CA ALA D 691 -2.37 50.80 -25.42
C ALA D 691 -1.00 50.11 -25.43
N LEU D 692 0.03 50.86 -25.02
CA LEU D 692 1.41 50.37 -24.98
C LEU D 692 1.92 50.01 -26.38
N ASN D 693 1.44 50.73 -27.39
CA ASN D 693 1.92 50.60 -28.76
C ASN D 693 2.28 51.95 -29.38
N GLN D 694 2.08 53.05 -28.65
CA GLN D 694 2.07 54.38 -29.24
C GLN D 694 3.35 55.15 -29.00
N GLU D 695 4.31 54.59 -28.26
CA GLU D 695 5.48 55.35 -27.88
C GLU D 695 6.27 55.82 -29.09
N ARG D 696 6.42 54.95 -30.10
CA ARG D 696 7.26 55.27 -31.26
C ARG D 696 6.47 55.38 -32.55
N GLU D 697 5.15 55.26 -32.50
CA GLU D 697 4.36 55.34 -33.72
C GLU D 697 4.34 56.78 -34.25
N LEU D 698 4.52 56.91 -35.56
CA LEU D 698 4.48 58.23 -36.18
C LEU D 698 3.08 58.81 -36.05
N SER D 699 3.02 60.13 -35.88
CA SER D 699 1.75 60.82 -35.94
C SER D 699 1.18 60.76 -37.35
N ASP D 700 -0.12 61.03 -37.47
CA ASP D 700 -0.73 61.06 -38.80
C ASP D 700 -0.01 62.07 -39.68
N GLU D 701 0.40 63.19 -39.11
CA GLU D 701 1.09 64.21 -39.89
C GLU D 701 2.45 63.72 -40.34
N GLU D 702 3.21 63.07 -39.44
CA GLU D 702 4.54 62.57 -39.81
C GLU D 702 4.47 61.50 -40.90
N PHE D 703 3.52 60.58 -40.78
CA PHE D 703 3.40 59.53 -41.78
C PHE D 703 3.09 60.12 -43.15
N GLU D 704 2.20 61.11 -43.20
CA GLU D 704 1.87 61.75 -44.48
C GLU D 704 3.07 62.49 -45.05
N LYS D 705 3.94 63.02 -44.20
CA LYS D 705 5.12 63.73 -44.68
C LYS D 705 5.97 62.82 -45.56
N TYR D 706 6.04 61.53 -45.22
CA TYR D 706 6.86 60.59 -45.97
C TYR D 706 6.11 59.98 -47.16
N PHE D 707 4.89 59.47 -46.93
CA PHE D 707 4.19 58.69 -47.93
C PHE D 707 3.07 59.45 -48.63
N GLY D 708 2.85 60.72 -48.28
CA GLY D 708 1.81 61.52 -48.88
C GLY D 708 0.44 61.11 -48.38
N PRO D 709 -0.61 61.75 -48.92
CA PRO D 709 -1.97 61.41 -48.49
C PRO D 709 -2.41 60.09 -49.11
N SER D 710 -3.51 59.56 -48.57
CA SER D 710 -4.08 58.33 -49.10
C SER D 710 -4.33 58.46 -50.59
N GLY D 711 -4.03 57.40 -51.33
CA GLY D 711 -4.09 57.41 -52.77
C GLY D 711 -2.75 57.56 -53.45
N THR D 712 -1.74 58.04 -52.74
CA THR D 712 -0.40 58.16 -53.31
C THR D 712 0.17 56.77 -53.52
N PRO D 713 0.53 56.38 -54.76
CA PRO D 713 1.15 55.06 -54.94
C PRO D 713 2.46 54.98 -54.16
N VAL D 714 2.70 53.83 -53.53
CA VAL D 714 3.90 53.60 -52.74
C VAL D 714 4.48 52.26 -53.19
N ILE D 715 5.60 52.32 -53.92
CA ILE D 715 6.37 51.13 -54.25
C ILE D 715 7.20 50.79 -53.01
N PHE D 716 6.84 49.73 -52.31
CA PHE D 716 7.45 49.38 -51.02
C PHE D 716 8.20 48.06 -51.13
N GLY D 717 9.53 48.13 -51.11
CA GLY D 717 10.33 46.91 -51.06
C GLY D 717 10.60 46.50 -49.64
N PHE D 718 10.24 45.27 -49.28
CA PHE D 718 10.31 44.82 -47.90
C PHE D 718 11.06 43.50 -47.79
N HIS D 719 11.77 43.36 -46.68
CA HIS D 719 12.56 42.17 -46.42
C HIS D 719 11.68 40.97 -46.08
N GLY D 720 10.60 41.19 -45.33
CA GLY D 720 9.78 40.12 -44.81
C GLY D 720 8.51 39.90 -45.61
N TYR D 721 7.55 39.24 -44.96
CA TYR D 721 6.29 38.92 -45.63
C TYR D 721 5.45 40.17 -45.84
N GLU D 722 4.61 40.13 -46.87
CA GLU D 722 3.90 41.31 -47.31
C GLU D 722 2.72 41.66 -46.41
N ASP D 723 2.18 40.68 -45.66
CA ASP D 723 1.04 40.97 -44.81
C ASP D 723 1.35 42.03 -43.77
N LEU D 724 2.60 42.10 -43.31
CA LEU D 724 2.92 43.08 -42.25
C LEU D 724 2.82 44.51 -42.78
N ILE D 725 3.30 44.75 -44.00
CA ILE D 725 3.22 46.08 -44.59
C ILE D 725 1.78 46.41 -44.95
N GLU D 726 1.03 45.43 -45.45
CA GLU D 726 -0.37 45.66 -45.79
C GLU D 726 -1.20 45.99 -44.55
N SER D 727 -0.93 45.31 -43.43
CA SER D 727 -1.63 45.64 -42.20
C SER D 727 -1.27 47.05 -41.74
N ILE D 728 0.00 47.43 -41.90
CA ILE D 728 0.43 48.78 -41.52
C ILE D 728 -0.36 49.82 -42.31
N PHE D 729 -0.44 49.65 -43.62
CA PHE D 729 -1.08 50.67 -44.44
C PHE D 729 -2.60 50.68 -44.27
N TYR D 730 -3.19 49.57 -43.84
CA TYR D 730 -4.60 49.62 -43.48
C TYR D 730 -4.79 50.38 -42.18
N GLN D 731 -3.89 50.17 -41.22
CA GLN D 731 -3.93 50.93 -39.97
C GLN D 731 -3.79 52.42 -40.22
N ARG D 732 -3.04 52.81 -41.25
CA ARG D 732 -2.85 54.21 -41.58
C ARG D 732 -3.90 54.69 -42.58
N GLY D 733 -4.77 53.80 -43.04
CA GLY D 733 -5.78 54.18 -44.02
C GLY D 733 -5.20 54.78 -45.28
N HIS D 734 -4.10 54.21 -45.79
CA HIS D 734 -3.40 54.74 -46.96
C HIS D 734 -3.58 53.79 -48.13
N ASP D 735 -4.44 54.17 -49.07
CA ASP D 735 -4.62 53.43 -50.31
C ASP D 735 -3.46 53.72 -51.26
N GLY D 736 -3.11 52.71 -52.06
CA GLY D 736 -2.09 52.85 -53.08
C GLY D 736 -0.80 52.09 -52.83
N LEU D 737 -0.73 51.28 -51.78
CA LEU D 737 0.48 50.51 -51.51
C LEU D 737 0.70 49.46 -52.60
N ILE D 738 1.92 49.40 -53.13
CA ILE D 738 2.34 48.37 -54.08
C ILE D 738 3.53 47.68 -53.44
N VAL D 739 3.26 46.68 -52.60
CA VAL D 739 4.29 46.07 -51.76
C VAL D 739 5.06 45.03 -52.57
N HIS D 740 6.36 44.93 -52.28
CA HIS D 740 7.27 43.95 -52.88
C HIS D 740 8.10 43.35 -51.76
N GLY D 741 7.65 42.22 -51.23
CA GLY D 741 8.37 41.51 -50.19
C GLY D 741 8.65 40.06 -50.53
N TYR D 742 9.07 39.28 -49.54
CA TYR D 742 9.29 37.86 -49.74
C TYR D 742 7.94 37.16 -49.90
N ARG D 743 7.83 36.29 -50.90
CA ARG D 743 6.57 35.65 -51.23
C ARG D 743 6.66 34.13 -51.12
N GLU D 744 7.47 33.64 -50.19
CA GLU D 744 7.59 32.19 -49.94
C GLU D 744 7.98 31.46 -51.22
N ASP D 745 8.89 32.04 -51.99
CA ASP D 745 9.44 31.46 -53.20
C ASP D 745 10.95 31.61 -53.19
N GLY D 746 11.66 30.52 -53.42
CA GLY D 746 13.11 30.56 -53.44
C GLY D 746 13.67 29.17 -53.42
N ASP D 747 14.98 29.09 -53.67
CA ASP D 747 15.68 27.81 -53.72
C ASP D 747 17.17 28.09 -53.93
N ILE D 748 17.98 27.05 -54.11
CA ILE D 748 19.37 27.23 -54.50
C ILE D 748 19.44 27.90 -55.87
N THR D 749 20.02 29.10 -55.89
CA THR D 749 20.17 29.86 -57.11
C THR D 749 21.22 30.94 -56.87
N THR D 750 21.31 31.87 -57.81
CA THR D 750 22.26 32.96 -57.74
C THR D 750 21.78 34.06 -56.79
N THR D 751 22.70 34.96 -56.45
CA THR D 751 22.40 36.02 -55.51
C THR D 751 21.17 36.81 -55.96
N TYR D 752 21.16 37.26 -57.22
CA TYR D 752 20.12 38.16 -57.68
C TYR D 752 18.86 37.41 -58.10
N ASP D 753 18.96 36.11 -58.39
CA ASP D 753 17.75 35.36 -58.69
C ASP D 753 16.89 35.15 -57.46
N MET D 754 17.51 35.08 -56.27
CA MET D 754 16.69 35.00 -55.06
C MET D 754 15.78 36.20 -54.90
N ARG D 755 16.16 37.34 -55.49
CA ARG D 755 15.29 38.50 -55.44
C ARG D 755 14.24 38.43 -56.55
N VAL D 756 14.60 37.86 -57.70
CA VAL D 756 13.64 37.68 -58.79
C VAL D 756 12.56 36.66 -58.42
N TYR D 757 12.91 35.69 -57.58
CA TYR D 757 11.95 34.64 -57.20
C TYR D 757 10.68 35.24 -56.62
N SER D 758 10.80 36.28 -55.80
CA SER D 758 9.66 36.95 -55.21
C SER D 758 9.23 38.20 -55.98
N GLU D 759 9.85 38.48 -57.13
CA GLU D 759 9.58 39.69 -57.91
C GLU D 759 9.90 40.95 -57.09
N LEU D 760 10.85 40.81 -56.17
CA LEU D 760 11.38 41.92 -55.39
C LEU D 760 12.42 42.73 -56.18
N ASP D 761 12.90 42.19 -57.29
CA ASP D 761 14.01 42.77 -58.02
C ASP D 761 13.66 44.13 -58.62
N ARG D 762 14.71 44.87 -58.98
CA ARG D 762 14.55 46.22 -59.53
C ARG D 762 13.70 46.23 -60.79
N PHE D 763 13.80 45.18 -61.60
CA PHE D 763 13.12 45.20 -62.89
C PHE D 763 11.62 45.00 -62.72
N HIS D 764 11.21 44.10 -61.83
CA HIS D 764 9.80 43.96 -61.51
C HIS D 764 9.26 45.20 -60.81
N GLN D 765 10.06 45.81 -59.92
CA GLN D 765 9.60 47.03 -59.27
C GLN D 765 9.45 48.18 -60.26
N ALA D 766 10.41 48.33 -61.18
CA ALA D 766 10.35 49.41 -62.15
C ALA D 766 9.16 49.26 -63.09
N ILE D 767 8.82 48.01 -63.44
CA ILE D 767 7.62 47.79 -64.25
C ILE D 767 6.40 48.32 -63.51
N ASP D 768 6.26 47.98 -62.24
CA ASP D 768 5.11 48.46 -61.48
C ASP D 768 5.10 49.99 -61.39
N ALA D 769 6.27 50.60 -61.25
CA ALA D 769 6.34 52.07 -61.16
C ALA D 769 5.89 52.70 -62.47
N MET D 770 6.36 52.18 -63.61
CA MET D 770 5.96 52.75 -64.88
C MET D 770 4.48 52.52 -65.14
N GLN D 771 3.97 51.34 -64.75
CA GLN D 771 2.55 51.05 -64.94
C GLN D 771 1.69 52.02 -64.15
N VAL D 772 2.15 52.41 -62.98
CA VAL D 772 1.38 53.34 -62.16
C VAL D 772 1.39 54.73 -62.77
N LEU D 773 2.53 55.13 -63.33
CA LEU D 773 2.59 56.42 -63.99
C LEU D 773 1.69 56.44 -65.23
N TYR D 774 1.74 55.36 -66.02
CA TYR D 774 0.91 55.30 -67.23
C TYR D 774 -0.58 55.24 -66.88
N VAL D 775 -0.95 54.37 -65.94
CA VAL D 775 -2.36 54.26 -65.56
C VAL D 775 -2.91 55.62 -65.15
N ASN D 776 -2.11 56.39 -64.42
CA ASN D 776 -2.52 57.73 -64.01
C ASN D 776 -2.26 58.77 -65.10
N ARG D 777 -1.90 58.35 -66.32
CA ARG D 777 -1.71 59.27 -67.43
C ARG D 777 -0.70 60.37 -67.09
N LYS D 778 0.42 59.95 -66.50
CA LYS D 778 1.55 60.83 -66.21
C LYS D 778 2.66 60.69 -67.23
N VAL D 779 2.57 59.72 -68.14
CA VAL D 779 3.60 59.45 -69.13
C VAL D 779 2.91 58.91 -70.38
N ASN D 780 3.49 59.19 -71.54
CA ASN D 780 2.90 58.80 -72.81
C ASN D 780 3.08 57.30 -73.04
N GLN D 781 2.16 56.72 -73.81
CA GLN D 781 2.12 55.28 -73.97
C GLN D 781 3.39 54.76 -74.63
N GLY D 782 3.93 55.49 -75.59
CA GLY D 782 5.12 55.02 -76.30
C GLY D 782 6.31 54.83 -75.38
N LEU D 783 6.56 55.81 -74.51
CA LEU D 783 7.68 55.70 -73.58
C LEU D 783 7.41 54.63 -72.54
N ALA D 784 6.21 54.59 -71.98
CA ALA D 784 5.87 53.57 -70.99
C ALA D 784 6.04 52.16 -71.55
N LYS D 785 5.50 51.91 -72.74
CA LYS D 785 5.60 50.59 -73.35
C LYS D 785 7.04 50.21 -73.67
N ALA D 786 7.82 51.16 -74.22
CA ALA D 786 9.21 50.85 -74.54
C ALA D 786 10.00 50.48 -73.28
N PHE D 787 9.78 51.22 -72.19
CA PHE D 787 10.50 50.95 -70.94
C PHE D 787 10.11 49.61 -70.36
N ILE D 788 8.80 49.35 -70.26
CA ILE D 788 8.33 48.08 -69.72
C ILE D 788 8.86 46.92 -70.56
N ASP D 789 8.79 47.04 -71.89
CA ASP D 789 9.33 46.00 -72.75
C ASP D 789 10.81 45.78 -72.50
N ARG D 790 11.57 46.84 -72.22
CA ARG D 790 13.00 46.69 -72.00
C ARG D 790 13.28 45.92 -70.72
N MET D 791 12.54 46.23 -69.65
CA MET D 791 12.70 45.49 -68.40
C MET D 791 12.41 44.00 -68.59
N LYS D 792 11.34 43.68 -69.34
CA LYS D 792 11.01 42.29 -69.62
C LYS D 792 12.11 41.60 -70.41
N ARG D 793 12.72 42.29 -71.38
CA ARG D 793 13.84 41.70 -72.11
C ARG D 793 14.97 41.32 -71.16
N THR D 794 15.24 42.18 -70.18
CA THR D 794 16.29 41.91 -69.21
C THR D 794 15.96 40.70 -68.35
N LEU D 795 14.69 40.55 -67.95
CA LEU D 795 14.32 39.41 -67.13
C LEU D 795 14.40 38.11 -67.91
N VAL D 796 13.99 38.13 -69.19
CA VAL D 796 14.15 36.95 -70.03
C VAL D 796 15.63 36.55 -70.10
N LYS D 797 16.51 37.53 -70.29
CA LYS D 797 17.94 37.24 -70.35
C LYS D 797 18.44 36.72 -69.01
N HIS D 798 17.92 37.27 -67.92
CA HIS D 798 18.29 36.81 -66.58
C HIS D 798 18.04 35.31 -66.43
N PHE D 799 16.87 34.85 -66.85
CA PHE D 799 16.54 33.44 -66.69
C PHE D 799 17.39 32.57 -67.61
N GLU D 800 17.81 33.09 -68.76
CA GLU D 800 18.61 32.28 -69.67
C GLU D 800 20.03 32.13 -69.15
N VAL D 801 20.63 33.23 -68.69
CA VAL D 801 22.03 33.18 -68.26
C VAL D 801 22.17 32.40 -66.96
N THR D 802 21.24 32.61 -66.02
CA THR D 802 21.38 31.95 -64.73
C THR D 802 21.22 30.43 -64.86
N ARG D 803 20.25 29.98 -65.65
CA ARG D 803 20.02 28.54 -65.81
C ARG D 803 21.10 27.87 -66.66
N ASN D 804 21.73 28.60 -67.58
CA ASN D 804 22.71 28.01 -68.48
C ASN D 804 24.13 28.13 -67.99
N GLU D 805 24.48 29.22 -67.29
CA GLU D 805 25.84 29.48 -66.87
C GLU D 805 26.03 29.48 -65.36
N GLY D 806 24.97 29.72 -64.60
CA GLY D 806 25.07 29.72 -63.15
C GLY D 806 25.62 31.02 -62.60
N VAL D 807 25.49 32.12 -63.36
CA VAL D 807 25.96 33.42 -62.95
C VAL D 807 24.87 34.44 -63.29
N ASP D 808 25.03 35.63 -62.73
CA ASP D 808 24.05 36.69 -62.91
C ASP D 808 24.45 37.60 -64.05
N ILE D 809 23.46 38.33 -64.57
CA ILE D 809 23.68 39.21 -65.71
C ILE D 809 24.32 40.50 -65.23
N PRO D 810 25.13 41.17 -66.05
CA PRO D 810 25.79 42.40 -65.59
C PRO D 810 24.82 43.52 -65.27
N ASP D 811 23.58 43.47 -65.77
CA ASP D 811 22.60 44.47 -65.38
C ASP D 811 22.41 44.49 -63.87
N PHE D 812 22.63 43.36 -63.20
CA PHE D 812 22.63 43.29 -61.74
C PHE D 812 24.04 43.55 -61.17
N THR D 813 25.01 42.72 -61.57
CA THR D 813 26.25 42.61 -60.82
C THR D 813 27.09 43.86 -60.94
N GLU D 814 26.98 44.56 -62.07
CA GLU D 814 27.88 45.66 -62.38
C GLU D 814 27.28 47.02 -62.09
N TRP D 815 26.06 47.08 -61.56
CA TRP D 815 25.39 48.36 -61.36
C TRP D 815 25.96 49.11 -60.17
N VAL D 816 26.14 50.42 -60.33
CA VAL D 816 26.57 51.32 -59.27
C VAL D 816 25.68 52.55 -59.29
N TRP D 817 25.54 53.20 -58.15
CA TRP D 817 24.70 54.38 -58.08
C TRP D 817 25.35 55.53 -58.84
N SER D 818 24.51 56.35 -59.47
CA SER D 818 24.93 57.61 -60.05
C SER D 818 23.83 58.64 -59.81
N ASP D 819 24.19 59.91 -59.94
CA ASP D 819 23.23 60.97 -59.69
C ASP D 819 21.99 60.78 -60.56
N LEU D 820 20.84 61.16 -60.00
CA LEU D 820 19.61 61.16 -60.77
C LEU D 820 19.63 62.28 -61.82
N LYS D 821 18.84 62.10 -62.87
CA LYS D 821 18.71 63.13 -63.89
C LYS D 821 17.70 64.17 -63.46
N LYS D 822 17.91 65.40 -63.92
CA LYS D 822 17.03 66.52 -63.62
C LYS D 822 16.70 67.30 -64.89
N THR E 2 -45.64 -36.98 -7.15
CA THR E 2 -45.40 -35.77 -7.95
C THR E 2 -45.77 -34.53 -7.16
N GLU E 3 -46.83 -34.62 -6.36
CA GLU E 3 -47.31 -33.51 -5.55
C GLU E 3 -46.95 -33.79 -4.10
N TYR E 4 -46.02 -33.00 -3.57
CA TYR E 4 -45.55 -33.11 -2.19
C TYR E 4 -46.03 -31.96 -1.32
N ASN E 5 -46.84 -31.06 -1.87
CA ASN E 5 -47.34 -29.91 -1.13
C ASN E 5 -48.85 -29.93 -0.96
N SER E 6 -49.54 -30.94 -1.48
CA SER E 6 -50.98 -30.99 -1.34
C SER E 6 -51.35 -31.36 0.09
N GLU E 7 -52.56 -30.97 0.47
CA GLU E 7 -53.05 -31.32 1.79
C GLU E 7 -53.16 -32.83 1.94
N ALA E 8 -53.49 -33.54 0.85
CA ALA E 8 -53.56 -35.00 0.90
C ALA E 8 -52.22 -35.61 1.28
N TYR E 9 -51.12 -35.13 0.68
CA TYR E 9 -49.80 -35.68 0.97
C TYR E 9 -49.35 -35.33 2.38
N LEU E 10 -49.59 -34.09 2.81
CA LEU E 10 -49.14 -33.68 4.14
C LEU E 10 -49.88 -34.43 5.24
N LYS E 11 -51.14 -34.79 5.00
CA LYS E 11 -51.86 -35.62 5.96
C LYS E 11 -51.28 -37.02 6.01
N LYS E 12 -50.78 -37.51 4.87
CA LYS E 12 -50.06 -38.78 4.86
C LYS E 12 -48.74 -38.65 5.63
N LEU E 13 -48.03 -37.54 5.44
CA LEU E 13 -46.82 -37.30 6.23
C LEU E 13 -47.15 -37.24 7.71
N ASP E 14 -48.25 -36.57 8.05
CA ASP E 14 -48.65 -36.46 9.45
C ASP E 14 -48.93 -37.82 10.05
N LYS E 15 -49.58 -38.71 9.27
CA LYS E 15 -49.86 -40.05 9.78
C LYS E 15 -48.58 -40.82 10.02
N TRP E 16 -47.66 -40.78 9.04
CA TRP E 16 -46.37 -41.44 9.20
C TRP E 16 -45.63 -40.89 10.42
N TRP E 17 -45.69 -39.58 10.63
CA TRP E 17 -45.06 -38.95 11.79
C TRP E 17 -45.66 -39.47 13.09
N ARG E 18 -46.99 -39.48 13.19
CA ARG E 18 -47.64 -39.97 14.39
C ARG E 18 -47.37 -41.45 14.60
N ALA E 19 -47.18 -42.21 13.51
CA ALA E 19 -46.83 -43.61 13.64
C ALA E 19 -45.45 -43.78 14.26
N ALA E 20 -44.49 -42.96 13.83
CA ALA E 20 -43.15 -43.05 14.40
C ALA E 20 -43.13 -42.61 15.85
N THR E 21 -43.86 -41.54 16.18
CA THR E 21 -43.88 -41.04 17.55
C THR E 21 -44.59 -42.01 18.49
N TYR E 22 -45.63 -42.68 18.00
CA TYR E 22 -46.33 -43.67 18.82
C TYR E 22 -45.38 -44.77 19.29
N LEU E 23 -44.59 -45.32 18.37
CA LEU E 23 -43.68 -46.40 18.75
C LEU E 23 -42.56 -45.88 19.64
N GLY E 24 -42.06 -44.67 19.36
CA GLY E 24 -41.02 -44.10 20.19
C GLY E 24 -41.49 -43.87 21.62
N ALA E 25 -42.75 -43.52 21.79
CA ALA E 25 -43.29 -43.33 23.14
C ALA E 25 -43.57 -44.67 23.81
N GLY E 26 -44.13 -45.62 23.07
CA GLY E 26 -44.56 -46.87 23.68
C GLY E 26 -43.40 -47.69 24.25
N MET E 27 -42.29 -47.74 23.53
CA MET E 27 -41.19 -48.60 23.96
C MET E 27 -40.49 -48.06 25.20
N ILE E 28 -40.79 -46.84 25.63
CA ILE E 28 -40.29 -46.38 26.92
C ILE E 28 -40.89 -47.21 28.05
N PHE E 29 -42.19 -47.51 27.95
CA PHE E 29 -42.94 -48.11 29.04
C PHE E 29 -43.29 -49.57 28.82
N LEU E 30 -43.51 -49.98 27.58
CA LEU E 30 -43.99 -51.32 27.26
C LEU E 30 -42.86 -52.20 26.76
N LYS E 31 -42.86 -53.46 27.21
CA LYS E 31 -41.98 -54.47 26.66
C LYS E 31 -42.75 -55.52 25.87
N GLU E 32 -44.07 -55.39 25.80
CA GLU E 32 -44.90 -56.26 24.96
C GLU E 32 -46.25 -55.57 24.80
N ASN E 33 -47.11 -56.17 23.95
CA ASN E 33 -48.44 -55.64 23.68
C ASN E 33 -48.33 -54.22 23.14
N PRO E 34 -47.56 -54.00 22.06
CA PRO E 34 -47.31 -52.62 21.61
C PRO E 34 -48.50 -51.94 20.95
N LEU E 35 -49.41 -52.70 20.35
CA LEU E 35 -50.60 -52.13 19.71
C LEU E 35 -51.85 -52.52 20.48
N PHE E 36 -51.88 -52.19 21.77
CA PHE E 36 -52.93 -52.69 22.66
C PHE E 36 -54.32 -52.27 22.18
N SER E 37 -54.49 -51.04 21.71
CA SER E 37 -55.81 -50.56 21.31
C SER E 37 -56.24 -51.09 19.94
N VAL E 38 -55.30 -51.49 19.09
CA VAL E 38 -55.67 -52.02 17.78
C VAL E 38 -56.02 -53.49 17.87
N THR E 39 -55.29 -54.25 18.69
CA THR E 39 -55.53 -55.68 18.85
C THR E 39 -56.56 -56.00 19.93
N GLY E 40 -57.15 -54.98 20.55
CA GLY E 40 -58.17 -55.20 21.57
C GLY E 40 -57.69 -55.96 22.79
N THR E 41 -56.43 -55.75 23.20
CA THR E 41 -55.86 -56.40 24.37
C THR E 41 -55.37 -55.31 25.32
N PRO E 42 -56.22 -54.85 26.24
CA PRO E 42 -55.80 -53.75 27.12
C PRO E 42 -54.54 -54.09 27.91
N ILE E 43 -53.85 -53.04 28.34
CA ILE E 43 -52.54 -53.20 28.96
C ILE E 43 -52.68 -53.89 30.31
N LYS E 44 -51.77 -54.82 30.57
CA LYS E 44 -51.66 -55.51 31.85
C LYS E 44 -50.31 -55.21 32.47
N ALA E 45 -50.20 -55.47 33.78
CA ALA E 45 -48.94 -55.23 34.48
C ALA E 45 -47.81 -56.01 33.82
N GLU E 46 -48.12 -57.21 33.33
CA GLU E 46 -47.11 -58.03 32.68
C GLU E 46 -46.59 -57.37 31.40
N ASN E 47 -47.33 -56.42 30.84
CA ASN E 47 -46.90 -55.75 29.62
C ASN E 47 -45.90 -54.63 29.87
N LEU E 48 -45.87 -54.08 31.08
CA LEU E 48 -45.09 -52.88 31.35
C LEU E 48 -43.73 -53.22 31.91
N LYS E 49 -42.76 -52.36 31.61
CA LYS E 49 -41.42 -52.47 32.16
C LYS E 49 -41.44 -52.02 33.62
N ALA E 50 -40.58 -52.67 34.42
CA ALA E 50 -40.54 -52.37 35.85
C ALA E 50 -39.93 -51.00 36.13
N ASN E 51 -38.93 -50.60 35.34
CA ASN E 51 -38.22 -49.34 35.55
C ASN E 51 -38.07 -48.64 34.21
N PRO E 52 -39.10 -47.93 33.76
CA PRO E 52 -39.03 -47.27 32.44
C PRO E 52 -37.83 -46.36 32.32
N ILE E 53 -37.12 -46.49 31.22
CA ILE E 53 -35.89 -45.75 30.93
C ILE E 53 -35.96 -45.16 29.54
N GLY E 54 -35.50 -43.93 29.40
CA GLY E 54 -35.44 -43.28 28.11
C GLY E 54 -35.80 -41.81 28.16
N HIS E 55 -35.77 -41.14 27.01
CA HIS E 55 -36.09 -39.73 26.92
C HIS E 55 -37.27 -39.54 25.97
N TRP E 56 -38.14 -38.60 26.31
CA TRP E 56 -39.32 -38.31 25.51
C TRP E 56 -39.32 -36.93 24.90
N GLY E 57 -38.85 -35.92 25.64
CA GLY E 57 -39.05 -34.53 25.23
C GLY E 57 -38.64 -34.25 23.81
N THR E 58 -37.46 -34.74 23.41
CA THR E 58 -36.89 -34.40 22.12
C THR E 58 -37.45 -35.23 20.98
N VAL E 59 -38.19 -36.31 21.29
CA VAL E 59 -38.49 -37.33 20.28
C VAL E 59 -39.40 -36.77 19.19
N SER E 60 -40.59 -36.29 19.58
CA SER E 60 -41.59 -35.90 18.58
C SER E 60 -41.07 -34.79 17.68
N GLY E 61 -40.27 -33.87 18.22
CA GLY E 61 -39.70 -32.83 17.39
C GLY E 61 -38.74 -33.36 16.36
N GLN E 62 -37.94 -34.36 16.73
CA GLN E 62 -36.96 -34.92 15.79
C GLN E 62 -37.61 -35.85 14.78
N THR E 63 -38.65 -36.59 15.17
CA THR E 63 -39.38 -37.39 14.19
C THR E 63 -40.13 -36.51 13.21
N PHE E 64 -40.60 -35.35 13.66
CA PHE E 64 -41.17 -34.36 12.74
C PHE E 64 -40.16 -33.98 11.66
N LEU E 65 -38.93 -33.65 12.08
CA LEU E 65 -37.89 -33.26 11.13
C LEU E 65 -37.45 -34.43 10.28
N TYR E 66 -37.35 -35.62 10.86
CA TYR E 66 -36.99 -36.81 10.10
C TYR E 66 -38.00 -37.05 8.98
N ALA E 67 -39.30 -36.93 9.29
CA ALA E 67 -40.33 -37.13 8.29
C ALA E 67 -40.21 -36.10 7.16
N HIS E 68 -39.98 -34.83 7.51
CA HIS E 68 -39.83 -33.82 6.48
C HIS E 68 -38.54 -33.99 5.70
N ALA E 69 -37.52 -34.59 6.30
CA ALA E 69 -36.32 -34.95 5.56
C ALA E 69 -36.61 -36.02 4.52
N ASN E 70 -37.42 -37.02 4.89
CA ASN E 70 -37.83 -38.05 3.92
C ASN E 70 -38.56 -37.43 2.75
N ARG E 71 -39.44 -36.46 3.02
CA ARG E 71 -40.17 -35.78 1.95
C ARG E 71 -39.19 -35.13 0.97
N LEU E 72 -38.20 -34.40 1.49
CA LEU E 72 -37.22 -33.74 0.63
C LEU E 72 -36.46 -34.76 -0.22
N ILE E 73 -36.09 -35.89 0.36
CA ILE E 73 -35.33 -36.89 -0.38
C ILE E 73 -36.12 -37.35 -1.59
N ASN E 74 -37.42 -37.60 -1.41
CA ASN E 74 -38.24 -38.09 -2.52
C ASN E 74 -38.51 -36.98 -3.55
N LYS E 75 -38.78 -35.76 -3.08
CA LYS E 75 -39.12 -34.68 -3.99
C LYS E 75 -37.93 -34.29 -4.86
N TYR E 76 -36.73 -34.23 -4.27
CA TYR E 76 -35.54 -33.74 -4.95
C TYR E 76 -34.56 -34.84 -5.33
N ASP E 77 -34.90 -36.11 -5.11
CA ASP E 77 -33.97 -37.21 -5.41
C ASP E 77 -32.61 -36.95 -4.76
N GLN E 78 -32.64 -36.45 -3.52
CA GLN E 78 -31.45 -35.96 -2.85
C GLN E 78 -30.80 -37.03 -2.00
N LYS E 79 -29.47 -37.11 -2.07
CA LYS E 79 -28.71 -37.94 -1.15
C LYS E 79 -28.53 -37.19 0.17
N MET E 80 -28.96 -37.80 1.26
CA MET E 80 -29.07 -37.13 2.55
C MET E 80 -28.87 -38.15 3.66
N PHE E 81 -28.46 -37.64 4.83
CA PHE E 81 -28.35 -38.46 6.03
C PHE E 81 -28.66 -37.61 7.24
N TYR E 82 -29.10 -38.26 8.30
CA TYR E 82 -29.59 -37.59 9.50
C TYR E 82 -28.53 -37.63 10.59
N MET E 83 -28.31 -36.49 11.25
CA MET E 83 -27.39 -36.39 12.38
C MET E 83 -28.15 -35.77 13.53
N GLY E 84 -28.31 -36.53 14.62
CA GLY E 84 -29.08 -36.08 15.75
C GLY E 84 -28.25 -35.46 16.86
N GLY E 85 -28.26 -34.14 16.92
CA GLY E 85 -27.58 -33.44 17.99
C GLY E 85 -28.03 -33.94 19.35
N PRO E 86 -29.35 -33.87 19.61
CA PRO E 86 -29.88 -34.45 20.87
C PRO E 86 -29.98 -35.97 20.79
N GLY E 87 -28.81 -36.62 20.84
CA GLY E 87 -28.71 -38.05 20.64
C GLY E 87 -29.39 -38.89 21.71
N HIS E 88 -29.73 -38.28 22.84
CA HIS E 88 -30.41 -39.00 23.92
C HIS E 88 -31.80 -39.47 23.52
N GLY E 89 -32.34 -38.98 22.41
CA GLY E 89 -33.62 -39.45 21.91
C GLY E 89 -33.47 -40.51 20.84
N GLY E 90 -32.93 -41.66 21.23
CA GLY E 90 -32.62 -42.71 20.25
C GLY E 90 -33.82 -43.14 19.44
N GLN E 91 -35.02 -43.07 20.02
CA GLN E 91 -36.22 -43.50 19.29
C GLN E 91 -36.40 -42.71 17.99
N ALA E 92 -35.92 -41.46 17.96
CA ALA E 92 -36.10 -40.61 16.78
C ALA E 92 -35.30 -41.08 15.57
N MET E 93 -34.30 -41.95 15.76
CA MET E 93 -33.62 -42.58 14.65
C MET E 93 -33.92 -44.06 14.51
N VAL E 94 -34.24 -44.74 15.61
CA VAL E 94 -34.51 -46.18 15.55
C VAL E 94 -35.83 -46.44 14.83
N VAL E 95 -36.88 -45.75 15.23
CA VAL E 95 -38.23 -46.07 14.75
C VAL E 95 -38.35 -45.71 13.27
N PRO E 96 -37.90 -44.54 12.82
CA PRO E 96 -37.93 -44.28 11.37
C PRO E 96 -37.24 -45.36 10.55
N SER E 97 -36.10 -45.87 11.03
CA SER E 97 -35.44 -46.98 10.35
C SER E 97 -36.29 -48.24 10.39
N TYR E 98 -37.00 -48.45 11.50
CA TYR E 98 -37.85 -49.63 11.61
C TYR E 98 -39.01 -49.56 10.61
N LEU E 99 -39.52 -48.37 10.35
CA LEU E 99 -40.70 -48.22 9.50
C LEU E 99 -40.38 -48.39 8.01
N ASP E 100 -39.15 -48.10 7.59
CA ASP E 100 -38.80 -48.16 6.18
C ASP E 100 -38.01 -49.41 5.79
N GLY E 101 -37.89 -50.37 6.71
CA GLY E 101 -37.29 -51.66 6.39
C GLY E 101 -35.80 -51.77 6.61
N SER E 102 -35.09 -50.64 6.79
CA SER E 102 -33.66 -50.72 7.00
C SER E 102 -33.30 -51.39 8.32
N TYR E 103 -34.13 -51.20 9.34
CA TYR E 103 -33.82 -51.83 10.64
C TYR E 103 -33.90 -53.34 10.52
N THR E 104 -34.90 -53.86 9.81
CA THR E 104 -35.01 -55.30 9.64
C THR E 104 -33.84 -55.84 8.81
N GLU E 105 -33.39 -55.09 7.82
CA GLU E 105 -32.25 -55.53 7.02
C GLU E 105 -31.00 -55.68 7.88
N ALA E 106 -30.88 -54.86 8.91
CA ALA E 106 -29.76 -55.00 9.84
C ALA E 106 -30.05 -56.05 10.90
N TYR E 107 -31.30 -56.12 11.39
CA TYR E 107 -31.71 -57.06 12.42
C TYR E 107 -32.89 -57.87 11.90
N PRO E 108 -32.64 -59.00 11.23
CA PRO E 108 -33.75 -59.76 10.64
C PRO E 108 -34.79 -60.21 11.66
N GLU E 109 -34.37 -60.46 12.90
CA GLU E 109 -35.33 -60.89 13.92
C GLU E 109 -36.31 -59.80 14.30
N ILE E 110 -36.01 -58.55 13.96
CA ILE E 110 -36.91 -57.43 14.25
C ILE E 110 -37.76 -57.19 13.00
N THR E 111 -38.76 -58.05 12.80
CA THR E 111 -39.60 -57.98 11.62
C THR E 111 -40.63 -56.87 11.75
N GLN E 112 -41.17 -56.45 10.61
CA GLN E 112 -42.19 -55.40 10.59
C GLN E 112 -43.58 -56.01 10.79
N ASP E 113 -43.74 -56.63 11.97
CA ASP E 113 -45.01 -57.22 12.36
C ASP E 113 -45.12 -57.13 13.87
N LEU E 114 -46.21 -57.69 14.40
CA LEU E 114 -46.48 -57.56 15.83
C LEU E 114 -45.38 -58.23 16.66
N GLU E 115 -44.88 -59.37 16.22
CA GLU E 115 -43.84 -60.08 16.97
C GLU E 115 -42.55 -59.27 17.00
N GLY E 116 -42.08 -58.82 15.84
CA GLY E 116 -40.86 -58.03 15.80
C GLY E 116 -41.01 -56.70 16.52
N MET E 117 -42.20 -56.12 16.47
CA MET E 117 -42.44 -54.85 17.15
C MET E 117 -42.31 -55.00 18.65
N SER E 118 -42.88 -56.09 19.20
CA SER E 118 -42.76 -56.35 20.63
C SER E 118 -41.31 -56.59 21.01
N ARG E 119 -40.58 -57.31 20.17
CA ARG E 119 -39.17 -57.57 20.42
C ARG E 119 -38.36 -56.28 20.44
N LEU E 120 -38.72 -55.34 19.56
CA LEU E 120 -38.05 -54.04 19.57
C LEU E 120 -38.38 -53.26 20.82
N PHE E 121 -39.65 -53.26 21.24
CA PHE E 121 -40.05 -52.57 22.46
C PHE E 121 -39.24 -53.05 23.66
N LYS E 122 -39.13 -54.37 23.82
CA LYS E 122 -38.45 -54.94 24.99
C LYS E 122 -36.95 -54.67 24.97
N ARG E 123 -36.32 -54.64 23.79
CA ARG E 123 -34.89 -54.44 23.73
C ARG E 123 -34.49 -53.01 24.02
N PHE E 124 -35.38 -52.06 23.79
CA PHE E 124 -35.02 -50.66 23.96
C PHE E 124 -34.66 -50.34 25.40
N SER E 125 -33.43 -49.88 25.60
CA SER E 125 -32.94 -49.48 26.91
C SER E 125 -33.13 -50.60 27.92
N PHE E 126 -32.86 -51.83 27.46
CA PHE E 126 -33.02 -53.03 28.26
C PHE E 126 -31.68 -53.74 28.42
N PRO E 127 -31.45 -54.41 29.55
CA PRO E 127 -30.22 -55.19 29.71
C PRO E 127 -30.02 -56.17 28.56
N GLY E 128 -28.87 -56.08 27.91
CA GLY E 128 -28.58 -56.92 26.76
C GLY E 128 -29.28 -56.51 25.48
N GLY E 129 -30.00 -55.39 25.47
CA GLY E 129 -30.67 -54.90 24.29
C GLY E 129 -29.90 -53.80 23.58
N ILE E 130 -30.57 -52.69 23.31
CA ILE E 130 -29.98 -51.50 22.71
C ILE E 130 -30.06 -50.35 23.71
N GLY E 131 -29.18 -49.36 23.51
CA GLY E 131 -29.10 -48.23 24.41
C GLY E 131 -30.23 -47.23 24.21
N SER E 132 -30.17 -46.16 24.99
CA SER E 132 -31.13 -45.07 24.89
C SER E 132 -30.75 -44.02 23.86
N HIS E 133 -29.48 -43.92 23.48
CA HIS E 133 -29.00 -42.89 22.57
C HIS E 133 -28.96 -43.41 21.13
N MET E 134 -28.53 -42.55 20.22
CA MET E 134 -28.39 -42.91 18.81
C MET E 134 -27.03 -43.62 18.61
N THR E 135 -26.88 -44.74 19.31
CA THR E 135 -25.62 -45.47 19.35
C THR E 135 -25.30 -46.05 17.99
N ALA E 136 -24.13 -46.69 17.90
CA ALA E 136 -23.73 -47.40 16.69
C ALA E 136 -24.64 -48.59 16.42
N GLN E 137 -25.45 -49.00 17.40
CA GLN E 137 -26.49 -49.99 17.18
C GLN E 137 -27.58 -49.48 16.25
N THR E 138 -27.64 -48.17 16.02
CA THR E 138 -28.72 -47.56 15.24
C THR E 138 -28.33 -47.51 13.77
N PRO E 139 -29.06 -48.16 12.87
CA PRO E 139 -28.79 -47.99 11.44
C PRO E 139 -28.94 -46.54 11.03
N GLY E 140 -27.95 -46.04 10.28
CA GLY E 140 -27.98 -44.68 9.77
C GLY E 140 -27.28 -43.65 10.64
N SER E 141 -26.74 -44.03 11.78
CA SER E 141 -26.10 -43.08 12.68
C SER E 141 -24.60 -43.10 12.48
N LEU E 142 -24.01 -41.91 12.43
CA LEU E 142 -22.57 -41.72 12.57
C LEU E 142 -22.25 -40.75 13.71
N HIS E 143 -23.20 -40.56 14.63
CA HIS E 143 -23.09 -39.53 15.65
C HIS E 143 -23.99 -39.94 16.81
N GLU E 144 -23.38 -40.31 17.95
CA GLU E 144 -24.20 -40.77 19.07
C GLU E 144 -24.85 -39.62 19.81
N GLY E 145 -24.20 -38.46 19.89
CA GLY E 145 -24.81 -37.31 20.52
C GLY E 145 -25.02 -37.45 22.01
N GLY E 146 -24.21 -38.26 22.68
CA GLY E 146 -24.25 -38.34 24.13
C GLY E 146 -23.57 -37.14 24.76
N GLU E 147 -22.30 -36.94 24.42
CA GLU E 147 -21.58 -35.73 24.79
C GLU E 147 -21.90 -34.67 23.74
N LEU E 148 -22.73 -33.70 24.12
CA LEU E 148 -23.26 -32.73 23.17
C LEU E 148 -22.20 -31.74 22.73
N GLY E 149 -22.36 -31.24 21.51
CA GLY E 149 -21.59 -30.12 21.01
C GLY E 149 -20.86 -30.36 19.71
N TYR E 150 -20.88 -31.57 19.15
CA TYR E 150 -20.01 -31.89 18.02
C TYR E 150 -20.78 -32.26 16.75
N VAL E 151 -22.10 -31.99 16.70
CA VAL E 151 -22.88 -32.44 15.55
C VAL E 151 -22.52 -31.63 14.30
N LEU E 152 -22.21 -30.34 14.43
CA LEU E 152 -21.94 -29.53 13.25
C LEU E 152 -20.50 -29.69 12.76
N SER E 153 -19.56 -29.85 13.69
CA SER E 153 -18.19 -30.14 13.26
C SER E 153 -18.12 -31.51 12.59
N HIS E 154 -18.85 -32.49 13.14
CA HIS E 154 -18.97 -33.78 12.48
C HIS E 154 -19.65 -33.67 11.14
N ALA E 155 -20.71 -32.87 11.06
CA ALA E 155 -21.42 -32.70 9.78
C ALA E 155 -20.50 -32.10 8.72
N THR E 156 -19.69 -31.11 9.10
CA THR E 156 -18.78 -30.49 8.13
C THR E 156 -17.81 -31.52 7.58
N GLY E 157 -17.12 -32.26 8.46
CA GLY E 157 -16.20 -33.28 8.00
C GLY E 157 -16.86 -34.33 7.13
N ALA E 158 -18.14 -34.60 7.39
CA ALA E 158 -18.84 -35.62 6.61
C ALA E 158 -19.05 -35.19 5.16
N ILE E 159 -19.34 -33.91 4.93
CA ILE E 159 -19.66 -33.42 3.59
C ILE E 159 -18.46 -32.86 2.85
N LEU E 160 -17.32 -32.70 3.51
CA LEU E 160 -16.11 -32.32 2.80
C LEU E 160 -15.80 -33.36 1.73
N ASP E 161 -15.57 -32.88 0.51
CA ASP E 161 -15.22 -33.73 -0.63
C ASP E 161 -16.34 -34.70 -1.00
N GLN E 162 -17.58 -34.40 -0.60
CA GLN E 162 -18.76 -35.19 -0.98
C GLN E 162 -19.81 -34.22 -1.55
N PRO E 163 -19.60 -33.74 -2.78
CA PRO E 163 -20.43 -32.64 -3.30
C PRO E 163 -21.90 -33.00 -3.47
N GLU E 164 -22.24 -34.27 -3.57
CA GLU E 164 -23.62 -34.69 -3.82
C GLU E 164 -24.40 -34.94 -2.53
N GLN E 165 -23.77 -34.85 -1.36
CA GLN E 165 -24.37 -35.19 -0.09
C GLN E 165 -24.84 -33.93 0.65
N ILE E 166 -25.93 -34.09 1.41
CA ILE E 166 -26.41 -33.05 2.32
C ILE E 166 -26.53 -33.67 3.70
N ALA E 167 -26.03 -32.98 4.71
CA ALA E 167 -26.10 -33.43 6.10
C ALA E 167 -27.29 -32.72 6.76
N PHE E 168 -28.33 -33.50 7.07
CA PHE E 168 -29.51 -33.00 7.78
C PHE E 168 -29.20 -33.05 9.28
N ALA E 169 -28.68 -31.95 9.82
CA ALA E 169 -28.11 -31.91 11.16
C ALA E 169 -29.01 -31.14 12.10
N VAL E 170 -29.57 -31.83 13.09
CA VAL E 170 -30.43 -31.21 14.09
C VAL E 170 -29.58 -30.83 15.30
N VAL E 171 -29.70 -29.58 15.72
CA VAL E 171 -28.95 -29.06 16.86
C VAL E 171 -29.93 -28.78 17.99
N GLY E 172 -29.67 -29.39 19.15
CA GLY E 172 -30.47 -29.08 20.32
C GLY E 172 -30.22 -27.66 20.79
N ASP E 173 -31.28 -27.03 21.29
CA ASP E 173 -31.12 -25.64 21.72
C ASP E 173 -30.32 -25.55 23.02
N GLY E 174 -30.32 -26.60 23.84
CA GLY E 174 -29.37 -26.67 24.93
C GLY E 174 -27.95 -26.93 24.42
N GLU E 175 -27.81 -27.84 23.47
CA GLU E 175 -26.50 -28.11 22.88
C GLU E 175 -25.87 -26.84 22.31
N ALA E 176 -26.69 -25.93 21.78
CA ALA E 176 -26.20 -24.69 21.18
C ALA E 176 -25.52 -23.78 22.17
N GLU E 177 -25.60 -24.08 23.47
CA GLU E 177 -24.95 -23.28 24.50
C GLU E 177 -23.53 -23.76 24.78
N THR E 178 -23.12 -24.89 24.22
CA THR E 178 -21.78 -25.40 24.47
C THR E 178 -20.76 -24.61 23.66
N GLY E 179 -19.51 -24.64 24.12
CA GLY E 179 -18.43 -24.01 23.42
C GLY E 179 -18.21 -24.59 22.04
N PRO E 180 -18.01 -25.92 21.97
CA PRO E 180 -17.79 -26.54 20.67
C PRO E 180 -18.87 -26.24 19.65
N LEU E 181 -20.14 -26.24 20.06
CA LEU E 181 -21.21 -25.93 19.11
C LEU E 181 -21.14 -24.46 18.69
N MET E 182 -20.98 -23.57 19.66
CA MET E 182 -20.99 -22.14 19.35
C MET E 182 -19.99 -21.81 18.25
N THR E 183 -18.76 -22.32 18.37
CA THR E 183 -17.75 -21.98 17.37
C THR E 183 -17.88 -22.82 16.11
N SER E 184 -18.61 -23.94 16.16
CA SER E 184 -18.80 -24.74 14.96
C SER E 184 -19.62 -24.03 13.90
N TRP E 185 -20.34 -22.96 14.27
CA TRP E 185 -21.04 -22.16 13.26
C TRP E 185 -20.06 -21.54 12.26
N HIS E 186 -18.78 -21.39 12.63
CA HIS E 186 -17.76 -20.89 11.73
C HIS E 186 -17.40 -21.87 10.62
N SER E 187 -18.01 -23.07 10.59
CA SER E 187 -17.61 -24.08 9.61
C SER E 187 -17.85 -23.63 8.17
N ILE E 188 -18.86 -22.78 7.93
CA ILE E 188 -19.14 -22.36 6.56
C ILE E 188 -18.04 -21.48 5.99
N LYS E 189 -17.14 -20.96 6.84
CA LYS E 189 -15.96 -20.26 6.35
C LYS E 189 -14.93 -21.21 5.74
N PHE E 190 -15.19 -22.52 5.75
CA PHE E 190 -14.28 -23.51 5.21
C PHE E 190 -14.95 -24.52 4.28
N ILE E 191 -16.25 -24.37 4.02
CA ILE E 191 -16.97 -25.23 3.08
C ILE E 191 -17.00 -24.53 1.73
N ASN E 192 -16.42 -25.18 0.71
CA ASN E 192 -16.44 -24.64 -0.63
C ASN E 192 -17.51 -25.34 -1.45
N PRO E 193 -18.60 -24.67 -1.86
CA PRO E 193 -19.66 -25.38 -2.59
C PRO E 193 -19.20 -25.97 -3.91
N LYS E 194 -18.03 -25.58 -4.41
CA LYS E 194 -17.52 -26.15 -5.65
C LYS E 194 -17.15 -27.61 -5.48
N ASN E 195 -16.58 -27.97 -4.33
CA ASN E 195 -16.02 -29.29 -4.09
C ASN E 195 -16.66 -30.05 -2.96
N ASP E 196 -17.35 -29.39 -2.04
CA ASP E 196 -17.88 -30.02 -0.84
C ASP E 196 -19.39 -30.09 -0.89
N GLY E 197 -19.95 -30.94 -0.03
CA GLY E 197 -21.39 -31.01 0.16
C GLY E 197 -21.89 -29.83 0.96
N ALA E 198 -23.09 -30.01 1.54
CA ALA E 198 -23.72 -28.94 2.29
C ALA E 198 -24.30 -29.50 3.57
N ILE E 199 -24.26 -28.68 4.61
CA ILE E 199 -24.95 -28.98 5.86
C ILE E 199 -26.23 -28.14 5.89
N LEU E 200 -27.34 -28.78 6.27
CA LEU E 200 -28.61 -28.10 6.50
C LEU E 200 -28.88 -28.13 7.99
N PRO E 201 -28.42 -27.12 8.75
CA PRO E 201 -28.60 -27.16 10.21
C PRO E 201 -30.01 -26.73 10.60
N ILE E 202 -30.58 -27.47 11.55
CA ILE E 202 -31.87 -27.15 12.15
C ILE E 202 -31.65 -26.96 13.64
N LEU E 203 -31.90 -25.75 14.13
CA LEU E 203 -31.84 -25.48 15.57
C LEU E 203 -33.17 -25.88 16.17
N ASP E 204 -33.16 -26.97 16.95
CA ASP E 204 -34.37 -27.52 17.58
C ASP E 204 -34.70 -26.69 18.80
N LEU E 205 -35.38 -25.57 18.57
CA LEU E 205 -35.75 -24.63 19.64
C LEU E 205 -37.02 -25.10 20.35
N ASN E 206 -36.92 -26.26 21.00
CA ASN E 206 -38.06 -26.77 21.74
C ASN E 206 -38.22 -26.08 23.08
N GLY E 207 -37.32 -25.16 23.43
CA GLY E 207 -37.52 -24.24 24.52
C GLY E 207 -36.76 -24.57 25.80
N PHE E 208 -36.35 -25.83 26.00
CA PHE E 208 -35.84 -26.27 27.28
C PHE E 208 -34.75 -27.31 27.10
N LYS E 209 -33.91 -27.43 28.13
CA LYS E 209 -32.96 -28.54 28.23
C LYS E 209 -33.44 -29.43 29.39
N ILE E 210 -32.56 -29.92 30.26
CA ILE E 210 -32.99 -30.87 31.28
C ILE E 210 -33.95 -30.20 32.26
N SER E 211 -33.50 -29.13 32.91
CA SER E 211 -34.25 -28.53 34.01
C SER E 211 -34.40 -27.01 33.86
N ASN E 212 -34.03 -26.45 32.72
CA ASN E 212 -33.99 -25.02 32.52
C ASN E 212 -34.58 -24.67 31.16
N PRO E 213 -35.03 -23.43 30.98
CA PRO E 213 -35.20 -22.91 29.62
C PRO E 213 -33.83 -22.72 28.98
N THR E 214 -33.83 -22.49 27.67
CA THR E 214 -32.59 -22.33 26.91
C THR E 214 -32.34 -20.87 26.58
N LEU E 215 -31.06 -20.53 26.44
CA LEU E 215 -30.67 -19.14 26.18
C LEU E 215 -31.16 -18.67 24.82
N PHE E 216 -31.13 -19.55 23.82
CA PHE E 216 -31.55 -19.16 22.47
C PHE E 216 -33.06 -19.12 22.32
N ALA E 217 -33.79 -19.99 23.03
CA ALA E 217 -35.25 -19.97 22.95
C ALA E 217 -35.82 -18.67 23.50
N ARG E 218 -35.21 -18.13 24.55
CA ARG E 218 -35.63 -16.87 25.14
C ARG E 218 -34.97 -15.66 24.49
N THR E 219 -34.22 -15.87 23.41
CA THR E 219 -33.77 -14.78 22.55
C THR E 219 -34.84 -14.54 21.49
N SER E 220 -35.09 -13.26 21.19
CA SER E 220 -36.09 -12.92 20.19
C SER E 220 -35.65 -13.42 18.81
N ASP E 221 -36.65 -13.69 17.95
CA ASP E 221 -36.34 -14.09 16.59
C ASP E 221 -35.53 -13.03 15.86
N VAL E 222 -35.76 -11.75 16.19
CA VAL E 222 -34.99 -10.66 15.59
C VAL E 222 -33.51 -10.81 15.95
N ASP E 223 -33.23 -11.01 17.23
CA ASP E 223 -31.84 -11.15 17.66
C ASP E 223 -31.24 -12.44 17.13
N ILE E 224 -32.02 -13.51 17.07
CA ILE E 224 -31.55 -14.74 16.45
C ILE E 224 -31.14 -14.49 15.01
N ARG E 225 -31.92 -13.68 14.28
CA ARG E 225 -31.56 -13.36 12.90
C ARG E 225 -30.22 -12.63 12.85
N LYS E 226 -30.05 -11.62 13.71
CA LYS E 226 -28.78 -10.89 13.74
C LYS E 226 -27.63 -11.83 14.02
N PHE E 227 -27.80 -12.75 14.99
CA PHE E 227 -26.72 -13.65 15.35
C PHE E 227 -26.26 -14.45 14.14
N PHE E 228 -27.20 -15.08 13.44
CA PHE E 228 -26.82 -15.97 12.35
C PHE E 228 -26.45 -15.21 11.08
N GLU E 229 -27.10 -14.07 10.81
CA GLU E 229 -26.68 -13.26 9.66
C GLU E 229 -25.28 -12.72 9.87
N GLY E 230 -24.96 -12.32 11.11
CA GLY E 230 -23.61 -11.91 11.43
C GLY E 230 -22.57 -13.00 11.20
N LEU E 231 -22.99 -14.26 11.24
CA LEU E 231 -22.13 -15.39 10.96
C LEU E 231 -22.25 -15.87 9.50
N GLY E 232 -23.06 -15.20 8.69
CA GLY E 232 -23.15 -15.48 7.27
C GLY E 232 -24.29 -16.38 6.84
N TYR E 233 -25.20 -16.75 7.74
CA TYR E 233 -26.31 -17.62 7.40
C TYR E 233 -27.54 -16.81 7.01
N SER E 234 -28.51 -17.49 6.42
CA SER E 234 -29.82 -16.91 6.08
C SER E 234 -30.89 -17.66 6.86
N PRO E 235 -31.33 -17.15 8.00
CA PRO E 235 -32.24 -17.93 8.86
C PRO E 235 -33.67 -17.96 8.33
N ARG E 236 -34.29 -19.13 8.44
CA ARG E 236 -35.70 -19.34 8.11
C ARG E 236 -36.38 -19.98 9.32
N TYR E 237 -37.63 -19.61 9.58
CA TYR E 237 -38.31 -19.94 10.83
C TYR E 237 -39.49 -20.86 10.60
N ILE E 238 -39.64 -21.85 11.48
CA ILE E 238 -40.82 -22.70 11.54
C ILE E 238 -41.43 -22.51 12.92
N GLU E 239 -42.60 -21.86 12.97
CA GLU E 239 -43.28 -21.60 14.23
C GLU E 239 -44.75 -21.32 13.93
N ASN E 240 -45.55 -21.31 15.00
CA ASN E 240 -47.00 -21.08 14.90
C ASN E 240 -47.50 -20.66 16.27
N ASP E 241 -48.59 -19.87 16.28
CA ASP E 241 -49.14 -19.40 17.55
C ASP E 241 -49.90 -20.51 18.28
N ASP E 242 -50.60 -21.37 17.56
CA ASP E 242 -51.31 -22.50 18.14
C ASP E 242 -50.44 -23.74 17.97
N ILE E 243 -49.84 -24.19 19.07
CA ILE E 243 -48.85 -25.25 19.01
C ILE E 243 -49.45 -26.60 18.71
N HIS E 244 -50.78 -26.73 18.72
CA HIS E 244 -51.43 -28.00 18.42
C HIS E 244 -52.09 -28.00 17.03
N ASP E 245 -51.86 -26.97 16.22
CA ASP E 245 -52.34 -26.95 14.83
C ASP E 245 -51.26 -27.57 13.95
N TYR E 246 -51.19 -28.91 14.00
CA TYR E 246 -50.06 -29.62 13.41
C TYR E 246 -49.99 -29.42 11.89
N MET E 247 -51.14 -29.36 11.22
CA MET E 247 -51.12 -29.22 9.77
C MET E 247 -50.54 -27.86 9.36
N ALA E 248 -50.69 -26.84 10.21
CA ALA E 248 -50.04 -25.57 9.92
C ALA E 248 -48.53 -25.71 9.95
N TYR E 249 -48.00 -26.48 10.91
CA TYR E 249 -46.55 -26.70 10.96
C TYR E 249 -46.07 -27.45 9.72
N HIS E 250 -46.80 -28.49 9.31
CA HIS E 250 -46.39 -29.26 8.14
C HIS E 250 -46.32 -28.39 6.90
N LYS E 251 -47.35 -27.56 6.67
CA LYS E 251 -47.36 -26.69 5.50
C LYS E 251 -46.17 -25.74 5.52
N LEU E 252 -45.93 -25.09 6.67
CA LEU E 252 -44.84 -24.13 6.75
C LEU E 252 -43.48 -24.83 6.64
N ALA E 253 -43.34 -26.00 7.28
CA ALA E 253 -42.08 -26.73 7.22
C ALA E 253 -41.75 -27.17 5.80
N ALA E 254 -42.77 -27.62 5.05
CA ALA E 254 -42.55 -28.03 3.67
C ALA E 254 -42.04 -26.87 2.81
N GLU E 255 -42.64 -25.70 2.95
CA GLU E 255 -42.18 -24.54 2.18
C GLU E 255 -40.78 -24.10 2.63
N VAL E 256 -40.55 -24.02 3.94
CA VAL E 256 -39.25 -23.59 4.43
C VAL E 256 -38.18 -24.54 3.92
N PHE E 257 -38.41 -25.85 4.07
CA PHE E 257 -37.41 -26.83 3.66
C PHE E 257 -37.25 -26.89 2.15
N ASP E 258 -38.35 -26.72 1.40
CA ASP E 258 -38.22 -26.70 -0.05
C ASP E 258 -37.29 -25.58 -0.49
N LYS E 259 -37.51 -24.39 0.05
CA LYS E 259 -36.68 -23.25 -0.33
C LYS E 259 -35.24 -23.40 0.13
N ALA E 260 -35.02 -24.07 1.27
CA ALA E 260 -33.65 -24.29 1.74
C ALA E 260 -32.89 -25.20 0.78
N ILE E 261 -33.51 -26.32 0.38
CA ILE E 261 -32.86 -27.21 -0.57
C ILE E 261 -32.60 -26.50 -1.89
N GLU E 262 -33.59 -25.74 -2.37
CA GLU E 262 -33.43 -25.04 -3.63
C GLU E 262 -32.36 -23.97 -3.54
N ASP E 263 -32.25 -23.28 -2.40
CA ASP E 263 -31.19 -22.30 -2.24
C ASP E 263 -29.83 -22.98 -2.18
N ILE E 264 -29.74 -24.14 -1.53
CA ILE E 264 -28.48 -24.88 -1.50
C ILE E 264 -28.08 -25.29 -2.91
N HIS E 265 -29.03 -25.82 -3.67
CA HIS E 265 -28.73 -26.24 -5.02
C HIS E 265 -28.30 -25.07 -5.90
N GLN E 266 -28.93 -23.91 -5.68
CA GLN E 266 -28.52 -22.71 -6.43
C GLN E 266 -27.11 -22.28 -6.06
N ILE E 267 -26.80 -22.29 -4.76
CA ILE E 267 -25.43 -22.00 -4.32
C ILE E 267 -24.46 -22.95 -5.00
N GLN E 268 -24.79 -24.25 -5.00
CA GLN E 268 -23.89 -25.23 -5.59
C GLN E 268 -23.84 -25.10 -7.10
N LYS E 269 -24.97 -24.74 -7.72
CA LYS E 269 -24.97 -24.55 -9.17
C LYS E 269 -24.11 -23.37 -9.57
N ASP E 270 -24.29 -22.23 -8.90
CA ASP E 270 -23.52 -21.03 -9.21
C ASP E 270 -22.03 -21.25 -9.01
N ALA E 271 -21.66 -22.04 -7.99
CA ALA E 271 -20.25 -22.25 -7.71
C ALA E 271 -19.61 -23.19 -8.73
N ARG E 272 -20.34 -24.20 -9.17
CA ARG E 272 -19.76 -25.23 -10.03
C ARG E 272 -19.90 -24.89 -11.50
N GLU E 273 -20.87 -24.08 -11.89
CA GLU E 273 -21.05 -23.70 -13.28
C GLU E 273 -20.50 -22.31 -13.59
N ASP E 274 -20.68 -21.36 -12.67
CA ASP E 274 -20.22 -19.98 -12.83
C ASP E 274 -19.02 -19.62 -11.98
N ASN E 275 -18.44 -20.59 -11.25
CA ASN E 275 -17.26 -20.34 -10.42
C ASN E 275 -17.51 -19.25 -9.38
N ARG E 276 -18.74 -19.21 -8.85
CA ARG E 276 -19.09 -18.24 -7.84
C ARG E 276 -18.54 -18.68 -6.48
N TYR E 277 -18.40 -17.70 -5.57
CA TYR E 277 -17.97 -17.93 -4.19
C TYR E 277 -16.50 -18.35 -4.10
N GLN E 278 -15.69 -17.94 -5.07
CA GLN E 278 -14.25 -18.17 -5.04
C GLN E 278 -13.46 -16.90 -4.82
N ASN E 279 -14.12 -15.78 -4.52
CA ASN E 279 -13.47 -14.48 -4.39
C ASN E 279 -13.65 -13.89 -3.00
N GLY E 280 -14.04 -14.70 -2.01
CA GLY E 280 -14.27 -14.21 -0.67
C GLY E 280 -15.73 -14.11 -0.28
N GLU E 281 -16.66 -14.32 -1.21
CA GLU E 281 -18.08 -14.26 -0.89
C GLU E 281 -18.49 -15.56 -0.22
N ILE E 282 -19.13 -15.46 0.94
CA ILE E 282 -19.60 -16.63 1.67
C ILE E 282 -21.05 -16.86 1.27
N PRO E 283 -21.43 -18.06 0.81
CA PRO E 283 -22.84 -18.32 0.50
C PRO E 283 -23.73 -18.06 1.70
N ALA E 284 -24.93 -17.53 1.44
CA ALA E 284 -25.93 -17.30 2.48
C ALA E 284 -26.62 -18.62 2.79
N TRP E 285 -25.90 -19.48 3.50
CA TRP E 285 -26.37 -20.83 3.77
C TRP E 285 -27.66 -20.78 4.58
N PRO E 286 -28.68 -21.56 4.23
CA PRO E 286 -29.89 -21.60 5.05
C PRO E 286 -29.63 -22.24 6.41
N ILE E 287 -30.29 -21.69 7.43
CA ILE E 287 -30.38 -22.32 8.74
C ILE E 287 -31.82 -22.21 9.18
N VAL E 288 -32.41 -23.34 9.59
CA VAL E 288 -33.82 -23.41 9.96
C VAL E 288 -33.94 -23.31 11.47
N ILE E 289 -34.76 -22.38 11.93
CA ILE E 289 -35.05 -22.22 13.35
C ILE E 289 -36.42 -22.83 13.58
N ALA E 290 -36.45 -23.98 14.24
CA ALA E 290 -37.68 -24.75 14.42
C ALA E 290 -38.09 -24.70 15.88
N ARG E 291 -39.16 -23.97 16.17
CA ARG E 291 -39.73 -23.89 17.51
C ARG E 291 -40.77 -24.99 17.66
N LEU E 292 -40.29 -26.21 17.88
CA LEU E 292 -41.15 -27.36 18.06
C LEU E 292 -41.24 -27.68 19.54
N PRO E 293 -42.37 -27.43 20.21
CA PRO E 293 -42.42 -27.53 21.67
C PRO E 293 -41.88 -28.85 22.19
N LYS E 294 -41.12 -28.78 23.29
CA LYS E 294 -40.58 -30.00 23.88
C LYS E 294 -41.72 -30.87 24.39
N GLY E 295 -41.61 -32.18 24.18
CA GLY E 295 -42.72 -33.05 24.49
C GLY E 295 -43.93 -32.82 23.62
N TRP E 296 -43.72 -32.37 22.37
CA TRP E 296 -44.81 -32.03 21.46
C TRP E 296 -45.82 -33.16 21.34
N GLY E 297 -47.08 -32.87 21.67
CA GLY E 297 -48.16 -33.81 21.50
C GLY E 297 -48.29 -34.87 22.56
N GLY E 298 -47.50 -34.78 23.63
CA GLY E 298 -47.57 -35.74 24.71
C GLY E 298 -48.36 -35.21 25.89
N PRO E 299 -48.16 -35.80 27.06
CA PRO E 299 -48.84 -35.29 28.26
C PRO E 299 -48.60 -33.80 28.40
N ARG E 300 -49.67 -33.09 28.74
CA ARG E 300 -49.65 -31.65 28.83
C ARG E 300 -49.42 -31.14 30.24
N TYR E 301 -50.02 -31.78 31.24
CA TYR E 301 -49.95 -31.30 32.62
C TYR E 301 -49.85 -32.48 33.58
N ASN E 302 -49.15 -32.25 34.69
CA ASN E 302 -48.97 -33.25 35.73
C ASN E 302 -50.16 -33.16 36.68
N ASP E 303 -51.30 -33.68 36.22
CA ASP E 303 -52.54 -33.57 36.98
C ASP E 303 -52.63 -34.56 38.13
N TRP E 304 -51.83 -35.63 38.10
CA TRP E 304 -51.95 -36.71 39.07
C TRP E 304 -51.18 -36.45 40.36
N SER E 305 -50.31 -35.44 40.39
CA SER E 305 -49.54 -35.15 41.59
C SER E 305 -48.94 -33.75 41.44
N GLY E 306 -48.44 -33.22 42.56
CA GLY E 306 -47.71 -31.99 42.56
C GLY E 306 -48.62 -30.77 42.64
N PRO E 307 -48.02 -29.60 42.74
CA PRO E 307 -48.81 -28.37 42.90
C PRO E 307 -49.50 -28.01 41.60
N LYS E 308 -50.43 -27.07 41.72
CA LYS E 308 -51.27 -26.61 40.63
C LYS E 308 -51.00 -25.14 40.31
N PHE E 309 -51.36 -24.78 39.08
CA PHE E 309 -51.36 -23.40 38.61
C PHE E 309 -52.60 -23.33 37.73
N ASP E 310 -53.48 -22.37 38.01
CA ASP E 310 -54.85 -22.39 37.50
C ASP E 310 -55.48 -23.67 38.06
N GLY E 311 -56.27 -24.39 37.27
CA GLY E 311 -56.86 -25.65 37.68
C GLY E 311 -56.12 -26.79 37.03
N LYS E 312 -54.81 -26.62 36.84
CA LYS E 312 -53.97 -27.59 36.14
C LYS E 312 -52.68 -27.86 36.90
N GLY E 313 -52.14 -29.06 36.67
CA GLY E 313 -50.85 -29.45 37.18
C GLY E 313 -49.73 -28.74 36.44
N MET E 314 -48.51 -29.01 36.90
CA MET E 314 -47.34 -28.39 36.30
C MET E 314 -47.22 -28.83 34.84
N PRO E 315 -46.92 -27.91 33.92
CA PRO E 315 -46.85 -28.29 32.50
C PRO E 315 -45.73 -29.28 32.22
N ILE E 316 -46.02 -30.25 31.34
CA ILE E 316 -45.01 -31.18 30.84
C ILE E 316 -44.63 -30.78 29.42
N GLU E 317 -45.61 -30.81 28.51
CA GLU E 317 -45.41 -30.26 27.18
C GLU E 317 -45.04 -28.78 27.28
N HIS E 318 -44.11 -28.36 26.43
CA HIS E 318 -43.60 -26.98 26.45
C HIS E 318 -42.97 -26.66 27.80
N SER E 319 -42.29 -27.64 28.38
CA SER E 319 -41.60 -27.44 29.64
C SER E 319 -40.43 -28.40 29.74
N PHE E 320 -39.53 -28.13 30.67
CA PHE E 320 -38.41 -29.03 30.89
C PHE E 320 -38.87 -30.38 31.44
N ARG E 321 -40.06 -30.45 32.04
CA ARG E 321 -40.52 -31.68 32.67
C ARG E 321 -40.77 -32.81 31.68
N ALA E 322 -40.80 -32.52 30.38
CA ALA E 322 -40.97 -33.57 29.38
C ALA E 322 -39.65 -34.24 29.00
N HIS E 323 -38.54 -33.84 29.60
CA HIS E 323 -37.22 -34.23 29.09
C HIS E 323 -37.03 -35.74 29.09
N GLN E 324 -37.17 -36.38 30.25
CA GLN E 324 -36.86 -37.80 30.39
C GLN E 324 -38.13 -38.65 30.34
N VAL E 325 -38.43 -39.39 31.40
CA VAL E 325 -39.66 -40.18 31.47
C VAL E 325 -40.78 -39.29 31.99
N PRO E 326 -41.79 -38.98 31.17
CA PRO E 326 -42.79 -37.99 31.59
C PRO E 326 -43.88 -38.54 32.48
N LEU E 327 -43.94 -39.85 32.69
CA LEU E 327 -44.94 -40.49 33.51
C LEU E 327 -44.30 -41.43 34.52
N PRO E 328 -44.86 -41.56 35.72
CA PRO E 328 -44.38 -42.57 36.68
C PRO E 328 -44.88 -43.98 36.42
N LEU E 329 -45.61 -44.20 35.33
CA LEU E 329 -46.16 -45.53 35.03
C LEU E 329 -45.05 -46.57 35.00
N SER E 330 -45.36 -47.74 35.57
CA SER E 330 -44.48 -48.90 35.52
C SER E 330 -45.31 -50.10 35.94
N SER E 331 -44.73 -51.29 35.77
CA SER E 331 -45.41 -52.51 36.19
C SER E 331 -45.65 -52.52 37.70
N LYS E 332 -44.87 -51.78 38.46
CA LYS E 332 -45.02 -51.67 39.91
C LYS E 332 -45.80 -50.44 40.34
N ASN E 333 -46.20 -49.58 39.40
CA ASN E 333 -46.88 -48.35 39.79
C ASN E 333 -47.75 -47.95 38.59
N MET E 334 -48.98 -48.49 38.56
CA MET E 334 -49.87 -48.35 37.42
C MET E 334 -50.91 -47.25 37.59
N GLY E 335 -50.70 -46.31 38.50
CA GLY E 335 -51.69 -45.28 38.73
C GLY E 335 -51.97 -44.45 37.49
N THR E 336 -50.93 -44.16 36.69
CA THR E 336 -51.07 -43.30 35.53
C THR E 336 -51.24 -44.06 34.22
N LEU E 337 -51.70 -45.31 34.28
CA LEU E 337 -52.03 -46.02 33.04
C LEU E 337 -53.11 -45.29 32.24
N PRO E 338 -54.16 -44.73 32.85
CA PRO E 338 -55.12 -43.98 32.03
C PRO E 338 -54.49 -42.82 31.25
N GLU E 339 -53.61 -42.05 31.87
CA GLU E 339 -52.94 -40.96 31.17
C GLU E 339 -52.10 -41.50 30.02
N PHE E 340 -51.44 -42.65 30.25
CA PHE E 340 -50.65 -43.26 29.19
C PHE E 340 -51.53 -43.75 28.05
N VAL E 341 -52.65 -44.40 28.38
CA VAL E 341 -53.56 -44.89 27.35
C VAL E 341 -54.12 -43.73 26.55
N LYS E 342 -54.51 -42.65 27.22
CA LYS E 342 -55.01 -41.46 26.54
C LYS E 342 -53.97 -40.89 25.59
N TRP E 343 -52.74 -40.76 26.07
CA TRP E 343 -51.65 -40.25 25.25
C TRP E 343 -51.44 -41.14 24.02
N MET E 344 -51.34 -42.46 24.24
CA MET E 344 -51.08 -43.38 23.14
CA MET E 344 -51.07 -43.36 23.14
C MET E 344 -52.22 -43.36 22.13
N THR E 345 -53.46 -43.47 22.61
CA THR E 345 -54.61 -43.52 21.70
C THR E 345 -54.80 -42.21 20.95
N SER E 346 -54.29 -41.09 21.48
CA SER E 346 -54.45 -39.82 20.78
C SER E 346 -53.79 -39.83 19.41
N TYR E 347 -52.78 -40.69 19.20
CA TYR E 347 -52.16 -40.79 17.88
C TYR E 347 -53.03 -41.55 16.88
N GLN E 348 -54.13 -42.16 17.33
CA GLN E 348 -55.01 -42.94 16.47
C GLN E 348 -54.25 -44.07 15.78
N PRO E 349 -53.64 -44.98 16.55
CA PRO E 349 -52.88 -46.08 15.91
C PRO E 349 -53.72 -46.97 15.03
N GLU E 350 -55.04 -47.02 15.22
CA GLU E 350 -55.89 -47.83 14.35
C GLU E 350 -55.89 -47.33 12.92
N THR E 351 -55.57 -46.06 12.69
CA THR E 351 -55.41 -45.52 11.34
C THR E 351 -53.99 -45.64 10.83
N LEU E 352 -53.07 -46.16 11.64
CA LEU E 352 -51.65 -46.20 11.32
C LEU E 352 -51.09 -47.60 11.11
N PHE E 353 -51.50 -48.56 11.95
CA PHE E 353 -50.98 -49.91 11.91
C PHE E 353 -52.12 -50.90 11.75
N ASN E 354 -51.83 -52.01 11.05
CA ASN E 354 -52.75 -53.14 10.97
C ASN E 354 -52.65 -53.98 12.24
N ALA E 355 -53.64 -54.86 12.42
CA ALA E 355 -53.67 -55.70 13.60
C ALA E 355 -52.49 -56.68 13.62
N ASP E 356 -51.96 -57.04 12.46
CA ASP E 356 -50.80 -57.93 12.41
C ASP E 356 -49.48 -57.22 12.71
N GLY E 357 -49.52 -55.92 13.00
CA GLY E 357 -48.34 -55.17 13.36
C GLY E 357 -47.68 -54.41 12.22
N SER E 358 -48.04 -54.73 10.98
CA SER E 358 -47.42 -54.07 9.83
C SER E 358 -47.96 -52.66 9.67
N LEU E 359 -47.17 -51.82 9.00
CA LEU E 359 -47.60 -50.47 8.70
C LEU E 359 -48.66 -50.50 7.60
N LYS E 360 -49.67 -49.63 7.75
CA LYS E 360 -50.73 -49.57 6.75
C LYS E 360 -50.18 -49.25 5.37
N GLU E 361 -50.84 -49.82 4.36
CA GLU E 361 -50.36 -49.75 2.98
C GLU E 361 -50.19 -48.32 2.50
N GLU E 362 -51.15 -47.43 2.78
CA GLU E 362 -51.04 -46.10 2.18
C GLU E 362 -49.81 -45.35 2.69
N LEU E 363 -49.25 -45.78 3.81
CA LEU E 363 -48.10 -45.10 4.40
C LEU E 363 -46.78 -45.77 4.07
N ARG E 364 -46.80 -46.96 3.46
CA ARG E 364 -45.56 -47.67 3.19
C ARG E 364 -44.74 -47.00 2.10
N ASP E 365 -45.36 -46.20 1.23
CA ASP E 365 -44.67 -45.52 0.15
C ASP E 365 -44.13 -44.14 0.56
N PHE E 366 -44.31 -43.71 1.81
CA PHE E 366 -43.84 -42.38 2.18
C PHE E 366 -42.31 -42.30 2.22
N ALA E 367 -41.68 -43.27 2.87
CA ALA E 367 -40.24 -43.22 3.06
C ALA E 367 -39.50 -43.51 1.75
N PRO E 368 -38.25 -43.04 1.63
CA PRO E 368 -37.44 -43.43 0.46
C PRO E 368 -37.19 -44.93 0.45
N LYS E 369 -36.56 -45.41 -0.62
CA LYS E 369 -36.26 -46.83 -0.78
C LYS E 369 -34.77 -47.02 -1.07
N GLY E 370 -34.31 -48.24 -0.80
CA GLY E 370 -32.94 -48.60 -1.11
C GLY E 370 -31.96 -47.71 -0.37
N GLU E 371 -30.88 -47.36 -1.06
CA GLU E 371 -29.82 -46.57 -0.44
C GLU E 371 -30.21 -45.10 -0.30
N MET E 372 -31.35 -44.68 -0.84
CA MET E 372 -31.82 -43.32 -0.64
C MET E 372 -32.36 -43.10 0.77
N ARG E 373 -32.70 -44.17 1.49
CA ARG E 373 -33.09 -44.04 2.88
C ARG E 373 -31.91 -43.52 3.69
N MET E 374 -32.15 -42.52 4.53
CA MET E 374 -31.07 -41.95 5.32
C MET E 374 -30.39 -43.03 6.16
N ALA E 375 -31.13 -44.05 6.58
CA ALA E 375 -30.56 -45.15 7.34
C ALA E 375 -29.78 -46.14 6.49
N SER E 376 -29.96 -46.09 5.16
CA SER E 376 -29.23 -46.97 4.26
C SER E 376 -28.16 -46.24 3.45
N ASN E 377 -28.02 -44.93 3.61
CA ASN E 377 -27.00 -44.19 2.91
C ASN E 377 -25.62 -44.71 3.31
N PRO E 378 -24.82 -45.26 2.41
CA PRO E 378 -23.51 -45.80 2.81
C PRO E 378 -22.62 -44.79 3.52
N VAL E 379 -22.93 -43.49 3.43
CA VAL E 379 -22.21 -42.51 4.23
C VAL E 379 -22.23 -42.90 5.70
N THR E 380 -23.33 -43.48 6.16
CA THR E 380 -23.53 -43.78 7.58
C THR E 380 -22.97 -45.13 7.99
N ASN E 381 -22.43 -45.90 7.04
CA ASN E 381 -21.90 -47.24 7.32
C ASN E 381 -20.49 -47.36 6.75
N GLY E 382 -19.61 -46.45 7.15
CA GLY E 382 -18.23 -46.49 6.74
C GLY E 382 -17.89 -45.60 5.55
N GLY E 383 -18.89 -45.08 4.86
CA GLY E 383 -18.66 -44.17 3.76
C GLY E 383 -18.95 -44.81 2.41
N VAL E 384 -19.28 -43.94 1.44
CA VAL E 384 -19.45 -44.39 0.06
C VAL E 384 -18.23 -45.17 -0.41
N ASP E 385 -17.04 -44.63 -0.11
CA ASP E 385 -15.78 -45.30 -0.42
C ASP E 385 -14.95 -45.29 0.85
N SER E 386 -14.66 -46.48 1.38
CA SER E 386 -13.98 -46.62 2.65
C SER E 386 -12.55 -47.10 2.49
N SER E 387 -12.02 -47.05 1.28
CA SER E 387 -10.68 -47.56 1.04
C SER E 387 -9.63 -46.67 1.68
N ASN E 388 -8.50 -47.28 2.04
CA ASN E 388 -7.38 -46.58 2.63
C ASN E 388 -6.70 -45.70 1.57
N LEU E 389 -5.78 -44.85 2.06
CA LEU E 389 -5.00 -44.00 1.18
C LEU E 389 -4.08 -44.83 0.29
N VAL E 390 -3.74 -44.26 -0.87
CA VAL E 390 -2.69 -44.80 -1.71
C VAL E 390 -1.36 -44.23 -1.22
N LEU E 391 -0.48 -45.12 -0.74
CA LEU E 391 0.75 -44.69 -0.09
C LEU E 391 1.96 -44.89 -1.00
N PRO E 392 2.89 -43.95 -1.04
CA PRO E 392 4.20 -44.22 -1.63
C PRO E 392 5.11 -44.93 -0.64
N ASP E 393 6.16 -45.55 -1.18
CA ASP E 393 7.16 -46.15 -0.31
C ASP E 393 7.76 -45.07 0.58
N TRP E 394 7.52 -45.16 1.89
CA TRP E 394 8.05 -44.15 2.79
C TRP E 394 9.57 -44.11 2.76
N GLN E 395 10.22 -45.19 2.32
CA GLN E 395 11.67 -45.22 2.27
C GLN E 395 12.23 -44.12 1.36
N GLU E 396 11.49 -43.73 0.32
CA GLU E 396 11.99 -42.71 -0.60
C GLU E 396 12.13 -41.34 0.07
N PHE E 397 11.55 -41.15 1.26
CA PHE E 397 11.69 -39.91 2.00
C PHE E 397 12.50 -40.10 3.29
N ALA E 398 13.15 -41.26 3.46
CA ALA E 398 13.91 -41.55 4.67
C ALA E 398 15.27 -40.85 4.66
N ASN E 399 15.79 -40.59 5.88
CA ASN E 399 17.14 -40.08 6.05
C ASN E 399 18.17 -41.20 5.85
N PRO E 400 19.31 -40.91 5.22
CA PRO E 400 20.33 -41.95 4.95
C PRO E 400 21.15 -42.30 6.18
N ILE E 401 20.55 -43.02 7.10
CA ILE E 401 21.23 -43.37 8.34
C ILE E 401 21.95 -44.70 8.12
N SER E 402 23.18 -44.79 8.62
CA SER E 402 24.00 -45.98 8.52
C SER E 402 24.90 -46.04 9.76
N GLU E 403 25.82 -47.02 9.77
CA GLU E 403 26.74 -47.15 10.89
C GLU E 403 27.62 -45.93 11.03
N ASN E 404 27.84 -45.20 9.94
CA ASN E 404 28.67 -44.01 9.92
C ASN E 404 27.90 -42.77 10.35
N ASN E 405 26.59 -42.90 10.54
CA ASN E 405 25.68 -41.77 10.67
C ASN E 405 24.98 -41.70 12.01
N ARG E 406 25.10 -42.73 12.85
CA ARG E 406 24.23 -42.89 14.01
C ARG E 406 24.51 -41.84 15.08
N GLY E 407 23.44 -41.34 15.69
CA GLY E 407 23.58 -40.40 16.78
C GLY E 407 24.17 -39.06 16.40
N LYS E 408 24.07 -38.67 15.13
CA LYS E 408 24.64 -37.42 14.67
C LYS E 408 23.57 -36.53 14.05
N LEU E 409 23.83 -35.22 14.08
CA LEU E 409 22.99 -34.27 13.36
C LEU E 409 23.34 -34.32 11.88
N LEU E 410 22.32 -34.51 11.04
CA LEU E 410 22.52 -34.44 9.60
C LEU E 410 22.90 -33.02 9.20
N PRO E 411 23.61 -32.86 8.06
CA PRO E 411 24.09 -31.52 7.70
C PRO E 411 22.98 -30.51 7.44
N ASP E 412 21.89 -30.93 6.82
CA ASP E 412 20.73 -30.04 6.66
C ASP E 412 19.89 -30.13 7.92
N THR E 413 19.82 -29.02 8.67
CA THR E 413 19.15 -29.03 9.96
C THR E 413 17.69 -29.44 9.84
N ASN E 414 17.04 -29.12 8.72
CA ASN E 414 15.63 -29.44 8.55
C ASN E 414 15.38 -30.94 8.50
N ASP E 415 16.40 -31.73 8.16
CA ASP E 415 16.30 -33.19 8.17
C ASP E 415 16.41 -33.78 9.57
N ASN E 416 16.87 -33.01 10.55
CA ASN E 416 16.88 -33.45 11.94
C ASN E 416 15.57 -33.15 12.65
N MET E 417 14.59 -32.59 11.95
CA MET E 417 13.28 -32.28 12.48
C MET E 417 12.29 -33.30 11.95
N ASP E 418 11.83 -34.20 12.82
CA ASP E 418 11.02 -35.33 12.38
C ASP E 418 9.75 -34.88 11.67
N MET E 419 9.08 -33.85 12.19
CA MET E 419 7.83 -33.41 11.58
C MET E 419 8.04 -32.94 10.15
N ASN E 420 9.13 -32.19 9.90
CA ASN E 420 9.42 -31.75 8.55
C ASN E 420 9.70 -32.94 7.64
N VAL E 421 10.41 -33.95 8.15
CA VAL E 421 10.60 -35.17 7.37
C VAL E 421 9.26 -35.81 7.06
N LEU E 422 8.36 -35.84 8.05
CA LEU E 422 7.03 -36.42 7.84
C LEU E 422 6.24 -35.64 6.81
N SER E 423 6.42 -34.32 6.74
CA SER E 423 5.67 -33.50 5.78
C SER E 423 6.03 -33.85 4.34
N LYS E 424 7.27 -34.27 4.09
CA LYS E 424 7.64 -34.81 2.79
C LYS E 424 6.73 -35.97 2.42
N TYR E 425 6.55 -36.90 3.35
CA TYR E 425 5.70 -38.06 3.11
C TYR E 425 4.24 -37.64 2.95
N PHE E 426 3.75 -36.74 3.81
CA PHE E 426 2.39 -36.25 3.68
C PHE E 426 2.20 -35.51 2.37
N ALA E 427 3.19 -34.73 1.94
CA ALA E 427 3.08 -33.96 0.71
C ALA E 427 2.86 -34.88 -0.49
N GLU E 428 3.61 -35.98 -0.57
CA GLU E 428 3.42 -36.92 -1.66
C GLU E 428 2.05 -37.60 -1.56
N ILE E 429 1.58 -37.85 -0.34
CA ILE E 429 0.27 -38.46 -0.16
C ILE E 429 -0.84 -37.55 -0.68
N VAL E 430 -0.67 -36.23 -0.50
CA VAL E 430 -1.64 -35.29 -1.04
C VAL E 430 -1.71 -35.45 -2.56
N LYS E 431 -0.57 -35.56 -3.22
CA LYS E 431 -0.55 -35.67 -4.67
C LYS E 431 -1.18 -36.98 -5.13
N LEU E 432 -1.04 -38.04 -4.35
CA LEU E 432 -1.60 -39.34 -4.69
C LEU E 432 -3.05 -39.51 -4.24
N ASN E 433 -3.56 -38.63 -3.37
CA ASN E 433 -4.93 -38.70 -2.87
C ASN E 433 -5.53 -37.31 -2.85
N PRO E 434 -5.90 -36.78 -4.02
CA PRO E 434 -6.31 -35.36 -4.08
C PRO E 434 -7.67 -35.07 -3.47
N THR E 435 -8.51 -36.08 -3.23
CA THR E 435 -9.86 -35.84 -2.72
C THR E 435 -10.21 -36.64 -1.48
N ARG E 436 -9.30 -37.44 -0.94
CA ARG E 436 -9.61 -38.30 0.18
C ARG E 436 -8.60 -38.18 1.32
N PHE E 437 -7.69 -37.21 1.26
CA PHE E 437 -6.75 -36.97 2.35
C PHE E 437 -6.78 -35.50 2.71
N ARG E 438 -6.72 -35.21 4.01
CA ARG E 438 -6.71 -33.84 4.49
CA ARG E 438 -6.70 -33.84 4.49
C ARG E 438 -5.88 -33.77 5.77
N LEU E 439 -5.25 -32.61 5.97
CA LEU E 439 -4.46 -32.35 7.17
C LEU E 439 -5.13 -31.20 7.92
N PHE E 440 -5.33 -31.38 9.22
CA PHE E 440 -6.01 -30.44 10.06
C PHE E 440 -5.06 -29.91 11.12
N GLY E 441 -5.27 -28.65 11.51
CA GLY E 441 -4.52 -28.03 12.58
C GLY E 441 -5.25 -26.81 13.11
N PRO E 442 -4.87 -26.35 14.31
CA PRO E 442 -5.49 -25.13 14.85
C PRO E 442 -4.56 -23.93 14.80
N ASP E 443 -4.29 -23.43 13.59
CA ASP E 443 -3.35 -22.32 13.39
C ASP E 443 -1.93 -22.73 13.82
N GLU E 444 -1.56 -23.99 13.55
CA GLU E 444 -0.26 -24.50 13.97
C GLU E 444 0.46 -25.33 12.92
N THR E 445 -0.14 -25.56 11.75
CA THR E 445 0.53 -26.40 10.75
C THR E 445 1.89 -25.85 10.39
N MET E 446 1.99 -24.55 10.19
CA MET E 446 3.29 -23.93 9.89
C MET E 446 4.20 -24.00 11.10
N SER E 447 3.67 -23.66 12.28
CA SER E 447 4.49 -23.70 13.49
C SER E 447 5.00 -25.10 13.78
N ASN E 448 4.23 -26.13 13.47
CA ASN E 448 4.65 -27.50 13.68
C ASN E 448 5.57 -28.00 12.58
N ARG E 449 5.90 -27.14 11.62
CA ARG E 449 6.97 -27.38 10.65
C ARG E 449 6.57 -28.43 9.61
N PHE E 450 5.32 -28.35 9.14
CA PHE E 450 4.86 -29.10 7.98
C PHE E 450 5.24 -28.36 6.69
N TRP E 451 6.50 -27.99 6.58
CA TRP E 451 6.90 -27.02 5.57
C TRP E 451 6.67 -27.54 4.16
N GLU E 452 6.87 -28.84 3.94
CA GLU E 452 6.74 -29.39 2.59
C GLU E 452 5.28 -29.40 2.12
N MET E 453 4.33 -29.46 3.04
CA MET E 453 2.93 -29.47 2.65
C MET E 453 2.55 -28.23 1.85
N PHE E 454 3.08 -27.06 2.24
CA PHE E 454 2.73 -25.83 1.55
C PHE E 454 3.34 -25.71 0.17
N LYS E 455 4.19 -26.64 -0.24
CA LYS E 455 4.69 -26.65 -1.61
C LYS E 455 3.74 -27.33 -2.59
N VAL E 456 2.71 -28.02 -2.09
CA VAL E 456 1.79 -28.76 -2.95
C VAL E 456 0.34 -28.34 -2.77
N THR E 457 -0.01 -27.62 -1.71
CA THR E 457 -1.39 -27.23 -1.47
C THR E 457 -1.36 -26.03 -0.53
N ASN E 458 -2.54 -25.46 -0.29
CA ASN E 458 -2.73 -24.33 0.62
C ASN E 458 -3.72 -24.73 1.71
N ARG E 459 -3.94 -23.80 2.64
CA ARG E 459 -5.05 -23.93 3.59
C ARG E 459 -6.35 -23.53 2.93
N GLN E 460 -7.41 -24.30 3.17
CA GLN E 460 -8.72 -23.94 2.65
C GLN E 460 -9.29 -22.76 3.43
N TRP E 461 -9.73 -21.73 2.71
CA TRP E 461 -10.13 -20.46 3.31
C TRP E 461 -11.08 -19.75 2.36
N MET E 462 -12.32 -19.48 2.81
CA MET E 462 -13.38 -18.97 1.95
C MET E 462 -13.54 -17.46 1.97
N GLN E 463 -13.08 -16.79 3.02
CA GLN E 463 -13.19 -15.34 3.10
C GLN E 463 -12.17 -14.67 2.19
N VAL E 464 -12.17 -13.33 2.19
CA VAL E 464 -11.32 -12.58 1.28
C VAL E 464 -9.86 -12.84 1.66
N ILE E 465 -8.99 -12.87 0.65
CA ILE E 465 -7.56 -13.08 0.83
C ILE E 465 -6.84 -11.78 0.48
N LYS E 466 -5.82 -11.44 1.28
CA LYS E 466 -5.06 -10.20 1.12
C LYS E 466 -3.58 -10.54 1.06
N ASN E 467 -3.15 -11.07 -0.09
CA ASN E 467 -1.73 -11.27 -0.28
C ASN E 467 -1.05 -9.91 -0.46
N PRO E 468 0.20 -9.75 -0.03
CA PRO E 468 1.05 -10.73 0.64
C PRO E 468 0.93 -10.73 2.16
N ASN E 469 -0.02 -9.95 2.71
CA ASN E 469 -0.26 -10.01 4.16
C ASN E 469 -0.66 -11.40 4.60
N ASP E 470 -1.42 -12.10 3.78
CA ASP E 470 -1.76 -13.50 4.01
C ASP E 470 -0.74 -14.39 3.30
N GLU E 471 -0.78 -15.68 3.62
CA GLU E 471 0.13 -16.65 3.02
C GLU E 471 -0.49 -18.04 3.03
N PHE E 472 -0.35 -18.75 1.91
CA PHE E 472 -0.74 -20.16 1.79
C PHE E 472 -2.20 -20.38 2.21
N ILE E 473 -3.08 -19.50 1.73
CA ILE E 473 -4.52 -19.69 1.90
C ILE E 473 -5.18 -19.54 0.54
N SER E 474 -6.27 -20.29 0.35
CA SER E 474 -6.96 -20.33 -0.93
C SER E 474 -8.36 -20.91 -0.71
N PRO E 475 -9.34 -20.55 -1.53
CA PRO E 475 -10.68 -21.17 -1.39
C PRO E 475 -10.67 -22.67 -1.58
N GLU E 476 -9.64 -23.22 -2.24
CA GLU E 476 -9.47 -24.65 -2.41
C GLU E 476 -8.13 -25.04 -1.81
N GLY E 477 -8.15 -25.98 -0.87
CA GLY E 477 -6.94 -26.45 -0.24
C GLY E 477 -7.20 -27.75 0.49
N ARG E 478 -6.14 -28.55 0.64
CA ARG E 478 -6.22 -29.82 1.32
C ARG E 478 -5.88 -29.71 2.81
N ILE E 479 -5.38 -28.57 3.25
CA ILE E 479 -5.19 -28.28 4.67
C ILE E 479 -6.34 -27.40 5.14
N ILE E 480 -6.86 -27.68 6.33
CA ILE E 480 -7.77 -26.78 7.03
C ILE E 480 -7.11 -26.45 8.36
N ASP E 481 -6.66 -25.20 8.51
CA ASP E 481 -5.79 -24.81 9.60
C ASP E 481 -6.11 -23.41 10.13
N SER E 482 -7.06 -22.70 9.53
CA SER E 482 -7.21 -21.26 9.76
C SER E 482 -8.27 -20.93 10.81
N GLN E 483 -8.73 -21.92 11.57
CA GLN E 483 -9.56 -21.66 12.75
C GLN E 483 -8.84 -22.15 14.00
N LEU E 484 -8.80 -21.29 15.00
CA LEU E 484 -8.12 -21.58 16.26
C LEU E 484 -9.08 -22.30 17.19
N SER E 485 -9.24 -23.61 16.96
CA SER E 485 -10.12 -24.43 17.79
C SER E 485 -9.75 -25.89 17.63
N GLU E 486 -9.26 -26.51 18.71
CA GLU E 486 -9.00 -27.95 18.67
C GLU E 486 -10.29 -28.74 18.48
N HIS E 487 -11.40 -28.25 19.05
CA HIS E 487 -12.69 -28.91 18.88
C HIS E 487 -13.08 -28.99 17.41
N GLN E 488 -12.85 -27.92 16.65
CA GLN E 488 -13.19 -27.91 15.23
C GLN E 488 -12.31 -28.89 14.46
N ALA E 489 -10.99 -28.78 14.62
CA ALA E 489 -10.06 -29.65 13.89
C ALA E 489 -10.35 -31.11 14.21
N GLU E 490 -10.55 -31.43 15.49
CA GLU E 490 -10.85 -32.80 15.88
C GLU E 490 -12.22 -33.23 15.34
N GLY E 491 -13.22 -32.36 15.48
CA GLY E 491 -14.55 -32.70 14.98
C GLY E 491 -14.58 -32.91 13.48
N TRP E 492 -13.90 -32.04 12.73
CA TRP E 492 -13.80 -32.21 11.29
C TRP E 492 -13.17 -33.55 10.93
N LEU E 493 -12.05 -33.88 11.59
CA LEU E 493 -11.36 -35.13 11.29
C LEU E 493 -12.26 -36.33 11.56
N GLU E 494 -12.97 -36.31 12.69
CA GLU E 494 -13.84 -37.43 13.04
C GLU E 494 -14.92 -37.64 11.99
N GLY E 495 -15.58 -36.57 11.57
CA GLY E 495 -16.56 -36.70 10.51
C GLY E 495 -15.94 -37.16 9.20
N TYR E 496 -14.77 -36.62 8.87
CA TYR E 496 -14.06 -37.06 7.67
C TYR E 496 -13.70 -38.54 7.77
N THR E 497 -13.32 -38.99 8.97
CA THR E 497 -12.87 -40.37 9.14
C THR E 497 -14.06 -41.34 9.07
N LEU E 498 -15.13 -41.06 9.82
CA LEU E 498 -16.25 -41.98 9.86
C LEU E 498 -16.95 -42.10 8.51
N THR E 499 -16.78 -41.13 7.62
CA THR E 499 -17.39 -41.19 6.30
C THR E 499 -16.45 -41.78 5.25
N GLY E 500 -15.41 -42.48 5.67
CA GLY E 500 -14.61 -43.30 4.79
C GLY E 500 -13.26 -42.73 4.44
N ARG E 501 -12.98 -41.48 4.77
CA ARG E 501 -11.72 -40.85 4.38
C ARG E 501 -10.70 -40.94 5.52
N THR E 502 -9.49 -40.50 5.21
CA THR E 502 -8.38 -40.52 6.15
C THR E 502 -7.74 -39.14 6.21
N GLY E 503 -7.27 -38.79 7.40
CA GLY E 503 -6.60 -37.53 7.59
C GLY E 503 -5.68 -37.58 8.80
N ALA E 504 -5.23 -36.40 9.21
CA ALA E 504 -4.37 -36.27 10.37
C ALA E 504 -4.61 -34.90 10.99
N PHE E 505 -4.55 -34.87 12.32
CA PHE E 505 -4.71 -33.65 13.10
C PHE E 505 -3.49 -33.53 14.01
N ALA E 506 -2.65 -32.53 13.74
CA ALA E 506 -1.47 -32.26 14.54
C ALA E 506 -1.70 -31.05 15.44
N SER E 507 -1.21 -31.14 16.67
CA SER E 507 -1.46 -30.10 17.65
C SER E 507 -0.31 -30.05 18.65
N TYR E 508 -0.12 -28.87 19.23
CA TYR E 508 0.70 -28.77 20.43
C TYR E 508 0.19 -29.79 21.44
N GLU E 509 1.13 -30.52 22.05
CA GLU E 509 0.77 -31.64 22.90
C GLU E 509 -0.17 -31.22 24.03
N SER E 510 0.25 -30.23 24.83
CA SER E 510 -0.52 -29.88 26.01
C SER E 510 -1.92 -29.40 25.64
N PHE E 511 -2.05 -28.69 24.53
CA PHE E 511 -3.35 -28.17 24.12
C PHE E 511 -4.19 -29.17 23.35
N LEU E 512 -3.62 -30.29 22.90
CA LEU E 512 -4.46 -31.34 22.36
C LEU E 512 -5.41 -31.92 23.42
N ARG E 513 -5.06 -31.78 24.70
CA ARG E 513 -5.93 -32.29 25.75
C ARG E 513 -7.23 -31.51 25.89
N VAL E 514 -7.35 -30.36 25.21
CA VAL E 514 -8.64 -29.68 25.12
C VAL E 514 -9.72 -30.65 24.66
N VAL E 515 -9.36 -31.62 23.81
CA VAL E 515 -10.33 -32.54 23.22
C VAL E 515 -10.14 -33.93 23.80
N ASP E 516 -9.63 -34.03 25.03
CA ASP E 516 -9.56 -35.31 25.73
C ASP E 516 -10.87 -36.08 25.59
N SER E 517 -12.00 -35.41 25.89
CA SER E 517 -13.29 -36.10 25.92
C SER E 517 -13.79 -36.43 24.52
N MET E 518 -13.42 -35.64 23.50
CA MET E 518 -13.81 -35.98 22.13
C MET E 518 -13.18 -37.29 21.70
N LEU E 519 -11.88 -37.46 21.97
CA LEU E 519 -11.23 -38.72 21.64
C LEU E 519 -11.87 -39.88 22.41
N THR E 520 -12.27 -39.64 23.66
CA THR E 520 -13.00 -40.66 24.39
C THR E 520 -14.23 -41.12 23.60
N GLN E 521 -15.03 -40.15 23.13
CA GLN E 521 -16.29 -40.49 22.46
C GLN E 521 -16.05 -41.17 21.11
N HIS E 522 -14.99 -40.78 20.39
CA HIS E 522 -14.68 -41.45 19.14
C HIS E 522 -14.23 -42.89 19.39
N PHE E 523 -13.42 -43.11 20.42
CA PHE E 523 -13.08 -44.47 20.81
C PHE E 523 -14.35 -45.27 21.13
N LYS E 524 -15.21 -44.72 21.98
CA LYS E 524 -16.44 -45.42 22.34
C LYS E 524 -17.25 -45.78 21.10
N TRP E 525 -17.28 -44.89 20.12
CA TRP E 525 -18.07 -45.18 18.92
C TRP E 525 -17.52 -46.36 18.15
N ILE E 526 -16.23 -46.32 17.79
CA ILE E 526 -15.67 -47.40 16.98
C ILE E 526 -15.65 -48.71 17.76
N ARG E 527 -15.53 -48.65 19.09
CA ARG E 527 -15.55 -49.87 19.89
C ARG E 527 -16.93 -50.53 19.82
N GLN E 528 -17.99 -49.75 20.02
CA GLN E 528 -19.33 -50.32 19.96
C GLN E 528 -19.71 -50.71 18.55
N ALA E 529 -19.29 -49.92 17.55
CA ALA E 529 -19.59 -50.27 16.17
C ALA E 529 -18.95 -51.59 15.79
N ALA E 530 -17.79 -51.91 16.37
CA ALA E 530 -17.13 -53.18 16.09
C ALA E 530 -17.96 -54.36 16.57
N ASP E 531 -18.83 -54.15 17.56
CA ASP E 531 -19.70 -55.23 18.05
C ASP E 531 -20.93 -55.45 17.18
N GLN E 532 -21.15 -54.62 16.16
CA GLN E 532 -22.28 -54.77 15.25
C GLN E 532 -21.76 -55.45 13.99
N LYS E 533 -22.16 -56.71 13.78
CA LYS E 533 -21.68 -57.49 12.64
C LYS E 533 -22.22 -56.96 11.31
N TRP E 534 -23.27 -56.14 11.33
CA TRP E 534 -23.82 -55.56 10.11
C TRP E 534 -23.13 -54.24 9.71
N ARG E 535 -22.18 -53.75 10.51
CA ARG E 535 -21.52 -52.49 10.22
C ARG E 535 -20.16 -52.74 9.59
N HIS E 536 -19.86 -51.95 8.55
CA HIS E 536 -18.52 -51.93 8.00
C HIS E 536 -17.60 -51.19 8.97
N ASP E 537 -16.32 -51.55 8.96
CA ASP E 537 -15.35 -50.87 9.82
C ASP E 537 -15.00 -49.51 9.23
N TYR E 538 -14.18 -48.76 9.96
CA TYR E 538 -13.82 -47.40 9.61
C TYR E 538 -12.32 -47.28 9.36
N PRO E 539 -11.88 -46.23 8.67
CA PRO E 539 -10.46 -45.86 8.71
C PRO E 539 -10.09 -45.43 10.13
N SER E 540 -8.78 -45.35 10.38
CA SER E 540 -8.30 -44.95 11.69
C SER E 540 -8.24 -43.43 11.80
N LEU E 541 -8.41 -42.94 13.02
CA LEU E 541 -8.31 -41.52 13.35
C LEU E 541 -6.89 -41.22 13.81
N ASN E 542 -6.19 -40.34 13.10
CA ASN E 542 -4.79 -40.07 13.37
C ASN E 542 -4.62 -38.70 14.02
N VAL E 543 -3.99 -38.67 15.19
CA VAL E 543 -3.73 -37.44 15.93
C VAL E 543 -2.25 -37.41 16.32
N ILE E 544 -1.63 -36.24 16.19
CA ILE E 544 -0.21 -36.04 16.42
C ILE E 544 -0.03 -35.04 17.55
N SER E 545 0.74 -35.42 18.56
CA SER E 545 1.16 -34.52 19.63
C SER E 545 2.59 -34.06 19.33
N THR E 546 2.75 -32.76 19.06
CA THR E 546 4.05 -32.16 18.82
C THR E 546 4.31 -31.04 19.84
N SER E 547 5.40 -30.31 19.64
CA SER E 547 5.86 -29.31 20.59
C SER E 547 5.74 -29.87 22.00
N THR E 548 6.41 -30.99 22.20
CA THR E 548 6.12 -31.85 23.33
C THR E 548 6.73 -31.31 24.62
N VAL E 549 6.61 -32.10 25.69
CA VAL E 549 6.93 -31.65 27.04
C VAL E 549 8.39 -31.22 27.17
N PHE E 550 9.29 -31.90 26.46
CA PHE E 550 10.72 -31.62 26.59
C PHE E 550 11.24 -30.67 25.52
N GLN E 551 10.38 -29.84 24.91
CA GLN E 551 10.84 -28.83 23.98
C GLN E 551 10.03 -27.55 24.19
N GLN E 552 9.11 -27.19 23.29
CA GLN E 552 8.28 -25.99 23.47
C GLN E 552 9.03 -24.69 23.13
N ASP E 553 9.93 -24.26 24.03
CA ASP E 553 10.75 -23.05 23.88
C ASP E 553 10.06 -21.72 24.19
N HIS E 554 9.13 -21.25 23.35
CA HIS E 554 8.56 -19.92 23.58
C HIS E 554 7.41 -19.92 24.56
N ASN E 555 7.02 -21.09 25.07
CA ASN E 555 6.08 -21.22 26.16
C ASN E 555 6.87 -21.82 27.31
N GLY E 556 6.21 -22.07 28.44
CA GLY E 556 6.97 -22.61 29.56
C GLY E 556 6.31 -23.73 30.34
N TYR E 557 6.52 -23.71 31.66
CA TYR E 557 6.11 -24.81 32.52
C TYR E 557 4.61 -25.02 32.50
N THR E 558 3.86 -23.94 32.33
CA THR E 558 2.40 -24.01 32.40
C THR E 558 1.81 -24.78 31.23
N HIS E 559 2.59 -25.04 30.20
CA HIS E 559 2.11 -25.71 28.99
C HIS E 559 2.77 -27.07 28.78
N GLN E 560 3.02 -27.79 29.86
CA GLN E 560 3.71 -29.08 29.85
C GLN E 560 2.75 -30.11 30.42
N ASP E 561 2.25 -30.99 29.55
CA ASP E 561 1.34 -32.05 29.95
C ASP E 561 1.33 -33.18 28.93
N PRO E 562 2.13 -34.25 29.14
CA PRO E 562 2.10 -35.40 28.22
C PRO E 562 1.12 -36.48 28.65
N GLY E 563 0.08 -36.08 29.39
CA GLY E 563 -0.86 -37.00 29.99
C GLY E 563 -1.82 -37.69 29.03
N MET E 564 -1.85 -37.29 27.76
CA MET E 564 -2.70 -37.99 26.80
C MET E 564 -2.35 -39.47 26.72
N LEU E 565 -1.07 -39.79 26.88
CA LEU E 565 -0.63 -41.19 26.84
C LEU E 565 -1.35 -42.02 27.89
N THR E 566 -1.48 -41.48 29.11
CA THR E 566 -2.20 -42.20 30.16
C THR E 566 -3.70 -42.25 29.87
N HIS E 567 -4.26 -41.13 29.41
CA HIS E 567 -5.69 -41.05 29.13
C HIS E 567 -6.12 -42.15 28.17
N LEU E 568 -5.39 -42.30 27.06
CA LEU E 568 -5.78 -43.28 26.05
C LEU E 568 -5.37 -44.70 26.42
N ALA E 569 -4.35 -44.87 27.25
CA ALA E 569 -3.95 -46.20 27.68
C ALA E 569 -5.01 -46.87 28.54
N GLU E 570 -5.93 -46.09 29.12
CA GLU E 570 -6.99 -46.65 29.97
C GLU E 570 -8.18 -47.17 29.17
N LYS E 571 -8.28 -46.85 27.89
CA LYS E 571 -9.35 -47.39 27.07
C LYS E 571 -8.98 -48.80 26.60
N LYS E 572 -9.93 -49.46 25.93
CA LYS E 572 -9.68 -50.80 25.40
C LYS E 572 -8.57 -50.75 24.34
N SER E 573 -7.45 -51.45 24.60
CA SER E 573 -6.26 -51.31 23.76
CA SER E 573 -6.27 -51.29 23.75
C SER E 573 -6.49 -51.78 22.33
N ASP E 574 -7.43 -52.70 22.11
CA ASP E 574 -7.64 -53.19 20.76
C ASP E 574 -8.03 -52.08 19.79
N PHE E 575 -8.40 -50.90 20.29
CA PHE E 575 -8.79 -49.77 19.44
C PHE E 575 -7.87 -48.57 19.60
N ILE E 576 -6.77 -48.72 20.33
CA ILE E 576 -5.84 -47.63 20.60
C ILE E 576 -4.44 -48.06 20.16
N ARG E 577 -3.78 -47.22 19.39
CA ARG E 577 -2.39 -47.44 18.99
C ARG E 577 -1.63 -46.16 19.24
N GLN E 578 -0.71 -46.19 20.22
CA GLN E 578 0.11 -45.04 20.56
C GLN E 578 1.56 -45.32 20.17
N TYR E 579 2.15 -44.41 19.41
CA TYR E 579 3.51 -44.59 18.89
C TYR E 579 4.39 -43.42 19.34
N LEU E 580 5.57 -43.74 19.87
CA LEU E 580 6.53 -42.73 20.30
C LEU E 580 7.82 -42.90 19.52
N PRO E 581 7.80 -42.60 18.23
CA PRO E 581 9.02 -42.71 17.42
C PRO E 581 10.12 -41.79 17.94
N ALA E 582 11.35 -42.31 17.94
CA ALA E 582 12.49 -41.56 18.46
C ALA E 582 13.21 -40.74 17.40
N ASP E 583 12.95 -40.96 16.12
CA ASP E 583 13.61 -40.19 15.07
C ASP E 583 12.73 -40.18 13.83
N GLY E 584 13.25 -39.58 12.76
CA GLY E 584 12.43 -39.35 11.57
C GLY E 584 12.09 -40.64 10.84
N ASN E 585 13.06 -41.53 10.68
CA ASN E 585 12.82 -42.78 9.96
C ASN E 585 11.75 -43.60 10.67
N THR E 586 11.80 -43.64 12.00
CA THR E 586 10.77 -44.36 12.74
C THR E 586 9.40 -43.71 12.54
N LEU E 587 9.34 -42.37 12.65
CA LEU E 587 8.08 -41.65 12.45
C LEU E 587 7.47 -41.96 11.10
N LEU E 588 8.30 -41.98 10.05
CA LEU E 588 7.82 -42.35 8.73
C LEU E 588 7.21 -43.75 8.71
N ALA E 589 7.89 -44.70 9.34
CA ALA E 589 7.45 -46.10 9.28
C ALA E 589 6.15 -46.32 10.06
N VAL E 590 5.95 -45.61 11.18
CA VAL E 590 4.72 -45.83 11.94
C VAL E 590 3.53 -45.33 11.14
N PHE E 591 3.68 -44.22 10.42
CA PHE E 591 2.55 -43.69 9.67
C PHE E 591 2.27 -44.54 8.43
N ASP E 592 3.29 -45.18 7.86
CA ASP E 592 3.01 -46.18 6.83
C ASP E 592 2.09 -47.26 7.38
N ARG E 593 2.30 -47.67 8.63
CA ARG E 593 1.43 -48.65 9.28
C ARG E 593 0.12 -48.00 9.74
N ALA E 594 0.20 -46.81 10.34
CA ALA E 594 -0.99 -46.17 10.88
C ALA E 594 -2.04 -45.94 9.80
N PHE E 595 -1.61 -45.47 8.62
CA PHE E 595 -2.52 -45.20 7.52
C PHE E 595 -3.14 -46.45 6.93
N GLN E 596 -2.66 -47.63 7.31
CA GLN E 596 -3.24 -48.89 6.85
C GLN E 596 -4.13 -49.56 7.89
N ASP E 597 -4.14 -49.06 9.12
CA ASP E 597 -4.95 -49.68 10.17
C ASP E 597 -6.41 -49.26 10.05
N ARG E 598 -7.30 -50.08 10.62
CA ARG E 598 -8.74 -49.86 10.58
C ARG E 598 -9.29 -49.79 12.00
N SER E 599 -10.24 -48.88 12.21
CA SER E 599 -10.98 -48.75 13.47
C SER E 599 -10.04 -48.63 14.66
N LYS E 600 -9.10 -47.69 14.56
CA LYS E 600 -8.20 -47.37 15.64
C LYS E 600 -8.22 -45.87 15.87
N ILE E 601 -7.74 -45.47 17.05
CA ILE E 601 -7.20 -44.14 17.25
C ILE E 601 -5.68 -44.29 17.26
N ASN E 602 -5.01 -43.65 16.30
CA ASN E 602 -3.56 -43.64 16.21
C ASN E 602 -3.10 -42.33 16.82
N HIS E 603 -2.41 -42.43 17.96
CA HIS E 603 -1.83 -41.26 18.63
C HIS E 603 -0.32 -41.33 18.47
N ILE E 604 0.26 -40.35 17.78
CA ILE E 604 1.69 -40.31 17.49
C ILE E 604 2.29 -39.12 18.21
N VAL E 605 3.28 -39.38 19.06
CA VAL E 605 4.06 -38.33 19.70
C VAL E 605 5.29 -38.10 18.82
N ALA E 606 5.47 -36.87 18.35
CA ALA E 606 6.48 -36.58 17.34
C ALA E 606 7.28 -35.34 17.69
N SER E 607 8.57 -35.38 17.35
CA SER E 607 9.48 -34.28 17.59
C SER E 607 9.49 -33.34 16.39
N LYS E 608 9.62 -32.04 16.66
CA LYS E 608 9.80 -31.05 15.60
C LYS E 608 11.10 -30.28 15.74
N GLN E 609 11.82 -30.41 16.89
CA GLN E 609 13.07 -29.71 17.09
C GLN E 609 14.21 -30.56 16.52
N PRO E 610 15.31 -29.94 16.09
CA PRO E 610 16.41 -30.72 15.51
C PRO E 610 17.04 -31.62 16.56
N ARG E 611 17.13 -32.92 16.24
CA ARG E 611 17.66 -33.91 17.17
C ARG E 611 18.48 -34.93 16.40
N GLN E 612 19.35 -35.62 17.13
CA GLN E 612 20.16 -36.69 16.53
C GLN E 612 19.26 -37.75 15.94
N GLN E 613 19.66 -38.28 14.79
CA GLN E 613 18.96 -39.39 14.14
C GLN E 613 19.73 -40.68 14.41
N TRP E 614 18.99 -41.78 14.59
CA TRP E 614 19.56 -43.00 15.18
C TRP E 614 19.43 -44.22 14.29
N PHE E 615 18.27 -44.47 13.71
CA PHE E 615 17.96 -45.77 13.15
C PHE E 615 17.93 -45.73 11.62
N THR E 616 18.51 -46.74 10.99
CA THR E 616 18.41 -46.93 9.55
C THR E 616 16.98 -47.28 9.14
N LYS E 617 16.72 -47.21 7.84
CA LYS E 617 15.38 -47.50 7.35
C LYS E 617 15.00 -48.97 7.55
N GLU E 618 15.97 -49.87 7.74
CA GLU E 618 15.65 -51.24 8.11
C GLU E 618 15.21 -51.32 9.57
N GLU E 619 15.96 -50.70 10.47
CA GLU E 619 15.58 -50.71 11.88
C GLU E 619 14.25 -50.01 12.09
N ALA E 620 14.01 -48.92 11.38
CA ALA E 620 12.75 -48.19 11.51
C ALA E 620 11.57 -49.07 11.11
N GLU E 621 11.70 -49.82 10.02
CA GLU E 621 10.63 -50.71 9.60
C GLU E 621 10.31 -51.73 10.69
N LYS E 622 11.35 -52.32 11.28
CA LYS E 622 11.14 -53.31 12.32
C LYS E 622 10.54 -52.68 13.57
N LEU E 623 11.00 -51.48 13.94
CA LEU E 623 10.47 -50.83 15.13
C LEU E 623 9.00 -50.49 14.95
N ALA E 624 8.60 -50.11 13.73
CA ALA E 624 7.20 -49.78 13.47
C ALA E 624 6.33 -51.02 13.34
N THR E 625 6.89 -52.11 12.81
CA THR E 625 6.13 -53.35 12.66
C THR E 625 5.97 -54.09 13.98
N ASP E 626 7.07 -54.36 14.67
CA ASP E 626 7.02 -55.06 15.95
C ASP E 626 6.74 -54.12 17.12
N GLY E 627 6.99 -52.81 16.96
CA GLY E 627 6.78 -51.85 18.01
C GLY E 627 7.84 -51.82 19.08
N ILE E 628 8.82 -52.72 19.03
CA ILE E 628 9.85 -52.84 20.05
C ILE E 628 10.95 -53.73 19.51
N ALA E 629 12.19 -53.49 19.94
CA ALA E 629 13.30 -54.29 19.45
C ALA E 629 14.54 -54.00 20.29
N THR E 630 15.35 -55.04 20.51
CA THR E 630 16.67 -54.86 21.07
C THR E 630 17.61 -54.34 19.98
N ILE E 631 18.38 -53.32 20.31
CA ILE E 631 19.29 -52.67 19.37
C ILE E 631 20.68 -53.23 19.64
N ASP E 632 21.21 -53.99 18.67
CA ASP E 632 22.47 -54.69 18.92
C ASP E 632 23.62 -53.71 19.12
N TRP E 633 23.70 -52.67 18.29
CA TRP E 633 24.82 -51.74 18.38
C TRP E 633 24.76 -50.88 19.63
N ALA E 634 23.66 -50.93 20.37
CA ALA E 634 23.56 -50.27 21.68
C ALA E 634 23.50 -51.29 22.82
N SER E 635 23.81 -52.55 22.54
CA SER E 635 23.68 -53.61 23.53
C SER E 635 24.99 -54.39 23.63
N THR E 636 25.34 -54.77 24.85
CA THR E 636 26.45 -55.69 25.12
C THR E 636 25.95 -57.12 25.35
N ALA E 637 24.70 -57.40 25.02
CA ALA E 637 24.10 -58.71 25.27
C ALA E 637 22.90 -58.91 24.34
N LYS E 638 22.60 -60.17 24.04
CA LYS E 638 21.58 -60.52 23.07
C LYS E 638 20.23 -60.75 23.76
N ASP E 639 19.20 -61.02 22.96
CA ASP E 639 17.86 -61.27 23.47
C ASP E 639 17.81 -62.60 24.23
N GLY E 640 17.14 -62.59 25.38
CA GLY E 640 16.96 -63.80 26.16
C GLY E 640 18.20 -64.28 26.91
N GLU E 641 19.24 -63.45 26.97
CA GLU E 641 20.49 -63.80 27.64
C GLU E 641 20.54 -63.11 29.00
N ALA E 642 21.36 -63.68 29.88
CA ALA E 642 21.52 -63.07 31.19
C ALA E 642 22.14 -61.68 31.04
N VAL E 643 21.63 -60.75 31.84
CA VAL E 643 22.07 -59.36 31.85
C VAL E 643 22.12 -58.90 33.29
N ASP E 644 22.95 -57.89 33.55
CA ASP E 644 22.96 -57.24 34.84
C ASP E 644 21.85 -56.19 34.93
N LEU E 645 21.46 -55.60 33.80
CA LEU E 645 20.35 -54.66 33.76
C LEU E 645 19.92 -54.48 32.30
N VAL E 646 18.81 -53.76 32.12
CA VAL E 646 18.28 -53.43 30.81
C VAL E 646 18.04 -51.93 30.74
N PHE E 647 18.44 -51.33 29.63
CA PHE E 647 18.10 -49.95 29.31
C PHE E 647 16.97 -49.97 28.28
N ALA E 648 15.99 -49.09 28.47
CA ALA E 648 14.89 -49.00 27.53
C ALA E 648 14.37 -47.56 27.53
N SER E 649 13.73 -47.18 26.43
CA SER E 649 13.23 -45.83 26.33
C SER E 649 12.12 -45.76 25.29
N ALA E 650 11.26 -44.77 25.46
CA ALA E 650 10.19 -44.48 24.50
C ALA E 650 10.13 -42.96 24.34
N GLY E 651 10.40 -42.49 23.13
CA GLY E 651 10.42 -41.06 22.86
C GLY E 651 11.77 -40.59 22.38
N ALA E 652 11.81 -39.39 21.80
CA ALA E 652 13.05 -38.86 21.24
C ALA E 652 14.03 -38.44 22.35
N GLU E 653 13.65 -37.46 23.17
CA GLU E 653 14.53 -37.02 24.24
C GLU E 653 14.89 -38.14 25.20
N PRO E 654 13.94 -38.96 25.69
CA PRO E 654 14.34 -40.06 26.59
C PRO E 654 15.32 -41.02 25.96
N THR E 655 15.15 -41.34 24.67
CA THR E 655 16.09 -42.24 24.01
C THR E 655 17.48 -41.63 23.94
N ILE E 656 17.58 -40.33 23.66
CA ILE E 656 18.89 -39.68 23.63
C ILE E 656 19.57 -39.82 24.98
N GLU E 657 18.83 -39.57 26.06
CA GLU E 657 19.43 -39.56 27.39
C GLU E 657 19.72 -40.98 27.87
N THR E 658 18.87 -41.94 27.53
CA THR E 658 19.13 -43.33 27.90
C THR E 658 20.32 -43.90 27.13
N LEU E 659 20.38 -43.64 25.82
CA LEU E 659 21.51 -44.10 25.03
C LEU E 659 22.81 -43.45 25.51
N ALA E 660 22.77 -42.15 25.79
CA ALA E 660 23.95 -41.49 26.32
C ALA E 660 24.30 -42.03 27.70
N ALA E 661 23.28 -42.43 28.46
CA ALA E 661 23.51 -42.96 29.81
C ALA E 661 24.28 -44.29 29.75
N LEU E 662 23.81 -45.23 28.93
CA LEU E 662 24.48 -46.52 28.83
C LEU E 662 25.87 -46.38 28.21
N HIS E 663 26.07 -45.39 27.36
CA HIS E 663 27.41 -45.16 26.80
C HIS E 663 28.38 -44.75 27.90
N LEU E 664 27.93 -43.90 28.83
CA LEU E 664 28.79 -43.48 29.93
C LEU E 664 29.13 -44.65 30.84
N VAL E 665 28.16 -45.51 31.12
CA VAL E 665 28.39 -46.66 31.99
C VAL E 665 29.36 -47.64 31.32
N ASN E 666 29.09 -47.97 30.05
CA ASN E 666 29.84 -49.00 29.37
C ASN E 666 31.32 -48.67 29.20
N GLU E 667 31.66 -47.40 28.96
CA GLU E 667 33.05 -47.06 28.72
C GLU E 667 33.92 -47.28 29.96
N VAL E 668 33.37 -47.09 31.16
CA VAL E 668 34.15 -47.30 32.37
C VAL E 668 34.03 -48.72 32.88
N PHE E 669 32.98 -49.44 32.50
CA PHE E 669 32.76 -50.82 32.96
C PHE E 669 32.19 -51.63 31.80
N PRO E 670 33.02 -51.95 30.81
CA PRO E 670 32.52 -52.72 29.65
C PRO E 670 32.09 -54.13 30.00
N GLN E 671 32.49 -54.64 31.16
CA GLN E 671 32.09 -55.97 31.59
CA GLN E 671 32.08 -55.98 31.55
C GLN E 671 30.59 -56.06 31.84
N ALA E 672 29.93 -54.93 32.05
CA ALA E 672 28.50 -54.92 32.33
C ALA E 672 27.72 -55.42 31.14
N LYS E 673 26.84 -56.40 31.38
CA LYS E 673 26.01 -56.96 30.33
C LYS E 673 24.65 -56.29 30.38
N PHE E 674 24.21 -55.75 29.25
CA PHE E 674 22.89 -55.12 29.20
C PHE E 674 22.39 -55.15 27.77
N ARG E 675 21.07 -55.06 27.63
CA ARG E 675 20.40 -54.81 26.37
C ARG E 675 19.85 -53.40 26.36
N TYR E 676 19.80 -52.79 25.17
CA TYR E 676 19.01 -51.59 24.96
C TYR E 676 17.78 -51.97 24.17
N VAL E 677 16.62 -51.52 24.64
CA VAL E 677 15.34 -51.82 24.01
C VAL E 677 14.67 -50.49 23.69
N ASN E 678 14.43 -50.24 22.40
CA ASN E 678 13.69 -49.07 21.98
C ASN E 678 12.21 -49.43 21.93
N VAL E 679 11.38 -48.64 22.60
CA VAL E 679 9.95 -48.89 22.71
C VAL E 679 9.23 -47.82 21.91
N VAL E 680 8.47 -48.25 20.90
CA VAL E 680 7.67 -47.36 20.07
C VAL E 680 6.17 -47.56 20.33
N GLU E 681 5.69 -48.80 20.18
CA GLU E 681 4.28 -49.13 20.42
C GLU E 681 4.13 -49.47 21.89
N LEU E 682 3.89 -48.45 22.72
CA LEU E 682 3.93 -48.62 24.17
C LEU E 682 2.88 -49.63 24.63
N GLY E 683 1.73 -49.68 23.96
CA GLY E 683 0.65 -50.54 24.39
C GLY E 683 1.00 -52.01 24.46
N ARG E 684 2.03 -52.45 23.72
CA ARG E 684 2.37 -53.86 23.72
C ARG E 684 2.84 -54.35 25.09
N LEU E 685 3.35 -53.43 25.92
CA LEU E 685 3.87 -53.83 27.22
C LEU E 685 2.79 -54.02 28.27
N GLN E 686 1.57 -53.52 28.03
CA GLN E 686 0.52 -53.62 29.03
C GLN E 686 0.03 -55.06 29.12
N LYS E 687 -0.60 -55.37 30.25
CA LYS E 687 -1.21 -56.67 30.43
C LYS E 687 -2.45 -56.40 31.29
N LYS E 688 -3.48 -55.81 30.68
CA LYS E 688 -4.64 -55.31 31.40
C LYS E 688 -5.66 -56.39 31.69
N LYS E 689 -6.43 -56.19 32.75
CA LYS E 689 -7.61 -57.00 33.01
C LYS E 689 -8.78 -56.49 32.17
N GLY E 690 -9.65 -57.41 31.80
CA GLY E 690 -10.74 -57.07 30.91
C GLY E 690 -10.42 -57.49 29.48
N ALA E 691 -11.46 -57.81 28.74
CA ALA E 691 -11.30 -58.25 27.36
C ALA E 691 -11.06 -57.04 26.45
N LEU E 692 -10.80 -57.34 25.18
CA LEU E 692 -10.53 -56.32 24.16
C LEU E 692 -9.28 -55.53 24.47
N ASN E 693 -8.30 -56.18 25.11
CA ASN E 693 -7.01 -55.56 25.38
C ASN E 693 -5.81 -56.39 24.96
N GLN E 694 -6.02 -57.58 24.40
CA GLN E 694 -4.96 -58.57 24.28
C GLN E 694 -4.41 -58.69 22.87
N GLU E 695 -4.96 -57.95 21.91
CA GLU E 695 -4.61 -58.17 20.51
C GLU E 695 -3.12 -57.92 20.27
N ARG E 696 -2.56 -56.88 20.89
CA ARG E 696 -1.16 -56.52 20.67
C ARG E 696 -0.29 -56.68 21.90
N GLU E 697 -0.82 -57.22 22.99
CA GLU E 697 -0.02 -57.39 24.20
C GLU E 697 1.01 -58.50 24.01
N LEU E 698 2.24 -58.24 24.45
CA LEU E 698 3.29 -59.24 24.35
C LEU E 698 2.98 -60.43 25.25
N SER E 699 3.36 -61.62 24.80
CA SER E 699 3.32 -62.80 25.66
C SER E 699 4.36 -62.66 26.77
N ASP E 700 4.20 -63.48 27.81
CA ASP E 700 5.18 -63.48 28.89
C ASP E 700 6.59 -63.80 28.39
N GLU E 701 6.71 -64.71 27.41
CA GLU E 701 8.02 -65.02 26.87
C GLU E 701 8.61 -63.81 26.15
N GLU E 702 7.79 -63.15 25.31
CA GLU E 702 8.29 -62.00 24.55
C GLU E 702 8.69 -60.87 25.48
N PHE E 703 7.89 -60.61 26.50
CA PHE E 703 8.24 -59.56 27.45
C PHE E 703 9.52 -59.91 28.19
N GLU E 704 9.65 -61.17 28.61
CA GLU E 704 10.84 -61.57 29.35
C GLU E 704 12.06 -61.51 28.44
N LYS E 705 11.87 -61.77 27.14
CA LYS E 705 12.97 -61.73 26.19
C LYS E 705 13.66 -60.36 26.19
N TYR E 706 12.89 -59.28 26.33
CA TYR E 706 13.44 -57.93 26.30
C TYR E 706 13.91 -57.47 27.67
N PHE E 707 13.08 -57.64 28.70
CA PHE E 707 13.35 -57.04 30.00
C PHE E 707 13.84 -58.05 31.03
N GLY E 708 13.98 -59.32 30.64
CA GLY E 708 14.44 -60.35 31.55
C GLY E 708 13.38 -60.71 32.57
N PRO E 709 13.73 -61.60 33.49
CA PRO E 709 12.78 -62.03 34.53
C PRO E 709 12.62 -60.96 35.61
N SER E 710 11.61 -61.17 36.45
CA SER E 710 11.37 -60.27 37.57
C SER E 710 12.63 -60.14 38.41
N GLY E 711 12.92 -58.91 38.84
CA GLY E 711 14.13 -58.59 39.54
C GLY E 711 15.20 -57.95 38.68
N THR E 712 15.11 -58.11 37.37
CA THR E 712 16.09 -57.49 36.47
C THR E 712 15.90 -55.97 36.50
N PRO E 713 16.92 -55.20 36.89
CA PRO E 713 16.78 -53.74 36.84
C PRO E 713 16.54 -53.25 35.42
N VAL E 714 15.64 -52.27 35.29
CA VAL E 714 15.30 -51.68 34.00
C VAL E 714 15.34 -50.17 34.15
N ILE E 715 16.37 -49.55 33.59
CA ILE E 715 16.43 -48.10 33.47
C ILE E 715 15.52 -47.72 32.30
N PHE E 716 14.37 -47.12 32.60
CA PHE E 716 13.34 -46.85 31.60
C PHE E 716 13.15 -45.35 31.46
N GLY E 717 13.57 -44.80 30.31
CA GLY E 717 13.34 -43.40 30.00
C GLY E 717 12.03 -43.22 29.25
N PHE E 718 11.14 -42.38 29.77
CA PHE E 718 9.79 -42.29 29.24
C PHE E 718 9.42 -40.85 28.92
N HIS E 719 8.62 -40.69 27.87
CA HIS E 719 8.20 -39.36 27.43
C HIS E 719 7.17 -38.76 28.39
N GLY E 720 6.25 -39.58 28.89
CA GLY E 720 5.13 -39.11 29.69
C GLY E 720 5.30 -39.36 31.18
N TYR E 721 4.17 -39.39 31.89
CA TYR E 721 4.18 -39.57 33.33
C TYR E 721 4.58 -41.00 33.70
N GLU E 722 5.16 -41.14 34.89
CA GLU E 722 5.77 -42.40 35.29
C GLU E 722 4.74 -43.44 35.73
N ASP E 723 3.57 -43.00 36.20
CA ASP E 723 2.57 -43.96 36.69
C ASP E 723 2.15 -44.93 35.60
N LEU E 724 2.24 -44.54 34.34
CA LEU E 724 1.87 -45.44 33.25
C LEU E 724 2.87 -46.58 33.13
N ILE E 725 4.17 -46.30 33.27
CA ILE E 725 5.17 -47.35 33.20
C ILE E 725 5.11 -48.20 34.47
N GLU E 726 4.86 -47.57 35.60
CA GLU E 726 4.75 -48.31 36.86
C GLU E 726 3.56 -49.28 36.81
N SER E 727 2.44 -48.85 36.23
CA SER E 727 1.30 -49.74 36.08
C SER E 727 1.64 -50.91 35.15
N ILE E 728 2.37 -50.64 34.07
CA ILE E 728 2.76 -51.69 33.13
C ILE E 728 3.58 -52.76 33.83
N PHE E 729 4.59 -52.35 34.59
CA PHE E 729 5.48 -53.32 35.21
C PHE E 729 4.83 -54.02 36.39
N TYR E 730 3.80 -53.42 37.00
CA TYR E 730 3.04 -54.17 37.98
C TYR E 730 2.17 -55.22 37.31
N GLN E 731 1.54 -54.87 36.20
CA GLN E 731 0.76 -55.85 35.44
C GLN E 731 1.62 -57.05 35.03
N ARG E 732 2.92 -56.83 34.81
CA ARG E 732 3.85 -57.87 34.43
C ARG E 732 4.54 -58.53 35.62
N GLY E 733 4.27 -58.08 36.84
CA GLY E 733 4.91 -58.64 38.01
C GLY E 733 6.42 -58.60 37.95
N HIS E 734 6.98 -57.49 37.48
CA HIS E 734 8.43 -57.36 37.26
C HIS E 734 9.00 -56.35 38.26
N ASP E 735 9.72 -56.85 39.25
CA ASP E 735 10.41 -55.96 40.18
C ASP E 735 11.64 -55.35 39.52
N GLY E 736 12.01 -54.16 39.98
CA GLY E 736 13.26 -53.55 39.58
C GLY E 736 13.16 -52.41 38.59
N LEU E 737 11.95 -51.96 38.26
CA LEU E 737 11.81 -50.87 37.31
C LEU E 737 12.41 -49.60 37.91
N ILE E 738 13.23 -48.90 37.13
CA ILE E 738 13.76 -47.61 37.54
C ILE E 738 13.34 -46.63 36.45
N VAL E 739 12.13 -46.07 36.60
CA VAL E 739 11.53 -45.26 35.55
C VAL E 739 12.08 -43.85 35.63
N HIS E 740 12.26 -43.23 34.46
CA HIS E 740 12.70 -41.84 34.34
C HIS E 740 11.81 -41.16 33.31
N GLY E 741 10.73 -40.54 33.80
CA GLY E 741 9.81 -39.84 32.93
C GLY E 741 9.63 -38.40 33.35
N TYR E 742 8.62 -37.74 32.78
CA TYR E 742 8.32 -36.37 33.16
C TYR E 742 7.74 -36.34 34.58
N ARG E 743 8.23 -35.42 35.41
CA ARG E 743 7.85 -35.39 36.82
C ARG E 743 7.19 -34.07 37.21
N GLU E 744 6.44 -33.45 36.29
CA GLU E 744 5.72 -32.22 36.59
C GLU E 744 6.66 -31.16 37.15
N ASP E 745 7.84 -31.06 36.54
CA ASP E 745 8.84 -30.07 36.89
C ASP E 745 9.39 -29.48 35.60
N GLY E 746 9.52 -28.16 35.56
CA GLY E 746 9.96 -27.52 34.34
C GLY E 746 9.88 -26.02 34.49
N ASP E 747 10.36 -25.35 33.45
CA ASP E 747 10.42 -23.89 33.42
C ASP E 747 10.84 -23.49 32.01
N ILE E 748 10.85 -22.18 31.77
CA ILE E 748 11.56 -21.66 30.60
C ILE E 748 13.04 -21.75 30.92
N THR E 749 13.78 -22.56 30.17
CA THR E 749 15.18 -22.82 30.48
C THR E 749 15.86 -23.37 29.24
N THR E 750 17.06 -23.92 29.42
CA THR E 750 17.84 -24.45 28.31
C THR E 750 17.27 -25.77 27.83
N THR E 751 17.72 -26.17 26.63
CA THR E 751 17.23 -27.40 26.00
C THR E 751 17.40 -28.59 26.94
N TYR E 752 18.59 -28.77 27.47
CA TYR E 752 18.90 -29.93 28.29
C TYR E 752 18.50 -29.76 29.74
N ASP E 753 18.31 -28.52 30.21
CA ASP E 753 17.83 -28.34 31.57
C ASP E 753 16.39 -28.79 31.71
N MET E 754 15.61 -28.71 30.63
CA MET E 754 14.26 -29.27 30.67
C MET E 754 14.30 -30.77 30.97
N ARG E 755 15.37 -31.45 30.59
CA ARG E 755 15.48 -32.88 30.88
C ARG E 755 16.01 -33.12 32.29
N VAL E 756 16.87 -32.23 32.78
CA VAL E 756 17.39 -32.36 34.14
C VAL E 756 16.31 -32.08 35.17
N TYR E 757 15.33 -31.21 34.84
CA TYR E 757 14.28 -30.88 35.79
C TYR E 757 13.56 -32.13 36.28
N SER E 758 13.31 -33.09 35.40
CA SER E 758 12.67 -34.34 35.78
C SER E 758 13.68 -35.45 36.07
N GLU E 759 14.97 -35.12 36.05
CA GLU E 759 16.03 -36.12 36.23
C GLU E 759 16.00 -37.18 35.14
N LEU E 760 15.52 -36.80 33.95
CA LEU E 760 15.57 -37.66 32.79
C LEU E 760 16.96 -37.71 32.16
N ASP E 761 17.84 -36.77 32.52
CA ASP E 761 19.09 -36.63 31.80
C ASP E 761 19.95 -37.89 31.93
N ARG E 762 20.93 -37.98 31.03
CA ARG E 762 21.84 -39.12 31.01
C ARG E 762 22.56 -39.30 32.33
N PHE E 763 22.88 -38.21 33.02
CA PHE E 763 23.73 -38.30 34.20
C PHE E 763 22.95 -38.89 35.39
N HIS E 764 21.69 -38.47 35.57
CA HIS E 764 20.87 -39.07 36.61
C HIS E 764 20.60 -40.54 36.29
N GLN E 765 20.39 -40.86 35.02
CA GLN E 765 20.18 -42.25 34.63
C GLN E 765 21.43 -43.08 34.89
N ALA E 766 22.61 -42.54 34.58
CA ALA E 766 23.86 -43.27 34.79
C ALA E 766 24.10 -43.55 36.26
N ILE E 767 23.78 -42.59 37.14
CA ILE E 767 23.94 -42.80 38.58
C ILE E 767 23.10 -43.98 39.03
N ASP E 768 21.81 -44.00 38.66
CA ASP E 768 20.93 -45.09 39.05
C ASP E 768 21.44 -46.42 38.50
N ALA E 769 22.00 -46.40 37.29
CA ALA E 769 22.52 -47.63 36.69
C ALA E 769 23.72 -48.16 37.46
N MET E 770 24.67 -47.28 37.81
CA MET E 770 25.85 -47.74 38.55
C MET E 770 25.49 -48.11 39.98
N GLN E 771 24.59 -47.35 40.61
CA GLN E 771 24.19 -47.66 41.98
C GLN E 771 23.54 -49.02 42.07
N VAL E 772 22.71 -49.38 41.08
CA VAL E 772 22.05 -50.67 41.15
C VAL E 772 23.03 -51.80 40.85
N LEU E 773 23.99 -51.58 39.94
CA LEU E 773 25.02 -52.58 39.71
C LEU E 773 25.84 -52.84 40.96
N TYR E 774 26.18 -51.79 41.71
CA TYR E 774 26.97 -51.97 42.93
C TYR E 774 26.24 -52.79 43.97
N VAL E 775 25.03 -52.39 44.33
CA VAL E 775 24.29 -53.13 45.36
C VAL E 775 24.06 -54.56 44.90
N ASN E 776 23.95 -54.79 43.59
CA ASN E 776 23.84 -56.15 43.08
C ASN E 776 25.19 -56.86 43.05
N ARG E 777 26.22 -56.28 43.67
CA ARG E 777 27.55 -56.88 43.77
C ARG E 777 28.08 -57.30 42.41
N LYS E 778 27.94 -56.42 41.42
CA LYS E 778 28.52 -56.67 40.11
C LYS E 778 29.60 -55.64 39.77
N VAL E 779 30.01 -54.83 40.74
CA VAL E 779 31.10 -53.86 40.56
C VAL E 779 31.61 -53.48 41.93
N ASN E 780 32.93 -53.38 42.05
CA ASN E 780 33.55 -52.96 43.31
C ASN E 780 33.23 -51.51 43.62
N GLN E 781 33.17 -51.22 44.91
CA GLN E 781 32.78 -49.90 45.40
C GLN E 781 33.73 -48.81 44.92
N GLY E 782 35.03 -49.12 44.80
CA GLY E 782 35.98 -48.08 44.46
C GLY E 782 35.68 -47.39 43.15
N LEU E 783 35.45 -48.16 42.08
CA LEU E 783 35.11 -47.54 40.80
C LEU E 783 33.72 -46.94 40.84
N ALA E 784 32.76 -47.71 41.36
CA ALA E 784 31.37 -47.25 41.37
C ALA E 784 31.28 -45.88 42.00
N LYS E 785 31.91 -45.69 43.15
CA LYS E 785 31.91 -44.37 43.77
C LYS E 785 32.69 -43.36 42.93
N ALA E 786 33.83 -43.77 42.36
CA ALA E 786 34.57 -42.85 41.51
C ALA E 786 33.72 -42.41 40.33
N PHE E 787 32.99 -43.34 39.72
CA PHE E 787 32.12 -43.01 38.60
C PHE E 787 30.95 -42.13 39.02
N ILE E 788 30.22 -42.55 40.06
CA ILE E 788 29.05 -41.81 40.51
C ILE E 788 29.45 -40.40 40.94
N ASP E 789 30.55 -40.28 41.69
CA ASP E 789 31.05 -38.97 42.08
C ASP E 789 31.34 -38.11 40.86
N ARG E 790 31.84 -38.73 39.79
CA ARG E 790 32.15 -37.99 38.57
C ARG E 790 30.86 -37.45 37.96
N MET E 791 29.81 -38.28 37.91
CA MET E 791 28.51 -37.84 37.43
C MET E 791 27.94 -36.71 38.27
N LYS E 792 28.02 -36.82 39.60
CA LYS E 792 27.46 -35.75 40.43
C LYS E 792 28.21 -34.45 40.19
N ARG E 793 29.55 -34.52 40.08
CA ARG E 793 30.32 -33.32 39.79
C ARG E 793 29.86 -32.69 38.49
N THR E 794 29.52 -33.51 37.50
CA THR E 794 29.05 -33.00 36.22
C THR E 794 27.69 -32.30 36.37
N LEU E 795 26.83 -32.82 37.24
CA LEU E 795 25.54 -32.16 37.47
C LEU E 795 25.72 -30.86 38.24
N VAL E 796 26.62 -30.85 39.23
CA VAL E 796 26.96 -29.59 39.89
C VAL E 796 27.44 -28.59 38.85
N LYS E 797 28.26 -29.05 37.91
CA LYS E 797 28.74 -28.20 36.84
C LYS E 797 27.59 -27.74 35.94
N HIS E 798 26.63 -28.64 35.67
CA HIS E 798 25.45 -28.25 34.90
C HIS E 798 24.70 -27.11 35.57
N PHE E 799 24.46 -27.23 36.87
CA PHE E 799 23.65 -26.23 37.57
C PHE E 799 24.33 -24.88 37.63
N GLU E 800 25.66 -24.85 37.60
CA GLU E 800 26.36 -23.57 37.70
C GLU E 800 26.33 -22.80 36.38
N VAL E 801 26.56 -23.49 35.26
CA VAL E 801 26.63 -22.80 33.97
C VAL E 801 25.26 -22.29 33.55
N THR E 802 24.22 -23.10 33.75
CA THR E 802 22.88 -22.73 33.30
C THR E 802 22.32 -21.54 34.06
N ARG E 803 22.51 -21.49 35.38
CA ARG E 803 21.93 -20.38 36.14
C ARG E 803 22.74 -19.10 36.02
N ASN E 804 24.06 -19.17 35.85
CA ASN E 804 24.87 -17.96 35.81
C ASN E 804 25.05 -17.43 34.38
N GLU E 805 25.01 -18.32 33.39
CA GLU E 805 25.22 -17.94 32.00
C GLU E 805 24.04 -18.21 31.09
N GLY E 806 23.17 -19.17 31.41
CA GLY E 806 22.02 -19.44 30.57
C GLY E 806 22.29 -20.32 29.37
N VAL E 807 23.32 -21.17 29.41
CA VAL E 807 23.64 -22.09 28.33
C VAL E 807 24.01 -23.46 28.93
N ASP E 808 24.11 -24.45 28.07
CA ASP E 808 24.37 -25.82 28.48
C ASP E 808 25.87 -26.14 28.44
N ILE E 809 26.24 -27.18 29.18
CA ILE E 809 27.63 -27.62 29.25
C ILE E 809 27.93 -28.45 28.01
N PRO E 810 29.17 -28.49 27.52
CA PRO E 810 29.45 -29.28 26.32
C PRO E 810 29.24 -30.77 26.55
N ASP E 811 29.25 -31.21 27.80
CA ASP E 811 28.97 -32.61 28.09
C ASP E 811 27.65 -33.02 27.49
N PHE E 812 26.70 -32.08 27.38
CA PHE E 812 25.46 -32.27 26.66
C PHE E 812 25.62 -31.87 25.19
N THR E 813 26.11 -30.66 24.94
CA THR E 813 25.95 -30.02 23.64
C THR E 813 26.77 -30.70 22.55
N GLU E 814 27.97 -31.17 22.90
CA GLU E 814 28.93 -31.65 21.92
C GLU E 814 28.97 -33.18 21.83
N TRP E 815 28.09 -33.86 22.56
CA TRP E 815 28.12 -35.32 22.59
C TRP E 815 27.60 -35.90 21.28
N VAL E 816 28.30 -36.92 20.78
CA VAL E 816 27.91 -37.66 19.60
C VAL E 816 28.06 -39.14 19.91
N TRP E 817 27.25 -39.96 19.25
CA TRP E 817 27.31 -41.40 19.48
C TRP E 817 28.60 -41.98 18.90
N SER E 818 29.18 -42.92 19.63
CA SER E 818 30.33 -43.68 19.17
C SER E 818 30.17 -45.13 19.62
N ASP E 819 30.96 -46.01 19.01
CA ASP E 819 30.86 -47.44 19.29
C ASP E 819 31.08 -47.73 20.77
N LEU E 820 30.37 -48.74 21.25
CA LEU E 820 30.59 -49.29 22.59
C LEU E 820 31.88 -50.11 22.61
N LYS E 821 32.37 -50.37 23.81
CA LYS E 821 33.51 -51.25 24.01
C LYS E 821 33.13 -52.73 23.92
N GLU F 3 -9.78 17.90 30.95
CA GLU F 3 -8.45 17.54 31.45
C GLU F 3 -7.99 16.26 30.78
N TYR F 4 -8.80 15.21 30.90
CA TYR F 4 -8.46 13.89 30.36
C TYR F 4 -8.82 13.73 28.89
N ASN F 5 -9.39 14.76 28.26
CA ASN F 5 -9.75 14.71 26.85
C ASN F 5 -9.01 15.75 26.02
N SER F 6 -8.13 16.52 26.65
CA SER F 6 -7.39 17.58 25.96
C SER F 6 -6.28 17.01 25.08
N GLU F 7 -5.86 17.82 24.10
CA GLU F 7 -4.76 17.42 23.24
C GLU F 7 -3.46 17.24 24.01
N ALA F 8 -3.18 18.12 24.97
CA ALA F 8 -1.95 18.00 25.75
C ALA F 8 -1.91 16.68 26.52
N TYR F 9 -3.02 16.31 27.16
CA TYR F 9 -3.06 15.09 27.95
C TYR F 9 -2.91 13.84 27.08
N LEU F 10 -3.54 13.82 25.92
CA LEU F 10 -3.46 12.65 25.05
C LEU F 10 -2.05 12.48 24.48
N LYS F 11 -1.30 13.57 24.33
CA LYS F 11 0.09 13.43 23.91
C LYS F 11 0.95 12.84 25.03
N LYS F 12 0.65 13.17 26.28
CA LYS F 12 1.34 12.51 27.38
C LYS F 12 1.01 11.03 27.43
N LEU F 13 -0.26 10.68 27.22
CA LEU F 13 -0.63 9.28 27.16
C LEU F 13 0.14 8.58 26.05
N ASP F 14 0.27 9.26 24.89
CA ASP F 14 0.99 8.68 23.77
C ASP F 14 2.45 8.41 24.13
N LYS F 15 3.07 9.33 24.88
CA LYS F 15 4.45 9.13 25.34
C LYS F 15 4.55 7.96 26.30
N TRP F 16 3.64 7.91 27.28
CA TRP F 16 3.63 6.78 28.21
C TRP F 16 3.45 5.47 27.46
N TRP F 17 2.58 5.48 26.44
CA TRP F 17 2.38 4.29 25.62
C TRP F 17 3.68 3.88 24.94
N ARG F 18 4.33 4.84 24.27
CA ARG F 18 5.59 4.56 23.58
C ARG F 18 6.70 4.18 24.55
N ALA F 19 6.69 4.75 25.75
CA ALA F 19 7.66 4.37 26.76
C ALA F 19 7.52 2.91 27.15
N ALA F 20 6.28 2.45 27.35
CA ALA F 20 6.05 1.05 27.71
C ALA F 20 6.34 0.13 26.54
N THR F 21 5.95 0.52 25.32
CA THR F 21 6.19 -0.33 24.16
C THR F 21 7.69 -0.42 23.86
N TYR F 22 8.41 0.69 24.06
CA TYR F 22 9.85 0.69 23.83
C TYR F 22 10.54 -0.39 24.65
N LEU F 23 10.21 -0.47 25.93
CA LEU F 23 10.83 -1.46 26.80
C LEU F 23 10.39 -2.87 26.44
N GLY F 24 9.11 -3.05 26.11
CA GLY F 24 8.63 -4.37 25.74
C GLY F 24 9.29 -4.93 24.50
N ALA F 25 9.58 -4.06 23.53
CA ALA F 25 10.28 -4.51 22.32
C ALA F 25 11.75 -4.73 22.59
N GLY F 26 12.36 -3.82 23.36
CA GLY F 26 13.79 -3.90 23.59
C GLY F 26 14.20 -5.15 24.35
N MET F 27 13.39 -5.54 25.34
CA MET F 27 13.78 -6.70 26.16
C MET F 27 13.69 -8.01 25.41
N ILE F 28 13.11 -8.03 24.21
CA ILE F 28 13.15 -9.24 23.39
C ILE F 28 14.59 -9.54 22.97
N PHE F 29 15.35 -8.50 22.65
CA PHE F 29 16.66 -8.64 22.03
C PHE F 29 17.83 -8.29 22.95
N LEU F 30 17.67 -7.34 23.85
CA LEU F 30 18.77 -6.83 24.67
C LEU F 30 18.69 -7.43 26.07
N LYS F 31 19.86 -7.78 26.62
CA LYS F 31 19.99 -8.15 28.01
C LYS F 31 20.73 -7.10 28.82
N GLU F 32 21.16 -6.02 28.20
CA GLU F 32 21.78 -4.90 28.88
C GLU F 32 21.75 -3.71 27.92
N ASN F 33 22.21 -2.56 28.40
CA ASN F 33 22.27 -1.35 27.60
C ASN F 33 20.87 -1.02 27.07
N PRO F 34 19.86 -0.93 27.95
CA PRO F 34 18.49 -0.76 27.44
C PRO F 34 18.22 0.62 26.85
N LEU F 35 18.97 1.64 27.26
CA LEU F 35 18.79 2.99 26.71
C LEU F 35 20.02 3.45 25.93
N PHE F 36 20.44 2.64 24.96
CA PHE F 36 21.68 2.90 24.24
C PHE F 36 21.70 4.29 23.60
N SER F 37 20.57 4.72 23.02
CA SER F 37 20.55 6.01 22.34
C SER F 37 20.47 7.18 23.30
N VAL F 38 20.02 6.94 24.54
CA VAL F 38 19.93 8.01 25.53
C VAL F 38 21.23 8.19 26.30
N THR F 39 21.89 7.08 26.64
CA THR F 39 23.14 7.10 27.41
C THR F 39 24.39 7.23 26.54
N GLY F 40 24.23 7.35 25.22
CA GLY F 40 25.38 7.49 24.34
C GLY F 40 26.29 6.27 24.34
N THR F 41 25.72 5.08 24.50
CA THR F 41 26.48 3.82 24.52
C THR F 41 25.93 2.92 23.42
N PRO F 42 26.49 2.97 22.21
CA PRO F 42 25.94 2.19 21.09
C PRO F 42 25.90 0.69 21.39
N ILE F 43 24.99 0.01 20.68
CA ILE F 43 24.81 -1.42 20.90
C ILE F 43 26.03 -2.17 20.41
N LYS F 44 26.49 -3.12 21.21
CA LYS F 44 27.54 -4.04 20.82
C LYS F 44 27.03 -5.47 20.99
N ALA F 45 27.75 -6.41 20.38
CA ALA F 45 27.33 -7.80 20.37
C ALA F 45 27.08 -8.32 21.79
N GLU F 46 27.90 -7.90 22.74
CA GLU F 46 27.76 -8.39 24.11
C GLU F 46 26.45 -7.94 24.75
N ASN F 47 25.79 -6.91 24.20
CA ASN F 47 24.52 -6.47 24.78
C ASN F 47 23.34 -7.32 24.34
N LEU F 48 23.48 -8.07 23.24
CA LEU F 48 22.35 -8.76 22.64
C LEU F 48 22.23 -10.18 23.17
N LYS F 49 20.99 -10.66 23.25
CA LYS F 49 20.74 -12.04 23.64
C LYS F 49 21.08 -12.97 22.49
N ALA F 50 21.51 -14.19 22.85
CA ALA F 50 21.92 -15.15 21.82
C ALA F 50 20.71 -15.71 21.08
N ASN F 51 19.58 -15.90 21.77
CA ASN F 51 18.38 -16.45 21.15
C ASN F 51 17.13 -15.72 21.62
N PRO F 52 16.80 -14.58 21.01
CA PRO F 52 15.58 -13.86 21.40
C PRO F 52 14.38 -14.80 21.33
N ILE F 53 13.50 -14.71 22.34
CA ILE F 53 12.41 -15.66 22.49
C ILE F 53 11.03 -15.01 22.53
N GLY F 54 10.91 -13.83 23.15
CA GLY F 54 9.62 -13.17 23.30
C GLY F 54 8.70 -13.08 22.10
N HIS F 55 7.52 -12.49 22.31
CA HIS F 55 6.52 -12.25 21.28
C HIS F 55 6.33 -10.75 21.14
N TRP F 56 6.12 -10.31 19.90
CA TRP F 56 5.98 -8.88 19.62
C TRP F 56 4.61 -8.48 19.11
N GLY F 57 3.99 -9.33 18.28
CA GLY F 57 2.82 -8.90 17.54
C GLY F 57 1.75 -8.28 18.40
N THR F 58 1.44 -8.89 19.54
CA THR F 58 0.29 -8.45 20.33
C THR F 58 0.63 -7.29 21.25
N VAL F 59 1.91 -6.99 21.47
CA VAL F 59 2.30 -6.15 22.60
C VAL F 59 1.76 -4.73 22.43
N SER F 60 2.13 -4.07 21.32
CA SER F 60 1.84 -2.64 21.19
C SER F 60 0.35 -2.36 21.27
N GLY F 61 -0.48 -3.26 20.73
CA GLY F 61 -1.92 -3.08 20.84
C GLY F 61 -2.41 -3.19 22.27
N GLN F 62 -1.84 -4.10 23.06
CA GLN F 62 -2.26 -4.27 24.45
C GLN F 62 -1.74 -3.15 25.34
N THR F 63 -0.53 -2.65 25.08
CA THR F 63 -0.07 -1.50 25.86
C THR F 63 -0.85 -0.24 25.52
N PHE F 64 -1.32 -0.12 24.27
CA PHE F 64 -2.24 0.95 23.91
C PHE F 64 -3.50 0.88 24.76
N LEU F 65 -4.10 -0.30 24.85
CA LEU F 65 -5.33 -0.45 25.63
C LEU F 65 -5.06 -0.29 27.12
N TYR F 66 -3.94 -0.82 27.60
CA TYR F 66 -3.58 -0.65 29.01
C TYR F 66 -3.44 0.83 29.34
N ALA F 67 -2.80 1.61 28.46
CA ALA F 67 -2.66 3.03 28.70
C ALA F 67 -4.02 3.71 28.82
N HIS F 68 -4.95 3.37 27.94
CA HIS F 68 -6.28 3.97 27.98
C HIS F 68 -7.06 3.50 29.20
N ALA F 69 -6.78 2.29 29.69
CA ALA F 69 -7.39 1.85 30.93
C ALA F 69 -6.93 2.70 32.10
N ASN F 70 -5.62 3.00 32.16
CA ASN F 70 -5.12 3.90 33.19
C ASN F 70 -5.82 5.24 33.14
N ARG F 71 -6.04 5.76 31.94
CA ARG F 71 -6.77 7.01 31.80
C ARG F 71 -8.15 6.91 32.43
N LEU F 72 -8.89 5.84 32.12
CA LEU F 72 -10.22 5.65 32.69
C LEU F 72 -10.17 5.60 34.21
N ILE F 73 -9.18 4.90 34.75
CA ILE F 73 -9.07 4.75 36.21
C ILE F 73 -8.97 6.12 36.86
N ASN F 74 -8.13 7.00 36.32
CA ASN F 74 -7.91 8.30 36.92
C ASN F 74 -9.11 9.22 36.72
N LYS F 75 -9.71 9.19 35.52
CA LYS F 75 -10.81 10.10 35.23
C LYS F 75 -12.06 9.74 36.03
N TYR F 76 -12.38 8.45 36.15
CA TYR F 76 -13.61 8.02 36.77
C TYR F 76 -13.40 7.44 38.17
N ASP F 77 -12.18 7.48 38.69
CA ASP F 77 -11.87 6.87 39.99
C ASP F 77 -12.45 5.47 40.07
N GLN F 78 -12.09 4.64 39.10
CA GLN F 78 -12.71 3.34 38.90
C GLN F 78 -11.79 2.23 39.38
N LYS F 79 -12.35 1.27 40.12
CA LYS F 79 -11.65 0.05 40.46
C LYS F 79 -11.69 -0.91 39.27
N MET F 80 -10.52 -1.33 38.82
CA MET F 80 -10.35 -2.05 37.57
C MET F 80 -9.15 -2.98 37.64
N PHE F 81 -9.17 -4.01 36.81
CA PHE F 81 -8.02 -4.90 36.66
C PHE F 81 -7.95 -5.37 35.23
N TYR F 82 -6.74 -5.73 34.82
CA TYR F 82 -6.44 -6.09 33.44
C TYR F 82 -6.33 -7.60 33.31
N MET F 83 -6.89 -8.13 32.22
CA MET F 83 -6.88 -9.56 31.94
C MET F 83 -6.47 -9.74 30.48
N GLY F 84 -5.31 -10.35 30.26
CA GLY F 84 -4.79 -10.48 28.92
C GLY F 84 -5.17 -11.78 28.24
N GLY F 85 -6.17 -11.74 27.36
CA GLY F 85 -6.51 -12.89 26.55
C GLY F 85 -5.29 -13.40 25.81
N PRO F 86 -4.61 -12.53 25.05
CA PRO F 86 -3.34 -12.93 24.39
C PRO F 86 -2.20 -12.94 25.41
N GLY F 87 -2.20 -13.96 26.26
CA GLY F 87 -1.27 -14.04 27.38
C GLY F 87 0.19 -14.18 26.98
N HIS F 88 0.45 -14.59 25.74
CA HIS F 88 1.81 -14.72 25.24
C HIS F 88 2.55 -13.39 25.14
N GLY F 89 1.85 -12.26 25.23
CA GLY F 89 2.50 -10.96 25.23
C GLY F 89 2.76 -10.43 26.62
N GLY F 90 3.60 -11.13 27.38
CA GLY F 90 3.80 -10.81 28.78
C GLY F 90 4.25 -9.38 29.03
N GLN F 91 5.02 -8.81 28.12
CA GLN F 91 5.51 -7.45 28.31
C GLN F 91 4.36 -6.47 28.52
N ALA F 92 3.19 -6.77 27.98
CA ALA F 92 2.05 -5.86 28.07
C ALA F 92 1.51 -5.70 29.49
N MET F 93 1.86 -6.63 30.39
CA MET F 93 1.53 -6.48 31.81
C MET F 93 2.74 -6.21 32.68
N VAL F 94 3.91 -6.71 32.30
CA VAL F 94 5.12 -6.50 33.10
C VAL F 94 5.55 -5.05 33.05
N VAL F 95 5.63 -4.48 31.84
CA VAL F 95 6.20 -3.15 31.66
C VAL F 95 5.31 -2.08 32.27
N PRO F 96 4.00 -2.08 32.02
CA PRO F 96 3.13 -1.12 32.72
C PRO F 96 3.26 -1.18 34.23
N SER F 97 3.39 -2.39 34.79
CA SER F 97 3.62 -2.55 36.22
C SER F 97 4.97 -1.97 36.62
N TYR F 98 5.98 -2.12 35.76
CA TYR F 98 7.29 -1.57 36.06
C TYR F 98 7.27 -0.05 36.05
N LEU F 99 6.45 0.57 35.20
CA LEU F 99 6.43 2.02 35.07
C LEU F 99 5.70 2.71 36.21
N ASP F 100 4.76 2.04 36.87
CA ASP F 100 3.97 2.67 37.92
C ASP F 100 4.42 2.27 39.32
N GLY F 101 5.55 1.57 39.45
CA GLY F 101 6.11 1.26 40.74
C GLY F 101 5.63 -0.03 41.38
N SER F 102 4.56 -0.65 40.86
CA SER F 102 4.04 -1.88 41.45
C SER F 102 5.00 -3.05 41.26
N TYR F 103 5.72 -3.10 40.13
CA TYR F 103 6.65 -4.20 39.91
C TYR F 103 7.80 -4.17 40.90
N THR F 104 8.33 -2.98 41.18
CA THR F 104 9.41 -2.86 42.15
C THR F 104 8.94 -3.24 43.55
N GLU F 105 7.68 -2.94 43.88
CA GLU F 105 7.17 -3.33 45.19
C GLU F 105 7.15 -4.85 45.36
N ALA F 106 6.93 -5.59 44.27
CA ALA F 106 6.96 -7.06 44.36
C ALA F 106 8.38 -7.60 44.24
N TYR F 107 9.21 -6.99 43.40
CA TYR F 107 10.59 -7.43 43.17
C TYR F 107 11.52 -6.25 43.46
N PRO F 108 11.95 -6.06 44.70
CA PRO F 108 12.76 -4.88 45.03
C PRO F 108 14.02 -4.73 44.18
N GLU F 109 14.57 -5.83 43.66
CA GLU F 109 15.78 -5.71 42.85
C GLU F 109 15.53 -5.05 41.51
N ILE F 110 14.29 -5.01 41.03
CA ILE F 110 13.99 -4.42 39.72
C ILE F 110 13.58 -2.97 39.97
N THR F 111 14.60 -2.14 40.19
CA THR F 111 14.37 -0.74 40.51
C THR F 111 14.04 0.07 39.25
N GLN F 112 13.43 1.23 39.49
CA GLN F 112 13.04 2.14 38.41
C GLN F 112 14.19 3.06 38.04
N ASP F 113 15.29 2.42 37.62
CA ASP F 113 16.47 3.11 37.14
C ASP F 113 17.19 2.22 36.14
N LEU F 114 18.33 2.69 35.66
CA LEU F 114 19.06 1.98 34.61
C LEU F 114 19.48 0.59 35.08
N GLU F 115 19.91 0.46 36.34
CA GLU F 115 20.34 -0.84 36.85
C GLU F 115 19.18 -1.83 36.87
N GLY F 116 18.05 -1.43 37.44
CA GLY F 116 16.89 -2.30 37.49
C GLY F 116 16.33 -2.58 36.11
N MET F 117 16.40 -1.59 35.21
CA MET F 117 15.92 -1.81 33.84
C MET F 117 16.75 -2.87 33.16
N SER F 118 18.07 -2.83 33.34
CA SER F 118 18.94 -3.85 32.77
C SER F 118 18.62 -5.22 33.36
N ARG F 119 18.31 -5.27 34.66
CA ARG F 119 17.94 -6.53 35.28
C ARG F 119 16.67 -7.09 34.67
N LEU F 120 15.69 -6.22 34.38
CA LEU F 120 14.44 -6.70 33.80
C LEU F 120 14.68 -7.24 32.40
N PHE F 121 15.46 -6.52 31.59
CA PHE F 121 15.82 -6.97 30.25
C PHE F 121 16.49 -8.34 30.29
N LYS F 122 17.48 -8.49 31.17
CA LYS F 122 18.25 -9.73 31.22
C LYS F 122 17.41 -10.90 31.66
N ARG F 123 16.49 -10.67 32.61
CA ARG F 123 15.71 -11.76 33.18
C ARG F 123 14.58 -12.21 32.26
N PHE F 124 14.11 -11.36 31.36
CA PHE F 124 12.98 -11.70 30.52
C PHE F 124 13.37 -12.88 29.62
N SER F 125 12.64 -13.98 29.75
CA SER F 125 12.88 -15.19 28.95
C SER F 125 14.32 -15.68 29.10
N PHE F 126 14.82 -15.66 30.34
CA PHE F 126 16.15 -16.14 30.70
C PHE F 126 15.95 -17.34 31.61
N PRO F 127 16.78 -18.38 31.50
CA PRO F 127 16.58 -19.55 32.37
C PRO F 127 16.50 -19.15 33.83
N GLY F 128 15.41 -19.51 34.49
CA GLY F 128 15.18 -19.11 35.85
C GLY F 128 14.74 -17.67 36.02
N GLY F 129 14.44 -16.96 34.92
CA GLY F 129 13.99 -15.58 35.03
C GLY F 129 12.48 -15.50 35.02
N ILE F 130 11.90 -14.65 34.17
CA ILE F 130 10.45 -14.59 34.05
C ILE F 130 10.08 -15.06 32.65
N GLY F 131 8.87 -15.58 32.52
CA GLY F 131 8.44 -16.12 31.26
C GLY F 131 8.02 -15.05 30.28
N SER F 132 7.58 -15.52 29.11
CA SER F 132 7.02 -14.65 28.10
C SER F 132 5.52 -14.41 28.32
N HIS F 133 4.85 -15.25 29.11
CA HIS F 133 3.41 -15.14 29.31
C HIS F 133 3.10 -14.37 30.59
N MET F 134 1.79 -14.14 30.81
CA MET F 134 1.32 -13.42 31.98
C MET F 134 1.09 -14.37 33.16
N THR F 135 2.16 -15.08 33.51
CA THR F 135 2.10 -16.11 34.54
C THR F 135 1.87 -15.47 35.90
N ALA F 136 1.77 -16.32 36.93
CA ALA F 136 1.63 -15.84 38.30
C ALA F 136 2.83 -15.02 38.76
N GLN F 137 3.96 -15.08 38.06
CA GLN F 137 5.03 -14.13 38.33
C GLN F 137 4.67 -12.70 37.98
N THR F 138 3.59 -12.49 37.24
CA THR F 138 3.26 -11.16 36.74
C THR F 138 2.40 -10.44 37.77
N PRO F 139 2.86 -9.33 38.35
CA PRO F 139 1.99 -8.56 39.24
C PRO F 139 0.74 -8.11 38.50
N GLY F 140 -0.41 -8.27 39.16
CA GLY F 140 -1.67 -7.85 38.60
C GLY F 140 -2.40 -8.89 37.79
N SER F 141 -1.84 -10.08 37.61
CA SER F 141 -2.44 -11.09 36.77
C SER F 141 -3.19 -12.12 37.61
N LEU F 142 -4.37 -12.51 37.11
CA LEU F 142 -5.06 -13.71 37.57
C LEU F 142 -5.38 -14.65 36.40
N HIS F 143 -4.68 -14.48 35.27
CA HIS F 143 -5.01 -15.17 34.03
C HIS F 143 -3.75 -15.24 33.19
N GLU F 144 -3.22 -16.44 32.98
CA GLU F 144 -1.97 -16.57 32.24
C GLU F 144 -2.19 -16.37 30.75
N GLY F 145 -3.34 -16.80 30.23
CA GLY F 145 -3.68 -16.60 28.82
C GLY F 145 -2.83 -17.39 27.84
N GLY F 146 -2.22 -18.48 28.27
CA GLY F 146 -1.49 -19.38 27.40
C GLY F 146 -2.40 -20.30 26.63
N GLU F 147 -3.23 -21.05 27.36
CA GLU F 147 -4.30 -21.81 26.74
C GLU F 147 -5.47 -20.86 26.53
N LEU F 148 -5.68 -20.46 25.28
CA LEU F 148 -6.60 -19.36 24.97
C LEU F 148 -8.05 -19.82 25.12
N GLY F 149 -8.92 -18.87 25.45
CA GLY F 149 -10.35 -19.09 25.40
C GLY F 149 -11.10 -18.86 26.69
N TYR F 150 -10.44 -18.52 27.79
CA TYR F 150 -11.08 -18.47 29.10
C TYR F 150 -11.04 -17.09 29.74
N VAL F 151 -10.69 -16.03 29.00
CA VAL F 151 -10.50 -14.74 29.67
C VAL F 151 -11.85 -14.16 30.11
N LEU F 152 -12.93 -14.42 29.36
CA LEU F 152 -14.23 -13.83 29.69
C LEU F 152 -14.99 -14.63 30.76
N SER F 153 -14.89 -15.96 30.74
CA SER F 153 -15.45 -16.74 31.84
C SER F 153 -14.74 -16.42 33.14
N HIS F 154 -13.40 -16.31 33.10
CA HIS F 154 -12.67 -15.89 34.27
C HIS F 154 -13.07 -14.49 34.70
N ALA F 155 -13.24 -13.57 33.74
CA ALA F 155 -13.64 -12.21 34.08
C ALA F 155 -15.01 -12.19 34.75
N THR F 156 -15.95 -13.00 34.24
CA THR F 156 -17.28 -13.06 34.83
C THR F 156 -17.21 -13.50 36.29
N GLY F 157 -16.55 -14.62 36.56
CA GLY F 157 -16.42 -15.07 37.93
C GLY F 157 -15.76 -14.04 38.81
N ALA F 158 -14.82 -13.27 38.25
CA ALA F 158 -14.09 -12.28 39.04
C ALA F 158 -15.01 -11.16 39.49
N ILE F 159 -15.97 -10.77 38.65
CA ILE F 159 -16.83 -9.63 38.98
C ILE F 159 -18.14 -10.04 39.65
N LEU F 160 -18.45 -11.34 39.70
CA LEU F 160 -19.62 -11.78 40.46
C LEU F 160 -19.51 -11.32 41.90
N ASP F 161 -20.56 -10.68 42.40
CA ASP F 161 -20.62 -10.22 43.78
C ASP F 161 -19.53 -9.20 44.10
N GLN F 162 -19.03 -8.48 43.09
CA GLN F 162 -18.07 -7.39 43.27
C GLN F 162 -18.58 -6.17 42.50
N PRO F 163 -19.60 -5.49 43.04
CA PRO F 163 -20.30 -4.46 42.24
C PRO F 163 -19.45 -3.26 41.87
N GLU F 164 -18.38 -2.98 42.60
CA GLU F 164 -17.56 -1.81 42.31
C GLU F 164 -16.42 -2.10 41.34
N GLN F 165 -16.27 -3.35 40.91
CA GLN F 165 -15.14 -3.76 40.08
C GLN F 165 -15.54 -3.85 38.61
N ILE F 166 -14.57 -3.54 37.75
CA ILE F 166 -14.69 -3.74 36.30
C ILE F 166 -13.49 -4.55 35.82
N ALA F 167 -13.76 -5.57 35.01
CA ALA F 167 -12.72 -6.39 34.42
C ALA F 167 -12.44 -5.85 33.02
N PHE F 168 -11.27 -5.23 32.83
CA PHE F 168 -10.82 -4.74 31.53
C PHE F 168 -10.17 -5.92 30.81
N ALA F 169 -10.98 -6.65 30.02
CA ALA F 169 -10.58 -7.93 29.45
C ALA F 169 -10.38 -7.81 27.94
N VAL F 170 -9.15 -8.07 27.50
CA VAL F 170 -8.79 -8.00 26.08
CA VAL F 170 -8.77 -8.00 26.09
C VAL F 170 -8.88 -9.39 25.49
N VAL F 171 -9.61 -9.51 24.38
CA VAL F 171 -9.84 -10.80 23.74
C VAL F 171 -9.05 -10.80 22.42
N GLY F 172 -8.16 -11.78 22.27
CA GLY F 172 -7.48 -11.94 21.01
C GLY F 172 -8.46 -12.39 19.94
N ASP F 173 -8.27 -11.88 18.72
CA ASP F 173 -9.19 -12.23 17.65
C ASP F 173 -8.99 -13.67 17.22
N GLY F 174 -7.79 -14.21 17.38
CA GLY F 174 -7.62 -15.65 17.24
C GLY F 174 -8.27 -16.40 18.38
N GLU F 175 -8.06 -15.92 19.62
CA GLU F 175 -8.71 -16.54 20.76
C GLU F 175 -10.22 -16.57 20.61
N ALA F 176 -10.79 -15.54 19.95
CA ALA F 176 -12.23 -15.47 19.75
C ALA F 176 -12.75 -16.57 18.85
N GLU F 177 -11.87 -17.34 18.21
CA GLU F 177 -12.29 -18.44 17.36
C GLU F 177 -12.46 -19.75 18.13
N THR F 178 -12.02 -19.80 19.39
CA THR F 178 -12.15 -21.01 20.20
C THR F 178 -13.59 -21.20 20.67
N GLY F 179 -13.91 -22.44 21.01
CA GLY F 179 -15.21 -22.77 21.54
C GLY F 179 -15.49 -22.06 22.85
N PRO F 180 -14.60 -22.22 23.83
CA PRO F 180 -14.83 -21.59 25.14
C PRO F 180 -15.05 -20.09 25.05
N LEU F 181 -14.29 -19.39 24.22
CA LEU F 181 -14.52 -17.96 24.08
C LEU F 181 -15.85 -17.67 23.42
N MET F 182 -16.15 -18.36 22.31
CA MET F 182 -17.38 -18.10 21.57
C MET F 182 -18.61 -18.19 22.47
N THR F 183 -18.69 -19.22 23.30
CA THR F 183 -19.85 -19.38 24.16
C THR F 183 -19.79 -18.48 25.40
N SER F 184 -18.61 -17.98 25.76
CA SER F 184 -18.50 -17.11 26.93
C SER F 184 -19.17 -15.76 26.72
N TRP F 185 -19.50 -15.40 25.48
CA TRP F 185 -20.28 -14.19 25.27
C TRP F 185 -21.65 -14.26 25.93
N HIS F 186 -22.18 -15.47 26.18
CA HIS F 186 -23.45 -15.62 26.88
C HIS F 186 -23.37 -15.24 28.36
N SER F 187 -22.20 -14.89 28.87
CA SER F 187 -22.07 -14.63 30.31
C SER F 187 -22.96 -13.49 30.78
N ILE F 188 -23.25 -12.50 29.92
CA ILE F 188 -24.07 -11.37 30.37
C ILE F 188 -25.49 -11.77 30.70
N LYS F 189 -25.94 -12.94 30.24
CA LYS F 189 -27.25 -13.45 30.66
C LYS F 189 -27.25 -13.94 32.10
N PHE F 190 -26.12 -13.85 32.81
CA PHE F 190 -26.03 -14.28 34.19
C PHE F 190 -25.40 -13.23 35.09
N ILE F 191 -25.05 -12.07 34.55
CA ILE F 191 -24.52 -10.95 35.31
C ILE F 191 -25.66 -10.02 35.63
N ASN F 192 -25.92 -9.81 36.92
CA ASN F 192 -26.96 -8.90 37.36
C ASN F 192 -26.32 -7.60 37.80
N PRO F 193 -26.52 -6.48 37.09
CA PRO F 193 -25.86 -5.23 37.48
C PRO F 193 -26.24 -4.74 38.86
N LYS F 194 -27.29 -5.29 39.45
CA LYS F 194 -27.72 -4.88 40.78
C LYS F 194 -26.69 -5.29 41.83
N ASN F 195 -26.11 -6.48 41.68
CA ASN F 195 -25.22 -7.06 42.68
C ASN F 195 -23.83 -7.36 42.17
N ASP F 196 -23.62 -7.46 40.86
CA ASP F 196 -22.35 -7.90 40.31
C ASP F 196 -21.63 -6.74 39.65
N GLY F 197 -20.34 -6.94 39.43
CA GLY F 197 -19.53 -6.00 38.68
C GLY F 197 -19.83 -6.11 37.20
N ALA F 198 -18.88 -5.63 36.39
CA ALA F 198 -19.07 -5.59 34.95
C ALA F 198 -17.80 -6.00 34.23
N ILE F 199 -17.98 -6.61 33.07
CA ILE F 199 -16.90 -6.90 32.14
C ILE F 199 -16.91 -5.81 31.08
N LEU F 200 -15.73 -5.26 30.78
CA LEU F 200 -15.57 -4.36 29.65
C LEU F 200 -14.71 -5.11 28.63
N PRO F 201 -15.32 -5.90 27.74
CA PRO F 201 -14.52 -6.68 26.78
C PRO F 201 -14.09 -5.84 25.59
N ILE F 202 -12.83 -6.01 25.21
CA ILE F 202 -12.25 -5.38 24.03
C ILE F 202 -11.79 -6.50 23.11
N LEU F 203 -12.38 -6.57 21.92
CA LEU F 203 -11.94 -7.52 20.90
C LEU F 203 -10.74 -6.93 20.19
N ASP F 204 -9.57 -7.52 20.43
CA ASP F 204 -8.32 -7.06 19.82
C ASP F 204 -8.25 -7.59 18.39
N LEU F 205 -8.91 -6.84 17.49
CA LEU F 205 -8.97 -7.23 16.07
C LEU F 205 -7.74 -6.73 15.31
N ASN F 206 -6.58 -7.27 15.69
CA ASN F 206 -5.33 -6.91 15.02
C ASN F 206 -5.13 -7.64 13.70
N GLY F 207 -6.03 -8.54 13.32
CA GLY F 207 -6.08 -9.06 11.98
C GLY F 207 -5.53 -10.47 11.81
N PHE F 208 -4.68 -10.94 12.72
CA PHE F 208 -3.96 -12.18 12.48
C PHE F 208 -3.74 -12.92 13.80
N LYS F 209 -3.52 -14.23 13.67
CA LYS F 209 -3.04 -15.04 14.78
C LYS F 209 -1.61 -15.47 14.46
N ILE F 210 -1.23 -16.73 14.65
CA ILE F 210 0.17 -17.12 14.45
C ILE F 210 0.56 -17.00 12.99
N SER F 211 -0.16 -17.70 12.10
CA SER F 211 0.22 -17.80 10.69
C SER F 211 -0.94 -17.53 9.74
N ASN F 212 -2.08 -17.08 10.23
CA ASN F 212 -3.30 -16.92 9.45
C ASN F 212 -3.93 -15.59 9.79
N PRO F 213 -4.75 -15.05 8.90
CA PRO F 213 -5.70 -14.00 9.30
C PRO F 213 -6.77 -14.64 10.18
N THR F 214 -7.56 -13.79 10.81
CA THR F 214 -8.58 -14.23 11.74
C THR F 214 -9.96 -14.11 11.12
N LEU F 215 -10.86 -15.00 11.56
CA LEU F 215 -12.19 -15.07 10.98
C LEU F 215 -12.98 -13.79 11.28
N PHE F 216 -12.79 -13.21 12.46
CA PHE F 216 -13.52 -12.00 12.81
C PHE F 216 -12.94 -10.76 12.15
N ALA F 217 -11.62 -10.70 11.95
CA ALA F 217 -11.03 -9.55 11.28
C ALA F 217 -11.50 -9.44 9.84
N ARG F 218 -11.69 -10.57 9.17
CA ARG F 218 -12.21 -10.58 7.81
C ARG F 218 -13.73 -10.58 7.76
N THR F 219 -14.40 -10.47 8.90
CA THR F 219 -15.83 -10.21 8.94
C THR F 219 -16.03 -8.70 8.90
N SER F 220 -17.01 -8.26 8.11
CA SER F 220 -17.27 -6.83 8.01
C SER F 220 -17.76 -6.30 9.36
N ASP F 221 -17.54 -5.00 9.58
CA ASP F 221 -18.04 -4.36 10.78
C ASP F 221 -19.56 -4.47 10.89
N VAL F 222 -20.26 -4.48 9.75
CA VAL F 222 -21.71 -4.65 9.77
C VAL F 222 -22.09 -6.02 10.32
N ASP F 223 -21.44 -7.07 9.82
CA ASP F 223 -21.75 -8.41 10.31
C ASP F 223 -21.30 -8.59 11.77
N ILE F 224 -20.16 -7.99 12.13
CA ILE F 224 -19.73 -8.03 13.53
C ILE F 224 -20.77 -7.37 14.42
N ARG F 225 -21.38 -6.28 13.95
CA ARG F 225 -22.43 -5.63 14.73
C ARG F 225 -23.62 -6.57 14.91
N LYS F 226 -24.03 -7.26 13.85
CA LYS F 226 -25.12 -8.20 13.96
C LYS F 226 -24.80 -9.30 14.98
N PHE F 227 -23.57 -9.82 14.94
CA PHE F 227 -23.18 -10.92 15.83
C PHE F 227 -23.34 -10.51 17.29
N PHE F 228 -22.80 -9.35 17.65
CA PHE F 228 -22.82 -8.92 19.04
C PHE F 228 -24.19 -8.38 19.45
N GLU F 229 -24.90 -7.71 18.55
CA GLU F 229 -26.26 -7.27 18.87
C GLU F 229 -27.18 -8.47 19.07
N GLY F 230 -27.01 -9.52 18.28
CA GLY F 230 -27.78 -10.72 18.50
C GLY F 230 -27.55 -11.33 19.87
N LEU F 231 -26.38 -11.09 20.46
CA LEU F 231 -26.06 -11.59 21.79
C LEU F 231 -26.29 -10.56 22.90
N GLY F 232 -26.82 -9.39 22.56
CA GLY F 232 -27.22 -8.41 23.56
C GLY F 232 -26.22 -7.32 23.88
N TYR F 233 -25.08 -7.27 23.18
CA TYR F 233 -24.07 -6.27 23.46
C TYR F 233 -24.31 -5.02 22.60
N SER F 234 -23.62 -3.94 22.98
CA SER F 234 -23.67 -2.68 22.24
C SER F 234 -22.27 -2.39 21.69
N PRO F 235 -21.98 -2.76 20.44
CA PRO F 235 -20.61 -2.63 19.94
C PRO F 235 -20.26 -1.19 19.56
N ARG F 236 -19.04 -0.80 19.94
CA ARG F 236 -18.44 0.46 19.53
C ARG F 236 -17.05 0.18 18.95
N TYR F 237 -16.68 0.96 17.94
CA TYR F 237 -15.54 0.63 17.10
C TYR F 237 -14.42 1.66 17.24
N ILE F 238 -13.20 1.16 17.32
CA ILE F 238 -11.98 1.97 17.29
C ILE F 238 -11.20 1.52 16.06
N GLU F 239 -11.11 2.40 15.07
CA GLU F 239 -10.36 2.08 13.87
C GLU F 239 -10.06 3.39 13.14
N ASN F 240 -9.15 3.30 12.16
CA ASN F 240 -8.79 4.48 11.38
C ASN F 240 -8.20 3.98 10.06
N ASP F 241 -8.37 4.80 9.02
CA ASP F 241 -7.87 4.42 7.69
C ASP F 241 -6.35 4.56 7.60
N ASP F 242 -5.76 5.56 8.27
CA ASP F 242 -4.31 5.73 8.33
C ASP F 242 -3.84 5.13 9.65
N ILE F 243 -3.24 3.94 9.58
CA ILE F 243 -2.91 3.20 10.79
C ILE F 243 -1.76 3.82 11.56
N HIS F 244 -1.07 4.81 10.99
CA HIS F 244 0.03 5.48 11.67
C HIS F 244 -0.34 6.87 12.15
N ASP F 245 -1.62 7.24 12.09
CA ASP F 245 -2.08 8.50 12.69
C ASP F 245 -2.46 8.20 14.13
N TYR F 246 -1.43 8.06 14.98
CA TYR F 246 -1.64 7.54 16.32
C TYR F 246 -2.53 8.45 17.15
N MET F 247 -2.41 9.77 16.97
CA MET F 247 -3.24 10.67 17.76
C MET F 247 -4.71 10.56 17.39
N ALA F 248 -5.01 10.20 16.14
CA ALA F 248 -6.40 9.98 15.76
C ALA F 248 -6.98 8.78 16.49
N TYR F 249 -6.18 7.73 16.69
CA TYR F 249 -6.63 6.59 17.48
C TYR F 249 -6.88 7.00 18.93
N HIS F 250 -5.98 7.79 19.50
CA HIS F 250 -6.13 8.21 20.90
C HIS F 250 -7.41 9.02 21.11
N LYS F 251 -7.68 9.98 20.21
CA LYS F 251 -8.88 10.78 20.34
C LYS F 251 -10.13 9.92 20.30
N LEU F 252 -10.18 9.00 19.32
CA LEU F 252 -11.33 8.12 19.17
C LEU F 252 -11.43 7.14 20.34
N ALA F 253 -10.29 6.56 20.75
CA ALA F 253 -10.30 5.61 21.86
C ALA F 253 -10.76 6.27 23.14
N ALA F 254 -10.32 7.51 23.38
CA ALA F 254 -10.77 8.21 24.58
C ALA F 254 -12.28 8.41 24.59
N GLU F 255 -12.85 8.78 23.44
CA GLU F 255 -14.31 8.96 23.33
C GLU F 255 -15.03 7.63 23.52
N VAL F 256 -14.58 6.60 22.82
CA VAL F 256 -15.24 5.30 22.86
C VAL F 256 -15.22 4.73 24.28
N PHE F 257 -14.05 4.75 24.91
CA PHE F 257 -13.93 4.16 26.24
C PHE F 257 -14.68 4.96 27.30
N ASP F 258 -14.75 6.29 27.15
CA ASP F 258 -15.51 7.09 28.11
C ASP F 258 -16.98 6.68 28.12
N LYS F 259 -17.60 6.58 26.94
CA LYS F 259 -19.00 6.18 26.88
C LYS F 259 -19.19 4.73 27.30
N ALA F 260 -18.19 3.88 27.09
CA ALA F 260 -18.30 2.51 27.56
C ALA F 260 -18.41 2.47 29.08
N ILE F 261 -17.54 3.21 29.76
CA ILE F 261 -17.60 3.27 31.22
C ILE F 261 -18.89 3.94 31.68
N GLU F 262 -19.26 5.06 31.05
CA GLU F 262 -20.44 5.79 31.51
C GLU F 262 -21.71 5.00 31.27
N ASP F 263 -21.79 4.25 30.17
CA ASP F 263 -22.94 3.39 29.97
C ASP F 263 -22.97 2.24 30.98
N ILE F 264 -21.81 1.73 31.37
CA ILE F 264 -21.77 0.72 32.42
C ILE F 264 -22.29 1.29 33.72
N HIS F 265 -21.87 2.51 34.07
CA HIS F 265 -22.33 3.11 35.32
C HIS F 265 -23.84 3.37 35.27
N GLN F 266 -24.35 3.81 34.11
CA GLN F 266 -25.78 4.05 33.97
C GLN F 266 -26.57 2.77 34.11
N ILE F 267 -26.09 1.69 33.50
CA ILE F 267 -26.73 0.38 33.66
C ILE F 267 -26.79 0.02 35.13
N GLN F 268 -25.69 0.25 35.85
CA GLN F 268 -25.64 -0.12 37.26
C GLN F 268 -26.51 0.81 38.09
N LYS F 269 -26.56 2.09 37.75
CA LYS F 269 -27.39 3.02 38.51
C LYS F 269 -28.86 2.65 38.37
N ASP F 270 -29.31 2.43 37.12
CA ASP F 270 -30.70 2.06 36.87
C ASP F 270 -31.07 0.79 37.60
N ALA F 271 -30.14 -0.17 37.69
CA ALA F 271 -30.45 -1.43 38.33
C ALA F 271 -30.52 -1.28 39.85
N ARG F 272 -29.64 -0.46 40.42
CA ARG F 272 -29.53 -0.35 41.87
C ARG F 272 -30.44 0.72 42.47
N GLU F 273 -30.83 1.73 41.71
CA GLU F 273 -31.71 2.80 42.18
C GLU F 273 -33.15 2.64 41.73
N ASP F 274 -33.35 2.17 40.50
CA ASP F 274 -34.68 2.00 39.93
C ASP F 274 -35.16 0.55 39.90
N ASN F 275 -34.23 -0.40 39.86
CA ASN F 275 -34.53 -1.83 39.90
C ASN F 275 -34.72 -2.28 38.46
N ARG F 276 -33.96 -1.67 37.55
CA ARG F 276 -34.03 -2.03 36.16
C ARG F 276 -33.30 -3.35 35.91
N TYR F 277 -33.68 -4.01 34.81
CA TYR F 277 -33.04 -5.25 34.36
C TYR F 277 -33.34 -6.43 35.28
N GLN F 278 -34.45 -6.38 36.01
CA GLN F 278 -34.90 -7.49 36.84
C GLN F 278 -36.14 -8.17 36.27
N ASN F 279 -36.55 -7.80 35.05
CA ASN F 279 -37.80 -8.27 34.46
C ASN F 279 -37.56 -9.01 33.15
N GLY F 280 -36.34 -9.42 32.89
CA GLY F 280 -35.99 -10.11 31.65
C GLY F 280 -35.23 -9.27 30.67
N GLU F 281 -35.07 -7.97 30.94
CA GLU F 281 -34.32 -7.09 30.05
C GLU F 281 -32.83 -7.26 30.30
N ILE F 282 -32.08 -7.50 29.22
CA ILE F 282 -30.63 -7.64 29.29
C ILE F 282 -30.02 -6.27 29.02
N PRO F 283 -29.15 -5.75 29.89
CA PRO F 283 -28.47 -4.49 29.59
C PRO F 283 -27.71 -4.59 28.26
N ALA F 284 -27.71 -3.48 27.52
CA ALA F 284 -26.92 -3.39 26.28
C ALA F 284 -25.46 -3.10 26.65
N TRP F 285 -24.80 -4.12 27.17
CA TRP F 285 -23.46 -3.96 27.68
C TRP F 285 -22.52 -3.53 26.55
N PRO F 286 -21.67 -2.52 26.75
CA PRO F 286 -20.72 -2.15 25.69
C PRO F 286 -19.71 -3.26 25.43
N ILE F 287 -19.36 -3.41 24.16
CA ILE F 287 -18.23 -4.24 23.75
C ILE F 287 -17.43 -3.41 22.76
N VAL F 288 -16.12 -3.32 22.95
CA VAL F 288 -15.25 -2.47 22.13
C VAL F 288 -14.56 -3.33 21.07
N ILE F 289 -14.71 -2.94 19.81
CA ILE F 289 -14.08 -3.62 18.68
C ILE F 289 -12.90 -2.76 18.27
N ALA F 290 -11.68 -3.20 18.55
CA ALA F 290 -10.47 -2.41 18.32
C ALA F 290 -9.65 -3.03 17.20
N ARG F 291 -9.62 -2.38 16.03
CA ARG F 291 -8.80 -2.85 14.91
C ARG F 291 -7.44 -2.18 15.01
N LEU F 292 -6.61 -2.71 15.92
CA LEU F 292 -5.27 -2.20 16.13
C LEU F 292 -4.28 -3.11 15.42
N PRO F 293 -3.66 -2.67 14.32
CA PRO F 293 -2.87 -3.60 13.48
C PRO F 293 -1.83 -4.38 14.28
N LYS F 294 -1.66 -5.66 13.93
CA LYS F 294 -0.67 -6.50 14.60
C LYS F 294 0.74 -6.00 14.29
N GLY F 295 1.60 -6.00 15.32
CA GLY F 295 2.90 -5.39 15.18
C GLY F 295 2.84 -3.88 15.03
N TRP F 296 1.82 -3.25 15.58
CA TRP F 296 1.61 -1.81 15.44
C TRP F 296 2.88 -1.05 15.82
N GLY F 297 3.38 -0.24 14.89
CA GLY F 297 4.52 0.62 15.14
C GLY F 297 5.87 -0.04 15.09
N GLY F 298 5.95 -1.32 14.75
CA GLY F 298 7.20 -2.02 14.64
C GLY F 298 7.68 -2.11 13.20
N PRO F 299 8.58 -3.06 12.92
CA PRO F 299 9.04 -3.24 11.54
C PRO F 299 7.86 -3.41 10.60
N ARG F 300 7.93 -2.75 9.44
CA ARG F 300 6.81 -2.78 8.51
C ARG F 300 6.94 -3.87 7.46
N TYR F 301 8.14 -4.09 6.92
CA TYR F 301 8.34 -5.04 5.83
C TYR F 301 9.65 -5.79 6.05
N ASN F 302 9.68 -7.05 5.59
CA ASN F 302 10.88 -7.87 5.71
C ASN F 302 11.79 -7.58 4.51
N ASP F 303 12.41 -6.40 4.55
CA ASP F 303 13.20 -5.90 3.43
C ASP F 303 14.58 -6.55 3.33
N TRP F 304 15.06 -7.19 4.39
CA TRP F 304 16.41 -7.73 4.45
C TRP F 304 16.54 -9.14 3.90
N SER F 305 15.43 -9.84 3.65
CA SER F 305 15.50 -11.19 3.11
C SER F 305 14.13 -11.56 2.58
N GLY F 306 14.09 -12.62 1.77
CA GLY F 306 12.85 -13.15 1.27
C GLY F 306 12.38 -12.42 0.04
N PRO F 307 11.27 -12.89 -0.53
CA PRO F 307 10.78 -12.32 -1.79
C PRO F 307 10.22 -10.91 -1.59
N LYS F 308 9.99 -10.25 -2.72
CA LYS F 308 9.47 -8.89 -2.73
C LYS F 308 8.08 -8.89 -3.35
N PHE F 309 7.29 -7.88 -2.97
CA PHE F 309 6.00 -7.62 -3.59
C PHE F 309 5.78 -6.11 -3.57
N ASP F 310 5.48 -5.55 -4.74
CA ASP F 310 5.33 -4.10 -4.88
C ASP F 310 6.60 -3.38 -4.43
N GLY F 311 7.75 -3.95 -4.79
CA GLY F 311 9.05 -3.38 -4.46
C GLY F 311 9.36 -3.33 -2.97
N LYS F 312 8.78 -4.23 -2.18
CA LYS F 312 8.99 -4.23 -0.74
C LYS F 312 9.05 -5.66 -0.24
N GLY F 313 9.65 -5.84 0.93
CA GLY F 313 9.66 -7.13 1.56
C GLY F 313 8.28 -7.53 2.05
N MET F 314 8.19 -8.77 2.52
CA MET F 314 6.92 -9.29 3.01
C MET F 314 6.44 -8.45 4.20
N PRO F 315 5.15 -8.15 4.28
CA PRO F 315 4.67 -7.32 5.40
C PRO F 315 4.90 -8.00 6.75
N ILE F 316 5.32 -7.20 7.73
CA ILE F 316 5.42 -7.63 9.12
C ILE F 316 4.30 -7.00 9.94
N GLU F 317 4.28 -5.67 10.03
CA GLU F 317 3.15 -4.98 10.62
C GLU F 317 1.89 -5.30 9.83
N HIS F 318 0.79 -5.49 10.55
CA HIS F 318 -0.50 -5.86 9.97
C HIS F 318 -0.37 -7.14 9.17
N SER F 319 0.36 -8.08 9.75
CA SER F 319 0.53 -9.40 9.18
C SER F 319 0.78 -10.39 10.31
N PHE F 320 0.65 -11.68 10.00
CA PHE F 320 0.98 -12.73 10.95
C PHE F 320 2.47 -12.78 11.26
N ARG F 321 3.31 -12.27 10.34
CA ARG F 321 4.75 -12.35 10.51
C ARG F 321 5.25 -11.53 11.69
N ALA F 322 4.41 -10.68 12.27
CA ALA F 322 4.81 -9.92 13.45
C ALA F 322 4.56 -10.69 14.74
N HIS F 323 4.01 -11.91 14.64
CA HIS F 323 3.50 -12.61 15.81
C HIS F 323 4.59 -12.79 16.85
N GLN F 324 5.70 -13.40 16.44
CA GLN F 324 6.71 -13.80 17.40
C GLN F 324 7.88 -12.83 17.43
N VAL F 325 9.08 -13.27 17.11
CA VAL F 325 10.25 -12.41 17.05
C VAL F 325 10.31 -11.79 15.66
N PRO F 326 10.20 -10.47 15.51
CA PRO F 326 10.09 -9.89 14.16
C PRO F 326 11.41 -9.67 13.44
N LEU F 327 12.54 -9.85 14.11
CA LEU F 327 13.85 -9.69 13.47
C LEU F 327 14.70 -10.91 13.76
N PRO F 328 15.60 -11.28 12.84
CA PRO F 328 16.58 -12.33 13.14
C PRO F 328 17.75 -11.84 13.98
N LEU F 329 17.71 -10.60 14.45
CA LEU F 329 18.81 -10.04 15.22
C LEU F 329 19.12 -10.89 16.44
N SER F 330 20.41 -11.08 16.70
CA SER F 330 20.92 -11.72 17.90
C SER F 330 22.41 -11.46 17.96
N SER F 331 23.02 -11.84 19.08
CA SER F 331 24.46 -11.70 19.22
C SER F 331 25.22 -12.52 18.19
N LYS F 332 24.59 -13.52 17.59
CA LYS F 332 25.24 -14.36 16.60
C LYS F 332 24.91 -13.92 15.17
N ASN F 333 24.03 -12.93 14.99
CA ASN F 333 23.64 -12.45 13.66
C ASN F 333 23.18 -11.00 13.78
N MET F 334 24.12 -10.07 13.62
CA MET F 334 23.82 -8.66 13.80
C MET F 334 23.48 -7.98 12.48
N GLY F 335 23.11 -8.75 11.46
CA GLY F 335 22.79 -8.16 10.17
C GLY F 335 21.66 -7.16 10.25
N THR F 336 20.66 -7.42 11.09
CA THR F 336 19.51 -6.54 11.19
C THR F 336 19.61 -5.60 12.39
N LEU F 337 20.82 -5.37 12.91
CA LEU F 337 20.98 -4.35 13.94
C LEU F 337 20.56 -2.97 13.44
N PRO F 338 20.87 -2.56 12.21
CA PRO F 338 20.36 -1.25 11.75
C PRO F 338 18.85 -1.14 11.81
N GLU F 339 18.14 -2.20 11.42
CA GLU F 339 16.68 -2.21 11.50
C GLU F 339 16.21 -2.10 12.95
N PHE F 340 16.90 -2.76 13.88
CA PHE F 340 16.52 -2.69 15.29
C PHE F 340 16.74 -1.28 15.84
N VAL F 341 17.87 -0.67 15.52
CA VAL F 341 18.15 0.69 16.00
C VAL F 341 17.12 1.67 15.43
N LYS F 342 16.80 1.53 14.15
CA LYS F 342 15.79 2.39 13.54
C LYS F 342 14.45 2.25 14.27
N TRP F 343 14.04 1.01 14.52
CA TRP F 343 12.78 0.74 15.21
C TRP F 343 12.79 1.34 16.63
N MET F 344 13.82 1.02 17.41
CA MET F 344 13.84 1.46 18.80
C MET F 344 13.92 2.98 18.92
N THR F 345 14.75 3.63 18.09
CA THR F 345 14.87 5.08 18.15
C THR F 345 13.62 5.79 17.66
N SER F 346 12.77 5.13 16.87
CA SER F 346 11.55 5.77 16.39
C SER F 346 10.61 6.14 17.53
N TYR F 347 10.75 5.50 18.69
CA TYR F 347 9.94 5.84 19.84
C TYR F 347 10.38 7.13 20.52
N GLN F 348 11.54 7.68 20.13
CA GLN F 348 12.11 8.87 20.74
C GLN F 348 12.29 8.64 22.24
N PRO F 349 13.05 7.62 22.64
CA PRO F 349 13.20 7.33 24.07
C PRO F 349 13.85 8.45 24.85
N GLU F 350 14.63 9.32 24.20
CA GLU F 350 15.24 10.44 24.89
C GLU F 350 14.20 11.43 25.40
N THR F 351 13.00 11.43 24.84
CA THR F 351 11.90 12.24 25.36
C THR F 351 11.06 11.49 26.38
N LEU F 352 11.41 10.23 26.66
CA LEU F 352 10.63 9.36 27.54
C LEU F 352 11.38 8.98 28.80
N PHE F 353 12.67 8.71 28.71
CA PHE F 353 13.47 8.28 29.85
C PHE F 353 14.66 9.22 30.02
N ASN F 354 15.04 9.43 31.28
CA ASN F 354 16.27 10.13 31.60
C ASN F 354 17.46 9.18 31.47
N ALA F 355 18.67 9.78 31.43
CA ALA F 355 19.87 8.98 31.28
C ALA F 355 20.09 8.05 32.47
N ASP F 356 19.56 8.42 33.64
CA ASP F 356 19.69 7.59 34.83
C ASP F 356 18.72 6.42 34.83
N GLY F 357 17.91 6.26 33.79
CA GLY F 357 17.00 5.14 33.67
C GLY F 357 15.59 5.41 34.15
N SER F 358 15.38 6.49 34.88
CA SER F 358 14.05 6.81 35.40
C SER F 358 13.17 7.37 34.30
N LEU F 359 11.86 7.25 34.53
CA LEU F 359 10.88 7.83 33.61
C LEU F 359 10.87 9.35 33.75
N LYS F 360 10.69 10.04 32.63
CA LYS F 360 10.65 11.49 32.64
C LYS F 360 9.58 11.99 33.62
N GLU F 361 9.90 13.09 34.30
CA GLU F 361 9.01 13.61 35.33
C GLU F 361 7.62 13.91 34.80
N GLU F 362 7.54 14.53 33.62
CA GLU F 362 6.23 14.90 33.11
C GLU F 362 5.32 13.69 32.90
N LEU F 363 5.88 12.48 32.84
CA LEU F 363 5.08 11.29 32.60
C LEU F 363 4.75 10.51 33.87
N ARG F 364 5.35 10.87 35.01
CA ARG F 364 5.19 10.04 36.20
C ARG F 364 3.80 10.12 36.82
N ASP F 365 3.04 11.18 36.54
CA ASP F 365 1.70 11.32 37.09
C ASP F 365 0.63 10.68 36.22
N PHE F 366 0.98 10.07 35.09
CA PHE F 366 -0.02 9.48 34.22
C PHE F 366 -0.67 8.27 34.87
N ALA F 367 0.14 7.36 35.40
CA ALA F 367 -0.38 6.13 35.97
C ALA F 367 -1.14 6.41 37.27
N PRO F 368 -2.10 5.55 37.63
CA PRO F 368 -2.73 5.67 38.96
C PRO F 368 -1.74 5.43 40.07
N LYS F 369 -2.18 5.57 41.31
CA LYS F 369 -1.33 5.40 42.48
C LYS F 369 -1.96 4.38 43.42
N GLY F 370 -1.13 3.76 44.25
CA GLY F 370 -1.62 2.89 45.29
C GLY F 370 -2.43 1.73 44.75
N GLU F 371 -3.51 1.42 45.46
CA GLU F 371 -4.37 0.28 45.15
C GLU F 371 -5.22 0.52 43.91
N MET F 372 -5.26 1.74 43.38
CA MET F 372 -5.97 2.00 42.14
C MET F 372 -5.23 1.48 40.93
N ARG F 373 -3.93 1.22 41.05
CA ARG F 373 -3.19 0.59 39.96
C ARG F 373 -3.72 -0.81 39.70
N MET F 374 -4.00 -1.11 38.44
CA MET F 374 -4.54 -2.44 38.11
C MET F 374 -3.60 -3.54 38.60
N ALA F 375 -2.29 -3.29 38.60
CA ALA F 375 -1.34 -4.29 39.06
C ALA F 375 -1.30 -4.40 40.58
N SER F 376 -1.85 -3.43 41.30
CA SER F 376 -1.89 -3.43 42.75
C SER F 376 -3.29 -3.71 43.30
N ASN F 377 -4.30 -3.86 42.45
CA ASN F 377 -5.65 -4.14 42.90
C ASN F 377 -5.68 -5.48 43.64
N PRO F 378 -6.05 -5.51 44.91
CA PRO F 378 -6.04 -6.79 45.64
C PRO F 378 -6.89 -7.86 45.00
N VAL F 379 -7.80 -7.50 44.10
CA VAL F 379 -8.54 -8.50 43.33
C VAL F 379 -7.57 -9.45 42.63
N THR F 380 -6.42 -8.94 42.20
CA THR F 380 -5.43 -9.72 41.46
C THR F 380 -4.41 -10.42 42.35
N ASN F 381 -4.51 -10.25 43.67
CA ASN F 381 -3.57 -10.88 44.62
C ASN F 381 -4.34 -11.59 45.73
N GLY F 382 -5.23 -12.48 45.33
CA GLY F 382 -6.00 -13.28 46.27
C GLY F 382 -7.38 -12.74 46.60
N GLY F 383 -7.69 -11.52 46.19
CA GLY F 383 -9.01 -10.95 46.38
C GLY F 383 -9.02 -9.85 47.43
N VAL F 384 -10.01 -8.97 47.30
CA VAL F 384 -10.24 -7.94 48.31
C VAL F 384 -10.42 -8.58 49.68
N ASP F 385 -11.20 -9.65 49.74
CA ASP F 385 -11.38 -10.46 50.94
C ASP F 385 -11.18 -11.91 50.55
N SER F 386 -10.16 -12.55 51.11
CA SER F 386 -9.78 -13.91 50.72
C SER F 386 -10.09 -14.93 51.81
N SER F 387 -10.92 -14.58 52.79
CA SER F 387 -11.18 -15.48 53.90
C SER F 387 -12.05 -16.66 53.48
N ASN F 388 -11.85 -17.79 54.17
CA ASN F 388 -12.64 -18.98 53.91
C ASN F 388 -14.08 -18.75 54.35
N LEU F 389 -14.94 -19.71 53.99
CA LEU F 389 -16.34 -19.65 54.34
C LEU F 389 -16.56 -19.71 55.85
N VAL F 390 -17.68 -19.15 56.29
CA VAL F 390 -18.20 -19.40 57.63
C VAL F 390 -18.94 -20.73 57.54
N LEU F 391 -18.43 -21.74 58.25
CA LEU F 391 -19.00 -23.07 58.09
C LEU F 391 -19.88 -23.42 59.28
N PRO F 392 -21.01 -24.06 59.07
CA PRO F 392 -21.73 -24.68 60.19
C PRO F 392 -21.10 -26.01 60.53
N ASP F 393 -21.38 -26.48 61.74
CA ASP F 393 -20.93 -27.81 62.14
C ASP F 393 -21.62 -28.85 61.26
N TRP F 394 -20.82 -29.58 60.47
CA TRP F 394 -21.40 -30.50 59.50
C TRP F 394 -22.20 -31.61 60.18
N GLN F 395 -21.84 -31.98 61.41
CA GLN F 395 -22.56 -33.04 62.11
CA GLN F 395 -22.57 -33.06 62.08
C GLN F 395 -24.03 -32.70 62.30
N GLU F 396 -24.40 -31.43 62.23
CA GLU F 396 -25.79 -31.03 62.36
C GLU F 396 -26.67 -31.64 61.27
N PHE F 397 -26.06 -32.05 60.15
CA PHE F 397 -26.79 -32.62 59.02
C PHE F 397 -26.44 -34.09 58.79
N ALA F 398 -25.75 -34.71 59.74
CA ALA F 398 -25.29 -36.08 59.59
C ALA F 398 -26.42 -37.08 59.68
N ASN F 399 -26.22 -38.23 59.05
CA ASN F 399 -27.18 -39.32 59.20
C ASN F 399 -26.95 -40.01 60.55
N PRO F 400 -28.02 -40.40 61.25
CA PRO F 400 -27.86 -41.04 62.58
C PRO F 400 -27.47 -42.51 62.47
N ILE F 401 -26.22 -42.74 62.07
CA ILE F 401 -25.73 -44.10 61.89
C ILE F 401 -25.12 -44.59 63.18
N SER F 402 -25.38 -45.86 63.48
CA SER F 402 -24.79 -46.51 64.64
C SER F 402 -24.61 -47.98 64.31
N GLU F 403 -24.16 -48.75 65.30
CA GLU F 403 -23.98 -50.19 65.13
C GLU F 403 -25.31 -50.88 64.86
N ASN F 404 -26.43 -50.23 65.14
CA ASN F 404 -27.72 -50.89 64.98
C ASN F 404 -28.20 -50.85 63.54
N ASN F 405 -28.05 -49.71 62.86
CA ASN F 405 -28.52 -49.54 61.49
C ASN F 405 -27.38 -49.43 60.48
N ARG F 406 -26.17 -49.78 60.89
CA ARG F 406 -25.02 -49.76 59.99
C ARG F 406 -25.28 -50.63 58.76
N GLY F 407 -24.90 -50.11 57.59
CA GLY F 407 -25.05 -50.87 56.35
C GLY F 407 -26.47 -51.13 55.91
N LYS F 408 -27.38 -50.20 56.16
CA LYS F 408 -28.78 -50.36 55.79
CA LYS F 408 -28.78 -50.36 55.80
C LYS F 408 -29.31 -49.04 55.25
N LEU F 409 -30.47 -49.13 54.61
CA LEU F 409 -31.14 -47.96 54.06
C LEU F 409 -31.96 -47.28 55.14
N LEU F 410 -31.76 -45.98 55.31
CA LEU F 410 -32.55 -45.20 56.24
C LEU F 410 -34.00 -45.11 55.76
N PRO F 411 -34.95 -44.88 56.67
CA PRO F 411 -36.35 -44.88 56.25
C PRO F 411 -36.67 -43.82 55.20
N ASP F 412 -36.08 -42.62 55.29
CA ASP F 412 -36.26 -41.59 54.27
C ASP F 412 -35.26 -41.82 53.15
N THR F 413 -35.77 -42.18 51.97
CA THR F 413 -34.89 -42.51 50.85
C THR F 413 -33.96 -41.36 50.50
N ASN F 414 -34.41 -40.12 50.71
CA ASN F 414 -33.58 -38.98 50.37
C ASN F 414 -32.34 -38.88 51.24
N ASP F 415 -32.38 -39.46 52.44
CA ASP F 415 -31.20 -39.48 53.30
C ASP F 415 -30.18 -40.52 52.88
N ASN F 416 -30.56 -41.46 52.00
CA ASN F 416 -29.61 -42.41 51.45
C ASN F 416 -28.92 -41.89 50.19
N MET F 417 -29.21 -40.65 49.80
CA MET F 417 -28.63 -40.01 48.63
C MET F 417 -27.58 -39.00 49.12
N ASP F 418 -26.30 -39.34 48.92
CA ASP F 418 -25.23 -38.52 49.49
C ASP F 418 -25.28 -37.08 48.96
N MET F 419 -25.55 -36.89 47.67
CA MET F 419 -25.60 -35.53 47.12
C MET F 419 -26.70 -34.71 47.77
N ASN F 420 -27.86 -35.34 47.99
CA ASN F 420 -28.94 -34.63 48.67
C ASN F 420 -28.57 -34.27 50.10
N VAL F 421 -27.92 -35.18 50.82
CA VAL F 421 -27.47 -34.86 52.17
C VAL F 421 -26.48 -33.71 52.13
N LEU F 422 -25.59 -33.70 51.14
CA LEU F 422 -24.64 -32.60 51.02
C LEU F 422 -25.37 -31.28 50.78
N SER F 423 -26.50 -31.31 50.06
CA SER F 423 -27.24 -30.08 49.78
C SER F 423 -27.79 -29.44 51.05
N LYS F 424 -28.12 -30.24 52.06
CA LYS F 424 -28.49 -29.68 53.36
C LYS F 424 -27.37 -28.79 53.90
N TYR F 425 -26.15 -29.32 53.87
CA TYR F 425 -24.97 -28.60 54.36
C TYR F 425 -24.68 -27.38 53.50
N PHE F 426 -24.72 -27.55 52.18
CA PHE F 426 -24.50 -26.43 51.27
C PHE F 426 -25.56 -25.35 51.44
N ALA F 427 -26.81 -25.75 51.65
CA ALA F 427 -27.90 -24.78 51.80
C ALA F 427 -27.66 -23.87 53.00
N GLU F 428 -27.22 -24.44 54.13
CA GLU F 428 -26.94 -23.63 55.31
C GLU F 428 -25.72 -22.74 55.07
N ILE F 429 -24.78 -23.20 54.26
CA ILE F 429 -23.62 -22.38 53.91
C ILE F 429 -24.06 -21.16 53.10
N VAL F 430 -25.07 -21.33 52.24
CA VAL F 430 -25.62 -20.19 51.51
C VAL F 430 -26.17 -19.16 52.50
N LYS F 431 -26.91 -19.63 53.50
CA LYS F 431 -27.48 -18.73 54.49
C LYS F 431 -26.40 -18.02 55.30
N LEU F 432 -25.28 -18.70 55.55
CA LEU F 432 -24.18 -18.12 56.32
C LEU F 432 -23.19 -17.33 55.48
N ASN F 433 -23.21 -17.50 54.16
CA ASN F 433 -22.31 -16.79 53.26
C ASN F 433 -23.09 -16.32 52.05
N PRO F 434 -23.95 -15.30 52.22
CA PRO F 434 -24.86 -14.91 51.14
C PRO F 434 -24.18 -14.25 49.95
N THR F 435 -22.93 -13.79 50.07
CA THR F 435 -22.25 -13.10 48.98
C THR F 435 -20.90 -13.70 48.60
N ARG F 436 -20.42 -14.72 49.31
CA ARG F 436 -19.08 -15.27 49.06
C ARG F 436 -19.11 -16.77 48.78
N PHE F 437 -20.29 -17.36 48.61
CA PHE F 437 -20.42 -18.76 48.23
C PHE F 437 -21.33 -18.86 47.01
N ARG F 438 -20.96 -19.74 46.08
CA ARG F 438 -21.79 -20.00 44.92
C ARG F 438 -21.62 -21.46 44.49
N LEU F 439 -22.66 -21.97 43.82
CA LEU F 439 -22.67 -23.33 43.27
C LEU F 439 -22.90 -23.25 41.77
N PHE F 440 -22.08 -23.99 41.03
CA PHE F 440 -22.09 -23.97 39.57
C PHE F 440 -22.42 -25.35 39.03
N GLY F 441 -23.13 -25.37 37.89
CA GLY F 441 -23.43 -26.60 37.20
C GLY F 441 -23.81 -26.34 35.76
N PRO F 442 -23.77 -27.37 34.91
CA PRO F 442 -24.21 -27.19 33.52
C PRO F 442 -25.56 -27.81 33.24
N ASP F 443 -26.63 -27.21 33.76
CA ASP F 443 -27.99 -27.73 33.60
C ASP F 443 -28.13 -29.10 34.29
N GLU F 444 -27.46 -29.25 35.43
CA GLU F 444 -27.42 -30.53 36.14
C GLU F 444 -27.60 -30.41 37.64
N THR F 445 -27.66 -29.20 38.21
CA THR F 445 -27.78 -29.08 39.65
C THR F 445 -29.00 -29.85 40.15
N MET F 446 -30.12 -29.77 39.42
CA MET F 446 -31.30 -30.53 39.78
C MET F 446 -31.09 -32.02 39.55
N SER F 447 -30.54 -32.37 38.38
CA SER F 447 -30.34 -33.79 38.06
C SER F 447 -29.39 -34.44 39.06
N ASN F 448 -28.43 -33.68 39.58
CA ASN F 448 -27.49 -34.18 40.58
C ASN F 448 -28.08 -34.20 41.99
N ARG F 449 -29.33 -33.76 42.16
CA ARG F 449 -30.07 -33.93 43.42
C ARG F 449 -29.53 -33.02 44.52
N PHE F 450 -29.22 -31.77 44.16
CA PHE F 450 -28.96 -30.73 45.15
C PHE F 450 -30.30 -30.17 45.64
N TRP F 451 -31.21 -31.04 46.07
CA TRP F 451 -32.60 -30.64 46.22
C TRP F 451 -32.78 -29.59 47.31
N GLU F 452 -32.00 -29.65 48.39
CA GLU F 452 -32.17 -28.69 49.48
C GLU F 452 -31.73 -27.29 49.08
N MET F 453 -30.81 -27.18 48.11
CA MET F 453 -30.36 -25.86 47.68
C MET F 453 -31.52 -25.01 47.16
N PHE F 454 -32.46 -25.63 46.46
CA PHE F 454 -33.57 -24.87 45.90
C PHE F 454 -34.58 -24.42 46.96
N LYS F 455 -34.42 -24.87 48.21
CA LYS F 455 -35.21 -24.37 49.32
C LYS F 455 -34.70 -23.05 49.87
N VAL F 456 -33.50 -22.63 49.47
CA VAL F 456 -32.90 -21.41 50.00
C VAL F 456 -32.55 -20.40 48.93
N THR F 457 -32.48 -20.80 47.66
CA THR F 457 -32.09 -19.88 46.60
C THR F 457 -32.58 -20.43 45.27
N ASN F 458 -32.40 -19.62 44.22
CA ASN F 458 -32.75 -19.99 42.86
C ASN F 458 -31.50 -19.95 41.99
N ARG F 459 -31.67 -20.34 40.72
CA ARG F 459 -30.65 -20.14 39.71
C ARG F 459 -30.70 -18.71 39.22
N GLN F 460 -29.52 -18.08 39.09
CA GLN F 460 -29.46 -16.73 38.56
C GLN F 460 -29.71 -16.77 37.05
N TRP F 461 -30.64 -15.94 36.58
CA TRP F 461 -31.12 -16.00 35.20
C TRP F 461 -31.68 -14.65 34.83
N MET F 462 -31.11 -14.00 33.80
CA MET F 462 -31.44 -12.61 33.50
C MET F 462 -32.51 -12.45 32.42
N GLN F 463 -32.75 -13.46 31.60
CA GLN F 463 -33.74 -13.38 30.54
C GLN F 463 -35.16 -13.50 31.13
N VAL F 464 -36.16 -13.49 30.25
CA VAL F 464 -37.54 -13.54 30.70
C VAL F 464 -37.81 -14.88 31.35
N ILE F 465 -38.66 -14.87 32.37
CA ILE F 465 -39.05 -16.06 33.11
C ILE F 465 -40.53 -16.33 32.86
N LYS F 466 -40.88 -17.61 32.64
CA LYS F 466 -42.25 -18.03 32.32
C LYS F 466 -42.65 -19.16 33.27
N ASN F 467 -42.95 -18.82 34.51
CA ASN F 467 -43.51 -19.81 35.42
C ASN F 467 -44.93 -20.14 34.97
N PRO F 468 -45.39 -21.38 35.19
CA PRO F 468 -44.71 -22.50 35.84
C PRO F 468 -43.93 -23.39 34.87
N ASN F 469 -43.88 -23.03 33.58
CA ASN F 469 -43.06 -23.80 32.64
C ASN F 469 -41.61 -23.81 33.08
N ASP F 470 -41.13 -22.71 33.65
CA ASP F 470 -39.81 -22.64 34.26
C ASP F 470 -39.93 -22.98 35.75
N GLU F 471 -38.78 -23.17 36.38
CA GLU F 471 -38.74 -23.51 37.79
C GLU F 471 -37.40 -23.08 38.36
N PHE F 472 -37.45 -22.47 39.55
CA PHE F 472 -36.24 -22.15 40.32
C PHE F 472 -35.24 -21.35 39.50
N ILE F 473 -35.74 -20.33 38.79
CA ILE F 473 -34.89 -19.35 38.13
C ILE F 473 -35.37 -17.96 38.53
N SER F 474 -34.43 -17.03 38.66
CA SER F 474 -34.71 -15.69 39.15
C SER F 474 -33.55 -14.80 38.77
N PRO F 475 -33.77 -13.51 38.56
CA PRO F 475 -32.64 -12.60 38.26
C PRO F 475 -31.58 -12.56 39.34
N GLU F 476 -31.90 -12.95 40.58
CA GLU F 476 -30.95 -13.02 41.68
C GLU F 476 -30.96 -14.43 42.24
N GLY F 477 -29.79 -15.06 42.28
CA GLY F 477 -29.68 -16.40 42.83
C GLY F 477 -28.24 -16.73 43.11
N ARG F 478 -28.04 -17.67 44.04
CA ARG F 478 -26.70 -18.11 44.42
C ARG F 478 -26.23 -19.32 43.62
N ILE F 479 -27.12 -19.96 42.86
CA ILE F 479 -26.76 -21.00 41.91
C ILE F 479 -26.68 -20.38 40.53
N ILE F 480 -25.67 -20.79 39.75
CA ILE F 480 -25.62 -20.49 38.31
C ILE F 480 -25.52 -21.84 37.61
N ASP F 481 -26.61 -22.21 36.93
CA ASP F 481 -26.76 -23.56 36.42
C ASP F 481 -27.44 -23.60 35.05
N SER F 482 -27.86 -22.45 34.50
CA SER F 482 -28.76 -22.43 33.37
C SER F 482 -28.05 -22.30 32.03
N GLN F 483 -26.73 -22.50 31.99
CA GLN F 483 -26.01 -22.60 30.73
C GLN F 483 -25.39 -23.98 30.60
N LEU F 484 -25.60 -24.61 29.45
CA LEU F 484 -25.08 -25.94 29.17
C LEU F 484 -23.66 -25.81 28.63
N SER F 485 -22.72 -25.59 29.55
CA SER F 485 -21.31 -25.47 29.17
C SER F 485 -20.45 -25.73 30.39
N GLU F 486 -19.68 -26.83 30.35
CA GLU F 486 -18.72 -27.09 31.41
C GLU F 486 -17.62 -26.04 31.42
N HIS F 487 -17.21 -25.55 30.24
CA HIS F 487 -16.20 -24.49 30.17
C HIS F 487 -16.65 -23.25 30.92
N GLN F 488 -17.94 -22.91 30.81
CA GLN F 488 -18.46 -21.74 31.51
C GLN F 488 -18.44 -21.97 33.01
N ALA F 489 -19.03 -23.08 33.47
CA ALA F 489 -19.10 -23.36 34.90
C ALA F 489 -17.72 -23.40 35.52
N GLU F 490 -16.77 -24.07 34.85
CA GLU F 490 -15.41 -24.14 35.38
C GLU F 490 -14.75 -22.76 35.36
N GLY F 491 -14.87 -22.06 34.23
CA GLY F 491 -14.24 -20.74 34.13
C GLY F 491 -14.80 -19.77 35.17
N TRP F 492 -16.13 -19.77 35.33
CA TRP F 492 -16.75 -18.93 36.36
C TRP F 492 -16.20 -19.26 37.74
N LEU F 493 -16.13 -20.56 38.07
CA LEU F 493 -15.62 -20.95 39.38
C LEU F 493 -14.17 -20.52 39.56
N GLU F 494 -13.35 -20.70 38.52
CA GLU F 494 -11.94 -20.33 38.64
C GLU F 494 -11.80 -18.83 38.91
N GLY F 495 -12.53 -18.00 38.17
CA GLY F 495 -12.47 -16.57 38.39
C GLY F 495 -13.00 -16.18 39.77
N TYR F 496 -14.10 -16.81 40.18
CA TYR F 496 -14.64 -16.57 41.51
C TYR F 496 -13.64 -16.98 42.58
N THR F 497 -12.94 -18.09 42.36
CA THR F 497 -12.02 -18.62 43.35
C THR F 497 -10.75 -17.77 43.46
N LEU F 498 -10.13 -17.44 42.33
CA LEU F 498 -8.89 -16.66 42.37
C LEU F 498 -9.10 -15.27 42.95
N THR F 499 -10.33 -14.77 42.96
CA THR F 499 -10.60 -13.45 43.51
C THR F 499 -11.06 -13.51 44.97
N GLY F 500 -10.78 -14.63 45.66
CA GLY F 500 -10.90 -14.70 47.10
C GLY F 500 -12.10 -15.45 47.61
N ARG F 501 -13.06 -15.79 46.75
CA ARG F 501 -14.29 -16.44 47.17
C ARG F 501 -14.18 -17.95 47.00
N THR F 502 -15.20 -18.65 47.47
CA THR F 502 -15.25 -20.11 47.43
C THR F 502 -16.54 -20.58 46.79
N GLY F 503 -16.45 -21.66 46.05
CA GLY F 503 -17.62 -22.21 45.41
C GLY F 503 -17.44 -23.69 45.14
N ALA F 504 -18.32 -24.22 44.30
CA ALA F 504 -18.23 -25.61 43.91
C ALA F 504 -18.85 -25.77 42.53
N PHE F 505 -18.27 -26.66 41.73
CA PHE F 505 -18.77 -26.97 40.40
C PHE F 505 -19.02 -28.47 40.36
N ALA F 506 -20.29 -28.86 40.28
CA ALA F 506 -20.69 -30.25 40.17
C ALA F 506 -21.08 -30.56 38.75
N SER F 507 -20.69 -31.74 38.27
CA SER F 507 -20.92 -32.13 36.88
C SER F 507 -21.02 -33.65 36.80
N TYR F 508 -21.73 -34.11 35.77
CA TYR F 508 -21.63 -35.52 35.40
C TYR F 508 -20.15 -35.88 35.26
N GLU F 509 -19.78 -37.01 35.86
CA GLU F 509 -18.37 -37.38 35.95
C GLU F 509 -17.71 -37.41 34.57
N SER F 510 -18.34 -38.08 33.61
CA SER F 510 -17.71 -38.26 32.31
C SER F 510 -17.47 -36.93 31.60
N PHE F 511 -18.34 -35.95 31.83
CA PHE F 511 -18.29 -34.69 31.09
C PHE F 511 -17.54 -33.60 31.84
N LEU F 512 -17.18 -33.82 33.10
CA LEU F 512 -16.20 -32.92 33.72
C LEU F 512 -14.87 -32.98 32.98
N ARG F 513 -14.61 -34.07 32.27
CA ARG F 513 -13.39 -34.19 31.50
C ARG F 513 -13.37 -33.27 30.30
N VAL F 514 -14.49 -32.64 29.95
CA VAL F 514 -14.49 -31.57 28.97
C VAL F 514 -13.47 -30.51 29.34
N VAL F 515 -13.27 -30.28 30.64
CA VAL F 515 -12.42 -29.20 31.13
C VAL F 515 -11.16 -29.77 31.78
N ASP F 516 -10.76 -30.96 31.35
CA ASP F 516 -9.49 -31.54 31.79
C ASP F 516 -8.37 -30.51 31.74
N SER F 517 -8.21 -29.81 30.60
CA SER F 517 -7.08 -28.92 30.42
C SER F 517 -7.21 -27.63 31.23
N MET F 518 -8.45 -27.20 31.49
CA MET F 518 -8.66 -26.04 32.36
C MET F 518 -8.16 -26.33 33.77
N LEU F 519 -8.47 -27.53 34.28
CA LEU F 519 -7.97 -27.91 35.60
C LEU F 519 -6.45 -27.97 35.62
N THR F 520 -5.84 -28.50 34.55
CA THR F 520 -4.39 -28.45 34.45
C THR F 520 -3.91 -27.02 34.60
N GLN F 521 -4.54 -26.08 33.89
CA GLN F 521 -4.10 -24.68 33.94
C GLN F 521 -4.31 -24.09 35.32
N HIS F 522 -5.38 -24.46 36.02
CA HIS F 522 -5.55 -23.94 37.36
C HIS F 522 -4.50 -24.50 38.30
N PHE F 523 -4.19 -25.79 38.19
CA PHE F 523 -3.11 -26.36 38.99
C PHE F 523 -1.79 -25.66 38.70
N LYS F 524 -1.45 -25.51 37.41
CA LYS F 524 -0.18 -24.86 37.08
C LYS F 524 -0.11 -23.47 37.69
N TRP F 525 -1.23 -22.74 37.72
CA TRP F 525 -1.24 -21.39 38.26
C TRP F 525 -0.96 -21.37 39.75
N ILE F 526 -1.75 -22.13 40.53
CA ILE F 526 -1.59 -22.09 41.98
C ILE F 526 -0.24 -22.64 42.39
N ARG F 527 0.31 -23.59 41.62
CA ARG F 527 1.63 -24.12 41.94
C ARG F 527 2.69 -23.04 41.73
N GLN F 528 2.64 -22.33 40.61
CA GLN F 528 3.61 -21.25 40.37
C GLN F 528 3.36 -20.08 41.32
N ALA F 529 2.11 -19.79 41.62
CA ALA F 529 1.81 -18.69 42.54
C ALA F 529 2.38 -18.95 43.93
N ALA F 530 2.45 -20.22 44.34
CA ALA F 530 2.97 -20.54 45.66
C ALA F 530 4.46 -20.19 45.78
N ASP F 531 5.18 -20.16 44.66
CA ASP F 531 6.60 -19.80 44.68
C ASP F 531 6.85 -18.30 44.70
N GLN F 532 5.80 -17.48 44.63
CA GLN F 532 5.95 -16.03 44.70
C GLN F 532 5.66 -15.61 46.14
N LYS F 533 6.71 -15.23 46.88
CA LYS F 533 6.51 -14.87 48.27
C LYS F 533 5.73 -13.56 48.43
N TRP F 534 5.62 -12.77 47.37
CA TRP F 534 4.83 -11.54 47.40
C TRP F 534 3.36 -11.79 47.10
N ARG F 535 2.96 -13.02 46.81
CA ARG F 535 1.59 -13.36 46.48
C ARG F 535 0.88 -13.98 47.66
N HIS F 536 -0.36 -13.55 47.88
CA HIS F 536 -1.25 -14.21 48.84
C HIS F 536 -1.71 -15.55 48.27
N ASP F 537 -2.01 -16.50 49.17
CA ASP F 537 -2.51 -17.79 48.70
C ASP F 537 -3.96 -17.64 48.26
N TYR F 538 -4.51 -18.73 47.74
CA TYR F 538 -5.87 -18.71 47.21
C TYR F 538 -6.77 -19.67 47.97
N PRO F 539 -8.09 -19.47 47.91
CA PRO F 539 -9.01 -20.53 48.31
C PRO F 539 -8.85 -21.72 47.38
N SER F 540 -9.39 -22.85 47.79
CA SER F 540 -9.30 -24.06 47.00
C SER F 540 -10.42 -24.10 45.97
N LEU F 541 -10.15 -24.77 44.85
CA LEU F 541 -11.12 -25.00 43.80
C LEU F 541 -11.79 -26.35 44.02
N ASN F 542 -13.11 -26.34 44.20
CA ASN F 542 -13.87 -27.54 44.55
C ASN F 542 -14.69 -27.99 43.35
N VAL F 543 -14.34 -29.16 42.81
CA VAL F 543 -15.06 -29.77 41.69
C VAL F 543 -15.60 -31.12 42.17
N ILE F 544 -16.86 -31.39 41.82
CA ILE F 544 -17.55 -32.60 42.24
C ILE F 544 -17.87 -33.43 41.01
N SER F 545 -17.45 -34.70 41.02
CA SER F 545 -17.83 -35.66 40.01
C SER F 545 -18.96 -36.50 40.60
N THR F 546 -20.18 -36.30 40.12
CA THR F 546 -21.32 -37.10 40.54
C THR F 546 -21.95 -37.69 39.26
N SER F 547 -23.10 -38.34 39.42
CA SER F 547 -23.70 -39.11 38.33
C SER F 547 -22.62 -39.93 37.63
N THR F 548 -21.96 -40.75 38.42
CA THR F 548 -20.69 -41.37 38.06
C THR F 548 -20.92 -42.58 37.14
N VAL F 549 -19.86 -43.36 36.96
CA VAL F 549 -19.87 -44.47 36.01
C VAL F 549 -21.00 -45.44 36.35
N PHE F 550 -21.27 -45.64 37.63
CA PHE F 550 -22.23 -46.63 38.09
C PHE F 550 -23.59 -46.02 38.40
N GLN F 551 -23.85 -44.80 37.93
CA GLN F 551 -25.10 -44.11 38.24
C GLN F 551 -25.57 -43.28 37.04
N GLN F 552 -25.62 -43.92 35.87
CA GLN F 552 -26.08 -43.30 34.62
C GLN F 552 -27.13 -44.18 33.96
N ASP F 553 -28.17 -44.48 34.73
CA ASP F 553 -29.25 -45.37 34.31
C ASP F 553 -29.74 -45.07 32.90
N HIS F 554 -30.22 -43.85 32.67
CA HIS F 554 -30.89 -43.50 31.42
C HIS F 554 -29.94 -43.13 30.28
N ASN F 555 -28.63 -43.09 30.50
CA ASN F 555 -27.70 -42.61 29.50
C ASN F 555 -26.75 -43.66 28.96
N GLY F 556 -26.03 -44.38 29.83
CA GLY F 556 -25.21 -45.49 29.37
C GLY F 556 -23.73 -45.24 29.12
N TYR F 557 -23.23 -45.89 28.05
CA TYR F 557 -21.79 -46.06 27.88
C TYR F 557 -21.07 -44.74 27.65
N THR F 558 -21.70 -43.77 26.96
CA THR F 558 -21.03 -42.50 26.66
C THR F 558 -20.87 -41.63 27.90
N HIS F 559 -21.56 -41.96 28.99
CA HIS F 559 -21.49 -41.21 30.24
C HIS F 559 -20.64 -41.92 31.28
N GLN F 560 -19.66 -42.69 30.83
CA GLN F 560 -18.81 -43.50 31.72
C GLN F 560 -17.35 -43.16 31.43
N ASP F 561 -16.73 -42.39 32.32
CA ASP F 561 -15.31 -42.09 32.24
C ASP F 561 -14.82 -41.60 33.60
N PRO F 562 -14.28 -42.48 34.45
CA PRO F 562 -13.76 -42.03 35.75
C PRO F 562 -12.29 -41.66 35.73
N GLY F 563 -11.77 -41.30 34.56
CA GLY F 563 -10.35 -41.07 34.38
C GLY F 563 -9.82 -39.79 35.01
N MET F 564 -10.70 -38.89 35.46
CA MET F 564 -10.23 -37.67 36.12
C MET F 564 -9.36 -37.98 37.33
N LEU F 565 -9.67 -39.07 38.04
CA LEU F 565 -8.84 -39.45 39.18
C LEU F 565 -7.39 -39.65 38.79
N THR F 566 -7.16 -40.31 37.65
CA THR F 566 -5.78 -40.52 37.19
C THR F 566 -5.17 -39.21 36.71
N HIS F 567 -5.94 -38.42 35.95
CA HIS F 567 -5.44 -37.18 35.38
C HIS F 567 -4.86 -36.28 36.47
N LEU F 568 -5.60 -36.09 37.56
CA LEU F 568 -5.15 -35.19 38.61
C LEU F 568 -4.09 -35.85 39.48
N ALA F 569 -4.10 -37.19 39.56
CA ALA F 569 -3.09 -37.88 40.35
C ALA F 569 -1.70 -37.73 39.75
N GLU F 570 -1.59 -37.37 38.47
CA GLU F 570 -0.29 -37.18 37.83
C GLU F 570 0.30 -35.81 38.10
N LYS F 571 -0.49 -34.88 38.64
CA LYS F 571 0.02 -33.57 39.03
C LYS F 571 0.70 -33.66 40.39
N LYS F 572 1.35 -32.57 40.78
CA LYS F 572 2.01 -32.51 42.09
C LYS F 572 0.98 -32.62 43.20
N SER F 573 1.06 -33.70 43.97
CA SER F 573 -0.01 -34.06 44.89
C SER F 573 -0.13 -33.08 46.05
N ASP F 574 0.90 -32.30 46.34
CA ASP F 574 0.77 -31.28 47.39
C ASP F 574 -0.28 -30.23 47.07
N PHE F 575 -0.77 -30.17 45.82
CA PHE F 575 -1.80 -29.22 45.44
C PHE F 575 -3.09 -29.90 45.00
N ILE F 576 -3.16 -31.22 45.11
CA ILE F 576 -4.30 -32.01 44.65
C ILE F 576 -4.81 -32.83 45.83
N ARG F 577 -6.12 -32.76 46.07
CA ARG F 577 -6.79 -33.57 47.08
C ARG F 577 -8.01 -34.20 46.42
N GLN F 578 -7.96 -35.52 46.26
CA GLN F 578 -9.06 -36.28 45.68
C GLN F 578 -9.69 -37.15 46.75
N TYR F 579 -11.02 -37.07 46.86
CA TYR F 579 -11.79 -37.77 47.89
C TYR F 579 -12.87 -38.63 47.26
N LEU F 580 -12.98 -39.87 47.73
CA LEU F 580 -14.02 -40.81 47.29
C LEU F 580 -14.84 -41.28 48.48
N PRO F 581 -15.61 -40.38 49.09
CA PRO F 581 -16.44 -40.79 50.24
C PRO F 581 -17.42 -41.89 49.84
N ALA F 582 -17.58 -42.87 50.73
CA ALA F 582 -18.43 -44.01 50.44
C ALA F 582 -19.87 -43.82 50.90
N ASP F 583 -20.16 -42.81 51.72
CA ASP F 583 -21.51 -42.58 52.18
C ASP F 583 -21.68 -41.10 52.52
N GLY F 584 -22.88 -40.76 53.02
CA GLY F 584 -23.23 -39.36 53.20
C GLY F 584 -22.45 -38.67 54.31
N ASN F 585 -22.28 -39.34 55.45
CA ASN F 585 -21.56 -38.70 56.55
C ASN F 585 -20.12 -38.39 56.16
N THR F 586 -19.45 -39.32 55.45
CA THR F 586 -18.09 -39.05 55.01
C THR F 586 -18.05 -37.86 54.06
N LEU F 587 -18.98 -37.81 53.10
CA LEU F 587 -19.02 -36.69 52.16
C LEU F 587 -19.13 -35.36 52.89
N LEU F 588 -19.97 -35.30 53.92
CA LEU F 588 -20.09 -34.09 54.72
C LEU F 588 -18.76 -33.72 55.36
N ALA F 589 -18.07 -34.71 55.92
CA ALA F 589 -16.83 -34.45 56.66
C ALA F 589 -15.71 -34.00 55.73
N VAL F 590 -15.63 -34.54 54.52
CA VAL F 590 -14.55 -34.15 53.61
C VAL F 590 -14.72 -32.70 53.18
N PHE F 591 -15.96 -32.26 52.99
CA PHE F 591 -16.18 -30.88 52.57
C PHE F 591 -15.95 -29.90 53.71
N ASP F 592 -16.19 -30.32 54.95
CA ASP F 592 -15.73 -29.52 56.06
C ASP F 592 -14.23 -29.29 55.97
N ARG F 593 -13.48 -30.31 55.54
CA ARG F 593 -12.05 -30.17 55.35
C ARG F 593 -11.72 -29.44 54.06
N ALA F 594 -12.41 -29.76 52.96
CA ALA F 594 -12.11 -29.13 51.68
C ALA F 594 -12.28 -27.62 51.76
N PHE F 595 -13.38 -27.15 52.37
CA PHE F 595 -13.66 -25.73 52.42
C PHE F 595 -12.68 -24.97 53.30
N GLN F 596 -11.84 -25.66 54.05
CA GLN F 596 -10.82 -25.01 54.86
C GLN F 596 -9.43 -25.07 54.23
N ASP F 597 -9.26 -25.85 53.16
CA ASP F 597 -7.96 -25.99 52.54
C ASP F 597 -7.68 -24.78 51.65
N ARG F 598 -6.40 -24.52 51.41
CA ARG F 598 -5.96 -23.37 50.64
C ARG F 598 -5.09 -23.84 49.47
N SER F 599 -5.28 -23.18 48.32
CA SER F 599 -4.46 -23.40 47.13
C SER F 599 -4.41 -24.88 46.75
N LYS F 600 -5.59 -25.47 46.65
CA LYS F 600 -5.75 -26.85 46.21
C LYS F 600 -6.77 -26.89 45.08
N ILE F 601 -6.73 -28.00 44.36
CA ILE F 601 -7.89 -28.49 43.62
C ILE F 601 -8.45 -29.65 44.43
N ASN F 602 -9.67 -29.49 44.93
CA ASN F 602 -10.38 -30.53 45.67
C ASN F 602 -11.34 -31.22 44.72
N HIS F 603 -11.07 -32.49 44.42
CA HIS F 603 -11.91 -33.30 43.55
C HIS F 603 -12.64 -34.33 44.40
N ILE F 604 -13.96 -34.27 44.42
CA ILE F 604 -14.80 -35.18 45.20
C ILE F 604 -15.63 -36.01 44.26
N VAL F 605 -15.51 -37.33 44.38
CA VAL F 605 -16.39 -38.27 43.71
C VAL F 605 -17.50 -38.63 44.69
N ALA F 606 -18.75 -38.37 44.31
CA ALA F 606 -19.89 -38.51 45.21
C ALA F 606 -21.04 -39.20 44.51
N SER F 607 -21.77 -40.01 45.28
CA SER F 607 -22.95 -40.71 44.82
C SER F 607 -24.19 -39.84 45.00
N LYS F 608 -25.16 -40.01 44.11
CA LYS F 608 -26.45 -39.34 44.23
C LYS F 608 -27.63 -40.29 44.37
N GLN F 609 -27.47 -41.55 44.07
CA GLN F 609 -28.56 -42.50 44.15
C GLN F 609 -28.62 -43.10 45.55
N PRO F 610 -29.80 -43.58 45.97
CA PRO F 610 -29.92 -44.13 47.33
C PRO F 610 -29.05 -45.36 47.52
N ARG F 611 -28.23 -45.35 48.56
CA ARG F 611 -27.28 -46.41 48.82
C ARG F 611 -27.21 -46.64 50.33
N GLN F 612 -26.75 -47.83 50.71
CA GLN F 612 -26.57 -48.12 52.13
C GLN F 612 -25.60 -47.13 52.75
N GLN F 613 -25.93 -46.70 53.97
CA GLN F 613 -25.06 -45.82 54.75
C GLN F 613 -24.32 -46.67 55.79
N TRP F 614 -23.07 -46.31 56.06
CA TRP F 614 -22.14 -47.22 56.73
C TRP F 614 -21.54 -46.67 58.01
N PHE F 615 -21.09 -45.42 58.02
CA PHE F 615 -20.19 -44.93 59.05
C PHE F 615 -20.88 -43.91 59.97
N THR F 616 -20.57 -44.02 61.26
CA THR F 616 -20.94 -43.01 62.24
C THR F 616 -20.25 -41.68 61.94
N LYS F 617 -20.74 -40.63 62.60
CA LYS F 617 -20.14 -39.32 62.42
C LYS F 617 -18.75 -39.25 63.04
N GLU F 618 -18.44 -40.15 63.98
CA GLU F 618 -17.07 -40.26 64.48
C GLU F 618 -16.17 -40.92 63.45
N GLU F 619 -16.64 -42.03 62.88
CA GLU F 619 -15.88 -42.71 61.84
C GLU F 619 -15.71 -41.81 60.61
N ALA F 620 -16.76 -41.08 60.23
CA ALA F 620 -16.66 -40.20 59.08
C ALA F 620 -15.61 -39.12 59.32
N GLU F 621 -15.58 -38.57 60.54
CA GLU F 621 -14.58 -37.58 60.87
C GLU F 621 -13.17 -38.15 60.72
N LYS F 622 -12.95 -39.36 61.23
CA LYS F 622 -11.63 -39.96 61.13
C LYS F 622 -11.27 -40.27 59.67
N LEU F 623 -12.25 -40.76 58.90
CA LEU F 623 -11.97 -41.10 57.52
C LEU F 623 -11.63 -39.85 56.70
N ALA F 624 -12.27 -38.72 57.01
CA ALA F 624 -11.99 -37.49 56.29
C ALA F 624 -10.69 -36.85 56.75
N THR F 625 -10.34 -36.98 58.03
CA THR F 625 -9.12 -36.39 58.56
C THR F 625 -7.89 -37.18 58.14
N ASP F 626 -7.88 -38.49 58.43
CA ASP F 626 -6.75 -39.33 58.08
C ASP F 626 -6.81 -39.83 56.64
N GLY F 627 -7.99 -39.81 56.02
CA GLY F 627 -8.16 -40.26 54.64
C GLY F 627 -8.21 -41.76 54.47
N ILE F 628 -8.05 -42.52 55.55
CA ILE F 628 -7.95 -43.98 55.48
C ILE F 628 -8.12 -44.53 56.89
N ALA F 629 -8.65 -45.74 57.00
CA ALA F 629 -8.83 -46.34 58.32
C ALA F 629 -9.16 -47.81 58.17
N THR F 630 -8.61 -48.62 59.07
CA THR F 630 -9.04 -50.00 59.23
C THR F 630 -10.36 -50.02 60.00
N ILE F 631 -11.34 -50.75 59.49
CA ILE F 631 -12.69 -50.78 60.03
C ILE F 631 -12.84 -52.03 60.88
N ASP F 632 -13.01 -51.83 62.19
CA ASP F 632 -12.99 -52.95 63.15
C ASP F 632 -14.13 -53.92 62.90
N TRP F 633 -15.33 -53.41 62.69
CA TRP F 633 -16.50 -54.29 62.54
C TRP F 633 -16.55 -55.00 61.19
N ALA F 634 -15.65 -54.65 60.26
CA ALA F 634 -15.56 -55.36 59.00
C ALA F 634 -14.28 -56.19 58.89
N SER F 635 -13.62 -56.43 60.02
CA SER F 635 -12.35 -57.14 60.03
C SER F 635 -12.46 -58.31 61.01
N THR F 636 -11.85 -59.44 60.64
CA THR F 636 -11.74 -60.56 61.56
C THR F 636 -10.40 -60.60 62.28
N ALA F 637 -9.40 -59.90 61.77
CA ALA F 637 -8.12 -59.84 62.45
C ALA F 637 -8.10 -58.57 63.26
N LYS F 638 -7.60 -58.67 64.49
CA LYS F 638 -7.60 -57.55 65.40
C LYS F 638 -6.26 -56.83 65.28
N ASP F 639 -6.06 -55.81 66.09
CA ASP F 639 -4.85 -55.03 65.98
C ASP F 639 -3.64 -55.92 66.25
N GLY F 640 -2.63 -55.83 65.39
CA GLY F 640 -1.41 -56.59 65.52
C GLY F 640 -1.51 -58.05 65.14
N GLU F 641 -2.59 -58.48 64.48
CA GLU F 641 -2.73 -59.87 64.09
C GLU F 641 -2.38 -60.03 62.62
N ALA F 642 -1.81 -61.19 62.29
CA ALA F 642 -1.51 -61.55 60.91
C ALA F 642 -2.80 -61.78 60.14
N VAL F 643 -2.73 -61.60 58.81
CA VAL F 643 -3.91 -61.75 57.96
C VAL F 643 -3.57 -62.67 56.80
N ASP F 644 -4.60 -63.35 56.31
CA ASP F 644 -4.50 -64.14 55.09
C ASP F 644 -4.65 -63.26 53.85
N LEU F 645 -5.41 -62.18 53.97
CA LEU F 645 -5.55 -61.20 52.90
C LEU F 645 -6.12 -59.93 53.49
N VAL F 646 -6.15 -58.89 52.66
CA VAL F 646 -6.69 -57.58 53.04
C VAL F 646 -7.74 -57.18 52.02
N PHE F 647 -8.87 -56.69 52.51
CA PHE F 647 -9.90 -56.09 51.68
C PHE F 647 -9.81 -54.56 51.79
N ALA F 648 -9.97 -53.89 50.66
CA ALA F 648 -9.93 -52.44 50.65
C ALA F 648 -10.80 -51.94 49.50
N SER F 649 -11.24 -50.68 49.62
CA SER F 649 -12.06 -50.09 48.58
C SER F 649 -12.00 -48.58 48.68
N ALA F 650 -12.24 -47.92 47.55
CA ALA F 650 -12.36 -46.48 47.49
C ALA F 650 -13.54 -46.16 46.57
N GLY F 651 -14.57 -45.53 47.12
CA GLY F 651 -15.78 -45.21 46.38
C GLY F 651 -17.01 -45.86 46.96
N ALA F 652 -18.19 -45.36 46.59
CA ALA F 652 -19.44 -45.85 47.16
C ALA F 652 -19.75 -47.27 46.67
N GLU F 653 -19.94 -47.43 45.36
CA GLU F 653 -20.25 -48.76 44.83
C GLU F 653 -19.16 -49.77 45.14
N PRO F 654 -17.87 -49.48 44.93
CA PRO F 654 -16.83 -50.47 45.30
C PRO F 654 -16.88 -50.86 46.76
N THR F 655 -17.15 -49.91 47.67
CA THR F 655 -17.20 -50.25 49.08
C THR F 655 -18.35 -51.21 49.37
N ILE F 656 -19.52 -50.99 48.76
CA ILE F 656 -20.65 -51.88 48.98
C ILE F 656 -20.29 -53.29 48.53
N GLU F 657 -19.66 -53.40 47.35
CA GLU F 657 -19.38 -54.72 46.78
C GLU F 657 -18.23 -55.40 47.51
N THR F 658 -17.22 -54.63 47.93
CA THR F 658 -16.10 -55.22 48.67
C THR F 658 -16.55 -55.66 50.06
N LEU F 659 -17.33 -54.83 50.75
CA LEU F 659 -17.86 -55.25 52.05
C LEU F 659 -18.74 -56.48 51.90
N ALA F 660 -19.57 -56.53 50.85
CA ALA F 660 -20.42 -57.69 50.61
C ALA F 660 -19.59 -58.92 50.25
N ALA F 661 -18.45 -58.73 49.58
CA ALA F 661 -17.61 -59.86 49.23
C ALA F 661 -17.01 -60.51 50.47
N LEU F 662 -16.38 -59.71 51.34
CA LEU F 662 -15.77 -60.29 52.53
C LEU F 662 -16.84 -60.88 53.44
N HIS F 663 -18.04 -60.33 53.43
CA HIS F 663 -19.13 -60.90 54.22
C HIS F 663 -19.49 -62.29 53.72
N LEU F 664 -19.52 -62.49 52.39
CA LEU F 664 -19.83 -63.79 51.82
C LEU F 664 -18.78 -64.84 52.18
N VAL F 665 -17.51 -64.44 52.15
CA VAL F 665 -16.42 -65.37 52.49
C VAL F 665 -16.55 -65.76 53.95
N ASN F 666 -16.72 -64.77 54.81
CA ASN F 666 -16.79 -65.02 56.25
C ASN F 666 -17.98 -65.90 56.60
N GLU F 667 -19.06 -65.86 55.79
CA GLU F 667 -20.25 -66.66 56.09
C GLU F 667 -19.96 -68.15 56.03
N VAL F 668 -19.13 -68.58 55.09
CA VAL F 668 -18.79 -69.99 54.97
C VAL F 668 -17.47 -70.34 55.63
N PHE F 669 -16.62 -69.35 55.90
CA PHE F 669 -15.29 -69.58 56.45
C PHE F 669 -14.93 -68.51 57.45
N PRO F 670 -15.47 -68.61 58.66
CA PRO F 670 -15.19 -67.57 59.68
C PRO F 670 -13.74 -67.51 60.09
N GLN F 671 -12.96 -68.58 59.91
CA GLN F 671 -11.57 -68.58 60.34
C GLN F 671 -10.68 -67.70 59.47
N ALA F 672 -11.14 -67.27 58.30
CA ALA F 672 -10.36 -66.37 57.47
C ALA F 672 -10.01 -65.10 58.24
N LYS F 673 -8.72 -64.80 58.29
CA LYS F 673 -8.20 -63.61 58.96
C LYS F 673 -7.96 -62.52 57.93
N PHE F 674 -8.60 -61.36 58.12
CA PHE F 674 -8.44 -60.25 57.19
C PHE F 674 -8.80 -58.94 57.87
N ARG F 675 -8.27 -57.85 57.31
CA ARG F 675 -8.71 -56.51 57.64
C ARG F 675 -9.46 -55.92 56.44
N TYR F 676 -10.42 -55.05 56.73
CA TYR F 676 -11.01 -54.18 55.71
C TYR F 676 -10.52 -52.75 55.93
N VAL F 677 -10.07 -52.11 54.86
CA VAL F 677 -9.54 -50.74 54.89
C VAL F 677 -10.36 -49.91 53.92
N ASN F 678 -11.01 -48.86 54.44
CA ASN F 678 -11.72 -47.89 53.61
C ASN F 678 -10.79 -46.74 53.24
N VAL F 679 -10.69 -46.45 51.94
CA VAL F 679 -9.81 -45.42 51.41
C VAL F 679 -10.66 -44.28 50.87
N VAL F 680 -10.47 -43.08 51.41
CA VAL F 680 -11.15 -41.88 50.94
C VAL F 680 -10.17 -40.95 50.22
N GLU F 681 -9.09 -40.56 50.89
CA GLU F 681 -8.07 -39.67 50.31
C GLU F 681 -7.04 -40.52 49.59
N LEU F 682 -7.33 -40.82 48.32
CA LEU F 682 -6.54 -41.80 47.57
C LEU F 682 -5.08 -41.40 47.43
N GLY F 683 -4.79 -40.11 47.35
CA GLY F 683 -3.42 -39.66 47.15
C GLY F 683 -2.45 -40.11 48.23
N ARG F 684 -2.93 -40.44 49.42
CA ARG F 684 -2.04 -40.83 50.51
C ARG F 684 -1.31 -42.13 50.21
N LEU F 685 -1.87 -42.99 49.35
CA LEU F 685 -1.25 -44.27 49.03
C LEU F 685 -0.10 -44.14 48.04
N GLN F 686 0.02 -43.01 47.36
CA GLN F 686 1.08 -42.87 46.38
C GLN F 686 2.44 -42.73 47.08
N LYS F 687 3.48 -43.03 46.31
CA LYS F 687 4.86 -42.78 46.72
C LYS F 687 5.63 -42.48 45.43
N LYS F 688 5.37 -41.29 44.88
CA LYS F 688 5.90 -40.93 43.58
C LYS F 688 7.30 -40.33 43.70
N LYS F 689 8.04 -40.43 42.61
CA LYS F 689 9.30 -39.73 42.48
C LYS F 689 9.05 -38.27 42.12
N GLY F 690 9.95 -37.41 42.55
CA GLY F 690 9.76 -35.98 42.37
C GLY F 690 9.27 -35.31 43.64
N ALA F 691 9.67 -34.06 43.81
CA ALA F 691 9.34 -33.30 45.00
C ALA F 691 7.90 -32.79 44.95
N LEU F 692 7.48 -32.20 46.07
CA LEU F 692 6.15 -31.61 46.21
C LEU F 692 5.05 -32.65 46.03
N ASN F 693 5.35 -33.89 46.43
CA ASN F 693 4.39 -34.98 46.42
C ASN F 693 4.27 -35.69 47.75
N GLN F 694 5.01 -35.26 48.78
CA GLN F 694 5.17 -36.05 49.99
C GLN F 694 4.35 -35.52 51.16
N GLU F 695 3.64 -34.41 50.98
CA GLU F 695 2.98 -33.78 52.11
C GLU F 695 1.99 -34.73 52.78
N ARG F 696 1.24 -35.50 52.00
CA ARG F 696 0.20 -36.38 52.54
C ARG F 696 0.48 -37.86 52.32
N GLU F 697 1.64 -38.21 51.77
CA GLU F 697 1.93 -39.62 51.51
C GLU F 697 2.18 -40.36 52.82
N LEU F 698 1.60 -41.55 52.92
CA LEU F 698 1.82 -42.42 54.07
C LEU F 698 3.28 -42.87 54.12
N SER F 699 3.80 -42.98 55.34
CA SER F 699 5.11 -43.59 55.52
C SER F 699 5.05 -45.08 55.19
N ASP F 700 6.23 -45.66 54.96
CA ASP F 700 6.29 -47.09 54.69
C ASP F 700 5.68 -47.88 55.85
N GLU F 701 5.88 -47.41 57.09
CA GLU F 701 5.28 -48.07 58.24
C GLU F 701 3.76 -47.93 58.22
N GLU F 702 3.24 -46.75 57.88
CA GLU F 702 1.80 -46.55 57.84
C GLU F 702 1.15 -47.41 56.75
N PHE F 703 1.78 -47.48 55.57
CA PHE F 703 1.20 -48.27 54.49
C PHE F 703 1.14 -49.74 54.86
N GLU F 704 2.18 -50.25 55.50
CA GLU F 704 2.21 -51.65 55.90
C GLU F 704 1.20 -51.95 57.00
N LYS F 705 0.90 -50.97 57.86
CA LYS F 705 -0.10 -51.20 58.91
C LYS F 705 -1.46 -51.55 58.30
N TYR F 706 -1.81 -50.94 57.17
CA TYR F 706 -3.10 -51.19 56.54
C TYR F 706 -3.07 -52.41 55.63
N PHE F 707 -2.07 -52.48 54.74
CA PHE F 707 -2.05 -53.50 53.69
C PHE F 707 -1.11 -54.65 53.97
N GLY F 708 -0.40 -54.63 55.10
CA GLY F 708 0.53 -55.69 55.44
C GLY F 708 1.78 -55.63 54.60
N PRO F 709 2.67 -56.61 54.78
CA PRO F 709 3.92 -56.63 54.02
C PRO F 709 3.70 -57.07 52.59
N SER F 710 4.73 -56.85 51.77
CA SER F 710 4.68 -57.30 50.39
C SER F 710 4.38 -58.80 50.34
N GLY F 711 3.53 -59.20 49.40
CA GLY F 711 3.06 -60.55 49.29
C GLY F 711 1.68 -60.77 49.87
N THR F 712 1.22 -59.87 50.74
CA THR F 712 -0.13 -59.94 51.28
C THR F 712 -1.15 -59.69 50.18
N PRO F 713 -2.02 -60.64 49.88
CA PRO F 713 -3.06 -60.36 48.87
C PRO F 713 -3.93 -59.19 49.32
N VAL F 714 -4.28 -58.33 48.37
CA VAL F 714 -5.11 -57.16 48.63
C VAL F 714 -6.23 -57.15 47.60
N ILE F 715 -7.44 -57.49 48.03
CA ILE F 715 -8.65 -57.33 47.22
C ILE F 715 -9.04 -55.85 47.29
N PHE F 716 -8.82 -55.13 46.19
CA PHE F 716 -9.00 -53.68 46.15
C PHE F 716 -10.12 -53.34 45.17
N GLY F 717 -11.24 -52.86 45.71
CA GLY F 717 -12.32 -52.37 44.86
C GLY F 717 -12.17 -50.89 44.60
N PHE F 718 -12.11 -50.48 43.34
CA PHE F 718 -11.79 -49.11 43.01
C PHE F 718 -12.85 -48.54 42.08
N HIS F 719 -13.15 -47.26 42.27
CA HIS F 719 -14.15 -46.59 41.46
C HIS F 719 -13.65 -46.34 40.04
N GLY F 720 -12.37 -46.03 39.89
CA GLY F 720 -11.80 -45.62 38.63
C GLY F 720 -11.07 -46.73 37.91
N TYR F 721 -10.19 -46.34 37.00
CA TYR F 721 -9.43 -47.28 36.20
C TYR F 721 -8.37 -47.96 37.05
N GLU F 722 -8.01 -49.19 36.66
CA GLU F 722 -7.17 -50.03 37.51
C GLU F 722 -5.71 -49.64 37.46
N ASP F 723 -5.26 -48.95 36.41
CA ASP F 723 -3.83 -48.63 36.30
C ASP F 723 -3.37 -47.70 37.41
N LEU F 724 -4.27 -46.87 37.95
CA LEU F 724 -3.87 -45.97 39.02
C LEU F 724 -3.54 -46.72 40.30
N ILE F 725 -4.32 -47.74 40.64
CA ILE F 725 -4.02 -48.54 41.83
C ILE F 725 -2.78 -49.39 41.60
N GLU F 726 -2.64 -49.93 40.38
CA GLU F 726 -1.46 -50.71 40.05
C GLU F 726 -0.20 -49.88 40.13
N SER F 727 -0.25 -48.62 39.67
CA SER F 727 0.91 -47.76 39.78
C SER F 727 1.23 -47.48 41.25
N ILE F 728 0.19 -47.29 42.07
CA ILE F 728 0.38 -47.06 43.50
C ILE F 728 1.09 -48.22 44.15
N PHE F 729 0.64 -49.45 43.86
CA PHE F 729 1.23 -50.60 44.50
C PHE F 729 2.62 -50.94 43.97
N TYR F 730 2.96 -50.50 42.75
CA TYR F 730 4.34 -50.63 42.31
C TYR F 730 5.24 -49.64 43.02
N GLN F 731 4.75 -48.40 43.21
CA GLN F 731 5.52 -47.41 43.97
C GLN F 731 5.81 -47.90 45.38
N ARG F 732 4.91 -48.68 45.96
CA ARG F 732 5.05 -49.22 47.30
C ARG F 732 5.75 -50.56 47.36
N GLY F 733 6.12 -51.12 46.21
CA GLY F 733 6.79 -52.42 46.17
C GLY F 733 6.03 -53.52 46.87
N HIS F 734 4.70 -53.54 46.72
CA HIS F 734 3.85 -54.50 47.41
C HIS F 734 3.29 -55.46 46.37
N ASP F 735 3.73 -56.70 46.42
CA ASP F 735 3.20 -57.74 45.54
C ASP F 735 1.89 -58.27 46.11
N GLY F 736 0.93 -58.58 45.23
CA GLY F 736 -0.28 -59.24 45.66
C GLY F 736 -1.57 -58.46 45.44
N LEU F 737 -1.50 -57.33 44.75
CA LEU F 737 -2.69 -56.55 44.48
C LEU F 737 -3.63 -57.32 43.55
N ILE F 738 -4.90 -57.37 43.92
CA ILE F 738 -5.96 -57.96 43.10
C ILE F 738 -7.00 -56.87 42.89
N VAL F 739 -6.84 -56.08 41.82
CA VAL F 739 -7.66 -54.89 41.62
C VAL F 739 -9.00 -55.24 41.00
N HIS F 740 -10.02 -54.50 41.42
CA HIS F 740 -11.37 -54.58 40.85
C HIS F 740 -11.84 -53.13 40.66
N GLY F 741 -11.60 -52.59 39.46
CA GLY F 741 -12.05 -51.25 39.15
C GLY F 741 -12.89 -51.21 37.88
N TYR F 742 -13.16 -50.01 37.37
CA TYR F 742 -13.85 -49.88 36.10
C TYR F 742 -12.93 -50.32 34.97
N ARG F 743 -13.45 -51.16 34.07
CA ARG F 743 -12.65 -51.76 33.00
C ARG F 743 -13.18 -51.38 31.63
N GLU F 744 -13.73 -50.18 31.48
CA GLU F 744 -14.22 -49.71 30.20
C GLU F 744 -15.25 -50.68 29.62
N ASP F 745 -16.13 -51.15 30.48
CA ASP F 745 -17.24 -52.02 30.09
C ASP F 745 -18.50 -51.52 30.77
N GLY F 746 -19.54 -51.29 29.97
CA GLY F 746 -20.80 -50.82 30.51
C GLY F 746 -21.73 -50.41 29.40
N ASP F 747 -22.98 -50.19 29.79
CA ASP F 747 -24.02 -49.82 28.84
C ASP F 747 -25.31 -49.57 29.62
N ILE F 748 -26.42 -49.31 28.92
CA ILE F 748 -27.72 -49.27 29.59
C ILE F 748 -28.06 -50.63 30.16
N THR F 749 -28.17 -50.69 31.48
CA THR F 749 -28.49 -51.93 32.17
C THR F 749 -28.98 -51.58 33.57
N THR F 750 -29.11 -52.59 34.42
CA THR F 750 -29.60 -52.42 35.78
C THR F 750 -28.52 -51.85 36.69
N THR F 751 -28.95 -51.45 37.89
CA THR F 751 -28.03 -50.85 38.86
C THR F 751 -26.82 -51.73 39.10
N TYR F 752 -27.04 -53.00 39.43
CA TYR F 752 -25.95 -53.89 39.82
C TYR F 752 -25.27 -54.54 38.63
N ASP F 753 -25.93 -54.60 37.47
CA ASP F 753 -25.24 -55.14 36.30
C ASP F 753 -24.13 -54.21 35.83
N MET F 754 -24.27 -52.91 36.06
CA MET F 754 -23.16 -52.00 35.77
C MET F 754 -21.93 -52.37 36.58
N ARG F 755 -22.13 -52.98 37.74
CA ARG F 755 -20.99 -53.42 38.54
C ARG F 755 -20.49 -54.78 38.07
N VAL F 756 -21.39 -55.65 37.62
CA VAL F 756 -20.96 -56.94 37.08
C VAL F 756 -20.22 -56.75 35.76
N TYR F 757 -20.56 -55.70 35.00
CA TYR F 757 -19.94 -55.46 33.70
C TYR F 757 -18.41 -55.44 33.82
N SER F 758 -17.89 -54.80 34.86
CA SER F 758 -16.45 -54.73 35.09
C SER F 758 -15.95 -55.79 36.07
N GLU F 759 -16.81 -56.71 36.49
CA GLU F 759 -16.48 -57.70 37.52
C GLU F 759 -16.10 -57.03 38.83
N LEU F 760 -16.65 -55.84 39.07
CA LEU F 760 -16.53 -55.17 40.35
C LEU F 760 -17.47 -55.75 41.40
N ASP F 761 -18.47 -56.53 40.99
CA ASP F 761 -19.51 -56.97 41.92
C ASP F 761 -18.94 -57.87 43.01
N ARG F 762 -19.74 -58.01 44.07
CA ARG F 762 -19.37 -58.81 45.24
C ARG F 762 -19.06 -60.25 44.88
N PHE F 763 -19.75 -60.80 43.87
CA PHE F 763 -19.61 -62.22 43.58
C PHE F 763 -18.28 -62.49 42.88
N HIS F 764 -17.89 -61.64 41.95
CA HIS F 764 -16.57 -61.77 41.34
C HIS F 764 -15.48 -61.49 42.37
N GLN F 765 -15.69 -60.54 43.26
CA GLN F 765 -14.69 -60.27 44.28
C GLN F 765 -14.54 -61.46 45.24
N ALA F 766 -15.67 -62.07 45.63
CA ALA F 766 -15.63 -63.19 46.56
C ALA F 766 -14.93 -64.39 45.94
N ILE F 767 -15.13 -64.63 44.65
CA ILE F 767 -14.44 -65.73 43.98
C ILE F 767 -12.94 -65.53 44.07
N ASP F 768 -12.46 -64.32 43.73
CA ASP F 768 -11.02 -64.06 43.80
C ASP F 768 -10.50 -64.24 45.23
N ALA F 769 -11.30 -63.84 46.22
CA ALA F 769 -10.86 -63.98 47.60
C ALA F 769 -10.69 -65.45 47.98
N MET F 770 -11.68 -66.28 47.65
CA MET F 770 -11.58 -67.69 47.97
C MET F 770 -10.48 -68.35 47.15
N GLN F 771 -10.29 -67.93 45.90
CA GLN F 771 -9.27 -68.55 45.06
C GLN F 771 -7.88 -68.34 45.64
N VAL F 772 -7.59 -67.15 46.15
CA VAL F 772 -6.26 -66.91 46.70
C VAL F 772 -6.12 -67.61 48.04
N LEU F 773 -7.19 -67.71 48.82
CA LEU F 773 -7.13 -68.50 50.05
C LEU F 773 -6.81 -69.97 49.77
N TYR F 774 -7.43 -70.56 48.73
CA TYR F 774 -7.14 -71.94 48.36
C TYR F 774 -5.72 -72.09 47.84
N VAL F 775 -5.31 -71.21 46.92
CA VAL F 775 -3.96 -71.31 46.35
C VAL F 775 -2.92 -71.29 47.45
N ASN F 776 -3.15 -70.47 48.47
CA ASN F 776 -2.27 -70.44 49.63
C ASN F 776 -2.63 -71.53 50.64
N ARG F 777 -3.50 -72.47 50.27
CA ARG F 777 -3.84 -73.61 51.10
C ARG F 777 -4.28 -73.17 52.50
N LYS F 778 -5.18 -72.20 52.54
CA LYS F 778 -5.78 -71.78 53.79
C LYS F 778 -7.17 -72.39 53.99
N VAL F 779 -7.71 -73.02 52.94
CA VAL F 779 -9.02 -73.66 52.98
CA VAL F 779 -9.02 -73.65 52.98
C VAL F 779 -8.91 -75.00 52.28
N ASN F 780 -9.81 -75.91 52.64
CA ASN F 780 -9.87 -77.21 51.99
C ASN F 780 -10.59 -77.06 50.66
N GLN F 781 -10.23 -77.92 49.70
CA GLN F 781 -10.73 -77.75 48.35
C GLN F 781 -12.25 -77.88 48.31
N GLY F 782 -12.81 -78.77 49.12
CA GLY F 782 -14.25 -78.98 49.07
C GLY F 782 -15.04 -77.72 49.39
N LEU F 783 -14.63 -77.02 50.45
CA LEU F 783 -15.31 -75.79 50.84
C LEU F 783 -15.11 -74.69 49.81
N ALA F 784 -13.87 -74.48 49.39
CA ALA F 784 -13.59 -73.46 48.39
C ALA F 784 -14.38 -73.70 47.11
N LYS F 785 -14.40 -74.95 46.64
CA LYS F 785 -15.09 -75.29 45.41
C LYS F 785 -16.59 -75.10 45.53
N ALA F 786 -17.18 -75.52 46.65
CA ALA F 786 -18.61 -75.34 46.86
C ALA F 786 -19.00 -73.88 46.89
N PHE F 787 -18.16 -73.04 47.52
CA PHE F 787 -18.43 -71.62 47.58
C PHE F 787 -18.36 -70.98 46.20
N ILE F 788 -17.27 -71.24 45.46
CA ILE F 788 -17.12 -70.66 44.14
C ILE F 788 -18.25 -71.08 43.22
N ASP F 789 -18.63 -72.37 43.26
CA ASP F 789 -19.75 -72.82 42.43
C ASP F 789 -21.01 -72.03 42.76
N ARG F 790 -21.24 -71.74 44.05
CA ARG F 790 -22.41 -70.96 44.42
C ARG F 790 -22.32 -69.54 43.89
N MET F 791 -21.14 -68.92 43.97
CA MET F 791 -20.95 -67.60 43.41
C MET F 791 -21.24 -67.59 41.92
N LYS F 792 -20.72 -68.58 41.19
CA LYS F 792 -20.97 -68.65 39.76
C LYS F 792 -22.45 -68.89 39.45
N ARG F 793 -23.10 -69.79 40.19
CA ARG F 793 -24.53 -70.02 39.95
C ARG F 793 -25.30 -68.73 40.12
N THR F 794 -24.93 -67.93 41.12
CA THR F 794 -25.59 -66.66 41.35
C THR F 794 -25.39 -65.69 40.19
N LEU F 795 -24.20 -65.71 39.58
CA LEU F 795 -23.96 -64.85 38.43
C LEU F 795 -24.76 -65.31 37.22
N VAL F 796 -24.90 -66.64 37.04
CA VAL F 796 -25.76 -67.16 35.98
C VAL F 796 -27.20 -66.65 36.15
N LYS F 797 -27.71 -66.70 37.38
CA LYS F 797 -29.07 -66.23 37.62
C LYS F 797 -29.18 -64.73 37.34
N HIS F 798 -28.15 -63.98 37.70
CA HIS F 798 -28.14 -62.55 37.45
C HIS F 798 -28.37 -62.24 35.98
N PHE F 799 -27.66 -62.95 35.09
CA PHE F 799 -27.80 -62.67 33.66
C PHE F 799 -29.15 -63.10 33.10
N GLU F 800 -29.75 -64.15 33.67
CA GLU F 800 -31.03 -64.62 33.17
C GLU F 800 -32.16 -63.69 33.61
N VAL F 801 -32.17 -63.28 34.87
CA VAL F 801 -33.25 -62.44 35.38
C VAL F 801 -33.13 -61.04 34.79
N THR F 802 -31.92 -60.51 34.73
CA THR F 802 -31.75 -59.14 34.27
C THR F 802 -32.09 -58.98 32.79
N ARG F 803 -31.70 -59.96 31.94
CA ARG F 803 -32.00 -59.88 30.51
C ARG F 803 -33.46 -60.17 30.19
N ASN F 804 -34.12 -60.97 31.00
CA ASN F 804 -35.51 -61.36 30.74
C ASN F 804 -36.53 -60.46 31.42
N GLU F 805 -36.18 -59.89 32.58
CA GLU F 805 -37.13 -59.15 33.39
C GLU F 805 -36.79 -57.67 33.54
N GLY F 806 -35.52 -57.29 33.40
CA GLY F 806 -35.17 -55.89 33.53
C GLY F 806 -35.07 -55.42 34.95
N VAL F 807 -34.83 -56.35 35.89
CA VAL F 807 -34.66 -56.03 37.30
C VAL F 807 -33.50 -56.87 37.82
N ASP F 808 -33.05 -56.53 39.02
CA ASP F 808 -31.93 -57.20 39.65
C ASP F 808 -32.44 -58.29 40.57
N ILE F 809 -31.56 -59.24 40.89
CA ILE F 809 -31.90 -60.39 41.72
C ILE F 809 -31.87 -59.98 43.19
N PRO F 810 -32.63 -60.67 44.05
CA PRO F 810 -32.63 -60.30 45.48
C PRO F 810 -31.28 -60.47 46.16
N ASP F 811 -30.38 -61.29 45.61
CA ASP F 811 -29.06 -61.41 46.22
C ASP F 811 -28.35 -60.07 46.27
N PHE F 812 -28.61 -59.19 45.31
CA PHE F 812 -28.10 -57.82 45.34
C PHE F 812 -29.00 -56.90 46.14
N THR F 813 -30.29 -56.84 45.76
CA THR F 813 -31.15 -55.75 46.18
C THR F 813 -31.50 -55.82 47.67
N GLU F 814 -31.61 -57.04 48.21
CA GLU F 814 -32.13 -57.23 49.56
C GLU F 814 -31.03 -57.38 50.59
N TRP F 815 -29.76 -57.29 50.20
CA TRP F 815 -28.68 -57.52 51.14
C TRP F 815 -28.54 -56.35 52.10
N VAL F 816 -28.36 -56.68 53.37
CA VAL F 816 -28.12 -55.71 54.43
C VAL F 816 -26.94 -56.21 55.25
N TRP F 817 -26.21 -55.27 55.85
CA TRP F 817 -25.05 -55.64 56.63
C TRP F 817 -25.48 -56.33 57.92
N SER F 818 -24.68 -57.31 58.34
CA SER F 818 -24.83 -57.95 59.65
C SER F 818 -23.44 -58.24 60.21
N ASP F 819 -23.39 -58.51 61.51
CA ASP F 819 -22.12 -58.79 62.16
C ASP F 819 -21.42 -59.96 61.48
N LEU F 820 -20.09 -59.88 61.39
CA LEU F 820 -19.33 -61.01 60.90
C LEU F 820 -19.34 -62.12 61.93
N LYS F 821 -19.09 -63.34 61.46
CA LYS F 821 -19.01 -64.51 62.33
C LYS F 821 -17.64 -64.53 62.98
N LYS F 822 -17.61 -64.50 64.30
CA LYS F 822 -16.40 -64.19 65.07
C LYS F 822 -15.67 -63.00 64.46
N GLU G 3 -101.76 23.65 -29.23
CA GLU G 3 -101.73 22.32 -28.65
C GLU G 3 -101.16 22.37 -27.23
N TYR G 4 -99.93 22.87 -27.12
CA TYR G 4 -99.26 22.96 -25.82
C TYR G 4 -99.68 24.19 -25.03
N ASN G 5 -100.56 25.02 -25.57
CA ASN G 5 -101.05 26.21 -24.87
C ASN G 5 -102.55 26.12 -24.63
N SER G 6 -103.20 25.05 -25.08
CA SER G 6 -104.62 24.93 -24.88
C SER G 6 -104.96 24.59 -23.43
N GLU G 7 -106.18 24.93 -23.04
CA GLU G 7 -106.65 24.60 -21.70
C GLU G 7 -106.77 23.09 -21.52
N ALA G 8 -107.18 22.39 -22.58
CA ALA G 8 -107.27 20.94 -22.49
C ALA G 8 -105.91 20.33 -22.16
N TYR G 9 -104.85 20.81 -22.82
CA TYR G 9 -103.52 20.30 -22.54
C TYR G 9 -103.05 20.68 -21.14
N LEU G 10 -103.31 21.93 -20.72
CA LEU G 10 -102.87 22.36 -19.40
C LEU G 10 -103.62 21.62 -18.30
N LYS G 11 -104.87 21.20 -18.56
CA LYS G 11 -105.56 20.37 -17.58
C LYS G 11 -104.91 19.00 -17.46
N LYS G 12 -104.39 18.48 -18.57
CA LYS G 12 -103.62 17.24 -18.52
C LYS G 12 -102.33 17.42 -17.73
N LEU G 13 -101.63 18.54 -17.95
CA LEU G 13 -100.43 18.82 -17.17
C LEU G 13 -100.76 18.91 -15.70
N ASP G 14 -101.87 19.57 -15.35
CA ASP G 14 -102.25 19.73 -13.95
C ASP G 14 -102.52 18.37 -13.31
N LYS G 15 -103.14 17.46 -14.06
CA LYS G 15 -103.37 16.11 -13.55
C LYS G 15 -102.05 15.38 -13.31
N TRP G 16 -101.13 15.46 -14.28
CA TRP G 16 -99.81 14.84 -14.12
C TRP G 16 -99.09 15.42 -12.91
N TRP G 17 -99.18 16.73 -12.71
CA TRP G 17 -98.57 17.37 -11.56
C TRP G 17 -99.15 16.80 -10.26
N ARG G 18 -100.47 16.73 -10.16
CA ARG G 18 -101.09 16.21 -8.95
C ARG G 18 -100.78 14.73 -8.75
N ALA G 19 -100.65 13.97 -9.84
CA ALA G 19 -100.25 12.57 -9.71
C ALA G 19 -98.86 12.45 -9.09
N ALA G 20 -97.92 13.27 -9.55
CA ALA G 20 -96.57 13.23 -9.00
C ALA G 20 -96.56 13.71 -7.56
N THR G 21 -97.30 14.78 -7.26
CA THR G 21 -97.32 15.32 -5.91
C THR G 21 -98.04 14.38 -4.96
N TYR G 22 -99.10 13.74 -5.43
CA TYR G 22 -99.83 12.78 -4.60
C TYR G 22 -98.90 11.71 -4.06
N LEU G 23 -98.07 11.13 -4.93
CA LEU G 23 -97.16 10.08 -4.51
C LEU G 23 -96.08 10.63 -3.59
N GLY G 24 -95.59 11.83 -3.88
CA GLY G 24 -94.57 12.43 -3.02
C GLY G 24 -95.05 12.69 -1.61
N ALA G 25 -96.33 13.04 -1.44
CA ALA G 25 -96.88 13.26 -0.11
C ALA G 25 -97.15 11.94 0.62
N GLY G 26 -97.79 10.99 -0.07
CA GLY G 26 -98.14 9.74 0.57
C GLY G 26 -96.91 8.96 1.01
N MET G 27 -95.84 9.08 0.23
CA MET G 27 -94.60 8.36 0.47
C MET G 27 -93.94 8.78 1.79
N ILE G 28 -94.32 9.94 2.33
CA ILE G 28 -93.82 10.35 3.64
C ILE G 28 -94.39 9.48 4.74
N PHE G 29 -95.67 9.14 4.65
CA PHE G 29 -96.40 8.53 5.77
C PHE G 29 -96.72 7.06 5.57
N LEU G 30 -96.95 6.62 4.34
CA LEU G 30 -97.39 5.26 4.06
C LEU G 30 -96.24 4.40 3.56
N LYS G 31 -96.20 3.15 4.02
CA LYS G 31 -95.29 2.15 3.51
C LYS G 31 -95.99 1.05 2.70
N GLU G 32 -97.31 1.14 2.57
CA GLU G 32 -98.09 0.24 1.72
C GLU G 32 -99.46 0.89 1.52
N ASN G 33 -100.29 0.26 0.71
CA ASN G 33 -101.64 0.76 0.45
C ASN G 33 -101.56 2.18 -0.11
N PRO G 34 -100.79 2.38 -1.18
CA PRO G 34 -100.55 3.76 -1.64
C PRO G 34 -101.76 4.41 -2.28
N LEU G 35 -102.66 3.64 -2.87
CA LEU G 35 -103.88 4.17 -3.49
C LEU G 35 -105.11 3.71 -2.72
N PHE G 36 -105.13 3.98 -1.41
CA PHE G 36 -106.17 3.44 -0.54
C PHE G 36 -107.57 3.82 -0.99
N SER G 37 -107.75 5.05 -1.47
CA SER G 37 -109.08 5.51 -1.88
C SER G 37 -109.46 5.03 -3.27
N VAL G 38 -108.48 4.66 -4.10
CA VAL G 38 -108.77 4.12 -5.42
C VAL G 38 -109.05 2.62 -5.35
N THR G 39 -108.32 1.90 -4.51
CA THR G 39 -108.48 0.46 -4.35
C THR G 39 -109.56 0.08 -3.34
N GLY G 40 -110.23 1.06 -2.73
CA GLY G 40 -111.30 0.77 -1.78
C GLY G 40 -110.82 0.00 -0.56
N THR G 41 -109.59 0.25 -0.10
CA THR G 41 -109.00 -0.44 1.05
C THR G 41 -108.57 0.60 2.08
N PRO G 42 -109.41 0.95 3.05
CA PRO G 42 -109.08 2.04 3.97
C PRO G 42 -107.76 1.82 4.69
N ILE G 43 -107.17 2.94 5.11
CA ILE G 43 -105.87 2.92 5.77
C ILE G 43 -106.02 2.30 7.16
N LYS G 44 -105.08 1.44 7.52
CA LYS G 44 -104.97 0.94 8.88
C LYS G 44 -103.56 1.21 9.40
N ALA G 45 -103.42 1.07 10.72
CA ALA G 45 -102.14 1.35 11.36
C ALA G 45 -101.00 0.59 10.71
N GLU G 46 -101.25 -0.65 10.28
CA GLU G 46 -100.19 -1.45 9.69
C GLU G 46 -99.66 -0.83 8.40
N ASN G 47 -100.44 0.04 7.76
CA ASN G 47 -99.98 0.66 6.52
C ASN G 47 -99.04 1.84 6.78
N LEU G 48 -99.05 2.38 7.99
CA LEU G 48 -98.34 3.63 8.27
C LEU G 48 -96.93 3.35 8.79
N LYS G 49 -96.02 4.27 8.46
CA LYS G 49 -94.67 4.20 8.95
C LYS G 49 -94.63 4.61 10.42
N ALA G 50 -93.70 3.99 11.16
CA ALA G 50 -93.59 4.26 12.60
C ALA G 50 -92.98 5.63 12.87
N ASN G 51 -92.04 6.06 12.03
CA ASN G 51 -91.35 7.35 12.20
C ASN G 51 -91.21 8.04 10.86
N PRO G 52 -92.25 8.72 10.38
CA PRO G 52 -92.17 9.35 9.05
C PRO G 52 -90.99 10.30 8.94
N ILE G 53 -90.25 10.17 7.84
CA ILE G 53 -89.06 10.95 7.55
C ILE G 53 -89.19 11.54 6.15
N GLY G 54 -88.78 12.79 6.02
CA GLY G 54 -88.77 13.43 4.73
C GLY G 54 -89.21 14.87 4.82
N HIS G 55 -89.20 15.55 3.68
CA HIS G 55 -89.57 16.96 3.61
C HIS G 55 -90.75 17.09 2.66
N TRP G 56 -91.65 18.01 3.00
CA TRP G 56 -92.85 18.27 2.23
C TRP G 56 -92.88 19.65 1.60
N GLY G 57 -92.36 20.66 2.30
CA GLY G 57 -92.57 22.04 1.89
C GLY G 57 -92.20 22.31 0.45
N THR G 58 -91.04 21.84 0.01
CA THR G 58 -90.51 22.20 -1.31
C THR G 58 -91.09 21.37 -2.44
N VAL G 59 -91.77 20.26 -2.15
CA VAL G 59 -92.04 19.25 -3.17
C VAL G 59 -92.98 19.78 -4.25
N SER G 60 -94.18 20.23 -3.84
CA SER G 60 -95.21 20.59 -4.83
C SER G 60 -94.75 21.71 -5.75
N GLY G 61 -93.96 22.66 -5.23
CA GLY G 61 -93.43 23.70 -6.08
C GLY G 61 -92.47 23.15 -7.11
N GLN G 62 -91.65 22.17 -6.72
CA GLN G 62 -90.68 21.62 -7.66
C GLN G 62 -91.34 20.68 -8.66
N THR G 63 -92.35 19.91 -8.23
CA THR G 63 -93.07 19.07 -9.19
C THR G 63 -93.85 19.91 -10.19
N PHE G 64 -94.34 21.08 -9.75
CA PHE G 64 -94.93 22.02 -10.68
C PHE G 64 -93.91 22.44 -11.74
N LEU G 65 -92.71 22.82 -11.32
CA LEU G 65 -91.70 23.26 -12.28
C LEU G 65 -91.23 22.12 -13.16
N TYR G 66 -91.08 20.93 -12.58
CA TYR G 66 -90.69 19.76 -13.36
C TYR G 66 -91.71 19.46 -14.46
N ALA G 67 -93.00 19.54 -14.12
CA ALA G 67 -94.05 19.28 -15.11
C ALA G 67 -93.96 20.29 -16.25
N HIS G 68 -93.78 21.57 -15.92
CA HIS G 68 -93.69 22.58 -16.97
C HIS G 68 -92.41 22.42 -17.79
N ALA G 69 -91.35 21.88 -17.19
CA ALA G 69 -90.15 21.56 -17.96
C ALA G 69 -90.42 20.46 -18.97
N ASN G 70 -91.17 19.42 -18.55
CA ASN G 70 -91.56 18.37 -19.49
C ASN G 70 -92.35 18.93 -20.66
N ARG G 71 -93.24 19.89 -20.39
CA ARG G 71 -93.98 20.54 -21.46
C ARG G 71 -93.03 21.20 -22.45
N LEU G 72 -92.04 21.94 -21.93
CA LEU G 72 -91.05 22.59 -22.80
C LEU G 72 -90.30 21.58 -23.65
N ILE G 73 -89.89 20.47 -23.05
CA ILE G 73 -89.12 19.47 -23.77
C ILE G 73 -89.91 18.97 -24.98
N ASN G 74 -91.20 18.69 -24.78
CA ASN G 74 -92.02 18.17 -25.86
C ASN G 74 -92.35 19.24 -26.89
N LYS G 75 -92.63 20.47 -26.43
CA LYS G 75 -93.02 21.53 -27.35
C LYS G 75 -91.87 21.96 -28.23
N TYR G 76 -90.67 22.09 -27.66
CA TYR G 76 -89.52 22.64 -28.37
C TYR G 76 -88.50 21.58 -28.77
N ASP G 77 -88.73 20.31 -28.41
CA ASP G 77 -87.78 19.25 -28.73
C ASP G 77 -86.40 19.55 -28.16
N GLN G 78 -86.39 19.92 -26.87
CA GLN G 78 -85.21 20.47 -26.22
C GLN G 78 -84.52 19.43 -25.37
N LYS G 79 -83.20 19.36 -25.47
CA LYS G 79 -82.39 18.56 -24.56
C LYS G 79 -82.19 19.32 -23.26
N MET G 80 -82.60 18.72 -22.15
CA MET G 80 -82.68 19.42 -20.88
C MET G 80 -82.45 18.43 -19.74
N PHE G 81 -82.04 18.98 -18.60
CA PHE G 81 -81.89 18.18 -17.39
C PHE G 81 -82.23 19.04 -16.18
N TYR G 82 -82.65 18.37 -15.10
CA TYR G 82 -83.18 19.05 -13.92
C TYR G 82 -82.14 19.12 -12.81
N MET G 83 -82.05 20.29 -12.18
CA MET G 83 -81.10 20.53 -11.10
CA MET G 83 -81.09 20.57 -11.12
C MET G 83 -81.86 21.06 -9.91
N GLY G 84 -82.03 20.22 -8.89
CA GLY G 84 -82.79 20.59 -7.73
C GLY G 84 -81.93 21.24 -6.66
N GLY G 85 -81.96 22.58 -6.61
CA GLY G 85 -81.29 23.31 -5.57
C GLY G 85 -81.69 22.85 -4.18
N PRO G 86 -83.02 22.85 -3.89
CA PRO G 86 -83.53 22.30 -2.62
C PRO G 86 -83.56 20.77 -2.67
N GLY G 87 -82.36 20.19 -2.55
CA GLY G 87 -82.20 18.76 -2.74
C GLY G 87 -82.91 17.89 -1.71
N HIS G 88 -83.27 18.48 -0.56
CA HIS G 88 -83.95 17.75 0.51
C HIS G 88 -85.33 17.26 0.09
N GLY G 89 -85.88 17.76 -1.02
CA GLY G 89 -87.15 17.27 -1.52
C GLY G 89 -87.01 16.20 -2.59
N GLY G 90 -86.41 15.07 -2.21
CA GLY G 90 -86.05 14.04 -3.17
C GLY G 90 -87.22 13.54 -3.99
N GLN G 91 -88.43 13.56 -3.42
CA GLN G 91 -89.58 13.06 -4.16
C GLN G 91 -89.79 13.80 -5.47
N ALA G 92 -89.40 15.08 -5.53
CA ALA G 92 -89.65 15.90 -6.72
C ALA G 92 -88.83 15.46 -7.92
N MET G 93 -87.78 14.66 -7.71
CA MET G 93 -87.05 14.04 -8.81
C MET G 93 -87.32 12.55 -8.91
N VAL G 94 -87.62 11.89 -7.80
CA VAL G 94 -87.87 10.45 -7.81
C VAL G 94 -89.20 10.15 -8.50
N VAL G 95 -90.27 10.85 -8.13
CA VAL G 95 -91.59 10.47 -8.62
C VAL G 95 -91.70 10.78 -10.11
N PRO G 96 -91.30 11.96 -10.58
CA PRO G 96 -91.32 12.18 -12.04
C PRO G 96 -90.57 11.12 -12.82
N SER G 97 -89.43 10.64 -12.30
CA SER G 97 -88.73 9.54 -12.95
C SER G 97 -89.58 8.26 -12.91
N TYR G 98 -90.29 8.05 -11.79
CA TYR G 98 -91.13 6.86 -11.70
C TYR G 98 -92.30 6.90 -12.67
N LEU G 99 -92.85 8.09 -12.92
CA LEU G 99 -94.04 8.20 -13.76
C LEU G 99 -93.74 8.03 -15.25
N ASP G 100 -92.51 8.31 -15.68
CA ASP G 100 -92.16 8.25 -17.10
C ASP G 100 -91.37 7.00 -17.46
N GLY G 101 -91.22 6.05 -16.53
CA GLY G 101 -90.61 4.78 -16.84
C GLY G 101 -89.11 4.70 -16.65
N SER G 102 -88.43 5.84 -16.47
CA SER G 102 -86.98 5.80 -16.30
C SER G 102 -86.59 5.14 -14.98
N TYR G 103 -87.39 5.30 -13.94
CA TYR G 103 -87.04 4.72 -12.65
C TYR G 103 -87.05 3.20 -12.71
N THR G 104 -88.02 2.61 -13.41
CA THR G 104 -88.09 1.17 -13.54
C THR G 104 -86.89 0.64 -14.33
N GLU G 105 -86.44 1.39 -15.34
CA GLU G 105 -85.29 0.95 -16.11
C GLU G 105 -84.04 0.85 -15.25
N ALA G 106 -83.93 1.72 -14.24
CA ALA G 106 -82.79 1.65 -13.32
C ALA G 106 -83.04 0.65 -12.20
N TYR G 107 -84.30 0.55 -11.74
CA TYR G 107 -84.69 -0.34 -10.66
C TYR G 107 -85.83 -1.22 -11.15
N PRO G 108 -85.53 -2.35 -11.80
CA PRO G 108 -86.61 -3.17 -12.38
C PRO G 108 -87.64 -3.66 -11.38
N GLU G 109 -87.28 -3.81 -10.10
CA GLU G 109 -88.24 -4.26 -9.11
C GLU G 109 -89.27 -3.19 -8.78
N ILE G 110 -89.00 -1.93 -9.10
CA ILE G 110 -89.94 -0.82 -8.82
C ILE G 110 -90.79 -0.67 -10.07
N THR G 111 -91.74 -1.57 -10.23
CA THR G 111 -92.57 -1.60 -11.42
C THR G 111 -93.65 -0.52 -11.35
N GLN G 112 -94.19 -0.19 -12.52
CA GLN G 112 -95.23 0.84 -12.64
C GLN G 112 -96.61 0.23 -12.42
N ASP G 113 -96.77 -0.35 -11.24
CA ASP G 113 -98.04 -0.95 -10.83
C ASP G 113 -98.16 -0.82 -9.32
N LEU G 114 -99.24 -1.39 -8.79
CA LEU G 114 -99.53 -1.24 -7.36
C LEU G 114 -98.41 -1.85 -6.52
N GLU G 115 -97.88 -2.99 -6.96
CA GLU G 115 -96.82 -3.68 -6.21
C GLU G 115 -95.53 -2.87 -6.18
N GLY G 116 -95.10 -2.38 -7.34
CA GLY G 116 -93.90 -1.57 -7.39
C GLY G 116 -94.05 -0.24 -6.67
N MET G 117 -95.25 0.34 -6.72
CA MET G 117 -95.52 1.60 -6.01
C MET G 117 -95.39 1.40 -4.51
N SER G 118 -95.94 0.30 -3.99
CA SER G 118 -95.80 0.00 -2.57
C SER G 118 -94.33 -0.24 -2.21
N ARG G 119 -93.60 -0.91 -3.09
CA ARG G 119 -92.18 -1.12 -2.84
C ARG G 119 -91.45 0.21 -2.73
N LEU G 120 -91.81 1.17 -3.59
CA LEU G 120 -91.19 2.48 -3.56
C LEU G 120 -91.57 3.26 -2.31
N PHE G 121 -92.86 3.21 -1.94
CA PHE G 121 -93.31 3.88 -0.71
C PHE G 121 -92.52 3.38 0.49
N LYS G 122 -92.37 2.06 0.60
CA LYS G 122 -91.63 1.46 1.71
C LYS G 122 -90.14 1.78 1.66
N ARG G 123 -89.58 1.92 0.46
CA ARG G 123 -88.15 2.16 0.35
C ARG G 123 -87.76 3.59 0.71
N PHE G 124 -88.68 4.55 0.54
CA PHE G 124 -88.34 5.96 0.75
C PHE G 124 -87.99 6.24 2.20
N SER G 125 -86.79 6.76 2.44
CA SER G 125 -86.34 7.16 3.78
C SER G 125 -86.46 6.01 4.77
N PHE G 126 -86.11 4.81 4.31
CA PHE G 126 -86.11 3.57 5.05
C PHE G 126 -84.71 3.02 5.16
N PRO G 127 -84.35 2.37 6.27
CA PRO G 127 -83.02 1.77 6.39
C PRO G 127 -82.73 0.83 5.23
N GLY G 128 -81.61 1.07 4.56
CA GLY G 128 -81.22 0.29 3.41
C GLY G 128 -82.00 0.58 2.15
N GLY G 129 -82.87 1.60 2.16
CA GLY G 129 -83.62 1.98 0.99
C GLY G 129 -82.99 3.14 0.24
N ILE G 130 -83.78 4.18 -0.03
CA ILE G 130 -83.26 5.39 -0.65
C ILE G 130 -83.40 6.53 0.34
N GLY G 131 -82.55 7.54 0.17
CA GLY G 131 -82.54 8.67 1.05
C GLY G 131 -83.66 9.63 0.75
N SER G 132 -83.69 10.71 1.53
CA SER G 132 -84.66 11.77 1.33
C SER G 132 -84.21 12.80 0.30
N HIS G 133 -82.91 12.86 0.02
CA HIS G 133 -82.36 13.88 -0.86
C HIS G 133 -82.27 13.35 -2.29
N MET G 134 -81.82 14.21 -3.20
CA MET G 134 -81.62 13.84 -4.59
C MET G 134 -80.24 13.22 -4.79
N THR G 135 -80.02 12.14 -4.06
CA THR G 135 -78.72 11.46 -4.04
C THR G 135 -78.46 10.80 -5.39
N ALA G 136 -77.27 10.18 -5.52
CA ALA G 136 -76.89 9.43 -6.70
C ALA G 136 -77.78 8.20 -6.92
N GLN G 137 -78.57 7.80 -5.93
CA GLN G 137 -79.60 6.80 -6.13
C GLN G 137 -80.69 7.28 -7.08
N THR G 138 -80.77 8.60 -7.32
CA THR G 138 -81.86 9.20 -8.05
C THR G 138 -81.54 9.24 -9.54
N PRO G 139 -82.30 8.60 -10.42
CA PRO G 139 -82.07 8.76 -11.86
C PRO G 139 -82.23 10.21 -12.26
N GLY G 140 -81.29 10.69 -13.09
CA GLY G 140 -81.36 12.03 -13.62
C GLY G 140 -80.66 13.08 -12.79
N SER G 141 -80.11 12.73 -11.65
CA SER G 141 -79.48 13.72 -10.76
C SER G 141 -77.97 13.75 -10.99
N LEU G 142 -77.44 14.96 -11.04
CA LEU G 142 -76.00 15.22 -10.90
C LEU G 142 -75.73 16.23 -9.79
N HIS G 143 -76.69 16.40 -8.88
CA HIS G 143 -76.63 17.44 -7.86
C HIS G 143 -77.51 17.00 -6.70
N GLU G 144 -76.89 16.70 -5.56
CA GLU G 144 -77.65 16.20 -4.43
C GLU G 144 -78.40 17.32 -3.70
N GLY G 145 -77.82 18.51 -3.65
CA GLY G 145 -78.51 19.63 -3.04
C GLY G 145 -78.72 19.53 -1.54
N GLY G 146 -77.88 18.78 -0.83
CA GLY G 146 -77.93 18.73 0.62
C GLY G 146 -77.28 19.95 1.24
N GLU G 147 -76.00 20.17 0.92
CA GLU G 147 -75.30 21.39 1.28
C GLU G 147 -75.64 22.42 0.21
N LEU G 148 -76.47 23.40 0.58
CA LEU G 148 -77.03 24.33 -0.39
C LEU G 148 -76.00 25.34 -0.87
N GLY G 149 -76.17 25.80 -2.11
CA GLY G 149 -75.43 26.93 -2.64
C GLY G 149 -74.67 26.68 -3.92
N TYR G 150 -74.66 25.47 -4.47
CA TYR G 150 -73.78 25.14 -5.59
C TYR G 150 -74.55 24.74 -6.85
N VAL G 151 -75.87 24.99 -6.90
CA VAL G 151 -76.67 24.50 -8.03
C VAL G 151 -76.34 25.25 -9.32
N LEU G 152 -76.02 26.54 -9.23
CA LEU G 152 -75.78 27.32 -10.45
C LEU G 152 -74.35 27.18 -10.94
N SER G 153 -73.38 27.08 -10.02
CA SER G 153 -72.01 26.80 -10.45
C SER G 153 -71.93 25.41 -11.08
N HIS G 154 -72.62 24.43 -10.50
CA HIS G 154 -72.70 23.11 -11.12
C HIS G 154 -73.42 23.19 -12.47
N ALA G 155 -74.51 23.95 -12.55
CA ALA G 155 -75.24 24.05 -13.81
C ALA G 155 -74.36 24.67 -14.88
N THR G 156 -73.58 25.70 -14.53
CA THR G 156 -72.70 26.34 -15.51
C THR G 156 -71.69 25.34 -16.05
N GLY G 157 -70.97 24.64 -15.16
CA GLY G 157 -70.01 23.65 -15.60
C GLY G 157 -70.64 22.58 -16.47
N ALA G 158 -71.91 22.26 -16.22
CA ALA G 158 -72.59 21.23 -16.99
C ALA G 158 -72.83 21.67 -18.42
N ILE G 159 -73.13 22.97 -18.64
CA ILE G 159 -73.48 23.44 -19.99
C ILE G 159 -72.28 24.02 -20.75
N LEU G 160 -71.13 24.19 -20.09
CA LEU G 160 -69.93 24.57 -20.81
C LEU G 160 -69.61 23.55 -21.89
N ASP G 161 -69.41 24.03 -23.11
CA ASP G 161 -69.08 23.18 -24.26
C ASP G 161 -70.20 22.18 -24.59
N GLN G 162 -71.43 22.47 -24.18
CA GLN G 162 -72.59 21.64 -24.54
C GLN G 162 -73.66 22.55 -25.14
N PRO G 163 -73.45 23.02 -26.37
CA PRO G 163 -74.30 24.09 -26.92
C PRO G 163 -75.77 23.74 -27.06
N GLU G 164 -76.13 22.45 -27.13
CA GLU G 164 -77.54 22.07 -27.28
C GLU G 164 -78.25 21.81 -25.95
N GLN G 165 -77.55 21.89 -24.83
CA GLN G 165 -78.15 21.54 -23.55
C GLN G 165 -78.62 22.78 -22.80
N ILE G 166 -79.72 22.62 -22.07
CA ILE G 166 -80.21 23.64 -21.15
C ILE G 166 -80.35 22.99 -19.78
N ALA G 167 -79.83 23.66 -18.76
CA ALA G 167 -79.91 23.19 -17.38
C ALA G 167 -81.10 23.89 -16.73
N PHE G 168 -82.15 23.13 -16.44
CA PHE G 168 -83.34 23.61 -15.75
C PHE G 168 -83.03 23.59 -14.25
N ALA G 169 -82.56 24.72 -13.73
CA ALA G 169 -81.98 24.82 -12.39
C ALA G 169 -82.91 25.56 -11.44
N VAL G 170 -83.41 24.85 -10.43
CA VAL G 170 -84.31 25.41 -9.43
C VAL G 170 -83.48 25.85 -8.23
N VAL G 171 -83.61 27.12 -7.84
CA VAL G 171 -82.88 27.68 -6.72
C VAL G 171 -83.85 27.93 -5.57
N GLY G 172 -83.58 27.34 -4.42
CA GLY G 172 -84.38 27.63 -3.24
C GLY G 172 -84.15 29.07 -2.80
N ASP G 173 -85.21 29.70 -2.28
CA ASP G 173 -85.05 31.09 -1.88
C ASP G 173 -84.21 31.24 -0.63
N GLY G 174 -84.18 30.21 0.23
CA GLY G 174 -83.19 30.18 1.31
C GLY G 174 -81.79 29.94 0.77
N GLU G 175 -81.65 29.01 -0.16
CA GLU G 175 -80.37 28.78 -0.81
C GLU G 175 -79.82 30.05 -1.44
N ALA G 176 -80.71 30.93 -1.94
CA ALA G 176 -80.25 32.17 -2.55
C ALA G 176 -79.58 33.12 -1.56
N GLU G 177 -79.63 32.81 -0.26
CA GLU G 177 -78.99 33.63 0.76
C GLU G 177 -77.56 33.21 1.06
N THR G 178 -77.13 32.06 0.53
CA THR G 178 -75.77 31.59 0.78
C THR G 178 -74.78 32.37 -0.07
N GLY G 179 -73.52 32.41 0.38
CA GLY G 179 -72.47 33.07 -0.33
C GLY G 179 -72.24 32.48 -1.71
N PRO G 180 -72.00 31.17 -1.76
CA PRO G 180 -71.75 30.53 -3.06
C PRO G 180 -72.84 30.78 -4.10
N LEU G 181 -74.10 30.76 -3.71
CA LEU G 181 -75.17 31.01 -4.66
C LEU G 181 -75.17 32.47 -5.11
N MET G 182 -75.06 33.40 -4.15
CA MET G 182 -75.12 34.83 -4.46
C MET G 182 -74.10 35.20 -5.55
N THR G 183 -72.86 34.72 -5.41
CA THR G 183 -71.86 35.09 -6.40
C THR G 183 -71.97 34.24 -7.67
N SER G 184 -72.67 33.11 -7.61
CA SER G 184 -72.81 32.26 -8.80
C SER G 184 -73.67 32.91 -9.88
N TRP G 185 -74.42 33.98 -9.54
CA TRP G 185 -75.14 34.73 -10.56
C TRP G 185 -74.18 35.35 -11.58
N HIS G 186 -72.92 35.58 -11.21
CA HIS G 186 -71.92 36.11 -12.13
C HIS G 186 -71.55 35.12 -13.22
N SER G 187 -72.09 33.90 -13.20
CA SER G 187 -71.64 32.89 -14.15
C SER G 187 -71.88 33.31 -15.61
N ILE G 188 -72.93 34.08 -15.87
CA ILE G 188 -73.25 34.46 -17.26
C ILE G 188 -72.19 35.38 -17.87
N LYS G 189 -71.30 35.95 -17.05
CA LYS G 189 -70.16 36.67 -17.58
C LYS G 189 -69.09 35.74 -18.13
N PHE G 190 -69.29 34.42 -18.08
CA PHE G 190 -68.33 33.47 -18.59
C PHE G 190 -68.97 32.43 -19.50
N ILE G 191 -70.28 32.53 -19.74
CA ILE G 191 -70.98 31.64 -20.66
C ILE G 191 -71.05 32.35 -22.01
N ASN G 192 -70.49 31.72 -23.04
CA ASN G 192 -70.53 32.28 -24.38
C ASN G 192 -71.62 31.56 -25.16
N PRO G 193 -72.69 32.23 -25.56
CA PRO G 193 -73.77 31.53 -26.29
C PRO G 193 -73.32 30.92 -27.59
N LYS G 194 -72.16 31.31 -28.11
CA LYS G 194 -71.66 30.75 -29.36
C LYS G 194 -71.27 29.29 -29.20
N ASN G 195 -70.65 28.94 -28.07
CA ASN G 195 -70.06 27.62 -27.88
C ASN G 195 -70.64 26.81 -26.73
N ASP G 196 -71.31 27.43 -25.77
CA ASP G 196 -71.78 26.76 -24.58
C ASP G 196 -73.31 26.65 -24.60
N GLY G 197 -73.82 25.77 -23.74
CA GLY G 197 -75.24 25.67 -23.52
C GLY G 197 -75.73 26.83 -22.68
N ALA G 198 -76.89 26.64 -22.06
CA ALA G 198 -77.53 27.70 -21.30
C ALA G 198 -78.11 27.16 -20.00
N ILE G 199 -78.12 28.02 -18.99
CA ILE G 199 -78.82 27.75 -17.73
C ILE G 199 -80.13 28.52 -17.74
N LEU G 200 -81.20 27.85 -17.33
CA LEU G 200 -82.50 28.48 -17.13
C LEU G 200 -82.77 28.48 -15.64
N PRO G 201 -82.36 29.52 -14.91
CA PRO G 201 -82.57 29.52 -13.46
C PRO G 201 -83.98 29.93 -13.10
N ILE G 202 -84.57 29.19 -12.16
CA ILE G 202 -85.87 29.51 -11.58
C ILE G 202 -85.65 29.73 -10.10
N LEU G 203 -85.95 30.94 -9.63
CA LEU G 203 -85.88 31.24 -8.20
C LEU G 203 -87.18 30.78 -7.56
N ASP G 204 -87.11 29.71 -6.76
CA ASP G 204 -88.29 29.15 -6.07
C ASP G 204 -88.60 30.00 -4.84
N LEU G 205 -89.33 31.10 -5.08
CA LEU G 205 -89.67 32.04 -4.02
C LEU G 205 -90.91 31.57 -3.28
N ASN G 206 -90.78 30.43 -2.62
CA ASN G 206 -91.91 29.89 -1.88
C ASN G 206 -92.10 30.57 -0.53
N GLY G 207 -91.23 31.51 -0.17
CA GLY G 207 -91.45 32.42 0.92
C GLY G 207 -90.68 32.11 2.19
N PHE G 208 -90.23 30.87 2.37
CA PHE G 208 -89.71 30.44 3.66
C PHE G 208 -88.59 29.42 3.47
N LYS G 209 -87.77 29.29 4.52
CA LYS G 209 -86.81 28.19 4.65
C LYS G 209 -87.26 27.31 5.81
N ILE G 210 -86.35 26.86 6.68
CA ILE G 210 -86.75 25.91 7.74
C ILE G 210 -87.70 26.57 8.73
N SER G 211 -87.26 27.67 9.34
CA SER G 211 -88.01 28.29 10.43
C SER G 211 -88.21 29.79 10.25
N ASN G 212 -87.85 30.34 9.10
CA ASN G 212 -87.87 31.78 8.88
C ASN G 212 -88.45 32.09 7.51
N PRO G 213 -88.94 33.30 7.31
CA PRO G 213 -89.14 33.80 5.94
C PRO G 213 -87.78 34.04 5.29
N THR G 214 -87.81 34.28 3.98
CA THR G 214 -86.59 34.46 3.20
C THR G 214 -86.39 35.92 2.82
N LEU G 215 -85.11 36.29 2.69
CA LEU G 215 -84.76 37.68 2.42
C LEU G 215 -85.27 38.13 1.06
N PHE G 216 -85.23 37.24 0.06
CA PHE G 216 -85.68 37.60 -1.27
C PHE G 216 -87.20 37.59 -1.40
N ALA G 217 -87.88 36.67 -0.71
CA ALA G 217 -89.34 36.66 -0.77
C ALA G 217 -89.93 37.93 -0.19
N ARG G 218 -89.31 38.46 0.86
CA ARG G 218 -89.74 39.71 1.48
C ARG G 218 -89.14 40.93 0.82
N THR G 219 -88.41 40.75 -0.28
CA THR G 219 -88.03 41.86 -1.15
C THR G 219 -89.12 42.05 -2.19
N SER G 220 -89.41 43.31 -2.50
CA SER G 220 -90.45 43.61 -3.49
C SER G 220 -90.02 43.12 -4.87
N ASP G 221 -91.02 42.85 -5.72
CA ASP G 221 -90.72 42.45 -7.09
C ASP G 221 -89.91 43.52 -7.82
N VAL G 222 -90.15 44.79 -7.49
CA VAL G 222 -89.39 45.89 -8.10
C VAL G 222 -87.91 45.78 -7.75
N ASP G 223 -87.61 45.56 -6.47
CA ASP G 223 -86.21 45.45 -6.05
C ASP G 223 -85.57 44.18 -6.60
N ILE G 224 -86.34 43.08 -6.66
CA ILE G 224 -85.82 41.86 -7.29
C ILE G 224 -85.44 42.13 -8.74
N ARG G 225 -86.24 42.94 -9.44
CA ARG G 225 -85.91 43.29 -10.82
C ARG G 225 -84.61 44.08 -10.90
N LYS G 226 -84.46 45.08 -10.02
CA LYS G 226 -83.22 45.84 -10.01
C LYS G 226 -82.03 44.92 -9.76
N PHE G 227 -82.14 44.00 -8.82
CA PHE G 227 -81.03 43.12 -8.48
C PHE G 227 -80.60 42.28 -9.68
N PHE G 228 -81.55 41.63 -10.34
CA PHE G 228 -81.17 40.74 -11.44
C PHE G 228 -80.84 41.53 -12.70
N GLU G 229 -81.51 42.65 -12.96
CA GLU G 229 -81.14 43.47 -14.11
C GLU G 229 -79.72 44.04 -13.93
N GLY G 230 -79.39 44.43 -12.69
CA GLY G 230 -78.04 44.89 -12.40
C GLY G 230 -76.96 43.85 -12.66
N LEU G 231 -77.31 42.57 -12.64
CA LEU G 231 -76.39 41.49 -12.92
C LEU G 231 -76.48 40.98 -14.36
N GLY G 232 -77.30 41.60 -15.20
CA GLY G 232 -77.38 41.25 -16.60
C GLY G 232 -78.48 40.29 -17.00
N TYR G 233 -79.36 39.92 -16.09
CA TYR G 233 -80.44 38.99 -16.38
C TYR G 233 -81.70 39.75 -16.81
N SER G 234 -82.65 38.99 -17.36
CA SER G 234 -83.96 39.51 -17.75
C SER G 234 -85.03 38.77 -16.92
N PRO G 235 -85.46 39.34 -15.80
CA PRO G 235 -86.38 38.61 -14.92
C PRO G 235 -87.81 38.60 -15.42
N ARG G 236 -88.44 37.42 -15.31
CA ARG G 236 -89.86 37.25 -15.58
C ARG G 236 -90.50 36.55 -14.39
N TYR G 237 -91.75 36.92 -14.11
CA TYR G 237 -92.40 36.60 -12.85
C TYR G 237 -93.61 35.69 -13.05
N ILE G 238 -93.71 34.67 -12.20
CA ILE G 238 -94.87 33.79 -12.12
C ILE G 238 -95.45 33.95 -10.73
N GLU G 239 -96.63 34.56 -10.65
CA GLU G 239 -97.27 34.77 -9.36
C GLU G 239 -98.75 35.03 -9.60
N ASN G 240 -99.53 34.98 -8.52
CA ASN G 240 -100.97 35.20 -8.61
C ASN G 240 -101.48 35.62 -7.25
N ASP G 241 -102.59 36.36 -7.25
CA ASP G 241 -103.20 36.80 -6.00
C ASP G 241 -103.94 35.65 -5.31
N ASP G 242 -104.58 34.79 -6.09
CA ASP G 242 -105.28 33.62 -5.56
C ASP G 242 -104.38 32.40 -5.70
N ILE G 243 -103.79 31.96 -4.58
CA ILE G 243 -102.78 30.92 -4.63
C ILE G 243 -103.36 29.55 -4.94
N HIS G 244 -104.69 29.41 -4.93
CA HIS G 244 -105.32 28.13 -5.26
C HIS G 244 -105.98 28.14 -6.63
N ASP G 245 -105.79 29.19 -7.44
CA ASP G 245 -106.27 29.20 -8.82
C ASP G 245 -105.17 28.58 -9.67
N TYR G 246 -105.06 27.25 -9.58
CA TYR G 246 -103.92 26.57 -10.18
C TYR G 246 -103.85 26.77 -11.68
N MET G 247 -105.01 26.81 -12.34
CA MET G 247 -105.01 26.96 -13.80
C MET G 247 -104.46 28.32 -14.21
N ALA G 248 -104.58 29.32 -13.35
CA ALA G 248 -103.95 30.60 -13.63
C ALA G 248 -102.44 30.50 -13.59
N TYR G 249 -101.89 29.71 -12.64
CA TYR G 249 -100.45 29.49 -12.59
C TYR G 249 -99.98 28.74 -13.82
N HIS G 250 -100.70 27.69 -14.23
CA HIS G 250 -100.29 26.92 -15.40
C HIS G 250 -100.29 27.79 -16.64
N LYS G 251 -101.35 28.57 -16.83
CA LYS G 251 -101.41 29.47 -17.98
C LYS G 251 -100.28 30.48 -17.95
N LEU G 252 -100.06 31.13 -16.80
CA LEU G 252 -99.03 32.14 -16.71
C LEU G 252 -97.64 31.50 -16.85
N ALA G 253 -97.43 30.34 -16.22
CA ALA G 253 -96.14 29.67 -16.31
C ALA G 253 -95.83 29.24 -17.75
N ALA G 254 -96.84 28.73 -18.47
CA ALA G 254 -96.62 28.31 -19.84
C ALA G 254 -96.18 29.49 -20.71
N GLU G 255 -96.79 30.67 -20.53
CA GLU G 255 -96.39 31.85 -21.28
C GLU G 255 -94.96 32.26 -20.93
N VAL G 256 -94.66 32.31 -19.63
CA VAL G 256 -93.35 32.76 -19.17
C VAL G 256 -92.24 31.82 -19.63
N PHE G 257 -92.41 30.52 -19.41
CA PHE G 257 -91.37 29.57 -19.77
C PHE G 257 -91.18 29.48 -21.28
N ASP G 258 -92.25 29.64 -22.06
CA ASP G 258 -92.11 29.64 -23.51
C ASP G 258 -91.16 30.74 -23.98
N LYS G 259 -91.37 31.97 -23.52
CA LYS G 259 -90.49 33.06 -23.91
C LYS G 259 -89.10 32.91 -23.33
N ALA G 260 -88.97 32.28 -22.17
CA ALA G 260 -87.64 32.04 -21.63
C ALA G 260 -86.85 31.14 -22.57
N ILE G 261 -87.46 30.04 -23.02
CA ILE G 261 -86.83 29.14 -23.98
C ILE G 261 -86.58 29.84 -25.31
N GLU G 262 -87.59 30.55 -25.81
CA GLU G 262 -87.47 31.19 -27.11
C GLU G 262 -86.43 32.32 -27.08
N ASP G 263 -86.35 33.06 -25.97
CA ASP G 263 -85.33 34.08 -25.86
C ASP G 263 -83.93 33.47 -25.79
N ILE G 264 -83.80 32.33 -25.12
CA ILE G 264 -82.52 31.62 -25.10
C ILE G 264 -82.13 31.21 -26.51
N HIS G 265 -83.07 30.65 -27.27
CA HIS G 265 -82.76 30.22 -28.63
C HIS G 265 -82.39 31.41 -29.50
N GLN G 266 -83.07 32.54 -29.31
CA GLN G 266 -82.72 33.74 -30.07
C GLN G 266 -81.33 34.24 -29.71
N ILE G 267 -80.99 34.24 -28.42
CA ILE G 267 -79.65 34.61 -27.98
C ILE G 267 -78.61 33.72 -28.67
N GLN G 268 -78.87 32.41 -28.70
CA GLN G 268 -77.93 31.48 -29.29
C GLN G 268 -77.88 31.62 -30.80
N LYS G 269 -79.02 31.93 -31.43
CA LYS G 269 -79.07 32.15 -32.86
C LYS G 269 -78.22 33.36 -33.25
N ASP G 270 -78.43 34.48 -32.54
CA ASP G 270 -77.68 35.69 -32.83
C ASP G 270 -76.18 35.45 -32.67
N ALA G 271 -75.79 34.66 -31.67
CA ALA G 271 -74.37 34.44 -31.41
C ALA G 271 -73.75 33.49 -32.43
N ARG G 272 -74.49 32.46 -32.85
CA ARG G 272 -73.90 31.44 -33.70
C ARG G 272 -74.02 31.75 -35.18
N GLU G 273 -74.99 32.56 -35.59
CA GLU G 273 -75.17 32.95 -36.98
C GLU G 273 -74.67 34.36 -37.30
N ASP G 274 -74.87 35.30 -36.38
CA ASP G 274 -74.50 36.70 -36.58
C ASP G 274 -73.26 37.13 -35.81
N ASN G 275 -72.78 36.32 -34.86
CA ASN G 275 -71.58 36.57 -34.08
C ASN G 275 -71.85 37.64 -33.03
N ARG G 276 -73.08 37.68 -32.53
CA ARG G 276 -73.44 38.63 -31.50
C ARG G 276 -72.84 38.18 -30.16
N TYR G 277 -72.67 39.15 -29.27
CA TYR G 277 -72.21 38.91 -27.90
C TYR G 277 -70.72 38.54 -27.85
N GLN G 278 -69.94 38.97 -28.84
CA GLN G 278 -68.49 38.79 -28.84
C GLN G 278 -67.76 40.12 -28.66
N ASN G 279 -68.47 41.22 -28.39
CA ASN G 279 -67.89 42.54 -28.34
C ASN G 279 -68.07 43.18 -26.96
N GLY G 280 -68.39 42.39 -25.94
CA GLY G 280 -68.62 42.89 -24.60
C GLY G 280 -70.07 42.91 -24.18
N GLU G 281 -70.99 42.62 -25.08
CA GLU G 281 -72.42 42.61 -24.76
C GLU G 281 -72.79 41.30 -24.06
N ILE G 282 -73.41 41.42 -22.89
CA ILE G 282 -73.87 40.27 -22.13
C ILE G 282 -75.30 39.97 -22.52
N PRO G 283 -75.64 38.76 -22.94
CA PRO G 283 -77.05 38.45 -23.24
C PRO G 283 -77.94 38.72 -22.05
N ALA G 284 -79.15 39.22 -22.33
CA ALA G 284 -80.17 39.42 -21.30
C ALA G 284 -80.82 38.07 -20.99
N TRP G 285 -80.05 37.24 -20.28
CA TRP G 285 -80.46 35.88 -20.01
C TRP G 285 -81.75 35.88 -19.19
N PRO G 286 -82.76 35.08 -19.55
CA PRO G 286 -83.96 34.98 -18.72
C PRO G 286 -83.64 34.38 -17.36
N ILE G 287 -84.33 34.89 -16.33
CA ILE G 287 -84.40 34.24 -15.03
C ILE G 287 -85.85 34.31 -14.57
N VAL G 288 -86.40 33.18 -14.14
CA VAL G 288 -87.82 33.09 -13.77
C VAL G 288 -87.95 33.21 -12.26
N ILE G 289 -88.78 34.16 -11.82
CA ILE G 289 -89.05 34.38 -10.42
C ILE G 289 -90.42 33.75 -10.16
N ALA G 290 -90.44 32.62 -9.46
CA ALA G 290 -91.66 31.85 -9.25
C ALA G 290 -92.07 31.91 -7.78
N ARG G 291 -93.15 32.63 -7.48
CA ARG G 291 -93.70 32.70 -6.13
C ARG G 291 -94.72 31.57 -5.97
N LEU G 292 -94.21 30.36 -5.71
CA LEU G 292 -95.03 29.19 -5.50
C LEU G 292 -95.10 28.89 -4.01
N PRO G 293 -96.23 29.09 -3.35
CA PRO G 293 -96.26 29.00 -1.88
C PRO G 293 -95.69 27.70 -1.34
N LYS G 294 -94.95 27.80 -0.25
CA LYS G 294 -94.39 26.61 0.39
C LYS G 294 -95.53 25.74 0.93
N GLY G 295 -95.39 24.43 0.77
CA GLY G 295 -96.47 23.52 1.11
C GLY G 295 -97.68 23.69 0.22
N TRP G 296 -97.48 24.15 -1.01
CA TRP G 296 -98.57 24.44 -1.94
C TRP G 296 -99.53 23.26 -2.04
N GLY G 297 -100.79 23.51 -1.73
CA GLY G 297 -101.82 22.50 -1.90
C GLY G 297 -101.89 21.46 -0.80
N GLY G 298 -101.10 21.61 0.25
CA GLY G 298 -101.13 20.67 1.36
C GLY G 298 -101.96 21.20 2.51
N PRO G 299 -101.78 20.62 3.70
CA PRO G 299 -102.50 21.13 4.87
C PRO G 299 -102.29 22.62 5.01
N ARG G 300 -103.38 23.34 5.29
CA ARG G 300 -103.32 24.80 5.30
C ARG G 300 -103.07 25.35 6.70
N TYR G 301 -103.67 24.76 7.72
CA TYR G 301 -103.57 25.25 9.08
C TYR G 301 -103.43 24.07 10.04
N ASN G 302 -102.70 24.31 11.13
CA ASN G 302 -102.45 23.31 12.16
C ASN G 302 -103.62 23.36 13.15
N ASP G 303 -104.76 22.84 12.70
CA ASP G 303 -106.00 22.93 13.46
C ASP G 303 -106.09 21.91 14.58
N TRP G 304 -105.28 20.85 14.54
CA TRP G 304 -105.38 19.75 15.49
C TRP G 304 -104.62 20.01 16.79
N SER G 305 -103.78 21.04 16.84
CA SER G 305 -103.04 21.35 18.07
C SER G 305 -102.47 22.75 17.97
N GLY G 306 -102.05 23.28 19.11
CA GLY G 306 -101.40 24.56 19.16
C GLY G 306 -102.34 25.74 19.22
N PRO G 307 -101.76 26.93 19.29
CA PRO G 307 -102.57 28.14 19.46
C PRO G 307 -103.36 28.47 18.20
N LYS G 308 -104.30 29.39 18.35
CA LYS G 308 -105.18 29.82 17.28
C LYS G 308 -104.88 31.27 16.93
N PHE G 309 -105.17 31.61 15.67
CA PHE G 309 -105.14 32.99 15.20
C PHE G 309 -106.18 33.12 14.11
N ASP G 310 -107.10 34.09 14.25
CA ASP G 310 -108.19 34.25 13.29
C ASP G 310 -108.99 32.95 13.17
N GLY G 311 -109.43 32.44 14.32
CA GLY G 311 -110.14 31.18 14.41
C GLY G 311 -109.56 30.01 13.62
N LYS G 312 -108.25 29.99 13.45
CA LYS G 312 -107.58 28.90 12.73
C LYS G 312 -106.27 28.56 13.42
N GLY G 313 -105.80 27.35 13.19
CA GLY G 313 -104.49 26.95 13.66
C GLY G 313 -103.38 27.70 12.92
N MET G 314 -102.15 27.46 13.37
CA MET G 314 -100.99 28.12 12.78
C MET G 314 -100.86 27.72 11.30
N PRO G 315 -100.57 28.65 10.40
CA PRO G 315 -100.49 28.30 8.98
C PRO G 315 -99.38 27.29 8.72
N ILE G 316 -99.67 26.32 7.85
CA ILE G 316 -98.67 25.36 7.39
C ILE G 316 -98.31 25.73 5.96
N GLU G 317 -99.30 25.69 5.07
CA GLU G 317 -99.12 26.20 3.72
C GLU G 317 -98.74 27.68 3.80
N HIS G 318 -97.80 28.07 2.95
CA HIS G 318 -97.29 29.44 2.91
C HIS G 318 -96.71 29.83 4.27
N SER G 319 -96.00 28.89 4.88
CA SER G 319 -95.30 29.13 6.13
C SER G 319 -94.10 28.20 6.18
N PHE G 320 -93.20 28.49 7.12
CA PHE G 320 -92.07 27.61 7.36
C PHE G 320 -92.51 26.27 7.94
N ARG G 321 -93.69 26.21 8.55
CA ARG G 321 -94.14 25.00 9.22
C ARG G 321 -94.36 23.84 8.26
N ALA G 322 -94.42 24.10 6.96
CA ALA G 322 -94.57 23.04 5.96
C ALA G 322 -93.25 22.41 5.55
N HIS G 323 -92.12 22.87 6.11
CA HIS G 323 -90.81 22.48 5.58
C HIS G 323 -90.60 20.97 5.63
N GLN G 324 -90.76 20.38 6.81
CA GLN G 324 -90.43 18.96 6.98
C GLN G 324 -91.70 18.10 6.96
N VAL G 325 -91.99 17.39 8.03
CA VAL G 325 -93.19 16.54 8.12
C VAL G 325 -94.35 17.42 8.59
N PRO G 326 -95.40 17.60 7.78
CA PRO G 326 -96.47 18.54 8.16
C PRO G 326 -97.55 17.97 9.07
N LEU G 327 -97.56 16.67 9.34
CA LEU G 327 -98.52 16.06 10.24
C LEU G 327 -97.79 15.19 11.25
N PRO G 328 -98.31 15.06 12.47
CA PRO G 328 -97.76 14.08 13.41
C PRO G 328 -98.20 12.65 13.15
N LEU G 329 -98.91 12.40 12.05
CA LEU G 329 -99.42 11.08 11.74
C LEU G 329 -98.30 10.04 11.76
N SER G 330 -98.59 8.88 12.35
CA SER G 330 -97.69 7.75 12.33
C SER G 330 -98.48 6.52 12.74
N SER G 331 -97.86 5.36 12.59
CA SER G 331 -98.51 4.14 13.04
C SER G 331 -98.75 4.19 14.55
N LYS G 332 -97.99 5.03 15.26
CA LYS G 332 -98.08 5.16 16.69
C LYS G 332 -98.95 6.34 17.13
N ASN G 333 -99.43 7.15 16.20
CA ASN G 333 -100.25 8.32 16.53
C ASN G 333 -101.13 8.64 15.31
N MET G 334 -102.32 8.05 15.28
CA MET G 334 -103.21 8.19 14.13
C MET G 334 -104.24 9.29 14.32
N GLY G 335 -104.00 10.20 15.25
CA GLY G 335 -104.97 11.26 15.50
C GLY G 335 -105.26 12.10 14.27
N THR G 336 -104.24 12.38 13.46
CA THR G 336 -104.39 13.24 12.28
C THR G 336 -104.56 12.43 10.99
N LEU G 337 -104.96 11.17 11.09
CA LEU G 337 -105.31 10.41 9.90
C LEU G 337 -106.44 11.08 9.12
N PRO G 338 -107.48 11.64 9.75
CA PRO G 338 -108.51 12.34 8.95
C PRO G 338 -107.94 13.47 8.13
N GLU G 339 -107.05 14.27 8.71
CA GLU G 339 -106.45 15.36 7.95
C GLU G 339 -105.62 14.81 6.78
N PHE G 340 -104.94 13.68 7.00
CA PHE G 340 -104.14 13.08 5.94
C PHE G 340 -105.03 12.55 4.82
N VAL G 341 -106.12 11.87 5.16
CA VAL G 341 -107.02 11.33 4.14
C VAL G 341 -107.64 12.46 3.33
N LYS G 342 -108.06 13.54 3.99
CA LYS G 342 -108.61 14.69 3.29
C LYS G 342 -107.58 15.30 2.35
N TRP G 343 -106.34 15.43 2.83
CA TRP G 343 -105.26 15.96 2.00
C TRP G 343 -105.05 15.09 0.77
N MET G 344 -104.81 13.79 0.97
CA MET G 344 -104.50 12.91 -0.15
C MET G 344 -105.66 12.83 -1.15
N THR G 345 -106.89 12.70 -0.65
CA THR G 345 -108.03 12.60 -1.55
C THR G 345 -108.30 13.91 -2.29
N SER G 346 -107.82 15.05 -1.79
CA SER G 346 -108.02 16.31 -2.49
C SER G 346 -107.37 16.31 -3.87
N TYR G 347 -106.36 15.46 -4.09
CA TYR G 347 -105.73 15.35 -5.40
C TYR G 347 -106.58 14.59 -6.40
N GLN G 348 -107.67 13.94 -5.95
CA GLN G 348 -108.52 13.12 -6.80
C GLN G 348 -107.72 12.02 -7.47
N PRO G 349 -107.08 11.14 -6.71
CA PRO G 349 -106.23 10.11 -7.33
C PRO G 349 -106.99 9.16 -8.24
N GLU G 350 -108.30 8.99 -8.04
CA GLU G 350 -109.08 8.11 -8.89
C GLU G 350 -109.13 8.62 -10.33
N THR G 351 -108.90 9.91 -10.56
CA THR G 351 -108.81 10.45 -11.90
C THR G 351 -107.40 10.42 -12.45
N LEU G 352 -106.44 9.94 -11.66
CA LEU G 352 -105.01 9.97 -12.02
C LEU G 352 -104.42 8.58 -12.22
N PHE G 353 -104.80 7.62 -11.39
CA PHE G 353 -104.24 6.28 -11.44
C PHE G 353 -105.36 5.26 -11.63
N ASN G 354 -105.02 4.17 -12.32
CA ASN G 354 -105.93 3.05 -12.43
C ASN G 354 -105.92 2.25 -11.14
N ALA G 355 -106.93 1.39 -10.97
CA ALA G 355 -107.02 0.59 -9.76
C ALA G 355 -105.85 -0.38 -9.65
N ASP G 356 -105.25 -0.76 -10.78
CA ASP G 356 -104.09 -1.66 -10.77
C ASP G 356 -102.78 -0.93 -10.46
N GLY G 357 -102.81 0.37 -10.15
CA GLY G 357 -101.64 1.11 -9.75
C GLY G 357 -100.96 1.88 -10.86
N SER G 358 -101.28 1.60 -12.11
CA SER G 358 -100.64 2.29 -13.22
C SER G 358 -101.23 3.68 -13.41
N LEU G 359 -100.45 4.55 -14.05
CA LEU G 359 -100.90 5.89 -14.39
C LEU G 359 -101.95 5.82 -15.49
N LYS G 360 -102.93 6.71 -15.42
CA LYS G 360 -103.96 6.75 -16.45
C LYS G 360 -103.28 6.91 -17.81
N GLU G 361 -103.75 6.15 -18.81
CA GLU G 361 -103.09 6.13 -20.10
C GLU G 361 -103.04 7.52 -20.72
N GLU G 362 -104.14 8.28 -20.59
CA GLU G 362 -104.20 9.61 -21.15
C GLU G 362 -103.15 10.56 -20.57
N LEU G 363 -102.52 10.21 -19.45
CA LEU G 363 -101.49 11.05 -18.85
C LEU G 363 -100.07 10.56 -19.14
N ARG G 364 -99.92 9.34 -19.66
CA ARG G 364 -98.60 8.81 -19.98
C ARG G 364 -98.01 9.52 -21.18
N ASP G 365 -98.87 10.18 -21.95
CA ASP G 365 -98.46 10.90 -23.13
C ASP G 365 -97.86 12.26 -22.77
N PHE G 366 -97.91 12.63 -21.48
CA PHE G 366 -97.41 13.94 -21.09
C PHE G 366 -95.89 13.97 -21.08
N ALA G 367 -95.26 12.97 -20.45
CA ALA G 367 -93.82 12.98 -20.29
C ALA G 367 -93.11 12.71 -21.61
N PRO G 368 -91.86 13.18 -21.77
CA PRO G 368 -91.05 12.81 -22.94
C PRO G 368 -90.72 11.34 -22.97
N LYS G 369 -90.05 10.88 -24.03
CA LYS G 369 -89.69 9.47 -24.18
C LYS G 369 -88.19 9.34 -24.41
N GLY G 370 -87.67 8.15 -24.13
CA GLY G 370 -86.28 7.86 -24.44
C GLY G 370 -85.33 8.83 -23.76
N GLU G 371 -84.28 9.20 -24.49
CA GLU G 371 -83.26 10.07 -23.93
C GLU G 371 -83.72 11.52 -23.77
N MET G 372 -84.91 11.87 -24.28
CA MET G 372 -85.44 13.21 -24.07
C MET G 372 -85.96 13.40 -22.65
N ARG G 373 -86.22 12.32 -21.92
CA ARG G 373 -86.57 12.42 -20.51
C ARG G 373 -85.41 13.00 -19.72
N MET G 374 -85.69 13.98 -18.86
CA MET G 374 -84.63 14.56 -18.06
C MET G 374 -83.94 13.52 -17.19
N ALA G 375 -84.67 12.50 -16.75
CA ALA G 375 -84.07 11.43 -15.96
C ALA G 375 -83.25 10.46 -16.79
N SER G 376 -83.41 10.49 -18.11
CA SER G 376 -82.67 9.61 -19.01
C SER G 376 -81.61 10.33 -19.82
N ASN G 377 -81.49 11.64 -19.68
CA ASN G 377 -80.51 12.42 -20.43
C ASN G 377 -79.10 11.95 -20.08
N PRO G 378 -78.30 11.49 -21.05
CA PRO G 378 -76.96 10.98 -20.71
C PRO G 378 -76.09 12.01 -19.98
N VAL G 379 -76.43 13.29 -20.06
CA VAL G 379 -75.73 14.30 -19.27
C VAL G 379 -75.73 13.91 -17.80
N THR G 380 -76.81 13.29 -17.34
CA THR G 380 -77.01 13.00 -15.93
C THR G 380 -76.46 11.65 -15.50
N ASN G 381 -75.89 10.88 -16.42
CA ASN G 381 -75.32 9.57 -16.10
C ASN G 381 -73.92 9.46 -16.70
N GLY G 382 -73.05 10.41 -16.33
CA GLY G 382 -71.67 10.39 -16.76
C GLY G 382 -71.35 11.23 -17.97
N GLY G 383 -72.35 11.74 -18.67
CA GLY G 383 -72.16 12.63 -19.79
C GLY G 383 -72.49 11.96 -21.12
N VAL G 384 -72.83 12.80 -22.10
CA VAL G 384 -73.01 12.32 -23.46
C VAL G 384 -71.77 11.56 -23.93
N ASP G 385 -70.59 12.13 -23.65
CA ASP G 385 -69.33 11.47 -23.93
C ASP G 385 -68.50 11.54 -22.66
N SER G 386 -68.19 10.38 -22.09
CA SER G 386 -67.51 10.30 -20.81
C SER G 386 -66.05 9.84 -20.97
N SER G 387 -65.52 9.93 -22.18
CA SER G 387 -64.17 9.44 -22.46
C SER G 387 -63.12 10.31 -21.80
N ASN G 388 -62.00 9.69 -21.44
CA ASN G 388 -60.88 10.43 -20.90
C ASN G 388 -60.25 11.27 -22.00
N LEU G 389 -59.35 12.16 -21.58
CA LEU G 389 -58.64 13.02 -22.52
C LEU G 389 -57.76 12.20 -23.45
N VAL G 390 -57.50 12.77 -24.63
CA VAL G 390 -56.43 12.29 -25.51
C VAL G 390 -55.14 12.90 -25.00
N LEU G 391 -54.23 12.05 -24.49
CA LEU G 391 -53.04 12.56 -23.84
C LEU G 391 -51.82 12.36 -24.74
N PRO G 392 -50.93 13.35 -24.80
CA PRO G 392 -49.63 13.12 -25.40
C PRO G 392 -48.68 12.43 -24.42
N ASP G 393 -47.60 11.89 -24.95
CA ASP G 393 -46.57 11.34 -24.08
C ASP G 393 -45.98 12.46 -23.25
N TRP G 394 -46.12 12.35 -21.93
CA TRP G 394 -45.63 13.41 -21.05
C TRP G 394 -44.12 13.54 -21.12
N GLN G 395 -43.42 12.45 -21.48
CA GLN G 395 -41.96 12.49 -21.55
C GLN G 395 -41.48 13.56 -22.52
N GLU G 396 -42.30 13.91 -23.51
CA GLU G 396 -41.90 14.91 -24.49
C GLU G 396 -41.66 16.27 -23.84
N PHE G 397 -42.19 16.49 -22.64
CA PHE G 397 -42.01 17.76 -21.92
C PHE G 397 -41.15 17.58 -20.68
N ALA G 398 -40.54 16.42 -20.50
CA ALA G 398 -39.78 16.15 -19.30
C ALA G 398 -38.47 16.93 -19.31
N ASN G 399 -37.96 17.21 -18.11
CA ASN G 399 -36.66 17.84 -18.01
C ASN G 399 -35.57 16.81 -18.28
N PRO G 400 -34.51 17.18 -19.00
CA PRO G 400 -33.44 16.21 -19.33
C PRO G 400 -32.50 15.96 -18.15
N ILE G 401 -33.00 15.28 -17.16
CA ILE G 401 -32.25 14.98 -15.95
C ILE G 401 -31.53 13.65 -16.12
N SER G 402 -30.29 13.57 -15.64
CA SER G 402 -29.51 12.36 -15.70
C SER G 402 -28.66 12.24 -14.45
N GLU G 403 -27.83 11.20 -14.40
CA GLU G 403 -26.99 10.99 -13.23
C GLU G 403 -26.04 12.16 -13.00
N ASN G 404 -25.74 12.92 -14.05
CA ASN G 404 -24.73 13.97 -13.98
C ASN G 404 -25.27 15.32 -13.53
N ASN G 405 -26.54 15.64 -13.80
CA ASN G 405 -27.08 16.96 -13.49
C ASN G 405 -28.23 16.90 -12.49
N ARG G 406 -28.39 15.79 -11.77
CA ARG G 406 -29.43 15.69 -10.77
C ARG G 406 -29.11 16.57 -9.57
N GLY G 407 -30.16 17.12 -8.96
CA GLY G 407 -30.01 17.97 -7.79
C GLY G 407 -29.41 19.33 -8.09
N LYS G 408 -29.62 19.84 -9.28
CA LYS G 408 -29.09 21.13 -9.70
C LYS G 408 -30.19 21.90 -10.44
N LEU G 409 -29.96 23.20 -10.59
CA LEU G 409 -30.84 24.03 -11.38
C LEU G 409 -30.48 23.92 -12.85
N LEU G 410 -31.47 23.66 -13.69
CA LEU G 410 -31.25 23.66 -15.12
C LEU G 410 -30.88 25.06 -15.58
N PRO G 411 -30.16 25.19 -16.70
CA PRO G 411 -29.72 26.54 -17.12
C PRO G 411 -30.88 27.49 -17.37
N ASP G 412 -31.99 27.02 -17.92
CA ASP G 412 -33.20 27.83 -18.10
C ASP G 412 -34.02 27.79 -16.81
N THR G 413 -34.13 28.94 -16.14
CA THR G 413 -34.78 28.98 -14.84
C THR G 413 -36.22 28.48 -14.89
N ASN G 414 -36.92 28.72 -16.01
CA ASN G 414 -38.31 28.34 -16.10
C ASN G 414 -38.52 26.84 -16.08
N ASP G 415 -37.50 26.05 -16.46
CA ASP G 415 -37.60 24.61 -16.40
C ASP G 415 -37.44 24.07 -14.99
N ASN G 416 -37.01 24.89 -14.05
CA ASN G 416 -36.96 24.52 -12.64
C ASN G 416 -38.27 24.81 -11.90
N MET G 417 -39.28 25.30 -12.62
CA MET G 417 -40.58 25.61 -12.05
C MET G 417 -41.57 24.53 -12.50
N ASP G 418 -41.95 23.66 -11.56
CA ASP G 418 -42.73 22.48 -11.92
C ASP G 418 -44.06 22.86 -12.57
N MET G 419 -44.73 23.87 -12.03
CA MET G 419 -46.01 24.30 -12.59
C MET G 419 -45.86 24.77 -14.03
N ASN G 420 -44.77 25.49 -14.32
CA ASN G 420 -44.52 25.89 -15.69
C ASN G 420 -44.25 24.69 -16.59
N VAL G 421 -43.47 23.72 -16.10
CA VAL G 421 -43.24 22.50 -16.88
C VAL G 421 -44.57 21.79 -17.10
N LEU G 422 -45.40 21.73 -16.07
CA LEU G 422 -46.72 21.12 -16.24
C LEU G 422 -47.56 21.89 -17.25
N SER G 423 -47.41 23.21 -17.29
CA SER G 423 -48.21 24.01 -18.24
C SER G 423 -47.85 23.67 -19.68
N LYS G 424 -46.61 23.26 -19.94
CA LYS G 424 -46.25 22.74 -21.27
C LYS G 424 -47.15 21.57 -21.63
N TYR G 425 -47.30 20.63 -20.69
CA TYR G 425 -48.12 19.45 -20.89
C TYR G 425 -49.60 19.82 -21.05
N PHE G 426 -50.10 20.71 -20.20
CA PHE G 426 -51.48 21.16 -20.31
C PHE G 426 -51.74 21.85 -21.64
N ALA G 427 -50.75 22.58 -22.15
CA ALA G 427 -50.92 23.29 -23.42
C ALA G 427 -51.17 22.31 -24.57
N GLU G 428 -50.42 21.21 -24.62
CA GLU G 428 -50.67 20.22 -25.68
C GLU G 428 -52.02 19.54 -25.49
N ILE G 429 -52.43 19.33 -24.23
CA ILE G 429 -53.74 18.74 -23.98
C ILE G 429 -54.83 19.66 -24.52
N VAL G 430 -54.64 20.98 -24.40
CA VAL G 430 -55.57 21.92 -24.99
C VAL G 430 -55.66 21.71 -26.49
N LYS G 431 -54.51 21.56 -27.15
CA LYS G 431 -54.49 21.35 -28.60
C LYS G 431 -55.13 20.03 -29.00
N LEU G 432 -54.97 18.99 -28.19
CA LEU G 432 -55.53 17.69 -28.53
C LEU G 432 -56.97 17.51 -28.08
N ASN G 433 -57.47 18.38 -27.20
CA ASN G 433 -58.83 18.29 -26.66
C ASN G 433 -59.43 19.67 -26.65
N PRO G 434 -59.80 20.22 -27.80
CA PRO G 434 -60.22 21.63 -27.85
C PRO G 434 -61.57 21.90 -27.21
N THR G 435 -62.41 20.90 -26.97
CA THR G 435 -63.74 21.12 -26.40
C THR G 435 -64.03 20.32 -25.15
N ARG G 436 -63.10 19.49 -24.67
CA ARG G 436 -63.37 18.63 -23.53
C ARG G 436 -62.34 18.77 -22.42
N PHE G 437 -61.48 19.78 -22.47
CA PHE G 437 -60.54 20.08 -21.41
C PHE G 437 -60.63 21.55 -21.04
N ARG G 438 -60.61 21.84 -19.74
CA ARG G 438 -60.62 23.21 -19.28
C ARG G 438 -59.77 23.33 -18.01
N LEU G 439 -59.18 24.50 -17.82
CA LEU G 439 -58.38 24.81 -16.65
C LEU G 439 -59.06 25.96 -15.89
N PHE G 440 -59.23 25.78 -14.59
CA PHE G 440 -59.92 26.75 -13.76
C PHE G 440 -58.99 27.32 -12.72
N GLY G 441 -59.23 28.58 -12.36
CA GLY G 441 -58.52 29.25 -11.30
C GLY G 441 -59.31 30.44 -10.81
N PRO G 442 -58.97 30.98 -9.63
CA PRO G 442 -59.63 32.18 -9.15
C PRO G 442 -58.71 33.39 -9.19
N ASP G 443 -58.46 33.93 -10.38
CA ASP G 443 -57.55 35.07 -10.54
C ASP G 443 -56.13 34.72 -10.09
N GLU G 444 -55.71 33.47 -10.36
CA GLU G 444 -54.40 32.98 -9.95
C GLU G 444 -53.67 32.16 -11.00
N THR G 445 -54.27 31.92 -12.17
CA THR G 445 -53.61 31.09 -13.17
C THR G 445 -52.25 31.68 -13.56
N MET G 446 -52.18 33.00 -13.75
CA MET G 446 -50.92 33.64 -14.06
C MET G 446 -49.97 33.60 -12.86
N SER G 447 -50.49 33.91 -11.67
CA SER G 447 -49.65 33.91 -10.48
C SER G 447 -49.08 32.52 -10.19
N ASN G 448 -49.83 31.47 -10.50
CA ASN G 448 -49.34 30.11 -10.32
C ASN G 448 -48.42 29.65 -11.44
N ARG G 449 -48.16 30.52 -12.43
CA ARG G 449 -47.10 30.31 -13.42
C ARG G 449 -47.45 29.20 -14.41
N PHE G 450 -48.71 29.17 -14.85
CA PHE G 450 -49.13 28.34 -15.97
C PHE G 450 -48.80 29.05 -17.27
N TRP G 451 -47.54 29.47 -17.41
CA TRP G 451 -47.19 30.44 -18.43
C TRP G 451 -47.42 29.91 -19.84
N GLU G 452 -47.15 28.62 -20.07
CA GLU G 452 -47.27 28.09 -21.43
C GLU G 452 -48.72 28.03 -21.90
N MET G 453 -49.67 27.92 -20.96
CA MET G 453 -51.08 27.89 -21.36
C MET G 453 -51.48 29.15 -22.11
N PHE G 454 -50.95 30.31 -21.69
CA PHE G 454 -51.34 31.54 -22.34
C PHE G 454 -50.76 31.67 -23.74
N LYS G 455 -49.88 30.75 -24.15
CA LYS G 455 -49.39 30.75 -25.52
C LYS G 455 -50.35 30.02 -26.46
N VAL G 456 -51.34 29.30 -25.93
CA VAL G 456 -52.23 28.51 -26.75
C VAL G 456 -53.70 28.91 -26.59
N THR G 457 -54.06 29.67 -25.55
CA THR G 457 -55.45 30.04 -25.33
C THR G 457 -55.49 31.27 -24.43
N ASN G 458 -56.69 31.80 -24.25
CA ASN G 458 -56.93 32.95 -23.36
C ASN G 458 -57.87 32.53 -22.25
N ARG G 459 -58.11 33.46 -21.33
CA ARG G 459 -59.17 33.32 -20.35
C ARG G 459 -60.49 33.71 -21.00
N GLN G 460 -61.53 32.93 -20.72
CA GLN G 460 -62.86 33.26 -21.25
C GLN G 460 -63.45 34.43 -20.47
N TRP G 461 -63.92 35.44 -21.20
CA TRP G 461 -64.34 36.70 -20.58
C TRP G 461 -65.32 37.39 -21.52
N MET G 462 -66.55 37.61 -21.04
CA MET G 462 -67.64 38.11 -21.88
C MET G 462 -67.84 39.62 -21.83
N GLN G 463 -67.39 40.30 -20.78
CA GLN G 463 -67.57 41.74 -20.69
C GLN G 463 -66.59 42.43 -21.65
N VAL G 464 -66.61 43.76 -21.63
CA VAL G 464 -65.78 44.53 -22.54
C VAL G 464 -64.30 44.30 -22.19
N ILE G 465 -63.46 44.29 -23.21
CA ILE G 465 -62.02 44.09 -23.06
C ILE G 465 -61.31 45.39 -23.40
N LYS G 466 -60.29 45.75 -22.61
CA LYS G 466 -59.51 46.98 -22.78
C LYS G 466 -58.03 46.64 -22.86
N ASN G 467 -57.60 46.10 -23.99
CA ASN G 467 -56.19 45.93 -24.22
C ASN G 467 -55.55 47.30 -24.43
N PRO G 468 -54.28 47.49 -24.01
CA PRO G 468 -53.38 46.54 -23.35
C PRO G 468 -53.48 46.56 -21.83
N ASN G 469 -54.42 47.34 -21.29
CA ASN G 469 -54.64 47.32 -19.84
C ASN G 469 -55.03 45.92 -19.38
N ASP G 470 -55.77 45.19 -20.22
CA ASP G 470 -56.05 43.79 -19.98
C ASP G 470 -55.02 42.92 -20.70
N GLU G 471 -55.05 41.63 -20.38
CA GLU G 471 -54.13 40.67 -20.97
C GLU G 471 -54.76 39.28 -20.95
N PHE G 472 -54.64 38.57 -22.06
CA PHE G 472 -55.04 37.16 -22.15
C PHE G 472 -56.48 36.94 -21.70
N ILE G 473 -57.39 37.79 -22.15
CA ILE G 473 -58.82 37.59 -21.96
C ILE G 473 -59.51 37.72 -23.31
N SER G 474 -60.56 36.93 -23.50
CA SER G 474 -61.23 36.86 -24.78
C SER G 474 -62.60 36.24 -24.58
N PRO G 475 -63.59 36.57 -25.42
CA PRO G 475 -64.90 35.92 -25.29
C PRO G 475 -64.86 34.41 -25.41
N GLU G 476 -63.81 33.87 -26.02
CA GLU G 476 -63.62 32.43 -26.14
C GLU G 476 -62.25 32.07 -25.58
N GLY G 477 -62.22 31.16 -24.61
CA GLY G 477 -60.96 30.72 -24.04
C GLY G 477 -61.14 29.42 -23.29
N ARG G 478 -60.07 28.64 -23.21
CA ARG G 478 -60.11 27.37 -22.52
C ARG G 478 -59.73 27.49 -21.05
N ILE G 479 -59.35 28.68 -20.60
CA ILE G 479 -59.16 28.96 -19.19
C ILE G 479 -60.34 29.80 -18.72
N ILE G 480 -60.85 29.48 -17.53
CA ILE G 480 -61.80 30.35 -16.84
C ILE G 480 -61.14 30.68 -15.51
N ASP G 481 -60.73 31.95 -15.37
CA ASP G 481 -59.87 32.38 -14.29
C ASP G 481 -60.21 33.77 -13.77
N SER G 482 -61.16 34.49 -14.38
CA SER G 482 -61.34 35.91 -14.14
C SER G 482 -62.39 36.23 -13.08
N GLN G 483 -62.84 35.25 -12.32
CA GLN G 483 -63.66 35.50 -11.16
C GLN G 483 -62.93 35.06 -9.91
N LEU G 484 -62.86 35.96 -8.93
CA LEU G 484 -62.18 35.71 -7.66
C LEU G 484 -63.14 35.00 -6.72
N SER G 485 -63.28 33.69 -6.95
CA SER G 485 -64.15 32.86 -6.11
C SER G 485 -63.75 31.40 -6.29
N GLU G 486 -63.22 30.80 -5.24
CA GLU G 486 -62.94 29.36 -5.25
C GLU G 486 -64.22 28.55 -5.39
N HIS G 487 -65.31 29.01 -4.76
CA HIS G 487 -66.60 28.33 -4.90
C HIS G 487 -67.02 28.23 -6.36
N GLN G 488 -66.81 29.29 -7.12
CA GLN G 488 -67.14 29.26 -8.55
C GLN G 488 -66.24 28.29 -9.30
N ALA G 489 -64.93 28.44 -9.16
CA ALA G 489 -64.00 27.60 -9.88
C ALA G 489 -64.23 26.13 -9.54
N GLU G 490 -64.40 25.81 -8.26
CA GLU G 490 -64.64 24.43 -7.86
C GLU G 490 -65.99 23.93 -8.40
N GLY G 491 -67.03 24.75 -8.28
CA GLY G 491 -68.33 24.36 -8.78
C GLY G 491 -68.33 24.14 -10.28
N TRP G 492 -67.71 25.04 -11.03
CA TRP G 492 -67.61 24.85 -12.49
C TRP G 492 -66.94 23.52 -12.81
N LEU G 493 -65.81 23.22 -12.15
CA LEU G 493 -65.11 21.98 -12.43
C LEU G 493 -65.96 20.76 -12.12
N GLU G 494 -66.65 20.79 -10.97
CA GLU G 494 -67.48 19.65 -10.58
C GLU G 494 -68.57 19.38 -11.62
N GLY G 495 -69.27 20.43 -12.05
CA GLY G 495 -70.27 20.24 -13.09
C GLY G 495 -69.68 19.79 -14.41
N TYR G 496 -68.53 20.37 -14.78
CA TYR G 496 -67.82 19.94 -15.98
C TYR G 496 -67.41 18.47 -15.89
N THR G 497 -66.97 18.04 -14.71
CA THR G 497 -66.49 16.68 -14.52
C THR G 497 -67.64 15.67 -14.50
N LEU G 498 -68.69 15.97 -13.73
CA LEU G 498 -69.81 15.03 -13.63
C LEU G 498 -70.52 14.83 -14.96
N THR G 499 -70.38 15.78 -15.89
CA THR G 499 -71.01 15.67 -17.20
C THR G 499 -70.06 15.11 -18.26
N GLY G 500 -68.98 14.44 -17.85
CA GLY G 500 -68.18 13.62 -18.74
C GLY G 500 -66.84 14.21 -19.14
N ARG G 501 -66.59 15.49 -18.87
CA ARG G 501 -65.36 16.13 -19.32
C ARG G 501 -64.32 16.12 -18.20
N THR G 502 -63.12 16.58 -18.53
CA THR G 502 -62.01 16.59 -17.58
C THR G 502 -61.40 17.99 -17.52
N GLY G 503 -60.95 18.35 -16.33
CA GLY G 503 -60.32 19.63 -16.14
C GLY G 503 -59.39 19.62 -14.95
N ALA G 504 -59.00 20.82 -14.51
CA ALA G 504 -58.16 20.96 -13.34
C ALA G 504 -58.44 22.33 -12.72
N PHE G 505 -58.39 22.38 -11.40
CA PHE G 505 -58.61 23.61 -10.65
C PHE G 505 -57.35 23.82 -9.81
N ALA G 506 -56.60 24.86 -10.13
CA ALA G 506 -55.40 25.21 -9.38
C ALA G 506 -55.69 26.42 -8.52
N SER G 507 -55.18 26.39 -7.29
CA SER G 507 -55.46 27.44 -6.33
C SER G 507 -54.31 27.54 -5.34
N TYR G 508 -54.13 28.74 -4.78
CA TYR G 508 -53.28 28.87 -3.61
C TYR G 508 -53.71 27.84 -2.58
N GLU G 509 -52.72 27.15 -2.02
CA GLU G 509 -52.99 26.02 -1.14
C GLU G 509 -53.93 26.41 -0.01
N SER G 510 -53.61 27.49 0.68
CA SER G 510 -54.36 27.86 1.88
C SER G 510 -55.82 28.19 1.55
N PHE G 511 -56.09 28.72 0.36
CA PHE G 511 -57.43 29.17 0.03
C PHE G 511 -58.23 28.13 -0.74
N LEU G 512 -57.60 27.05 -1.18
CA LEU G 512 -58.40 25.93 -1.65
C LEU G 512 -59.25 25.36 -0.52
N ARG G 513 -58.86 25.62 0.72
CA ARG G 513 -59.66 25.17 1.86
C ARG G 513 -60.96 25.94 2.01
N VAL G 514 -61.13 27.05 1.27
CA VAL G 514 -62.43 27.70 1.20
C VAL G 514 -63.51 26.68 0.82
N VAL G 515 -63.14 25.70 0.00
CA VAL G 515 -64.11 24.74 -0.56
C VAL G 515 -63.90 23.36 0.04
N ASP G 516 -63.35 23.31 1.27
CA ASP G 516 -63.23 22.04 1.98
C ASP G 516 -64.53 21.24 1.89
N SER G 517 -65.67 21.87 2.17
CA SER G 517 -66.93 21.15 2.24
C SER G 517 -67.44 20.76 0.86
N MET G 518 -67.12 21.55 -0.18
CA MET G 518 -67.49 21.16 -1.53
C MET G 518 -66.80 19.87 -1.95
N LEU G 519 -65.50 19.76 -1.68
CA LEU G 519 -64.78 18.54 -2.00
C LEU G 519 -65.36 17.35 -1.24
N THR G 520 -65.76 17.56 0.01
CA THR G 520 -66.46 16.51 0.75
C THR G 520 -67.69 16.04 -0.01
N GLN G 521 -68.51 16.99 -0.48
CA GLN G 521 -69.75 16.62 -1.16
C GLN G 521 -69.47 15.90 -2.47
N HIS G 522 -68.41 16.30 -3.18
CA HIS G 522 -68.07 15.59 -4.41
C HIS G 522 -67.61 14.17 -4.12
N PHE G 523 -66.79 13.98 -3.09
CA PHE G 523 -66.43 12.64 -2.67
C PHE G 523 -67.67 11.84 -2.29
N LYS G 524 -68.54 12.43 -1.45
CA LYS G 524 -69.76 11.75 -1.04
C LYS G 524 -70.55 11.26 -2.25
N TRP G 525 -70.63 12.10 -3.29
CA TRP G 525 -71.41 11.77 -4.47
C TRP G 525 -70.81 10.60 -5.24
N ILE G 526 -69.53 10.69 -5.61
CA ILE G 526 -68.92 9.65 -6.42
C ILE G 526 -68.85 8.34 -5.64
N ARG G 527 -68.77 8.42 -4.31
CA ARG G 527 -68.77 7.21 -3.50
C ARG G 527 -70.12 6.49 -3.59
N GLN G 528 -71.21 7.23 -3.38
CA GLN G 528 -72.53 6.62 -3.45
C GLN G 528 -72.88 6.21 -4.87
N ALA G 529 -72.44 7.00 -5.86
CA ALA G 529 -72.72 6.67 -7.25
C ALA G 529 -72.10 5.33 -7.64
N ALA G 530 -70.96 4.98 -7.06
CA ALA G 530 -70.30 3.72 -7.37
C ALA G 530 -71.10 2.50 -6.91
N ASP G 531 -71.98 2.67 -5.91
CA ASP G 531 -72.82 1.58 -5.45
C ASP G 531 -74.03 1.35 -6.34
N GLN G 532 -74.24 2.19 -7.35
CA GLN G 532 -75.36 2.06 -8.28
C GLN G 532 -74.83 1.41 -9.56
N LYS G 533 -75.18 0.14 -9.81
CA LYS G 533 -74.68 -0.54 -10.99
C LYS G 533 -75.29 0.00 -12.28
N TRP G 534 -76.40 0.73 -12.19
CA TRP G 534 -77.00 1.31 -13.37
C TRP G 534 -76.35 2.63 -13.77
N ARG G 535 -75.40 3.12 -12.97
CA ARG G 535 -74.74 4.37 -13.23
C ARG G 535 -73.37 4.13 -13.85
N HIS G 536 -73.05 4.91 -14.88
CA HIS G 536 -71.71 4.96 -15.42
C HIS G 536 -70.80 5.72 -14.45
N ASP G 537 -69.51 5.39 -14.46
CA ASP G 537 -68.55 6.09 -13.62
C ASP G 537 -68.25 7.47 -14.22
N TYR G 538 -67.44 8.24 -13.51
CA TYR G 538 -67.14 9.61 -13.89
C TYR G 538 -65.65 9.79 -14.17
N PRO G 539 -65.28 10.83 -14.91
CA PRO G 539 -63.87 11.26 -14.89
C PRO G 539 -63.50 11.69 -13.48
N SER G 540 -62.20 11.82 -13.25
CA SER G 540 -61.69 12.21 -11.94
C SER G 540 -61.69 13.73 -11.79
N LEU G 541 -61.84 14.18 -10.55
CA LEU G 541 -61.77 15.60 -10.22
C LEU G 541 -60.35 15.96 -9.80
N ASN G 542 -59.71 16.85 -10.55
CA ASN G 542 -58.30 17.18 -10.35
C ASN G 542 -58.18 18.59 -9.76
N VAL G 543 -57.63 18.68 -8.56
CA VAL G 543 -57.42 19.97 -7.89
C VAL G 543 -55.96 20.07 -7.48
N ILE G 544 -55.36 21.23 -7.73
CA ILE G 544 -53.95 21.47 -7.52
C ILE G 544 -53.78 22.50 -6.43
N SER G 545 -53.01 22.14 -5.39
CA SER G 545 -52.60 23.09 -4.36
C SER G 545 -51.18 23.53 -4.72
N THR G 546 -51.05 24.77 -5.18
CA THR G 546 -49.75 25.33 -5.47
C THR G 546 -49.63 26.62 -4.65
N SER G 547 -48.57 27.37 -4.88
CA SER G 547 -48.23 28.52 -4.04
C SER G 547 -48.41 28.13 -2.58
N THR G 548 -47.69 27.08 -2.22
CA THR G 548 -47.94 26.35 -0.98
C THR G 548 -47.33 27.12 0.19
N VAL G 549 -47.29 26.46 1.35
CA VAL G 549 -46.84 27.10 2.59
C VAL G 549 -45.46 27.70 2.42
N PHE G 550 -44.60 27.04 1.64
CA PHE G 550 -43.21 27.44 1.52
C PHE G 550 -42.97 28.29 0.29
N GLN G 551 -44.04 28.84 -0.30
CA GLN G 551 -43.94 29.61 -1.54
C GLN G 551 -44.93 30.78 -1.55
N GLN G 552 -44.99 31.52 -0.43
CA GLN G 552 -45.87 32.68 -0.30
C GLN G 552 -45.06 33.89 0.18
N ASP G 553 -44.00 34.19 -0.57
CA ASP G 553 -43.07 35.27 -0.26
C ASP G 553 -43.77 36.57 0.11
N HIS G 554 -44.61 37.07 -0.79
CA HIS G 554 -45.21 38.39 -0.62
C HIS G 554 -46.44 38.43 0.28
N ASN G 555 -46.91 37.29 0.78
CA ASN G 555 -48.16 37.26 1.53
C ASN G 555 -48.02 36.87 2.99
N GLY G 556 -47.35 35.76 3.29
CA GLY G 556 -47.09 35.41 4.67
C GLY G 556 -48.03 34.47 5.40
N TYR G 557 -48.23 34.77 6.68
CA TYR G 557 -48.79 33.78 7.59
C TYR G 557 -50.24 33.42 7.26
N THR G 558 -51.03 34.35 6.73
CA THR G 558 -52.42 34.03 6.47
C THR G 558 -52.58 33.09 5.27
N HIS G 559 -51.53 32.91 4.48
CA HIS G 559 -51.53 32.08 3.29
C HIS G 559 -50.84 30.73 3.53
N GLN G 560 -50.88 30.23 4.77
CA GLN G 560 -50.19 28.99 5.15
C GLN G 560 -51.18 28.04 5.81
N ASP G 561 -51.64 27.03 5.07
CA ASP G 561 -52.51 25.99 5.60
C ASP G 561 -52.44 24.76 4.69
N PRO G 562 -51.57 23.79 4.99
CA PRO G 562 -51.51 22.57 4.15
C PRO G 562 -52.40 21.45 4.66
N GLY G 563 -53.44 21.79 5.43
CA GLY G 563 -54.27 20.79 6.08
C GLY G 563 -55.20 20.04 5.15
N MET G 564 -55.31 20.45 3.89
CA MET G 564 -56.16 19.70 2.95
C MET G 564 -55.71 18.24 2.86
N LEU G 565 -54.40 17.98 2.96
CA LEU G 565 -53.91 16.61 2.92
C LEU G 565 -54.54 15.77 4.03
N THR G 566 -54.67 16.34 5.23
CA THR G 566 -55.34 15.63 6.32
C THR G 566 -56.83 15.48 6.04
N HIS G 567 -57.46 16.55 5.54
CA HIS G 567 -58.90 16.53 5.33
C HIS G 567 -59.30 15.41 4.39
N LEU G 568 -58.58 15.26 3.28
CA LEU G 568 -58.94 14.25 2.28
C LEU G 568 -58.48 12.86 2.68
N ALA G 569 -57.44 12.75 3.51
CA ALA G 569 -56.99 11.44 3.97
C ALA G 569 -58.00 10.76 4.88
N GLU G 570 -58.95 11.51 5.44
CA GLU G 570 -59.97 10.94 6.32
C GLU G 570 -61.15 10.34 5.56
N LYS G 571 -61.29 10.65 4.28
CA LYS G 571 -62.33 10.05 3.46
C LYS G 571 -61.90 8.66 3.01
N LYS G 572 -62.83 7.93 2.41
CA LYS G 572 -62.51 6.59 1.89
C LYS G 572 -61.46 6.71 0.80
N SER G 573 -60.29 6.09 1.05
CA SER G 573 -59.12 6.32 0.22
C SER G 573 -59.23 5.66 -1.15
N ASP G 574 -60.17 4.73 -1.34
CA ASP G 574 -60.38 4.16 -2.67
C ASP G 574 -60.87 5.20 -3.67
N PHE G 575 -61.30 6.38 -3.21
CA PHE G 575 -61.77 7.44 -4.10
C PHE G 575 -60.89 8.69 -4.02
N ILE G 576 -59.78 8.62 -3.29
CA ILE G 576 -58.89 9.76 -3.08
C ILE G 576 -57.49 9.38 -3.49
N ARG G 577 -56.86 10.23 -4.29
CA ARG G 577 -55.46 10.08 -4.71
C ARG G 577 -54.77 11.42 -4.47
N GLN G 578 -53.84 11.44 -3.52
CA GLN G 578 -53.07 12.63 -3.20
C GLN G 578 -51.61 12.42 -3.60
N TYR G 579 -51.08 13.34 -4.38
CA TYR G 579 -49.72 13.24 -4.91
C TYR G 579 -48.92 14.47 -4.52
N LEU G 580 -47.71 14.26 -4.01
CA LEU G 580 -46.80 15.34 -3.64
C LEU G 580 -45.49 15.19 -4.42
N PRO G 581 -45.53 15.40 -5.74
CA PRO G 581 -44.30 15.27 -6.54
C PRO G 581 -43.22 16.25 -6.08
N ALA G 582 -41.98 15.77 -6.07
CA ALA G 582 -40.87 16.58 -5.58
C ALA G 582 -40.18 17.40 -6.67
N ASP G 583 -40.45 17.12 -7.94
CA ASP G 583 -39.83 17.89 -9.03
C ASP G 583 -40.74 17.82 -10.26
N GLY G 584 -40.26 18.42 -11.35
CA GLY G 584 -41.10 18.59 -12.53
C GLY G 584 -41.44 17.28 -13.23
N ASN G 585 -40.44 16.41 -13.42
CA ASN G 585 -40.71 15.15 -14.10
C ASN G 585 -41.73 14.31 -13.35
N THR G 586 -41.64 14.29 -12.02
CA THR G 586 -42.62 13.53 -11.24
C THR G 586 -44.02 14.11 -11.43
N LEU G 587 -44.15 15.44 -11.37
CA LEU G 587 -45.46 16.07 -11.56
C LEU G 587 -46.07 15.69 -12.91
N LEU G 588 -45.27 15.73 -13.97
CA LEU G 588 -45.77 15.33 -15.28
C LEU G 588 -46.30 13.90 -15.24
N ALA G 589 -45.54 13.00 -14.61
CA ALA G 589 -45.91 11.58 -14.61
C ALA G 589 -47.17 11.32 -13.78
N VAL G 590 -47.37 12.05 -12.67
CA VAL G 590 -48.58 11.80 -11.87
C VAL G 590 -49.83 12.24 -12.64
N PHE G 591 -49.74 13.35 -13.38
CA PHE G 591 -50.93 13.82 -14.09
C PHE G 591 -51.25 12.93 -15.28
N ASP G 592 -50.23 12.34 -15.91
CA ASP G 592 -50.51 11.29 -16.89
C ASP G 592 -51.34 10.20 -16.24
N ARG G 593 -51.06 9.88 -14.98
CA ARG G 593 -51.84 8.90 -14.27
C ARG G 593 -53.18 9.48 -13.81
N ALA G 594 -53.17 10.70 -13.26
CA ALA G 594 -54.40 11.29 -12.75
C ALA G 594 -55.45 11.44 -13.85
N PHE G 595 -55.04 11.89 -15.03
CA PHE G 595 -55.98 12.09 -16.13
C PHE G 595 -56.53 10.79 -16.70
N GLN G 596 -55.99 9.64 -16.29
CA GLN G 596 -56.53 8.36 -16.74
C GLN G 596 -57.39 7.69 -15.67
N ASP G 597 -57.39 8.21 -14.44
CA ASP G 597 -58.15 7.58 -13.36
C ASP G 597 -59.62 7.98 -13.44
N ARG G 598 -60.47 7.14 -12.85
CA ARG G 598 -61.92 7.32 -12.90
C ARG G 598 -62.49 7.40 -11.50
N SER G 599 -63.45 8.30 -11.31
CA SER G 599 -64.20 8.43 -10.07
C SER G 599 -63.26 8.59 -8.88
N LYS G 600 -62.36 9.56 -8.98
CA LYS G 600 -61.45 9.93 -7.92
C LYS G 600 -61.53 11.44 -7.70
N ILE G 601 -61.04 11.86 -6.55
CA ILE G 601 -60.53 13.21 -6.34
C ILE G 601 -59.02 13.09 -6.36
N ASN G 602 -58.38 13.74 -7.34
CA ASN G 602 -56.92 13.80 -7.45
C ASN G 602 -56.47 15.15 -6.89
N HIS G 603 -55.77 15.13 -5.76
CA HIS G 603 -55.21 16.33 -5.13
C HIS G 603 -53.70 16.32 -5.31
N ILE G 604 -53.18 17.30 -6.04
CA ILE G 604 -51.75 17.38 -6.36
C ILE G 604 -51.20 18.62 -5.67
N VAL G 605 -50.19 18.42 -4.82
CA VAL G 605 -49.43 19.52 -4.24
C VAL G 605 -48.18 19.72 -5.09
N ALA G 606 -48.04 20.90 -5.68
CA ALA G 606 -46.97 21.14 -6.66
C ALA G 606 -46.30 22.48 -6.41
N SER G 607 -45.00 22.53 -6.73
CA SER G 607 -44.19 23.72 -6.61
C SER G 607 -44.31 24.58 -7.87
N LYS G 608 -44.21 25.91 -7.68
CA LYS G 608 -44.16 26.83 -8.82
C LYS G 608 -42.87 27.64 -8.90
N GLN G 609 -42.09 27.72 -7.82
CA GLN G 609 -40.87 28.50 -7.81
C GLN G 609 -39.68 27.65 -8.28
N PRO G 610 -38.62 28.28 -8.78
CA PRO G 610 -37.48 27.51 -9.29
C PRO G 610 -36.81 26.70 -8.19
N ARG G 611 -36.68 25.40 -8.44
CA ARG G 611 -36.14 24.47 -7.46
C ARG G 611 -35.26 23.44 -8.16
N GLN G 612 -34.38 22.83 -7.37
CA GLN G 612 -33.53 21.76 -7.87
C GLN G 612 -34.38 20.63 -8.43
N GLN G 613 -33.96 20.10 -9.58
CA GLN G 613 -34.60 18.96 -10.21
C GLN G 613 -33.80 17.70 -9.92
N TRP G 614 -34.52 16.59 -9.72
CA TRP G 614 -33.91 15.42 -9.07
C TRP G 614 -33.96 14.16 -9.91
N PHE G 615 -35.10 13.84 -10.52
CA PHE G 615 -35.36 12.50 -11.04
C PHE G 615 -35.40 12.47 -12.56
N THR G 616 -34.80 11.42 -13.13
CA THR G 616 -34.90 11.12 -14.55
C THR G 616 -36.34 10.78 -14.92
N LYS G 617 -36.62 10.80 -16.23
CA LYS G 617 -37.97 10.48 -16.66
C LYS G 617 -38.31 9.02 -16.39
N GLU G 618 -37.31 8.16 -16.25
CA GLU G 618 -37.56 6.77 -15.86
C GLU G 618 -37.96 6.67 -14.40
N GLU G 619 -37.22 7.36 -13.53
CA GLU G 619 -37.55 7.37 -12.11
C GLU G 619 -38.91 8.00 -11.84
N ALA G 620 -39.21 9.10 -12.55
CA ALA G 620 -40.49 9.77 -12.35
C ALA G 620 -41.65 8.83 -12.68
N GLU G 621 -41.50 8.05 -13.74
CA GLU G 621 -42.54 7.06 -14.07
C GLU G 621 -42.72 6.07 -12.94
N LYS G 622 -41.62 5.55 -12.39
CA LYS G 622 -41.74 4.57 -11.32
C LYS G 622 -42.36 5.21 -10.08
N LEU G 623 -41.96 6.44 -9.75
CA LEU G 623 -42.51 7.11 -8.58
C LEU G 623 -43.99 7.44 -8.75
N ALA G 624 -44.42 7.78 -9.97
CA ALA G 624 -45.83 8.09 -10.19
C ALA G 624 -46.69 6.83 -10.25
N THR G 625 -46.14 5.72 -10.76
CA THR G 625 -46.88 4.47 -10.83
C THR G 625 -46.95 3.75 -9.48
N ASP G 626 -45.80 3.55 -8.83
CA ASP G 626 -45.78 2.87 -7.53
C ASP G 626 -46.10 3.81 -6.38
N GLY G 627 -45.93 5.12 -6.57
CA GLY G 627 -46.19 6.11 -5.54
C GLY G 627 -45.10 6.27 -4.51
N ILE G 628 -44.06 5.43 -4.56
CA ILE G 628 -43.00 5.40 -3.56
C ILE G 628 -41.85 4.59 -4.12
N ALA G 629 -40.62 4.90 -3.70
CA ALA G 629 -39.46 4.17 -4.19
C ALA G 629 -38.25 4.51 -3.33
N THR G 630 -37.42 3.49 -3.09
CA THR G 630 -36.10 3.70 -2.51
C THR G 630 -35.19 4.20 -3.62
N ILE G 631 -34.45 5.27 -3.34
CA ILE G 631 -33.60 5.92 -4.31
C ILE G 631 -32.17 5.49 -4.05
N ASP G 632 -31.60 4.73 -4.99
CA ASP G 632 -30.29 4.12 -4.77
C ASP G 632 -29.20 5.15 -4.59
N TRP G 633 -29.18 6.20 -5.42
CA TRP G 633 -28.11 7.19 -5.36
C TRP G 633 -28.19 8.08 -4.12
N ALA G 634 -29.27 7.99 -3.34
CA ALA G 634 -29.38 8.71 -2.09
C ALA G 634 -29.31 7.77 -0.88
N SER G 635 -28.87 6.53 -1.08
CA SER G 635 -28.85 5.52 -0.03
C SER G 635 -27.44 4.93 0.09
N THR G 636 -27.02 4.70 1.32
CA THR G 636 -25.78 3.98 1.59
C THR G 636 -26.03 2.51 1.86
N ALA G 637 -27.28 2.07 1.85
CA ALA G 637 -27.58 0.67 2.08
C ALA G 637 -28.25 0.13 0.83
N LYS G 638 -27.84 -1.06 0.46
CA LYS G 638 -28.30 -1.64 -0.79
C LYS G 638 -29.48 -2.55 -0.51
N ASP G 639 -29.92 -3.23 -1.56
CA ASP G 639 -31.11 -4.06 -1.43
C ASP G 639 -30.85 -5.11 -0.36
N GLY G 640 -31.80 -5.23 0.56
CA GLY G 640 -31.75 -6.25 1.59
C GLY G 640 -30.74 -6.07 2.71
N GLU G 641 -30.17 -4.88 2.90
CA GLU G 641 -29.19 -4.70 3.96
C GLU G 641 -29.84 -4.05 5.18
N ALA G 642 -29.28 -4.35 6.34
CA ALA G 642 -29.72 -3.75 7.59
C ALA G 642 -29.45 -2.25 7.56
N VAL G 643 -30.23 -1.49 8.30
CA VAL G 643 -30.14 -0.04 8.26
C VAL G 643 -30.10 0.53 9.68
N ASP G 644 -29.36 1.64 9.83
CA ASP G 644 -29.34 2.38 11.10
C ASP G 644 -30.50 3.35 11.21
N LEU G 645 -30.96 3.89 10.08
CA LEU G 645 -32.14 4.75 10.06
C LEU G 645 -32.60 4.85 8.62
N VAL G 646 -33.77 5.45 8.44
CA VAL G 646 -34.35 5.67 7.13
C VAL G 646 -34.65 7.16 7.01
N PHE G 647 -34.29 7.74 5.89
CA PHE G 647 -34.69 9.09 5.53
C PHE G 647 -35.83 8.98 4.53
N ALA G 648 -36.84 9.81 4.71
CA ALA G 648 -37.98 9.81 3.80
C ALA G 648 -38.57 11.21 3.76
N SER G 649 -39.26 11.51 2.67
CA SER G 649 -39.87 12.83 2.54
C SER G 649 -40.99 12.76 1.51
N ALA G 650 -41.93 13.69 1.66
CA ALA G 650 -43.02 13.87 0.71
C ALA G 650 -43.19 15.36 0.45
N GLY G 651 -43.00 15.78 -0.78
CA GLY G 651 -43.10 17.19 -1.13
C GLY G 651 -41.81 17.75 -1.70
N ALA G 652 -41.88 18.91 -2.35
CA ALA G 652 -40.71 19.48 -2.99
C ALA G 652 -39.71 20.00 -1.96
N GLU G 653 -40.10 20.99 -1.18
CA GLU G 653 -39.19 21.52 -0.16
C GLU G 653 -38.77 20.46 0.84
N PRO G 654 -39.66 19.64 1.39
CA PRO G 654 -39.21 18.57 2.30
C PRO G 654 -38.20 17.64 1.66
N THR G 655 -38.36 17.29 0.39
CA THR G 655 -37.39 16.42 -0.25
C THR G 655 -36.02 17.10 -0.35
N ILE G 656 -36.00 18.38 -0.68
CA ILE G 656 -34.74 19.11 -0.77
C ILE G 656 -34.01 19.10 0.56
N GLU G 657 -34.75 19.35 1.66
CA GLU G 657 -34.13 19.48 2.97
C GLU G 657 -33.73 18.12 3.54
N THR G 658 -34.54 17.10 3.31
CA THR G 658 -34.19 15.75 3.78
C THR G 658 -32.98 15.21 3.04
N LEU G 659 -32.93 15.40 1.71
CA LEU G 659 -31.76 14.97 0.96
C LEU G 659 -30.52 15.73 1.41
N ALA G 660 -30.65 17.04 1.65
CA ALA G 660 -29.50 17.79 2.13
C ALA G 660 -29.10 17.34 3.53
N ALA G 661 -30.07 16.94 4.35
CA ALA G 661 -29.75 16.52 5.71
C ALA G 661 -28.93 15.23 5.70
N LEU G 662 -29.39 14.21 4.96
CA LEU G 662 -28.62 12.97 4.93
C LEU G 662 -27.28 13.18 4.25
N HIS G 663 -27.20 14.11 3.30
CA HIS G 663 -25.91 14.39 2.67
C HIS G 663 -24.93 14.96 3.67
N LEU G 664 -25.40 15.83 4.57
CA LEU G 664 -24.54 16.39 5.61
C LEU G 664 -24.05 15.31 6.57
N VAL G 665 -24.92 14.38 6.93
CA VAL G 665 -24.52 13.30 7.82
C VAL G 665 -23.47 12.42 7.14
N ASN G 666 -23.75 12.03 5.90
CA ASN G 666 -22.86 11.12 5.19
C ASN G 666 -21.48 11.70 4.95
N GLU G 667 -21.39 13.02 4.77
CA GLU G 667 -20.09 13.61 4.44
C GLU G 667 -19.11 13.53 5.62
N VAL G 668 -19.61 13.58 6.85
CA VAL G 668 -18.75 13.44 8.03
C VAL G 668 -18.72 12.02 8.60
N PHE G 669 -19.71 11.19 8.29
CA PHE G 669 -19.82 9.82 8.83
C PHE G 669 -20.30 8.91 7.72
N PRO G 670 -19.43 8.57 6.78
CA PRO G 670 -19.85 7.77 5.62
C PRO G 670 -20.31 6.37 5.96
N GLN G 671 -19.96 5.84 7.13
CA GLN G 671 -20.31 4.48 7.52
CA GLN G 671 -20.35 4.46 7.40
C GLN G 671 -21.77 4.34 7.95
N ALA G 672 -22.48 5.45 8.13
CA ALA G 672 -23.89 5.36 8.50
C ALA G 672 -24.65 4.71 7.37
N LYS G 673 -25.36 3.62 7.67
CA LYS G 673 -26.12 2.92 6.65
C LYS G 673 -27.58 3.39 6.73
N PHE G 674 -28.11 3.85 5.60
CA PHE G 674 -29.48 4.33 5.53
C PHE G 674 -29.95 4.22 4.08
N ARG G 675 -31.26 4.12 3.91
CA ARG G 675 -31.87 4.31 2.60
C ARG G 675 -32.68 5.60 2.62
N TYR G 676 -32.82 6.21 1.45
CA TYR G 676 -33.75 7.32 1.26
C TYR G 676 -34.96 6.84 0.47
N VAL G 677 -36.15 7.22 0.95
CA VAL G 677 -37.42 6.83 0.34
C VAL G 677 -38.16 8.11 -0.02
N ASN G 678 -38.44 8.28 -1.31
CA ASN G 678 -39.27 9.39 -1.77
C ASN G 678 -40.73 8.94 -1.79
N VAL G 679 -41.59 9.72 -1.15
CA VAL G 679 -43.01 9.41 -1.04
C VAL G 679 -43.77 10.42 -1.90
N VAL G 680 -44.52 9.93 -2.87
CA VAL G 680 -45.37 10.75 -3.73
C VAL G 680 -46.85 10.51 -3.42
N GLU G 681 -47.29 9.26 -3.50
CA GLU G 681 -48.68 8.86 -3.24
C GLU G 681 -48.80 8.53 -1.76
N LEU G 682 -49.09 9.54 -0.94
CA LEU G 682 -49.03 9.38 0.51
C LEU G 682 -50.02 8.32 1.01
N GLY G 683 -51.17 8.18 0.34
CA GLY G 683 -52.20 7.28 0.83
C GLY G 683 -51.73 5.83 0.95
N ARG G 684 -50.69 5.44 0.21
CA ARG G 684 -50.22 4.06 0.26
C ARG G 684 -49.68 3.69 1.63
N LEU G 685 -49.25 4.67 2.42
CA LEU G 685 -48.66 4.37 3.71
C LEU G 685 -49.70 4.08 4.78
N GLN G 686 -50.96 4.45 4.56
CA GLN G 686 -51.99 4.30 5.57
C GLN G 686 -52.37 2.84 5.74
N LYS G 687 -52.96 2.53 6.89
CA LYS G 687 -53.59 1.24 7.12
C LYS G 687 -54.76 1.50 8.07
N LYS G 688 -55.82 2.08 7.51
CA LYS G 688 -56.96 2.52 8.30
C LYS G 688 -57.96 1.40 8.51
N LYS G 689 -58.75 1.55 9.57
CA LYS G 689 -59.90 0.70 9.81
C LYS G 689 -61.07 1.12 8.95
N GLY G 690 -61.90 0.15 8.60
CA GLY G 690 -63.00 0.37 7.68
C GLY G 690 -62.64 -0.04 6.28
N ALA G 691 -63.64 -0.54 5.54
CA ALA G 691 -63.42 -1.00 4.18
C ALA G 691 -63.37 0.20 3.23
N LEU G 692 -63.08 -0.11 1.96
CA LEU G 692 -62.95 0.90 0.91
C LEU G 692 -61.77 1.83 1.17
N ASN G 693 -60.73 1.30 1.83
CA ASN G 693 -59.49 1.99 2.06
C ASN G 693 -58.26 1.19 1.65
N GLN G 694 -58.43 -0.02 1.14
CA GLN G 694 -57.31 -0.96 1.02
C GLN G 694 -56.79 -1.10 -0.40
N GLU G 695 -57.37 -0.40 -1.37
CA GLU G 695 -56.99 -0.61 -2.77
C GLU G 695 -55.51 -0.33 -3.00
N ARG G 696 -54.98 0.73 -2.41
CA ARG G 696 -53.61 1.15 -2.67
C ARG G 696 -52.71 1.04 -1.45
N GLU G 697 -53.20 0.50 -0.34
CA GLU G 697 -52.38 0.39 0.85
C GLU G 697 -51.27 -0.64 0.68
N LEU G 698 -50.06 -0.28 1.10
CA LEU G 698 -48.95 -1.21 1.04
C LEU G 698 -49.17 -2.38 1.99
N SER G 699 -48.74 -3.57 1.57
CA SER G 699 -48.74 -4.69 2.48
C SER G 699 -47.74 -4.46 3.59
N ASP G 700 -47.90 -5.22 4.68
CA ASP G 700 -46.94 -5.12 5.78
C ASP G 700 -45.52 -5.39 5.30
N GLU G 701 -45.37 -6.33 4.35
CA GLU G 701 -44.06 -6.60 3.78
C GLU G 701 -43.55 -5.43 2.96
N GLU G 702 -44.41 -4.82 2.14
CA GLU G 702 -43.98 -3.68 1.35
C GLU G 702 -43.57 -2.52 2.24
N PHE G 703 -44.35 -2.25 3.30
CA PHE G 703 -44.03 -1.15 4.18
C PHE G 703 -42.69 -1.36 4.87
N GLU G 704 -42.44 -2.59 5.34
CA GLU G 704 -41.16 -2.89 5.97
C GLU G 704 -40.00 -2.84 4.97
N LYS G 705 -40.27 -3.15 3.70
CA LYS G 705 -39.23 -3.06 2.69
C LYS G 705 -38.65 -1.65 2.60
N TYR G 706 -39.51 -0.63 2.77
CA TYR G 706 -39.06 0.75 2.67
C TYR G 706 -38.53 1.30 4.00
N PHE G 707 -39.28 1.10 5.09
CA PHE G 707 -38.98 1.76 6.36
C PHE G 707 -38.35 0.83 7.39
N GLY G 708 -38.10 -0.42 7.05
CA GLY G 708 -37.53 -1.37 7.99
C GLY G 708 -38.56 -1.80 9.03
N PRO G 709 -38.13 -2.62 9.98
CA PRO G 709 -39.04 -3.09 11.03
C PRO G 709 -39.28 -2.01 12.06
N SER G 710 -40.32 -2.22 12.87
CA SER G 710 -40.61 -1.28 13.95
C SER G 710 -39.41 -1.08 14.84
N GLY G 711 -39.17 0.17 15.23
CA GLY G 711 -37.99 0.54 15.97
C GLY G 711 -36.91 1.21 15.13
N THR G 712 -36.97 1.06 13.82
CA THR G 712 -36.04 1.74 12.92
C THR G 712 -36.31 3.25 12.94
N PRO G 713 -35.36 4.09 13.31
CA PRO G 713 -35.61 5.53 13.24
C PRO G 713 -35.89 5.95 11.80
N VAL G 714 -36.88 6.84 11.65
CA VAL G 714 -37.30 7.33 10.34
C VAL G 714 -37.36 8.85 10.42
N ILE G 715 -36.38 9.51 9.82
CA ILE G 715 -36.42 10.96 9.63
C ILE G 715 -37.33 11.24 8.45
N PHE G 716 -38.53 11.76 8.73
CA PHE G 716 -39.58 11.95 7.73
C PHE G 716 -39.86 13.44 7.58
N GLY G 717 -39.49 14.00 6.43
CA GLY G 717 -39.84 15.37 6.10
C GLY G 717 -41.16 15.42 5.35
N PHE G 718 -42.13 16.18 5.86
CA PHE G 718 -43.47 16.17 5.30
C PHE G 718 -43.91 17.59 4.99
N HIS G 719 -44.66 17.72 3.90
CA HIS G 719 -45.14 19.04 3.47
C HIS G 719 -46.21 19.57 4.40
N GLY G 720 -47.09 18.71 4.90
CA GLY G 720 -48.23 19.12 5.68
C GLY G 720 -48.02 18.96 7.17
N TYR G 721 -49.15 18.91 7.89
CA TYR G 721 -49.12 18.80 9.34
C TYR G 721 -48.63 17.42 9.77
N GLU G 722 -48.04 17.35 10.96
CA GLU G 722 -47.38 16.13 11.40
C GLU G 722 -48.34 15.06 11.90
N ASP G 723 -49.56 15.45 12.31
CA ASP G 723 -50.49 14.45 12.85
C ASP G 723 -50.83 13.38 11.83
N LEU G 724 -50.78 13.71 10.53
CA LEU G 724 -51.12 12.74 9.51
C LEU G 724 -50.07 11.65 9.40
N ILE G 725 -48.79 12.01 9.44
CA ILE G 725 -47.73 11.02 9.38
C ILE G 725 -47.70 10.19 10.65
N GLU G 726 -47.92 10.84 11.80
CA GLU G 726 -47.96 10.12 13.07
C GLU G 726 -49.10 9.11 13.11
N SER G 727 -50.27 9.48 12.58
CA SER G 727 -51.37 8.52 12.52
C SER G 727 -51.03 7.35 11.61
N ILE G 728 -50.34 7.63 10.50
CA ILE G 728 -49.94 6.57 9.57
C ILE G 728 -49.05 5.56 10.28
N PHE G 729 -48.06 6.05 11.03
CA PHE G 729 -47.10 5.15 11.66
C PHE G 729 -47.70 4.43 12.86
N TYR G 730 -48.73 4.98 13.50
CA TYR G 730 -49.41 4.20 14.53
C TYR G 730 -50.24 3.08 13.91
N GLN G 731 -50.89 3.37 12.78
CA GLN G 731 -51.59 2.32 12.04
C GLN G 731 -50.66 1.19 11.63
N ARG G 732 -49.40 1.51 11.35
CA ARG G 732 -48.38 0.54 10.96
C ARG G 732 -47.62 -0.03 12.15
N GLY G 733 -47.92 0.43 13.36
CA GLY G 733 -47.22 -0.07 14.54
C GLY G 733 -45.72 0.05 14.42
N HIS G 734 -45.23 1.17 13.87
CA HIS G 734 -43.80 1.37 13.62
C HIS G 734 -43.26 2.42 14.57
N ASP G 735 -42.51 1.95 15.56
CA ASP G 735 -41.88 2.81 16.55
C ASP G 735 -40.65 3.46 15.94
N GLY G 736 -40.48 4.76 16.19
CA GLY G 736 -39.26 5.44 15.78
C GLY G 736 -39.43 6.59 14.81
N LEU G 737 -40.67 6.99 14.53
CA LEU G 737 -40.90 8.08 13.60
C LEU G 737 -40.37 9.39 14.17
N ILE G 738 -39.62 10.12 13.36
CA ILE G 738 -39.15 11.47 13.70
C ILE G 738 -39.64 12.41 12.61
N VAL G 739 -40.84 12.97 12.78
CA VAL G 739 -41.47 13.76 11.72
C VAL G 739 -40.96 15.18 11.74
N HIS G 740 -40.81 15.74 10.55
CA HIS G 740 -40.46 17.14 10.33
C HIS G 740 -41.43 17.65 9.28
N GLY G 741 -42.54 18.23 9.75
CA GLY G 741 -43.53 18.81 8.88
C GLY G 741 -43.82 20.25 9.24
N TYR G 742 -44.89 20.81 8.68
CA TYR G 742 -45.30 22.17 9.02
C TYR G 742 -45.86 22.19 10.43
N ARG G 743 -45.44 23.18 11.21
CA ARG G 743 -45.83 23.28 12.62
C ARG G 743 -46.56 24.58 12.93
N GLU G 744 -47.31 25.10 11.96
CA GLU G 744 -48.11 26.32 12.14
C GLU G 744 -47.24 27.48 12.61
N ASP G 745 -46.07 27.61 12.00
CA ASP G 745 -45.13 28.70 12.27
C ASP G 745 -44.62 29.24 10.95
N GLY G 746 -44.70 30.55 10.78
CA GLY G 746 -44.24 31.18 9.56
C GLY G 746 -44.70 32.62 9.50
N ASP G 747 -44.14 33.35 8.55
CA ASP G 747 -44.46 34.76 8.39
C ASP G 747 -43.73 35.25 7.13
N ILE G 748 -43.79 36.56 6.84
CA ILE G 748 -42.95 37.13 5.80
C ILE G 748 -41.49 36.99 6.18
N THR G 749 -40.75 36.23 5.38
CA THR G 749 -39.33 36.01 5.59
C THR G 749 -38.73 35.49 4.28
N THR G 750 -37.50 35.01 4.36
CA THR G 750 -36.78 34.50 3.20
C THR G 750 -37.26 33.08 2.84
N THR G 751 -36.86 32.64 1.63
CA THR G 751 -37.29 31.33 1.13
C THR G 751 -36.96 30.21 2.12
N TYR G 752 -35.71 30.17 2.58
CA TYR G 752 -35.26 29.07 3.41
C TYR G 752 -35.61 29.26 4.88
N ASP G 753 -35.87 30.49 5.32
CA ASP G 753 -36.29 30.68 6.70
C ASP G 753 -37.69 30.12 6.93
N MET G 754 -38.53 30.10 5.90
CA MET G 754 -39.84 29.46 6.05
C MET G 754 -39.70 27.99 6.40
N ARG G 755 -38.59 27.37 6.00
CA ARG G 755 -38.34 25.99 6.38
C ARG G 755 -37.76 25.92 7.78
N VAL G 756 -36.93 26.89 8.16
CA VAL G 756 -36.39 26.92 9.52
C VAL G 756 -37.50 27.18 10.52
N TYR G 757 -38.53 27.95 10.14
CA TYR G 757 -39.60 28.31 11.08
C TYR G 757 -40.22 27.07 11.73
N SER G 758 -40.45 26.01 10.95
CA SER G 758 -41.02 24.77 11.46
C SER G 758 -39.95 23.74 11.82
N GLU G 759 -38.68 24.11 11.74
CA GLU G 759 -37.57 23.19 11.94
C GLU G 759 -37.58 22.06 10.92
N LEU G 760 -38.12 22.36 9.74
CA LEU G 760 -38.07 21.45 8.59
C LEU G 760 -36.72 21.48 7.87
N ASP G 761 -35.88 22.47 8.14
CA ASP G 761 -34.67 22.65 7.36
C ASP G 761 -33.69 21.48 7.53
N ARG G 762 -32.76 21.40 6.59
CA ARG G 762 -31.75 20.34 6.56
C ARG G 762 -30.94 20.29 7.85
N PHE G 763 -30.68 21.43 8.47
CA PHE G 763 -29.80 21.46 9.62
C PHE G 763 -30.49 20.92 10.87
N HIS G 764 -31.75 21.27 11.08
CA HIS G 764 -32.51 20.65 12.16
C HIS G 764 -32.71 19.16 11.91
N GLN G 765 -32.95 18.77 10.66
CA GLN G 765 -33.10 17.34 10.39
C GLN G 765 -31.79 16.60 10.65
N ALA G 766 -30.66 17.19 10.24
CA ALA G 766 -29.37 16.55 10.44
C ALA G 766 -29.05 16.39 11.91
N ILE G 767 -29.40 17.39 12.72
CA ILE G 767 -29.17 17.29 14.15
C ILE G 767 -29.92 16.08 14.72
N ASP G 768 -31.21 15.95 14.36
CA ASP G 768 -31.98 14.80 14.83
C ASP G 768 -31.38 13.48 14.35
N ALA G 769 -30.89 13.45 13.11
CA ALA G 769 -30.33 12.22 12.58
C ALA G 769 -29.07 11.83 13.35
N MET G 770 -28.17 12.80 13.58
CA MET G 770 -26.96 12.50 14.33
C MET G 770 -27.27 12.17 15.78
N GLN G 771 -28.28 12.83 16.36
CA GLN G 771 -28.65 12.57 17.74
C GLN G 771 -29.12 11.13 17.92
N VAL G 772 -29.91 10.62 16.99
CA VAL G 772 -30.44 9.27 17.16
C VAL G 772 -29.34 8.25 16.87
N LEU G 773 -28.43 8.56 15.96
CA LEU G 773 -27.28 7.68 15.79
C LEU G 773 -26.45 7.62 17.06
N TYR G 774 -26.24 8.77 17.72
CA TYR G 774 -25.48 8.78 18.97
C TYR G 774 -26.20 8.01 20.06
N VAL G 775 -27.51 8.24 20.22
CA VAL G 775 -28.27 7.57 21.27
C VAL G 775 -28.17 6.06 21.12
N ASN G 776 -28.23 5.58 19.88
CA ASN G 776 -28.08 4.15 19.63
C ASN G 776 -26.62 3.72 19.58
N ARG G 777 -25.69 4.60 19.95
CA ARG G 777 -24.27 4.27 20.03
C ARG G 777 -23.76 3.69 18.71
N LYS G 778 -24.09 4.38 17.62
CA LYS G 778 -23.58 4.03 16.30
C LYS G 778 -22.42 4.92 15.89
N VAL G 779 -22.14 5.97 16.66
CA VAL G 779 -21.12 6.95 16.33
C VAL G 779 -20.57 7.50 17.65
N ASN G 780 -19.30 7.89 17.62
CA ASN G 780 -18.59 8.34 18.81
C ASN G 780 -19.04 9.73 19.22
N GLN G 781 -18.98 10.00 20.53
CA GLN G 781 -19.54 11.22 21.06
C GLN G 781 -18.85 12.44 20.48
N GLY G 782 -17.52 12.36 20.29
CA GLY G 782 -16.78 13.50 19.78
C GLY G 782 -17.23 13.94 18.40
N LEU G 783 -17.41 12.97 17.50
CA LEU G 783 -17.86 13.29 16.15
C LEU G 783 -19.30 13.80 16.16
N ALA G 784 -20.18 13.13 16.91
CA ALA G 784 -21.56 13.57 16.98
C ALA G 784 -21.66 14.99 17.50
N LYS G 785 -20.94 15.31 18.56
CA LYS G 785 -21.02 16.65 19.15
C LYS G 785 -20.41 17.71 18.22
N ALA G 786 -19.28 17.41 17.59
CA ALA G 786 -18.68 18.36 16.66
C ALA G 786 -19.63 18.65 15.50
N PHE G 787 -20.31 17.63 15.00
CA PHE G 787 -21.24 17.82 13.89
C PHE G 787 -22.43 18.66 14.31
N ILE G 788 -23.06 18.31 15.42
CA ILE G 788 -24.22 19.06 15.89
C ILE G 788 -23.84 20.52 16.18
N ASP G 789 -22.69 20.73 16.81
CA ASP G 789 -22.26 22.10 17.08
C ASP G 789 -22.16 22.91 15.78
N ARG G 790 -21.66 22.29 14.71
CA ARG G 790 -21.56 22.98 13.43
C ARG G 790 -22.93 23.29 12.85
N MET G 791 -23.87 22.34 12.94
CA MET G 791 -25.23 22.61 12.50
C MET G 791 -25.81 23.78 13.27
N LYS G 792 -25.60 23.82 14.58
CA LYS G 792 -26.10 24.94 15.38
C LYS G 792 -25.47 26.25 14.95
N ARG G 793 -24.15 26.24 14.70
CA ARG G 793 -23.47 27.46 14.26
C ARG G 793 -24.06 27.99 12.96
N THR G 794 -24.41 27.08 12.04
CA THR G 794 -25.02 27.51 10.79
C THR G 794 -26.38 28.14 11.03
N LEU G 795 -27.15 27.61 11.98
CA LEU G 795 -28.47 28.17 12.25
C LEU G 795 -28.36 29.54 12.92
N VAL G 796 -27.39 29.71 13.82
CA VAL G 796 -27.15 31.04 14.40
C VAL G 796 -26.84 32.05 13.31
N LYS G 797 -25.97 31.67 12.37
CA LYS G 797 -25.61 32.57 11.28
C LYS G 797 -26.81 32.86 10.40
N HIS G 798 -27.65 31.85 10.17
CA HIS G 798 -28.87 32.03 9.39
C HIS G 798 -29.75 33.13 10.00
N PHE G 799 -29.95 33.09 11.30
CA PHE G 799 -30.81 34.09 11.94
C PHE G 799 -30.19 35.47 11.91
N GLU G 800 -28.85 35.57 11.94
CA GLU G 800 -28.22 36.88 11.93
C GLU G 800 -28.29 37.50 10.54
N VAL G 801 -28.05 36.69 9.50
CA VAL G 801 -28.03 37.22 8.14
C VAL G 801 -29.44 37.59 7.69
N THR G 802 -30.43 36.74 7.97
CA THR G 802 -31.77 37.02 7.49
C THR G 802 -32.35 38.26 8.15
N ARG G 803 -32.15 38.43 9.46
CA ARG G 803 -32.72 39.58 10.14
C ARG G 803 -31.98 40.86 9.81
N ASN G 804 -30.69 40.78 9.48
CA ASN G 804 -29.92 41.98 9.21
C ASN G 804 -29.88 42.34 7.73
N GLU G 805 -29.89 41.36 6.84
CA GLU G 805 -29.71 41.62 5.42
C GLU G 805 -30.93 41.28 4.58
N GLY G 806 -31.80 40.38 5.04
CA GLY G 806 -32.96 40.05 4.25
C GLY G 806 -32.67 39.08 3.14
N VAL G 807 -31.59 38.30 3.28
CA VAL G 807 -31.21 37.30 2.30
C VAL G 807 -30.81 36.03 3.02
N ASP G 808 -30.70 34.95 2.26
CA ASP G 808 -30.35 33.65 2.82
C ASP G 808 -28.85 33.43 2.74
N ILE G 809 -28.37 32.50 3.58
CA ILE G 809 -26.94 32.20 3.64
C ILE G 809 -26.55 31.26 2.51
N PRO G 810 -25.31 31.30 2.04
CA PRO G 810 -24.91 30.41 0.93
C PRO G 810 -24.98 28.94 1.26
N ASP G 811 -24.97 28.57 2.55
CA ASP G 811 -25.14 27.17 2.90
C ASP G 811 -26.44 26.61 2.35
N PHE G 812 -27.47 27.46 2.21
CA PHE G 812 -28.72 27.08 1.58
C PHE G 812 -28.68 27.32 0.08
N THR G 813 -28.39 28.57 -0.33
CA THR G 813 -28.69 29.00 -1.69
C THR G 813 -27.77 28.32 -2.69
N GLU G 814 -26.56 27.99 -2.28
CA GLU G 814 -25.54 27.52 -3.20
C GLU G 814 -25.38 26.01 -3.21
N TRP G 815 -26.17 25.28 -2.43
CA TRP G 815 -25.99 23.84 -2.34
C TRP G 815 -26.48 23.13 -3.60
N VAL G 816 -25.69 22.17 -4.03
CA VAL G 816 -26.03 21.31 -5.16
C VAL G 816 -25.73 19.88 -4.73
N TRP G 817 -26.43 18.93 -5.33
CA TRP G 817 -26.24 17.53 -5.01
C TRP G 817 -24.88 17.07 -5.53
N SER G 818 -24.25 16.17 -4.78
CA SER G 818 -23.07 15.44 -5.22
C SER G 818 -23.18 14.01 -4.70
N ASP G 819 -22.37 13.12 -5.28
CA ASP G 819 -22.42 11.71 -4.90
C ASP G 819 -22.17 11.57 -3.40
N LEU G 820 -22.86 10.59 -2.79
CA LEU G 820 -22.60 10.29 -1.40
C LEU G 820 -21.22 9.64 -1.25
N LYS G 821 -20.64 9.80 -0.05
CA LYS G 821 -19.37 9.18 0.25
C LYS G 821 -19.59 7.72 0.64
N LYS G 822 -18.64 6.87 0.26
CA LYS G 822 -18.71 5.45 0.57
C LYS G 822 -17.39 4.96 1.19
N GLU H 3 -64.40 75.66 6.20
CA GLU H 3 -63.31 75.06 6.97
C GLU H 3 -62.83 73.79 6.28
N TYR H 4 -63.64 72.72 6.36
CA TYR H 4 -63.26 71.43 5.84
C TYR H 4 -63.61 71.22 4.38
N ASN H 5 -64.19 72.24 3.72
CA ASN H 5 -64.52 72.16 2.30
C ASN H 5 -63.78 73.19 1.47
N SER H 6 -62.93 74.01 2.09
CA SER H 6 -62.21 75.03 1.35
C SER H 6 -61.08 74.38 0.54
N GLU H 7 -60.68 75.09 -0.51
CA GLU H 7 -59.56 74.62 -1.32
C GLU H 7 -58.29 74.55 -0.49
N ALA H 8 -58.12 75.49 0.44
CA ALA H 8 -56.95 75.51 1.29
C ALA H 8 -56.85 74.24 2.13
N TYR H 9 -57.98 73.81 2.71
CA TYR H 9 -57.96 72.60 3.53
C TYR H 9 -57.76 71.36 2.66
N LEU H 10 -58.41 71.29 1.51
CA LEU H 10 -58.27 70.11 0.66
C LEU H 10 -56.86 69.98 0.11
N LYS H 11 -56.16 71.10 -0.11
CA LYS H 11 -54.75 70.99 -0.48
C LYS H 11 -53.89 70.48 0.67
N LYS H 12 -54.25 70.81 1.91
CA LYS H 12 -53.59 70.21 3.06
C LYS H 12 -53.84 68.70 3.11
N LEU H 13 -55.09 68.29 2.89
CA LEU H 13 -55.41 66.86 2.85
C LEU H 13 -54.64 66.16 1.74
N ASP H 14 -54.53 66.81 0.58
CA ASP H 14 -53.78 66.22 -0.53
C ASP H 14 -52.31 66.01 -0.15
N LYS H 15 -51.73 66.96 0.58
CA LYS H 15 -50.35 66.81 1.02
C LYS H 15 -50.20 65.67 2.01
N TRP H 16 -51.08 65.61 3.01
CA TRP H 16 -51.04 64.50 3.96
C TRP H 16 -51.19 63.17 3.24
N TRP H 17 -52.08 63.12 2.25
CA TRP H 17 -52.25 61.91 1.46
C TRP H 17 -50.97 61.52 0.76
N ARG H 18 -50.26 62.49 0.16
CA ARG H 18 -49.02 62.18 -0.51
C ARG H 18 -47.92 61.83 0.49
N ALA H 19 -47.94 62.40 1.68
CA ALA H 19 -46.98 62.01 2.71
C ALA H 19 -47.13 60.53 3.04
N ALA H 20 -48.38 60.06 3.19
CA ALA H 20 -48.60 58.66 3.50
C ALA H 20 -48.24 57.75 2.33
N THR H 21 -48.61 58.14 1.11
CA THR H 21 -48.33 57.32 -0.07
C THR H 21 -46.84 57.27 -0.36
N TYR H 22 -46.14 58.38 -0.12
CA TYR H 22 -44.69 58.41 -0.31
C TYR H 22 -44.01 57.35 0.56
N LEU H 23 -44.38 57.30 1.84
CA LEU H 23 -43.76 56.35 2.76
C LEU H 23 -44.15 54.91 2.43
N GLY H 24 -45.43 54.70 2.07
CA GLY H 24 -45.87 53.36 1.72
C GLY H 24 -45.17 52.79 0.51
N ALA H 25 -44.85 53.65 -0.46
CA ALA H 25 -44.13 53.21 -1.65
C ALA H 25 -42.65 52.99 -1.35
N GLY H 26 -42.04 53.88 -0.57
CA GLY H 26 -40.61 53.77 -0.34
C GLY H 26 -40.24 52.50 0.41
N MET H 27 -41.03 52.13 1.42
CA MET H 27 -40.65 50.98 2.24
C MET H 27 -40.74 49.67 1.49
N ILE H 28 -41.32 49.65 0.29
CA ILE H 28 -41.24 48.45 -0.52
C ILE H 28 -39.81 48.17 -0.94
N PHE H 29 -39.06 49.21 -1.31
CA PHE H 29 -37.75 49.07 -1.92
C PHE H 29 -36.60 49.46 -0.99
N LEU H 30 -36.81 50.41 -0.09
CA LEU H 30 -35.74 50.96 0.72
C LEU H 30 -35.77 50.39 2.12
N LYS H 31 -34.59 50.10 2.64
CA LYS H 31 -34.40 49.76 4.05
C LYS H 31 -33.65 50.86 4.81
N GLU H 32 -33.25 51.92 4.13
CA GLU H 32 -32.63 53.07 4.77
C GLU H 32 -32.66 54.23 3.78
N ASN H 33 -32.24 55.40 4.25
CA ASN H 33 -32.22 56.60 3.42
C ASN H 33 -33.62 56.89 2.89
N PRO H 34 -34.63 56.96 3.77
CA PRO H 34 -36.00 57.08 3.27
C PRO H 34 -36.32 58.45 2.68
N LEU H 35 -35.63 59.50 3.13
CA LEU H 35 -35.85 60.84 2.60
C LEU H 35 -34.62 61.29 1.81
N PHE H 36 -34.25 60.49 0.82
CA PHE H 36 -33.02 60.73 0.07
C PHE H 36 -33.00 62.10 -0.58
N SER H 37 -34.14 62.55 -1.12
CA SER H 37 -34.17 63.83 -1.81
C SER H 37 -34.25 65.02 -0.87
N VAL H 38 -34.72 64.83 0.36
CA VAL H 38 -34.80 65.92 1.33
C VAL H 38 -33.47 66.10 2.05
N THR H 39 -32.81 65.01 2.39
CA THR H 39 -31.53 65.06 3.09
C THR H 39 -30.35 65.20 2.14
N GLY H 40 -30.60 65.31 0.83
CA GLY H 40 -29.53 65.50 -0.12
C GLY H 40 -28.52 64.38 -0.15
N THR H 41 -28.97 63.14 0.08
CA THR H 41 -28.10 61.97 0.10
C THR H 41 -28.65 60.98 -0.93
N PRO H 42 -28.13 61.02 -2.17
CA PRO H 42 -28.68 60.14 -3.21
C PRO H 42 -28.63 58.67 -2.82
N ILE H 43 -29.50 57.90 -3.47
CA ILE H 43 -29.66 56.48 -3.17
C ILE H 43 -28.43 55.70 -3.60
N LYS H 44 -27.98 54.79 -2.75
CA LYS H 44 -26.88 53.87 -3.02
C LYS H 44 -27.40 52.44 -2.94
N ALA H 45 -26.63 51.50 -3.53
CA ALA H 45 -27.10 50.11 -3.58
C ALA H 45 -27.37 49.55 -2.19
N GLU H 46 -26.52 49.86 -1.21
CA GLU H 46 -26.72 49.34 0.13
C GLU H 46 -27.98 49.91 0.79
N ASN H 47 -28.56 50.96 0.23
CA ASN H 47 -29.81 51.50 0.78
C ASN H 47 -31.01 50.65 0.40
N LEU H 48 -30.89 49.82 -0.64
CA LEU H 48 -32.00 49.08 -1.22
C LEU H 48 -32.08 47.66 -0.66
N LYS H 49 -33.30 47.14 -0.63
CA LYS H 49 -33.53 45.76 -0.26
C LYS H 49 -33.13 44.83 -1.39
N ALA H 50 -32.63 43.65 -1.04
CA ALA H 50 -32.15 42.71 -2.04
C ALA H 50 -33.32 42.08 -2.81
N ASN H 51 -34.43 41.83 -2.13
CA ASN H 51 -35.61 41.20 -2.75
C ASN H 51 -36.84 41.94 -2.24
N PRO H 52 -37.18 43.08 -2.86
CA PRO H 52 -38.33 43.86 -2.39
C PRO H 52 -39.61 43.05 -2.37
N ILE H 53 -40.35 43.19 -1.27
CA ILE H 53 -41.57 42.45 -0.99
C ILE H 53 -42.68 43.44 -0.68
N GLY H 54 -43.86 43.17 -1.23
CA GLY H 54 -45.03 43.97 -0.92
C GLY H 54 -45.95 44.26 -2.10
N HIS H 55 -47.03 44.97 -1.80
CA HIS H 55 -48.02 45.31 -2.81
C HIS H 55 -48.12 46.82 -2.93
N TRP H 56 -48.31 47.29 -4.16
CA TRP H 56 -48.42 48.71 -4.41
C TRP H 56 -49.80 49.11 -4.90
N GLY H 57 -50.44 48.28 -5.74
CA GLY H 57 -51.63 48.71 -6.46
C GLY H 57 -52.70 49.30 -5.58
N THR H 58 -53.01 48.64 -4.46
CA THR H 58 -54.14 49.05 -3.65
C THR H 58 -53.82 50.23 -2.74
N VAL H 59 -52.54 50.59 -2.60
CA VAL H 59 -52.13 51.46 -1.49
C VAL H 59 -52.71 52.86 -1.66
N SER H 60 -52.36 53.55 -2.75
CA SER H 60 -52.71 54.97 -2.84
C SER H 60 -54.21 55.19 -2.82
N GLY H 61 -54.98 54.26 -3.40
CA GLY H 61 -56.42 54.39 -3.33
C GLY H 61 -56.93 54.28 -1.91
N GLN H 62 -56.32 53.41 -1.10
CA GLN H 62 -56.76 53.24 0.28
C GLN H 62 -56.30 54.38 1.18
N THR H 63 -55.10 54.91 0.96
CA THR H 63 -54.67 56.08 1.72
C THR H 63 -55.50 57.30 1.36
N PHE H 64 -55.95 57.41 0.10
CA PHE H 64 -56.89 58.46 -0.26
C PHE H 64 -58.14 58.37 0.61
N LEU H 65 -58.70 57.16 0.74
CA LEU H 65 -59.89 56.99 1.54
C LEU H 65 -59.60 57.19 3.03
N TYR H 66 -58.44 56.70 3.49
CA TYR H 66 -58.06 56.90 4.89
C TYR H 66 -57.96 58.39 5.21
N ALA H 67 -57.35 59.17 4.31
CA ALA H 67 -57.23 60.60 4.54
C ALA H 67 -58.61 61.24 4.66
N HIS H 68 -59.53 60.88 3.77
CA HIS H 68 -60.88 61.45 3.83
C HIS H 68 -61.66 60.96 5.05
N ALA H 69 -61.36 59.77 5.55
CA ALA H 69 -61.97 59.31 6.80
C ALA H 69 -61.54 60.20 7.96
N ASN H 70 -60.25 60.57 8.00
CA ASN H 70 -59.77 61.50 9.01
C ASN H 70 -60.53 62.82 8.94
N ARG H 71 -60.78 63.31 7.73
CA ARG H 71 -61.54 64.55 7.58
C ARG H 71 -62.92 64.43 8.22
N LEU H 72 -63.63 63.35 7.94
CA LEU H 72 -64.96 63.15 8.52
C LEU H 72 -64.91 63.12 10.04
N ILE H 73 -63.91 62.43 10.59
CA ILE H 73 -63.79 62.34 12.05
C ILE H 73 -63.67 63.72 12.67
N ASN H 74 -62.83 64.58 12.09
CA ASN H 74 -62.62 65.90 12.66
C ASN H 74 -63.81 66.81 12.41
N LYS H 75 -64.38 66.76 11.21
CA LYS H 75 -65.52 67.62 10.90
C LYS H 75 -66.75 67.23 11.70
N TYR H 76 -67.00 65.94 11.85
CA TYR H 76 -68.21 65.45 12.50
C TYR H 76 -67.99 64.91 13.91
N ASP H 77 -66.77 64.99 14.43
CA ASP H 77 -66.46 64.45 15.76
CA ASP H 77 -66.47 64.46 15.77
C ASP H 77 -67.01 63.04 15.89
N GLN H 78 -66.65 62.19 14.93
CA GLN H 78 -67.22 60.86 14.77
C GLN H 78 -66.27 59.78 15.31
N LYS H 79 -66.83 58.83 16.06
CA LYS H 79 -66.10 57.63 16.43
C LYS H 79 -66.12 56.67 15.25
N MET H 80 -64.95 56.28 14.78
CA MET H 80 -64.80 55.55 13.52
C MET H 80 -63.56 54.67 13.58
N PHE H 81 -63.58 53.63 12.76
CA PHE H 81 -62.41 52.77 12.59
C PHE H 81 -62.37 52.28 11.15
N TYR H 82 -61.15 52.00 10.70
CA TYR H 82 -60.88 51.65 9.32
C TYR H 82 -60.72 50.14 9.19
N MET H 83 -61.39 49.56 8.19
CA MET H 83 -61.32 48.14 7.92
C MET H 83 -60.89 47.98 6.45
N GLY H 84 -59.71 47.43 6.24
CA GLY H 84 -59.17 47.31 4.90
C GLY H 84 -59.46 45.96 4.26
N GLY H 85 -60.47 45.92 3.39
CA GLY H 85 -60.79 44.72 2.66
C GLY H 85 -59.59 44.15 1.95
N PRO H 86 -58.94 44.97 1.10
CA PRO H 86 -57.68 44.55 0.46
C PRO H 86 -56.51 44.62 1.42
N GLY H 87 -56.46 43.67 2.35
CA GLY H 87 -55.50 43.70 3.43
C GLY H 87 -54.06 43.55 3.00
N HIS H 88 -53.82 43.10 1.77
CA HIS H 88 -52.45 42.93 1.28
C HIS H 88 -51.71 44.26 1.18
N GLY H 89 -52.40 45.39 1.27
CA GLY H 89 -51.76 46.69 1.27
C GLY H 89 -51.50 47.22 2.67
N GLY H 90 -50.66 46.53 3.42
CA GLY H 90 -50.47 46.86 4.83
C GLY H 90 -50.04 48.30 5.06
N GLN H 91 -49.30 48.88 4.12
CA GLN H 91 -48.84 50.25 4.30
C GLN H 91 -50.00 51.23 4.48
N ALA H 92 -51.17 50.91 3.91
CA ALA H 92 -52.30 51.83 3.97
C ALA H 92 -52.85 51.99 5.38
N MET H 93 -52.54 51.07 6.30
CA MET H 93 -52.89 51.24 7.71
C MET H 93 -51.68 51.52 8.58
N VAL H 94 -50.50 51.04 8.20
CA VAL H 94 -49.30 51.26 9.00
C VAL H 94 -48.88 52.72 8.95
N VAL H 95 -48.78 53.30 7.76
CA VAL H 95 -48.19 54.63 7.58
C VAL H 95 -49.11 55.70 8.18
N PRO H 96 -50.41 55.67 7.92
CA PRO H 96 -51.29 56.63 8.62
C PRO H 96 -51.15 56.58 10.13
N SER H 97 -51.01 55.38 10.70
CA SER H 97 -50.78 55.28 12.14
C SER H 97 -49.45 55.90 12.53
N TYR H 98 -48.44 55.76 11.67
CA TYR H 98 -47.14 56.35 11.96
C TYR H 98 -47.20 57.87 11.95
N LEU H 99 -48.03 58.45 11.09
CA LEU H 99 -48.09 59.91 10.95
C LEU H 99 -48.83 60.59 12.10
N ASP H 100 -49.77 59.90 12.76
CA ASP H 100 -50.57 60.54 13.79
C ASP H 100 -50.11 60.19 15.21
N GLY H 101 -48.97 59.50 15.34
CA GLY H 101 -48.39 59.22 16.63
C GLY H 101 -48.84 57.92 17.26
N SER H 102 -49.89 57.28 16.74
CA SER H 102 -50.38 56.04 17.35
C SER H 102 -49.37 54.91 17.20
N TYR H 103 -48.62 54.89 16.09
CA TYR H 103 -47.64 53.83 15.89
C TYR H 103 -46.52 53.92 16.93
N THR H 104 -46.04 55.13 17.21
CA THR H 104 -44.99 55.30 18.21
C THR H 104 -45.48 54.89 19.59
N GLU H 105 -46.75 55.16 19.88
CA GLU H 105 -47.31 54.76 21.17
C GLU H 105 -47.32 53.24 21.32
N ALA H 106 -47.47 52.51 20.20
CA ALA H 106 -47.42 51.06 20.26
C ALA H 106 -45.98 50.54 20.20
N TYR H 107 -45.14 51.18 19.40
CA TYR H 107 -43.73 50.80 19.21
C TYR H 107 -42.85 52.00 19.53
N PRO H 108 -42.43 52.18 20.78
CA PRO H 108 -41.66 53.39 21.12
C PRO H 108 -40.39 53.56 20.31
N GLU H 109 -39.78 52.47 19.86
CA GLU H 109 -38.55 52.58 19.09
C GLU H 109 -38.79 53.17 17.71
N ILE H 110 -40.02 53.19 17.22
CA ILE H 110 -40.32 53.73 15.88
C ILE H 110 -40.75 55.17 16.09
N THR H 111 -39.76 56.03 16.31
CA THR H 111 -40.03 57.42 16.58
C THR H 111 -40.36 58.19 15.30
N GLN H 112 -41.01 59.34 15.48
CA GLN H 112 -41.43 60.17 14.34
C GLN H 112 -40.29 61.09 13.91
N ASP H 113 -39.19 60.45 13.52
CA ASP H 113 -38.01 61.15 13.05
C ASP H 113 -37.27 60.24 12.08
N LEU H 114 -36.12 60.72 11.60
CA LEU H 114 -35.37 60.02 10.57
C LEU H 114 -34.93 58.63 11.03
N GLU H 115 -34.51 58.50 12.30
CA GLU H 115 -34.05 57.20 12.80
C GLU H 115 -35.18 56.18 12.85
N GLY H 116 -36.30 56.53 13.46
CA GLY H 116 -37.43 55.60 13.54
C GLY H 116 -38.02 55.30 12.19
N MET H 117 -38.03 56.29 11.29
CA MET H 117 -38.55 56.10 9.94
C MET H 117 -37.70 55.12 9.15
N SER H 118 -36.38 55.21 9.26
CA SER H 118 -35.52 54.22 8.62
C SER H 118 -35.74 52.84 9.21
N ARG H 119 -35.92 52.77 10.52
CA ARG H 119 -36.19 51.49 11.18
C ARG H 119 -37.52 50.90 10.72
N LEU H 120 -38.53 51.75 10.49
CA LEU H 120 -39.80 51.25 9.98
C LEU H 120 -39.66 50.73 8.55
N PHE H 121 -38.94 51.46 7.70
CA PHE H 121 -38.71 51.00 6.33
C PHE H 121 -38.09 49.61 6.32
N LYS H 122 -37.07 49.39 7.15
CA LYS H 122 -36.39 48.10 7.13
C LYS H 122 -37.30 47.00 7.66
N ARG H 123 -38.20 47.31 8.61
CA ARG H 123 -39.05 46.27 9.17
C ARG H 123 -40.12 45.80 8.19
N PHE H 124 -40.52 46.64 7.23
CA PHE H 124 -41.65 46.27 6.40
C PHE H 124 -41.33 45.03 5.58
N SER H 125 -42.13 43.99 5.77
CA SER H 125 -41.99 42.76 5.00
C SER H 125 -40.56 42.23 5.07
N PHE H 126 -39.97 42.28 6.27
CA PHE H 126 -38.60 41.86 6.48
C PHE H 126 -38.52 40.71 7.47
N PRO H 127 -37.55 39.77 7.32
CA PRO H 127 -37.40 38.72 8.32
C PRO H 127 -37.28 39.31 9.72
N GLY H 128 -38.14 38.89 10.63
CA GLY H 128 -38.13 39.44 11.97
C GLY H 128 -38.74 40.82 12.09
N GLY H 129 -39.31 41.35 11.01
CA GLY H 129 -39.96 42.65 11.05
C GLY H 129 -41.47 42.55 11.18
N ILE H 130 -42.18 43.27 10.31
CA ILE H 130 -43.62 43.22 10.22
C ILE H 130 -44.02 42.67 8.86
N GLY H 131 -45.24 42.13 8.78
CA GLY H 131 -45.72 41.52 7.56
C GLY H 131 -46.10 42.54 6.50
N SER H 132 -46.58 42.01 5.36
CA SER H 132 -47.05 42.86 4.28
C SER H 132 -48.53 43.22 4.41
N HIS H 133 -49.31 42.46 5.19
CA HIS H 133 -50.74 42.66 5.32
C HIS H 133 -51.04 43.50 6.55
N MET H 134 -52.33 43.77 6.76
CA MET H 134 -52.80 44.54 7.91
C MET H 134 -52.94 43.62 9.13
N THR H 135 -51.80 43.02 9.49
CA THR H 135 -51.75 42.00 10.52
C THR H 135 -52.08 42.60 11.89
N ALA H 136 -52.13 41.73 12.90
CA ALA H 136 -52.31 42.17 14.27
C ALA H 136 -51.14 43.01 14.75
N GLN H 137 -50.02 43.02 14.01
CA GLN H 137 -48.94 43.95 14.28
C GLN H 137 -49.33 45.39 13.97
N THR H 138 -50.42 45.60 13.24
CA THR H 138 -50.82 46.93 12.79
C THR H 138 -51.74 47.57 13.83
N PRO H 139 -51.36 48.70 14.42
CA PRO H 139 -52.29 49.41 15.29
C PRO H 139 -53.53 49.82 14.51
N GLY H 140 -54.70 49.61 15.11
CA GLY H 140 -55.96 50.00 14.52
C GLY H 140 -56.65 48.93 13.70
N SER H 141 -56.04 47.76 13.53
CA SER H 141 -56.58 46.71 12.69
C SER H 141 -57.33 45.68 13.54
N LEU H 142 -58.50 45.28 13.07
CA LEU H 142 -59.18 44.08 13.57
C LEU H 142 -59.50 43.14 12.42
N HIS H 143 -58.82 43.30 11.29
CA HIS H 143 -59.15 42.60 10.06
C HIS H 143 -57.89 42.57 9.19
N GLU H 144 -57.29 41.39 9.03
CA GLU H 144 -56.05 41.30 8.27
C GLU H 144 -56.28 41.34 6.77
N GLY H 145 -57.41 40.83 6.30
CA GLY H 145 -57.73 40.90 4.89
C GLY H 145 -56.86 40.03 4.00
N GLY H 146 -56.27 38.97 4.55
CA GLY H 146 -55.49 38.06 3.75
C GLY H 146 -56.37 37.14 2.92
N GLU H 147 -57.24 36.39 3.61
CA GLU H 147 -58.28 35.60 2.95
C GLU H 147 -59.48 36.52 2.71
N LEU H 148 -59.70 36.90 1.46
CA LEU H 148 -60.68 37.93 1.13
C LEU H 148 -62.11 37.42 1.27
N GLY H 149 -63.01 38.37 1.58
CA GLY H 149 -64.45 38.14 1.52
C GLY H 149 -65.21 38.44 2.79
N TYR H 150 -64.55 38.81 3.90
CA TYR H 150 -65.20 38.89 5.19
C TYR H 150 -65.19 40.30 5.79
N VAL H 151 -64.87 41.33 5.01
CA VAL H 151 -64.71 42.66 5.59
C VAL H 151 -66.06 43.23 6.05
N LEU H 152 -67.15 42.93 5.32
CA LEU H 152 -68.45 43.51 5.65
C LEU H 152 -69.16 42.74 6.75
N SER H 153 -69.05 41.41 6.77
CA SER H 153 -69.60 40.65 7.89
C SER H 153 -68.87 40.99 9.18
N HIS H 154 -67.55 41.14 9.11
CA HIS H 154 -66.80 41.58 10.29
C HIS H 154 -67.23 42.98 10.71
N ALA H 155 -67.41 43.88 9.75
CA ALA H 155 -67.84 45.24 10.07
C ALA H 155 -69.20 45.25 10.75
N THR H 156 -70.13 44.43 10.26
CA THR H 156 -71.47 44.36 10.86
C THR H 156 -71.38 43.89 12.31
N GLY H 157 -70.69 42.78 12.55
CA GLY H 157 -70.54 42.31 13.91
C GLY H 157 -69.88 43.35 14.81
N ALA H 158 -69.00 44.17 14.23
CA ALA H 158 -68.29 45.18 15.02
C ALA H 158 -69.23 46.27 15.49
N ILE H 159 -70.22 46.65 14.67
CA ILE H 159 -71.12 47.76 15.00
C ILE H 159 -72.42 47.31 15.66
N LEU H 160 -72.69 46.00 15.72
CA LEU H 160 -73.83 45.54 16.48
C LEU H 160 -73.71 46.01 17.91
N ASP H 161 -74.77 46.64 18.43
CA ASP H 161 -74.83 47.12 19.80
C ASP H 161 -73.77 48.18 20.09
N GLN H 162 -73.29 48.88 19.06
CA GLN H 162 -72.36 50.01 19.23
C GLN H 162 -72.89 51.21 18.45
N PRO H 163 -73.94 51.86 18.95
CA PRO H 163 -74.68 52.84 18.13
C PRO H 163 -73.88 54.06 17.71
N GLU H 164 -72.85 54.43 18.45
CA GLU H 164 -72.10 55.65 18.13
C GLU H 164 -70.91 55.38 17.22
N GLN H 165 -70.67 54.13 16.85
CA GLN H 165 -69.51 53.76 16.04
C GLN H 165 -69.91 53.63 14.57
N ILE H 166 -68.98 53.99 13.70
CA ILE H 166 -69.14 53.78 12.26
C ILE H 166 -67.93 52.99 11.76
N ALA H 167 -68.19 51.97 10.95
CA ALA H 167 -67.16 51.14 10.35
C ALA H 167 -66.89 51.67 8.94
N PHE H 168 -65.72 52.26 8.75
CA PHE H 168 -65.27 52.74 7.44
C PHE H 168 -64.65 51.54 6.72
N ALA H 169 -65.47 50.82 5.97
CA ALA H 169 -65.09 49.51 5.43
C ALA H 169 -64.84 49.61 3.94
N VAL H 170 -63.60 49.35 3.53
CA VAL H 170 -63.18 49.39 2.13
C VAL H 170 -63.26 47.98 1.55
N VAL H 171 -63.96 47.83 0.44
CA VAL H 171 -64.16 46.54 -0.22
C VAL H 171 -63.37 46.52 -1.52
N GLY H 172 -62.50 45.53 -1.65
CA GLY H 172 -61.81 45.36 -2.92
C GLY H 172 -62.78 44.90 -3.99
N ASP H 173 -62.61 45.44 -5.20
CA ASP H 173 -63.53 45.08 -6.26
C ASP H 173 -63.29 43.65 -6.75
N GLY H 174 -62.08 43.14 -6.59
CA GLY H 174 -61.87 41.72 -6.76
C GLY H 174 -62.52 40.93 -5.64
N GLU H 175 -62.32 41.39 -4.40
CA GLU H 175 -62.95 40.76 -3.24
C GLU H 175 -64.47 40.71 -3.39
N ALA H 176 -65.05 41.73 -4.05
CA ALA H 176 -66.50 41.76 -4.23
C ALA H 176 -67.01 40.62 -5.10
N GLU H 177 -66.13 39.87 -5.74
CA GLU H 177 -66.52 38.74 -6.56
C GLU H 177 -66.62 37.43 -5.77
N THR H 178 -66.18 37.42 -4.51
CA THR H 178 -66.26 36.22 -3.68
C THR H 178 -67.69 35.99 -3.22
N GLY H 179 -67.98 34.74 -2.85
CA GLY H 179 -69.27 34.37 -2.33
C GLY H 179 -69.57 35.06 -1.01
N PRO H 180 -68.68 34.94 -0.04
CA PRO H 180 -68.94 35.58 1.26
C PRO H 180 -69.20 37.07 1.16
N LEU H 181 -68.47 37.78 0.30
CA LEU H 181 -68.69 39.21 0.17
C LEU H 181 -70.04 39.50 -0.48
N MET H 182 -70.36 38.80 -1.57
CA MET H 182 -71.61 39.05 -2.28
C MET H 182 -72.80 38.96 -1.35
N THR H 183 -72.86 37.91 -0.51
CA THR H 183 -74.02 37.74 0.35
C THR H 183 -73.96 38.64 1.58
N SER H 184 -72.79 39.16 1.94
CA SER H 184 -72.68 40.03 3.10
C SER H 184 -73.39 41.36 2.88
N TRP H 185 -73.74 41.71 1.63
CA TRP H 185 -74.53 42.90 1.39
C TRP H 185 -75.90 42.79 2.06
N HIS H 186 -76.37 41.57 2.33
CA HIS H 186 -77.63 41.36 3.03
C HIS H 186 -77.56 41.76 4.49
N SER H 187 -76.39 42.16 5.00
CA SER H 187 -76.25 42.45 6.42
C SER H 187 -77.19 43.55 6.87
N ILE H 188 -77.48 44.52 6.01
CA ILE H 188 -78.31 45.65 6.42
C ILE H 188 -79.75 45.22 6.72
N LYS H 189 -80.13 44.00 6.34
CA LYS H 189 -81.42 43.46 6.75
C LYS H 189 -81.43 43.04 8.21
N PHE H 190 -80.30 43.18 8.92
CA PHE H 190 -80.19 42.81 10.32
C PHE H 190 -79.58 43.91 11.18
N ILE H 191 -79.25 45.06 10.60
CA ILE H 191 -78.74 46.19 11.35
C ILE H 191 -79.92 47.10 11.69
N ASN H 192 -80.15 47.31 12.98
CA ASN H 192 -81.21 48.19 13.45
C ASN H 192 -80.61 49.52 13.85
N PRO H 193 -80.89 50.62 13.14
CA PRO H 193 -80.24 51.90 13.51
C PRO H 193 -80.61 52.39 14.90
N LYS H 194 -81.66 51.84 15.52
CA LYS H 194 -82.03 52.29 16.85
C LYS H 194 -80.99 51.86 17.89
N ASN H 195 -80.45 50.65 17.72
CA ASN H 195 -79.56 50.03 18.71
C ASN H 195 -78.15 49.78 18.21
N ASP H 196 -77.93 49.75 16.90
CA ASP H 196 -76.65 49.35 16.34
C ASP H 196 -75.96 50.54 15.69
N GLY H 197 -74.67 50.40 15.46
CA GLY H 197 -73.92 51.36 14.70
C GLY H 197 -74.21 51.21 13.22
N ALA H 198 -73.32 51.75 12.40
CA ALA H 198 -73.49 51.71 10.97
C ALA H 198 -72.18 51.36 10.29
N ILE H 199 -72.30 50.64 9.18
CA ILE H 199 -71.17 50.38 8.29
C ILE H 199 -71.30 51.34 7.12
N LEU H 200 -70.18 51.97 6.76
CA LEU H 200 -70.10 52.81 5.57
C LEU H 200 -69.25 52.09 4.55
N PRO H 201 -69.84 51.27 3.67
CA PRO H 201 -69.02 50.51 2.72
C PRO H 201 -68.56 51.36 1.55
N ILE H 202 -67.29 51.18 1.20
CA ILE H 202 -66.70 51.80 0.02
C ILE H 202 -66.21 50.68 -0.88
N LEU H 203 -66.76 50.63 -2.10
CA LEU H 203 -66.28 49.69 -3.10
C LEU H 203 -65.08 50.31 -3.79
N ASP H 204 -63.89 49.77 -3.53
CA ASP H 204 -62.64 50.27 -4.11
C ASP H 204 -62.57 49.75 -5.54
N LEU H 205 -63.26 50.45 -6.43
CA LEU H 205 -63.36 50.05 -7.83
C LEU H 205 -62.17 50.56 -8.65
N ASN H 206 -60.99 50.03 -8.31
CA ASN H 206 -59.77 50.40 -9.00
C ASN H 206 -59.58 49.67 -10.32
N GLY H 207 -60.48 48.75 -10.67
CA GLY H 207 -60.53 48.21 -12.02
C GLY H 207 -59.95 46.82 -12.18
N PHE H 208 -59.08 46.37 -11.28
CA PHE H 208 -58.32 45.15 -11.53
C PHE H 208 -58.08 44.40 -10.23
N LYS H 209 -57.83 43.10 -10.38
CA LYS H 209 -57.34 42.27 -9.28
C LYS H 209 -55.89 41.88 -9.59
N ILE H 210 -55.48 40.61 -9.38
CA ILE H 210 -54.07 40.26 -9.56
C ILE H 210 -53.68 40.42 -11.02
N SER H 211 -54.37 39.69 -11.91
CA SER H 211 -53.98 39.62 -13.32
C SER H 211 -55.16 39.87 -14.25
N ASN H 212 -56.30 40.31 -13.72
CA ASN H 212 -57.53 40.42 -14.49
C ASN H 212 -58.20 41.75 -14.16
N PRO H 213 -59.04 42.26 -15.05
CA PRO H 213 -60.01 43.28 -14.66
C PRO H 213 -61.06 42.66 -13.77
N THR H 214 -61.90 43.50 -13.16
CA THR H 214 -62.92 43.04 -12.23
C THR H 214 -64.30 43.09 -12.86
N LEU H 215 -65.17 42.20 -12.38
CA LEU H 215 -66.52 42.10 -12.93
C LEU H 215 -67.33 43.36 -12.67
N PHE H 216 -67.17 43.95 -11.48
CA PHE H 216 -67.95 45.14 -11.15
C PHE H 216 -67.41 46.40 -11.81
N ALA H 217 -66.09 46.50 -11.99
CA ALA H 217 -65.52 47.68 -12.64
C ALA H 217 -65.95 47.78 -14.09
N ARG H 218 -66.11 46.64 -14.77
CA ARG H 218 -66.60 46.59 -16.13
C ARG H 218 -68.12 46.53 -16.21
N THR H 219 -68.81 46.65 -15.08
CA THR H 219 -70.25 46.86 -15.05
C THR H 219 -70.54 48.36 -15.09
N SER H 220 -71.56 48.75 -15.84
CA SER H 220 -71.92 50.16 -15.96
C SER H 220 -72.35 50.71 -14.60
N ASP H 221 -72.19 52.03 -14.45
CA ASP H 221 -72.63 52.69 -13.21
C ASP H 221 -74.13 52.52 -12.98
N VAL H 222 -74.93 52.52 -14.05
CA VAL H 222 -76.37 52.35 -13.86
C VAL H 222 -76.67 50.93 -13.37
N ASP H 223 -76.01 49.93 -13.96
CA ASP H 223 -76.25 48.57 -13.49
C ASP H 223 -75.76 48.39 -12.07
N ILE H 224 -74.64 49.02 -11.72
CA ILE H 224 -74.19 49.02 -10.33
C ILE H 224 -75.26 49.61 -9.43
N ARG H 225 -75.92 50.68 -9.90
CA ARG H 225 -76.99 51.29 -9.13
C ARG H 225 -78.15 50.32 -8.94
N LYS H 226 -78.55 49.64 -10.02
CA LYS H 226 -79.61 48.66 -9.92
C LYS H 226 -79.25 47.58 -8.91
N PHE H 227 -78.00 47.08 -8.97
CA PHE H 227 -77.59 46.02 -8.06
C PHE H 227 -77.73 46.45 -6.61
N PHE H 228 -77.21 47.63 -6.26
CA PHE H 228 -77.22 48.03 -4.86
C PHE H 228 -78.57 48.56 -4.41
N GLU H 229 -79.32 49.23 -5.28
CA GLU H 229 -80.68 49.63 -4.93
C GLU H 229 -81.56 48.39 -4.75
N GLY H 230 -81.36 47.36 -5.57
CA GLY H 230 -82.09 46.12 -5.36
C GLY H 230 -81.82 45.51 -4.01
N LEU H 231 -80.65 45.79 -3.43
CA LEU H 231 -80.31 45.31 -2.09
C LEU H 231 -80.59 46.32 -1.00
N GLY H 232 -81.16 47.48 -1.34
CA GLY H 232 -81.59 48.44 -0.35
C GLY H 232 -80.61 49.54 -0.04
N TYR H 233 -79.51 49.64 -0.77
CA TYR H 233 -78.51 50.66 -0.54
C TYR H 233 -78.81 51.91 -1.39
N SER H 234 -78.11 52.99 -1.06
CA SER H 234 -78.19 54.26 -1.79
C SER H 234 -76.82 54.57 -2.39
N PRO H 235 -76.54 54.21 -3.65
CA PRO H 235 -75.17 54.36 -4.18
C PRO H 235 -74.81 55.79 -4.52
N ARG H 236 -73.59 56.18 -4.14
CA ARG H 236 -72.99 57.45 -4.54
C ARG H 236 -71.60 57.20 -5.11
N TYR H 237 -71.22 58.02 -6.10
CA TYR H 237 -70.07 57.74 -6.95
C TYR H 237 -68.99 58.80 -6.81
N ILE H 238 -67.74 58.33 -6.76
CA ILE H 238 -66.55 59.18 -6.83
C ILE H 238 -65.77 58.74 -8.05
N GLU H 239 -65.74 59.59 -9.08
CA GLU H 239 -65.01 59.27 -10.30
C GLU H 239 -64.77 60.56 -11.07
N ASN H 240 -63.89 60.47 -12.07
CA ASN H 240 -63.56 61.64 -12.88
C ASN H 240 -63.00 61.19 -14.22
N ASP H 241 -63.16 62.05 -15.23
CA ASP H 241 -62.68 61.72 -16.57
C ASP H 241 -61.16 61.83 -16.66
N ASP H 242 -60.57 62.82 -15.99
CA ASP H 242 -59.11 63.00 -15.94
C ASP H 242 -58.61 62.44 -14.62
N ILE H 243 -57.96 61.26 -14.68
CA ILE H 243 -57.58 60.56 -13.46
C ILE H 243 -56.44 61.22 -12.71
N HIS H 244 -55.76 62.19 -13.31
CA HIS H 244 -54.65 62.87 -12.65
C HIS H 244 -55.02 64.25 -12.15
N ASP H 245 -56.31 64.61 -12.21
CA ASP H 245 -56.82 65.85 -11.60
C ASP H 245 -57.22 65.52 -10.16
N TYR H 246 -56.21 65.42 -9.30
CA TYR H 246 -56.42 64.88 -7.95
C TYR H 246 -57.33 65.78 -7.14
N MET H 247 -57.23 67.10 -7.30
CA MET H 247 -58.05 68.01 -6.49
C MET H 247 -59.52 67.86 -6.83
N ALA H 248 -59.84 67.48 -8.07
CA ALA H 248 -61.22 67.19 -8.41
C ALA H 248 -61.73 65.97 -7.64
N TYR H 249 -60.88 64.96 -7.46
CA TYR H 249 -61.28 63.80 -6.66
C TYR H 249 -61.52 64.21 -5.21
N HIS H 250 -60.61 65.01 -4.65
CA HIS H 250 -60.75 65.43 -3.26
C HIS H 250 -62.05 66.21 -3.07
N LYS H 251 -62.34 67.12 -3.99
CA LYS H 251 -63.55 67.94 -3.89
C LYS H 251 -64.80 67.06 -3.89
N LEU H 252 -64.87 66.12 -4.84
CA LEU H 252 -66.04 65.28 -4.96
C LEU H 252 -66.15 64.31 -3.77
N ALA H 253 -65.03 63.72 -3.37
CA ALA H 253 -65.05 62.77 -2.26
C ALA H 253 -65.49 63.44 -0.97
N ALA H 254 -65.01 64.66 -0.72
CA ALA H 254 -65.42 65.37 0.49
C ALA H 254 -66.93 65.60 0.50
N GLU H 255 -67.49 66.02 -0.63
CA GLU H 255 -68.93 66.24 -0.71
C GLU H 255 -69.70 64.92 -0.59
N VAL H 256 -69.25 63.88 -1.30
CA VAL H 256 -69.94 62.59 -1.25
C VAL H 256 -69.93 62.03 0.17
N PHE H 257 -68.76 62.04 0.81
CA PHE H 257 -68.64 61.47 2.15
C PHE H 257 -69.42 62.28 3.17
N ASP H 258 -69.44 63.61 3.02
CA ASP H 258 -70.24 64.44 3.93
C ASP H 258 -71.71 64.05 3.85
N LYS H 259 -72.23 63.89 2.64
CA LYS H 259 -73.62 63.48 2.49
C LYS H 259 -73.85 62.09 3.06
N ALA H 260 -72.90 61.18 2.92
CA ALA H 260 -73.08 59.84 3.46
C ALA H 260 -73.14 59.86 4.98
N ILE H 261 -72.21 60.58 5.61
CA ILE H 261 -72.21 60.68 7.07
C ILE H 261 -73.51 61.30 7.55
N GLU H 262 -73.95 62.37 6.89
CA GLU H 262 -75.15 63.08 7.32
C GLU H 262 -76.41 62.23 7.12
N ASP H 263 -76.46 61.45 6.03
CA ASP H 263 -77.60 60.57 5.83
C ASP H 263 -77.63 59.45 6.87
N ILE H 264 -76.46 58.93 7.24
CA ILE H 264 -76.38 57.94 8.33
C ILE H 264 -76.86 58.54 9.63
N HIS H 265 -76.44 59.77 9.93
CA HIS H 265 -76.87 60.42 11.15
C HIS H 265 -78.38 60.67 11.14
N GLN H 266 -78.92 61.02 9.97
CA GLN H 266 -80.37 61.23 9.85
C GLN H 266 -81.12 59.92 10.06
N ILE H 267 -80.64 58.84 9.46
CA ILE H 267 -81.23 57.52 9.66
C ILE H 267 -81.26 57.16 11.13
N GLN H 268 -80.16 57.44 11.84
CA GLN H 268 -80.07 57.08 13.24
C GLN H 268 -80.96 57.99 14.10
N LYS H 269 -81.04 59.27 13.75
CA LYS H 269 -81.92 60.18 14.48
C LYS H 269 -83.38 59.77 14.33
N ASP H 270 -83.81 59.50 13.09
CA ASP H 270 -85.20 59.11 12.87
C ASP H 270 -85.53 57.84 13.63
N ALA H 271 -84.59 56.89 13.69
CA ALA H 271 -84.84 55.61 14.35
C ALA H 271 -84.84 55.77 15.86
N ARG H 272 -83.97 56.62 16.40
CA ARG H 272 -83.83 56.71 17.84
C ARG H 272 -84.74 57.75 18.46
N GLU H 273 -85.16 58.76 17.71
CA GLU H 273 -86.05 59.79 18.22
C GLU H 273 -87.50 59.60 17.78
N ASP H 274 -87.72 59.20 16.52
CA ASP H 274 -89.06 59.00 15.99
C ASP H 274 -89.45 57.53 15.84
N ASN H 275 -88.56 56.60 16.17
CA ASN H 275 -88.85 55.16 16.13
C ASN H 275 -89.11 54.70 14.69
N ARG H 276 -88.40 55.30 13.74
CA ARG H 276 -88.51 54.91 12.34
C ARG H 276 -87.74 53.61 12.13
N TYR H 277 -88.10 52.90 11.06
CA TYR H 277 -87.43 51.67 10.62
C TYR H 277 -87.68 50.49 11.55
N GLN H 278 -88.81 50.50 12.27
CA GLN H 278 -89.22 49.37 13.07
C GLN H 278 -90.44 48.65 12.49
N ASN H 279 -90.89 49.04 11.30
CA ASN H 279 -92.11 48.52 10.69
C ASN H 279 -91.84 47.81 9.37
N GLY H 280 -90.60 47.45 9.10
CA GLY H 280 -90.24 46.78 7.86
C GLY H 280 -89.52 47.65 6.86
N GLU H 281 -89.41 48.95 7.10
CA GLU H 281 -88.68 49.83 6.21
C GLU H 281 -87.18 49.72 6.48
N ILE H 282 -86.41 49.47 5.43
CA ILE H 282 -84.96 49.39 5.53
C ILE H 282 -84.35 50.74 5.18
N PRO H 283 -83.48 51.32 6.02
CA PRO H 283 -82.85 52.59 5.66
C PRO H 283 -82.14 52.50 4.32
N ALA H 284 -82.19 53.61 3.57
CA ALA H 284 -81.46 53.71 2.31
C ALA H 284 -79.99 53.98 2.62
N TRP H 285 -79.32 52.96 3.13
CA TRP H 285 -77.96 53.11 3.60
C TRP H 285 -77.06 53.56 2.45
N PRO H 286 -76.20 54.56 2.65
CA PRO H 286 -75.27 54.94 1.59
C PRO H 286 -74.24 53.84 1.33
N ILE H 287 -73.85 53.71 0.07
CA ILE H 287 -72.69 52.94 -0.33
C ILE H 287 -71.91 53.76 -1.34
N VAL H 288 -70.60 53.90 -1.11
CA VAL H 288 -69.74 54.75 -1.94
C VAL H 288 -69.03 53.87 -2.95
N ILE H 289 -69.18 54.21 -4.22
CA ILE H 289 -68.50 53.54 -5.31
C ILE H 289 -67.38 54.44 -5.79
N ALA H 290 -66.14 54.05 -5.48
CA ALA H 290 -64.96 54.89 -5.73
C ALA H 290 -64.14 54.27 -6.85
N ARG H 291 -64.13 54.91 -8.01
CA ARG H 291 -63.31 54.48 -9.14
C ARG H 291 -61.96 55.17 -9.05
N LEU H 292 -61.10 54.61 -8.19
CA LEU H 292 -59.76 55.13 -7.99
C LEU H 292 -58.78 54.23 -8.74
N PRO H 293 -58.17 54.69 -9.83
CA PRO H 293 -57.36 53.78 -10.65
C PRO H 293 -56.32 53.03 -9.82
N LYS H 294 -56.14 51.76 -10.13
CA LYS H 294 -55.16 50.95 -9.42
C LYS H 294 -53.76 51.46 -9.70
N GLY H 295 -52.91 51.49 -8.66
CA GLY H 295 -51.61 52.10 -8.80
C GLY H 295 -51.67 53.59 -9.02
N TRP H 296 -52.72 54.24 -8.50
CA TRP H 296 -52.96 55.66 -8.71
C TRP H 296 -51.73 56.48 -8.36
N GLY H 297 -51.24 57.25 -9.33
CA GLY H 297 -50.13 58.15 -9.10
C GLY H 297 -48.75 57.53 -9.12
N GLY H 298 -48.63 56.25 -9.46
CA GLY H 298 -47.35 55.59 -9.52
C GLY H 298 -46.83 55.52 -10.94
N PRO H 299 -45.88 54.62 -11.19
CA PRO H 299 -45.40 54.45 -12.57
C PRO H 299 -46.56 54.20 -13.51
N ARG H 300 -46.52 54.86 -14.66
CA ARG H 300 -47.63 54.84 -15.59
C ARG H 300 -47.47 53.76 -16.67
N TYR H 301 -46.27 53.56 -17.18
CA TYR H 301 -46.03 52.59 -18.24
C TYR H 301 -44.70 51.90 -18.02
N ASN H 302 -44.63 50.63 -18.44
CA ASN H 302 -43.43 49.82 -18.27
C ASN H 302 -42.50 50.08 -19.45
N ASP H 303 -41.82 51.23 -19.40
CA ASP H 303 -41.00 51.68 -20.50
C ASP H 303 -39.62 51.01 -20.55
N TRP H 304 -39.19 50.38 -19.46
CA TRP H 304 -37.83 49.84 -19.38
C TRP H 304 -37.70 48.45 -19.98
N SER H 305 -38.81 47.76 -20.25
CA SER H 305 -38.74 46.41 -20.80
C SER H 305 -40.12 46.02 -21.30
N GLY H 306 -40.15 44.92 -22.04
CA GLY H 306 -41.39 44.33 -22.49
C GLY H 306 -41.89 44.93 -23.78
N PRO H 307 -43.00 44.40 -24.28
CA PRO H 307 -43.53 44.86 -25.57
C PRO H 307 -44.09 46.26 -25.46
N LYS H 308 -44.32 46.86 -26.62
CA LYS H 308 -44.81 48.23 -26.71
C LYS H 308 -46.18 48.25 -27.35
N PHE H 309 -46.95 49.27 -27.02
CA PHE H 309 -48.22 49.54 -27.68
C PHE H 309 -48.45 51.04 -27.72
N ASP H 310 -48.68 51.56 -28.91
CA ASP H 310 -48.82 53.00 -29.10
C ASP H 310 -47.60 53.70 -28.52
N GLY H 311 -46.45 53.45 -29.16
CA GLY H 311 -45.16 53.96 -28.72
C GLY H 311 -45.00 54.06 -27.22
N LYS H 312 -45.63 53.14 -26.48
CA LYS H 312 -45.60 53.17 -25.02
C LYS H 312 -45.45 51.75 -24.48
N GLY H 313 -44.91 51.66 -23.27
CA GLY H 313 -44.85 50.40 -22.57
C GLY H 313 -46.21 49.95 -22.08
N MET H 314 -46.24 48.73 -21.53
CA MET H 314 -47.49 48.16 -21.02
C MET H 314 -47.99 49.01 -19.86
N PRO H 315 -49.29 49.28 -19.76
CA PRO H 315 -49.80 50.11 -18.67
C PRO H 315 -49.56 49.47 -17.32
N ILE H 316 -49.14 50.29 -16.36
CA ILE H 316 -49.02 49.90 -14.96
C ILE H 316 -50.12 50.55 -14.13
N GLU H 317 -50.15 51.88 -14.07
CA GLU H 317 -51.29 52.57 -13.49
C GLU H 317 -52.55 52.21 -14.27
N HIS H 318 -53.64 52.00 -13.54
CA HIS H 318 -54.91 51.59 -14.13
C HIS H 318 -54.74 50.28 -14.89
N SER H 319 -53.99 49.35 -14.29
CA SER H 319 -53.80 48.03 -14.84
C SER H 319 -53.56 47.04 -13.70
N PHE H 320 -53.72 45.76 -14.01
CA PHE H 320 -53.39 44.72 -13.05
C PHE H 320 -51.90 44.68 -12.75
N ARG H 321 -51.07 45.18 -13.68
CA ARG H 321 -49.63 45.11 -13.52
C ARG H 321 -49.12 45.92 -12.34
N ALA H 322 -49.96 46.77 -11.74
CA ALA H 322 -49.59 47.53 -10.56
C ALA H 322 -49.81 46.77 -9.26
N HIS H 323 -50.30 45.54 -9.32
CA HIS H 323 -50.78 44.85 -8.11
C HIS H 323 -49.68 44.70 -7.06
N GLN H 324 -48.57 44.04 -7.43
CA GLN H 324 -47.55 43.68 -6.44
C GLN H 324 -46.39 44.66 -6.47
N VAL H 325 -45.18 44.18 -6.75
CA VAL H 325 -44.01 45.06 -6.86
C VAL H 325 -43.96 45.60 -8.28
N PRO H 326 -44.13 46.92 -8.46
CA PRO H 326 -44.25 47.47 -9.83
C PRO H 326 -42.93 47.76 -10.52
N LEU H 327 -41.81 47.65 -9.83
CA LEU H 327 -40.50 47.92 -10.40
C LEU H 327 -39.56 46.76 -10.14
N PRO H 328 -38.63 46.48 -11.06
CA PRO H 328 -37.60 45.48 -10.80
C PRO H 328 -36.44 45.97 -9.95
N LEU H 329 -36.49 47.22 -9.48
CA LEU H 329 -35.40 47.80 -8.69
C LEU H 329 -35.07 46.90 -7.50
N SER H 330 -33.78 46.74 -7.25
CA SER H 330 -33.29 46.05 -6.06
C SER H 330 -31.80 46.37 -5.96
N SER H 331 -31.20 45.95 -4.84
CA SER H 331 -29.77 46.12 -4.67
C SER H 331 -28.97 45.36 -5.72
N LYS H 332 -29.54 44.31 -6.32
CA LYS H 332 -28.88 43.52 -7.34
C LYS H 332 -29.27 43.92 -8.75
N ASN H 333 -30.20 44.87 -8.89
CA ASN H 333 -30.73 45.22 -10.21
C ASN H 333 -31.14 46.70 -10.11
N MET H 334 -30.19 47.57 -10.47
CA MET H 334 -30.33 49.01 -10.32
C MET H 334 -30.76 49.71 -11.60
N GLY H 335 -31.26 48.96 -12.59
CA GLY H 335 -31.60 49.57 -13.86
C GLY H 335 -32.69 50.63 -13.74
N THR H 336 -33.69 50.38 -12.89
CA THR H 336 -34.83 51.27 -12.77
C THR H 336 -34.75 52.19 -11.56
N LEU H 337 -33.54 52.45 -11.05
CA LEU H 337 -33.43 53.47 -10.00
C LEU H 337 -33.93 54.83 -10.48
N PRO H 338 -33.63 55.30 -11.70
CA PRO H 338 -34.21 56.58 -12.15
C PRO H 338 -35.72 56.61 -12.14
N GLU H 339 -36.36 55.51 -12.57
CA GLU H 339 -37.83 55.46 -12.52
C GLU H 339 -38.32 55.57 -11.08
N PHE H 340 -37.62 54.93 -10.15
CA PHE H 340 -38.01 55.01 -8.75
C PHE H 340 -37.83 56.42 -8.20
N VAL H 341 -36.70 57.06 -8.51
CA VAL H 341 -36.45 58.41 -8.02
C VAL H 341 -37.50 59.38 -8.56
N LYS H 342 -37.81 59.27 -9.86
CA LYS H 342 -38.85 60.09 -10.47
C LYS H 342 -40.20 59.87 -9.78
N TRP H 343 -40.56 58.60 -9.56
CA TRP H 343 -41.81 58.29 -8.89
C TRP H 343 -41.86 58.92 -7.50
N MET H 344 -40.83 58.69 -6.69
CA MET H 344 -40.83 59.15 -5.31
C MET H 344 -40.81 60.68 -5.22
N THR H 345 -39.98 61.34 -6.04
CA THR H 345 -39.89 62.80 -5.97
C THR H 345 -41.12 63.49 -6.51
N SER H 346 -41.93 62.81 -7.35
CA SER H 346 -43.14 63.43 -7.86
C SER H 346 -44.11 63.78 -6.74
N TYR H 347 -43.99 63.14 -5.58
CA TYR H 347 -44.81 63.48 -4.42
C TYR H 347 -44.36 64.76 -3.72
N GLN H 348 -43.20 65.31 -4.11
CA GLN H 348 -42.65 66.51 -3.49
C GLN H 348 -42.42 66.32 -2.00
N PRO H 349 -41.62 65.33 -1.60
CA PRO H 349 -41.42 65.09 -0.16
C PRO H 349 -40.81 66.26 0.57
N GLU H 350 -40.09 67.14 -0.13
CA GLU H 350 -39.53 68.34 0.51
C GLU H 350 -40.61 69.29 1.00
N THR H 351 -41.82 69.20 0.45
CA THR H 351 -42.95 69.99 0.95
C THR H 351 -43.74 69.26 2.01
N LEU H 352 -43.37 68.03 2.35
CA LEU H 352 -44.11 67.18 3.28
C LEU H 352 -43.34 66.85 4.55
N PHE H 353 -42.04 66.61 4.46
CA PHE H 353 -41.20 66.23 5.59
C PHE H 353 -40.06 67.21 5.80
N ASN H 354 -39.69 67.37 7.07
CA ASN H 354 -38.48 68.10 7.43
C ASN H 354 -37.26 67.19 7.26
N ALA H 355 -36.08 67.82 7.26
CA ALA H 355 -34.84 67.06 7.10
C ALA H 355 -34.60 66.13 8.29
N ASP H 356 -35.13 66.46 9.47
CA ASP H 356 -34.97 65.59 10.62
C ASP H 356 -35.91 64.40 10.59
N GLY H 357 -36.73 64.26 9.55
CA GLY H 357 -37.63 63.14 9.40
C GLY H 357 -39.04 63.41 9.89
N SER H 358 -39.24 64.47 10.66
CA SER H 358 -40.56 64.76 11.19
C SER H 358 -41.45 65.33 10.10
N LEU H 359 -42.74 65.20 10.31
CA LEU H 359 -43.74 65.72 9.39
C LEU H 359 -43.80 67.25 9.49
N LYS H 360 -44.06 67.89 8.34
CA LYS H 360 -44.17 69.34 8.33
C LYS H 360 -45.21 69.76 9.36
N GLU H 361 -44.93 70.85 10.08
CA GLU H 361 -45.81 71.26 11.17
C GLU H 361 -47.22 71.55 10.67
N GLU H 362 -47.34 72.18 9.50
CA GLU H 362 -48.65 72.57 8.99
C GLU H 362 -49.56 71.38 8.74
N LEU H 363 -49.00 70.17 8.67
CA LEU H 363 -49.77 68.96 8.40
C LEU H 363 -50.07 68.15 9.65
N ARG H 364 -49.50 68.52 10.80
CA ARG H 364 -49.69 67.76 12.03
C ARG H 364 -51.09 67.90 12.59
N ASP H 365 -51.82 68.95 12.21
CA ASP H 365 -53.17 69.17 12.70
C ASP H 365 -54.22 68.47 11.85
N PHE H 366 -53.83 67.79 10.77
CA PHE H 366 -54.81 67.15 9.90
C PHE H 366 -55.45 65.94 10.57
N ALA H 367 -54.63 65.07 11.18
CA ALA H 367 -55.12 63.85 11.78
C ALA H 367 -55.92 64.13 13.05
N PRO H 368 -56.83 63.23 13.43
CA PRO H 368 -57.52 63.38 14.72
C PRO H 368 -56.57 63.27 15.89
N LYS H 369 -57.10 63.42 17.10
CA LYS H 369 -56.28 63.41 18.31
C LYS H 369 -56.76 62.30 19.24
N GLY H 370 -55.84 61.79 20.05
CA GLY H 370 -56.24 60.87 21.10
C GLY H 370 -56.99 59.66 20.59
N GLU H 371 -58.03 59.28 21.33
CA GLU H 371 -58.82 58.10 20.99
C GLU H 371 -59.71 58.31 19.78
N MET H 372 -59.78 59.53 19.25
CA MET H 372 -60.52 59.76 18.01
C MET H 372 -59.78 59.23 16.79
N ARG H 373 -58.47 59.02 16.89
CA ARG H 373 -57.72 58.42 15.81
C ARG H 373 -58.21 57.00 15.58
N MET H 374 -58.46 56.65 14.32
CA MET H 374 -58.97 55.31 14.02
C MET H 374 -58.00 54.24 14.52
N ALA H 375 -56.70 54.55 14.55
CA ALA H 375 -55.71 53.60 15.05
C ALA H 375 -55.69 53.53 16.57
N SER H 376 -56.29 54.50 17.25
CA SER H 376 -56.36 54.54 18.71
C SER H 376 -57.74 54.21 19.23
N ASN H 377 -58.72 54.00 18.35
CA ASN H 377 -60.07 53.67 18.78
C ASN H 377 -60.05 52.34 19.54
N PRO H 378 -60.46 52.31 20.82
CA PRO H 378 -60.40 51.04 21.57
C PRO H 378 -61.16 49.90 20.92
N VAL H 379 -62.08 50.18 20.00
CA VAL H 379 -62.75 49.11 19.26
C VAL H 379 -61.72 48.19 18.63
N THR H 380 -60.60 48.75 18.18
CA THR H 380 -59.57 48.02 17.45
C THR H 380 -58.53 47.37 18.36
N ASN H 381 -58.66 47.52 19.67
CA ASN H 381 -57.73 46.95 20.64
C ASN H 381 -58.48 46.20 21.73
N GLY H 382 -59.34 45.26 21.34
CA GLY H 382 -60.07 44.45 22.29
C GLY H 382 -61.47 44.95 22.60
N GLY H 383 -61.82 46.15 22.14
CA GLY H 383 -63.16 46.68 22.30
C GLY H 383 -63.21 47.79 23.33
N VAL H 384 -64.20 48.68 23.18
CA VAL H 384 -64.45 49.70 24.18
C VAL H 384 -64.60 49.06 25.56
N ASP H 385 -65.36 47.97 25.63
CA ASP H 385 -65.51 47.19 26.84
C ASP H 385 -65.26 45.73 26.48
N SER H 386 -64.20 45.14 27.03
CA SER H 386 -63.77 43.80 26.67
C SER H 386 -64.05 42.79 27.78
N SER H 387 -64.89 43.17 28.75
CA SER H 387 -65.15 42.29 29.89
C SER H 387 -65.99 41.09 29.45
N ASN H 388 -65.79 39.98 30.17
CA ASN H 388 -66.55 38.77 29.91
C ASN H 388 -68.00 38.95 30.34
N LEU H 389 -68.81 37.94 29.99
CA LEU H 389 -70.21 37.92 30.34
C LEU H 389 -70.41 37.85 31.85
N VAL H 390 -71.55 38.37 32.31
CA VAL H 390 -72.02 38.12 33.66
C VAL H 390 -72.77 36.79 33.63
N LEU H 391 -72.25 35.79 34.32
CA LEU H 391 -72.80 34.46 34.22
C LEU H 391 -73.60 34.11 35.47
N PRO H 392 -74.74 33.43 35.31
CA PRO H 392 -75.39 32.82 36.48
C PRO H 392 -74.71 31.51 36.81
N ASP H 393 -75.03 30.99 37.98
CA ASP H 393 -74.52 29.68 38.38
C ASP H 393 -75.15 28.61 37.50
N TRP H 394 -74.33 27.96 36.68
CA TRP H 394 -74.85 26.96 35.74
C TRP H 394 -75.55 25.81 36.45
N GLN H 395 -75.22 25.56 37.72
CA GLN H 395 -75.88 24.48 38.45
C GLN H 395 -77.38 24.71 38.58
N GLU H 396 -77.83 25.97 38.52
CA GLU H 396 -79.26 26.26 38.57
C GLU H 396 -80.03 25.60 37.44
N PHE H 397 -79.36 25.22 36.36
CA PHE H 397 -80.01 24.61 35.21
C PHE H 397 -79.59 23.16 35.00
N ALA H 398 -78.89 22.58 35.98
CA ALA H 398 -78.38 21.22 35.86
C ALA H 398 -79.50 20.20 36.07
N ASN H 399 -79.32 19.03 35.44
CA ASN H 399 -80.24 17.93 35.67
C ASN H 399 -79.95 17.29 37.02
N PRO H 400 -80.99 16.87 37.76
CA PRO H 400 -80.80 16.26 39.10
C PRO H 400 -80.31 14.82 39.02
N ILE H 401 -79.06 14.65 38.63
CA ILE H 401 -78.49 13.33 38.45
C ILE H 401 -77.87 12.85 39.75
N SER H 402 -78.08 11.57 40.04
CA SER H 402 -77.50 10.92 41.21
C SER H 402 -77.26 9.46 40.86
N GLU H 403 -76.79 8.70 41.84
CA GLU H 403 -76.50 7.28 41.63
C GLU H 403 -77.77 6.49 41.30
N ASN H 404 -78.93 7.00 41.67
CA ASN H 404 -80.17 6.26 41.47
C ASN H 404 -80.81 6.49 40.10
N ASN H 405 -80.38 7.52 39.36
CA ASN H 405 -80.92 7.77 38.03
C ASN H 405 -79.85 7.96 36.96
N ARG H 406 -78.59 7.66 37.26
CA ARG H 406 -77.52 7.89 36.29
C ARG H 406 -77.68 6.89 35.15
N GLY H 407 -77.46 7.34 33.93
CA GLY H 407 -77.59 6.46 32.78
C GLY H 407 -79.02 6.07 32.46
N LYS H 408 -79.98 6.94 32.75
CA LYS H 408 -81.36 6.72 32.39
C LYS H 408 -81.91 7.98 31.73
N LEU H 409 -83.06 7.82 31.08
CA LEU H 409 -83.76 8.96 30.50
C LEU H 409 -84.52 9.68 31.61
N LEU H 410 -84.36 11.00 31.68
CA LEU H 410 -85.15 11.77 32.61
C LEU H 410 -86.62 11.74 32.19
N PRO H 411 -87.55 11.89 33.14
CA PRO H 411 -88.97 11.77 32.78
C PRO H 411 -89.45 12.79 31.76
N ASP H 412 -88.96 14.03 31.83
CA ASP H 412 -89.24 15.02 30.80
C ASP H 412 -88.23 14.85 29.66
N THR H 413 -88.71 14.41 28.50
CA THR H 413 -87.81 14.07 27.40
C THR H 413 -86.93 15.24 26.98
N ASN H 414 -87.43 16.46 27.11
CA ASN H 414 -86.67 17.62 26.69
C ASN H 414 -85.44 17.86 27.58
N ASP H 415 -85.45 17.32 28.81
CA ASP H 415 -84.30 17.40 29.70
C ASP H 415 -83.18 16.43 29.31
N ASN H 416 -83.46 15.47 28.43
CA ASN H 416 -82.46 14.59 27.87
C ASN H 416 -81.84 15.16 26.60
N MET H 417 -82.21 16.38 26.21
CA MET H 417 -81.65 17.04 25.03
C MET H 417 -80.69 18.13 25.50
N ASP H 418 -79.39 17.87 25.31
CA ASP H 418 -78.36 18.74 25.90
C ASP H 418 -78.48 20.18 25.39
N MET H 419 -78.79 20.36 24.10
CA MET H 419 -78.92 21.71 23.56
C MET H 419 -80.07 22.44 24.23
N ASN H 420 -81.19 21.76 24.45
CA ASN H 420 -82.30 22.39 25.13
C ASN H 420 -81.94 22.76 26.55
N VAL H 421 -81.23 21.87 27.25
CA VAL H 421 -80.74 22.18 28.60
C VAL H 421 -79.79 23.38 28.55
N LEU H 422 -78.90 23.41 27.55
CA LEU H 422 -77.98 24.54 27.42
C LEU H 422 -78.73 25.84 27.16
N SER H 423 -79.84 25.79 26.42
CA SER H 423 -80.59 27.00 26.10
C SER H 423 -81.20 27.64 27.35
N LYS H 424 -81.52 26.84 28.37
CA LYS H 424 -81.93 27.40 29.66
C LYS H 424 -80.86 28.36 30.18
N TYR H 425 -79.61 27.89 30.16
CA TYR H 425 -78.48 28.68 30.62
C TYR H 425 -78.28 29.91 29.72
N PHE H 426 -78.36 29.72 28.40
CA PHE H 426 -78.22 30.85 27.49
C PHE H 426 -79.33 31.87 27.69
N ALA H 427 -80.55 31.39 27.97
CA ALA H 427 -81.67 32.31 28.18
C ALA H 427 -81.41 33.25 29.35
N GLU H 428 -80.88 32.73 30.47
CA GLU H 428 -80.53 33.59 31.60
C GLU H 428 -79.37 34.52 31.26
N ILE H 429 -78.44 34.07 30.41
CA ILE H 429 -77.35 34.95 30.04
C ILE H 429 -77.88 36.16 29.28
N VAL H 430 -78.89 35.95 28.42
CA VAL H 430 -79.54 37.08 27.75
C VAL H 430 -80.13 38.03 28.78
N LYS H 431 -80.74 37.48 29.83
CA LYS H 431 -81.36 38.31 30.86
C LYS H 431 -80.31 39.18 31.56
N LEU H 432 -79.11 38.63 31.75
CA LEU H 432 -78.05 39.34 32.45
C LEU H 432 -77.14 40.14 31.54
N ASN H 433 -77.18 39.92 30.22
CA ASN H 433 -76.30 40.62 29.28
C ASN H 433 -77.12 41.06 28.08
N PRO H 434 -77.99 42.07 28.27
CA PRO H 434 -78.93 42.44 27.20
C PRO H 434 -78.29 43.14 26.00
N THR H 435 -77.05 43.62 26.11
CA THR H 435 -76.41 44.31 24.99
C THR H 435 -75.03 43.76 24.61
N ARG H 436 -74.51 42.76 25.33
CA ARG H 436 -73.16 42.25 25.12
CA ARG H 436 -73.16 42.26 25.05
C ARG H 436 -73.13 40.77 24.77
N PHE H 437 -74.28 40.11 24.69
CA PHE H 437 -74.38 38.71 24.35
C PHE H 437 -75.29 38.52 23.14
N ARG H 438 -74.93 37.60 22.25
CA ARG H 438 -75.74 37.28 21.09
C ARG H 438 -75.49 35.83 20.67
N LEU H 439 -76.53 35.22 20.11
CA LEU H 439 -76.49 33.86 19.58
C LEU H 439 -76.71 33.92 18.07
N PHE H 440 -75.86 33.21 17.32
CA PHE H 440 -75.87 33.23 15.87
C PHE H 440 -76.16 31.83 15.33
N GLY H 441 -76.85 31.79 14.19
CA GLY H 441 -77.14 30.56 13.50
C GLY H 441 -77.53 30.80 12.05
N PRO H 442 -77.52 29.75 11.23
CA PRO H 442 -77.97 29.91 9.84
C PRO H 442 -79.31 29.23 9.57
N ASP H 443 -80.39 29.79 10.13
CA ASP H 443 -81.75 29.22 9.98
C ASP H 443 -81.84 27.84 10.64
N GLU H 444 -81.15 27.69 11.78
CA GLU H 444 -81.10 26.41 12.47
C GLU H 444 -81.24 26.54 13.97
N THR H 445 -81.38 27.74 14.52
CA THR H 445 -81.47 27.87 15.98
C THR H 445 -82.63 27.06 16.52
N MET H 446 -83.81 27.16 15.88
CA MET H 446 -84.96 26.37 16.30
C MET H 446 -84.72 24.89 16.07
N SER H 447 -84.18 24.54 14.90
CA SER H 447 -83.92 23.14 14.58
C SER H 447 -82.92 22.52 15.55
N ASN H 448 -81.96 23.31 16.03
CA ASN H 448 -80.98 22.84 17.01
C ASN H 448 -81.54 22.85 18.43
N ARG H 449 -82.80 23.23 18.60
CA ARG H 449 -83.55 23.03 19.85
C ARG H 449 -83.06 23.98 20.95
N PHE H 450 -82.81 25.23 20.58
CA PHE H 450 -82.60 26.31 21.55
C PHE H 450 -83.93 26.86 22.03
N TRP H 451 -84.79 25.97 22.52
CA TRP H 451 -86.19 26.33 22.70
C TRP H 451 -86.37 27.41 23.76
N GLU H 452 -85.56 27.38 24.83
CA GLU H 452 -85.73 28.35 25.91
C GLU H 452 -85.35 29.76 25.48
N MET H 453 -84.45 29.89 24.49
CA MET H 453 -84.03 31.22 24.04
C MET H 453 -85.21 32.02 23.50
N PHE H 454 -86.13 31.37 22.78
CA PHE H 454 -87.25 32.09 22.22
C PHE H 454 -88.27 32.50 23.26
N LYS H 455 -88.10 32.09 24.52
CA LYS H 455 -88.99 32.54 25.57
C LYS H 455 -88.57 33.90 26.13
N VAL H 456 -87.37 34.37 25.81
CA VAL H 456 -86.84 35.61 26.35
C VAL H 456 -86.46 36.61 25.26
N THR H 457 -86.38 36.20 24.00
CA THR H 457 -86.00 37.10 22.93
C THR H 457 -86.50 36.53 21.61
N ASN H 458 -86.34 37.31 20.55
CA ASN H 458 -86.68 36.94 19.18
C ASN H 458 -85.43 37.00 18.31
N ARG H 459 -85.58 36.60 17.05
CA ARG H 459 -84.56 36.83 16.04
C ARG H 459 -84.65 38.26 15.52
N GLN H 460 -83.51 38.92 15.36
CA GLN H 460 -83.50 40.26 14.80
C GLN H 460 -83.78 40.19 13.31
N TRP H 461 -84.74 40.98 12.85
CA TRP H 461 -85.27 40.91 11.48
C TRP H 461 -85.86 42.26 11.13
N MET H 462 -85.33 42.92 10.08
CA MET H 462 -85.70 44.29 9.76
C MET H 462 -86.75 44.42 8.67
N GLN H 463 -86.97 43.40 7.85
CA GLN H 463 -87.98 43.46 6.80
C GLN H 463 -89.37 43.33 7.42
N VAL H 464 -90.40 43.35 6.57
CA VAL H 464 -91.77 43.25 7.07
C VAL H 464 -91.98 41.90 7.72
N ILE H 465 -92.84 41.89 8.75
CA ILE H 465 -93.19 40.68 9.48
C ILE H 465 -94.66 40.36 9.22
N LYS H 466 -94.94 39.08 9.01
CA LYS H 466 -96.27 38.58 8.68
C LYS H 466 -96.63 37.45 9.65
N ASN H 467 -96.96 37.81 10.88
CA ASN H 467 -97.50 36.83 11.80
C ASN H 467 -98.92 36.46 11.39
N PRO H 468 -99.36 35.22 11.65
CA PRO H 468 -98.65 34.11 12.29
C PRO H 468 -97.89 33.20 11.33
N ASN H 469 -97.82 33.59 10.05
CA ASN H 469 -97.00 32.83 9.10
C ASN H 469 -95.53 32.82 9.53
N ASP H 470 -95.07 33.92 10.10
CA ASP H 470 -93.75 34.02 10.71
C ASP H 470 -93.84 33.72 12.20
N GLU H 471 -92.69 33.54 12.82
CA GLU H 471 -92.61 33.24 14.24
C GLU H 471 -91.27 33.73 14.80
N PHE H 472 -91.32 34.33 15.99
CA PHE H 472 -90.12 34.69 16.75
C PHE H 472 -89.14 35.53 15.93
N ILE H 473 -89.67 36.53 15.22
CA ILE H 473 -88.85 37.52 14.54
C ILE H 473 -89.36 38.90 14.94
N SER H 474 -88.43 39.85 15.02
CA SER H 474 -88.72 41.19 15.50
C SER H 474 -87.60 42.12 15.07
N PRO H 475 -87.89 43.41 14.84
CA PRO H 475 -86.80 44.35 14.53
C PRO H 475 -85.73 44.41 15.60
N GLU H 476 -86.04 44.02 16.83
CA GLU H 476 -85.07 43.97 17.92
C GLU H 476 -85.03 42.55 18.46
N GLY H 477 -83.84 41.96 18.47
CA GLY H 477 -83.69 40.61 19.00
C GLY H 477 -82.24 40.29 19.27
N ARG H 478 -82.02 39.43 20.27
CA ARG H 478 -80.67 39.02 20.65
C ARG H 478 -80.17 37.83 19.84
N ILE H 479 -81.03 37.21 19.04
CA ILE H 479 -80.63 36.16 18.11
C ILE H 479 -80.59 36.75 16.71
N ILE H 480 -79.57 36.38 15.95
CA ILE H 480 -79.53 36.65 14.51
C ILE H 480 -79.38 35.29 13.84
N ASP H 481 -80.46 34.85 13.18
CA ASP H 481 -80.59 33.48 12.71
C ASP H 481 -81.27 33.38 11.35
N SER H 482 -81.72 34.50 10.77
CA SER H 482 -82.65 34.47 9.66
C SER H 482 -81.97 34.62 8.30
N GLN H 483 -80.66 34.47 8.22
CA GLN H 483 -79.97 34.40 6.93
C GLN H 483 -79.28 33.04 6.82
N LEU H 484 -79.51 32.39 5.68
CA LEU H 484 -78.98 31.04 5.44
C LEU H 484 -77.57 31.20 4.88
N SER H 485 -76.61 31.45 5.79
CA SER H 485 -75.22 31.61 5.39
C SER H 485 -74.33 31.38 6.60
N GLU H 486 -73.54 30.30 6.56
CA GLU H 486 -72.57 30.09 7.62
C GLU H 486 -71.50 31.18 7.60
N HIS H 487 -71.10 31.64 6.42
CA HIS H 487 -70.12 32.71 6.32
C HIS H 487 -70.60 33.96 7.06
N GLN H 488 -71.88 34.30 6.93
CA GLN H 488 -72.42 35.46 7.64
C GLN H 488 -72.40 35.24 9.14
N ALA H 489 -72.97 34.13 9.61
CA ALA H 489 -73.05 33.86 11.04
C ALA H 489 -71.67 33.89 11.69
N GLU H 490 -70.70 33.24 11.05
CA GLU H 490 -69.32 33.25 11.57
C GLU H 490 -68.71 34.65 11.49
N GLY H 491 -68.89 35.33 10.36
CA GLY H 491 -68.33 36.67 10.21
C GLY H 491 -68.88 37.65 11.23
N TRP H 492 -70.20 37.63 11.45
CA TRP H 492 -70.82 38.48 12.46
C TRP H 492 -70.23 38.20 13.84
N LEU H 493 -70.14 36.91 14.19
CA LEU H 493 -69.60 36.54 15.51
C LEU H 493 -68.16 37.01 15.65
N GLU H 494 -67.35 36.86 14.61
CA GLU H 494 -65.94 37.25 14.70
C GLU H 494 -65.81 38.74 14.97
N GLY H 495 -66.57 39.56 14.23
CA GLY H 495 -66.55 41.00 14.47
C GLY H 495 -67.07 41.36 15.85
N TYR H 496 -68.12 40.67 16.29
CA TYR H 496 -68.65 40.87 17.63
C TYR H 496 -67.62 40.50 18.69
N THR H 497 -66.84 39.43 18.44
CA THR H 497 -65.89 38.94 19.43
C THR H 497 -64.67 39.85 19.53
N LEU H 498 -64.09 40.22 18.39
CA LEU H 498 -62.90 41.05 18.39
C LEU H 498 -63.17 42.44 18.94
N THR H 499 -64.43 42.88 18.95
CA THR H 499 -64.77 44.19 19.47
C THR H 499 -65.22 44.13 20.92
N GLY H 500 -64.93 43.03 21.62
CA GLY H 500 -65.05 42.99 23.06
C GLY H 500 -66.25 42.22 23.58
N ARG H 501 -67.17 41.83 22.71
CA ARG H 501 -68.36 41.12 23.18
C ARG H 501 -68.19 39.62 23.03
N THR H 502 -69.17 38.88 23.54
CA THR H 502 -69.15 37.43 23.55
C THR H 502 -70.41 36.88 22.93
N GLY H 503 -70.29 35.76 22.22
CA GLY H 503 -71.44 35.15 21.61
C GLY H 503 -71.23 33.69 21.36
N ALA H 504 -72.14 33.11 20.58
CA ALA H 504 -72.05 31.71 20.21
C ALA H 504 -72.69 31.53 18.84
N PHE H 505 -72.09 30.65 18.04
CA PHE H 505 -72.57 30.30 16.71
C PHE H 505 -72.74 28.80 16.68
N ALA H 506 -73.99 28.34 16.58
CA ALA H 506 -74.33 26.92 16.50
C ALA H 506 -74.69 26.55 15.06
N SER H 507 -74.25 25.37 14.63
CA SER H 507 -74.45 24.93 13.26
C SER H 507 -74.51 23.42 13.19
N TYR H 508 -75.20 22.91 12.18
CA TYR H 508 -75.03 21.51 11.81
C TYR H 508 -73.56 21.22 11.63
N GLU H 509 -73.10 20.08 12.18
CA GLU H 509 -71.68 19.76 12.20
C GLU H 509 -71.08 19.73 10.81
N SER H 510 -71.70 18.99 9.88
N SER H 510 -71.70 19.00 9.89
CA SER H 510 -71.13 18.85 8.54
CA SER H 510 -71.13 18.85 8.54
C SER H 510 -71.01 20.20 7.84
C SER H 510 -71.01 20.21 7.85
N PHE H 511 -71.96 21.10 8.09
CA PHE H 511 -72.01 22.38 7.38
C PHE H 511 -71.26 23.50 8.09
N LEU H 512 -70.84 23.30 9.33
CA LEU H 512 -69.92 24.25 9.92
C LEU H 512 -68.60 24.26 9.17
N ARG H 513 -68.26 23.17 8.48
CA ARG H 513 -67.01 23.13 7.73
C ARG H 513 -67.03 24.03 6.51
N VAL H 514 -68.20 24.58 6.16
CA VAL H 514 -68.27 25.63 5.15
C VAL H 514 -67.32 26.76 5.50
N VAL H 515 -67.11 27.01 6.80
CA VAL H 515 -66.27 28.11 7.27
C VAL H 515 -65.00 27.59 7.92
N ASP H 516 -64.55 26.40 7.51
CA ASP H 516 -63.26 25.88 7.96
C ASP H 516 -62.17 26.95 7.91
N SER H 517 -62.07 27.64 6.76
CA SER H 517 -60.97 28.59 6.56
C SER H 517 -61.18 29.87 7.35
N MET H 518 -62.44 30.25 7.60
CA MET H 518 -62.68 31.43 8.44
C MET H 518 -62.15 31.20 9.84
N LEU H 519 -62.44 30.02 10.41
CA LEU H 519 -61.91 29.69 11.73
C LEU H 519 -60.39 29.67 11.71
N THR H 520 -59.79 29.15 10.64
CA THR H 520 -58.33 29.20 10.50
C THR H 520 -57.83 30.63 10.62
N GLN H 521 -58.45 31.56 9.87
CA GLN H 521 -57.96 32.93 9.86
C GLN H 521 -58.19 33.59 11.22
N HIS H 522 -59.28 33.28 11.90
CA HIS H 522 -59.50 33.85 13.22
C HIS H 522 -58.47 33.35 14.22
N PHE H 523 -58.13 32.06 14.15
CA PHE H 523 -57.05 31.54 14.97
C PHE H 523 -55.75 32.29 14.70
N LYS H 524 -55.39 32.44 13.42
CA LYS H 524 -54.15 33.13 13.08
C LYS H 524 -54.12 34.55 13.65
N TRP H 525 -55.24 35.26 13.60
CA TRP H 525 -55.28 36.62 14.14
C TRP H 525 -55.04 36.59 15.64
N ILE H 526 -55.82 35.77 16.35
CA ILE H 526 -55.75 35.71 17.80
C ILE H 526 -54.37 35.27 18.25
N ARG H 527 -53.74 34.37 17.49
CA ARG H 527 -52.40 33.91 17.82
C ARG H 527 -51.37 35.03 17.62
N GLN H 528 -51.39 35.69 16.47
CA GLN H 528 -50.39 36.71 16.22
C GLN H 528 -50.59 37.91 17.14
N ALA H 529 -51.85 38.25 17.42
CA ALA H 529 -52.14 39.36 18.33
C ALA H 529 -51.62 39.07 19.74
N ALA H 530 -51.60 37.80 20.14
CA ALA H 530 -51.11 37.46 21.46
C ALA H 530 -49.63 37.78 21.62
N ASP H 531 -48.89 37.80 20.51
CA ASP H 531 -47.46 38.12 20.54
C ASP H 531 -47.18 39.62 20.62
N GLN H 532 -48.22 40.45 20.61
CA GLN H 532 -48.06 41.90 20.71
C GLN H 532 -48.36 42.32 22.14
N LYS H 533 -47.31 42.72 22.87
CA LYS H 533 -47.52 43.10 24.27
C LYS H 533 -48.27 44.42 24.40
N TRP H 534 -48.40 45.19 23.33
CA TRP H 534 -49.19 46.41 23.35
C TRP H 534 -50.67 46.17 23.07
N ARG H 535 -51.07 44.94 22.77
CA ARG H 535 -52.46 44.62 22.46
C ARG H 535 -53.15 43.97 23.65
N HIS H 536 -54.40 44.39 23.88
CA HIS H 536 -55.28 43.70 24.82
C HIS H 536 -55.72 42.38 24.20
N ASP H 537 -56.00 41.38 25.06
CA ASP H 537 -56.52 40.12 24.58
C ASP H 537 -58.01 40.26 24.20
N TYR H 538 -58.58 39.19 23.66
CA TYR H 538 -59.94 39.20 23.17
C TYR H 538 -60.81 38.22 23.95
N PRO H 539 -62.14 38.39 23.91
CA PRO H 539 -63.02 37.31 24.33
C PRO H 539 -62.81 36.10 23.44
N SER H 540 -63.31 34.96 23.88
CA SER H 540 -63.16 33.73 23.12
C SER H 540 -64.28 33.61 22.09
N LEU H 541 -63.96 32.95 20.98
CA LEU H 541 -64.93 32.67 19.92
C LEU H 541 -65.52 31.29 20.16
N ASN H 542 -66.83 31.22 20.38
CA ASN H 542 -67.50 29.98 20.75
C ASN H 542 -68.33 29.47 19.58
N VAL H 543 -68.04 28.23 19.16
CA VAL H 543 -68.75 27.60 18.05
CA VAL H 543 -68.73 27.59 18.05
C VAL H 543 -69.21 26.22 18.49
N ILE H 544 -70.46 25.90 18.16
CA ILE H 544 -71.10 24.65 18.56
C ILE H 544 -71.39 23.84 17.31
N SER H 545 -70.94 22.59 17.32
CA SER H 545 -71.29 21.59 16.31
C SER H 545 -72.42 20.75 16.89
N THR H 546 -73.61 20.88 16.31
CA THR H 546 -74.77 20.08 16.70
C THR H 546 -75.24 19.29 15.48
N SER H 547 -76.37 18.62 15.63
CA SER H 547 -76.92 17.72 14.62
C SER H 547 -75.78 16.91 14.00
N THR H 548 -75.07 16.21 14.87
CA THR H 548 -73.75 15.68 14.56
C THR H 548 -73.86 14.42 13.70
N VAL H 549 -72.71 13.77 13.50
CA VAL H 549 -72.60 12.66 12.54
C VAL H 549 -73.58 11.54 12.89
N PHE H 550 -73.81 11.30 14.18
CA PHE H 550 -74.69 10.23 14.64
C PHE H 550 -76.10 10.72 14.99
N GLN H 551 -76.51 11.91 14.50
CA GLN H 551 -77.81 12.47 14.88
C GLN H 551 -78.51 13.30 13.80
N GLN H 552 -78.32 12.98 12.51
CA GLN H 552 -78.91 13.77 11.43
C GLN H 552 -80.18 13.15 10.80
N ASP H 553 -80.85 12.23 11.49
CA ASP H 553 -82.09 11.57 11.08
C ASP H 553 -82.71 11.94 9.73
N HIS H 554 -83.21 13.17 9.56
CA HIS H 554 -83.95 13.50 8.34
C HIS H 554 -83.05 13.80 7.16
N ASN H 555 -81.75 13.87 7.39
CA ASN H 555 -80.76 14.12 6.37
C ASN H 555 -79.81 12.92 6.41
N GLY H 556 -79.21 12.59 5.29
CA GLY H 556 -78.43 11.37 5.23
C GLY H 556 -76.92 11.43 5.30
N TYR H 557 -76.30 10.60 4.45
CA TYR H 557 -74.87 10.30 4.52
C TYR H 557 -74.01 11.55 4.33
N THR H 558 -74.46 12.49 3.50
CA THR H 558 -73.70 13.69 3.19
C THR H 558 -73.78 14.76 4.29
N HIS H 559 -74.60 14.55 5.33
CA HIS H 559 -74.66 15.44 6.47
C HIS H 559 -73.77 14.91 7.60
N GLN H 560 -72.71 14.20 7.23
CA GLN H 560 -71.83 13.49 8.16
C GLN H 560 -70.38 13.88 7.90
N ASP H 561 -69.82 14.71 8.76
CA ASP H 561 -68.41 15.06 8.66
C ASP H 561 -67.95 15.64 10.00
N PRO H 562 -67.38 14.82 10.89
CA PRO H 562 -66.89 15.35 12.17
C PRO H 562 -65.43 15.79 12.12
N GLY H 563 -64.94 16.13 10.92
CA GLY H 563 -63.53 16.44 10.73
C GLY H 563 -63.08 17.78 11.29
N MET H 564 -63.99 18.62 11.76
CA MET H 564 -63.56 19.90 12.35
C MET H 564 -62.62 19.64 13.52
N LEU H 565 -62.84 18.56 14.26
CA LEU H 565 -61.99 18.24 15.40
C LEU H 565 -60.53 18.12 14.98
N THR H 566 -60.28 17.44 13.85
CA THR H 566 -58.93 17.29 13.34
C THR H 566 -58.40 18.60 12.78
N HIS H 567 -59.24 19.33 12.05
CA HIS H 567 -58.83 20.58 11.45
C HIS H 567 -58.28 21.54 12.51
N LEU H 568 -59.01 21.70 13.61
CA LEU H 568 -58.59 22.64 14.65
C LEU H 568 -57.50 22.06 15.56
N ALA H 569 -57.41 20.73 15.66
CA ALA H 569 -56.36 20.11 16.45
C ALA H 569 -54.97 20.34 15.87
N GLU H 570 -54.89 20.73 14.58
CA GLU H 570 -53.62 21.00 13.91
C GLU H 570 -53.10 22.41 14.15
N LYS H 571 -53.92 23.31 14.66
CA LYS H 571 -53.43 24.65 14.98
C LYS H 571 -52.74 24.65 16.34
N LYS H 572 -52.13 25.78 16.69
CA LYS H 572 -51.45 25.89 17.98
C LYS H 572 -52.46 25.71 19.13
N SER H 573 -52.19 24.71 19.97
CA SER H 573 -53.19 24.27 20.96
C SER H 573 -53.44 25.32 22.03
N ASP H 574 -52.47 26.19 22.29
CA ASP H 574 -52.67 27.21 23.32
C ASP H 574 -53.81 28.17 22.99
N PHE H 575 -54.32 28.16 21.75
CA PHE H 575 -55.41 29.03 21.34
C PHE H 575 -56.66 28.24 20.92
N ILE H 576 -56.68 26.93 21.10
CA ILE H 576 -57.78 26.08 20.68
C ILE H 576 -58.24 25.25 21.87
N ARG H 577 -59.55 25.25 22.12
CA ARG H 577 -60.15 24.42 23.17
C ARG H 577 -61.34 23.69 22.55
N GLN H 578 -61.23 22.37 22.44
CA GLN H 578 -62.29 21.53 21.89
C GLN H 578 -62.87 20.66 22.99
N TYR H 579 -64.20 20.69 23.13
CA TYR H 579 -64.91 19.99 24.18
C TYR H 579 -65.97 19.07 23.61
N LEU H 580 -66.00 17.84 24.10
CA LEU H 580 -66.98 16.84 23.68
C LEU H 580 -67.78 16.36 24.90
N PRO H 581 -68.62 17.23 25.46
CA PRO H 581 -69.43 16.81 26.62
C PRO H 581 -70.34 15.65 26.25
N ALA H 582 -70.47 14.71 27.18
CA ALA H 582 -71.26 13.51 26.95
C ALA H 582 -72.72 13.65 27.38
N ASP H 583 -73.06 14.67 28.17
CA ASP H 583 -74.44 14.85 28.58
C ASP H 583 -74.66 16.33 28.89
N GLY H 584 -75.87 16.63 29.38
CA GLY H 584 -76.27 18.02 29.55
C GLY H 584 -75.49 18.73 30.64
N ASN H 585 -75.27 18.06 31.78
CA ASN H 585 -74.55 18.71 32.88
C ASN H 585 -73.13 19.08 32.48
N THR H 586 -72.44 18.19 31.76
CA THR H 586 -71.10 18.53 31.29
C THR H 586 -71.14 19.70 30.32
N LEU H 587 -72.10 19.70 29.40
CA LEU H 587 -72.22 20.82 28.46
C LEU H 587 -72.36 22.15 29.19
N LEU H 588 -73.19 22.17 30.25
CA LEU H 588 -73.36 23.38 31.04
C LEU H 588 -72.04 23.80 31.68
N ALA H 589 -71.34 22.85 32.31
CA ALA H 589 -70.11 23.20 33.01
C ALA H 589 -69.04 23.62 32.01
N VAL H 590 -69.07 23.05 30.81
CA VAL H 590 -68.08 23.40 29.80
C VAL H 590 -68.25 24.84 29.38
N PHE H 591 -69.50 25.29 29.21
CA PHE H 591 -69.72 26.65 28.76
C PHE H 591 -69.49 27.67 29.88
N ASP H 592 -69.68 27.27 31.14
CA ASP H 592 -69.26 28.13 32.23
C ASP H 592 -67.78 28.46 32.14
N ARG H 593 -66.96 27.47 31.76
CA ARG H 593 -65.53 27.73 31.59
C ARG H 593 -65.26 28.46 30.28
N ALA H 594 -65.91 28.05 29.20
CA ALA H 594 -65.64 28.65 27.89
C ALA H 594 -65.91 30.15 27.92
N PHE H 595 -67.02 30.57 28.54
CA PHE H 595 -67.39 31.98 28.61
C PHE H 595 -66.44 32.80 29.50
N GLN H 596 -65.53 32.16 30.22
CA GLN H 596 -64.54 32.88 31.01
C GLN H 596 -63.16 32.90 30.36
N ASP H 597 -62.95 32.10 29.32
CA ASP H 597 -61.65 32.01 28.67
C ASP H 597 -61.42 33.18 27.72
N ARG H 598 -60.15 33.46 27.45
CA ARG H 598 -59.73 34.60 26.65
C ARG H 598 -58.89 34.14 25.48
N SER H 599 -59.09 34.78 24.33
CA SER H 599 -58.28 34.57 23.13
C SER H 599 -58.19 33.08 22.77
N LYS H 600 -59.35 32.45 22.72
CA LYS H 600 -59.46 31.06 22.29
C LYS H 600 -60.51 30.98 21.19
N ILE H 601 -60.45 29.87 20.45
CA ILE H 601 -61.61 29.34 19.75
C ILE H 601 -62.07 28.16 20.58
N ASN H 602 -63.29 28.27 21.13
CA ASN H 602 -63.92 27.20 21.88
C ASN H 602 -64.87 26.49 20.92
N HIS H 603 -64.57 25.24 20.58
CA HIS H 603 -65.40 24.40 19.72
C HIS H 603 -66.04 23.32 20.58
N ILE H 604 -67.37 23.33 20.67
CA ILE H 604 -68.12 22.41 21.50
C ILE H 604 -68.93 21.50 20.59
N VAL H 605 -68.76 20.19 20.76
CA VAL H 605 -69.60 19.19 20.10
C VAL H 605 -70.70 18.81 21.08
N ALA H 606 -71.96 19.04 20.70
CA ALA H 606 -73.07 18.89 21.63
C ALA H 606 -74.23 18.14 20.99
N SER H 607 -74.85 17.26 21.77
CA SER H 607 -76.02 16.52 21.34
C SER H 607 -77.28 17.35 21.51
N LYS H 608 -78.24 17.16 20.60
CA LYS H 608 -79.55 17.78 20.73
C LYS H 608 -80.69 16.77 20.86
N GLN H 609 -80.46 15.50 20.54
CA GLN H 609 -81.50 14.50 20.62
C GLN H 609 -81.54 13.85 22.00
N PRO H 610 -82.69 13.28 22.37
CA PRO H 610 -82.82 12.71 23.72
C PRO H 610 -81.86 11.55 23.94
N ARG H 611 -81.09 11.66 25.02
CA ARG H 611 -80.07 10.68 25.37
C ARG H 611 -80.04 10.46 26.87
N GLN H 612 -79.51 9.31 27.26
CA GLN H 612 -79.31 9.02 28.68
C GLN H 612 -78.37 10.06 29.29
N GLN H 613 -78.69 10.49 30.50
CA GLN H 613 -77.83 11.40 31.25
C GLN H 613 -77.03 10.61 32.27
N TRP H 614 -75.78 11.04 32.52
CA TRP H 614 -74.80 10.20 33.19
C TRP H 614 -74.24 10.80 34.47
N PHE H 615 -73.87 12.08 34.47
CA PHE H 615 -72.98 12.64 35.48
C PHE H 615 -73.71 13.62 36.42
N THR H 616 -73.36 13.53 37.70
CA THR H 616 -73.78 14.51 38.69
C THR H 616 -73.20 15.88 38.36
N LYS H 617 -73.74 16.91 39.00
CA LYS H 617 -73.20 18.24 38.74
C LYS H 617 -71.81 18.41 39.34
N GLU H 618 -71.43 17.55 40.30
CA GLU H 618 -70.06 17.54 40.80
C GLU H 618 -69.11 16.91 39.79
N GLU H 619 -69.49 15.76 39.23
CA GLU H 619 -68.65 15.13 38.22
C GLU H 619 -68.54 16.02 36.99
N ALA H 620 -69.64 16.65 36.57
CA ALA H 620 -69.59 17.53 35.42
C ALA H 620 -68.63 18.69 35.67
N GLU H 621 -68.65 19.25 36.87
CA GLU H 621 -67.71 20.31 37.22
C GLU H 621 -66.27 19.83 37.08
N LYS H 622 -65.98 18.63 37.59
CA LYS H 622 -64.64 18.07 37.49
C LYS H 622 -64.25 17.83 36.04
N LEU H 623 -65.15 17.27 35.25
CA LEU H 623 -64.84 16.95 33.86
C LEU H 623 -64.59 18.23 33.06
N ALA H 624 -65.32 19.30 33.35
CA ALA H 624 -65.16 20.54 32.60
C ALA H 624 -63.90 21.30 33.03
N THR H 625 -63.52 21.20 34.30
CA THR H 625 -62.32 21.88 34.79
C THR H 625 -61.05 21.14 34.40
N ASP H 626 -60.99 19.83 34.69
CA ASP H 626 -59.82 19.02 34.35
C ASP H 626 -59.84 18.53 32.91
N GLY H 627 -61.01 18.48 32.27
CA GLY H 627 -61.13 17.99 30.91
C GLY H 627 -61.08 16.48 30.78
N ILE H 628 -60.87 15.76 31.87
CA ILE H 628 -60.72 14.31 31.84
C ILE H 628 -60.81 13.79 33.27
N ALA H 629 -61.31 12.57 33.44
CA ALA H 629 -61.44 12.02 34.78
C ALA H 629 -61.74 10.53 34.68
N THR H 630 -61.17 9.77 35.62
CA THR H 630 -61.54 8.37 35.80
C THR H 630 -62.85 8.32 36.58
N ILE H 631 -63.82 7.55 36.08
CA ILE H 631 -65.14 7.46 36.67
C ILE H 631 -65.21 6.20 37.53
N ASP H 632 -65.27 6.38 38.85
CA ASP H 632 -65.15 5.23 39.76
C ASP H 632 -66.30 4.25 39.61
N TRP H 633 -67.54 4.75 39.49
CA TRP H 633 -68.70 3.86 39.41
C TRP H 633 -68.77 3.09 38.10
N ALA H 634 -67.92 3.44 37.12
CA ALA H 634 -67.78 2.67 35.89
C ALA H 634 -66.43 1.97 35.82
N SER H 635 -65.68 1.89 36.92
CA SER H 635 -64.34 1.35 36.95
C SER H 635 -64.20 0.28 38.03
N THR H 636 -63.43 -0.76 37.72
CA THR H 636 -63.04 -1.78 38.68
C THR H 636 -61.64 -1.55 39.23
N ALA H 637 -61.15 -0.31 39.21
CA ALA H 637 -59.79 -0.01 39.64
C ALA H 637 -59.58 1.50 39.68
N LYS H 638 -58.60 1.93 40.47
CA LYS H 638 -58.33 3.34 40.73
C LYS H 638 -57.26 3.89 39.78
N ASP H 639 -56.99 5.19 39.92
CA ASP H 639 -55.99 5.88 39.11
C ASP H 639 -54.58 5.34 39.40
N GLY H 640 -53.80 5.13 38.34
CA GLY H 640 -52.42 4.71 38.51
C GLY H 640 -52.22 3.29 38.97
N GLU H 641 -53.26 2.46 38.90
CA GLU H 641 -53.21 1.08 39.36
C GLU H 641 -53.10 0.11 38.18
N ALA H 642 -52.60 -1.09 38.48
CA ALA H 642 -52.49 -2.10 37.45
C ALA H 642 -53.89 -2.50 36.95
N VAL H 643 -54.01 -2.63 35.64
CA VAL H 643 -55.28 -2.92 34.97
C VAL H 643 -55.01 -3.87 33.82
N ASP H 644 -56.06 -4.61 33.42
CA ASP H 644 -55.96 -5.43 32.21
C ASP H 644 -56.20 -4.62 30.95
N LEU H 645 -57.07 -3.60 31.00
CA LEU H 645 -57.30 -2.71 29.88
C LEU H 645 -57.98 -1.45 30.40
N VAL H 646 -58.12 -0.47 29.52
CA VAL H 646 -58.74 0.81 29.84
C VAL H 646 -59.83 1.10 28.82
N PHE H 647 -60.99 1.54 29.31
CA PHE H 647 -62.06 2.05 28.48
C PHE H 647 -62.06 3.57 28.54
N ALA H 648 -62.26 4.20 27.39
CA ALA H 648 -62.31 5.66 27.35
C ALA H 648 -63.19 6.07 26.18
N SER H 649 -63.73 7.29 26.28
CA SER H 649 -64.57 7.79 25.21
C SER H 649 -64.64 9.30 25.27
N ALA H 650 -64.94 9.90 24.12
CA ALA H 650 -65.17 11.34 24.01
C ALA H 650 -66.35 11.54 23.08
N GLY H 651 -67.43 12.13 23.61
CA GLY H 651 -68.65 12.35 22.85
C GLY H 651 -69.83 11.64 23.47
N ALA H 652 -71.04 12.04 23.09
CA ALA H 652 -72.25 11.46 23.69
C ALA H 652 -72.45 10.01 23.27
N GLU H 653 -72.68 9.79 21.97
CA GLU H 653 -72.91 8.43 21.49
C GLU H 653 -71.74 7.50 21.82
N PRO H 654 -70.47 7.87 21.58
CA PRO H 654 -69.37 6.98 21.98
C PRO H 654 -69.38 6.66 23.47
N THR H 655 -69.72 7.63 24.31
CA THR H 655 -69.75 7.36 25.74
C THR H 655 -70.84 6.35 26.09
N ILE H 656 -72.00 6.46 25.45
CA ILE H 656 -73.07 5.50 25.70
C ILE H 656 -72.63 4.10 25.32
N GLU H 657 -71.99 3.96 24.15
CA GLU H 657 -71.63 2.63 23.66
C GLU H 657 -70.45 2.07 24.41
N THR H 658 -69.48 2.91 24.79
CA THR H 658 -68.36 2.41 25.56
C THR H 658 -68.81 1.97 26.95
N LEU H 659 -69.66 2.76 27.61
CA LEU H 659 -70.19 2.34 28.89
C LEU H 659 -70.98 1.06 28.75
N ALA H 660 -71.78 0.96 27.69
CA ALA H 660 -72.55 -0.26 27.46
C ALA H 660 -71.63 -1.45 27.18
N ALA H 661 -70.49 -1.22 26.54
CA ALA H 661 -69.57 -2.31 26.22
C ALA H 661 -68.95 -2.89 27.48
N LEU H 662 -68.40 -2.04 28.34
CA LEU H 662 -67.78 -2.52 29.58
C LEU H 662 -68.80 -3.12 30.53
N HIS H 663 -70.05 -2.67 30.51
CA HIS H 663 -71.07 -3.29 31.34
C HIS H 663 -71.35 -4.72 30.90
N LEU H 664 -71.38 -4.94 29.59
CA LEU H 664 -71.56 -6.30 29.06
C LEU H 664 -70.40 -7.20 29.45
N VAL H 665 -69.17 -6.66 29.42
CA VAL H 665 -68.01 -7.46 29.79
C VAL H 665 -68.00 -7.75 31.29
N ASN H 666 -68.25 -6.73 32.11
CA ASN H 666 -68.16 -6.89 33.56
C ASN H 666 -69.15 -7.90 34.11
N GLU H 667 -70.34 -8.05 33.51
CA GLU H 667 -71.31 -8.97 34.10
C GLU H 667 -70.84 -10.43 34.01
N VAL H 668 -70.46 -10.87 32.81
CA VAL H 668 -70.08 -12.27 32.63
C VAL H 668 -68.65 -12.47 33.08
N PHE H 669 -67.88 -11.39 33.26
CA PHE H 669 -66.48 -11.48 33.67
C PHE H 669 -66.15 -10.37 34.67
N PRO H 670 -66.62 -10.50 35.91
CA PRO H 670 -66.36 -9.43 36.91
C PRO H 670 -64.90 -9.31 37.32
N GLN H 671 -64.04 -10.28 37.00
CA GLN H 671 -62.65 -10.25 37.45
CA GLN H 671 -62.67 -10.22 37.47
C GLN H 671 -61.77 -9.31 36.64
N ALA H 672 -62.21 -8.87 35.47
CA ALA H 672 -61.41 -7.97 34.67
C ALA H 672 -61.25 -6.62 35.38
N LYS H 673 -60.01 -6.18 35.53
CA LYS H 673 -59.68 -4.89 36.16
C LYS H 673 -59.47 -3.84 35.08
N PHE H 674 -60.22 -2.74 35.18
CA PHE H 674 -60.11 -1.67 34.20
C PHE H 674 -60.59 -0.36 34.82
N ARG H 675 -60.15 0.73 34.20
CA ARG H 675 -60.69 2.05 34.46
C ARG H 675 -61.54 2.46 33.27
N TYR H 676 -62.58 3.24 33.53
CA TYR H 676 -63.26 3.98 32.50
C TYR H 676 -62.86 5.44 32.64
N VAL H 677 -62.47 6.05 31.54
CA VAL H 677 -62.00 7.43 31.51
C VAL H 677 -62.88 8.19 30.55
N ASN H 678 -63.56 9.21 31.05
CA ASN H 678 -64.34 10.10 30.20
C ASN H 678 -63.47 11.26 29.76
N VAL H 679 -63.40 11.49 28.45
CA VAL H 679 -62.55 12.51 27.87
C VAL H 679 -63.44 13.62 27.32
N VAL H 680 -63.26 14.83 27.83
CA VAL H 680 -63.99 16.00 27.36
C VAL H 680 -63.05 16.97 26.61
N GLU H 681 -61.97 17.41 27.26
CA GLU H 681 -61.02 18.36 26.67
C GLU H 681 -59.98 17.53 25.92
N LEU H 682 -60.29 17.19 24.67
CA LEU H 682 -59.48 16.23 23.93
C LEU H 682 -58.04 16.71 23.73
N GLY H 683 -57.84 18.02 23.60
CA GLY H 683 -56.51 18.56 23.37
C GLY H 683 -55.51 18.23 24.45
N ARG H 684 -55.97 17.91 25.66
CA ARG H 684 -55.04 17.59 26.74
C ARG H 684 -54.23 16.34 26.45
N LEU H 685 -54.74 15.43 25.62
CA LEU H 685 -54.05 14.18 25.35
C LEU H 685 -52.92 14.32 24.33
N GLN H 686 -52.86 15.42 23.60
CA GLN H 686 -51.84 15.59 22.58
C GLN H 686 -50.48 15.83 23.22
N LYS H 687 -49.43 15.59 22.43
CA LYS H 687 -48.06 15.96 22.78
C LYS H 687 -47.35 16.31 21.47
N LYS H 688 -47.71 17.47 20.92
CA LYS H 688 -47.29 17.88 19.60
C LYS H 688 -45.91 18.53 19.63
N LYS H 689 -45.20 18.44 18.52
CA LYS H 689 -43.95 19.18 18.37
C LYS H 689 -44.25 20.63 17.98
N GLY H 690 -43.36 21.51 18.37
CA GLY H 690 -43.57 22.92 18.14
C GLY H 690 -44.10 23.59 19.40
N ALA H 691 -43.72 24.86 19.56
CA ALA H 691 -44.11 25.61 20.75
C ALA H 691 -45.56 26.06 20.63
N LEU H 692 -46.05 26.65 21.72
CA LEU H 692 -47.42 27.14 21.82
C LEU H 692 -48.43 26.00 21.73
N ASN H 693 -48.06 24.82 22.22
CA ASN H 693 -48.95 23.68 22.28
C ASN H 693 -49.02 23.05 23.68
N GLN H 694 -48.32 23.60 24.67
CA GLN H 694 -48.06 22.88 25.91
C GLN H 694 -48.90 23.34 27.11
N GLU H 695 -49.73 24.37 26.97
CA GLU H 695 -50.40 24.93 28.15
C GLU H 695 -51.27 23.88 28.85
N ARG H 696 -51.99 23.07 28.09
CA ARG H 696 -52.96 22.13 28.67
C ARG H 696 -52.61 20.66 28.44
N GLU H 697 -51.44 20.38 27.86
CA GLU H 697 -51.07 18.98 27.63
C GLU H 697 -50.75 18.29 28.95
N LEU H 698 -51.27 17.08 29.09
CA LEU H 698 -50.99 16.28 30.28
C LEU H 698 -49.51 15.91 30.32
N SER H 699 -48.96 15.87 31.53
CA SER H 699 -47.62 15.35 31.75
C SER H 699 -47.58 13.85 31.46
N ASP H 700 -46.36 13.32 31.31
CA ASP H 700 -46.22 11.88 31.09
C ASP H 700 -46.81 11.09 32.25
N GLU H 701 -46.62 11.57 33.49
CA GLU H 701 -47.20 10.88 34.64
C GLU H 701 -48.71 10.97 34.63
N GLU H 702 -49.26 12.13 34.31
CA GLU H 702 -50.71 12.26 34.28
C GLU H 702 -51.32 11.37 33.20
N PHE H 703 -50.70 11.30 32.02
CA PHE H 703 -51.23 10.45 30.96
C PHE H 703 -51.21 8.99 31.37
N GLU H 704 -50.12 8.53 31.98
CA GLU H 704 -50.00 7.14 32.42
C GLU H 704 -50.99 6.83 33.53
N LYS H 705 -51.33 7.82 34.36
CA LYS H 705 -52.30 7.60 35.42
C LYS H 705 -53.65 7.15 34.85
N TYR H 706 -54.06 7.73 33.71
CA TYR H 706 -55.35 7.41 33.12
C TYR H 706 -55.28 6.17 32.23
N PHE H 707 -54.31 6.10 31.32
CA PHE H 707 -54.27 5.07 30.30
C PHE H 707 -53.24 3.98 30.58
N GLY H 708 -52.52 4.07 31.70
CA GLY H 708 -51.50 3.12 32.05
C GLY H 708 -50.27 3.28 31.18
N PRO H 709 -49.29 2.42 31.39
CA PRO H 709 -48.06 2.48 30.59
C PRO H 709 -48.29 1.92 29.19
N SER H 710 -47.31 2.16 28.32
CA SER H 710 -47.37 1.64 26.97
C SER H 710 -47.55 0.13 27.00
N GLY H 711 -48.40 -0.37 26.10
CA GLY H 711 -48.79 -1.75 26.06
C GLY H 711 -50.16 -2.03 26.66
N THR H 712 -50.68 -1.11 27.47
CA THR H 712 -52.00 -1.27 28.06
C THR H 712 -53.05 -1.11 26.95
N PRO H 713 -53.89 -2.12 26.68
CA PRO H 713 -54.94 -1.94 25.68
C PRO H 713 -55.92 -0.85 26.09
N VAL H 714 -56.35 -0.05 25.11
CA VAL H 714 -57.29 1.05 25.35
C VAL H 714 -58.39 0.98 24.29
N ILE H 715 -59.58 0.54 24.69
CA ILE H 715 -60.77 0.67 23.87
C ILE H 715 -61.27 2.10 23.98
N PHE H 716 -61.11 2.87 22.91
CA PHE H 716 -61.38 4.30 22.87
C PHE H 716 -62.52 4.56 21.90
N GLY H 717 -63.68 4.93 22.42
CA GLY H 717 -64.79 5.33 21.58
C GLY H 717 -64.73 6.81 21.31
N PHE H 718 -64.71 7.19 20.03
CA PHE H 718 -64.49 8.57 19.66
C PHE H 718 -65.59 9.06 18.72
N HIS H 719 -65.92 10.35 18.87
CA HIS H 719 -66.96 10.95 18.05
C HIS H 719 -66.50 11.18 16.62
N GLY H 720 -65.22 11.54 16.44
CA GLY H 720 -64.69 11.93 15.15
C GLY H 720 -63.85 10.86 14.48
N TYR H 721 -63.01 11.31 13.55
CA TYR H 721 -62.17 10.38 12.80
C TYR H 721 -61.07 9.80 13.67
N GLU H 722 -60.65 8.60 13.31
CA GLU H 722 -59.72 7.84 14.15
C GLU H 722 -58.29 8.33 14.03
N ASP H 723 -57.92 8.96 12.91
N ASP H 723 -57.94 9.00 12.93
CA ASP H 723 -56.56 9.45 12.73
CA ASP H 723 -56.56 9.43 12.73
C ASP H 723 -56.14 10.30 13.92
C ASP H 723 -56.11 10.38 13.84
N LEU H 724 -57.03 11.18 14.40
CA LEU H 724 -56.65 12.09 15.46
C LEU H 724 -56.28 11.35 16.73
N ILE H 725 -57.03 10.30 17.06
CA ILE H 725 -56.72 9.54 18.26
C ILE H 725 -55.44 8.74 18.04
N GLU H 726 -55.27 8.20 16.84
CA GLU H 726 -54.06 7.45 16.50
C GLU H 726 -52.83 8.34 16.57
N SER H 727 -52.93 9.58 16.08
CA SER H 727 -51.80 10.50 16.17
C SER H 727 -51.48 10.83 17.64
N ILE H 728 -52.52 10.99 18.46
CA ILE H 728 -52.31 11.29 19.88
C ILE H 728 -51.51 10.19 20.56
N PHE H 729 -51.91 8.94 20.35
CA PHE H 729 -51.24 7.85 21.04
C PHE H 729 -49.86 7.60 20.47
N TYR H 730 -49.59 8.02 19.22
CA TYR H 730 -48.23 7.96 18.73
C TYR H 730 -47.37 9.02 19.40
N GLN H 731 -47.92 10.23 19.55
CA GLN H 731 -47.20 11.28 20.27
C GLN H 731 -46.85 10.85 21.69
N ARG H 732 -47.69 10.02 22.30
CA ARG H 732 -47.51 9.52 23.65
C ARG H 732 -46.72 8.21 23.70
N GLY H 733 -46.31 7.67 22.56
CA GLY H 733 -45.56 6.42 22.54
C GLY H 733 -46.26 5.29 23.26
N HIS H 734 -47.58 5.19 23.10
CA HIS H 734 -48.41 4.22 23.82
C HIS H 734 -48.95 3.19 22.83
N ASP H 735 -48.45 1.96 22.92
CA ASP H 735 -48.99 0.85 22.13
C ASP H 735 -50.26 0.31 22.76
N GLY H 736 -51.15 -0.22 21.92
CA GLY H 736 -52.34 -0.89 22.37
C GLY H 736 -53.64 -0.14 22.16
N LEU H 737 -53.62 0.99 21.45
CA LEU H 737 -54.87 1.71 21.20
C LEU H 737 -55.77 0.86 20.32
N ILE H 738 -57.03 0.74 20.73
CA ILE H 738 -58.06 0.08 19.94
C ILE H 738 -59.16 1.10 19.73
N VAL H 739 -59.01 1.94 18.70
CA VAL H 739 -59.86 3.10 18.52
C VAL H 739 -61.16 2.68 17.83
N HIS H 740 -62.25 3.32 18.23
CA HIS H 740 -63.58 3.09 17.63
C HIS H 740 -64.21 4.46 17.37
N GLY H 741 -63.98 5.01 16.18
CA GLY H 741 -64.53 6.29 15.83
C GLY H 741 -65.39 6.24 14.58
N TYR H 742 -65.72 7.41 14.03
CA TYR H 742 -66.46 7.47 12.78
C TYR H 742 -65.55 7.03 11.63
N ARG H 743 -66.08 6.16 10.76
CA ARG H 743 -65.30 5.57 9.69
C ARG H 743 -65.87 5.89 8.31
N GLU H 744 -66.49 7.07 8.17
CA GLU H 744 -67.01 7.52 6.88
C GLU H 744 -67.98 6.49 6.29
N ASP H 745 -68.83 5.93 7.16
CA ASP H 745 -69.87 4.98 6.77
C ASP H 745 -71.15 5.38 7.48
N GLY H 746 -72.25 5.41 6.74
CA GLY H 746 -73.52 5.86 7.28
C GLY H 746 -74.56 5.93 6.20
N ASP H 747 -75.78 6.25 6.62
CA ASP H 747 -76.92 6.30 5.71
C ASP H 747 -78.11 6.87 6.45
N ILE H 748 -79.21 7.06 5.73
CA ILE H 748 -80.51 7.25 6.37
C ILE H 748 -80.88 5.91 6.98
N THR H 749 -80.92 5.83 8.30
CA THR H 749 -81.16 4.56 8.96
C THR H 749 -81.63 4.84 10.38
N THR H 750 -81.68 3.80 11.20
CA THR H 750 -82.16 3.95 12.57
C THR H 750 -81.07 4.55 13.46
N THR H 751 -81.50 4.96 14.65
CA THR H 751 -80.61 5.64 15.59
C THR H 751 -79.34 4.85 15.86
N TYR H 752 -79.49 3.58 16.23
CA TYR H 752 -78.35 2.77 16.64
C TYR H 752 -77.63 2.12 15.46
N ASP H 753 -78.27 2.03 14.30
CA ASP H 753 -77.55 1.50 13.14
C ASP H 753 -76.49 2.48 12.65
N MET H 754 -76.72 3.78 12.83
CA MET H 754 -75.66 4.74 12.51
C MET H 754 -74.40 4.46 13.32
N ARG H 755 -74.54 3.87 14.51
CA ARG H 755 -73.38 3.51 15.30
C ARG H 755 -72.79 2.18 14.87
N VAL H 756 -73.62 1.25 14.39
CA VAL H 756 -73.10 0.00 13.87
C VAL H 756 -72.36 0.21 12.56
N TYR H 757 -72.76 1.21 11.77
CA TYR H 757 -72.13 1.44 10.48
C TYR H 757 -70.61 1.63 10.61
N SER H 758 -70.16 2.35 11.63
CA SER H 758 -68.74 2.55 11.89
C SER H 758 -68.20 1.57 12.90
N GLU H 759 -69.02 0.61 13.34
CA GLU H 759 -68.62 -0.35 14.36
C GLU H 759 -68.25 0.33 15.67
N LEU H 760 -68.87 1.47 15.95
CA LEU H 760 -68.77 2.15 17.23
C LEU H 760 -69.65 1.50 18.29
N ASP H 761 -70.58 0.63 17.89
CA ASP H 761 -71.60 0.14 18.80
C ASP H 761 -71.00 -0.64 19.96
N ARG H 762 -71.84 -0.80 21.00
CA ARG H 762 -71.43 -1.51 22.20
C ARG H 762 -70.96 -2.94 21.89
N PHE H 763 -71.56 -3.58 20.88
CA PHE H 763 -71.27 -4.98 20.62
C PHE H 763 -69.92 -5.18 19.95
N HIS H 764 -69.57 -4.34 18.98
CA HIS H 764 -68.23 -4.42 18.38
C HIS H 764 -67.17 -4.05 19.39
N GLN H 765 -67.43 -3.05 20.23
CA GLN H 765 -66.47 -2.67 21.26
C GLN H 765 -66.28 -3.81 22.26
N ALA H 766 -67.37 -4.48 22.63
CA ALA H 766 -67.27 -5.59 23.58
C ALA H 766 -66.46 -6.73 23.01
N ILE H 767 -66.63 -7.03 21.71
CA ILE H 767 -65.86 -8.09 21.07
C ILE H 767 -64.37 -7.79 21.15
N ASP H 768 -63.96 -6.58 20.75
CA ASP H 768 -62.55 -6.23 20.81
C ASP H 768 -62.04 -6.30 22.24
N ALA H 769 -62.88 -5.93 23.21
CA ALA H 769 -62.45 -5.97 24.60
C ALA H 769 -62.18 -7.40 25.05
N MET H 770 -63.11 -8.31 24.76
CA MET H 770 -62.90 -9.70 25.15
C MET H 770 -61.77 -10.32 24.34
N GLN H 771 -61.68 -9.97 23.06
CA GLN H 771 -60.62 -10.49 22.22
C GLN H 771 -59.26 -10.06 22.73
N VAL H 772 -59.13 -8.83 23.21
CA VAL H 772 -57.81 -8.45 23.69
C VAL H 772 -57.51 -9.09 25.04
N LEU H 773 -58.52 -9.30 25.90
CA LEU H 773 -58.31 -10.09 27.12
C LEU H 773 -57.96 -11.51 26.74
N TYR H 774 -58.64 -12.03 25.73
CA TYR H 774 -58.36 -13.35 25.17
C TYR H 774 -56.93 -13.43 24.63
N VAL H 775 -56.52 -12.45 23.82
CA VAL H 775 -55.17 -12.47 23.24
C VAL H 775 -54.13 -12.48 24.36
N ASN H 776 -54.37 -11.71 25.43
CA ASN H 776 -53.43 -11.72 26.54
C ASN H 776 -53.71 -12.84 27.53
N ARG H 777 -54.66 -13.73 27.22
CA ARG H 777 -54.94 -14.89 28.07
C ARG H 777 -55.08 -14.46 29.53
N LYS H 778 -55.86 -13.40 29.73
CA LYS H 778 -56.32 -12.93 31.03
C LYS H 778 -57.72 -13.43 31.32
N VAL H 779 -58.18 -14.41 30.56
CA VAL H 779 -59.56 -14.86 30.56
C VAL H 779 -59.57 -16.29 30.05
N ASN H 780 -60.56 -17.05 30.49
CA ASN H 780 -60.65 -18.43 30.04
C ASN H 780 -61.20 -18.46 28.62
N GLN H 781 -60.64 -19.35 27.80
CA GLN H 781 -60.98 -19.38 26.38
C GLN H 781 -62.43 -19.80 26.15
N GLY H 782 -62.94 -20.74 26.95
CA GLY H 782 -64.28 -21.24 26.72
C GLY H 782 -65.33 -20.14 26.80
N LEU H 783 -65.25 -19.29 27.82
CA LEU H 783 -66.22 -18.20 27.96
C LEU H 783 -66.02 -17.12 26.89
N ALA H 784 -64.78 -16.73 26.62
CA ALA H 784 -64.53 -15.68 25.64
C ALA H 784 -65.23 -16.03 24.33
N LYS H 785 -65.10 -17.28 23.88
CA LYS H 785 -65.82 -17.70 22.69
C LYS H 785 -67.31 -17.66 22.93
N ALA H 786 -67.75 -18.10 24.10
CA ALA H 786 -69.19 -18.02 24.41
C ALA H 786 -69.65 -16.57 24.40
N PHE H 787 -68.83 -15.68 24.94
CA PHE H 787 -69.21 -14.26 24.96
C PHE H 787 -69.17 -13.65 23.58
N ILE H 788 -68.04 -13.81 22.88
CA ILE H 788 -67.93 -13.22 21.55
C ILE H 788 -69.02 -13.78 20.62
N ASP H 789 -69.25 -15.10 20.65
CA ASP H 789 -70.31 -15.68 19.84
C ASP H 789 -71.66 -15.04 20.14
N ARG H 790 -71.92 -14.75 21.42
CA ARG H 790 -73.16 -14.08 21.78
C ARG H 790 -73.21 -12.66 21.23
N MET H 791 -72.11 -11.92 21.34
CA MET H 791 -72.08 -10.57 20.78
C MET H 791 -72.33 -10.61 19.28
N LYS H 792 -71.67 -11.55 18.59
CA LYS H 792 -71.85 -11.69 17.14
C LYS H 792 -73.29 -12.03 16.80
N ARG H 793 -73.86 -12.98 17.54
CA ARG H 793 -75.25 -13.36 17.32
C ARG H 793 -76.18 -12.18 17.55
N THR H 794 -75.88 -11.33 18.54
CA THR H 794 -76.69 -10.14 18.74
C THR H 794 -76.54 -9.19 17.54
N LEU H 795 -75.34 -9.10 16.98
CA LEU H 795 -75.14 -8.30 15.77
C LEU H 795 -75.81 -8.95 14.57
N VAL H 796 -75.77 -10.29 14.49
CA VAL H 796 -76.50 -11.00 13.46
C VAL H 796 -77.97 -10.60 13.50
N LYS H 797 -78.54 -10.58 14.71
CA LYS H 797 -79.93 -10.17 14.86
C LYS H 797 -80.13 -8.71 14.51
N HIS H 798 -79.24 -7.83 14.95
CA HIS H 798 -79.38 -6.43 14.63
C HIS H 798 -79.44 -6.21 13.11
N PHE H 799 -78.54 -6.87 12.37
CA PHE H 799 -78.48 -6.59 10.93
C PHE H 799 -79.74 -7.04 10.19
N GLU H 800 -80.41 -8.10 10.64
CA GLU H 800 -81.65 -8.50 9.99
C GLU H 800 -82.87 -7.74 10.49
N VAL H 801 -82.93 -7.45 11.79
CA VAL H 801 -84.12 -6.81 12.32
C VAL H 801 -84.28 -5.42 11.72
N THR H 802 -83.18 -4.69 11.57
CA THR H 802 -83.26 -3.31 11.11
C THR H 802 -83.80 -3.20 9.68
N ARG H 803 -83.36 -4.07 8.78
CA ARG H 803 -83.76 -3.97 7.38
C ARG H 803 -85.16 -4.54 7.13
N ASN H 804 -85.58 -5.55 7.89
CA ASN H 804 -86.90 -6.14 7.67
C ASN H 804 -87.97 -5.48 8.53
N GLU H 805 -87.57 -4.58 9.47
CA GLU H 805 -88.47 -3.93 10.42
C GLU H 805 -88.47 -2.42 10.35
N GLY H 806 -87.32 -1.80 10.12
CA GLY H 806 -87.21 -0.35 10.13
C GLY H 806 -87.13 0.29 11.50
N VAL H 807 -86.85 -0.48 12.55
CA VAL H 807 -86.60 0.01 13.90
C VAL H 807 -85.54 -0.88 14.55
N ASP H 808 -85.05 -0.47 15.71
CA ASP H 808 -83.96 -1.16 16.40
C ASP H 808 -84.46 -2.20 17.40
N ILE H 809 -83.53 -3.09 17.76
CA ILE H 809 -83.75 -4.24 18.64
C ILE H 809 -83.73 -3.79 20.10
N PRO H 810 -84.38 -4.52 21.01
CA PRO H 810 -84.37 -4.10 22.43
C PRO H 810 -83.00 -4.10 23.06
N ASP H 811 -82.04 -4.85 22.51
CA ASP H 811 -80.70 -4.86 23.06
C ASP H 811 -80.10 -3.45 23.11
N PHE H 812 -80.48 -2.59 22.17
CA PHE H 812 -80.08 -1.19 22.21
C PHE H 812 -81.08 -0.33 22.98
N THR H 813 -82.34 -0.38 22.57
CA THR H 813 -83.29 0.69 22.91
C THR H 813 -83.68 0.67 24.38
N GLU H 814 -83.71 -0.51 25.00
CA GLU H 814 -84.23 -0.66 26.35
C GLU H 814 -83.15 -0.73 27.43
N TRP H 815 -81.88 -0.60 27.06
CA TRP H 815 -80.80 -0.72 28.04
C TRP H 815 -80.71 0.51 28.93
N VAL H 816 -80.51 0.26 30.23
CA VAL H 816 -80.26 1.32 31.20
C VAL H 816 -79.06 0.90 32.04
N TRP H 817 -78.37 1.90 32.58
CA TRP H 817 -77.19 1.62 33.40
C TRP H 817 -77.61 1.00 34.72
N SER H 818 -76.79 0.07 35.20
CA SER H 818 -76.92 -0.52 36.53
C SER H 818 -75.53 -0.71 37.11
N ASP H 819 -75.47 -0.93 38.43
CA ASP H 819 -74.20 -1.07 39.12
C ASP H 819 -73.38 -2.18 38.50
N LEU H 820 -72.06 -1.97 38.43
CA LEU H 820 -71.13 -3.01 38.01
C LEU H 820 -70.91 -4.04 39.11
N LYS H 821 -70.47 -5.22 38.69
CA LYS H 821 -70.06 -6.28 39.60
C LYS H 821 -68.63 -6.11 40.06
#